data_7MUE
#
_entry.id   7MUE
#
_cell.length_a   1.00
_cell.length_b   1.00
_cell.length_c   1.00
_cell.angle_alpha   90.00
_cell.angle_beta   90.00
_cell.angle_gamma   90.00
#
_symmetry.space_group_name_H-M   'P 1'
#
loop_
_entity.id
_entity.type
_entity.pdbx_description
1 polymer DotF
2 polymer 'Type IV secretion protein IcmK'
3 polymer 'Unknown protein fragment'
4 polymer 'IcmE protein'
#
loop_
_entity_poly.entity_id
_entity_poly.type
_entity_poly.pdbx_seq_one_letter_code
_entity_poly.pdbx_strand_id
1 'polypeptide(L)'
;MMAEHDQNNDEYKFAELDSYDMDQAGESDLDSEASYQSGKEGLTKKKDIKRNALIAIGAVVFIMVMYKIIGWMFFSDKSS
QVTSKPAIPPVTQVATPQPVQTIPTTTPIQQVQPTTIIEDDPDLKKKVSAIEMTQQSLRSEVNALSEQINAVNNNIKNLN
AQIVNLNQIIGNMSNQIARQSEVINVLMARTTPKKVVKVSRPIVQARIIYYIQAVIPGRAWLIGSNGSTLTVREGSKIPG
YGMVKLIDSLQGRILTSSGQVIKFSQEDS
;
AF,BF,CF,DF,EF,FF,GF,HF,IF,JF,KF,LF,MF,VF,WF,XF,YF,ZF
2 'polypeptide(L)'
;MMKKYDQLCKYCLVIGLTFSMSCSIYAADQSDDAQQALQQLRMLQQKLSQNPSPDAQSGAGDGGDNAASDSTQQPNQSGQ
ANAPAANQTATAGGDGQIISQDDAEVIDKKAFKDMTRNLYPLNPEQVVKLKQIYETSEYAKAATPGTPPKPTATSQFVNL
SPGSTPPVIRLSQGFVSSLVFLDSTGAPWPIAAYDLGDPSSFNIQWDKTSNTLMIQATKLYNYGNLAVRLRGLNTPVMLT
LIPGQKAVDYRVDLRVQGYGPNAKSMPTEEGIPPSANDLLLHVLEGVPPPGSRRLVVSGGDARAWLSNEKMYVRTNLTIL
SPGWLASMTSADGTHAYEMQKSPVLLVSWHGKVMQLKVEGL
;
XH,YH,ZH,AH,BH,CH,DH,EH,FH,GH,HH,IH,JH,KH,LH,MH,VH,WH
3 'polypeptide(L)'
;(UNK)(UNK)(UNK)(UNK)(UNK)(UNK)(UNK)(UNK)(UNK)(UNK)(UNK)(UNK)(UNK)(UNK)(UNK)(UNK)
(UNK)(UNK)(UNK)(UNK)(UNK)(UNK)(UNK)(UNK)(UNK)(UNK)(UNK)(UNK)(UNK)(UNK)(UNK)(UNK)
(UNK)(UNK)(UNK)(UNK)(UNK)(UNK)(UNK)(UNK)(UNK)(UNK)(UNK)(UNK)(UNK)(UNK)(UNK)(UNK)
;
AX,BX,CX,DX,EX,FX,GX,HX,IX,JX,KX,LX,MX,VX,WX,XX,YX,ZX
4 'polypeptide(L)'
;MASKKENLKSLFSNTRTRVIIIFTAALLIIAVVIGFFKIRGATTGSIAAAEVSTVPGGIQSIPGVLDPTAQYAKLQEEQN
ITQAQVAEKTGGSAIPTIIRTQALGEGVGVIGSQSGVGFAALAQEELGGPQRSLWIQELQDGSCSKSVITKVVNQGAQLT
DLKAACSCVQLKDSGYGLQELEQVCECKELKSAGYNARQLKEAGYSAGRLRNCGFDACELRNAGFTAQEMKDGGFSDGEL
KGAGFSDAEIAKASGLPDGITADDVRKAGCGAAALAKLRQAGVSASAIRKISGCTAEQLKAAGYTAKELKDAGFSAADLR
RAGFSAAELKDAGFTARDLLNAGFTPADLAKAGFSDAQIKAAQAELPPGITPQDVKNAGCDVEALKKEREAGVSAALIRQ
YAGCSAQALKAAGFTDADLANAGFTPAQISAATPLSDAEIKAAGCDPDKLKKLFSAGVSAKRIKELNGCSAEALKAAGYD
AQSLLAAGFTPQELLAAGFTPKQLEDAGLNPVSIIADGRVADCSVESLKKARAAGVSALTIKQTLGCSAAALKAAGYTAK
ELKDAGFTAAELKAAGFSAKELKDAGFTAKELRDAGFSAQELKDVGFSAKDLKDAGFSAAELKAAGFTAAQLKAAGFSAK
DLKDAGFSAAELKAAGFSAKELKDAGFSASDLKNAGFSAKELKDAGFSASDLKSAGFSASELKNAGYSADELKKAGYTSA
ELRNAGFSPQESAVAGLQGPDLQQLDSSITGIPSIPGATPRPTTSDAASSAEQLQAILQKQNEQLAEQKYQQEIQQRTSD
MLTAATQLVQDWKQVETQVYTEGTEETKTSGGESAVPGTGTGTGSNNQPVDQGAVSAQNQAIIKTGDIMFAVLDTSVNSD
EPGPILATIVTGKLKGSKLIGSFNLPSNADKMVITFNTMSIPGAEKTISISAYAIDPNTARTALASRTNHHYLMRYGSLF
ASSFLQGFGNAFQSANTTITIGGTGGGNNITVANGVGRSTLENAVIGLATVGKAWSQQAQQLFNTPTTVEVYSGTGLGIL
FTQDVTTI
;
IG,AG,BG,CG,DG,EG,FG,GG,HG,JG,KG,LG,MG,VG,WG,XG,YG,ZG
#
# COMPACT_ATOMS: atom_id res chain seq x y z
N ARG A 207 41.01 91.64 -13.40
CA ARG A 207 41.31 90.28 -13.84
C ARG A 207 40.10 89.37 -13.68
N ILE A 208 40.32 88.07 -13.80
CA ILE A 208 39.26 87.07 -13.73
C ILE A 208 39.45 86.25 -12.46
N ILE A 209 38.40 86.16 -11.65
CA ILE A 209 38.43 85.44 -10.38
C ILE A 209 37.89 84.04 -10.60
N TYR A 210 38.63 83.03 -10.17
CA TYR A 210 38.24 81.65 -10.30
C TYR A 210 37.79 81.10 -8.95
N TYR A 211 36.79 80.20 -9.00
CA TYR A 211 36.22 79.61 -7.80
C TYR A 211 36.15 78.10 -7.98
N ILE A 212 36.29 77.38 -6.85
CA ILE A 212 36.22 75.93 -6.87
C ILE A 212 34.77 75.49 -6.97
N GLN A 213 34.49 74.63 -7.95
CA GLN A 213 33.15 74.06 -8.13
C GLN A 213 33.03 72.66 -7.55
N ALA A 214 34.03 71.81 -7.77
CA ALA A 214 34.11 70.50 -7.14
C ALA A 214 35.57 70.08 -7.08
N VAL A 215 35.91 69.27 -6.08
CA VAL A 215 37.29 68.81 -5.91
C VAL A 215 37.28 67.39 -5.35
N ILE A 216 38.09 66.52 -5.96
CA ILE A 216 38.36 65.17 -5.46
C ILE A 216 39.87 65.13 -5.28
N PRO A 217 40.46 64.06 -4.73
CA PRO A 217 41.92 63.92 -4.81
C PRO A 217 42.40 63.83 -6.26
N GLY A 218 43.38 64.65 -6.61
CA GLY A 218 43.88 64.73 -7.96
C GLY A 218 43.36 65.88 -8.81
N ARG A 219 42.06 65.92 -9.08
CA ARG A 219 41.50 66.95 -9.96
C ARG A 219 40.72 68.00 -9.17
N ALA A 220 40.41 69.09 -9.85
CA ALA A 220 39.54 70.13 -9.34
C ALA A 220 38.84 70.79 -10.53
N TRP A 221 37.55 71.03 -10.40
CA TRP A 221 36.77 71.70 -11.43
C TRP A 221 36.54 73.14 -11.00
N LEU A 222 36.85 74.08 -11.89
CA LEU A 222 36.80 75.50 -11.58
C LEU A 222 35.79 76.21 -12.48
N ILE A 223 35.24 77.30 -11.97
CA ILE A 223 34.36 78.18 -12.73
C ILE A 223 34.85 79.62 -12.55
N GLY A 224 34.78 80.40 -13.63
CA GLY A 224 35.23 81.77 -13.60
C GLY A 224 34.07 82.76 -13.58
N SER A 225 34.44 84.04 -13.51
CA SER A 225 33.45 85.11 -13.58
C SER A 225 32.86 85.25 -14.97
N ASN A 226 33.56 84.76 -16.00
CA ASN A 226 33.05 84.77 -17.36
C ASN A 226 32.07 83.64 -17.63
N GLY A 227 31.89 82.71 -16.69
CA GLY A 227 31.13 81.51 -16.93
C GLY A 227 31.92 80.37 -17.53
N SER A 228 33.20 80.57 -17.80
CA SER A 228 34.04 79.51 -18.35
C SER A 228 34.36 78.47 -17.29
N THR A 229 34.40 77.21 -17.70
CA THR A 229 34.66 76.09 -16.82
C THR A 229 35.96 75.41 -17.19
N LEU A 230 36.78 75.12 -16.18
CA LEU A 230 38.07 74.48 -16.38
C LEU A 230 38.17 73.24 -15.49
N THR A 231 39.16 72.41 -15.80
CA THR A 231 39.60 71.34 -14.92
C THR A 231 41.12 71.33 -14.89
N VAL A 232 41.69 71.09 -13.70
CA VAL A 232 43.13 71.20 -13.50
C VAL A 232 43.64 69.98 -12.76
N ARG A 233 44.93 69.71 -12.91
CA ARG A 233 45.63 68.64 -12.22
C ARG A 233 46.71 69.27 -11.34
N GLU A 234 47.60 68.42 -10.81
CA GLU A 234 48.66 68.87 -9.92
C GLU A 234 49.61 69.85 -10.61
N GLY A 235 50.08 69.50 -11.80
CA GLY A 235 50.88 70.44 -12.57
C GLY A 235 50.14 70.94 -13.78
N SER A 236 49.64 72.18 -13.72
CA SER A 236 48.77 72.69 -14.78
C SER A 236 48.86 74.21 -14.80
N LYS A 237 48.42 74.78 -15.92
CA LYS A 237 48.46 76.22 -16.15
C LYS A 237 47.07 76.82 -15.96
N ILE A 238 47.00 77.92 -15.20
CA ILE A 238 45.77 78.69 -15.04
C ILE A 238 46.05 80.10 -15.55
N PRO A 239 45.23 80.63 -16.46
CA PRO A 239 45.51 81.97 -17.00
C PRO A 239 45.24 83.06 -15.96
N GLY A 240 46.25 83.90 -15.75
CA GLY A 240 46.17 84.95 -14.76
C GLY A 240 46.58 84.54 -13.37
N TYR A 241 46.94 83.28 -13.15
CA TYR A 241 47.35 82.78 -11.84
C TYR A 241 48.71 82.12 -11.86
N GLY A 242 49.05 81.40 -12.93
CA GLY A 242 50.36 80.77 -13.01
C GLY A 242 50.29 79.25 -13.08
N MET A 243 50.94 78.58 -12.14
CA MET A 243 51.03 77.12 -12.12
C MET A 243 50.43 76.60 -10.82
N VAL A 244 49.68 75.51 -10.91
CA VAL A 244 49.13 74.86 -9.72
C VAL A 244 50.27 74.24 -8.93
N LYS A 245 50.33 74.56 -7.64
CA LYS A 245 51.39 74.08 -6.76
C LYS A 245 50.93 72.92 -5.89
N LEU A 246 49.70 72.96 -5.37
CA LEU A 246 49.18 71.90 -4.54
C LEU A 246 47.66 71.89 -4.62
N ILE A 247 47.08 70.73 -4.88
CA ILE A 247 45.64 70.53 -4.81
C ILE A 247 45.36 69.80 -3.51
N ASP A 248 44.69 70.47 -2.58
CA ASP A 248 44.40 69.92 -1.26
C ASP A 248 42.89 69.71 -1.21
N SER A 249 42.47 68.44 -1.30
CA SER A 249 41.07 68.12 -1.52
C SER A 249 40.22 68.42 -0.29
N LEU A 250 40.78 68.19 0.90
CA LEU A 250 40.12 68.64 2.12
C LEU A 250 40.22 70.17 2.21
N GLN A 251 39.21 70.77 2.84
CA GLN A 251 39.08 72.21 3.15
C GLN A 251 38.95 73.11 1.92
N GLY A 252 38.98 72.57 0.71
CA GLY A 252 38.78 73.35 -0.50
C GLY A 252 39.79 74.43 -0.81
N ARG A 253 41.09 74.12 -0.73
CA ARG A 253 42.15 75.07 -0.99
C ARG A 253 43.05 74.58 -2.10
N ILE A 254 43.39 75.48 -3.02
CA ILE A 254 44.33 75.20 -4.11
C ILE A 254 45.46 76.22 -4.04
N LEU A 255 46.69 75.72 -3.97
CA LEU A 255 47.86 76.59 -3.91
C LEU A 255 48.38 76.87 -5.31
N THR A 256 48.78 78.11 -5.54
CA THR A 256 49.22 78.57 -6.86
C THR A 256 50.60 79.22 -6.70
N SER A 257 51.40 79.15 -7.77
CA SER A 257 52.78 79.63 -7.76
C SER A 257 52.90 81.14 -7.54
N SER A 258 51.86 81.91 -7.85
CA SER A 258 51.89 83.35 -7.63
C SER A 258 51.48 83.74 -6.21
N GLY A 259 51.09 82.77 -5.38
CA GLY A 259 50.73 83.04 -4.00
C GLY A 259 49.24 83.17 -3.75
N GLN A 260 48.43 83.31 -4.80
CA GLN A 260 46.99 83.38 -4.62
C GLN A 260 46.42 82.01 -4.28
N VAL A 261 45.30 82.01 -3.56
CA VAL A 261 44.63 80.78 -3.14
C VAL A 261 43.22 80.79 -3.74
N ILE A 262 42.89 79.74 -4.48
CA ILE A 262 41.56 79.56 -5.05
C ILE A 262 40.76 78.68 -4.11
N LYS A 263 39.59 79.18 -3.70
CA LYS A 263 38.74 78.49 -2.74
C LYS A 263 37.32 78.40 -3.28
N PHE A 264 36.42 77.87 -2.46
CA PHE A 264 35.00 77.87 -2.79
C PHE A 264 34.45 79.30 -2.73
N SER A 265 33.36 79.52 -3.45
CA SER A 265 32.70 80.82 -3.42
C SER A 265 32.03 81.04 -2.07
N GLN A 266 31.91 82.31 -1.68
CA GLN A 266 31.31 82.65 -0.40
C GLN A 266 29.80 82.40 -0.41
N GLU A 267 29.14 82.66 -1.53
CA GLU A 267 27.71 82.46 -1.65
C GLU A 267 27.33 81.04 -2.07
N ASP A 268 28.29 80.22 -2.49
CA ASP A 268 28.04 78.85 -2.91
C ASP A 268 29.05 77.94 -2.21
N SER A 269 28.73 77.56 -0.98
CA SER A 269 29.58 76.68 -0.19
C SER A 269 28.80 76.06 0.97
N ALA B 104 24.58 -72.45 -4.01
CA ALA B 104 24.19 -71.35 -4.90
C ALA B 104 23.08 -71.79 -5.83
N GLU B 105 22.59 -73.00 -5.62
CA GLU B 105 21.53 -73.56 -6.46
C GLU B 105 20.36 -74.01 -5.60
N VAL B 106 20.65 -74.46 -4.37
CA VAL B 106 19.61 -74.83 -3.41
C VAL B 106 19.10 -73.62 -2.66
N ILE B 107 19.81 -72.49 -2.73
CA ILE B 107 19.36 -71.23 -2.12
C ILE B 107 18.11 -70.72 -2.81
N ASP B 108 18.00 -70.92 -4.13
CA ASP B 108 16.90 -70.36 -4.91
C ASP B 108 15.56 -71.03 -4.59
N LYS B 109 15.58 -72.32 -4.22
CA LYS B 109 14.34 -72.94 -3.77
C LYS B 109 13.93 -72.42 -2.40
N LYS B 110 14.89 -72.19 -1.51
CA LYS B 110 14.56 -71.73 -0.16
C LYS B 110 14.02 -70.31 -0.17
N ALA B 111 14.55 -69.45 -1.02
CA ALA B 111 14.08 -68.07 -1.08
C ALA B 111 12.72 -67.95 -1.77
N PHE B 112 12.38 -68.91 -2.65
CA PHE B 112 11.12 -68.82 -3.37
C PHE B 112 9.93 -69.17 -2.49
N LYS B 113 10.05 -70.21 -1.65
CA LYS B 113 8.94 -70.60 -0.79
C LYS B 113 8.74 -69.61 0.35
N ASP B 114 9.80 -68.97 0.83
CA ASP B 114 9.63 -67.95 1.85
C ASP B 114 9.00 -66.68 1.30
N MET B 115 9.28 -66.34 0.04
CA MET B 115 8.69 -65.16 -0.58
C MET B 115 7.20 -65.35 -0.82
N THR B 116 6.78 -66.57 -1.15
CA THR B 116 5.37 -66.85 -1.37
C THR B 116 4.56 -66.70 -0.09
N ARG B 117 5.14 -67.09 1.05
CA ARG B 117 4.43 -66.99 2.32
C ARG B 117 4.27 -65.54 2.78
N ASN B 118 5.22 -64.67 2.43
CA ASN B 118 5.05 -63.25 2.73
C ASN B 118 4.09 -62.58 1.76
N LEU B 119 4.06 -63.02 0.49
CA LEU B 119 3.19 -62.39 -0.49
C LEU B 119 1.74 -62.78 -0.28
N TYR B 120 1.48 -64.03 0.07
CA TYR B 120 0.13 -64.54 0.30
C TYR B 120 0.08 -65.21 1.66
N PRO B 121 -0.20 -64.45 2.73
CA PRO B 121 -0.23 -65.04 4.08
C PRO B 121 -1.40 -65.97 4.34
N LEU B 122 -2.42 -65.97 3.48
CA LEU B 122 -3.59 -66.82 3.65
C LEU B 122 -3.66 -67.84 2.52
N ASN B 123 -3.86 -69.10 2.88
CA ASN B 123 -4.01 -70.17 1.91
C ASN B 123 -5.34 -70.05 1.18
N PRO B 124 -5.47 -70.69 0.01
CA PRO B 124 -6.80 -70.79 -0.62
C PRO B 124 -7.83 -71.52 0.23
N GLU B 125 -7.40 -72.47 1.06
CA GLU B 125 -8.30 -73.07 2.04
C GLU B 125 -8.75 -72.05 3.08
N GLN B 126 -7.83 -71.21 3.55
CA GLN B 126 -8.15 -70.25 4.59
C GLN B 126 -8.96 -69.06 4.09
N VAL B 127 -8.91 -68.75 2.80
CA VAL B 127 -9.78 -67.73 2.23
C VAL B 127 -11.22 -68.21 2.21
N VAL B 128 -11.42 -69.50 1.90
CA VAL B 128 -12.76 -70.08 1.85
C VAL B 128 -13.38 -70.14 3.24
N LYS B 129 -12.58 -70.49 4.27
CA LYS B 129 -13.09 -70.54 5.62
C LYS B 129 -13.39 -69.15 6.18
N LEU B 130 -12.62 -68.14 5.77
CA LEU B 130 -12.86 -66.79 6.24
C LEU B 130 -14.14 -66.19 5.65
N LYS B 131 -14.50 -66.59 4.43
CA LYS B 131 -15.73 -66.10 3.83
C LYS B 131 -16.96 -66.69 4.49
N GLN B 132 -16.86 -67.92 5.00
CA GLN B 132 -17.96 -68.51 5.76
C GLN B 132 -18.12 -67.84 7.12
N ILE B 133 -17.00 -67.43 7.73
CA ILE B 133 -17.05 -66.71 9.00
C ILE B 133 -17.70 -65.34 8.82
N TYR B 134 -17.41 -64.69 7.69
CA TYR B 134 -17.91 -63.34 7.45
C TYR B 134 -19.43 -63.33 7.22
N GLU B 135 -19.93 -64.26 6.40
CA GLU B 135 -21.36 -64.27 6.11
C GLU B 135 -22.20 -64.82 7.26
N THR B 136 -21.62 -65.63 8.14
CA THR B 136 -22.33 -66.06 9.33
C THR B 136 -22.49 -64.90 10.31
N SER B 137 -21.52 -63.99 10.33
CA SER B 137 -21.60 -62.82 11.20
C SER B 137 -22.68 -61.85 10.77
N GLU B 138 -22.90 -61.72 9.45
CA GLU B 138 -23.98 -60.85 8.98
C GLU B 138 -25.35 -61.48 9.17
N TYR B 139 -25.41 -62.82 9.23
CA TYR B 139 -26.70 -63.48 9.44
C TYR B 139 -27.20 -63.28 10.87
N ALA B 140 -26.28 -63.28 11.84
CA ALA B 140 -26.66 -63.01 13.21
C ALA B 140 -26.95 -61.53 13.45
N LYS B 141 -26.33 -60.65 12.67
CA LYS B 141 -26.57 -59.21 12.80
C LYS B 141 -27.95 -58.83 12.29
N ALA B 142 -28.40 -59.45 11.21
CA ALA B 142 -29.67 -59.10 10.58
C ALA B 142 -30.87 -59.84 11.15
N ALA B 143 -30.64 -60.83 12.01
CA ALA B 143 -31.74 -61.60 12.57
C ALA B 143 -32.51 -60.79 13.60
N THR B 144 -33.83 -60.98 13.61
CA THR B 144 -34.65 -60.25 14.56
C THR B 144 -34.91 -61.09 15.81
N PRO B 145 -34.91 -60.47 16.98
CA PRO B 145 -35.26 -61.19 18.20
C PRO B 145 -36.74 -61.57 18.23
N GLY B 146 -37.02 -62.72 18.82
CA GLY B 146 -38.38 -63.22 18.88
C GLY B 146 -38.88 -63.66 17.51
N THR B 147 -40.17 -63.43 17.28
CA THR B 147 -40.75 -63.70 15.96
C THR B 147 -41.08 -62.39 15.25
N PRO B 148 -40.93 -62.36 13.92
CA PRO B 148 -41.34 -61.17 13.16
C PRO B 148 -42.86 -61.05 13.13
N PRO B 149 -43.39 -59.84 12.97
CA PRO B 149 -44.84 -59.67 12.93
C PRO B 149 -45.45 -60.23 11.65
N LYS B 150 -46.72 -60.58 11.73
CA LYS B 150 -47.43 -61.13 10.58
C LYS B 150 -47.95 -60.00 9.70
N PRO B 151 -47.64 -60.00 8.40
CA PRO B 151 -48.19 -58.96 7.51
C PRO B 151 -49.64 -59.23 7.20
N THR B 152 -50.49 -58.24 7.43
CA THR B 152 -51.93 -58.40 7.29
C THR B 152 -52.53 -57.20 6.58
N ALA B 153 -53.70 -57.42 5.98
CA ALA B 153 -54.57 -56.37 5.49
C ALA B 153 -55.90 -56.46 6.23
N THR B 154 -56.41 -55.32 6.68
CA THR B 154 -57.61 -55.29 7.51
C THR B 154 -58.63 -54.33 6.92
N SER B 155 -59.82 -54.32 7.53
CA SER B 155 -60.90 -53.43 7.13
C SER B 155 -61.73 -53.09 8.35
N GLN B 156 -61.89 -51.81 8.64
CA GLN B 156 -62.60 -51.35 9.83
C GLN B 156 -63.69 -50.34 9.47
N PHE B 157 -64.67 -50.24 10.35
CA PHE B 157 -65.74 -49.25 10.25
C PHE B 157 -65.52 -48.20 11.35
N VAL B 158 -65.57 -46.92 10.96
CA VAL B 158 -65.30 -45.82 11.87
C VAL B 158 -66.62 -45.16 12.23
N ASN B 159 -66.92 -45.08 13.52
CA ASN B 159 -68.14 -44.48 14.03
C ASN B 159 -67.82 -43.14 14.66
N LEU B 160 -68.54 -42.09 14.23
CA LEU B 160 -68.31 -40.75 14.71
C LEU B 160 -69.22 -40.37 15.88
N SER B 161 -69.76 -41.36 16.57
CA SER B 161 -70.57 -41.10 17.75
C SER B 161 -69.69 -40.67 18.92
N PRO B 162 -70.24 -39.92 19.88
CA PRO B 162 -69.44 -39.52 21.06
C PRO B 162 -69.35 -40.59 22.14
N GLY B 163 -69.58 -41.86 21.81
CA GLY B 163 -69.39 -42.91 22.78
C GLY B 163 -68.35 -43.94 22.37
N SER B 164 -68.07 -44.02 21.07
CA SER B 164 -67.19 -45.05 20.54
C SER B 164 -65.73 -44.70 20.78
N THR B 165 -64.87 -45.69 20.58
CA THR B 165 -63.43 -45.58 20.72
C THR B 165 -62.76 -45.34 19.36
N PRO B 166 -61.69 -44.54 19.32
CA PRO B 166 -61.00 -44.33 18.06
C PRO B 166 -60.28 -45.59 17.61
N PRO B 167 -60.12 -45.78 16.30
CA PRO B 167 -59.51 -47.03 15.81
C PRO B 167 -58.00 -47.08 16.00
N VAL B 168 -57.48 -48.30 15.90
CA VAL B 168 -56.09 -48.60 16.22
C VAL B 168 -55.39 -49.07 14.95
N ILE B 169 -54.18 -48.57 14.71
CA ILE B 169 -53.36 -48.96 13.58
C ILE B 169 -52.07 -49.56 14.11
N ARG B 170 -51.71 -50.75 13.62
CA ARG B 170 -50.52 -51.47 14.05
C ARG B 170 -49.40 -51.24 13.03
N LEU B 171 -48.26 -50.77 13.51
CA LEU B 171 -47.13 -50.41 12.66
C LEU B 171 -45.90 -51.21 13.06
N SER B 172 -44.82 -51.01 12.29
CA SER B 172 -43.53 -51.62 12.59
C SER B 172 -42.43 -50.68 12.10
N GLN B 173 -41.26 -50.80 12.71
CA GLN B 173 -40.16 -49.88 12.44
C GLN B 173 -39.53 -50.18 11.09
N GLY B 174 -39.48 -49.18 10.21
CA GLY B 174 -38.91 -49.32 8.90
C GLY B 174 -39.87 -49.81 7.83
N PHE B 175 -41.10 -50.17 8.20
CA PHE B 175 -42.09 -50.68 7.27
C PHE B 175 -43.14 -49.62 6.96
N VAL B 176 -43.81 -49.79 5.83
CA VAL B 176 -44.77 -48.82 5.31
C VAL B 176 -46.17 -49.37 5.52
N SER B 177 -47.06 -48.54 6.07
CA SER B 177 -48.47 -48.86 6.20
C SER B 177 -49.27 -47.83 5.41
N SER B 178 -50.18 -48.31 4.58
CA SER B 178 -51.02 -47.45 3.75
C SER B 178 -52.42 -47.39 4.32
N LEU B 179 -52.94 -46.19 4.48
CA LEU B 179 -54.28 -45.96 4.99
C LEU B 179 -55.14 -45.36 3.88
N VAL B 180 -56.24 -46.02 3.55
CA VAL B 180 -57.16 -45.54 2.52
C VAL B 180 -58.53 -45.30 3.14
N PHE B 181 -59.14 -44.17 2.79
CA PHE B 181 -60.39 -43.71 3.40
C PHE B 181 -61.54 -43.90 2.43
N LEU B 182 -62.59 -44.56 2.88
CA LEU B 182 -63.78 -44.80 2.08
C LEU B 182 -65.01 -44.36 2.87
N ASP B 183 -66.08 -44.07 2.15
CA ASP B 183 -67.35 -43.71 2.79
C ASP B 183 -68.16 -44.96 3.10
N SER B 184 -69.43 -44.77 3.44
CA SER B 184 -70.29 -45.91 3.81
C SER B 184 -70.63 -46.77 2.60
N THR B 185 -70.76 -46.17 1.41
CA THR B 185 -71.03 -46.94 0.20
C THR B 185 -69.79 -47.69 -0.28
N GLY B 186 -68.60 -47.16 -0.01
CA GLY B 186 -67.36 -47.75 -0.49
C GLY B 186 -66.60 -46.91 -1.48
N ALA B 187 -67.09 -45.74 -1.87
CA ALA B 187 -66.36 -44.87 -2.77
C ALA B 187 -65.22 -44.17 -2.04
N PRO B 188 -64.15 -43.79 -2.74
CA PRO B 188 -63.06 -43.04 -2.10
C PRO B 188 -63.50 -41.67 -1.61
N TRP B 189 -62.88 -41.25 -0.50
CA TRP B 189 -63.15 -39.95 0.12
C TRP B 189 -61.85 -39.17 0.22
N PRO B 190 -61.65 -38.12 -0.59
CA PRO B 190 -60.38 -37.40 -0.58
C PRO B 190 -60.15 -36.61 0.72
N ILE B 191 -58.87 -36.44 1.03
CA ILE B 191 -58.42 -35.84 2.30
C ILE B 191 -58.17 -34.36 2.08
N ALA B 192 -58.64 -33.53 3.02
CA ALA B 192 -58.40 -32.09 2.97
C ALA B 192 -57.10 -31.71 3.65
N ALA B 193 -56.87 -32.18 4.87
CA ALA B 193 -55.67 -31.86 5.64
C ALA B 193 -55.47 -32.94 6.71
N TYR B 194 -54.27 -32.93 7.30
CA TYR B 194 -54.00 -33.80 8.44
C TYR B 194 -53.08 -33.08 9.41
N ASP B 195 -53.11 -33.54 10.66
CA ASP B 195 -52.31 -32.97 11.74
C ASP B 195 -51.71 -34.11 12.54
N LEU B 196 -50.38 -34.16 12.63
CA LEU B 196 -49.69 -35.27 13.27
C LEU B 196 -48.97 -34.78 14.52
N GLY B 197 -49.23 -35.46 15.63
CA GLY B 197 -48.45 -35.24 16.84
C GLY B 197 -47.26 -36.18 16.89
N ASP B 198 -46.17 -35.69 17.52
CA ASP B 198 -44.87 -36.34 17.64
C ASP B 198 -44.32 -36.75 16.28
N PRO B 199 -43.80 -35.81 15.48
CA PRO B 199 -43.24 -36.19 14.18
C PRO B 199 -41.89 -36.89 14.25
N SER B 200 -41.28 -37.02 15.43
CA SER B 200 -40.02 -37.74 15.58
C SER B 200 -40.19 -39.25 15.57
N SER B 201 -41.42 -39.75 15.72
CA SER B 201 -41.65 -41.18 15.74
C SER B 201 -42.26 -41.71 14.47
N PHE B 202 -42.93 -40.87 13.67
CA PHE B 202 -43.62 -41.31 12.47
C PHE B 202 -43.32 -40.36 11.32
N ASN B 203 -43.35 -40.89 10.11
CA ASN B 203 -43.15 -40.13 8.88
C ASN B 203 -44.28 -40.42 7.92
N ILE B 204 -44.88 -39.37 7.36
CA ILE B 204 -46.05 -39.49 6.50
C ILE B 204 -45.74 -38.88 5.15
N GLN B 205 -46.00 -39.64 4.08
CA GLN B 205 -45.91 -39.16 2.71
C GLN B 205 -47.30 -39.08 2.10
N TRP B 206 -47.58 -37.97 1.41
CA TRP B 206 -48.91 -37.74 0.87
C TRP B 206 -48.83 -36.76 -0.30
N ASP B 207 -49.28 -37.18 -1.47
CA ASP B 207 -49.57 -36.23 -2.53
C ASP B 207 -50.85 -35.48 -2.17
N LYS B 208 -50.88 -34.19 -2.49
CA LYS B 208 -51.80 -33.26 -1.84
C LYS B 208 -53.27 -33.41 -2.27
N THR B 209 -53.60 -34.36 -3.16
CA THR B 209 -54.95 -34.49 -3.67
C THR B 209 -55.61 -35.83 -3.41
N SER B 210 -54.84 -36.89 -3.13
CA SER B 210 -55.39 -38.24 -3.10
C SER B 210 -56.07 -38.53 -1.76
N ASN B 211 -56.46 -39.79 -1.56
CA ASN B 211 -57.13 -40.22 -0.34
C ASN B 211 -56.33 -41.28 0.41
N THR B 212 -55.03 -41.40 0.12
CA THR B 212 -54.18 -42.43 0.70
C THR B 212 -53.02 -41.79 1.44
N LEU B 213 -52.83 -42.18 2.69
CA LEU B 213 -51.67 -41.78 3.49
C LEU B 213 -50.76 -42.99 3.69
N MET B 214 -49.45 -42.76 3.63
CA MET B 214 -48.46 -43.80 3.82
C MET B 214 -47.57 -43.44 5.00
N ILE B 215 -47.67 -44.21 6.08
CA ILE B 215 -47.03 -43.90 7.34
C ILE B 215 -45.94 -44.93 7.61
N GLN B 216 -44.77 -44.46 8.02
CA GLN B 216 -43.64 -45.30 8.40
C GLN B 216 -43.27 -44.98 9.83
N ALA B 217 -43.04 -46.01 10.64
CA ALA B 217 -42.60 -45.82 12.02
C ALA B 217 -41.09 -45.72 12.09
N THR B 218 -40.60 -44.76 12.88
CA THR B 218 -39.17 -44.52 13.03
C THR B 218 -38.60 -45.15 14.30
N LYS B 219 -39.38 -45.19 15.38
CA LYS B 219 -38.93 -45.74 16.64
C LYS B 219 -39.60 -47.09 16.89
N LEU B 220 -39.23 -47.72 18.01
CA LEU B 220 -39.64 -49.10 18.27
C LEU B 220 -40.98 -49.17 19.01
N TYR B 221 -41.11 -48.47 20.15
CA TYR B 221 -42.25 -48.67 21.02
C TYR B 221 -42.95 -47.37 21.41
N ASN B 222 -42.69 -46.27 20.71
CA ASN B 222 -43.31 -44.99 21.03
C ASN B 222 -44.58 -44.80 20.19
N TYR B 223 -45.67 -44.43 20.85
CA TYR B 223 -46.98 -44.39 20.21
C TYR B 223 -47.62 -43.01 20.38
N GLY B 224 -48.45 -42.64 19.40
CA GLY B 224 -49.11 -41.35 19.41
C GLY B 224 -50.44 -41.34 18.69
N ASN B 225 -50.93 -40.15 18.35
CA ASN B 225 -52.23 -40.02 17.67
C ASN B 225 -52.09 -39.14 16.42
N LEU B 226 -53.17 -39.11 15.63
CA LEU B 226 -53.20 -38.39 14.38
C LEU B 226 -54.62 -37.94 14.08
N ALA B 227 -54.77 -36.72 13.56
CA ALA B 227 -56.06 -36.16 13.20
C ALA B 227 -56.13 -35.96 11.69
N VAL B 228 -57.18 -36.47 11.06
CA VAL B 228 -57.36 -36.40 9.61
C VAL B 228 -58.70 -35.75 9.32
N ARG B 229 -58.70 -34.72 8.47
CA ARG B 229 -59.91 -34.02 8.07
C ARG B 229 -60.23 -34.35 6.62
N LEU B 230 -61.47 -34.76 6.37
CA LEU B 230 -61.92 -35.12 5.03
C LEU B 230 -62.54 -33.91 4.33
N ARG B 231 -62.89 -34.08 3.05
CA ARG B 231 -63.32 -32.94 2.24
C ARG B 231 -64.73 -32.49 2.61
N GLY B 232 -65.65 -33.43 2.81
CA GLY B 232 -67.03 -33.07 3.07
C GLY B 232 -67.42 -33.05 4.53
N LEU B 233 -66.56 -33.56 5.40
CA LEU B 233 -66.88 -33.66 6.82
C LEU B 233 -66.43 -32.43 7.60
N ASN B 234 -67.23 -32.11 8.62
CA ASN B 234 -66.83 -31.13 9.63
C ASN B 234 -66.20 -31.78 10.84
N THR B 235 -66.60 -33.01 11.14
CA THR B 235 -66.03 -33.76 12.26
C THR B 235 -64.71 -34.38 11.84
N PRO B 236 -63.60 -34.08 12.52
CA PRO B 236 -62.33 -34.73 12.19
C PRO B 236 -62.28 -36.16 12.70
N VAL B 237 -61.47 -36.96 12.02
CA VAL B 237 -61.27 -38.37 12.36
C VAL B 237 -59.95 -38.50 13.11
N MET B 238 -60.01 -39.10 14.30
CA MET B 238 -58.84 -39.25 15.15
C MET B 238 -58.47 -40.72 15.26
N LEU B 239 -57.19 -41.02 15.11
CA LEU B 239 -56.66 -42.37 15.13
C LEU B 239 -55.59 -42.47 16.23
N THR B 240 -55.24 -43.70 16.58
CA THR B 240 -54.09 -43.96 17.43
C THR B 240 -53.17 -44.96 16.73
N LEU B 241 -51.86 -44.77 16.93
CA LEU B 241 -50.84 -45.50 16.18
C LEU B 241 -49.88 -46.16 17.15
N ILE B 242 -49.98 -47.47 17.30
CA ILE B 242 -49.15 -48.24 18.21
C ILE B 242 -48.24 -49.17 17.41
N PRO B 243 -46.92 -49.01 17.49
CA PRO B 243 -46.01 -49.95 16.84
C PRO B 243 -45.55 -51.07 17.78
N GLY B 244 -44.81 -52.01 17.21
CA GLY B 244 -44.20 -53.08 17.99
C GLY B 244 -45.13 -54.16 18.48
N GLN B 245 -46.14 -54.53 17.69
CA GLN B 245 -47.10 -55.54 18.08
C GLN B 245 -46.79 -56.87 17.39
N LYS B 246 -47.65 -57.87 17.62
CA LYS B 246 -47.49 -59.16 16.99
C LYS B 246 -48.01 -59.20 15.55
N ALA B 247 -48.66 -58.15 15.08
CA ALA B 247 -49.11 -58.05 13.71
C ALA B 247 -48.80 -56.66 13.17
N VAL B 248 -48.50 -56.58 11.89
CA VAL B 248 -48.24 -55.32 11.22
C VAL B 248 -49.28 -55.14 10.11
N ASP B 249 -49.84 -53.93 10.02
CA ASP B 249 -50.88 -53.64 9.04
C ASP B 249 -50.22 -53.11 7.78
N TYR B 250 -50.30 -53.89 6.70
CA TYR B 250 -49.80 -53.41 5.42
C TYR B 250 -50.79 -52.44 4.79
N ARG B 251 -52.08 -52.70 4.94
CA ARG B 251 -53.12 -51.85 4.36
C ARG B 251 -54.35 -51.93 5.25
N VAL B 252 -54.93 -50.77 5.56
CA VAL B 252 -56.16 -50.69 6.34
C VAL B 252 -57.22 -49.99 5.51
N ASP B 253 -58.38 -50.63 5.36
CA ASP B 253 -59.54 -50.06 4.72
C ASP B 253 -60.42 -49.45 5.80
N LEU B 254 -60.74 -48.17 5.67
CA LEU B 254 -61.50 -47.45 6.68
C LEU B 254 -62.83 -47.00 6.11
N ARG B 255 -63.92 -47.45 6.74
CA ARG B 255 -65.27 -47.06 6.38
C ARG B 255 -65.69 -45.89 7.27
N VAL B 256 -65.99 -44.75 6.66
CA VAL B 256 -66.44 -43.58 7.40
C VAL B 256 -67.95 -43.49 7.24
N GLN B 257 -68.62 -43.02 8.30
CA GLN B 257 -70.07 -43.17 8.45
C GLN B 257 -70.87 -42.36 7.42
N GLY B 258 -70.40 -41.16 7.07
CA GLY B 258 -71.16 -40.28 6.21
C GLY B 258 -71.10 -40.64 4.74
N TYR B 259 -71.48 -39.68 3.90
CA TYR B 259 -71.45 -39.83 2.45
C TYR B 259 -70.50 -38.80 1.85
N GLY B 260 -69.60 -39.26 0.99
CA GLY B 260 -68.58 -38.41 0.41
C GLY B 260 -69.01 -37.77 -0.89
N PRO B 261 -68.07 -37.09 -1.56
CA PRO B 261 -68.39 -36.49 -2.87
C PRO B 261 -68.64 -37.50 -3.97
N ASN B 262 -68.18 -38.74 -3.82
CA ASN B 262 -68.50 -39.82 -4.75
C ASN B 262 -69.43 -40.80 -4.06
N ALA B 263 -70.48 -41.23 -4.76
CA ALA B 263 -71.45 -42.15 -4.18
C ALA B 263 -72.12 -42.99 -5.27
N ARG C 207 58.64 73.59 -37.43
CA ARG C 207 58.60 72.14 -37.62
C ARG C 207 57.24 71.59 -37.18
N ILE C 208 57.17 70.27 -37.02
CA ILE C 208 55.94 69.58 -36.66
C ILE C 208 56.11 69.01 -35.25
N ILE C 209 55.16 69.34 -34.39
CA ILE C 209 55.18 68.94 -32.98
C ILE C 209 54.31 67.71 -32.82
N TYR C 210 54.86 66.66 -32.23
CA TYR C 210 54.14 65.42 -32.00
C TYR C 210 53.74 65.29 -30.54
N TYR C 211 52.58 64.69 -30.31
CA TYR C 211 52.02 64.50 -28.98
C TYR C 211 51.60 63.05 -28.79
N ILE C 212 51.72 62.57 -27.57
CA ILE C 212 51.31 61.21 -27.24
C ILE C 212 49.80 61.15 -27.13
N GLN C 213 49.18 60.22 -27.86
CA GLN C 213 47.74 59.98 -27.78
C GLN C 213 47.39 58.82 -26.87
N ALA C 214 48.15 57.73 -26.94
CA ALA C 214 48.02 56.62 -26.01
C ALA C 214 49.36 55.89 -25.96
N VAL C 215 49.60 55.19 -24.85
CA VAL C 215 50.84 54.44 -24.68
C VAL C 215 50.57 53.22 -23.81
N ILE C 216 51.12 52.08 -24.23
CA ILE C 216 51.15 50.85 -23.46
C ILE C 216 52.63 50.47 -23.39
N PRO C 217 53.04 49.44 -22.64
CA PRO C 217 54.41 48.93 -22.80
C PRO C 217 54.64 48.40 -24.22
N GLY C 218 55.73 48.84 -24.83
CA GLY C 218 56.04 48.50 -26.20
C GLY C 218 55.68 49.52 -27.25
N ARG C 219 54.40 49.84 -27.44
CA ARG C 219 53.99 50.77 -28.49
C ARG C 219 53.61 52.11 -27.92
N ALA C 220 53.44 53.07 -28.82
CA ALA C 220 52.93 54.40 -28.50
C ALA C 220 52.25 54.95 -29.74
N TRP C 221 51.06 55.51 -29.57
CA TRP C 221 50.32 56.13 -30.67
C TRP C 221 50.48 57.64 -30.57
N LEU C 222 50.90 58.26 -31.67
CA LEU C 222 51.20 59.69 -31.70
C LEU C 222 50.26 60.41 -32.65
N ILE C 223 50.00 61.68 -32.35
CA ILE C 223 49.25 62.57 -33.23
C ILE C 223 50.09 63.83 -33.45
N GLY C 224 50.08 64.32 -34.69
CA GLY C 224 50.83 65.50 -35.05
C GLY C 224 49.95 66.75 -35.11
N SER C 225 50.63 67.88 -35.32
CA SER C 225 49.91 69.14 -35.52
C SER C 225 49.20 69.20 -36.86
N ASN C 226 49.60 68.35 -37.81
CA ASN C 226 48.91 68.24 -39.09
C ASN C 226 47.67 67.37 -39.03
N GLY C 227 47.42 66.70 -37.91
CA GLY C 227 46.37 65.71 -37.82
C GLY C 227 46.81 64.31 -38.21
N SER C 228 48.06 64.12 -38.60
CA SER C 228 48.56 62.80 -38.96
C SER C 228 48.76 61.94 -37.72
N THR C 229 48.53 60.64 -37.88
CA THR C 229 48.62 59.69 -36.78
C THR C 229 49.69 58.66 -37.07
N LEU C 230 50.46 58.30 -36.04
CA LEU C 230 51.55 57.34 -36.17
C LEU C 230 51.49 56.34 -35.03
N THR C 231 52.21 55.23 -35.21
CA THR C 231 52.50 54.29 -34.14
C THR C 231 53.97 53.90 -34.23
N VAL C 232 54.62 53.77 -33.07
CA VAL C 232 56.06 53.59 -33.02
C VAL C 232 56.40 52.46 -32.05
N ARG C 233 57.58 51.88 -32.25
CA ARG C 233 58.14 50.84 -31.40
C ARG C 233 59.45 51.36 -30.79
N GLU C 234 60.20 50.45 -30.17
CA GLU C 234 61.43 50.82 -29.47
C GLU C 234 62.48 51.39 -30.42
N GLY C 235 62.64 50.79 -31.59
CA GLY C 235 63.49 51.38 -32.61
C GLY C 235 62.70 51.72 -33.86
N SER C 236 62.48 53.00 -34.13
CA SER C 236 61.53 53.38 -35.17
C SER C 236 61.91 54.72 -35.76
N LYS C 237 61.28 55.02 -36.90
CA LYS C 237 61.50 56.26 -37.64
C LYS C 237 60.50 57.30 -37.17
N ILE C 238 60.97 58.50 -36.84
CA ILE C 238 60.11 59.66 -36.64
C ILE C 238 60.67 60.80 -37.48
N PRO C 239 59.89 61.40 -38.37
CA PRO C 239 60.41 62.51 -39.18
C PRO C 239 60.56 63.78 -38.36
N GLY C 240 61.76 64.36 -38.40
CA GLY C 240 62.04 65.58 -37.67
C GLY C 240 62.50 65.38 -36.24
N TYR C 241 62.58 64.14 -35.78
CA TYR C 241 63.02 63.86 -34.41
C TYR C 241 64.20 62.89 -34.35
N GLY C 242 64.24 61.89 -35.21
CA GLY C 242 65.34 60.96 -35.20
C GLY C 242 64.96 59.54 -34.80
N MET C 243 65.63 58.99 -33.81
CA MET C 243 65.44 57.61 -33.39
C MET C 243 64.67 57.56 -32.09
N VAL C 244 63.76 56.59 -31.96
CA VAL C 244 63.18 56.30 -30.67
C VAL C 244 64.23 55.63 -29.81
N LYS C 245 64.46 56.17 -28.61
CA LYS C 245 65.49 55.66 -27.73
C LYS C 245 64.92 54.89 -26.54
N LEU C 246 63.81 55.36 -25.98
CA LEU C 246 63.16 54.67 -24.87
C LEU C 246 61.69 55.03 -24.88
N ILE C 247 60.83 54.01 -24.83
CA ILE C 247 59.40 54.19 -24.63
C ILE C 247 59.12 53.83 -23.18
N ASP C 248 58.80 54.84 -22.38
CA ASP C 248 58.56 54.67 -20.95
C ASP C 248 57.07 54.87 -20.74
N SER C 249 56.35 53.75 -20.51
CA SER C 249 54.89 53.77 -20.53
C SER C 249 54.31 54.52 -19.34
N LEU C 250 54.95 54.41 -18.18
CA LEU C 250 54.59 55.24 -17.06
C LEU C 250 55.04 56.68 -17.32
N GLN C 251 54.29 57.64 -16.76
CA GLN C 251 54.54 59.08 -16.79
C GLN C 251 54.45 59.72 -18.18
N GLY C 252 54.20 58.96 -19.24
CA GLY C 252 54.00 59.49 -20.57
C GLY C 252 55.19 60.19 -21.21
N ARG C 253 56.37 59.58 -21.16
CA ARG C 253 57.57 60.16 -21.75
C ARG C 253 58.16 59.23 -22.79
N ILE C 254 58.58 59.80 -23.92
CA ILE C 254 59.29 59.08 -24.97
C ILE C 254 60.62 59.79 -25.20
N LEU C 255 61.72 59.05 -25.09
CA LEU C 255 63.05 59.60 -25.30
C LEU C 255 63.45 59.46 -26.76
N THR C 256 64.12 60.49 -27.28
CA THR C 256 64.49 60.57 -28.68
C THR C 256 65.98 60.86 -28.78
N SER C 257 66.62 60.36 -29.84
CA SER C 257 68.06 60.46 -30.03
C SER C 257 68.55 61.89 -30.20
N SER C 258 67.70 62.81 -30.65
CA SER C 258 68.09 64.21 -30.78
C SER C 258 67.93 65.00 -29.49
N GLY C 259 67.44 64.38 -28.43
CA GLY C 259 67.32 65.02 -27.14
C GLY C 259 65.94 65.54 -26.80
N GLN C 260 65.03 65.64 -27.78
CA GLN C 260 63.68 66.09 -27.52
C GLN C 260 62.88 65.00 -26.81
N VAL C 261 61.87 65.43 -26.06
CA VAL C 261 60.99 64.52 -25.33
C VAL C 261 59.57 64.75 -25.80
N ILE C 262 58.92 63.67 -26.25
CA ILE C 262 57.53 63.70 -26.67
C ILE C 262 56.66 63.29 -25.48
N LYS C 263 55.69 64.13 -25.14
CA LYS C 263 54.85 63.91 -23.98
C LYS C 263 53.38 64.04 -24.39
N PHE C 264 52.50 63.94 -23.39
CA PHE C 264 51.09 64.21 -23.62
C PHE C 264 50.88 65.70 -23.84
N SER C 265 49.79 66.04 -24.53
CA SER C 265 49.45 67.43 -24.75
C SER C 265 48.98 68.07 -23.44
N GLN C 266 49.23 69.38 -23.32
CA GLN C 266 48.89 70.09 -22.09
C GLN C 266 47.38 70.24 -21.94
N GLU C 267 46.67 70.47 -23.04
CA GLU C 267 45.22 70.62 -22.99
C GLU C 267 44.49 69.28 -23.07
N ASP C 268 45.19 68.19 -23.33
CA ASP C 268 44.59 66.85 -23.40
C ASP C 268 45.44 65.90 -22.56
N SER C 269 45.20 65.89 -21.26
CA SER C 269 45.93 65.02 -20.33
C SER C 269 45.17 64.86 -19.02
N ALA D 104 -28.08 -40.89 58.46
CA ALA D 104 -28.30 -40.62 57.04
C ALA D 104 -29.72 -40.12 56.81
N GLU D 105 -30.44 -39.84 57.89
CA GLU D 105 -31.82 -39.42 57.80
C GLU D 105 -32.06 -38.17 58.63
N VAL D 106 -31.28 -38.02 59.72
CA VAL D 106 -31.31 -36.80 60.54
C VAL D 106 -30.63 -35.64 59.83
N ILE D 107 -29.62 -35.91 59.00
CA ILE D 107 -28.83 -34.90 58.29
C ILE D 107 -29.72 -34.10 57.32
N ASP D 108 -30.73 -34.75 56.72
CA ASP D 108 -31.57 -34.09 55.72
C ASP D 108 -32.42 -32.98 56.33
N LYS D 109 -32.82 -33.12 57.61
CA LYS D 109 -33.50 -31.99 58.26
C LYS D 109 -32.53 -30.86 58.56
N LYS D 110 -31.30 -31.20 58.97
CA LYS D 110 -30.34 -30.18 59.36
C LYS D 110 -29.87 -29.36 58.16
N ALA D 111 -29.69 -30.00 57.00
CA ALA D 111 -29.25 -29.26 55.82
C ALA D 111 -30.37 -28.43 55.22
N PHE D 112 -31.62 -28.79 55.47
CA PHE D 112 -32.75 -28.05 54.89
C PHE D 112 -32.96 -26.71 55.58
N LYS D 113 -32.88 -26.68 56.91
CA LYS D 113 -33.06 -25.42 57.63
C LYS D 113 -31.88 -24.47 57.44
N ASP D 114 -30.67 -25.01 57.26
CA ASP D 114 -29.53 -24.13 57.04
C ASP D 114 -29.53 -23.54 55.63
N MET D 115 -30.12 -24.25 54.66
CA MET D 115 -30.22 -23.71 53.31
C MET D 115 -31.26 -22.61 53.23
N THR D 116 -32.37 -22.75 53.97
CA THR D 116 -33.44 -21.76 53.96
C THR D 116 -32.99 -20.44 54.58
N ARG D 117 -32.14 -20.50 55.61
CA ARG D 117 -31.58 -19.29 56.20
C ARG D 117 -30.58 -18.63 55.26
N ASN D 118 -29.88 -19.41 54.43
CA ASN D 118 -28.99 -18.84 53.45
C ASN D 118 -29.74 -18.26 52.26
N LEU D 119 -30.85 -18.89 51.86
CA LEU D 119 -31.60 -18.43 50.70
C LEU D 119 -32.38 -17.17 51.01
N TYR D 120 -32.97 -17.09 52.20
CA TYR D 120 -33.78 -15.96 52.63
C TYR D 120 -33.24 -15.45 53.97
N PRO D 121 -32.27 -14.53 53.95
CA PRO D 121 -31.69 -14.03 55.20
C PRO D 121 -32.64 -13.17 56.02
N LEU D 122 -33.71 -12.64 55.43
CA LEU D 122 -34.67 -11.81 56.12
C LEU D 122 -35.99 -12.56 56.25
N ASN D 123 -36.54 -12.58 57.48
CA ASN D 123 -37.82 -13.18 57.74
C ASN D 123 -38.95 -12.32 57.14
N PRO D 124 -40.14 -12.90 56.94
CA PRO D 124 -41.29 -12.07 56.57
C PRO D 124 -41.65 -11.02 57.61
N GLU D 125 -41.38 -11.28 58.88
CA GLU D 125 -41.59 -10.28 59.91
C GLU D 125 -40.56 -9.15 59.80
N GLN D 126 -39.36 -9.47 59.32
CA GLN D 126 -38.32 -8.47 59.15
C GLN D 126 -38.42 -7.68 57.85
N VAL D 127 -39.06 -8.25 56.82
CA VAL D 127 -39.28 -7.51 55.58
C VAL D 127 -40.31 -6.40 55.81
N VAL D 128 -41.32 -6.68 56.64
CA VAL D 128 -42.36 -5.70 56.96
C VAL D 128 -41.77 -4.53 57.75
N LYS D 129 -40.85 -4.82 58.69
CA LYS D 129 -40.22 -3.75 59.46
C LYS D 129 -39.29 -2.90 58.62
N LEU D 130 -38.65 -3.49 57.61
CA LEU D 130 -37.74 -2.72 56.76
C LEU D 130 -38.50 -1.78 55.83
N LYS D 131 -39.72 -2.15 55.43
CA LYS D 131 -40.52 -1.26 54.58
C LYS D 131 -41.02 -0.06 55.36
N GLN D 132 -41.26 -0.21 56.66
CA GLN D 132 -41.65 0.93 57.48
C GLN D 132 -40.48 1.87 57.74
N ILE D 133 -39.26 1.32 57.85
CA ILE D 133 -38.07 2.14 58.01
C ILE D 133 -37.80 2.96 56.75
N TYR D 134 -38.03 2.34 55.58
CA TYR D 134 -37.74 3.00 54.31
C TYR D 134 -38.69 4.17 54.04
N GLU D 135 -39.98 4.00 54.34
CA GLU D 135 -40.93 5.07 54.07
C GLU D 135 -40.89 6.19 55.09
N THR D 136 -40.47 5.90 56.33
CA THR D 136 -40.28 6.96 57.31
C THR D 136 -39.09 7.83 56.95
N SER D 137 -38.06 7.24 56.33
CA SER D 137 -36.91 8.01 55.88
C SER D 137 -37.26 8.92 54.71
N GLU D 138 -38.17 8.49 53.84
CA GLU D 138 -38.60 9.34 52.74
C GLU D 138 -39.54 10.46 53.20
N TYR D 139 -40.24 10.24 54.32
CA TYR D 139 -41.12 11.27 54.84
C TYR D 139 -40.33 12.44 55.42
N ALA D 140 -39.23 12.15 56.12
CA ALA D 140 -38.39 13.21 56.66
C ALA D 140 -37.57 13.91 55.59
N LYS D 141 -37.29 13.23 54.47
CA LYS D 141 -36.56 13.85 53.37
C LYS D 141 -37.40 14.90 52.65
N ALA D 142 -38.70 14.63 52.48
CA ALA D 142 -39.58 15.53 51.74
C ALA D 142 -40.22 16.60 52.59
N ALA D 143 -40.05 16.56 53.90
CA ALA D 143 -40.66 17.55 54.78
C ALA D 143 -39.95 18.89 54.66
N THR D 144 -40.74 19.96 54.71
CA THR D 144 -40.16 21.29 54.59
C THR D 144 -39.91 21.90 55.96
N PRO D 145 -38.78 22.57 56.14
CA PRO D 145 -38.52 23.26 57.41
C PRO D 145 -39.44 24.46 57.59
N GLY D 146 -39.82 24.70 58.85
CA GLY D 146 -40.76 25.77 59.13
C GLY D 146 -42.15 25.43 58.64
N THR D 147 -42.89 26.48 58.27
CA THR D 147 -44.21 26.29 57.68
C THR D 147 -44.17 26.57 56.19
N PRO D 148 -44.96 25.83 55.39
CA PRO D 148 -45.05 26.13 53.97
C PRO D 148 -45.79 27.43 53.74
N PRO D 149 -45.55 28.11 52.62
CA PRO D 149 -46.28 29.36 52.35
C PRO D 149 -47.73 29.12 52.00
N LYS D 150 -48.54 30.14 52.25
CA LYS D 150 -49.97 30.06 51.96
C LYS D 150 -50.23 30.38 50.50
N PRO D 151 -50.93 29.51 49.76
CA PRO D 151 -51.28 29.81 48.37
C PRO D 151 -52.41 30.83 48.30
N THR D 152 -52.19 31.91 47.57
CA THR D 152 -53.14 33.02 47.52
C THR D 152 -53.31 33.50 46.08
N ALA D 153 -54.42 34.19 45.85
CA ALA D 153 -54.65 34.96 44.64
C ALA D 153 -54.81 36.42 45.04
N THR D 154 -54.18 37.32 44.28
CA THR D 154 -54.17 38.74 44.61
C THR D 154 -54.61 39.56 43.40
N SER D 155 -54.81 40.86 43.65
CA SER D 155 -55.20 41.81 42.62
C SER D 155 -54.66 43.18 43.00
N GLN D 156 -53.84 43.77 42.13
CA GLN D 156 -53.21 45.05 42.39
C GLN D 156 -53.53 46.05 41.28
N PHE D 157 -53.38 47.33 41.61
CA PHE D 157 -53.48 48.41 40.65
C PHE D 157 -52.09 49.00 40.44
N VAL D 158 -51.67 49.14 39.18
CA VAL D 158 -50.33 49.59 38.83
C VAL D 158 -50.42 51.03 38.36
N ASN D 159 -49.67 51.91 39.02
CA ASN D 159 -49.65 53.33 38.71
C ASN D 159 -48.34 53.67 38.00
N LEU D 160 -48.46 54.39 36.88
CA LEU D 160 -47.30 54.76 36.08
C LEU D 160 -46.81 56.17 36.37
N SER D 161 -47.16 56.71 37.54
CA SER D 161 -46.66 58.01 37.95
C SER D 161 -45.20 57.92 38.35
N PRO D 162 -44.44 59.02 38.26
CA PRO D 162 -43.04 58.99 38.69
C PRO D 162 -42.82 59.15 40.18
N GLY D 163 -43.83 58.88 41.01
CA GLY D 163 -43.65 58.92 42.44
C GLY D 163 -43.92 57.60 43.13
N SER D 164 -44.65 56.71 42.46
CA SER D 164 -45.09 55.47 43.07
C SER D 164 -43.97 54.42 43.04
N THR D 165 -44.19 53.34 43.77
CA THR D 165 -43.29 52.20 43.88
C THR D 165 -43.74 51.06 42.96
N PRO D 166 -42.81 50.32 42.38
CA PRO D 166 -43.19 49.19 41.54
C PRO D 166 -43.79 48.06 42.36
N PRO D 167 -44.69 47.27 41.79
CA PRO D 167 -45.36 46.22 42.58
C PRO D 167 -44.46 45.03 42.84
N VAL D 168 -44.87 44.24 43.83
CA VAL D 168 -44.09 43.13 44.37
C VAL D 168 -44.81 41.83 44.06
N ILE D 169 -44.06 40.84 43.59
CA ILE D 169 -44.58 39.50 43.30
C ILE D 169 -43.88 38.51 44.21
N ARG D 170 -44.65 37.70 44.93
CA ARG D 170 -44.13 36.71 45.86
C ARG D 170 -44.07 35.36 45.18
N LEU D 171 -42.90 34.73 45.23
CA LEU D 171 -42.61 33.50 44.49
C LEU D 171 -42.18 32.40 45.45
N SER D 172 -42.03 31.19 44.91
CA SER D 172 -41.53 30.06 45.67
C SER D 172 -40.78 29.13 44.72
N GLN D 173 -39.81 28.41 45.28
CA GLN D 173 -38.92 27.58 44.46
C GLN D 173 -39.65 26.34 43.96
N GLY D 174 -39.67 26.16 42.64
CA GLY D 174 -40.32 25.03 42.03
C GLY D 174 -41.80 25.21 41.73
N PHE D 175 -42.40 26.31 42.16
CA PHE D 175 -43.82 26.56 41.97
C PHE D 175 -44.02 27.56 40.84
N VAL D 176 -45.22 27.53 40.27
CA VAL D 176 -45.58 28.34 39.10
C VAL D 176 -46.46 29.49 39.56
N SER D 177 -46.13 30.71 39.11
CA SER D 177 -46.94 31.88 39.33
C SER D 177 -47.34 32.46 37.97
N SER D 178 -48.63 32.71 37.79
CA SER D 178 -49.15 33.25 36.54
C SER D 178 -49.50 34.72 36.74
N LEU D 179 -49.05 35.55 35.82
CA LEU D 179 -49.32 36.99 35.84
C LEU D 179 -50.20 37.34 34.67
N VAL D 180 -51.33 38.00 34.93
CA VAL D 180 -52.25 38.42 33.89
C VAL D 180 -52.39 39.94 33.91
N PHE D 181 -52.33 40.56 32.74
CA PHE D 181 -52.31 42.00 32.59
C PHE D 181 -53.66 42.49 32.08
N LEU D 182 -54.25 43.45 32.80
CA LEU D 182 -55.53 44.02 32.43
C LEU D 182 -55.41 45.54 32.43
N ASP D 183 -56.34 46.19 31.73
CA ASP D 183 -56.38 47.65 31.70
C ASP D 183 -57.25 48.17 32.85
N SER D 184 -57.58 49.46 32.79
CA SER D 184 -58.39 50.07 33.86
C SER D 184 -59.83 49.59 33.84
N THR D 185 -60.36 49.27 32.66
CA THR D 185 -61.72 48.74 32.58
C THR D 185 -61.80 47.29 33.02
N GLY D 186 -60.73 46.52 32.83
CA GLY D 186 -60.73 45.10 33.13
C GLY D 186 -60.56 44.19 31.93
N ALA D 187 -60.44 44.73 30.72
CA ALA D 187 -60.21 43.90 29.55
C ALA D 187 -58.74 43.47 29.50
N PRO D 188 -58.44 42.33 28.88
CA PRO D 188 -57.04 41.90 28.74
C PRO D 188 -56.21 42.84 27.87
N TRP D 189 -54.95 42.97 28.24
CA TRP D 189 -53.98 43.82 27.53
C TRP D 189 -52.83 42.96 27.04
N PRO D 190 -52.71 42.71 25.73
CA PRO D 190 -51.66 41.81 25.23
C PRO D 190 -50.26 42.39 25.38
N ILE D 191 -49.29 41.48 25.45
CA ILE D 191 -47.90 41.82 25.73
C ILE D 191 -47.14 41.85 24.41
N ALA D 192 -46.32 42.89 24.23
CA ALA D 192 -45.47 43.01 23.04
C ALA D 192 -44.13 42.29 23.24
N ALA D 193 -43.44 42.56 24.34
CA ALA D 193 -42.13 41.97 24.62
C ALA D 193 -41.88 42.04 26.12
N TYR D 194 -40.83 41.34 26.56
CA TYR D 194 -40.38 41.45 27.94
C TYR D 194 -38.87 41.27 28.00
N ASP D 195 -38.30 41.77 29.10
CA ASP D 195 -36.85 41.70 29.33
C ASP D 195 -36.62 41.26 30.77
N LEU D 196 -35.90 40.16 30.95
CA LEU D 196 -35.70 39.57 32.27
C LEU D 196 -34.24 39.68 32.67
N GLY D 197 -34.00 40.24 33.85
CA GLY D 197 -32.68 40.22 34.45
C GLY D 197 -32.51 39.00 35.34
N ASP D 198 -31.27 38.50 35.40
CA ASP D 198 -30.85 37.28 36.11
C ASP D 198 -31.67 36.07 35.68
N PRO D 199 -31.42 35.50 34.50
CA PRO D 199 -32.17 34.31 34.08
C PRO D 199 -31.77 33.02 34.78
N SER D 200 -30.76 33.05 35.65
CA SER D 200 -30.38 31.86 36.42
C SER D 200 -31.27 31.63 37.63
N SER D 201 -32.09 32.60 38.01
CA SER D 201 -32.95 32.46 39.17
C SER D 201 -34.42 32.28 38.82
N PHE D 202 -34.85 32.69 37.63
CA PHE D 202 -36.24 32.63 37.23
C PHE D 202 -36.37 32.06 35.83
N ASN D 203 -37.49 31.38 35.58
CA ASN D 203 -37.79 30.80 34.28
C ASN D 203 -39.18 31.27 33.85
N ILE D 204 -39.29 31.75 32.61
CA ILE D 204 -40.53 32.34 32.10
C ILE D 204 -40.95 31.57 30.85
N GLN D 205 -42.20 31.12 30.83
CA GLN D 205 -42.82 30.50 29.67
C GLN D 205 -43.91 31.43 29.13
N TRP D 206 -43.94 31.60 27.82
CA TRP D 206 -44.87 32.56 27.20
C TRP D 206 -45.11 32.17 25.75
N ASP D 207 -46.37 31.95 25.40
CA ASP D 207 -46.73 31.94 23.99
C ASP D 207 -46.77 33.38 23.47
N LYS D 208 -46.31 33.56 22.24
CA LYS D 208 -45.86 34.88 21.80
C LYS D 208 -47.00 35.86 21.49
N THR D 209 -48.26 35.51 21.76
CA THR D 209 -49.38 36.38 21.45
C THR D 209 -50.25 36.75 22.65
N SER D 210 -50.23 35.98 23.73
CA SER D 210 -51.20 36.13 24.80
C SER D 210 -50.79 37.25 25.76
N ASN D 211 -51.51 37.35 26.87
CA ASN D 211 -51.27 38.38 27.89
C ASN D 211 -50.90 37.77 29.24
N THR D 212 -50.47 36.51 29.26
CA THR D 212 -50.18 35.81 30.50
C THR D 212 -48.74 35.33 30.49
N LEU D 213 -48.00 35.66 31.55
CA LEU D 213 -46.66 35.15 31.79
C LEU D 213 -46.67 34.18 32.95
N MET D 214 -45.93 33.09 32.82
CA MET D 214 -45.84 32.07 33.86
C MET D 214 -44.39 32.00 34.33
N ILE D 215 -44.16 32.34 35.59
CA ILE D 215 -42.81 32.52 36.13
C ILE D 215 -42.59 31.48 37.23
N GLN D 216 -41.48 30.75 37.14
CA GLN D 216 -41.07 29.77 38.14
C GLN D 216 -39.74 30.19 38.73
N ALA D 217 -39.63 30.11 40.06
CA ALA D 217 -38.39 30.45 40.73
C ALA D 217 -37.48 29.23 40.80
N THR D 218 -36.19 29.44 40.54
CA THR D 218 -35.19 28.37 40.52
C THR D 218 -34.38 28.31 41.81
N LYS D 219 -34.12 29.45 42.43
CA LYS D 219 -33.32 29.51 43.65
C LYS D 219 -34.18 29.89 44.84
N LEU D 220 -33.58 29.83 46.03
CA LEU D 220 -34.35 29.97 47.26
C LEU D 220 -34.60 31.42 47.63
N TYR D 221 -33.54 32.25 47.71
CA TYR D 221 -33.67 33.59 48.28
C TYR D 221 -33.10 34.69 47.39
N ASN D 222 -32.92 34.44 46.10
CA ASN D 222 -32.36 35.45 45.21
C ASN D 222 -33.48 36.18 44.48
N TYR D 223 -33.40 37.52 44.49
CA TYR D 223 -34.46 38.36 43.96
C TYR D 223 -33.92 39.28 42.87
N GLY D 224 -34.81 39.69 41.97
CA GLY D 224 -34.45 40.52 40.84
C GLY D 224 -35.60 41.36 40.31
N ASN D 225 -35.49 41.86 39.08
CA ASN D 225 -36.55 42.66 38.47
C ASN D 225 -36.85 42.18 37.06
N LEU D 226 -37.90 42.75 36.48
CA LEU D 226 -38.38 42.37 35.16
C LEU D 226 -39.05 43.58 34.51
N ALA D 227 -38.86 43.73 33.20
CA ALA D 227 -39.48 44.80 32.42
C ALA D 227 -40.43 44.20 31.39
N VAL D 228 -41.66 44.68 31.35
CA VAL D 228 -42.70 44.16 30.47
C VAL D 228 -43.26 45.32 29.65
N ARG D 229 -43.29 45.16 28.33
CA ARG D 229 -43.82 46.17 27.42
C ARG D 229 -45.14 45.69 26.84
N LEU D 230 -46.18 46.51 26.96
CA LEU D 230 -47.50 46.17 26.45
C LEU D 230 -47.67 46.70 25.02
N ARG D 231 -48.79 46.36 24.39
CA ARG D 231 -48.98 46.65 22.97
C ARG D 231 -49.21 48.13 22.71
N GLY D 232 -50.06 48.77 23.50
CA GLY D 232 -50.40 50.16 23.24
C GLY D 232 -49.61 51.18 24.03
N LEU D 233 -48.87 50.73 25.04
CA LEU D 233 -48.15 51.64 25.92
C LEU D 233 -46.75 51.94 25.41
N ASN D 234 -46.30 53.15 25.70
CA ASN D 234 -44.90 53.53 25.51
C ASN D 234 -44.10 53.39 26.79
N THR D 235 -44.76 53.53 27.93
CA THR D 235 -44.09 53.38 29.23
C THR D 235 -43.99 51.91 29.59
N PRO D 236 -42.79 51.37 29.80
CA PRO D 236 -42.66 49.98 30.25
C PRO D 236 -43.05 49.83 31.71
N VAL D 237 -43.48 48.62 32.05
CA VAL D 237 -43.90 48.27 33.40
C VAL D 237 -42.79 47.49 34.08
N MET D 238 -42.38 47.95 35.26
CA MET D 238 -41.28 47.35 36.00
C MET D 238 -41.81 46.69 37.26
N LEU D 239 -41.37 45.46 37.51
CA LEU D 239 -41.81 44.64 38.64
C LEU D 239 -40.60 44.16 39.42
N THR D 240 -40.81 43.78 40.67
CA THR D 240 -39.79 43.12 41.47
C THR D 240 -40.31 41.76 41.91
N LEU D 241 -39.39 40.78 42.00
CA LEU D 241 -39.74 39.38 42.21
C LEU D 241 -38.94 38.84 43.39
N ILE D 242 -39.58 38.70 44.55
CA ILE D 242 -38.94 38.23 45.76
C ILE D 242 -39.48 36.84 46.11
N PRO D 243 -38.67 35.79 46.11
CA PRO D 243 -39.12 34.48 46.56
C PRO D 243 -38.81 34.24 48.03
N GLY D 244 -39.35 33.13 48.54
CA GLY D 244 -39.05 32.70 49.89
C GLY D 244 -39.79 33.44 50.99
N GLN D 245 -41.01 33.91 50.73
CA GLN D 245 -41.78 34.67 51.70
C GLN D 245 -42.77 33.76 52.43
N LYS D 246 -43.61 34.37 53.26
CA LYS D 246 -44.61 33.64 54.01
C LYS D 246 -45.88 33.38 53.22
N ALA D 247 -45.99 33.93 52.01
CA ALA D 247 -47.11 33.66 51.12
C ALA D 247 -46.58 33.50 49.70
N VAL D 248 -47.25 32.66 48.92
CA VAL D 248 -46.90 32.44 47.52
C VAL D 248 -48.09 32.86 46.66
N ASP D 249 -47.79 33.60 45.59
CA ASP D 249 -48.82 34.11 44.69
C ASP D 249 -49.06 33.09 43.59
N TYR D 250 -50.24 32.46 43.62
CA TYR D 250 -50.61 31.55 42.54
C TYR D 250 -51.05 32.32 41.30
N ARG D 251 -51.71 33.46 41.49
CA ARG D 251 -52.20 34.27 40.39
C ARG D 251 -52.32 35.71 40.87
N VAL D 252 -51.79 36.64 40.07
CA VAL D 252 -51.90 38.07 40.33
C VAL D 252 -52.60 38.72 39.15
N ASP D 253 -53.65 39.49 39.44
CA ASP D 253 -54.31 40.32 38.43
C ASP D 253 -53.76 41.74 38.57
N LEU D 254 -53.25 42.28 37.45
CA LEU D 254 -52.61 43.58 37.46
C LEU D 254 -53.46 44.58 36.67
N ARG D 255 -53.87 45.65 37.33
CA ARG D 255 -54.64 46.72 36.70
C ARG D 255 -53.66 47.79 36.23
N VAL D 256 -53.61 48.03 34.93
CA VAL D 256 -52.73 49.04 34.36
C VAL D 256 -53.59 50.27 34.05
N GLN D 257 -52.98 51.45 34.23
CA GLN D 257 -53.72 52.70 34.33
C GLN D 257 -54.38 53.10 33.00
N GLY D 258 -53.75 52.83 31.87
CA GLY D 258 -54.23 53.30 30.59
C GLY D 258 -55.40 52.50 30.04
N TYR D 259 -55.62 52.66 28.73
CA TYR D 259 -56.67 51.94 28.01
C TYR D 259 -56.05 51.11 26.90
N GLY D 260 -56.39 49.83 26.86
CA GLY D 260 -55.80 48.91 25.92
C GLY D 260 -56.57 48.82 24.62
N PRO D 261 -56.17 47.88 23.75
CA PRO D 261 -56.90 47.69 22.49
C PRO D 261 -58.30 47.13 22.66
N ASN D 262 -58.61 46.50 23.79
CA ASN D 262 -59.96 46.06 24.11
C ASN D 262 -60.50 46.93 25.24
N ALA D 263 -61.73 47.41 25.08
CA ALA D 263 -62.34 48.27 26.08
C ALA D 263 -63.86 48.17 26.03
N ALA E 104 -12.43 24.27 71.80
CA ALA E 104 -13.11 23.89 70.56
C ALA E 104 -13.98 25.04 70.06
N GLU E 105 -13.81 26.21 70.66
CA GLU E 105 -14.64 27.37 70.33
C GLU E 105 -13.78 28.59 70.08
N VAL E 106 -12.60 28.65 70.71
CA VAL E 106 -11.66 29.74 70.50
C VAL E 106 -10.78 29.51 69.28
N ILE E 107 -10.68 28.26 68.82
CA ILE E 107 -9.94 27.93 67.60
C ILE E 107 -10.60 28.56 66.38
N ASP E 108 -11.93 28.65 66.37
CA ASP E 108 -12.66 29.15 65.22
C ASP E 108 -12.41 30.63 64.97
N LYS E 109 -12.17 31.42 66.02
CA LYS E 109 -11.76 32.81 65.79
C LYS E 109 -10.35 32.89 65.24
N LYS E 110 -9.45 32.03 65.72
CA LYS E 110 -8.06 32.09 65.29
C LYS E 110 -7.90 31.65 63.84
N ALA E 111 -8.66 30.64 63.41
CA ALA E 111 -8.56 30.18 62.03
C ALA E 111 -9.24 31.13 61.05
N PHE E 112 -10.22 31.91 61.52
CA PHE E 112 -10.91 32.84 60.63
C PHE E 112 -10.06 34.06 60.29
N LYS E 113 -9.33 34.60 61.28
CA LYS E 113 -8.50 35.77 61.01
C LYS E 113 -7.26 35.41 60.19
N ASP E 114 -6.73 34.20 60.33
CA ASP E 114 -5.59 33.80 59.52
C ASP E 114 -6.01 33.50 58.09
N MET E 115 -7.24 33.04 57.88
CA MET E 115 -7.73 32.74 56.53
C MET E 115 -7.96 34.03 55.75
N THR E 116 -8.37 35.10 56.43
CA THR E 116 -8.58 36.39 55.77
C THR E 116 -7.26 36.96 55.25
N ARG E 117 -6.18 36.80 56.02
CA ARG E 117 -4.89 37.36 55.62
C ARG E 117 -4.27 36.61 54.45
N ASN E 118 -4.54 35.30 54.32
CA ASN E 118 -4.10 34.59 53.13
C ASN E 118 -4.97 34.88 51.92
N LEU E 119 -6.27 35.12 52.14
CA LEU E 119 -7.17 35.37 51.01
C LEU E 119 -6.96 36.76 50.44
N TYR E 120 -6.73 37.75 51.30
CA TYR E 120 -6.52 39.14 50.90
C TYR E 120 -5.22 39.63 51.52
N PRO E 121 -4.08 39.44 50.85
CA PRO E 121 -2.80 39.89 51.43
C PRO E 121 -2.64 41.41 51.48
N LEU E 122 -3.45 42.16 50.76
CA LEU E 122 -3.36 43.61 50.74
C LEU E 122 -4.60 44.22 51.38
N ASN E 123 -4.39 45.16 52.30
CA ASN E 123 -5.45 45.88 52.95
C ASN E 123 -6.14 46.83 51.96
N PRO E 124 -7.38 47.25 52.26
CA PRO E 124 -8.00 48.32 51.44
C PRO E 124 -7.23 49.62 51.46
N GLU E 125 -6.57 49.97 52.57
CA GLU E 125 -5.74 51.18 52.58
C GLU E 125 -4.43 50.96 51.83
N GLN E 126 -3.99 49.71 51.70
CA GLN E 126 -2.82 49.39 50.90
C GLN E 126 -3.12 49.31 49.41
N VAL E 127 -4.36 48.99 49.03
CA VAL E 127 -4.75 49.01 47.63
C VAL E 127 -4.78 50.44 47.10
N VAL E 128 -5.22 51.39 47.93
CA VAL E 128 -5.29 52.79 47.55
C VAL E 128 -3.89 53.37 47.34
N LYS E 129 -2.94 53.03 48.21
CA LYS E 129 -1.56 53.51 48.06
C LYS E 129 -0.87 52.88 46.86
N LEU E 130 -1.20 51.64 46.53
CA LEU E 130 -0.60 51.00 45.36
C LEU E 130 -1.11 51.59 44.06
N LYS E 131 -2.37 52.06 44.03
CA LYS E 131 -2.88 52.72 42.84
C LYS E 131 -2.25 54.08 42.61
N GLN E 132 -1.89 54.79 43.69
CA GLN E 132 -1.19 56.07 43.53
C GLN E 132 0.23 55.87 43.03
N ILE E 133 0.88 54.77 43.42
CA ILE E 133 2.22 54.47 42.94
C ILE E 133 2.20 54.16 41.45
N TYR E 134 1.15 53.48 40.99
CA TYR E 134 1.07 53.06 39.58
C TYR E 134 0.83 54.25 38.66
N GLU E 135 -0.07 55.17 39.02
CA GLU E 135 -0.34 56.31 38.16
C GLU E 135 0.75 57.36 38.18
N THR E 136 1.53 57.45 39.27
CA THR E 136 2.69 58.33 39.28
C THR E 136 3.79 57.79 38.37
N SER E 137 3.89 56.47 38.25
CA SER E 137 4.89 55.86 37.39
C SER E 137 4.58 56.09 35.91
N GLU E 138 3.29 56.14 35.54
CA GLU E 138 2.94 56.43 34.15
C GLU E 138 3.10 57.90 33.82
N TYR E 139 3.04 58.78 34.83
CA TYR E 139 3.21 60.20 34.59
C TYR E 139 4.67 60.53 34.25
N ALA E 140 5.62 59.87 34.92
CA ALA E 140 7.02 60.07 34.61
C ALA E 140 7.43 59.41 33.31
N LYS E 141 6.74 58.33 32.92
CA LYS E 141 7.03 57.66 31.66
C LYS E 141 6.59 58.50 30.47
N ALA E 142 5.46 59.19 30.58
CA ALA E 142 4.89 59.96 29.49
C ALA E 142 5.42 61.38 29.39
N ALA E 143 6.19 61.84 30.38
CA ALA E 143 6.67 63.21 30.39
C ALA E 143 7.78 63.39 29.36
N THR E 144 7.77 64.56 28.72
CA THR E 144 8.79 64.83 27.71
C THR E 144 9.94 65.62 28.32
N PRO E 145 11.18 65.28 27.97
CA PRO E 145 12.32 66.06 28.44
C PRO E 145 12.37 67.44 27.81
N GLY E 146 12.85 68.41 28.59
CA GLY E 146 12.86 69.78 28.13
C GLY E 146 11.46 70.37 28.05
N THR E 147 11.26 71.26 27.07
CA THR E 147 9.95 71.80 26.82
C THR E 147 9.38 71.25 25.51
N PRO E 148 8.06 71.03 25.44
CA PRO E 148 7.46 70.60 24.19
C PRO E 148 7.47 71.72 23.17
N PRO E 149 7.46 71.39 21.87
CA PRO E 149 7.45 72.45 20.85
C PRO E 149 6.13 73.18 20.78
N LYS E 150 6.20 74.43 20.31
CA LYS E 150 5.01 75.26 20.19
C LYS E 150 4.26 74.95 18.91
N PRO E 151 2.96 74.64 18.97
CA PRO E 151 2.18 74.41 17.74
C PRO E 151 1.86 75.73 17.06
N THR E 152 2.22 75.83 15.77
CA THR E 152 2.09 77.08 15.03
C THR E 152 1.55 76.79 13.63
N ALA E 153 1.00 77.83 13.02
CA ALA E 153 0.66 77.86 11.61
C ALA E 153 1.46 78.97 10.94
N THR E 154 2.00 78.70 9.75
CA THR E 154 2.88 79.64 9.06
C THR E 154 2.40 79.85 7.64
N SER E 155 3.02 80.82 6.97
CA SER E 155 2.72 81.15 5.58
C SER E 155 3.99 81.68 4.93
N GLN E 156 4.45 81.01 3.87
CA GLN E 156 5.68 81.36 3.19
C GLN E 156 5.44 81.59 1.72
N PHE E 157 6.34 82.36 1.10
CA PHE E 157 6.36 82.56 -0.34
C PHE E 157 7.55 81.81 -0.92
N VAL E 158 7.32 81.06 -2.00
CA VAL E 158 8.34 80.21 -2.61
C VAL E 158 8.78 80.85 -3.92
N ASN E 159 10.08 81.11 -4.03
CA ASN E 159 10.68 81.71 -5.21
C ASN E 159 11.41 80.64 -6.00
N LEU E 160 11.12 80.57 -7.30
CA LEU E 160 11.73 79.58 -8.19
C LEU E 160 12.94 80.13 -8.92
N SER E 161 13.55 81.20 -8.41
CA SER E 161 14.76 81.75 -8.99
C SER E 161 15.95 80.83 -8.68
N PRO E 162 17.00 80.87 -9.52
CA PRO E 162 18.19 80.05 -9.24
C PRO E 162 19.15 80.66 -8.23
N GLY E 163 18.70 81.60 -7.41
CA GLY E 163 19.56 82.13 -6.36
C GLY E 163 19.01 81.92 -4.97
N SER E 164 17.72 81.63 -4.86
CA SER E 164 17.05 81.56 -3.58
C SER E 164 17.33 80.22 -2.90
N THR E 165 16.97 80.15 -1.62
CA THR E 165 17.08 78.96 -0.79
C THR E 165 15.75 78.23 -0.71
N PRO E 166 15.76 76.89 -0.68
CA PRO E 166 14.50 76.15 -0.54
C PRO E 166 13.91 76.34 0.84
N PRO E 167 12.59 76.27 0.96
CA PRO E 167 11.95 76.52 2.26
C PRO E 167 12.11 75.36 3.23
N VAL E 168 11.87 75.66 4.50
CA VAL E 168 12.11 74.76 5.62
C VAL E 168 10.78 74.41 6.28
N ILE E 169 10.58 73.13 6.56
CA ILE E 169 9.40 72.65 7.26
C ILE E 169 9.85 72.03 8.58
N ARG E 170 9.25 72.47 9.69
CA ARG E 170 9.57 71.98 11.01
C ARG E 170 8.56 70.90 11.42
N LEU E 171 9.08 69.74 11.81
CA LEU E 171 8.25 68.59 12.13
C LEU E 171 8.55 68.10 13.55
N SER E 172 7.80 67.07 13.96
CA SER E 172 8.01 66.42 15.25
C SER E 172 7.63 64.96 15.12
N GLN E 173 8.19 64.14 16.01
CA GLN E 173 7.98 62.69 15.94
C GLN E 173 6.58 62.33 16.43
N GLY E 174 5.82 61.63 15.59
CA GLY E 174 4.49 61.20 15.93
C GLY E 174 3.39 62.20 15.63
N PHE E 175 3.73 63.41 15.19
CA PHE E 175 2.76 64.45 14.92
C PHE E 175 2.55 64.61 13.42
N VAL E 176 1.43 65.19 13.05
CA VAL E 176 1.02 65.35 11.66
C VAL E 176 1.19 66.81 11.27
N SER E 177 1.84 67.03 10.13
CA SER E 177 1.96 68.36 9.52
C SER E 177 1.31 68.33 8.16
N SER E 178 0.45 69.31 7.89
CA SER E 178 -0.24 69.42 6.62
C SER E 178 0.34 70.58 5.83
N LEU E 179 0.67 70.33 4.56
CA LEU E 179 1.17 71.36 3.66
C LEU E 179 0.18 71.55 2.53
N VAL E 180 -0.23 72.79 2.28
CA VAL E 180 -1.18 73.12 1.23
C VAL E 180 -0.51 74.08 0.25
N PHE E 181 -0.69 73.80 -1.03
CA PHE E 181 -0.01 74.53 -2.10
C PHE E 181 -0.98 75.49 -2.77
N LEU E 182 -0.62 76.77 -2.80
CA LEU E 182 -1.44 77.80 -3.42
C LEU E 182 -0.57 78.61 -4.37
N ASP E 183 -1.21 79.26 -5.33
CA ASP E 183 -0.50 80.06 -6.33
C ASP E 183 -0.31 81.49 -5.81
N SER E 184 0.09 82.41 -6.70
CA SER E 184 0.38 83.78 -6.30
C SER E 184 -0.89 84.55 -5.96
N THR E 185 -2.01 84.23 -6.61
CA THR E 185 -3.27 84.88 -6.28
C THR E 185 -3.88 84.32 -5.00
N GLY E 186 -3.59 83.07 -4.67
CA GLY E 186 -4.16 82.42 -3.50
C GLY E 186 -5.07 81.25 -3.80
N ALA E 187 -5.32 80.93 -5.07
CA ALA E 187 -6.13 79.77 -5.41
C ALA E 187 -5.34 78.49 -5.21
N PRO E 188 -6.01 77.36 -4.92
CA PRO E 188 -5.31 76.09 -4.78
C PRO E 188 -4.67 75.60 -6.07
N TRP E 189 -3.53 74.93 -5.92
CA TRP E 189 -2.78 74.37 -7.04
C TRP E 189 -2.65 72.87 -6.85
N PRO E 190 -3.31 72.05 -7.67
CA PRO E 190 -3.26 70.60 -7.47
C PRO E 190 -1.88 70.00 -7.79
N ILE E 191 -1.62 68.86 -7.16
CA ILE E 191 -0.33 68.19 -7.21
C ILE E 191 -0.39 67.06 -8.22
N ALA E 192 0.64 66.95 -9.05
CA ALA E 192 0.74 65.87 -10.03
C ALA E 192 1.44 64.63 -9.45
N ALA E 193 2.58 64.84 -8.78
CA ALA E 193 3.37 63.74 -8.23
C ALA E 193 4.27 64.29 -7.14
N TYR E 194 4.88 63.38 -6.39
CA TYR E 194 5.92 63.75 -5.43
C TYR E 194 6.97 62.64 -5.35
N ASP E 195 8.17 63.03 -4.91
CA ASP E 195 9.30 62.14 -4.77
C ASP E 195 9.95 62.38 -3.41
N LEU E 196 9.97 61.36 -2.57
CA LEU E 196 10.47 61.47 -1.20
C LEU E 196 11.74 60.66 -1.03
N GLY E 197 12.80 61.32 -0.57
CA GLY E 197 13.99 60.62 -0.14
C GLY E 197 13.91 60.27 1.33
N ASP E 198 14.57 59.15 1.69
CA ASP E 198 14.59 58.52 3.01
C ASP E 198 13.17 58.24 3.50
N PRO E 199 12.49 57.22 2.98
CA PRO E 199 11.14 56.91 3.46
C PRO E 199 11.10 56.27 4.85
N SER E 200 12.25 55.92 5.44
CA SER E 200 12.27 55.36 6.78
C SER E 200 12.12 56.41 7.87
N SER E 201 12.23 57.70 7.54
CA SER E 201 12.12 58.76 8.52
C SER E 201 10.82 59.53 8.43
N PHE E 202 10.11 59.48 7.30
CA PHE E 202 8.89 60.23 7.10
C PHE E 202 7.83 59.37 6.43
N ASN E 203 6.58 59.65 6.76
CA ASN E 203 5.42 58.98 6.18
C ASN E 203 4.47 60.02 5.62
N ILE E 204 4.04 59.84 4.38
CA ILE E 204 3.21 60.82 3.68
C ILE E 204 1.92 60.14 3.24
N GLN E 205 0.79 60.77 3.57
CA GLN E 205 -0.53 60.34 3.13
C GLN E 205 -1.11 61.36 2.15
N TRP E 206 -1.66 60.88 1.05
CA TRP E 206 -2.15 61.76 -0.01
C TRP E 206 -3.20 61.04 -0.83
N ASP E 207 -4.41 61.61 -0.88
CA ASP E 207 -5.34 61.20 -1.92
C ASP E 207 -4.88 61.77 -3.26
N LYS E 208 -5.07 60.98 -4.32
CA LYS E 208 -4.29 61.17 -5.54
C LYS E 208 -4.73 62.38 -6.38
N THR E 209 -5.70 63.19 -5.92
CA THR E 209 -6.19 64.30 -6.70
C THR E 209 -6.07 65.66 -6.01
N SER E 210 -5.91 65.71 -4.70
CA SER E 210 -6.02 66.96 -3.96
C SER E 210 -4.70 67.74 -4.02
N ASN E 211 -4.61 68.81 -3.22
CA ASN E 211 -3.44 69.68 -3.19
C ASN E 211 -2.79 69.74 -1.82
N THR E 212 -3.08 68.77 -0.95
CA THR E 212 -2.60 68.78 0.42
C THR E 212 -1.83 67.50 0.70
N LEU E 213 -0.64 67.64 1.27
CA LEU E 213 0.16 66.51 1.74
C LEU E 213 0.19 66.52 3.26
N MET E 214 0.10 65.34 3.86
CA MET E 214 0.13 65.19 5.32
C MET E 214 1.31 64.31 5.69
N ILE E 215 2.31 64.91 6.33
CA ILE E 215 3.60 64.27 6.60
C ILE E 215 3.75 64.06 8.09
N GLN E 216 4.16 62.85 8.47
CA GLN E 216 4.45 62.49 9.85
C GLN E 216 5.90 62.05 9.96
N ALA E 217 6.62 62.55 10.95
CA ALA E 217 8.00 62.16 11.16
C ALA E 217 8.08 60.91 12.03
N THR E 218 8.95 59.98 11.62
CA THR E 218 9.11 58.71 12.31
C THR E 218 10.28 58.70 13.30
N LYS E 219 11.36 59.40 12.98
CA LYS E 219 12.54 59.44 13.83
C LYS E 219 12.65 60.79 14.53
N LEU E 220 13.65 60.90 15.40
CA LEU E 220 13.77 62.08 16.26
C LEU E 220 14.51 63.22 15.58
N TYR E 221 15.70 62.95 15.03
CA TYR E 221 16.58 64.03 14.57
C TYR E 221 17.12 63.82 13.16
N ASN E 222 16.49 62.97 12.35
CA ASN E 222 16.97 62.71 11.00
C ASN E 222 16.22 63.58 10.01
N TYR E 223 16.95 64.24 9.13
CA TYR E 223 16.37 65.23 8.21
C TYR E 223 16.72 64.89 6.76
N GLY E 224 15.83 65.29 5.85
CA GLY E 224 15.99 65.02 4.44
C GLY E 224 15.30 66.03 3.55
N ASN E 225 15.07 65.69 2.28
CA ASN E 225 14.41 66.61 1.35
C ASN E 225 13.27 65.90 0.62
N LEU E 226 12.53 66.69 -0.15
CA LEU E 226 11.35 66.20 -0.86
C LEU E 226 11.14 67.02 -2.13
N ALA E 227 10.74 66.37 -3.21
CA ALA E 227 10.45 67.01 -4.48
C ALA E 227 8.97 66.89 -4.79
N VAL E 228 8.33 68.01 -5.14
CA VAL E 228 6.90 68.05 -5.43
C VAL E 228 6.70 68.69 -6.80
N ARG E 229 5.98 68.00 -7.67
CA ARG E 229 5.64 68.49 -9.01
C ARG E 229 4.17 68.88 -9.05
N LEU E 230 3.91 70.13 -9.43
CA LEU E 230 2.54 70.64 -9.50
C LEU E 230 1.95 70.35 -10.88
N ARG E 231 0.67 70.72 -11.05
CA ARG E 231 -0.07 70.32 -12.25
C ARG E 231 0.37 71.11 -13.47
N GLY E 232 0.54 72.42 -13.33
CA GLY E 232 0.86 73.24 -14.48
C GLY E 232 2.33 73.61 -14.61
N LEU E 233 3.12 73.34 -13.58
CA LEU E 233 4.52 73.74 -13.57
C LEU E 233 5.41 72.70 -14.22
N ASN E 234 6.51 73.18 -14.80
CA ASN E 234 7.60 72.33 -15.27
C ASN E 234 8.73 72.28 -14.25
N THR E 235 8.91 73.34 -13.48
CA THR E 235 9.94 73.38 -12.45
C THR E 235 9.44 72.67 -11.20
N PRO E 236 10.13 71.65 -10.72
CA PRO E 236 9.74 71.00 -9.45
C PRO E 236 10.09 71.88 -8.26
N VAL E 237 9.36 71.66 -7.17
CA VAL E 237 9.51 72.43 -5.94
C VAL E 237 10.29 71.59 -4.93
N MET E 238 11.36 72.16 -4.40
CA MET E 238 12.26 71.47 -3.49
C MET E 238 12.09 72.01 -2.07
N LEU E 239 11.91 71.10 -1.12
CA LEU E 239 11.70 71.43 0.28
C LEU E 239 12.71 70.66 1.13
N THR E 240 12.99 71.17 2.32
CA THR E 240 13.78 70.44 3.31
C THR E 240 12.96 70.26 4.58
N LEU E 241 13.15 69.13 5.26
CA LEU E 241 12.30 68.71 6.36
C LEU E 241 13.17 68.39 7.58
N ILE E 242 13.14 69.26 8.58
CA ILE E 242 13.96 69.11 9.78
C ILE E 242 13.03 68.90 10.97
N PRO E 243 13.11 67.76 11.66
CA PRO E 243 12.34 67.57 12.89
C PRO E 243 13.14 67.93 14.14
N GLY E 244 12.45 67.91 15.28
CA GLY E 244 13.10 68.10 16.56
C GLY E 244 13.50 69.52 16.90
N GLN E 245 12.72 70.51 16.46
CA GLN E 245 13.03 71.91 16.69
C GLN E 245 12.23 72.44 17.87
N LYS E 246 12.35 73.75 18.12
CA LYS E 246 11.62 74.40 19.20
C LYS E 246 10.20 74.79 18.81
N ALA E 247 9.84 74.66 17.54
CA ALA E 247 8.48 74.87 17.09
C ALA E 247 8.07 73.76 16.13
N VAL E 248 6.80 73.41 16.15
CA VAL E 248 6.25 72.38 15.26
C VAL E 248 5.20 73.04 14.37
N ASP E 249 5.23 72.71 13.09
CA ASP E 249 4.32 73.30 12.11
C ASP E 249 3.09 72.40 11.98
N TYR E 250 1.94 72.88 12.44
CA TYR E 250 0.69 72.15 12.24
C TYR E 250 0.19 72.31 10.82
N ARG E 251 0.34 73.50 10.24
CA ARG E 251 -0.11 73.78 8.89
C ARG E 251 0.79 74.84 8.28
N VAL E 252 1.24 74.61 7.05
CA VAL E 252 2.08 75.55 6.32
C VAL E 252 1.35 75.96 5.04
N ASP E 253 1.18 77.26 4.85
CA ASP E 253 0.64 77.81 3.61
C ASP E 253 1.81 78.19 2.70
N LEU E 254 1.79 77.70 1.47
CA LEU E 254 2.87 77.94 0.53
C LEU E 254 2.37 78.71 -0.67
N ARG E 255 3.01 79.85 -0.96
CA ARG E 255 2.72 80.66 -2.12
C ARG E 255 3.72 80.31 -3.22
N VAL E 256 3.23 79.82 -4.34
CA VAL E 256 4.08 79.49 -5.48
C VAL E 256 3.96 80.63 -6.49
N GLN E 257 5.09 80.94 -7.16
CA GLN E 257 5.24 82.19 -7.91
C GLN E 257 4.33 82.27 -9.13
N GLY E 258 4.11 81.17 -9.82
CA GLY E 258 3.36 81.18 -11.07
C GLY E 258 1.86 81.27 -10.88
N TYR E 259 1.14 80.95 -11.96
CA TYR E 259 -0.32 80.95 -11.96
C TYR E 259 -0.81 79.54 -12.27
N GLY E 260 -1.73 79.05 -11.44
CA GLY E 260 -2.22 77.70 -11.57
C GLY E 260 -3.46 77.59 -12.44
N PRO E 261 -4.09 76.42 -12.45
CA PRO E 261 -5.32 76.25 -13.24
C PRO E 261 -6.51 77.02 -12.71
N ASN E 262 -6.49 77.42 -11.44
CA ASN E 262 -7.51 78.29 -10.87
C ASN E 262 -6.90 79.65 -10.61
N ALA E 263 -7.61 80.70 -11.01
CA ALA E 263 -7.13 82.07 -10.82
C ALA E 263 -8.28 83.05 -10.72
N UNK F 1 23.62 76.35 31.03
CA UNK F 1 23.99 74.95 31.00
C UNK F 1 25.36 74.77 30.37
N UNK F 2 25.39 74.76 29.03
CA UNK F 2 26.62 74.66 28.27
C UNK F 2 27.27 76.04 28.21
N UNK F 3 28.47 76.16 28.77
CA UNK F 3 29.16 77.44 28.78
C UNK F 3 29.77 77.74 27.43
N UNK F 4 29.54 78.95 26.93
CA UNK F 4 30.09 79.36 25.65
C UNK F 4 31.59 79.64 25.72
N UNK F 5 32.13 79.92 26.90
CA UNK F 5 33.56 80.16 27.03
C UNK F 5 34.36 78.87 26.91
N UNK F 6 33.81 77.75 27.40
CA UNK F 6 34.50 76.47 27.26
C UNK F 6 34.49 75.97 25.83
N UNK F 7 33.42 76.27 25.07
CA UNK F 7 33.38 75.84 23.68
C UNK F 7 34.31 76.66 22.80
N UNK F 8 34.50 77.94 23.13
CA UNK F 8 35.39 78.79 22.34
C UNK F 8 36.86 78.44 22.57
N UNK F 9 37.22 78.07 23.79
CA UNK F 9 38.60 77.70 24.08
C UNK F 9 38.95 76.34 23.50
N UNK F 10 37.96 75.48 23.28
CA UNK F 10 38.22 74.20 22.65
C UNK F 10 38.53 74.37 21.17
N UNK F 11 37.87 75.31 20.50
CA UNK F 11 38.16 75.57 19.10
C UNK F 11 39.48 76.31 18.92
N UNK F 12 39.90 77.08 19.93
CA UNK F 12 41.17 77.79 19.84
C UNK F 12 42.35 76.85 19.97
N UNK F 13 42.21 75.79 20.78
CA UNK F 13 43.28 74.81 20.91
C UNK F 13 43.42 73.93 19.68
N UNK F 14 42.29 73.60 19.04
CA UNK F 14 42.32 72.76 17.85
C UNK F 14 42.87 73.48 16.62
N UNK F 15 42.85 74.81 16.62
CA UNK F 15 43.36 75.58 15.49
C UNK F 15 44.87 75.71 15.48
N UNK F 16 45.55 75.28 16.56
CA UNK F 16 47.01 75.29 16.63
C UNK F 16 47.46 73.90 17.07
N UNK F 17 47.58 72.99 16.09
CA UNK F 17 48.03 71.64 16.39
C UNK F 17 49.53 71.59 16.64
N UNK F 18 50.30 72.34 15.84
CA UNK F 18 51.75 72.53 15.94
C UNK F 18 52.56 71.25 15.77
N UNK F 19 51.96 70.18 15.24
CA UNK F 19 52.69 68.93 14.99
C UNK F 19 51.94 68.19 13.88
N UNK F 20 52.47 68.26 12.66
CA UNK F 20 51.83 67.65 11.50
C UNK F 20 52.85 66.85 10.69
N UNK F 21 52.39 65.75 10.11
CA UNK F 21 53.23 64.89 9.29
C UNK F 21 52.39 64.23 8.21
N UNK F 22 52.82 64.35 6.96
CA UNK F 22 52.13 63.75 5.83
C UNK F 22 53.12 62.92 5.03
N UNK F 23 52.60 61.90 4.34
CA UNK F 23 53.42 60.96 3.58
C UNK F 23 53.01 60.97 2.12
N UNK F 24 54.01 60.99 1.24
CA UNK F 24 53.81 60.91 -0.19
C UNK F 24 54.14 59.51 -0.69
N UNK F 25 53.55 59.14 -1.82
CA UNK F 25 53.71 57.81 -2.39
C UNK F 25 54.16 57.91 -3.84
N UNK F 26 54.93 56.91 -4.27
CA UNK F 26 55.39 56.78 -5.64
C UNK F 26 54.55 55.74 -6.36
N UNK F 27 54.94 55.42 -7.59
CA UNK F 27 54.23 54.40 -8.36
C UNK F 27 54.52 52.99 -7.87
N UNK F 28 55.61 52.79 -7.13
CA UNK F 28 55.98 51.48 -6.59
C UNK F 28 55.60 51.33 -5.12
N UNK F 29 54.69 52.17 -4.64
CA UNK F 29 54.19 52.20 -3.26
C UNK F 29 55.32 52.38 -2.24
N UNK F 30 56.28 53.24 -2.58
CA UNK F 30 57.38 53.57 -1.68
C UNK F 30 57.00 54.80 -0.87
N UNK F 31 56.93 54.65 0.45
CA UNK F 31 56.52 55.74 1.31
C UNK F 31 57.63 56.77 1.44
N UNK F 32 57.24 58.05 1.47
CA UNK F 32 58.17 59.16 1.63
C UNK F 32 57.60 60.08 2.69
N UNK F 33 57.93 59.82 3.96
CA UNK F 33 57.46 60.60 5.08
C UNK F 33 58.38 61.78 5.35
N UNK F 34 57.81 62.86 5.86
CA UNK F 34 58.55 64.08 6.15
C UNK F 34 58.65 64.28 7.66
N UNK F 35 59.50 65.22 8.07
CA UNK F 35 59.63 65.56 9.47
C UNK F 35 58.43 66.39 9.93
N UNK F 36 58.28 66.50 11.25
CA UNK F 36 57.17 67.25 11.82
C UNK F 36 57.37 68.74 11.61
N UNK F 37 56.32 69.41 11.17
CA UNK F 37 56.36 70.84 10.84
C UNK F 37 55.17 71.53 11.49
N UNK F 38 55.09 72.85 11.26
CA UNK F 38 54.04 73.75 11.77
C UNK F 38 53.87 73.68 13.28
N UNK F 39 47.54 58.54 -4.82
CA UNK F 39 48.84 58.02 -4.38
C UNK F 39 49.98 58.90 -4.88
N UNK F 40 49.75 60.21 -4.86
CA UNK F 40 50.81 61.19 -5.10
C UNK F 40 51.07 62.04 -3.85
N UNK F 41 50.05 62.71 -3.34
CA UNK F 41 50.13 63.39 -2.04
C UNK F 41 48.71 63.36 -1.46
N UNK F 42 48.43 62.35 -0.65
CA UNK F 42 47.10 62.17 -0.09
C UNK F 42 46.93 63.05 1.15
N UNK F 43 45.87 63.86 1.15
CA UNK F 43 45.61 64.72 2.29
C UNK F 43 45.06 63.93 3.48
N UNK F 44 44.47 62.77 3.23
CA UNK F 44 44.00 61.91 4.31
C UNK F 44 45.14 61.21 5.05
N UNK F 45 46.34 61.16 4.45
CA UNK F 45 47.48 60.57 5.13
C UNK F 45 48.10 61.51 6.16
N UNK F 46 47.75 62.80 6.12
CA UNK F 46 48.28 63.77 7.07
C UNK F 46 47.61 63.56 8.42
N UNK F 47 48.42 63.47 9.48
CA UNK F 47 47.92 63.23 10.82
C UNK F 47 48.62 64.15 11.80
N UNK F 48 47.94 64.45 12.90
CA UNK F 48 48.47 65.33 13.93
C UNK F 48 48.59 64.62 15.27
N UNK G 1 43.97 72.61 10.19
CA UNK G 1 44.04 71.19 10.49
C UNK G 1 45.24 70.55 9.80
N UNK G 2 45.09 70.28 8.50
CA UNK G 2 46.17 69.71 7.70
C UNK G 2 47.12 70.84 7.29
N UNK G 3 48.36 70.78 7.77
CA UNK G 3 49.33 71.82 7.49
C UNK G 3 49.87 71.67 6.07
N UNK G 4 49.87 72.79 5.33
CA UNK G 4 50.37 72.77 3.96
C UNK G 4 51.88 72.69 3.88
N UNK G 5 52.59 73.07 4.94
CA UNK G 5 54.04 72.99 4.93
C UNK G 5 54.53 71.55 5.03
N UNK G 6 53.81 70.71 5.79
CA UNK G 6 54.19 69.31 5.89
C UNK G 6 53.87 68.54 4.62
N UNK G 7 52.83 68.95 3.90
CA UNK G 7 52.49 68.28 2.64
C UNK G 7 53.47 68.61 1.54
N UNK G 8 54.01 69.83 1.52
CA UNK G 8 54.96 70.21 0.49
C UNK G 8 56.32 69.57 0.70
N UNK G 9 56.72 69.35 1.96
CA UNK G 9 58.00 68.71 2.24
C UNK G 9 57.95 67.21 1.92
N UNK G 10 56.77 66.60 1.99
CA UNK G 10 56.65 65.19 1.63
C UNK G 10 56.80 65.00 0.13
N UNK G 11 56.29 65.94 -0.67
CA UNK G 11 56.45 65.83 -2.12
C UNK G 11 57.87 66.18 -2.55
N UNK G 12 58.57 67.01 -1.78
CA UNK G 12 59.95 67.36 -2.12
C UNK G 12 60.90 66.20 -1.88
N UNK G 13 60.63 65.41 -0.83
CA UNK G 13 61.48 64.25 -0.56
C UNK G 13 61.24 63.13 -1.56
N UNK G 14 60.00 62.97 -2.04
CA UNK G 14 59.69 61.92 -3.00
C UNK G 14 60.21 62.23 -4.39
N UNK G 15 60.50 63.49 -4.70
CA UNK G 15 61.02 63.87 -6.01
C UNK G 15 62.52 63.61 -6.15
N UNK G 16 63.20 63.23 -5.07
CA UNK G 16 64.63 62.89 -5.10
C UNK G 16 64.79 61.54 -4.40
N UNK G 17 64.57 60.45 -5.16
CA UNK G 17 64.73 59.12 -4.60
C UNK G 17 66.20 58.74 -4.44
N UNK G 18 67.02 59.09 -5.43
CA UNK G 18 68.47 58.92 -5.48
C UNK G 18 68.93 57.48 -5.40
N UNK G 19 68.05 56.50 -5.63
CA UNK G 19 68.43 55.09 -5.64
C UNK G 19 67.40 54.35 -6.50
N UNK G 20 67.77 54.03 -7.74
CA UNK G 20 66.86 53.38 -8.68
C UNK G 20 67.56 52.19 -9.33
N UNK G 21 66.78 51.14 -9.60
CA UNK G 21 67.30 49.94 -10.24
C UNK G 21 66.21 49.30 -11.07
N UNK G 22 66.50 49.03 -12.35
CA UNK G 22 65.57 48.40 -13.26
C UNK G 22 66.23 47.20 -13.91
N UNK G 23 65.41 46.22 -14.31
CA UNK G 23 65.90 44.99 -14.89
C UNK G 23 65.30 44.78 -16.28
N UNK G 24 66.15 44.35 -17.21
CA UNK G 24 65.73 44.02 -18.56
C UNK G 24 65.66 42.50 -18.71
N UNK G 25 64.87 42.06 -19.70
CA UNK G 25 64.65 40.65 -19.94
C UNK G 25 64.92 40.32 -21.40
N UNK G 26 65.37 39.10 -21.63
CA UNK G 26 65.63 38.59 -22.97
C UNK G 26 64.50 37.65 -23.39
N UNK G 27 64.66 37.00 -24.53
CA UNK G 27 63.66 36.05 -25.01
C UNK G 27 63.68 34.74 -24.24
N UNK G 28 64.77 34.44 -23.54
CA UNK G 28 64.88 33.23 -22.73
C UNK G 28 64.64 33.50 -21.25
N UNK G 29 64.03 34.65 -20.93
CA UNK G 29 63.71 35.09 -19.55
C UNK G 29 64.95 35.16 -18.67
N UNK G 30 66.05 35.64 -19.23
CA UNK G 30 67.28 35.86 -18.48
C UNK G 30 67.31 37.30 -17.99
N UNK G 31 67.35 37.47 -16.67
CA UNK G 31 67.32 38.81 -16.09
C UNK G 31 68.66 39.50 -16.26
N UNK G 32 68.61 40.82 -16.50
CA UNK G 32 69.80 41.65 -16.66
C UNK G 32 69.59 42.90 -15.81
N UNK G 33 69.98 42.82 -14.53
CA UNK G 33 69.83 43.92 -13.60
C UNK G 33 71.05 44.84 -13.65
N UNK G 34 70.80 46.13 -13.43
CA UNK G 34 71.85 47.14 -13.46
C UNK G 34 72.16 47.63 -12.06
N UNK G 35 73.24 48.39 -11.95
CA UNK G 35 73.63 48.98 -10.67
C UNK G 35 72.73 50.17 -10.34
N UNK G 36 72.78 50.58 -9.08
CA UNK G 36 71.96 51.70 -8.61
C UNK G 36 72.47 53.01 -9.19
N UNK G 37 71.55 53.84 -9.68
CA UNK G 37 71.88 55.10 -10.32
C UNK G 37 70.97 56.19 -9.78
N UNK G 38 71.19 57.41 -10.29
CA UNK G 38 70.45 58.64 -9.95
C UNK G 38 70.47 58.94 -8.44
N UNK G 39 58.54 42.38 -21.98
CA UNK G 39 59.73 41.67 -21.53
C UNK G 39 60.96 42.10 -22.31
N UNK G 40 61.05 43.40 -22.59
CA UNK G 40 62.25 44.00 -23.14
C UNK G 40 62.88 44.99 -22.18
N UNK G 41 62.12 46.01 -21.75
CA UNK G 41 62.52 46.89 -20.65
C UNK G 41 61.23 47.34 -19.97
N UNK G 42 60.83 46.61 -18.93
CA UNK G 42 59.58 46.89 -18.26
C UNK G 42 59.75 48.03 -17.26
N UNK G 43 58.90 49.06 -17.36
CA UNK G 43 58.99 50.18 -16.44
C UNK G 43 58.44 49.83 -15.07
N UNK G 44 57.57 48.82 -14.98
CA UNK G 44 57.07 48.35 -13.70
C UNK G 44 58.11 47.57 -12.91
N UNK G 45 59.19 47.12 -13.55
CA UNK G 45 60.25 46.41 -12.85
C UNK G 45 61.18 47.37 -12.12
N UNK G 46 61.12 48.65 -12.42
CA UNK G 46 61.98 49.64 -11.76
C UNK G 46 61.48 49.89 -10.34
N UNK G 47 62.39 49.81 -9.38
CA UNK G 47 62.04 49.97 -7.97
C UNK G 47 63.04 50.90 -7.30
N UNK G 48 62.60 51.55 -6.24
CA UNK G 48 63.45 52.46 -5.48
C UNK G 48 63.57 52.04 -4.03
N UNK H 1 60.40 59.81 -10.33
CA UNK H 1 60.14 58.49 -9.75
C UNK H 1 61.04 57.44 -10.38
N UNK H 2 60.64 56.95 -11.55
CA UNK H 2 61.44 55.98 -12.29
C UNK H 2 62.54 56.72 -13.06
N UNK H 3 63.79 56.46 -12.68
CA UNK H 3 64.92 57.14 -13.30
C UNK H 3 65.20 56.56 -14.68
N UNK H 4 65.38 57.44 -15.66
CA UNK H 4 65.68 57.01 -17.03
C UNK H 4 67.11 56.50 -17.19
N UNK H 5 68.02 56.88 -16.29
CA UNK H 5 69.40 56.42 -16.38
C UNK H 5 69.53 54.96 -15.97
N UNK H 6 68.72 54.51 -15.00
CA UNK H 6 68.76 53.12 -14.59
C UNK H 6 68.14 52.20 -15.65
N UNK H 7 67.14 52.69 -16.37
CA UNK H 7 66.52 51.89 -17.42
C UNK H 7 67.43 51.78 -18.64
N UNK H 8 68.21 52.82 -18.93
CA UNK H 8 69.11 52.78 -20.08
C UNK H 8 70.30 51.86 -19.83
N UNK H 9 70.79 51.79 -18.60
CA UNK H 9 71.92 50.92 -18.29
C UNK H 9 71.49 49.45 -18.27
N UNK H 10 70.22 49.18 -17.97
CA UNK H 10 69.73 47.80 -17.98
C UNK H 10 69.63 47.27 -19.41
N UNK H 11 69.26 48.14 -20.36
CA UNK H 11 69.20 47.72 -21.76
C UNK H 11 70.59 47.58 -22.36
N UNK H 12 71.57 48.33 -21.84
CA UNK H 12 72.93 48.23 -22.36
C UNK H 12 73.60 46.93 -21.93
N UNK H 13 73.29 46.44 -20.72
CA UNK H 13 73.87 45.19 -20.26
C UNK H 13 73.26 43.98 -20.95
N UNK H 14 71.96 44.05 -21.27
CA UNK H 14 71.30 42.94 -21.92
C UNK H 14 71.68 42.78 -23.38
N UNK H 15 72.21 43.83 -24.01
CA UNK H 15 72.64 43.76 -25.40
C UNK H 15 74.00 43.12 -25.59
N UNK H 16 74.71 42.82 -24.50
CA UNK H 16 76.00 42.12 -24.55
C UNK H 16 75.93 40.95 -23.58
N UNK H 17 75.37 39.83 -24.04
CA UNK H 17 75.28 38.64 -23.19
C UNK H 17 76.64 37.94 -23.06
N UNK H 18 77.38 37.86 -24.16
CA UNK H 18 78.74 37.32 -24.26
C UNK H 18 78.87 35.85 -23.88
N UNK H 19 77.75 35.12 -23.81
CA UNK H 19 77.79 33.67 -23.53
C UNK H 19 76.52 33.07 -24.10
N UNK H 20 76.65 32.40 -25.25
CA UNK H 20 75.52 31.81 -25.94
C UNK H 20 75.83 30.38 -26.36
N UNK H 21 74.81 29.52 -26.33
CA UNK H 21 74.97 28.13 -26.71
C UNK H 21 73.65 27.61 -27.28
N UNK H 22 73.71 27.03 -28.47
CA UNK H 22 72.54 26.48 -29.14
C UNK H 22 72.81 25.04 -29.53
N UNK H 23 71.74 24.25 -29.61
CA UNK H 23 71.82 22.83 -29.89
C UNK H 23 71.07 22.49 -31.17
N UNK H 24 71.69 21.68 -32.03
CA UNK H 24 71.07 21.18 -33.24
C UNK H 24 70.65 19.73 -33.06
N UNK H 25 69.63 19.33 -33.82
CA UNK H 25 69.06 18.00 -33.71
C UNK H 25 69.04 17.31 -35.08
N UNK H 26 69.18 15.99 -35.06
CA UNK H 26 69.12 15.17 -36.25
C UNK H 26 67.74 14.49 -36.32
N UNK H 27 67.60 13.59 -37.29
CA UNK H 27 66.33 12.86 -37.43
C UNK H 27 66.16 11.78 -36.37
N UNK H 28 67.23 11.38 -35.69
CA UNK H 28 67.17 10.39 -34.63
C UNK H 28 67.21 11.01 -33.25
N UNK H 29 66.92 12.33 -33.16
CA UNK H 29 66.92 13.12 -31.92
C UNK H 29 68.26 13.06 -31.19
N UNK H 30 69.35 13.10 -31.95
CA UNK H 30 70.70 13.13 -31.39
C UNK H 30 71.12 14.59 -31.24
N UNK H 31 71.38 15.00 -30.01
CA UNK H 31 71.73 16.39 -29.73
C UNK H 31 73.17 16.68 -30.18
N UNK H 32 73.37 17.88 -30.74
CA UNK H 32 74.68 18.33 -31.18
C UNK H 32 74.88 19.75 -30.65
N UNK H 33 75.40 19.85 -29.43
CA UNK H 33 75.62 21.13 -28.78
C UNK H 33 76.99 21.69 -29.13
N UNK H 34 77.08 23.01 -29.19
CA UNK H 34 78.32 23.71 -29.53
C UNK H 34 78.90 24.37 -28.28
N UNK H 35 80.14 24.84 -28.43
CA UNK H 35 80.79 25.57 -27.35
C UNK H 35 80.23 26.99 -27.24
N UNK H 36 80.53 27.63 -26.11
CA UNK H 36 80.05 28.98 -25.88
C UNK H 36 80.78 29.97 -26.76
N UNK H 37 80.03 30.88 -27.37
CA UNK H 37 80.57 31.86 -28.31
C UNK H 37 80.00 33.23 -27.99
N UNK H 38 80.42 34.22 -28.78
CA UNK H 38 80.05 35.64 -28.67
C UNK H 38 80.31 36.23 -27.29
N UNK H 39 63.27 20.73 -35.67
CA UNK H 39 64.31 19.88 -35.13
C UNK H 39 65.50 19.81 -36.08
N UNK H 40 65.84 20.96 -36.66
CA UNK H 40 67.08 21.11 -37.42
C UNK H 40 68.02 22.11 -36.75
N UNK H 41 67.57 23.34 -36.54
CA UNK H 41 68.30 24.31 -35.72
C UNK H 41 67.24 25.20 -35.06
N UNK H 42 66.84 24.83 -33.85
CA UNK H 42 65.78 25.56 -33.16
C UNK H 42 66.34 26.81 -32.49
N UNK H 43 65.73 27.96 -32.76
CA UNK H 43 66.18 29.20 -32.15
C UNK H 43 65.76 29.30 -30.69
N UNK H 44 64.71 28.57 -30.30
CA UNK H 44 64.30 28.52 -28.90
C UNK H 44 65.24 27.68 -28.05
N UNK H 45 66.07 26.84 -28.66
CA UNK H 45 67.04 26.05 -27.91
C UNK H 45 68.24 26.87 -27.46
N UNK H 46 68.46 28.03 -28.07
CA UNK H 46 69.59 28.88 -27.71
C UNK H 46 69.32 29.56 -26.37
N UNK H 47 70.28 29.48 -25.46
CA UNK H 47 70.15 30.05 -24.12
C UNK H 47 71.40 30.83 -23.77
N UNK H 48 71.23 31.82 -22.90
CA UNK H 48 72.33 32.67 -22.47
C UNK H 48 72.59 32.53 -20.98
N UNK I 1 73.37 13.31 -42.21
CA UNK I 1 72.79 12.63 -41.05
C UNK I 1 72.97 11.12 -41.17
N UNK I 2 72.09 10.50 -41.96
CA UNK I 2 72.17 9.06 -42.22
C UNK I 2 73.20 8.82 -43.32
N UNK I 3 74.26 8.10 -42.99
CA UNK I 3 75.33 7.85 -43.94
C UNK I 3 74.91 6.79 -44.94
N UNK I 4 75.13 7.05 -46.22
CA UNK I 4 74.81 6.09 -47.26
C UNK I 4 75.78 4.92 -47.32
N UNK I 5 77.00 5.08 -46.79
CA UNK I 5 77.95 3.99 -46.77
C UNK I 5 77.58 2.93 -45.74
N UNK I 6 77.01 3.34 -44.61
CA UNK I 6 76.59 2.39 -43.59
C UNK I 6 75.36 1.60 -44.03
N UNK I 7 74.50 2.20 -44.84
CA UNK I 7 73.31 1.49 -45.33
C UNK I 7 73.68 0.47 -46.40
N UNK I 8 74.70 0.76 -47.21
CA UNK I 8 75.11 -0.17 -48.25
C UNK I 8 75.83 -1.39 -47.68
N UNK I 9 76.57 -1.22 -46.58
CA UNK I 9 77.26 -2.34 -45.97
C UNK I 9 76.30 -3.27 -45.24
N UNK I 10 75.16 -2.75 -44.78
CA UNK I 10 74.16 -3.60 -44.14
C UNK I 10 73.46 -4.49 -45.14
N UNK I 11 73.23 -3.98 -46.35
CA UNK I 11 72.61 -4.79 -47.40
C UNK I 11 73.59 -5.80 -47.98
N UNK I 12 74.89 -5.51 -47.93
CA UNK I 12 75.88 -6.44 -48.44
C UNK I 12 76.05 -7.62 -47.50
N UNK I 13 75.94 -7.40 -46.19
CA UNK I 13 76.07 -8.50 -45.24
C UNK I 13 74.83 -9.39 -45.24
N UNK I 14 73.65 -8.81 -45.47
CA UNK I 14 72.42 -9.60 -45.46
C UNK I 14 72.27 -10.46 -46.71
N UNK I 15 72.99 -10.14 -47.79
CA UNK I 15 72.91 -10.92 -49.02
C UNK I 15 73.78 -12.17 -48.99
N UNK I 16 74.60 -12.34 -47.94
CA UNK I 16 75.43 -13.53 -47.77
C UNK I 16 75.20 -14.06 -46.35
N UNK I 17 74.12 -14.84 -46.18
CA UNK I 17 73.82 -15.42 -44.89
C UNK I 17 74.75 -16.58 -44.56
N UNK I 18 75.04 -17.42 -45.56
CA UNK I 18 75.97 -18.56 -45.53
C UNK I 18 75.59 -19.64 -44.52
N UNK I 19 74.35 -19.65 -44.02
CA UNK I 19 73.89 -20.69 -43.11
C UNK I 19 72.36 -20.77 -43.22
N UNK I 20 71.87 -21.77 -43.95
CA UNK I 20 70.43 -21.91 -44.18
C UNK I 20 70.00 -23.35 -43.89
N UNK I 21 68.79 -23.49 -43.37
CA UNK I 21 68.23 -24.80 -43.06
C UNK I 21 66.72 -24.75 -43.22
N UNK I 22 66.17 -25.66 -44.02
CA UNK I 22 64.73 -25.76 -44.25
C UNK I 22 64.27 -27.17 -43.95
N UNK I 23 63.00 -27.30 -43.57
CA UNK I 23 62.43 -28.58 -43.18
C UNK I 23 61.25 -28.93 -44.07
N UNK I 24 61.19 -30.18 -44.49
CA UNK I 24 60.07 -30.71 -45.27
C UNK I 24 59.17 -31.56 -44.38
N UNK I 25 57.91 -31.68 -44.80
CA UNK I 25 56.91 -32.40 -44.03
C UNK I 25 56.23 -33.45 -44.90
N UNK I 26 55.83 -34.54 -44.27
CA UNK I 26 55.10 -35.61 -44.92
C UNK I 26 53.62 -35.51 -44.57
N UNK I 27 52.84 -36.51 -44.99
CA UNK I 27 51.41 -36.51 -44.69
C UNK I 27 51.13 -36.86 -43.24
N UNK I 28 52.08 -37.48 -42.54
CA UNK I 28 51.94 -37.84 -41.13
C UNK I 28 52.65 -36.86 -40.21
N UNK I 29 52.97 -35.66 -40.72
CA UNK I 29 53.66 -34.58 -40.00
C UNK I 29 55.00 -35.03 -39.44
N UNK I 30 55.73 -35.82 -40.23
CA UNK I 30 57.07 -36.24 -39.87
C UNK I 30 58.08 -35.24 -40.44
N UNK I 31 58.83 -34.58 -39.57
CA UNK I 31 59.77 -33.55 -40.01
C UNK I 31 60.99 -34.19 -40.65
N UNK I 32 61.50 -33.54 -41.71
CA UNK I 32 62.69 -33.98 -42.42
C UNK I 32 63.59 -32.76 -42.62
N UNK I 33 64.44 -32.49 -41.63
CA UNK I 33 65.35 -31.36 -41.66
C UNK I 33 66.64 -31.74 -42.36
N UNK I 34 67.24 -30.76 -43.03
CA UNK I 34 68.48 -30.94 -43.78
C UNK I 34 69.64 -30.28 -43.06
N UNK I 35 70.84 -30.57 -43.52
CA UNK I 35 72.04 -29.94 -42.97
C UNK I 35 72.16 -28.52 -43.48
N UNK I 36 73.04 -27.75 -42.82
CA UNK I 36 73.25 -26.35 -43.19
C UNK I 36 74.00 -26.26 -44.52
N UNK I 37 73.50 -25.41 -45.41
CA UNK I 37 74.06 -25.25 -46.74
C UNK I 37 74.22 -23.77 -47.05
N UNK I 38 74.77 -23.50 -48.23
CA UNK I 38 75.06 -22.15 -48.77
C UNK I 38 75.89 -21.30 -47.83
N UNK I 39 52.50 -28.12 -46.57
CA UNK I 39 53.21 -29.12 -45.78
C UNK I 39 53.93 -30.11 -46.68
N UNK I 40 54.52 -29.60 -47.77
CA UNK I 40 55.43 -30.38 -48.59
C UNK I 40 56.85 -29.82 -48.54
N UNK I 41 57.02 -28.54 -48.88
CA UNK I 41 58.28 -27.83 -48.67
C UNK I 41 57.91 -26.36 -48.44
N UNK I 42 57.76 -26.00 -47.17
CA UNK I 42 57.34 -24.65 -46.82
C UNK I 42 58.54 -23.70 -46.83
N UNK I 43 58.40 -22.60 -47.56
CA UNK I 43 59.49 -21.62 -47.61
C UNK I 43 59.58 -20.80 -46.34
N UNK I 44 58.50 -20.73 -45.56
CA UNK I 44 58.53 -20.06 -44.27
C UNK I 44 59.29 -20.84 -43.21
N UNK I 45 59.50 -22.14 -43.42
CA UNK I 45 60.26 -22.95 -42.47
C UNK I 45 61.77 -22.72 -42.59
N UNK I 46 62.23 -22.10 -43.67
CA UNK I 46 63.65 -21.85 -43.86
C UNK I 46 64.09 -20.71 -42.96
N UNK I 47 65.16 -20.91 -42.21
CA UNK I 47 65.67 -19.93 -41.27
C UNK I 47 67.19 -19.83 -41.40
N UNK I 48 67.71 -18.67 -41.01
CA UNK I 48 69.15 -18.43 -41.08
C UNK I 48 69.70 -18.00 -39.72
N UNK J 1 68.20 -14.56 -49.53
CA UNK J 1 67.67 -14.85 -48.20
C UNK J 1 67.49 -16.34 -47.98
N UNK J 2 66.39 -16.88 -48.51
CA UNK J 2 66.13 -18.31 -48.44
C UNK J 2 66.90 -19.03 -49.52
N UNK J 3 67.86 -19.86 -49.12
CA UNK J 3 68.71 -20.57 -50.07
C UNK J 3 67.95 -21.72 -50.71
N UNK J 4 68.03 -21.83 -52.04
CA UNK J 4 67.35 -22.89 -52.76
C UNK J 4 68.04 -24.24 -52.61
N UNK J 5 69.32 -24.25 -52.24
CA UNK J 5 70.03 -25.52 -52.06
C UNK J 5 69.59 -26.23 -50.79
N UNK J 6 69.26 -25.48 -49.74
CA UNK J 6 68.77 -26.10 -48.51
C UNK J 6 67.36 -26.63 -48.68
N UNK J 7 66.54 -25.98 -49.50
CA UNK J 7 65.19 -26.47 -49.75
C UNK J 7 65.18 -27.73 -50.60
N UNK J 8 66.12 -27.84 -51.54
CA UNK J 8 66.18 -29.02 -52.39
C UNK J 8 66.69 -30.25 -51.63
N UNK J 9 67.61 -30.05 -50.69
CA UNK J 9 68.11 -31.17 -49.90
C UNK J 9 67.08 -31.64 -48.88
N UNK J 10 66.18 -30.75 -48.45
CA UNK J 10 65.13 -31.15 -47.51
C UNK J 10 64.10 -32.02 -48.20
N UNK J 11 63.79 -31.75 -49.47
CA UNK J 11 62.84 -32.59 -50.19
C UNK J 11 63.47 -33.91 -50.60
N UNK J 12 64.80 -33.96 -50.74
CA UNK J 12 65.46 -35.21 -51.09
C UNK J 12 65.47 -36.18 -49.93
N UNK J 13 65.59 -35.68 -48.69
CA UNK J 13 65.58 -36.55 -47.52
C UNK J 13 64.18 -37.08 -47.23
N UNK J 14 63.15 -36.28 -47.49
CA UNK J 14 61.78 -36.71 -47.23
C UNK J 14 61.28 -37.75 -48.23
N UNK J 15 61.91 -37.85 -49.40
CA UNK J 15 61.51 -38.81 -50.41
C UNK J 15 62.05 -40.21 -50.14
N UNK J 16 62.92 -40.37 -49.15
CA UNK J 16 63.46 -41.67 -48.76
C UNK J 16 63.29 -41.81 -47.25
N UNK J 17 62.09 -42.25 -46.84
CA UNK J 17 61.81 -42.45 -45.41
C UNK J 17 62.50 -43.70 -44.89
N UNK J 18 62.46 -44.78 -45.67
CA UNK J 18 63.14 -46.06 -45.45
C UNK J 18 62.66 -46.80 -44.19
N UNK J 19 61.53 -46.40 -43.61
CA UNK J 19 60.98 -47.10 -42.44
C UNK J 19 59.47 -46.82 -42.42
N UNK J 20 58.68 -47.79 -42.85
CA UNK J 20 57.24 -47.63 -42.94
C UNK J 20 56.53 -48.81 -42.30
N UNK J 21 55.39 -48.54 -41.66
CA UNK J 21 54.59 -49.59 -41.03
C UNK J 21 53.13 -49.18 -41.07
N UNK J 22 52.28 -50.08 -41.56
CA UNK J 22 50.84 -49.84 -41.64
C UNK J 22 50.10 -50.98 -40.97
N UNK J 23 48.91 -50.67 -40.45
CA UNK J 23 48.11 -51.63 -39.71
C UNK J 23 46.77 -51.87 -40.40
N UNK J 24 46.39 -53.13 -40.52
CA UNK J 24 45.11 -53.52 -41.08
C UNK J 24 44.15 -53.92 -39.96
N UNK J 25 42.86 -53.84 -40.27
CA UNK J 25 41.82 -54.12 -39.28
C UNK J 25 40.82 -55.12 -39.86
N UNK J 26 40.26 -55.94 -38.97
CA UNK J 26 39.24 -56.90 -39.31
C UNK J 26 37.87 -56.37 -38.89
N UNK J 27 36.85 -57.21 -39.00
CA UNK J 27 35.50 -56.82 -38.60
C UNK J 27 35.33 -56.81 -37.09
N UNK J 28 36.23 -57.46 -36.34
CA UNK J 28 36.20 -57.47 -34.89
C UNK J 28 37.21 -56.52 -34.28
N UNK J 29 37.71 -55.56 -35.09
CA UNK J 29 38.70 -54.55 -34.69
C UNK J 29 39.98 -55.17 -34.15
N UNK J 30 40.42 -56.26 -34.77
CA UNK J 30 41.67 -56.92 -34.42
C UNK J 30 42.79 -56.33 -35.29
N UNK J 31 43.77 -55.73 -34.65
CA UNK J 31 44.86 -55.09 -35.38
C UNK J 31 45.82 -56.13 -35.95
N UNK J 32 46.31 -55.87 -37.16
CA UNK J 32 47.28 -56.72 -37.84
C UNK J 32 48.38 -55.83 -38.39
N UNK J 33 49.40 -55.59 -37.56
CA UNK J 33 50.52 -54.74 -37.93
C UNK J 33 51.60 -55.55 -38.63
N UNK J 34 52.32 -54.89 -39.53
CA UNK J 34 53.38 -55.50 -40.31
C UNK J 34 54.74 -55.03 -39.84
N UNK J 35 55.78 -55.72 -40.29
CA UNK J 35 57.15 -55.31 -39.99
C UNK J 35 57.54 -54.10 -40.84
N UNK J 36 58.65 -53.48 -40.45
CA UNK J 36 59.13 -52.30 -41.17
C UNK J 36 59.67 -52.68 -42.53
N UNK J 37 59.30 -51.92 -43.55
CA UNK J 37 59.68 -52.17 -44.93
C UNK J 37 60.14 -50.88 -45.58
N UNK J 38 60.57 -51.01 -46.84
CA UNK J 38 61.07 -49.91 -47.69
C UNK J 38 62.21 -49.12 -47.06
N UNK J 39 38.23 -49.47 -42.44
CA UNK J 39 38.80 -50.42 -41.50
C UNK J 39 39.13 -51.73 -42.18
N UNK J 40 39.66 -51.63 -43.40
CA UNK J 40 40.26 -52.77 -44.09
C UNK J 40 41.75 -52.60 -44.29
N UNK J 41 42.16 -51.50 -44.94
CA UNK J 41 43.58 -51.11 -44.99
C UNK J 41 43.58 -49.58 -45.07
N UNK J 42 43.68 -48.94 -43.92
CA UNK J 42 43.63 -47.49 -43.86
C UNK J 42 45.00 -46.89 -44.18
N UNK J 43 45.04 -45.97 -45.13
CA UNK J 43 46.29 -45.34 -45.50
C UNK J 43 46.74 -44.30 -44.48
N UNK J 44 45.81 -43.81 -43.66
CA UNK J 44 46.17 -42.91 -42.57
C UNK J 44 46.85 -43.62 -41.40
N UNK J 45 46.75 -44.95 -41.34
CA UNK J 45 47.43 -45.70 -40.29
C UNK J 45 48.91 -45.89 -40.57
N UNK J 46 49.35 -45.64 -41.81
CA UNK J 46 50.75 -45.79 -42.16
C UNK J 46 51.56 -44.64 -41.58
N UNK J 47 52.63 -44.96 -40.87
CA UNK J 47 53.46 -43.95 -40.22
C UNK J 47 54.93 -44.26 -40.49
N UNK J 48 55.74 -43.21 -40.45
CA UNK J 48 57.17 -43.34 -40.70
C UNK J 48 57.99 -42.79 -39.53
N UNK K 1 56.00 -41.21 -49.82
CA UNK K 1 55.65 -41.08 -48.40
C UNK K 1 55.17 -42.39 -47.83
N UNK K 2 53.91 -42.73 -48.12
CA UNK K 2 53.32 -44.00 -47.69
C UNK K 2 53.81 -45.10 -48.62
N UNK K 3 54.57 -46.04 -48.08
CA UNK K 3 55.14 -47.12 -48.88
C UNK K 3 54.07 -48.16 -49.19
N UNK K 4 53.99 -48.55 -50.46
CA UNK K 4 53.02 -49.56 -50.89
C UNK K 4 53.39 -50.96 -50.46
N UNK K 5 54.67 -51.23 -50.19
CA UNK K 5 55.09 -52.55 -49.76
C UNK K 5 54.65 -52.85 -48.33
N UNK K 6 54.64 -51.83 -47.46
CA UNK K 6 54.21 -52.04 -46.09
C UNK K 6 52.69 -52.23 -46.00
N UNK K 7 51.94 -51.58 -46.90
CA UNK K 7 50.49 -51.74 -46.90
C UNK K 7 50.06 -53.10 -47.41
N UNK K 8 50.81 -53.68 -48.36
CA UNK K 8 50.47 -54.98 -48.90
C UNK K 8 50.76 -56.10 -47.90
N UNK K 9 51.82 -55.95 -47.09
CA UNK K 9 52.14 -56.98 -46.10
C UNK K 9 51.17 -56.95 -44.93
N UNK K 10 50.56 -55.79 -44.65
CA UNK K 10 49.57 -55.73 -43.58
C UNK K 10 48.28 -56.44 -43.97
N UNK K 11 47.90 -56.34 -45.24
CA UNK K 11 46.71 -57.06 -45.71
C UNK K 11 46.98 -58.55 -45.87
N UNK K 12 48.24 -58.93 -46.09
CA UNK K 12 48.58 -60.35 -46.22
C UNK K 12 48.52 -61.05 -44.87
N UNK K 13 48.92 -60.37 -43.80
CA UNK K 13 48.86 -60.97 -42.47
C UNK K 13 47.44 -61.03 -41.94
N UNK K 14 46.60 -60.05 -42.29
CA UNK K 14 45.22 -60.04 -41.82
C UNK K 14 44.34 -61.08 -42.50
N UNK K 15 44.76 -61.58 -43.67
CA UNK K 15 43.99 -62.60 -44.37
C UNK K 15 44.24 -64.00 -43.84
N UNK K 16 45.19 -64.18 -42.93
CA UNK K 16 45.46 -65.48 -42.31
C UNK K 16 45.48 -65.26 -40.79
N UNK K 17 44.30 -65.27 -40.18
CA UNK K 17 44.19 -65.10 -38.73
C UNK K 17 44.63 -66.35 -37.99
N UNK K 18 44.23 -67.53 -38.50
CA UNK K 18 44.61 -68.86 -38.03
C UNK K 18 44.15 -69.17 -36.60
N UNK K 19 43.23 -68.39 -36.04
CA UNK K 19 42.69 -68.66 -34.71
C UNK K 19 41.31 -68.01 -34.64
N UNK K 20 40.26 -68.82 -34.77
CA UNK K 20 38.90 -68.33 -34.78
C UNK K 20 38.04 -69.14 -33.83
N UNK K 21 37.08 -68.47 -33.18
CA UNK K 21 36.16 -69.12 -32.26
C UNK K 21 34.82 -68.40 -32.28
N UNK K 22 33.75 -69.16 -32.53
CA UNK K 22 32.39 -68.63 -32.55
C UNK K 22 31.51 -69.42 -31.60
N UNK K 23 30.46 -68.77 -31.11
CA UNK K 23 29.58 -69.36 -30.12
C UNK K 23 28.14 -69.34 -30.63
N UNK K 24 27.43 -70.44 -30.39
CA UNK K 24 26.02 -70.57 -30.72
C UNK K 24 25.17 -70.43 -29.46
N UNK K 25 23.91 -70.08 -29.65
CA UNK K 25 22.98 -69.86 -28.55
C UNK K 25 21.71 -70.66 -28.77
N UNK K 26 21.10 -71.08 -27.66
CA UNK K 26 19.83 -71.80 -27.67
C UNK K 26 18.70 -70.83 -27.28
N UNK K 27 17.50 -71.39 -27.10
CA UNK K 27 16.37 -70.57 -26.70
C UNK K 27 16.42 -70.16 -25.23
N UNK K 28 17.22 -70.86 -24.42
CA UNK K 28 17.38 -70.54 -23.01
C UNK K 28 18.68 -69.79 -22.73
N UNK K 29 19.28 -69.21 -23.79
CA UNK K 29 20.54 -68.45 -23.73
C UNK K 29 21.69 -69.26 -23.15
N UNK K 30 21.75 -70.54 -23.51
CA UNK K 30 22.85 -71.42 -23.10
C UNK K 30 23.95 -71.35 -24.17
N UNK K 31 25.13 -70.90 -23.77
CA UNK K 31 26.22 -70.73 -24.71
C UNK K 31 26.82 -72.08 -25.11
N UNK K 32 27.20 -72.18 -26.38
CA UNK K 32 27.83 -73.38 -26.93
C UNK K 32 29.06 -72.93 -27.73
N UNK K 33 30.19 -72.82 -27.05
CA UNK K 33 31.44 -72.38 -27.68
C UNK K 33 32.19 -73.57 -28.25
N UNK K 34 32.93 -73.31 -29.33
CA UNK K 34 33.69 -74.33 -30.03
C UNK K 34 35.18 -74.11 -29.81
N UNK K 35 35.97 -75.12 -30.19
CA UNK K 35 37.41 -75.02 -30.11
C UNK K 35 37.94 -74.14 -31.24
N UNK K 36 39.20 -73.74 -31.10
CA UNK K 36 39.83 -72.88 -32.10
C UNK K 36 40.11 -73.67 -33.38
N UNK K 37 39.78 -73.07 -34.52
CA UNK K 37 39.94 -73.73 -35.81
C UNK K 37 40.57 -72.74 -36.79
N UNK K 38 40.82 -73.22 -38.00
CA UNK K 38 41.41 -72.49 -39.13
C UNK K 38 42.75 -71.85 -38.78
N UNK K 39 20.11 -65.23 -32.37
CA UNK K 39 20.57 -66.06 -31.28
C UNK K 39 20.54 -67.53 -31.68
N UNK K 40 20.92 -67.81 -32.91
CA UNK K 40 21.15 -69.19 -33.37
C UNK K 40 22.60 -69.43 -33.71
N UNK K 41 23.18 -68.64 -34.62
CA UNK K 41 24.61 -68.62 -34.87
C UNK K 41 24.95 -67.19 -35.31
N UNK K 42 25.35 -66.37 -34.34
CA UNK K 42 25.65 -64.97 -34.63
C UNK K 42 27.05 -64.83 -35.17
N UNK K 43 27.17 -64.18 -36.34
CA UNK K 43 28.48 -63.99 -36.95
C UNK K 43 29.28 -62.91 -36.23
N UNK K 44 28.61 -62.02 -35.49
CA UNK K 44 29.30 -61.01 -34.69
C UNK K 44 29.96 -61.60 -33.45
N UNK K 45 29.56 -62.80 -33.04
CA UNK K 45 30.18 -63.44 -31.89
C UNK K 45 31.54 -64.05 -32.22
N UNK K 46 31.85 -64.22 -33.50
CA UNK K 46 33.13 -64.80 -33.90
C UNK K 46 34.25 -63.79 -33.69
N UNK K 47 35.31 -64.20 -33.01
CA UNK K 47 36.42 -63.33 -32.69
C UNK K 47 37.74 -64.04 -33.00
N UNK K 48 38.77 -63.25 -33.28
CA UNK K 48 40.08 -63.79 -33.60
C UNK K 48 41.15 -63.19 -32.70
N UNK L 1 17.09 -78.68 -29.33
CA UNK L 1 17.21 -77.82 -28.17
C UNK L 1 16.42 -78.39 -26.99
N UNK L 2 15.10 -78.18 -27.02
CA UNK L 2 14.23 -78.73 -26.00
C UNK L 2 13.89 -80.17 -26.34
N UNK L 3 14.29 -81.11 -25.48
CA UNK L 3 14.08 -82.52 -25.74
C UNK L 3 12.62 -82.89 -25.45
N UNK L 4 12.01 -83.61 -26.38
CA UNK L 4 10.62 -84.05 -26.21
C UNK L 4 10.49 -85.19 -25.22
N UNK L 5 11.56 -85.94 -24.95
CA UNK L 5 11.50 -87.02 -23.98
C UNK L 5 11.43 -86.48 -22.54
N UNK L 6 12.11 -85.37 -22.28
CA UNK L 6 12.07 -84.79 -20.94
C UNK L 6 10.73 -84.12 -20.65
N UNK L 7 10.06 -83.61 -21.68
CA UNK L 7 8.75 -83.00 -21.47
C UNK L 7 7.67 -84.05 -21.25
N UNK L 8 7.80 -85.22 -21.87
CA UNK L 8 6.80 -86.27 -21.71
C UNK L 8 6.90 -86.93 -20.34
N UNK L 9 8.12 -87.04 -19.78
CA UNK L 9 8.29 -87.64 -18.47
C UNK L 9 7.79 -86.73 -17.36
N UNK L 10 7.80 -85.41 -17.60
CA UNK L 10 7.27 -84.48 -16.60
C UNK L 10 5.75 -84.57 -16.52
N UNK L 11 5.08 -84.79 -17.65
CA UNK L 11 3.63 -84.96 -17.63
C UNK L 11 3.23 -86.32 -17.08
N UNK L 12 4.10 -87.32 -17.22
CA UNK L 12 3.80 -88.65 -16.68
C UNK L 12 3.90 -88.66 -15.15
N UNK L 13 4.84 -87.91 -14.59
CA UNK L 13 4.97 -87.84 -13.13
C UNK L 13 3.86 -87.00 -12.52
N UNK L 14 3.41 -85.95 -13.21
CA UNK L 14 2.36 -85.10 -12.67
C UNK L 14 0.99 -85.75 -12.71
N UNK L 15 0.80 -86.78 -13.53
CA UNK L 15 -0.48 -87.47 -13.61
C UNK L 15 -0.67 -88.49 -12.49
N UNK L 16 0.34 -88.75 -11.67
CA UNK L 16 0.25 -89.65 -10.53
C UNK L 16 0.79 -88.92 -9.30
N UNK L 17 -0.08 -88.13 -8.67
CA UNK L 17 0.32 -87.39 -7.46
C UNK L 17 0.41 -88.31 -6.25
N UNK L 18 -0.54 -89.24 -6.13
CA UNK L 18 -0.61 -90.30 -5.12
C UNK L 18 -0.71 -89.79 -3.69
N UNK L 19 -1.03 -88.50 -3.48
CA UNK L 19 -1.20 -87.95 -2.14
C UNK L 19 -2.12 -86.73 -2.27
N UNK L 20 -3.40 -86.91 -1.91
CA UNK L 20 -4.38 -85.84 -2.05
C UNK L 20 -5.16 -85.69 -0.75
N UNK L 21 -5.52 -84.45 -0.42
CA UNK L 21 -6.30 -84.16 0.77
C UNK L 21 -7.16 -82.92 0.53
N UNK L 22 -8.46 -83.06 0.76
CA UNK L 22 -9.41 -81.96 0.61
C UNK L 22 -10.21 -81.79 1.89
N UNK L 23 -10.68 -80.57 2.12
CA UNK L 23 -11.39 -80.22 3.33
C UNK L 23 -12.79 -79.71 3.01
N UNK L 24 -13.77 -80.17 3.77
CA UNK L 24 -15.15 -79.70 3.66
C UNK L 24 -15.47 -78.73 4.78
N UNK L 25 -16.46 -77.88 4.54
CA UNK L 25 -16.85 -76.85 5.49
C UNK L 25 -18.34 -76.96 5.78
N UNK L 26 -18.70 -76.59 7.01
CA UNK L 26 -20.09 -76.54 7.44
C UNK L 26 -20.58 -75.10 7.43
N UNK L 27 -21.79 -74.87 7.96
CA UNK L 27 -22.34 -73.51 8.02
C UNK L 27 -21.67 -72.68 9.11
N UNK L 28 -21.01 -73.31 10.08
CA UNK L 28 -20.31 -72.62 11.15
C UNK L 28 -18.81 -72.56 10.92
N UNK L 29 -18.38 -72.81 9.67
CA UNK L 29 -16.97 -72.81 9.25
C UNK L 29 -16.12 -73.78 10.06
N UNK L 30 -16.68 -74.96 10.33
CA UNK L 30 -15.96 -76.03 11.00
C UNK L 30 -15.30 -76.91 9.94
N UNK L 31 -13.97 -76.98 9.98
CA UNK L 31 -13.23 -77.74 8.97
C UNK L 31 -13.37 -79.24 9.21
N UNK L 32 -13.52 -79.99 8.11
CA UNK L 32 -13.61 -81.45 8.15
C UNK L 32 -12.62 -82.00 7.14
N UNK L 33 -11.39 -82.20 7.57
CA UNK L 33 -10.32 -82.71 6.72
C UNK L 33 -10.31 -84.23 6.71
N UNK L 34 -9.93 -84.79 5.57
CA UNK L 34 -9.88 -86.23 5.36
C UNK L 34 -8.44 -86.71 5.33
N UNK L 35 -8.28 -88.04 5.42
CA UNK L 35 -6.96 -88.64 5.31
C UNK L 35 -6.49 -88.65 3.86
N UNK L 36 -5.19 -88.88 3.69
CA UNK L 36 -4.60 -88.89 2.35
C UNK L 36 -5.05 -90.12 1.58
N UNK L 37 -5.43 -89.93 0.33
CA UNK L 37 -5.93 -90.99 -0.53
C UNK L 37 -5.25 -90.92 -1.88
N UNK L 38 -5.60 -91.88 -2.74
CA UNK L 38 -5.08 -92.04 -4.12
C UNK L 38 -3.55 -92.12 -4.18
N UNK L 39 -18.55 -73.21 0.23
CA UNK L 39 -18.20 -73.70 1.57
C UNK L 39 -18.97 -74.97 1.89
N UNK L 40 -19.12 -75.84 0.88
CA UNK L 40 -19.61 -77.19 1.08
C UNK L 40 -18.56 -78.24 0.77
N UNK L 41 -18.01 -78.22 -0.45
CA UNK L 41 -16.84 -79.01 -0.80
C UNK L 41 -16.09 -78.22 -1.88
N UNK L 42 -15.12 -77.42 -1.45
CA UNK L 42 -14.39 -76.57 -2.37
C UNK L 42 -13.28 -77.35 -3.05
N UNK L 43 -13.25 -77.32 -4.38
CA UNK L 43 -12.23 -78.04 -5.13
C UNK L 43 -10.88 -77.34 -5.06
N UNK L 44 -10.88 -76.04 -4.75
CA UNK L 44 -9.62 -75.31 -4.55
C UNK L 44 -8.95 -75.65 -3.23
N UNK L 45 -9.68 -76.27 -2.29
CA UNK L 45 -9.09 -76.66 -1.02
C UNK L 45 -8.28 -77.95 -1.14
N UNK L 46 -8.42 -78.68 -2.24
CA UNK L 46 -7.67 -79.91 -2.44
C UNK L 46 -6.22 -79.59 -2.78
N UNK L 47 -5.29 -80.22 -2.06
CA UNK L 47 -3.87 -79.95 -2.24
C UNK L 47 -3.12 -81.27 -2.33
N UNK L 48 -1.98 -81.24 -3.01
CA UNK L 48 -1.15 -82.42 -3.18
C UNK L 48 0.27 -82.19 -2.68
N UNK M 1 -5.18 -84.85 -11.22
CA UNK M 1 -4.71 -83.84 -10.28
C UNK M 1 -5.44 -83.95 -8.94
N UNK M 2 -6.65 -83.39 -8.91
CA UNK M 2 -7.50 -83.47 -7.72
C UNK M 2 -8.20 -84.82 -7.71
N UNK M 3 -7.93 -85.63 -6.69
CA UNK M 3 -8.51 -86.96 -6.59
C UNK M 3 -9.96 -86.86 -6.13
N UNK M 4 -10.85 -87.56 -6.83
CA UNK M 4 -12.26 -87.58 -6.47
C UNK M 4 -12.54 -88.42 -5.23
N UNK M 5 -11.66 -89.36 -4.88
CA UNK M 5 -11.85 -90.16 -3.69
C UNK M 5 -11.59 -89.35 -2.42
N UNK M 6 -10.63 -88.43 -2.47
CA UNK M 6 -10.34 -87.59 -1.30
C UNK M 6 -11.45 -86.57 -1.06
N UNK M 7 -12.10 -86.09 -2.13
CA UNK M 7 -13.18 -85.14 -1.97
C UNK M 7 -14.45 -85.81 -1.44
N UNK M 8 -14.68 -87.07 -1.81
CA UNK M 8 -15.86 -87.78 -1.34
C UNK M 8 -15.75 -88.17 0.11
N UNK M 9 -14.54 -88.52 0.58
CA UNK M 9 -14.36 -88.88 1.98
C UNK M 9 -14.43 -87.65 2.89
N UNK M 10 -14.12 -86.46 2.35
CA UNK M 10 -14.24 -85.24 3.14
C UNK M 10 -15.70 -84.88 3.39
N UNK M 11 -16.57 -85.13 2.40
CA UNK M 11 -17.99 -84.86 2.60
C UNK M 11 -18.65 -85.91 3.49
N UNK M 12 -18.09 -87.13 3.52
CA UNK M 12 -18.64 -88.18 4.38
C UNK M 12 -18.34 -87.90 5.85
N UNK M 13 -17.18 -87.32 6.15
CA UNK M 13 -16.84 -86.99 7.52
C UNK M 13 -17.64 -85.80 8.03
N UNK M 14 -17.93 -84.83 7.16
CA UNK M 14 -18.68 -83.65 7.57
C UNK M 14 -20.16 -83.94 7.79
N UNK M 15 -20.69 -85.02 7.22
CA UNK M 15 -22.09 -85.38 7.38
C UNK M 15 -22.37 -86.07 8.70
N UNK M 16 -21.34 -86.44 9.47
CA UNK M 16 -21.50 -87.05 10.79
C UNK M 16 -20.63 -86.27 11.78
N UNK M 17 -21.17 -85.15 12.28
CA UNK M 17 -20.44 -84.35 13.26
C UNK M 17 -20.44 -85.00 14.63
N UNK M 18 -21.57 -85.57 15.03
CA UNK M 18 -21.80 -86.33 16.27
C UNK M 18 -21.56 -85.53 17.54
N UNK M 19 -21.54 -84.19 17.45
CA UNK M 19 -21.40 -83.34 18.65
C UNK M 19 -22.03 -81.98 18.30
N UNK M 20 -23.24 -81.75 18.79
CA UNK M 20 -23.96 -80.52 18.48
C UNK M 20 -24.52 -79.91 19.76
N UNK M 21 -24.55 -78.58 19.82
CA UNK M 21 -25.09 -77.86 20.97
C UNK M 21 -25.67 -76.55 20.50
N UNK M 22 -26.93 -76.29 20.88
CA UNK M 22 -27.62 -75.05 20.53
C UNK M 22 -28.16 -74.41 21.80
N UNK M 23 -28.31 -73.09 21.76
CA UNK M 23 -28.76 -72.31 22.91
C UNK M 23 -30.03 -71.56 22.57
N UNK M 24 -30.98 -71.59 23.50
CA UNK M 24 -32.23 -70.84 23.39
C UNK M 24 -32.18 -69.61 24.28
N UNK M 25 -32.99 -68.62 23.93
CA UNK M 25 -33.00 -67.35 24.64
C UNK M 25 -34.42 -66.99 25.04
N UNK M 26 -34.55 -66.29 26.17
CA UNK M 26 -35.82 -65.80 26.65
C UNK M 26 -35.94 -64.31 26.35
N UNK M 27 -36.99 -63.68 26.88
CA UNK M 27 -37.18 -62.24 26.67
C UNK M 27 -36.23 -61.40 27.50
N UNK M 28 -35.65 -61.98 28.56
CA UNK M 28 -34.72 -61.27 29.43
C UNK M 28 -33.26 -61.62 29.11
N UNK M 29 -33.00 -62.16 27.91
CA UNK M 29 -31.67 -62.56 27.43
C UNK M 29 -31.01 -63.58 28.37
N UNK M 30 -31.80 -64.51 28.89
CA UNK M 30 -31.29 -65.58 29.73
C UNK M 30 -30.97 -66.79 28.85
N UNK M 31 -29.71 -67.18 28.83
CA UNK M 31 -29.28 -68.28 27.98
C UNK M 31 -29.74 -69.62 28.55
N UNK M 32 -30.14 -70.53 27.66
CA UNK M 32 -30.59 -71.88 28.04
C UNK M 32 -29.89 -72.86 27.10
N UNK M 33 -28.70 -73.29 27.49
CA UNK M 33 -27.90 -74.22 26.69
C UNK M 33 -28.23 -75.66 27.05
N UNK M 34 -28.15 -76.53 26.06
CA UNK M 34 -28.45 -77.94 26.22
C UNK M 34 -27.16 -78.77 26.19
N UNK M 35 -27.29 -80.04 26.55
CA UNK M 35 -26.16 -80.95 26.49
C UNK M 35 -25.88 -81.36 25.05
N UNK M 36 -24.71 -81.96 24.85
CA UNK M 36 -24.32 -82.39 23.50
C UNK M 36 -25.14 -83.60 23.08
N UNK M 37 -25.62 -83.56 21.84
CA UNK M 37 -26.47 -84.60 21.29
C UNK M 37 -25.98 -84.99 19.90
N UNK M 38 -26.66 -85.97 19.31
CA UNK M 38 -26.38 -86.54 17.98
C UNK M 38 -24.94 -87.03 17.82
N UNK M 39 -34.54 -64.53 18.79
CA UNK M 39 -34.14 -64.79 20.17
C UNK M 39 -35.11 -65.74 20.85
N UNK M 40 -35.58 -66.74 20.10
CA UNK M 40 -36.32 -67.86 20.66
C UNK M 40 -35.57 -69.16 20.52
N UNK M 41 -35.21 -69.54 19.30
CA UNK M 41 -34.31 -70.67 19.06
C UNK M 41 -33.55 -70.33 17.76
N UNK M 42 -32.38 -69.73 17.91
CA UNK M 42 -31.60 -69.31 16.75
C UNK M 42 -30.79 -70.48 16.21
N UNK M 43 -30.93 -70.73 14.90
CA UNK M 43 -30.19 -71.82 14.29
C UNK M 43 -28.73 -71.46 14.08
N UNK M 44 -28.40 -70.17 14.05
CA UNK M 44 -27.01 -69.74 13.96
C UNK M 44 -26.25 -69.92 15.26
N UNK M 45 -26.96 -70.09 16.39
CA UNK M 45 -26.29 -70.33 17.66
C UNK M 45 -25.82 -71.77 17.80
N UNK M 46 -26.30 -72.68 16.95
CA UNK M 46 -25.90 -74.08 17.00
C UNK M 46 -24.49 -74.22 16.45
N UNK M 47 -23.61 -74.88 17.21
CA UNK M 47 -22.22 -75.06 16.82
C UNK M 47 -21.81 -76.51 17.03
N UNK M 48 -20.81 -76.93 16.27
CA UNK M 48 -20.31 -78.30 16.36
C UNK M 48 -18.83 -78.32 16.74
N UNK N 1 -42.05 -68.28 30.09
CA UNK N 1 -40.97 -67.33 30.37
C UNK N 1 -41.27 -66.56 31.66
N UNK N 2 -42.09 -65.51 31.53
CA UNK N 2 -42.50 -64.72 32.68
C UNK N 2 -43.65 -65.42 33.39
N UNK N 3 -43.41 -65.85 34.62
CA UNK N 3 -44.41 -66.60 35.37
C UNK N 3 -45.48 -65.65 35.91
N UNK N 4 -46.74 -66.02 35.72
CA UNK N 4 -47.85 -65.22 36.20
C UNK N 4 -48.03 -65.29 37.71
N UNK N 5 -47.51 -66.33 38.36
CA UNK N 5 -47.63 -66.44 39.81
C UNK N 5 -46.71 -65.47 40.52
N UNK N 6 -45.53 -65.20 39.97
CA UNK N 6 -44.62 -64.23 40.58
C UNK N 6 -45.13 -62.80 40.41
N UNK N 7 -45.81 -62.51 39.30
CA UNK N 7 -46.37 -61.18 39.10
C UNK N 7 -47.56 -60.92 40.00
N UNK N 8 -48.36 -61.95 40.28
CA UNK N 8 -49.52 -61.79 41.14
C UNK N 8 -49.14 -61.61 42.60
N UNK N 9 -48.05 -62.27 43.04
CA UNK N 9 -47.61 -62.11 44.43
C UNK N 9 -46.94 -60.77 44.66
N UNK N 10 -46.37 -60.17 43.61
CA UNK N 10 -45.77 -58.85 43.75
C UNK N 10 -46.85 -57.77 43.90
N UNK N 11 -47.98 -57.94 43.23
CA UNK N 11 -49.08 -56.98 43.38
C UNK N 11 -49.79 -57.16 44.71
N UNK N 12 -49.76 -58.36 45.29
CA UNK N 12 -50.41 -58.60 46.56
C UNK N 12 -49.62 -57.97 47.70
N UNK N 13 -48.29 -57.95 47.60
CA UNK N 13 -47.47 -57.36 48.66
C UNK N 13 -47.53 -55.83 48.62
N UNK N 14 -47.65 -55.25 47.42
CA UNK N 14 -47.70 -53.80 47.30
C UNK N 14 -49.03 -53.21 47.74
N UNK N 15 -50.09 -54.02 47.81
CA UNK N 15 -51.40 -53.54 48.24
C UNK N 15 -51.52 -53.48 49.76
N UNK N 16 -50.53 -53.96 50.50
CA UNK N 16 -50.51 -53.87 51.97
C UNK N 16 -49.15 -53.30 52.38
N UNK N 17 -49.04 -51.97 52.35
CA UNK N 17 -47.81 -51.31 52.75
C UNK N 17 -47.63 -51.32 54.26
N UNK N 18 -48.72 -51.07 55.01
CA UNK N 18 -48.82 -51.12 56.47
C UNK N 18 -47.92 -50.11 57.18
N UNK N 19 -47.39 -49.11 56.48
CA UNK N 19 -46.57 -48.06 57.11
C UNK N 19 -46.67 -46.83 56.23
N UNK N 20 -47.47 -45.85 56.65
CA UNK N 20 -47.69 -44.63 55.87
C UNK N 20 -47.56 -43.41 56.76
N UNK N 21 -47.04 -42.33 56.20
CA UNK N 21 -46.87 -41.07 56.93
C UNK N 21 -46.99 -39.90 55.96
N UNK N 22 -47.85 -38.95 56.29
CA UNK N 22 -48.06 -37.76 55.47
C UNK N 22 -47.90 -36.53 56.33
N UNK N 23 -47.50 -35.43 55.68
CA UNK N 23 -47.22 -34.17 56.37
C UNK N 23 -48.13 -33.07 55.85
N UNK N 24 -48.66 -32.27 56.77
CA UNK N 24 -49.49 -31.12 56.44
C UNK N 24 -48.69 -29.83 56.67
N UNK N 25 -49.07 -28.80 55.93
CA UNK N 25 -48.37 -27.52 55.97
C UNK N 25 -49.34 -26.39 56.27
N UNK N 26 -48.84 -25.37 56.96
CA UNK N 26 -49.59 -24.17 57.27
C UNK N 26 -49.18 -23.04 56.31
N UNK N 27 -49.68 -21.84 56.57
CA UNK N 27 -49.33 -20.69 55.74
C UNK N 27 -47.92 -20.19 56.00
N UNK N 28 -47.32 -20.55 57.14
CA UNK N 28 -45.96 -20.16 57.49
C UNK N 28 -44.95 -21.27 57.21
N UNK N 29 -45.34 -22.26 56.40
CA UNK N 29 -44.52 -23.43 56.03
C UNK N 29 -44.05 -24.20 57.26
N UNK N 30 -44.92 -24.35 58.25
CA UNK N 30 -44.63 -25.15 59.44
C UNK N 30 -45.12 -26.56 59.21
N UNK N 31 -44.20 -27.52 59.25
CA UNK N 31 -44.55 -28.91 58.98
C UNK N 31 -45.29 -29.52 60.17
N UNK N 32 -46.30 -30.35 59.86
CA UNK N 32 -47.09 -31.04 60.87
C UNK N 32 -47.19 -32.50 60.44
N UNK N 33 -46.21 -33.30 60.85
CA UNK N 33 -46.15 -34.72 60.50
C UNK N 33 -46.88 -35.56 61.53
N UNK N 34 -47.48 -36.66 61.06
CA UNK N 34 -48.23 -37.57 61.90
C UNK N 34 -47.46 -38.86 62.11
N UNK N 35 -47.96 -39.68 63.04
CA UNK N 35 -47.35 -40.97 63.31
C UNK N 35 -47.71 -41.96 62.20
N UNK N 36 -47.00 -43.08 62.19
CA UNK N 36 -47.23 -44.11 61.18
C UNK N 36 -48.55 -44.83 61.45
N UNK N 37 -49.34 -45.02 60.39
CA UNK N 37 -50.65 -45.63 60.48
C UNK N 37 -50.81 -46.67 59.38
N UNK N 38 -51.99 -47.30 59.36
CA UNK N 38 -52.39 -48.35 58.41
C UNK N 38 -51.41 -49.53 58.36
N UNK N 39 -50.32 -26.71 49.61
CA UNK N 39 -49.65 -26.64 50.90
C UNK N 39 -50.66 -26.66 52.03
N UNK N 40 -51.71 -27.48 51.88
CA UNK N 40 -52.64 -27.77 52.96
C UNK N 40 -52.56 -29.23 53.38
N UNK N 41 -52.77 -30.17 52.46
CA UNK N 41 -52.53 -31.58 52.69
C UNK N 41 -52.12 -32.18 51.34
N UNK N 42 -50.81 -32.23 51.10
CA UNK N 42 -50.30 -32.69 49.81
C UNK N 42 -50.26 -34.22 49.79
N UNK N 43 -50.86 -34.81 48.75
CA UNK N 43 -50.85 -36.26 48.63
C UNK N 43 -49.51 -36.78 48.17
N UNK N 44 -48.70 -35.95 47.51
CA UNK N 44 -47.35 -36.33 47.14
C UNK N 44 -46.39 -36.37 48.32
N UNK N 45 -46.75 -35.74 49.44
CA UNK N 45 -45.92 -35.78 50.63
C UNK N 45 -46.02 -37.10 51.38
N UNK N 46 -47.05 -37.90 51.10
CA UNK N 46 -47.23 -39.19 51.76
C UNK N 46 -46.23 -40.20 51.20
N UNK N 47 -45.52 -40.89 52.09
CA UNK N 47 -44.52 -41.85 51.70
C UNK N 47 -44.69 -43.13 52.51
N UNK N 48 -44.24 -44.24 51.93
CA UNK N 48 -44.35 -45.54 52.58
C UNK N 48 -42.99 -46.17 52.80
N UNK O 1 -52.29 -47.56 48.23
CA UNK O 1 -50.97 -46.93 48.26
C UNK O 1 -50.92 -45.86 49.34
N UNK O 2 -51.46 -44.67 49.02
CA UNK O 2 -51.52 -43.57 49.98
C UNK O 2 -52.69 -43.83 50.92
N UNK O 3 -52.37 -44.03 52.21
CA UNK O 3 -53.39 -44.34 53.20
C UNK O 3 -54.15 -43.08 53.58
N UNK O 4 -55.49 -43.17 53.60
CA UNK O 4 -56.32 -42.03 53.96
C UNK O 4 -56.32 -41.75 55.45
N UNK O 5 -55.98 -42.74 56.28
CA UNK O 5 -55.94 -42.52 57.73
C UNK O 5 -54.74 -41.67 58.14
N UNK O 6 -53.60 -41.83 57.45
CA UNK O 6 -52.43 -41.03 57.77
C UNK O 6 -52.59 -39.58 57.31
N UNK O 7 -53.31 -39.36 56.21
CA UNK O 7 -53.54 -38.01 55.73
C UNK O 7 -54.53 -37.25 56.62
N UNK O 8 -55.51 -37.96 57.19
CA UNK O 8 -56.50 -37.32 58.04
C UNK O 8 -55.91 -36.92 59.40
N UNK O 9 -54.99 -37.73 59.93
CA UNK O 9 -54.36 -37.40 61.20
C UNK O 9 -53.36 -36.26 61.06
N UNK O 10 -52.80 -36.07 59.87
CA UNK O 10 -51.89 -34.95 59.64
C UNK O 10 -52.65 -33.62 59.64
N UNK O 11 -53.87 -33.61 59.09
CA UNK O 11 -54.66 -32.39 59.11
C UNK O 11 -55.23 -32.10 60.49
N UNK O 12 -55.41 -33.13 61.31
CA UNK O 12 -55.92 -32.93 62.66
C UNK O 12 -54.88 -32.30 63.57
N UNK O 13 -53.60 -32.64 63.37
CA UNK O 13 -52.54 -32.06 64.17
C UNK O 13 -52.26 -30.61 63.77
N UNK O 14 -52.40 -30.29 62.48
CA UNK O 14 -52.14 -28.94 62.01
C UNK O 14 -53.24 -27.96 62.40
N UNK O 15 -54.44 -28.46 62.73
CA UNK O 15 -55.53 -27.60 63.14
C UNK O 15 -55.45 -27.18 64.60
N UNK O 16 -54.51 -27.72 65.37
CA UNK O 16 -54.28 -27.34 66.76
C UNK O 16 -52.78 -27.07 66.91
N UNK O 17 -52.37 -25.85 66.57
CA UNK O 17 -50.96 -25.46 66.70
C UNK O 17 -50.59 -25.21 68.17
N UNK O 18 -51.48 -24.55 68.91
CA UNK O 18 -51.41 -24.28 70.34
C UNK O 18 -50.22 -23.41 70.75
N UNK O 19 -49.56 -22.74 69.80
CA UNK O 19 -48.46 -21.83 70.11
C UNK O 19 -48.37 -20.81 68.98
N UNK O 20 -48.88 -19.61 69.21
CA UNK O 20 -48.90 -18.57 68.19
C UNK O 20 -48.41 -17.25 68.76
N UNK O 21 -47.71 -16.47 67.93
CA UNK O 21 -47.21 -15.17 68.33
C UNK O 21 -47.16 -14.25 67.12
N UNK O 22 -47.73 -13.06 67.26
CA UNK O 22 -47.76 -12.07 66.20
C UNK O 22 -47.19 -10.76 66.72
N UNK O 23 -46.63 -9.96 65.81
CA UNK O 23 -45.98 -8.71 66.15
C UNK O 23 -46.67 -7.55 65.46
N UNK O 24 -46.93 -6.48 66.22
CA UNK O 24 -47.49 -5.25 65.69
C UNK O 24 -46.41 -4.19 65.56
N UNK O 25 -46.66 -3.23 64.67
CA UNK O 25 -45.69 -2.20 64.36
C UNK O 25 -46.33 -0.82 64.47
N UNK O 26 -45.52 0.16 64.82
CA UNK O 26 -45.94 1.56 64.89
C UNK O 26 -45.42 2.30 63.66
N UNK O 27 -45.62 3.62 63.64
CA UNK O 27 -45.14 4.43 62.53
C UNK O 27 -43.62 4.61 62.56
N UNK O 28 -42.98 4.40 63.70
CA UNK O 28 -41.53 4.51 63.83
C UNK O 28 -40.86 3.15 63.78
N UNK O 29 -41.58 2.12 63.28
CA UNK O 29 -41.10 0.73 63.14
C UNK O 29 -40.64 0.15 64.48
N UNK O 30 -41.38 0.45 65.54
CA UNK O 30 -41.12 -0.12 66.86
C UNK O 30 -41.94 -1.40 67.00
N UNK O 31 -41.25 -2.52 67.19
CA UNK O 31 -41.94 -3.81 67.27
C UNK O 31 -42.63 -3.97 68.62
N UNK O 32 -43.83 -4.56 68.61
CA UNK O 32 -44.60 -4.84 69.81
C UNK O 32 -45.08 -6.28 69.73
N UNK O 33 -44.25 -7.19 70.23
CA UNK O 33 -44.55 -8.62 70.21
C UNK O 33 -45.33 -9.01 71.45
N UNK O 34 -46.21 -10.00 71.28
CA UNK O 34 -47.06 -10.49 72.36
C UNK O 34 -46.58 -11.86 72.83
N UNK O 35 -47.13 -12.29 73.97
CA UNK O 35 -46.82 -13.60 74.50
C UNK O 35 -47.53 -14.69 73.69
N UNK O 36 -47.10 -15.93 73.91
CA UNK O 36 -47.69 -17.06 73.20
C UNK O 36 -49.10 -17.33 73.71
N UNK O 37 -50.03 -17.56 72.79
CA UNK O 37 -51.44 -17.78 73.11
C UNK O 37 -51.96 -18.96 72.30
N UNK O 38 -53.23 -19.29 72.56
CA UNK O 38 -53.97 -20.40 71.92
C UNK O 38 -53.27 -21.74 72.06
N UNK O 39 -48.23 -2.27 58.22
CA UNK O 39 -47.41 -2.07 59.41
C UNK O 39 -48.26 -1.59 60.58
N UNK O 40 -49.45 -2.14 60.69
CA UNK O 40 -50.29 -1.98 61.88
C UNK O 40 -50.49 -3.29 62.61
N UNK O 41 -51.02 -4.31 61.93
CA UNK O 41 -51.07 -5.68 62.44
C UNK O 41 -51.01 -6.60 61.22
N UNK O 42 -49.80 -7.03 60.88
CA UNK O 42 -49.61 -7.86 59.70
C UNK O 42 -49.94 -9.31 60.02
N UNK O 43 -50.76 -9.93 59.17
CA UNK O 43 -51.11 -11.33 59.39
C UNK O 43 -49.97 -12.26 59.01
N UNK O 44 -49.07 -11.82 58.13
CA UNK O 44 -47.91 -12.62 57.77
C UNK O 44 -46.84 -12.64 58.86
N UNK O 45 -46.91 -11.72 59.84
CA UNK O 45 -45.97 -11.72 60.94
C UNK O 45 -46.27 -12.81 61.97
N UNK O 46 -47.48 -13.37 61.96
CA UNK O 46 -47.85 -14.41 62.90
C UNK O 46 -47.17 -15.71 62.51
N UNK O 47 -46.53 -16.36 63.49
CA UNK O 47 -45.81 -17.61 63.26
C UNK O 47 -46.14 -18.60 64.36
N UNK O 48 -46.02 -19.88 64.02
CA UNK O 48 -46.32 -20.95 64.98
C UNK O 48 -45.09 -21.82 65.22
N UNK P 1 -54.93 -21.82 62.00
CA UNK P 1 -53.53 -21.51 61.71
C UNK P 1 -53.10 -20.28 62.50
N UNK P 2 -53.42 -19.10 61.98
CA UNK P 2 -53.12 -17.85 62.65
C UNK P 2 -54.18 -17.60 63.72
N UNK P 3 -53.76 -17.55 64.99
CA UNK P 3 -54.69 -17.37 66.09
C UNK P 3 -55.11 -15.91 66.18
N UNK P 4 -56.41 -15.69 66.31
CA UNK P 4 -56.94 -14.34 66.44
C UNK P 4 -56.69 -13.74 67.81
N UNK P 5 -56.47 -14.57 68.83
CA UNK P 5 -56.18 -14.05 70.16
C UNK P 5 -54.78 -13.46 70.26
N UNK P 6 -53.81 -14.06 69.55
CA UNK P 6 -52.46 -13.53 69.55
C UNK P 6 -52.35 -12.22 68.79
N UNK P 7 -53.17 -12.05 67.75
CA UNK P 7 -53.15 -10.81 66.98
C UNK P 7 -53.79 -9.65 67.75
N UNK P 8 -54.81 -9.95 68.57
CA UNK P 8 -55.47 -8.89 69.33
C UNK P 8 -54.61 -8.40 70.49
N UNK P 9 -53.80 -9.29 71.07
CA UNK P 9 -52.93 -8.88 72.18
C UNK P 9 -51.75 -8.06 71.68
N UNK P 10 -51.33 -8.24 70.43
CA UNK P 10 -50.26 -7.43 69.88
C UNK P 10 -50.72 -6.01 69.63
N UNK P 11 -51.97 -5.82 69.21
CA UNK P 11 -52.49 -4.48 69.00
C UNK P 11 -52.79 -3.78 70.32
N UNK P 12 -53.09 -4.57 71.37
CA UNK P 12 -53.35 -3.97 72.68
C UNK P 12 -52.07 -3.45 73.33
N UNK P 13 -50.96 -4.14 73.11
CA UNK P 13 -49.69 -3.69 73.67
C UNK P 13 -49.14 -2.49 72.93
N UNK P 14 -49.36 -2.41 71.60
CA UNK P 14 -48.85 -1.29 70.82
C UNK P 14 -49.64 -0.01 71.05
N UNK P 15 -50.86 -0.11 71.57
CA UNK P 15 -51.66 1.08 71.84
C UNK P 15 -51.30 1.76 73.15
N UNK P 16 -50.42 1.16 73.96
CA UNK P 16 -49.93 1.76 75.20
C UNK P 16 -48.41 1.69 75.18
N UNK P 17 -47.78 2.66 74.53
CA UNK P 17 -46.32 2.70 74.48
C UNK P 17 -45.73 3.17 75.80
N UNK P 18 -46.35 4.18 76.43
CA UNK P 18 -46.04 4.74 77.74
C UNK P 18 -44.64 5.34 77.84
N UNK P 19 -43.98 5.62 76.71
CA UNK P 19 -42.66 6.27 76.72
C UNK P 19 -42.49 6.97 75.38
N UNK P 20 -42.68 8.28 75.36
CA UNK P 20 -42.61 9.06 74.13
C UNK P 20 -41.72 10.28 74.34
N UNK P 21 -40.99 10.65 73.28
CA UNK P 21 -40.12 11.82 73.32
C UNK P 21 -40.04 12.44 71.94
N UNK P 22 -40.32 13.74 71.85
CA UNK P 22 -40.26 14.48 70.59
C UNK P 22 -39.37 15.69 70.76
N UNK P 23 -38.77 16.14 69.65
CA UNK P 23 -37.83 17.25 69.66
C UNK P 23 -38.31 18.35 68.74
N UNK P 24 -38.21 19.59 69.21
CA UNK P 24 -38.53 20.78 68.44
C UNK P 24 -37.26 21.45 67.96
N UNK P 25 -37.38 22.21 66.87
CA UNK P 25 -36.24 22.87 66.25
C UNK P 25 -36.52 24.35 66.08
N UNK P 26 -35.46 25.14 66.15
CA UNK P 26 -35.53 26.58 65.94
C UNK P 26 -35.02 26.91 64.54
N UNK P 27 -34.89 28.21 64.25
CA UNK P 27 -34.39 28.63 62.94
C UNK P 27 -32.89 28.41 62.80
N UNK P 28 -32.16 28.26 63.90
CA UNK P 28 -30.73 28.01 63.88
C UNK P 28 -30.39 26.54 64.10
N UNK P 29 -31.38 25.65 63.92
CA UNK P 29 -31.26 24.20 64.10
C UNK P 29 -30.78 23.83 65.50
N UNK P 30 -31.29 24.53 66.51
CA UNK P 30 -31.01 24.21 67.89
C UNK P 30 -32.08 23.26 68.41
N UNK P 31 -31.66 22.05 68.79
CA UNK P 31 -32.60 21.03 69.23
C UNK P 31 -33.13 21.34 70.62
N UNK P 32 -34.42 21.07 70.83
CA UNK P 32 -35.07 21.26 72.12
C UNK P 32 -35.86 19.99 72.43
N UNK P 33 -35.21 19.03 73.07
CA UNK P 33 -35.83 17.76 73.42
C UNK P 33 -36.52 17.85 74.77
N UNK P 34 -37.61 17.10 74.91
CA UNK P 34 -38.41 17.08 76.13
C UNK P 34 -38.19 15.77 76.88
N UNK P 35 -38.69 15.74 78.12
CA UNK P 35 -38.63 14.53 78.92
C UNK P 35 -39.67 13.53 78.45
N UNK P 36 -39.49 12.28 78.90
CA UNK P 36 -40.42 11.21 78.52
C UNK P 36 -41.76 11.39 79.20
N UNK P 37 -42.83 11.25 78.43
CA UNK P 37 -44.19 11.46 78.91
C UNK P 37 -45.07 10.30 78.47
N UNK P 38 -46.34 10.35 78.90
CA UNK P 38 -47.38 9.36 78.63
C UNK P 38 -46.99 7.93 79.03
N UNK P 39 -39.51 22.11 60.49
CA UNK P 39 -38.53 22.32 61.54
C UNK P 39 -39.07 23.23 62.62
N UNK P 40 -40.35 23.05 62.96
CA UNK P 40 -40.95 23.68 64.12
C UNK P 40 -41.34 22.66 65.17
N UNK P 41 -42.17 21.68 64.81
CA UNK P 41 -42.45 20.52 65.64
C UNK P 41 -42.74 19.35 64.70
N UNK P 42 -41.71 18.59 64.38
CA UNK P 42 -41.85 17.50 63.43
C UNK P 42 -42.41 16.26 64.11
N UNK P 43 -43.47 15.71 63.52
CA UNK P 43 -44.09 14.51 64.09
C UNK P 43 -43.26 13.26 63.83
N UNK P 44 -42.40 13.29 62.81
CA UNK P 44 -41.50 12.18 62.55
C UNK P 44 -40.34 12.11 63.54
N UNK P 45 -40.07 13.19 64.27
CA UNK P 45 -39.02 13.17 65.28
C UNK P 45 -39.45 12.46 66.56
N UNK P 46 -40.75 12.23 66.74
CA UNK P 46 -41.24 11.55 67.94
C UNK P 46 -40.94 10.06 67.83
N UNK P 47 -40.34 9.51 68.88
CA UNK P 47 -39.95 8.10 68.91
C UNK P 47 -40.36 7.48 70.24
N UNK P 48 -40.55 6.17 70.22
CA UNK P 48 -40.93 5.44 71.43
C UNK P 48 -39.95 4.31 71.72
N UNK Q 1 -37.82 32.82 69.39
CA UNK Q 1 -36.56 32.28 68.91
C UNK Q 1 -35.45 33.32 69.01
N UNK Q 2 -35.41 34.22 68.03
CA UNK Q 2 -34.45 35.30 68.03
C UNK Q 2 -34.94 36.42 68.94
N UNK Q 3 -34.21 36.68 70.02
CA UNK Q 3 -34.61 37.69 70.98
C UNK Q 3 -34.34 39.09 70.44
N UNK Q 4 -35.33 39.97 70.54
CA UNK Q 4 -35.19 41.34 70.07
C UNK Q 4 -34.31 42.19 70.98
N UNK Q 5 -34.15 41.80 72.25
CA UNK Q 5 -33.30 42.56 73.16
C UNK Q 5 -31.83 42.37 72.85
N UNK Q 6 -31.44 41.18 72.41
CA UNK Q 6 -30.04 40.94 72.05
C UNK Q 6 -29.67 41.64 70.76
N UNK Q 7 -30.61 41.78 69.82
CA UNK Q 7 -30.32 42.47 68.57
C UNK Q 7 -30.19 43.97 68.77
N UNK Q 8 -30.95 44.55 69.72
CA UNK Q 8 -30.85 45.97 69.97
C UNK Q 8 -29.56 46.35 70.67
N UNK Q 9 -29.06 45.48 71.55
CA UNK Q 9 -27.81 45.77 72.25
C UNK Q 9 -26.61 45.64 71.33
N UNK Q 10 -26.70 44.82 70.28
CA UNK Q 10 -25.61 44.70 69.33
C UNK Q 10 -25.50 45.95 68.47
N UNK Q 11 -26.63 46.56 68.11
CA UNK Q 11 -26.59 47.80 67.35
C UNK Q 11 -26.18 48.99 68.22
N UNK Q 12 -26.44 48.90 69.53
CA UNK Q 12 -26.05 49.99 70.43
C UNK Q 12 -24.54 50.02 70.64
N UNK Q 13 -23.90 48.85 70.69
CA UNK Q 13 -22.46 48.80 70.86
C UNK Q 13 -21.73 49.20 69.58
N UNK Q 14 -22.29 48.87 68.41
CA UNK Q 14 -21.65 49.20 67.15
C UNK Q 14 -21.72 50.68 66.82
N UNK Q 15 -22.64 51.43 67.43
CA UNK Q 15 -22.77 52.85 67.19
C UNK Q 15 -21.78 53.68 67.98
N UNK Q 16 -21.01 53.07 68.89
CA UNK Q 16 -19.97 53.75 69.66
C UNK Q 16 -18.68 52.94 69.54
N UNK Q 17 -17.95 53.17 68.45
CA UNK Q 17 -16.69 52.47 68.24
C UNK Q 17 -15.58 53.03 69.14
N UNK Q 18 -15.54 54.35 69.29
CA UNK Q 18 -14.65 55.10 70.18
C UNK Q 18 -13.16 54.93 69.87
N UNK Q 19 -12.82 54.42 68.68
CA UNK Q 19 -11.41 54.30 68.27
C UNK Q 19 -11.39 54.28 66.74
N UNK Q 20 -11.03 55.40 66.14
CA UNK Q 20 -11.02 55.54 64.69
C UNK Q 20 -9.71 56.14 64.22
N UNK Q 21 -9.24 55.69 63.05
CA UNK Q 21 -8.01 56.20 62.47
C UNK Q 21 -8.11 56.12 60.95
N UNK Q 22 -7.84 57.24 60.28
CA UNK Q 22 -7.88 57.31 58.83
C UNK Q 22 -6.56 57.86 58.31
N UNK Q 23 -6.21 57.48 57.08
CA UNK Q 23 -4.94 57.85 56.47
C UNK Q 23 -5.19 58.66 55.21
N UNK Q 24 -4.44 59.75 55.06
CA UNK Q 24 -4.47 60.58 53.86
C UNK Q 24 -3.25 60.29 53.00
N UNK Q 25 -3.36 60.62 51.72
CA UNK Q 25 -2.31 60.35 50.74
C UNK Q 25 -2.00 61.60 49.94
N UNK Q 26 -0.75 61.73 49.53
CA UNK Q 26 -0.29 62.81 48.68
C UNK Q 26 -0.13 62.30 47.25
N UNK Q 27 0.42 63.15 46.38
CA UNK Q 27 0.65 62.76 44.99
C UNK Q 27 1.83 61.80 44.85
N UNK Q 28 2.71 61.74 45.83
CA UNK Q 28 3.85 60.83 45.83
C UNK Q 28 3.61 59.59 46.67
N UNK Q 29 2.34 59.30 46.99
CA UNK Q 29 1.90 58.15 47.81
C UNK Q 29 2.58 58.12 49.18
N UNK Q 30 2.71 59.31 49.79
CA UNK Q 30 3.24 59.41 51.14
C UNK Q 30 2.08 59.37 52.13
N UNK Q 31 2.09 58.37 53.01
CA UNK Q 31 1.00 58.18 53.95
C UNK Q 31 1.06 59.23 55.06
N UNK Q 32 -0.10 59.71 55.48
CA UNK Q 32 -0.23 60.67 56.57
C UNK Q 32 -1.33 60.17 57.50
N UNK Q 33 -0.94 59.35 58.47
CA UNK Q 33 -1.87 58.77 59.43
C UNK Q 33 -2.04 59.70 60.63
N UNK Q 34 -3.23 59.64 61.22
CA UNK Q 34 -3.59 60.48 62.36
C UNK Q 34 -3.70 59.64 63.62
N UNK Q 35 -3.77 60.32 64.76
CA UNK Q 35 -3.97 59.65 66.03
C UNK Q 35 -5.42 59.19 66.18
N UNK Q 36 -5.64 58.30 67.14
CA UNK Q 36 -6.98 57.78 67.38
C UNK Q 36 -7.87 58.85 68.00
N UNK Q 37 -9.09 58.97 67.49
CA UNK Q 37 -10.05 59.98 67.93
C UNK Q 37 -11.41 59.34 68.12
N UNK Q 38 -12.36 60.15 68.59
CA UNK Q 38 -13.76 59.78 68.86
C UNK Q 38 -13.89 58.59 69.80
N UNK Q 39 -7.16 59.26 46.29
CA UNK Q 39 -5.91 59.32 47.04
C UNK Q 39 -5.70 60.71 47.63
N UNK Q 40 -6.77 61.31 48.12
CA UNK Q 40 -6.70 62.53 48.91
C UNK Q 40 -7.13 62.31 50.35
N UNK Q 41 -8.36 61.82 50.55
CA UNK Q 41 -8.81 61.35 51.86
C UNK Q 41 -9.81 60.23 51.59
N UNK Q 42 -9.32 58.99 51.58
CA UNK Q 42 -10.17 57.86 51.26
C UNK Q 42 -10.94 57.41 52.50
N UNK Q 43 -12.26 57.32 52.36
CA UNK Q 43 -13.10 56.90 53.49
C UNK Q 43 -12.99 55.41 53.74
N UNK Q 44 -12.56 54.64 52.75
CA UNK Q 44 -12.34 53.21 52.94
C UNK Q 44 -11.08 52.91 53.74
N UNK Q 45 -10.17 53.88 53.89
CA UNK Q 45 -8.97 53.69 54.69
C UNK Q 45 -9.25 53.80 56.18
N UNK Q 46 -10.40 54.34 56.57
CA UNK Q 46 -10.74 54.50 57.97
C UNK Q 46 -11.13 53.14 58.56
N UNK Q 47 -10.50 52.78 59.69
CA UNK Q 47 -10.72 51.49 60.33
C UNK Q 47 -10.93 51.70 61.83
N UNK Q 48 -11.66 50.77 62.44
CA UNK Q 48 -11.93 50.84 63.86
C UNK Q 48 -11.52 49.55 64.56
N UNK R 1 -20.03 55.04 62.32
CA UNK R 1 -18.98 54.14 61.88
C UNK R 1 -17.67 54.88 61.65
N UNK R 2 -17.55 55.50 60.49
CA UNK R 2 -16.36 56.30 60.17
C UNK R 2 -16.48 57.67 60.83
N UNK R 3 -15.59 57.96 61.77
CA UNK R 3 -15.63 59.22 62.50
C UNK R 3 -15.10 60.34 61.64
N UNK R 4 -15.84 61.46 61.62
CA UNK R 4 -15.44 62.61 60.82
C UNK R 4 -14.28 63.38 61.44
N UNK R 5 -14.06 63.23 62.75
CA UNK R 5 -12.93 63.92 63.39
C UNK R 5 -11.59 63.29 63.02
N UNK R 6 -11.57 61.97 62.84
CA UNK R 6 -10.33 61.31 62.45
C UNK R 6 -9.97 61.60 60.99
N UNK R 7 -10.98 61.77 60.13
CA UNK R 7 -10.70 62.09 58.74
C UNK R 7 -10.24 63.53 58.57
N UNK R 8 -10.73 64.44 59.41
CA UNK R 8 -10.34 65.84 59.30
C UNK R 8 -8.91 66.07 59.81
N UNK R 9 -8.50 65.33 60.84
CA UNK R 9 -7.13 65.48 61.33
C UNK R 9 -6.11 64.82 60.41
N UNK R 10 -6.53 63.84 59.62
CA UNK R 10 -5.63 63.22 58.65
C UNK R 10 -5.31 64.17 57.50
N UNK R 11 -6.30 64.96 57.07
CA UNK R 11 -6.06 65.94 56.02
C UNK R 11 -5.27 67.13 56.55
N UNK R 12 -5.36 67.41 57.85
CA UNK R 12 -4.61 68.52 58.43
C UNK R 12 -3.12 68.21 58.52
N UNK R 13 -2.77 66.96 58.80
CA UNK R 13 -1.36 66.58 58.86
C UNK R 13 -0.74 66.51 57.48
N UNK R 14 -1.52 66.10 56.47
CA UNK R 14 -1.00 66.01 55.12
C UNK R 14 -0.78 67.37 54.47
N UNK R 15 -1.45 68.41 54.96
CA UNK R 15 -1.29 69.75 54.41
C UNK R 15 -0.05 70.46 54.93
N UNK R 16 0.66 69.89 55.89
CA UNK R 16 1.92 70.44 56.41
C UNK R 16 2.96 69.34 56.39
N UNK R 17 3.59 69.14 55.23
CA UNK R 17 4.63 68.12 55.11
C UNK R 17 5.93 68.56 55.76
N UNK R 18 6.30 69.84 55.58
CA UNK R 18 7.44 70.52 56.18
C UNK R 18 8.80 69.92 55.81
N UNK R 19 8.86 69.08 54.76
CA UNK R 19 10.13 68.52 54.30
C UNK R 19 9.95 68.15 52.82
N UNK R 20 10.47 69.00 51.93
CA UNK R 20 10.32 68.79 50.50
C UNK R 20 11.67 68.95 49.81
N UNK R 21 11.88 68.17 48.75
CA UNK R 21 13.12 68.22 47.98
C UNK R 21 12.81 67.85 46.53
N UNK R 22 13.23 68.72 45.60
CA UNK R 22 13.04 68.50 44.18
C UNK R 22 14.37 68.61 43.46
N UNK R 23 14.49 67.90 42.34
CA UNK R 23 15.73 67.83 41.58
C UNK R 23 15.50 68.36 40.16
N UNK R 24 16.44 69.18 39.70
CA UNK R 24 16.42 69.70 38.34
C UNK R 24 17.45 68.97 37.49
N UNK R 25 17.21 68.98 36.17
CA UNK R 25 18.05 68.27 35.23
C UNK R 25 18.52 69.21 34.13
N UNK R 26 19.72 68.94 33.63
CA UNK R 26 20.30 69.69 32.53
C UNK R 26 20.17 68.88 31.23
N UNK R 27 20.79 69.38 30.16
CA UNK R 27 20.75 68.67 28.89
C UNK R 27 21.64 67.44 28.86
N UNK R 28 22.61 67.35 29.77
CA UNK R 28 23.50 66.21 29.86
C UNK R 28 23.10 65.25 30.98
N UNK R 29 21.85 65.34 31.45
CA UNK R 29 21.28 64.50 32.51
C UNK R 29 22.08 64.60 33.81
N UNK R 30 22.55 65.81 34.13
CA UNK R 30 23.24 66.06 35.38
C UNK R 30 22.24 66.54 36.42
N UNK R 31 22.10 65.78 37.51
CA UNK R 31 21.12 66.11 38.53
C UNK R 31 21.60 67.29 39.37
N UNK R 32 20.64 68.14 39.77
CA UNK R 32 20.91 69.29 40.62
C UNK R 32 19.86 69.30 41.71
N UNK R 33 20.16 68.61 42.81
CA UNK R 33 19.24 68.50 43.95
C UNK R 33 19.44 69.66 44.91
N UNK R 34 18.35 70.04 45.57
CA UNK R 34 18.35 71.15 46.52
C UNK R 34 18.20 70.64 47.94
N UNK R 35 18.45 71.53 48.90
CA UNK R 35 18.27 71.20 50.30
C UNK R 35 16.79 71.17 50.65
N UNK R 36 16.48 70.58 51.81
CA UNK R 36 15.11 70.47 52.26
C UNK R 36 14.57 71.84 52.70
N UNK R 37 13.37 72.17 52.24
CA UNK R 37 12.75 73.46 52.51
C UNK R 37 11.31 73.23 52.97
N UNK R 38 10.64 74.34 53.30
CA UNK R 38 9.26 74.41 53.79
C UNK R 38 9.00 73.53 55.01
N UNK R 39 12.54 67.56 31.52
CA UNK R 39 13.85 67.43 32.15
C UNK R 39 14.48 68.79 32.37
N UNK R 40 13.65 69.76 32.77
CA UNK R 40 14.14 71.05 33.26
C UNK R 40 13.82 71.25 34.73
N UNK R 41 12.54 71.16 35.10
CA UNK R 41 12.13 71.11 36.51
C UNK R 41 10.85 70.28 36.56
N UNK R 42 11.01 68.98 36.80
CA UNK R 42 9.86 68.08 36.80
C UNK R 42 9.14 68.14 38.14
N UNK R 43 7.82 68.30 38.09
CA UNK R 43 7.03 68.36 39.32
C UNK R 43 6.90 66.99 39.97
N UNK R 44 7.03 65.91 39.19
CA UNK R 44 6.99 64.56 39.76
C UNK R 44 8.30 64.19 40.45
N UNK R 45 9.37 64.96 40.26
CA UNK R 45 10.62 64.70 40.95
C UNK R 45 10.58 65.09 42.41
N UNK R 46 9.65 65.97 42.80
CA UNK R 46 9.55 66.44 44.17
C UNK R 46 9.00 65.33 45.06
N UNK R 47 9.65 65.09 46.20
CA UNK R 47 9.24 64.06 47.14
C UNK R 47 9.25 64.63 48.55
N UNK R 48 8.42 64.03 49.40
CA UNK R 48 8.32 64.47 50.79
C UNK R 48 8.63 63.33 51.75
N UNK S 1 70.62 39.17 -28.61
CA UNK S 1 70.15 38.12 -27.71
C UNK S 1 70.69 36.75 -28.14
N UNK S 2 70.03 36.16 -29.13
CA UNK S 2 70.47 34.88 -29.68
C UNK S 2 71.60 35.13 -30.68
N UNK S 3 72.80 34.64 -30.36
CA UNK S 3 73.97 34.87 -31.20
C UNK S 3 73.91 33.97 -32.43
N UNK S 4 74.16 34.56 -33.59
CA UNK S 4 74.17 33.81 -34.84
C UNK S 4 75.41 32.94 -35.00
N UNK S 5 76.50 33.26 -34.30
CA UNK S 5 77.70 32.46 -34.40
C UNK S 5 77.55 31.13 -33.66
N UNK S 6 76.81 31.12 -32.54
CA UNK S 6 76.58 29.88 -31.81
C UNK S 6 75.63 28.96 -32.55
N UNK S 7 74.67 29.52 -33.29
CA UNK S 7 73.75 28.69 -34.06
C UNK S 7 74.41 28.09 -35.28
N UNK S 8 75.37 28.81 -35.88
CA UNK S 8 76.06 28.29 -37.06
C UNK S 8 77.03 27.17 -36.70
N UNK S 9 77.67 27.26 -35.53
CA UNK S 9 78.60 26.20 -35.12
C UNK S 9 77.87 24.95 -34.69
N UNK S 10 76.61 25.07 -34.25
CA UNK S 10 75.82 23.90 -33.89
C UNK S 10 75.42 23.10 -35.13
N UNK S 11 75.14 23.80 -36.23
CA UNK S 11 74.80 23.09 -37.47
C UNK S 11 76.04 22.50 -38.13
N UNK S 12 77.22 23.07 -37.86
CA UNK S 12 78.45 22.53 -38.43
C UNK S 12 78.84 21.22 -37.77
N UNK S 13 78.60 21.10 -36.46
CA UNK S 13 78.93 19.87 -35.76
C UNK S 13 77.96 18.75 -36.11
N UNK S 14 76.69 19.08 -36.35
CA UNK S 14 75.70 18.07 -36.69
C UNK S 14 75.86 17.53 -38.10
N UNK S 15 76.55 18.25 -38.97
CA UNK S 15 76.77 17.80 -40.34
C UNK S 15 77.92 16.81 -40.45
N UNK S 16 78.66 16.57 -39.37
CA UNK S 16 79.75 15.58 -39.33
C UNK S 16 79.53 14.70 -38.10
N UNK S 17 78.67 13.69 -38.25
CA UNK S 17 78.41 12.76 -37.15
C UNK S 17 79.57 11.80 -36.93
N UNK S 18 80.15 11.30 -38.03
CA UNK S 18 81.34 10.45 -38.10
C UNK S 18 81.17 9.10 -37.40
N UNK S 19 79.93 8.69 -37.09
CA UNK S 19 79.69 7.38 -36.48
C UNK S 19 78.25 7.00 -36.80
N UNK S 20 78.08 6.11 -37.79
CA UNK S 20 76.75 5.70 -38.23
C UNK S 20 76.68 4.19 -38.34
N UNK S 21 75.51 3.63 -38.02
CA UNK S 21 75.29 2.20 -38.08
C UNK S 21 73.82 1.94 -38.40
N UNK S 22 73.58 1.13 -39.44
CA UNK S 22 72.24 0.76 -39.86
C UNK S 22 72.12 -0.75 -39.93
N UNK S 23 70.91 -1.26 -39.71
CA UNK S 23 70.64 -2.68 -39.67
C UNK S 23 69.66 -3.07 -40.76
N UNK S 24 69.96 -4.16 -41.46
CA UNK S 24 69.08 -4.71 -42.48
C UNK S 24 68.37 -5.95 -41.93
N UNK S 25 67.23 -6.26 -42.53
CA UNK S 25 66.39 -7.36 -42.07
C UNK S 25 66.07 -8.29 -43.23
N UNK S 26 65.88 -9.56 -42.91
CA UNK S 26 65.47 -10.58 -43.87
C UNK S 26 63.98 -10.87 -43.69
N UNK S 27 63.48 -11.87 -44.42
CA UNK S 27 62.08 -12.25 -44.31
C UNK S 27 61.78 -13.00 -43.01
N UNK S 28 62.80 -13.55 -42.36
CA UNK S 28 62.64 -14.24 -41.08
C UNK S 28 63.02 -13.36 -39.90
N UNK S 29 63.08 -12.03 -40.12
CA UNK S 29 63.42 -11.01 -39.12
C UNK S 29 64.79 -11.28 -38.47
N UNK S 30 65.75 -11.70 -39.29
CA UNK S 30 67.12 -11.88 -38.82
C UNK S 30 67.89 -10.59 -39.05
N UNK S 31 68.37 -10.00 -37.96
CA UNK S 31 69.07 -8.72 -38.05
C UNK S 31 70.46 -8.89 -38.63
N UNK S 32 70.87 -7.93 -39.45
CA UNK S 32 72.20 -7.92 -40.07
C UNK S 32 72.77 -6.51 -39.90
N UNK S 33 73.44 -6.29 -38.77
CA UNK S 33 74.03 -4.99 -38.46
C UNK S 33 75.42 -4.88 -39.06
N UNK S 34 75.80 -3.66 -39.40
CA UNK S 34 77.08 -3.37 -40.00
C UNK S 34 77.99 -2.65 -39.02
N UNK S 35 79.27 -2.56 -39.37
CA UNK S 35 80.22 -1.83 -38.55
C UNK S 35 80.03 -0.33 -38.72
N UNK S 36 80.63 0.43 -37.81
CA UNK S 36 80.51 1.88 -37.85
C UNK S 36 81.32 2.46 -39.01
N UNK S 37 80.71 3.36 -39.76
CA UNK S 37 81.31 3.95 -40.94
C UNK S 37 81.13 5.47 -40.89
N UNK S 38 81.70 6.14 -41.91
CA UNK S 38 81.68 7.60 -42.10
C UNK S 38 82.20 8.36 -40.88
N UNK S 39 61.26 -3.72 -44.21
CA UNK S 39 62.13 -4.70 -43.56
C UNK S 39 63.15 -5.26 -44.54
N UNK S 40 63.64 -4.39 -45.43
CA UNK S 40 64.79 -4.70 -46.27
C UNK S 40 66.00 -3.85 -45.94
N UNK S 41 65.84 -2.52 -45.99
CA UNK S 41 66.85 -1.58 -45.49
C UNK S 41 66.09 -0.33 -45.04
N UNK S 42 65.75 -0.30 -43.75
CA UNK S 42 64.97 0.81 -43.21
C UNK S 42 65.88 2.00 -42.93
N UNK S 43 65.45 3.18 -43.38
CA UNK S 43 66.23 4.39 -43.13
C UNK S 43 66.11 4.85 -41.68
N UNK S 44 65.02 4.51 -41.01
CA UNK S 44 64.85 4.85 -39.60
C UNK S 44 65.69 3.98 -38.67
N UNK S 45 66.24 2.87 -39.18
CA UNK S 45 67.10 2.01 -38.36
C UNK S 45 68.49 2.60 -38.17
N UNK S 46 68.88 3.57 -39.00
CA UNK S 46 70.21 4.17 -38.90
C UNK S 46 70.25 5.13 -37.71
N UNK S 47 71.28 4.99 -36.88
CA UNK S 47 71.43 5.80 -35.69
C UNK S 47 72.88 6.27 -35.57
N UNK S 48 73.06 7.39 -34.87
CA UNK S 48 74.38 7.96 -34.69
C UNK S 48 74.70 8.16 -33.21
N UNK T 1 38.21 -63.42 -42.76
CA UNK T 1 38.05 -62.92 -41.40
C UNK T 1 37.36 -63.94 -40.52
N UNK T 2 36.03 -64.01 -40.61
CA UNK T 2 35.26 -64.98 -39.86
C UNK T 2 35.35 -66.34 -40.55
N UNK T 3 35.96 -67.31 -39.87
CA UNK T 3 36.15 -68.63 -40.44
C UNK T 3 34.85 -69.42 -40.41
N UNK T 4 34.51 -70.04 -41.54
CA UNK T 4 33.28 -70.82 -41.63
C UNK T 4 33.37 -72.16 -40.91
N UNK T 5 34.59 -72.67 -40.67
CA UNK T 5 34.73 -73.93 -39.96
C UNK T 5 34.43 -73.78 -38.48
N UNK T 6 34.78 -72.64 -37.89
CA UNK T 6 34.48 -72.42 -36.48
C UNK T 6 32.99 -72.20 -36.24
N UNK T 7 32.30 -71.58 -37.21
CA UNK T 7 30.87 -71.37 -37.06
C UNK T 7 30.08 -72.66 -37.23
N UNK T 8 30.57 -73.57 -38.08
CA UNK T 8 29.87 -74.83 -38.31
C UNK T 8 30.01 -75.77 -37.13
N UNK T 9 31.16 -75.77 -36.45
CA UNK T 9 31.34 -76.63 -35.29
C UNK T 9 30.59 -76.10 -34.08
N UNK T 10 30.31 -74.79 -34.03
CA UNK T 10 29.54 -74.23 -32.93
C UNK T 10 28.08 -74.66 -33.01
N UNK T 11 27.53 -74.75 -34.23
CA UNK T 11 26.16 -75.22 -34.39
C UNK T 11 26.05 -76.73 -34.19
N UNK T 12 27.15 -77.45 -34.41
CA UNK T 12 27.13 -78.90 -34.21
C UNK T 12 27.10 -79.26 -32.73
N UNK T 13 27.79 -78.48 -31.89
CA UNK T 13 27.78 -78.73 -30.46
C UNK T 13 26.45 -78.34 -29.83
N UNK T 14 25.81 -77.28 -30.34
CA UNK T 14 24.53 -76.84 -29.81
C UNK T 14 23.38 -77.76 -30.16
N UNK T 15 23.54 -78.58 -31.20
CA UNK T 15 22.49 -79.52 -31.60
C UNK T 15 22.48 -80.80 -30.79
N UNK T 16 23.47 -81.00 -29.90
CA UNK T 16 23.53 -82.15 -29.00
C UNK T 16 23.77 -81.64 -27.59
N UNK T 17 22.68 -81.23 -26.92
CA UNK T 17 22.79 -80.74 -25.55
C UNK T 17 23.02 -81.89 -24.57
N UNK T 18 22.31 -83.01 -24.77
CA UNK T 18 22.42 -84.27 -24.05
C UNK T 18 22.10 -84.16 -22.55
N UNK T 19 21.47 -83.06 -22.12
CA UNK T 19 21.07 -82.92 -20.72
C UNK T 19 19.90 -81.93 -20.68
N UNK T 20 18.68 -82.45 -20.56
CA UNK T 20 17.49 -81.61 -20.56
C UNK T 20 16.59 -81.98 -19.40
N UNK T 21 15.90 -80.97 -18.86
CA UNK T 21 14.98 -81.17 -17.74
C UNK T 21 13.86 -80.15 -17.83
N UNK T 22 12.62 -80.62 -17.77
CA UNK T 22 11.45 -79.76 -17.83
C UNK T 22 10.54 -80.04 -16.64
N UNK T 23 9.78 -79.02 -16.24
CA UNK T 23 8.93 -79.10 -15.06
C UNK T 23 7.48 -78.88 -15.45
N UNK T 24 6.60 -79.74 -14.93
CA UNK T 24 5.16 -79.62 -15.12
C UNK T 24 4.51 -79.05 -13.87
N UNK T 25 3.35 -78.44 -14.06
CA UNK T 25 2.62 -77.78 -12.97
C UNK T 25 1.19 -78.28 -12.92
N UNK T 26 0.64 -78.31 -11.72
CA UNK T 26 -0.74 -78.69 -11.47
C UNK T 26 -1.57 -77.43 -11.22
N UNK T 27 -2.83 -77.62 -10.84
CA UNK T 27 -3.71 -76.49 -10.54
C UNK T 27 -3.38 -75.82 -9.22
N UNK T 28 -2.67 -76.52 -8.33
CA UNK T 28 -2.27 -75.97 -7.03
C UNK T 28 -0.83 -75.50 -7.03
N UNK T 29 -0.25 -75.28 -8.22
CA UNK T 29 1.14 -74.82 -8.41
C UNK T 29 2.15 -75.75 -7.75
N UNK T 30 1.90 -77.06 -7.84
CA UNK T 30 2.83 -78.06 -7.33
C UNK T 30 3.74 -78.50 -8.47
N UNK T 31 5.04 -78.27 -8.31
CA UNK T 31 6.00 -78.59 -9.36
C UNK T 31 6.23 -80.09 -9.45
N UNK T 32 6.40 -80.59 -10.67
CA UNK T 32 6.67 -82.00 -10.93
C UNK T 32 7.84 -82.06 -11.92
N UNK T 33 9.06 -82.06 -11.39
CA UNK T 33 10.27 -82.09 -12.20
C UNK T 33 10.66 -83.52 -12.53
N UNK T 34 11.29 -83.69 -13.68
CA UNK T 34 11.71 -85.00 -14.17
C UNK T 34 13.23 -85.11 -14.12
N UNK T 35 13.71 -86.34 -14.30
CA UNK T 35 15.14 -86.59 -14.36
C UNK T 35 15.70 -86.14 -15.71
N UNK T 36 17.03 -86.03 -15.76
CA UNK T 36 17.70 -85.58 -16.98
C UNK T 36 17.64 -86.67 -18.04
N UNK T 37 17.28 -86.29 -19.26
CA UNK T 37 17.12 -87.22 -20.36
C UNK T 37 17.85 -86.67 -21.59
N UNK T 38 17.82 -87.45 -22.67
CA UNK T 38 18.45 -87.16 -23.96
C UNK T 38 19.94 -86.85 -23.87
N UNK T 39 0.42 -73.51 -17.56
CA UNK T 39 0.81 -74.18 -16.33
C UNK T 39 0.36 -75.64 -16.35
N UNK T 40 0.51 -76.27 -17.52
CA UNK T 40 0.36 -77.71 -17.66
C UNK T 40 1.67 -78.38 -18.04
N UNK T 41 2.27 -77.96 -19.16
CA UNK T 41 3.63 -78.35 -19.53
C UNK T 41 4.22 -77.19 -20.32
N UNK T 42 4.93 -76.31 -19.62
CA UNK T 42 5.47 -75.12 -20.25
C UNK T 42 6.81 -75.43 -20.92
N UNK T 43 6.91 -75.10 -22.21
CA UNK T 43 8.15 -75.35 -22.94
C UNK T 43 9.25 -74.37 -22.56
N UNK T 44 8.89 -73.22 -22.00
CA UNK T 44 9.88 -72.28 -21.50
C UNK T 44 10.52 -72.72 -20.19
N UNK T 45 9.91 -73.69 -19.50
CA UNK T 45 10.48 -74.20 -18.26
C UNK T 45 11.62 -75.18 -18.52
N UNK T 46 11.74 -75.69 -19.74
CA UNK T 46 12.80 -76.64 -20.07
C UNK T 46 14.14 -75.92 -20.19
N UNK T 47 15.16 -76.45 -19.52
CA UNK T 47 16.48 -75.86 -19.51
C UNK T 47 17.53 -76.93 -19.77
N UNK T 48 18.66 -76.50 -20.32
CA UNK T 48 19.75 -77.42 -20.63
C UNK T 48 21.01 -77.04 -19.87
N UNK U 1 -25.76 -81.15 9.43
CA UNK U 1 -24.96 -80.10 10.03
C UNK U 1 -25.52 -79.73 11.41
N UNK U 2 -26.56 -78.89 11.41
CA UNK U 2 -27.22 -78.50 12.64
C UNK U 2 -28.21 -79.60 13.03
N UNK U 3 -27.96 -80.25 14.16
CA UNK U 3 -28.81 -81.35 14.60
C UNK U 3 -30.11 -80.82 15.17
N UNK U 4 -31.23 -81.41 14.74
CA UNK U 4 -32.53 -81.00 15.23
C UNK U 4 -32.83 -81.49 16.63
N UNK U 5 -32.12 -82.52 17.11
CA UNK U 5 -32.32 -83.00 18.46
C UNK U 5 -31.74 -82.04 19.49
N UNK U 6 -30.62 -81.39 19.18
CA UNK U 6 -30.04 -80.43 20.10
C UNK U 6 -30.85 -79.14 20.16
N UNK U 7 -31.51 -78.77 19.05
CA UNK U 7 -32.33 -77.57 19.04
C UNK U 7 -33.62 -77.75 19.83
N UNK U 8 -34.19 -78.96 19.80
CA UNK U 8 -35.43 -79.22 20.52
C UNK U 8 -35.19 -79.30 22.03
N UNK U 9 -34.02 -79.81 22.44
CA UNK U 9 -33.72 -79.90 23.87
C UNK U 9 -33.41 -78.54 24.47
N UNK U 10 -32.92 -77.60 23.66
CA UNK U 10 -32.68 -76.25 24.14
C UNK U 10 -33.99 -75.51 24.40
N UNK U 11 -34.99 -75.74 23.56
CA UNK U 11 -36.30 -75.11 23.78
C UNK U 11 -37.05 -75.76 24.92
N UNK U 12 -36.78 -77.05 25.19
CA UNK U 12 -37.45 -77.72 26.30
C UNK U 12 -36.93 -77.25 27.64
N UNK U 13 -35.63 -76.93 27.72
CA UNK U 13 -35.07 -76.41 28.96
C UNK U 13 -35.51 -74.99 29.24
N UNK U 14 -35.67 -74.17 28.19
CA UNK U 14 -36.08 -72.79 28.37
C UNK U 14 -37.55 -72.66 28.74
N UNK U 15 -38.37 -73.68 28.49
CA UNK U 15 -39.77 -73.65 28.84
C UNK U 15 -40.05 -73.97 30.30
N UNK U 16 -39.02 -74.37 31.07
CA UNK U 16 -39.14 -74.62 32.50
C UNK U 16 -38.00 -73.87 33.19
N UNK U 17 -38.23 -72.59 33.47
CA UNK U 17 -37.22 -71.78 34.15
C UNK U 17 -37.16 -72.10 35.63
N UNK U 18 -38.32 -72.29 36.27
CA UNK U 18 -38.52 -72.70 37.66
C UNK U 18 -37.96 -71.73 38.68
N UNK U 19 -37.66 -70.48 38.27
CA UNK U 19 -37.18 -69.46 39.21
C UNK U 19 -37.52 -68.10 38.61
N UNK U 20 -38.57 -67.47 39.11
CA UNK U 20 -39.04 -66.19 38.59
C UNK U 20 -39.27 -65.21 39.72
N UNK U 21 -38.99 -63.94 39.47
CA UNK U 21 -39.17 -62.88 40.45
C UNK U 21 -39.51 -61.58 39.74
N UNK U 22 -40.62 -60.95 40.14
CA UNK U 22 -41.06 -59.69 39.58
C UNK U 22 -41.30 -58.69 40.70
N UNK U 23 -41.16 -57.40 40.39
CA UNK U 23 -41.28 -56.33 41.37
C UNK U 23 -42.36 -55.35 40.94
N UNK U 24 -43.16 -54.93 41.91
CA UNK U 24 -44.19 -53.92 41.71
C UNK U 24 -43.73 -52.58 42.27
N UNK U 25 -44.35 -51.51 41.78
CA UNK U 25 -43.97 -50.15 42.16
C UNK U 25 -45.21 -49.37 42.57
N UNK U 26 -45.00 -48.44 43.50
CA UNK U 26 -46.04 -47.54 43.97
C UNK U 26 -45.88 -46.17 43.32
N UNK U 27 -46.67 -45.19 43.78
CA UNK U 27 -46.58 -43.85 43.24
C UNK U 27 -45.35 -43.10 43.75
N UNK U 28 -44.72 -43.57 44.82
CA UNK U 28 -43.52 -42.96 45.36
C UNK U 28 -42.26 -43.75 45.00
N UNK U 29 -42.36 -44.62 43.99
CA UNK U 29 -41.27 -45.48 43.51
C UNK U 29 -40.70 -46.37 44.60
N UNK U 30 -41.58 -46.91 45.45
CA UNK U 30 -41.18 -47.86 46.47
C UNK U 30 -41.29 -49.27 45.92
N UNK U 31 -40.17 -49.98 45.87
CA UNK U 31 -40.15 -51.31 45.28
C UNK U 31 -40.79 -52.33 46.22
N UNK U 32 -41.53 -53.27 45.62
CA UNK U 32 -42.18 -54.36 46.36
C UNK U 32 -41.86 -55.66 45.63
N UNK U 33 -40.74 -56.28 45.98
CA UNK U 33 -40.30 -57.52 45.36
C UNK U 33 -40.89 -58.72 46.07
N UNK U 34 -41.14 -59.78 45.31
CA UNK U 34 -41.72 -61.00 45.83
C UNK U 34 -40.68 -62.11 45.88
N UNK U 35 -41.04 -63.21 46.54
CA UNK U 35 -40.17 -64.36 46.61
C UNK U 35 -40.17 -65.12 45.29
N UNK U 36 -39.21 -66.03 45.13
CA UNK U 36 -39.10 -66.82 43.92
C UNK U 36 -40.23 -67.84 43.84
N UNK U 37 -40.84 -67.96 42.67
CA UNK U 37 -41.98 -68.84 42.46
C UNK U 37 -41.78 -69.62 41.16
N UNK U 38 -42.73 -70.50 40.87
CA UNK U 38 -42.78 -71.38 39.69
C UNK U 38 -41.53 -72.23 39.53
N UNK U 39 -45.55 -48.37 35.94
CA UNK U 39 -45.04 -48.44 37.30
C UNK U 39 -46.11 -48.95 38.26
N UNK U 40 -46.89 -49.92 37.79
CA UNK U 40 -47.81 -50.66 38.65
C UNK U 40 -47.41 -52.12 38.77
N UNK U 41 -47.30 -52.83 37.64
CA UNK U 41 -46.72 -54.17 37.61
C UNK U 41 -46.07 -54.32 36.23
N UNK U 42 -44.78 -54.01 36.17
CA UNK U 42 -44.07 -54.03 34.89
C UNK U 42 -43.63 -55.45 34.56
N UNK U 43 -44.00 -55.91 33.35
CA UNK U 43 -43.61 -57.25 32.93
C UNK U 43 -42.13 -57.33 32.55
N UNK U 44 -41.53 -56.19 32.21
CA UNK U 44 -40.10 -56.15 31.91
C UNK U 44 -39.24 -56.24 33.17
N UNK U 45 -39.82 -56.03 34.36
CA UNK U 45 -39.08 -56.16 35.60
C UNK U 45 -38.93 -57.61 36.02
N UNK U 46 -39.68 -58.54 35.42
CA UNK U 46 -39.59 -59.95 35.77
C UNK U 46 -38.32 -60.54 35.19
N UNK U 47 -37.56 -61.26 36.03
CA UNK U 47 -36.29 -61.84 35.62
C UNK U 47 -36.20 -63.27 36.12
N UNK U 48 -35.39 -64.07 35.44
CA UNK U 48 -35.20 -65.47 35.79
C UNK U 48 -33.74 -65.78 36.04
N UNK V 1 -49.99 6.20 69.43
CA UNK V 1 -48.61 6.06 69.00
C UNK V 1 -47.78 7.25 69.44
N UNK V 2 -47.86 8.34 68.67
CA UNK V 2 -47.17 9.57 69.01
C UNK V 2 -48.00 10.34 70.03
N UNK V 3 -47.46 10.51 71.23
CA UNK V 3 -48.19 11.18 72.30
C UNK V 3 -48.20 12.68 72.07
N UNK V 4 -49.38 13.29 72.22
CA UNK V 4 -49.52 14.73 72.05
C UNK V 4 -48.96 15.51 73.23
N UNK V 5 -48.82 14.88 74.39
CA UNK V 5 -48.25 15.58 75.55
C UNK V 5 -46.75 15.79 75.40
N UNK V 6 -46.05 14.84 74.76
CA UNK V 6 -44.63 15.01 74.52
C UNK V 6 -44.35 16.07 73.46
N UNK V 7 -45.25 16.20 72.48
CA UNK V 7 -45.07 17.23 71.46
C UNK V 7 -45.35 18.62 72.01
N UNK V 8 -46.29 18.74 72.94
CA UNK V 8 -46.61 20.05 73.51
C UNK V 8 -45.53 20.52 74.47
N UNK V 9 -44.88 19.60 75.20
CA UNK V 9 -43.81 19.98 76.09
C UNK V 9 -42.54 20.33 75.33
N UNK V 10 -42.35 19.77 74.14
CA UNK V 10 -41.19 20.11 73.33
C UNK V 10 -41.29 21.52 72.77
N UNK V 11 -42.51 21.94 72.40
CA UNK V 11 -42.70 23.30 71.90
C UNK V 11 -42.65 24.32 73.03
N UNK V 12 -42.96 23.91 74.26
CA UNK V 12 -42.91 24.82 75.40
C UNK V 12 -41.46 25.13 75.79
N UNK V 13 -40.57 24.15 75.65
CA UNK V 13 -39.16 24.38 75.98
C UNK V 13 -38.47 25.25 74.94
N UNK V 14 -38.86 25.11 73.66
CA UNK V 14 -38.24 25.90 72.61
C UNK V 14 -38.65 27.35 72.62
N UNK V 15 -39.79 27.69 73.25
CA UNK V 15 -40.25 29.06 73.31
C UNK V 15 -39.56 29.88 74.39
N UNK V 16 -38.75 29.25 75.25
CA UNK V 16 -37.98 29.95 76.28
C UNK V 16 -36.53 29.48 76.17
N UNK V 17 -35.78 30.11 75.25
CA UNK V 17 -34.37 29.77 75.08
C UNK V 17 -33.52 30.33 76.21
N UNK V 18 -33.81 31.56 76.64
CA UNK V 18 -33.19 32.28 77.76
C UNK V 18 -31.69 32.53 77.59
N UNK V 19 -31.15 32.39 76.37
CA UNK V 19 -29.74 32.68 76.11
C UNK V 19 -29.61 33.01 74.62
N UNK V 20 -29.48 34.31 74.32
CA UNK V 20 -29.40 34.76 72.94
C UNK V 20 -28.26 35.75 72.78
N UNK V 21 -27.60 35.72 71.63
CA UNK V 21 -26.51 36.63 71.32
C UNK V 21 -26.47 36.87 69.82
N UNK V 22 -26.43 38.15 69.43
CA UNK V 22 -26.37 38.55 68.03
C UNK V 22 -25.20 39.50 67.82
N UNK V 23 -24.67 39.50 66.60
CA UNK V 23 -23.50 40.29 66.27
C UNK V 23 -23.82 41.27 65.14
N UNK V 24 -23.39 42.51 65.32
CA UNK V 24 -23.54 43.56 64.32
C UNK V 24 -22.23 43.79 63.59
N UNK V 25 -22.32 44.33 62.38
CA UNK V 25 -21.16 44.55 61.54
C UNK V 25 -21.13 45.99 61.07
N UNK V 26 -19.91 46.51 60.87
CA UNK V 26 -19.69 47.84 60.36
C UNK V 26 -19.29 47.77 58.89
N UNK V 27 -18.89 48.91 58.32
CA UNK V 27 -18.47 48.94 56.93
C UNK V 27 -17.07 48.35 56.74
N UNK V 28 -16.28 48.24 57.81
CA UNK V 28 -14.96 47.66 57.76
C UNK V 28 -14.94 46.22 58.27
N UNK V 29 -16.12 45.58 58.34
CA UNK V 29 -16.31 44.19 58.80
C UNK V 29 -15.79 43.98 60.22
N UNK V 30 -15.99 44.97 61.08
CA UNK V 30 -15.62 44.88 62.48
C UNK V 30 -16.81 44.35 63.26
N UNK V 31 -16.64 43.19 63.90
CA UNK V 31 -17.74 42.56 64.63
C UNK V 31 -18.00 43.28 65.94
N UNK V 32 -19.27 43.38 66.31
CA UNK V 32 -19.71 43.99 67.57
C UNK V 32 -20.71 43.04 68.22
N UNK V 33 -20.21 42.11 69.01
CA UNK V 33 -21.03 41.12 69.69
C UNK V 33 -21.51 41.66 71.04
N UNK V 34 -22.70 41.24 71.44
CA UNK V 34 -23.32 41.66 72.68
C UNK V 34 -23.29 40.54 73.71
N UNK V 35 -23.61 40.89 74.94
CA UNK V 35 -23.71 39.91 76.01
C UNK V 35 -25.01 39.11 75.87
N UNK V 36 -25.08 38.00 76.60
CA UNK V 36 -26.25 37.15 76.55
C UNK V 36 -27.43 37.82 77.24
N UNK V 37 -28.60 37.76 76.59
CA UNK V 37 -29.80 38.41 77.08
C UNK V 37 -30.97 37.44 77.00
N UNK V 38 -32.13 37.91 77.46
CA UNK V 38 -33.41 37.17 77.50
C UNK V 38 -33.31 35.82 78.22
N UNK V 39 -25.29 43.50 56.40
CA UNK V 39 -24.15 43.66 57.28
C UNK V 39 -24.31 44.89 58.17
N UNK V 40 -25.53 45.12 58.65
CA UNK V 40 -25.81 46.10 59.68
C UNK V 40 -26.28 45.44 60.97
N UNK V 41 -27.36 44.67 60.90
CA UNK V 41 -27.78 43.81 62.01
C UNK V 41 -28.46 42.59 61.37
N UNK V 42 -27.68 41.53 61.17
CA UNK V 42 -28.19 40.34 60.52
C UNK V 42 -28.91 39.46 61.52
N UNK V 43 -30.14 39.07 61.20
CA UNK V 43 -30.91 38.22 62.10
C UNK V 43 -30.44 36.77 62.05
N UNK V 44 -29.73 36.38 60.99
CA UNK V 44 -29.15 35.05 60.90
C UNK V 44 -27.92 34.89 61.78
N UNK V 45 -27.34 35.99 62.27
CA UNK V 45 -26.20 35.91 63.16
C UNK V 45 -26.62 35.61 64.60
N UNK V 46 -27.90 35.73 64.93
CA UNK V 46 -28.38 35.46 66.27
C UNK V 46 -28.43 33.96 66.51
N UNK V 47 -27.82 33.50 67.59
CA UNK V 47 -27.75 32.09 67.92
C UNK V 47 -28.11 31.88 69.38
N UNK V 48 -28.60 30.68 69.68
CA UNK V 48 -28.98 30.34 71.05
C UNK V 48 -28.25 29.10 71.54
N UNK W 1 1.34 70.28 49.15
CA UNK W 1 2.02 69.03 48.88
C UNK W 1 3.44 69.29 48.37
N UNK W 2 3.54 69.64 47.09
CA UNK W 2 4.82 69.99 46.49
C UNK W 2 5.12 71.45 46.78
N UNK W 3 6.20 71.70 47.52
CA UNK W 3 6.55 73.05 47.90
C UNK W 3 7.18 73.80 46.73
N UNK W 4 6.71 75.02 46.50
CA UNK W 4 7.25 75.84 45.42
C UNK W 4 8.62 76.41 45.74
N UNK W 5 8.99 76.50 47.02
CA UNK W 5 10.31 77.00 47.38
C UNK W 5 11.39 75.98 47.06
N UNK W 6 11.10 74.69 47.21
CA UNK W 6 12.08 73.66 46.90
C UNK W 6 12.31 73.54 45.40
N UNK W 7 11.26 73.78 44.60
CA UNK W 7 11.42 73.72 43.15
C UNK W 7 12.20 74.91 42.61
N UNK W 8 12.06 76.08 43.24
CA UNK W 8 12.78 77.26 42.78
C UNK W 8 14.26 77.20 43.11
N UNK W 9 14.62 76.59 44.24
CA UNK W 9 16.02 76.48 44.60
C UNK W 9 16.75 75.44 43.76
N UNK W 10 16.01 74.46 43.22
CA UNK W 10 16.63 73.48 42.33
C UNK W 10 16.99 74.11 40.99
N UNK W 11 16.15 75.02 40.50
CA UNK W 11 16.47 75.70 39.25
C UNK W 11 17.57 76.75 39.44
N UNK W 12 17.69 77.29 40.65
CA UNK W 12 18.75 78.26 40.92
C UNK W 12 20.11 77.60 40.98
N UNK W 13 20.18 76.38 41.50
CA UNK W 13 21.45 75.66 41.56
C UNK W 13 21.87 75.14 40.18
N UNK W 14 20.91 74.76 39.34
CA UNK W 14 21.23 74.24 38.02
C UNK W 14 21.67 75.33 37.06
N UNK W 15 21.35 76.60 37.34
CA UNK W 15 21.76 77.70 36.48
C UNK W 15 23.20 78.14 36.70
N UNK W 16 23.87 77.60 37.71
CA UNK W 16 25.29 77.89 37.98
C UNK W 16 26.03 76.57 38.13
N UNK W 17 26.43 75.99 37.00
CA UNK W 17 27.16 74.73 37.02
C UNK W 17 28.61 74.94 37.47
N UNK W 18 29.24 76.01 36.98
CA UNK W 18 30.58 76.49 37.34
C UNK W 18 31.69 75.50 37.00
N UNK W 19 31.42 74.49 36.16
CA UNK W 19 32.45 73.54 35.74
C UNK W 19 32.00 72.96 34.40
N UNK W 20 32.60 73.45 33.30
CA UNK W 20 32.21 73.02 31.97
C UNK W 20 33.46 72.65 31.17
N UNK W 21 33.32 71.63 30.32
CA UNK W 21 34.41 71.19 29.45
C UNK W 21 33.84 70.62 28.17
N UNK W 22 34.32 71.15 27.03
CA UNK W 22 33.89 70.69 25.72
C UNK W 22 35.12 70.32 24.89
N UNK W 23 34.92 69.40 23.95
CA UNK W 23 36.01 68.89 23.12
C UNK W 23 35.72 69.15 21.65
N UNK W 24 36.75 69.58 20.93
CA UNK W 24 36.68 69.80 19.49
C UNK W 24 37.37 68.65 18.76
N UNK W 25 36.98 68.45 17.51
CA UNK W 25 37.50 67.36 16.70
C UNK W 25 38.04 67.90 15.38
N UNK W 26 39.05 67.23 14.86
CA UNK W 26 39.64 67.55 13.57
C UNK W 26 39.13 66.56 12.52
N UNK W 27 39.70 66.63 11.32
CA UNK W 27 39.31 65.72 10.25
C UNK W 27 39.85 64.30 10.45
N UNK W 28 40.87 64.15 11.30
CA UNK W 28 41.43 62.84 11.61
C UNK W 28 40.97 62.31 12.97
N UNK W 29 39.88 62.87 13.51
CA UNK W 29 39.28 62.51 14.80
C UNK W 29 40.28 62.63 15.95
N UNK W 30 41.08 63.70 15.92
CA UNK W 30 42.00 64.00 17.00
C UNK W 30 41.31 64.90 18.00
N UNK W 31 41.16 64.43 19.24
CA UNK W 31 40.43 65.18 20.25
C UNK W 31 41.27 66.36 20.75
N UNK W 32 40.58 67.48 20.99
CA UNK W 32 41.21 68.69 21.52
C UNK W 32 40.34 69.20 22.66
N UNK W 33 40.61 68.73 23.86
CA UNK W 33 39.85 69.09 25.05
C UNK W 33 40.43 70.35 25.68
N UNK W 34 39.56 71.13 26.33
CA UNK W 34 39.94 72.38 26.97
C UNK W 34 39.87 72.22 28.48
N UNK W 35 40.44 73.21 29.18
CA UNK W 35 40.38 73.24 30.63
C UNK W 35 38.99 73.66 31.10
N UNK W 36 38.72 73.43 32.39
CA UNK W 36 37.43 73.75 32.95
C UNK W 36 37.27 75.27 33.09
N UNK W 37 36.11 75.78 32.68
CA UNK W 37 35.83 77.20 32.68
C UNK W 37 34.46 77.44 33.31
N UNK W 38 34.11 78.73 33.41
CA UNK W 38 32.85 79.24 33.99
C UNK W 38 32.59 78.73 35.40
N UNK W 39 31.58 67.23 13.76
CA UNK W 39 32.91 66.93 14.26
C UNK W 39 33.83 68.14 14.10
N UNK W 40 33.28 69.33 14.35
CA UNK W 40 34.07 70.54 14.46
C UNK W 40 34.02 71.11 15.87
N UNK W 41 32.83 71.40 16.37
CA UNK W 41 32.62 71.76 17.78
C UNK W 41 31.21 71.28 18.14
N UNK W 42 31.13 70.07 18.67
CA UNK W 42 29.84 69.49 19.00
C UNK W 42 29.35 69.96 20.36
N UNK W 43 28.14 70.50 20.41
CA UNK W 43 27.59 71.00 21.67
C UNK W 43 27.16 69.86 22.59
N UNK W 44 26.92 68.67 22.03
CA UNK W 44 26.62 67.49 22.84
C UNK W 44 27.85 66.94 23.56
N UNK W 45 29.06 67.34 23.13
CA UNK W 45 30.26 66.89 23.81
C UNK W 45 30.54 67.69 25.08
N UNK W 46 29.86 68.80 25.29
CA UNK W 46 30.05 69.61 26.49
C UNK W 46 29.38 68.92 27.68
N UNK W 47 30.12 68.77 28.77
CA UNK W 47 29.64 68.08 29.96
C UNK W 47 29.95 68.92 31.19
N UNK W 48 29.13 68.74 32.22
CA UNK W 48 29.31 69.47 33.47
C UNK W 48 29.47 68.51 34.65
N ARG X 207 68.49 46.94 -58.01
CA ARG X 207 68.06 45.56 -57.83
C ARG X 207 66.69 45.48 -57.16
N ILE X 208 66.33 44.30 -56.69
CA ILE X 208 65.03 44.05 -56.07
C ILE X 208 65.25 43.78 -54.59
N ILE X 209 64.52 44.51 -53.74
CA ILE X 209 64.65 44.39 -52.29
C ILE X 209 63.54 43.49 -51.78
N TYR X 210 63.91 42.48 -50.99
CA TYR X 210 62.97 41.53 -50.44
C TYR X 210 62.74 41.81 -48.96
N TYR X 211 61.51 41.56 -48.51
CA TYR X 211 61.11 41.83 -47.14
C TYR X 211 60.41 40.60 -46.57
N ILE X 212 60.58 40.40 -45.27
CA ILE X 212 59.94 39.28 -44.58
C ILE X 212 58.47 39.62 -44.34
N GLN X 213 57.58 38.71 -44.77
CA GLN X 213 56.16 38.85 -44.54
C GLN X 213 55.67 38.04 -43.35
N ALA X 214 56.10 36.78 -43.24
CA ALA X 214 55.81 35.95 -42.08
C ALA X 214 56.89 34.89 -41.98
N VAL X 215 57.25 34.53 -40.75
CA VAL X 215 58.30 33.54 -40.50
C VAL X 215 57.87 32.63 -39.35
N ILE X 216 58.05 31.32 -39.55
CA ILE X 216 57.89 30.31 -38.52
C ILE X 216 59.22 29.58 -38.45
N PRO X 217 59.47 28.66 -37.52
CA PRO X 217 60.65 27.79 -37.66
C PRO X 217 60.57 26.95 -38.93
N GLY X 218 61.65 26.99 -39.70
CA GLY X 218 61.69 26.29 -40.98
C GLY X 218 61.43 27.14 -42.22
N ARG X 219 60.25 27.73 -42.36
CA ARG X 219 59.91 28.49 -43.55
C ARG X 219 59.91 29.99 -43.28
N ALA X 220 59.89 30.75 -44.37
CA ALA X 220 59.72 32.19 -44.32
C ALA X 220 59.05 32.62 -45.62
N TRP X 221 58.03 33.45 -45.51
CA TRP X 221 57.34 34.00 -46.67
C TRP X 221 57.85 35.40 -46.95
N LEU X 222 58.25 35.65 -48.19
CA LEU X 222 58.85 36.91 -48.57
C LEU X 222 58.01 37.62 -49.62
N ILE X 223 58.04 38.95 -49.58
CA ILE X 223 57.39 39.79 -50.57
C ILE X 223 58.40 40.75 -51.15
N GLY X 224 58.46 40.84 -52.48
CA GLY X 224 59.39 41.70 -53.16
C GLY X 224 58.81 43.08 -53.45
N SER X 225 59.68 43.96 -53.94
CA SER X 225 59.25 45.30 -54.34
C SER X 225 58.44 45.27 -55.63
N ASN X 226 58.50 44.18 -56.40
CA ASN X 226 57.67 44.00 -57.57
C ASN X 226 56.26 43.51 -57.24
N GLY X 227 56.00 43.19 -55.97
CA GLY X 227 54.77 42.53 -55.60
C GLY X 227 54.83 41.02 -55.67
N SER X 228 55.95 40.45 -56.09
CA SER X 228 56.10 39.00 -56.17
C SER X 228 56.25 38.41 -54.77
N THR X 229 55.68 37.21 -54.59
CA THR X 229 55.71 36.53 -53.30
C THR X 229 56.44 35.20 -53.43
N LEU X 230 57.31 34.92 -52.48
CA LEU X 230 58.11 33.70 -52.44
C LEU X 230 57.96 33.04 -51.08
N THR X 231 58.34 31.76 -51.04
CA THR X 231 58.57 31.05 -49.79
C THR X 231 59.89 30.30 -49.90
N VAL X 232 60.65 30.26 -48.80
CA VAL X 232 61.99 29.69 -48.81
C VAL X 232 62.15 28.74 -47.63
N ARG X 233 63.13 27.85 -47.76
CA ARG X 233 63.53 26.90 -46.72
C ARG X 233 64.97 27.20 -46.33
N GLU X 234 65.57 26.30 -45.56
CA GLU X 234 66.94 26.48 -45.07
C GLU X 234 67.95 26.54 -46.21
N GLY X 235 67.88 25.60 -47.15
CA GLY X 235 68.73 25.67 -48.32
C GLY X 235 67.93 25.99 -49.57
N SER X 236 68.03 27.23 -50.05
CA SER X 236 67.16 27.68 -51.14
C SER X 236 67.83 28.81 -51.88
N LYS X 237 67.30 29.10 -53.07
CA LYS X 237 67.83 30.14 -53.95
C LYS X 237 66.91 31.35 -53.93
N ILE X 238 67.51 32.53 -53.77
CA ILE X 238 66.82 33.81 -53.88
C ILE X 238 67.46 34.58 -55.01
N PRO X 239 66.70 35.08 -56.00
CA PRO X 239 67.30 35.80 -57.12
C PRO X 239 67.85 37.14 -56.70
N GLY X 240 69.13 37.37 -56.96
CA GLY X 240 69.82 38.57 -56.54
C GLY X 240 70.43 38.50 -55.17
N TYR X 241 70.28 37.39 -54.46
CA TYR X 241 70.82 37.24 -53.11
C TYR X 241 71.71 36.02 -52.94
N GLY X 242 71.39 34.91 -53.61
CA GLY X 242 72.22 33.72 -53.51
C GLY X 242 71.56 32.57 -52.79
N MET X 243 72.26 32.00 -51.81
CA MET X 243 71.78 30.86 -51.04
C MET X 243 71.36 31.30 -49.66
N VAL X 244 70.24 30.76 -49.17
CA VAL X 244 69.81 30.99 -47.80
C VAL X 244 70.78 30.27 -46.86
N LYS X 245 71.30 31.01 -45.89
CA LYS X 245 72.29 30.49 -44.96
C LYS X 245 71.69 30.10 -43.61
N LEU X 246 70.79 30.91 -43.08
CA LEU X 246 70.15 30.64 -41.79
C LEU X 246 68.81 31.35 -41.74
N ILE X 247 67.78 30.63 -41.29
CA ILE X 247 66.47 31.21 -41.03
C ILE X 247 66.31 31.30 -39.52
N ASP X 248 66.20 32.52 -39.01
CA ASP X 248 66.05 32.77 -37.58
C ASP X 248 64.61 33.25 -37.38
N SER X 249 63.78 32.38 -36.81
CA SER X 249 62.37 32.71 -36.60
C SER X 249 62.20 33.79 -35.56
N LEU X 250 63.01 33.75 -34.50
CA LEU X 250 63.05 34.85 -33.56
C LEU X 250 63.84 36.01 -34.17
N GLN X 251 63.44 37.23 -33.82
CA GLN X 251 64.01 38.53 -34.21
C GLN X 251 63.89 38.85 -35.70
N GLY X 252 63.32 37.96 -36.52
CA GLY X 252 63.06 38.25 -37.91
C GLY X 252 64.25 38.48 -38.81
N ARG X 253 65.27 37.63 -38.74
CA ARG X 253 66.47 37.78 -39.54
C ARG X 253 66.69 36.54 -40.40
N ILE X 254 67.05 36.76 -41.67
CA ILE X 254 67.44 35.70 -42.58
C ILE X 254 68.84 35.99 -43.07
N LEU X 255 69.77 35.06 -42.83
CA LEU X 255 71.14 35.21 -43.27
C LEU X 255 71.30 34.63 -44.67
N THR X 256 72.06 35.32 -45.51
CA THR X 256 72.24 34.96 -46.90
C THR X 256 73.73 34.85 -47.19
N SER X 257 74.09 33.99 -48.16
CA SER X 257 75.48 33.70 -48.48
C SER X 257 76.23 34.91 -49.05
N SER X 258 75.54 35.90 -49.59
CA SER X 258 76.19 37.10 -50.10
C SER X 258 76.44 38.14 -49.02
N GLY X 259 76.00 37.90 -47.78
CA GLY X 259 76.21 38.81 -46.69
C GLY X 259 75.04 39.72 -46.38
N GLN X 260 74.07 39.83 -47.28
CA GLN X 260 72.90 40.66 -47.04
C GLN X 260 71.97 39.99 -46.04
N VAL X 261 71.22 40.83 -45.32
CA VAL X 261 70.27 40.36 -44.31
C VAL X 261 68.88 40.83 -44.72
N ILE X 262 67.95 39.88 -44.82
CA ILE X 262 66.56 40.18 -45.12
C ILE X 262 65.78 40.24 -43.82
N LYS X 263 65.07 41.33 -43.59
CA LYS X 263 64.35 41.58 -42.35
C LYS X 263 62.91 41.96 -42.66
N PHE X 264 62.17 42.32 -41.62
CA PHE X 264 60.85 42.89 -41.79
C PHE X 264 60.95 44.29 -42.36
N SER X 265 59.87 44.74 -42.99
CA SER X 265 59.84 46.10 -43.51
C SER X 265 59.75 47.10 -42.37
N GLN X 266 60.32 48.29 -42.60
CA GLN X 266 60.35 49.32 -41.56
C GLN X 266 58.96 49.90 -41.33
N GLU X 267 58.17 50.05 -42.39
CA GLU X 267 56.82 50.59 -42.24
C GLU X 267 55.78 49.52 -41.93
N ASP X 268 56.13 48.24 -42.01
CA ASP X 268 55.21 47.14 -41.70
C ASP X 268 55.92 46.17 -40.75
N SER X 269 55.88 46.49 -39.46
CA SER X 269 56.49 45.66 -38.43
C SER X 269 55.93 46.01 -37.06
N ARG Y 207 60.80 -18.24 -78.84
CA ARG Y 207 59.93 -19.07 -78.02
C ARG Y 207 58.91 -18.24 -77.26
N ILE Y 208 58.25 -18.86 -76.29
CA ILE Y 208 57.21 -18.22 -75.50
C ILE Y 208 57.75 -17.99 -74.09
N ILE Y 209 57.68 -16.74 -73.62
CA ILE Y 209 58.19 -16.35 -72.31
C ILE Y 209 57.02 -16.31 -71.35
N TYR Y 210 57.17 -16.99 -70.22
CA TYR Y 210 56.13 -17.05 -69.20
C TYR Y 210 56.50 -16.17 -68.00
N TYR Y 211 55.48 -15.59 -67.38
CA TYR Y 211 55.65 -14.69 -66.25
C TYR Y 211 54.72 -15.10 -65.13
N ILE Y 212 55.17 -14.89 -63.90
CA ILE Y 212 54.36 -15.20 -62.72
C ILE Y 212 53.30 -14.12 -62.55
N GLN Y 213 52.04 -14.55 -62.44
CA GLN Y 213 50.93 -13.64 -62.19
C GLN Y 213 50.54 -13.61 -60.72
N ALA Y 214 50.44 -14.77 -60.07
CA ALA Y 214 50.21 -14.86 -58.64
C ALA Y 214 50.79 -16.18 -58.14
N VAL Y 215 51.22 -16.20 -56.90
CA VAL Y 215 51.82 -17.40 -56.31
C VAL Y 215 51.44 -17.50 -54.84
N ILE Y 216 51.03 -18.69 -54.42
CA ILE Y 216 50.81 -19.04 -53.02
C ILE Y 216 51.69 -20.25 -52.78
N PRO Y 217 51.83 -20.76 -51.55
CA PRO Y 217 52.45 -22.08 -51.37
C PRO Y 217 51.66 -23.17 -52.09
N GLY Y 218 52.36 -23.97 -52.89
CA GLY Y 218 51.73 -24.99 -53.70
C GLY Y 218 51.50 -24.64 -55.16
N ARG Y 219 50.66 -23.65 -55.44
CA ARG Y 219 50.31 -23.32 -56.82
C ARG Y 219 51.00 -22.03 -57.27
N ALA Y 220 50.94 -21.82 -58.58
CA ALA Y 220 51.38 -20.57 -59.20
C ALA Y 220 50.61 -20.38 -60.49
N TRP Y 221 50.09 -19.17 -60.69
CA TRP Y 221 49.36 -18.82 -61.92
C TRP Y 221 50.30 -18.08 -62.86
N LEU Y 222 50.36 -18.52 -64.11
CA LEU Y 222 51.29 -17.97 -65.07
C LEU Y 222 50.54 -17.35 -66.24
N ILE Y 223 51.17 -16.36 -66.87
CA ILE Y 223 50.66 -15.74 -68.09
C ILE Y 223 51.79 -15.75 -69.12
N GLY Y 224 51.43 -15.99 -70.38
CA GLY Y 224 52.40 -16.04 -71.45
C GLY Y 224 52.36 -14.81 -72.34
N SER Y 225 53.27 -14.79 -73.31
CA SER Y 225 53.30 -13.72 -74.30
C SER Y 225 52.12 -13.80 -75.27
N ASN Y 226 51.51 -14.98 -75.40
CA ASN Y 226 50.33 -15.14 -76.24
C ASN Y 226 49.05 -14.70 -75.54
N GLY Y 227 49.11 -14.35 -74.26
CA GLY Y 227 47.93 -14.10 -73.47
C GLY Y 227 47.33 -15.34 -72.83
N SER Y 228 47.93 -16.51 -73.06
CA SER Y 228 47.43 -17.74 -72.47
C SER Y 228 47.76 -17.80 -70.98
N THR Y 229 46.86 -18.38 -70.20
CA THR Y 229 47.00 -18.47 -68.76
C THR Y 229 47.07 -19.93 -68.34
N LEU Y 230 47.97 -20.24 -67.42
CA LEU Y 230 48.15 -21.58 -66.89
C LEU Y 230 48.20 -21.53 -65.37
N THR Y 231 48.04 -22.69 -64.75
CA THR Y 231 48.33 -22.90 -63.35
C THR Y 231 49.14 -24.18 -63.20
N VAL Y 232 50.09 -24.18 -62.27
CA VAL Y 232 51.05 -25.28 -62.14
C VAL Y 232 51.16 -25.69 -60.68
N ARG Y 233 51.60 -26.93 -60.48
CA ARG Y 233 51.87 -27.50 -59.16
C ARG Y 233 53.35 -27.84 -59.09
N GLU Y 234 53.73 -28.57 -58.03
CA GLU Y 234 55.13 -28.93 -57.80
C GLU Y 234 55.68 -29.81 -58.91
N GLY Y 235 54.95 -30.86 -59.29
CA GLY Y 235 55.34 -31.65 -60.43
C GLY Y 235 54.41 -31.44 -61.61
N SER Y 236 54.84 -30.65 -62.60
CA SER Y 236 53.95 -30.27 -63.69
C SER Y 236 54.78 -29.97 -64.93
N LYS Y 237 54.09 -29.97 -66.07
CA LYS Y 237 54.70 -29.73 -67.37
C LYS Y 237 54.41 -28.31 -67.84
N ILE Y 238 55.46 -27.62 -68.30
CA ILE Y 238 55.33 -26.33 -68.95
C ILE Y 238 55.87 -26.47 -70.36
N PRO Y 239 55.11 -26.10 -71.40
CA PRO Y 239 55.61 -26.27 -72.77
C PRO Y 239 56.74 -25.31 -73.09
N GLY Y 240 57.86 -25.87 -73.56
CA GLY Y 240 59.06 -25.11 -73.81
C GLY Y 240 59.99 -24.95 -72.63
N TYR Y 241 59.61 -25.47 -71.46
CA TYR Y 241 60.43 -25.35 -70.26
C TYR Y 241 60.74 -26.68 -69.60
N GLY Y 242 59.80 -27.63 -69.62
CA GLY Y 242 60.05 -28.94 -69.04
C GLY Y 242 59.23 -29.23 -67.81
N MET Y 243 59.90 -29.64 -66.73
CA MET Y 243 59.25 -30.01 -65.48
C MET Y 243 59.50 -28.93 -64.44
N VAL Y 244 58.46 -28.60 -63.67
CA VAL Y 244 58.62 -27.72 -62.52
C VAL Y 244 59.42 -28.45 -61.46
N LYS Y 245 60.48 -27.81 -60.96
CA LYS Y 245 61.37 -28.40 -59.98
C LYS Y 245 61.13 -27.90 -58.57
N LEU Y 246 60.85 -26.61 -58.41
CA LEU Y 246 60.58 -26.04 -57.09
C LEU Y 246 59.73 -24.79 -57.26
N ILE Y 247 58.63 -24.72 -56.52
CA ILE Y 247 57.81 -23.52 -56.43
C ILE Y 247 58.16 -22.86 -55.10
N ASP Y 248 58.77 -21.69 -55.15
CA ASP Y 248 59.21 -20.98 -53.96
C ASP Y 248 58.36 -19.72 -53.86
N SER Y 249 57.41 -19.72 -52.93
CA SER Y 249 56.35 -18.71 -52.90
C SER Y 249 56.91 -17.34 -52.51
N LEU Y 250 57.84 -17.30 -51.57
CA LEU Y 250 58.56 -16.08 -51.29
C LEU Y 250 59.49 -15.76 -52.45
N GLN Y 251 59.75 -14.47 -52.66
CA GLN Y 251 60.66 -13.88 -53.65
C GLN Y 251 60.26 -14.12 -55.11
N GLY Y 252 59.17 -14.84 -55.38
CA GLY Y 252 58.65 -15.01 -56.73
C GLY Y 252 59.53 -15.75 -57.71
N ARG Y 253 60.09 -16.89 -57.31
CA ARG Y 253 60.96 -17.69 -58.17
C ARG Y 253 60.40 -19.10 -58.35
N ILE Y 254 60.43 -19.58 -59.58
CA ILE Y 254 60.06 -20.95 -59.91
C ILE Y 254 61.25 -21.60 -60.62
N LEU Y 255 61.72 -22.71 -60.08
CA LEU Y 255 62.84 -23.45 -60.67
C LEU Y 255 62.30 -24.49 -61.65
N THR Y 256 63.00 -24.65 -62.77
CA THR Y 256 62.59 -25.52 -63.85
C THR Y 256 63.74 -26.48 -64.18
N SER Y 257 63.39 -27.67 -64.65
CA SER Y 257 64.37 -28.72 -64.93
C SER Y 257 65.35 -28.36 -66.05
N SER Y 258 64.99 -27.45 -66.94
CA SER Y 258 65.89 -27.02 -68.00
C SER Y 258 66.84 -25.91 -67.56
N GLY Y 259 66.71 -25.42 -66.33
CA GLY Y 259 67.60 -24.40 -65.80
C GLY Y 259 67.08 -22.98 -65.86
N GLN Y 260 66.00 -22.73 -66.61
CA GLN Y 260 65.42 -21.40 -66.67
C GLN Y 260 64.64 -21.11 -65.40
N VAL Y 261 64.52 -19.82 -65.08
CA VAL Y 261 63.80 -19.35 -63.89
C VAL Y 261 62.67 -18.45 -64.35
N ILE Y 262 61.46 -18.77 -63.93
CA ILE Y 262 60.28 -17.95 -64.21
C ILE Y 262 60.04 -17.03 -63.03
N LYS Y 263 59.94 -15.73 -63.30
CA LYS Y 263 59.79 -14.71 -62.27
C LYS Y 263 58.64 -13.80 -62.62
N PHE Y 264 58.44 -12.78 -61.79
CA PHE Y 264 57.47 -11.73 -62.08
C PHE Y 264 57.97 -10.89 -63.26
N SER Y 265 57.02 -10.26 -63.96
CA SER Y 265 57.39 -9.35 -65.04
C SER Y 265 58.01 -8.09 -64.48
N GLN Y 266 58.91 -7.48 -65.26
CA GLN Y 266 59.62 -6.30 -64.80
C GLN Y 266 58.71 -5.08 -64.75
N GLU Y 267 57.79 -4.95 -65.71
CA GLU Y 267 56.87 -3.84 -65.72
C GLU Y 267 55.64 -4.06 -64.85
N ASP Y 268 55.43 -5.28 -64.35
CA ASP Y 268 54.29 -5.60 -63.49
C ASP Y 268 54.82 -6.36 -62.27
N SER Y 269 55.27 -5.60 -61.27
CA SER Y 269 55.80 -6.18 -60.03
C SER Y 269 55.79 -5.14 -58.92
N ARG Z 207 44.30 -49.05 -76.70
CA ARG Z 207 43.38 -49.44 -75.65
C ARG Z 207 42.68 -48.23 -75.04
N ILE Z 208 42.04 -48.43 -73.90
CA ILE Z 208 41.29 -47.38 -73.20
C ILE Z 208 42.06 -47.02 -71.94
N ILE Z 209 42.31 -45.72 -71.75
CA ILE Z 209 43.05 -45.21 -70.61
C ILE Z 209 42.05 -44.69 -69.58
N TYR Z 210 42.21 -45.10 -68.33
CA TYR Z 210 41.32 -44.69 -67.25
C TYR Z 210 42.04 -43.70 -66.33
N TYR Z 211 41.27 -42.75 -65.80
CA TYR Z 211 41.79 -41.71 -64.94
C TYR Z 211 40.93 -41.61 -63.68
N ILE Z 212 41.56 -41.26 -62.57
CA ILE Z 212 40.86 -41.12 -61.30
C ILE Z 212 40.10 -39.80 -61.30
N GLN Z 213 38.81 -39.85 -60.99
CA GLN Z 213 37.97 -38.67 -60.86
C GLN Z 213 37.80 -38.22 -59.42
N ALA Z 214 37.55 -39.15 -58.51
CA ALA Z 214 37.50 -38.88 -57.07
C ALA Z 214 37.78 -40.18 -56.33
N VAL Z 215 38.46 -40.07 -55.20
CA VAL Z 215 38.80 -41.23 -54.40
C VAL Z 215 38.60 -40.90 -52.91
N ILE Z 216 37.96 -41.82 -52.20
CA ILE Z 216 37.83 -41.79 -50.74
C ILE Z 216 38.45 -43.10 -50.26
N PRO Z 217 38.61 -43.34 -48.96
CA PRO Z 217 38.93 -44.71 -48.52
C PRO Z 217 37.83 -45.70 -48.89
N GLY Z 218 38.24 -46.80 -49.51
CA GLY Z 218 37.31 -47.79 -50.01
C GLY Z 218 36.98 -47.72 -51.49
N ARG Z 219 36.37 -46.65 -51.96
CA ARG Z 219 35.94 -46.56 -53.35
C ARG Z 219 36.81 -45.60 -54.15
N ALA Z 220 36.63 -45.65 -55.46
CA ALA Z 220 37.26 -44.71 -56.38
C ALA Z 220 36.37 -44.60 -57.61
N TRP Z 221 36.17 -43.38 -58.09
CA TRP Z 221 35.37 -43.12 -59.28
C TRP Z 221 36.31 -42.85 -60.45
N LEU Z 222 36.09 -43.55 -61.56
CA LEU Z 222 36.98 -43.46 -62.71
C LEU Z 222 36.24 -42.95 -63.92
N ILE Z 223 36.99 -42.34 -64.85
CA ILE Z 223 36.48 -41.90 -66.13
C ILE Z 223 37.42 -42.40 -67.22
N GLY Z 224 36.85 -42.83 -68.34
CA GLY Z 224 37.63 -43.34 -69.45
C GLY Z 224 37.78 -42.32 -70.57
N SER Z 225 38.54 -42.73 -71.58
CA SER Z 225 38.69 -41.90 -72.78
C SER Z 225 37.41 -41.88 -73.61
N ASN Z 226 36.53 -42.86 -73.43
CA ASN Z 226 35.25 -42.89 -74.11
C ASN Z 226 34.20 -42.02 -73.45
N GLY Z 227 34.50 -41.44 -72.28
CA GLY Z 227 33.52 -40.75 -71.49
C GLY Z 227 32.75 -41.64 -70.54
N SER Z 228 33.03 -42.94 -70.53
CA SER Z 228 32.36 -43.87 -69.64
C SER Z 228 32.85 -43.69 -68.21
N THR Z 229 31.95 -43.85 -67.25
CA THR Z 229 32.24 -43.66 -65.84
C THR Z 229 32.06 -44.97 -65.09
N LEU Z 230 33.00 -45.24 -64.18
CA LEU Z 230 32.99 -46.47 -63.38
C LEU Z 230 33.22 -46.13 -61.92
N THR Z 231 32.81 -47.04 -61.05
CA THR Z 231 33.19 -47.02 -59.64
C THR Z 231 33.72 -48.40 -59.27
N VAL Z 232 34.77 -48.43 -58.45
CA VAL Z 232 35.47 -49.66 -58.13
C VAL Z 232 35.70 -49.75 -56.64
N ARG Z 233 35.84 -50.98 -56.16
CA ARG Z 233 36.17 -51.31 -54.78
C ARG Z 233 37.49 -52.08 -54.76
N GLU Z 234 37.81 -52.66 -53.59
CA GLU Z 234 39.12 -53.28 -53.37
C GLU Z 234 39.35 -54.47 -54.29
N GLY Z 235 38.39 -55.38 -54.41
CA GLY Z 235 38.52 -56.45 -55.37
C GLY Z 235 37.51 -56.33 -56.50
N SER Z 236 37.93 -55.87 -57.66
CA SER Z 236 36.99 -55.58 -58.72
C SER Z 236 37.67 -55.71 -60.07
N LYS Z 237 36.85 -55.76 -61.12
CA LYS Z 237 37.34 -55.95 -62.48
C LYS Z 237 37.30 -54.63 -63.25
N ILE Z 238 38.39 -54.34 -63.96
CA ILE Z 238 38.48 -53.22 -64.87
C ILE Z 238 38.81 -53.76 -66.24
N PRO Z 239 38.05 -53.43 -67.29
CA PRO Z 239 38.32 -54.00 -68.62
C PRO Z 239 39.60 -53.42 -69.22
N GLY Z 240 40.50 -54.32 -69.61
CA GLY Z 240 41.80 -53.93 -70.11
C GLY Z 240 42.86 -53.76 -69.05
N TYR Z 241 42.51 -53.90 -67.78
CA TYR Z 241 43.46 -53.75 -66.68
C TYR Z 241 43.53 -54.97 -65.78
N GLY Z 242 42.40 -55.62 -65.49
CA GLY Z 242 42.42 -56.82 -64.66
C GLY Z 242 41.75 -56.63 -63.32
N MET Z 243 42.43 -57.03 -62.25
CA MET Z 243 41.91 -56.97 -60.89
C MET Z 243 42.52 -55.80 -60.15
N VAL Z 244 41.69 -55.08 -59.39
CA VAL Z 244 42.19 -54.04 -58.51
C VAL Z 244 42.95 -54.68 -57.36
N LYS Z 245 44.17 -54.21 -57.12
CA LYS Z 245 45.04 -54.77 -56.10
C LYS Z 245 45.06 -53.96 -54.82
N LEU Z 246 45.13 -52.63 -54.93
CA LEU Z 246 45.18 -51.76 -53.76
C LEU Z 246 44.64 -50.40 -54.15
N ILE Z 247 43.71 -49.88 -53.36
CA ILE Z 247 43.20 -48.52 -53.52
C ILE Z 247 43.87 -47.67 -52.46
N ASP Z 248 44.67 -46.71 -52.89
CA ASP Z 248 45.39 -45.80 -52.00
C ASP Z 248 44.70 -44.44 -52.12
N SER Z 249 43.95 -44.06 -51.09
CA SER Z 249 43.20 -42.81 -51.12
C SER Z 249 44.15 -41.61 -51.07
N LEU Z 250 45.21 -41.71 -50.27
CA LEU Z 250 46.25 -40.71 -50.31
C LEU Z 250 47.11 -40.90 -51.57
N GLN Z 251 47.62 -39.79 -52.10
CA GLN Z 251 48.48 -39.66 -53.27
C GLN Z 251 47.83 -40.07 -54.60
N GLY Z 252 46.58 -40.54 -54.60
CA GLY Z 252 45.85 -40.84 -55.81
C GLY Z 252 46.39 -41.94 -56.70
N ARG Z 253 46.73 -43.09 -56.12
CA ARG Z 253 47.24 -44.22 -56.87
C ARG Z 253 46.36 -45.44 -56.66
N ILE Z 254 46.11 -46.18 -57.74
CA ILE Z 254 45.40 -47.45 -57.70
C ILE Z 254 46.29 -48.52 -58.30
N LEU Z 255 46.59 -49.55 -57.53
CA LEU Z 255 47.41 -50.65 -57.99
C LEU Z 255 46.56 -51.71 -58.67
N THR Z 256 47.05 -52.25 -59.77
CA THR Z 256 46.31 -53.21 -60.59
C THR Z 256 47.18 -54.45 -60.78
N SER Z 257 46.53 -55.60 -60.92
CA SER Z 257 47.21 -56.89 -61.00
C SER Z 257 48.08 -57.03 -62.25
N SER Z 258 47.81 -56.27 -63.31
CA SER Z 258 48.65 -56.31 -64.50
C SER Z 258 49.87 -55.41 -64.41
N GLY Z 259 50.01 -54.65 -63.33
CA GLY Z 259 51.18 -53.81 -63.12
C GLY Z 259 50.97 -52.34 -63.44
N GLN Z 260 49.90 -52.00 -64.16
CA GLN Z 260 49.64 -50.61 -64.49
C GLN Z 260 49.11 -49.86 -63.27
N VAL Z 261 49.33 -48.55 -63.24
CA VAL Z 261 48.89 -47.69 -62.15
C VAL Z 261 47.95 -46.64 -62.71
N ILE Z 262 46.75 -46.54 -62.14
CA ILE Z 262 45.77 -45.54 -62.52
C ILE Z 262 45.91 -44.35 -61.57
N LYS Z 263 46.08 -43.16 -62.13
CA LYS Z 263 46.31 -41.95 -61.35
C LYS Z 263 45.33 -40.86 -61.81
N PHE Z 264 45.47 -39.69 -61.23
CA PHE Z 264 44.73 -38.52 -61.68
C PHE Z 264 45.25 -38.08 -63.05
N SER Z 265 44.39 -37.40 -63.80
CA SER Z 265 44.81 -36.87 -65.09
C SER Z 265 45.78 -35.72 -64.91
N GLN Z 266 46.68 -35.58 -65.89
CA GLN Z 266 47.72 -34.56 -65.79
C GLN Z 266 47.15 -33.16 -65.96
N GLU Z 267 46.18 -32.99 -66.85
CA GLU Z 267 45.57 -31.69 -67.06
C GLU Z 267 44.44 -31.39 -66.07
N ASP Z 268 44.00 -32.38 -65.29
CA ASP Z 268 42.93 -32.19 -64.31
C ASP Z 268 43.40 -32.79 -62.98
N SER Z 269 44.16 -32.00 -62.22
CA SER Z 269 44.67 -32.40 -60.92
C SER Z 269 45.08 -31.20 -60.10
N ARG AA 207 21.58 -73.61 -66.09
CA ARG AA 207 20.77 -73.49 -64.88
C ARG AA 207 20.48 -72.03 -64.56
N ILE AA 208 19.97 -71.80 -63.35
CA ILE AA 208 19.58 -70.46 -62.90
C ILE AA 208 20.56 -70.03 -61.80
N ILE AA 209 21.15 -68.85 -61.98
CA ILE AA 209 22.13 -68.31 -61.05
C ILE AA 209 21.42 -67.34 -60.12
N TYR AA 210 21.60 -67.54 -58.81
CA TYR AA 210 20.97 -66.70 -57.80
C TYR AA 210 22.00 -65.74 -57.20
N TYR AA 211 21.55 -64.54 -56.85
CA TYR AA 211 22.40 -63.50 -56.29
C TYR AA 211 21.77 -62.94 -55.03
N ILE AA 212 22.60 -62.55 -54.07
CA ILE AA 212 22.11 -61.95 -52.83
C ILE AA 212 21.71 -60.51 -53.10
N GLN AA 213 20.49 -60.15 -52.69
CA GLN AA 213 20.00 -58.78 -52.80
C GLN AA 213 20.06 -58.04 -51.48
N ALA AA 214 19.71 -58.68 -50.38
CA ALA AA 214 19.87 -58.12 -49.04
C ALA AA 214 19.98 -59.26 -48.05
N VAL AA 215 20.81 -59.08 -47.03
CA VAL AA 215 21.01 -60.10 -46.01
C VAL AA 215 21.08 -59.43 -44.64
N ILE AA 216 20.39 -60.04 -43.66
CA ILE AA 216 20.47 -59.66 -42.25
C ILE AA 216 20.83 -60.95 -41.51
N PRO AA 217 21.09 -60.93 -40.20
CA PRO AA 217 21.13 -62.20 -39.46
C PRO AA 217 19.80 -62.92 -39.52
N GLY AA 218 19.85 -64.20 -39.87
CA GLY AA 218 18.65 -65.00 -40.03
C GLY AA 218 18.13 -65.17 -41.45
N ARG AA 219 17.73 -64.10 -42.12
CA ARG AA 219 17.14 -64.18 -43.44
C ARG AA 219 18.12 -63.66 -44.50
N ALA AA 220 17.76 -63.94 -45.75
CA ALA AA 220 18.45 -63.39 -46.91
C ALA AA 220 17.46 -63.30 -48.06
N TRP AA 221 17.49 -62.20 -48.78
CA TRP AA 221 16.62 -62.00 -49.94
C TRP AA 221 17.44 -62.20 -51.20
N LEU AA 222 16.96 -63.09 -52.08
CA LEU AA 222 17.69 -63.47 -53.28
C LEU AA 222 16.92 -63.04 -54.52
N ILE AA 223 17.66 -62.86 -55.61
CA ILE AA 223 17.09 -62.59 -56.93
C ILE AA 223 17.75 -63.55 -57.92
N GLY AA 224 17.03 -63.88 -58.98
CA GLY AA 224 17.52 -64.81 -59.97
C GLY AA 224 17.71 -64.16 -61.33
N SER AA 225 18.21 -64.97 -62.26
CA SER AA 225 18.36 -64.53 -63.64
C SER AA 225 17.02 -64.38 -64.35
N ASN AA 226 15.97 -65.04 -63.85
CA ASN AA 226 14.64 -64.91 -64.39
C ASN AA 226 13.90 -63.68 -63.86
N GLY AA 227 14.48 -62.96 -62.92
CA GLY AA 227 13.79 -61.90 -62.22
C GLY AA 227 12.98 -62.36 -61.03
N SER AA 228 12.97 -63.65 -60.74
CA SER AA 228 12.22 -64.16 -59.60
C SER AA 228 12.94 -63.82 -58.30
N THR AA 229 12.15 -63.56 -57.25
CA THR AA 229 12.67 -63.17 -55.95
C THR AA 229 12.32 -64.21 -54.91
N LEU AA 230 13.26 -64.50 -54.02
CA LEU AA 230 13.08 -65.49 -52.97
C LEU AA 230 13.56 -64.91 -51.64
N THR AA 231 13.09 -65.52 -50.57
CA THR AA 231 13.64 -65.30 -49.24
C THR AA 231 13.85 -66.65 -48.57
N VAL AA 232 14.98 -66.79 -47.88
CA VAL AA 232 15.40 -68.08 -47.33
C VAL AA 232 15.82 -67.92 -45.89
N ARG AA 233 15.75 -69.03 -45.15
CA ARG AA 233 16.15 -69.12 -43.75
C ARG AA 233 17.31 -70.12 -43.65
N GLU AA 234 17.64 -70.48 -42.40
CA GLU AA 234 18.77 -71.39 -42.15
C GLU AA 234 18.54 -72.76 -42.77
N GLY AA 235 17.36 -73.34 -42.58
CA GLY AA 235 17.02 -74.56 -43.28
C GLY AA 235 15.92 -74.31 -44.29
N SER AA 236 16.26 -74.25 -45.57
CA SER AA 236 15.29 -73.80 -46.57
C SER AA 236 15.60 -74.47 -47.90
N LYS AA 237 14.64 -74.39 -48.82
CA LYS AA 237 14.70 -75.07 -50.10
C LYS AA 237 15.14 -74.06 -51.15
N ILE AA 238 16.14 -74.41 -51.96
CA ILE AA 238 16.52 -73.63 -53.13
C ILE AA 238 16.54 -74.56 -54.34
N PRO AA 239 15.79 -74.25 -55.40
CA PRO AA 239 15.80 -75.11 -56.59
C PRO AA 239 17.10 -74.97 -57.37
N GLY AA 240 17.73 -76.11 -57.66
CA GLY AA 240 18.98 -76.14 -58.40
C GLY AA 240 20.23 -75.97 -57.57
N TYR AA 241 20.10 -75.75 -56.27
CA TYR AA 241 21.24 -75.60 -55.38
C TYR AA 241 21.26 -76.61 -54.24
N GLY AA 242 20.10 -76.97 -53.70
CA GLY AA 242 20.06 -77.92 -52.61
C GLY AA 242 19.56 -77.33 -51.31
N MET AA 243 20.27 -77.57 -50.22
CA MET AA 243 19.85 -77.17 -48.89
C MET AA 243 20.68 -75.98 -48.42
N VAL AA 244 20.04 -75.05 -47.72
CA VAL AA 244 20.80 -73.97 -47.10
C VAL AA 244 21.55 -74.52 -45.90
N LYS AA 245 22.86 -74.29 -45.86
CA LYS AA 245 23.71 -74.83 -44.81
C LYS AA 245 24.12 -73.79 -43.78
N LEU AA 246 24.43 -72.57 -44.23
CA LEU AA 246 24.83 -71.50 -43.32
C LEU AA 246 24.52 -70.17 -43.98
N ILE AA 247 23.83 -69.29 -43.25
CA ILE AA 247 23.62 -67.92 -43.67
C ILE AA 247 24.55 -67.06 -42.82
N ASP AA 248 25.54 -66.45 -43.45
CA ASP AA 248 26.56 -65.67 -42.77
C ASP AA 248 26.37 -64.22 -43.21
N SER AA 249 25.83 -63.40 -42.30
CA SER AA 249 25.36 -62.07 -42.66
C SER AA 249 26.52 -61.14 -43.02
N LEU AA 250 27.63 -61.25 -42.31
CA LEU AA 250 28.84 -60.56 -42.71
C LEU AA 250 29.40 -61.20 -43.97
N GLN AA 251 30.06 -60.37 -44.79
CA GLN AA 251 30.77 -60.72 -46.03
C GLN AA 251 29.88 -61.25 -47.16
N GLY AA 252 28.56 -61.39 -46.94
CA GLY AA 252 27.64 -61.76 -47.99
C GLY AA 252 27.82 -63.14 -48.59
N ARG AA 253 27.99 -64.17 -47.77
CA ARG AA 253 28.17 -65.53 -48.23
C ARG AA 253 27.09 -66.44 -47.67
N ILE AA 254 26.56 -67.31 -48.53
CA ILE AA 254 25.58 -68.32 -48.13
C ILE AA 254 26.12 -69.67 -48.55
N LEU AA 255 26.29 -70.58 -47.59
CA LEU AA 255 26.77 -71.91 -47.85
C LEU AA 255 25.62 -72.84 -48.20
N THR AA 256 25.83 -73.69 -49.20
CA THR AA 256 24.80 -74.58 -49.72
C THR AA 256 25.33 -76.01 -49.68
N SER AA 257 24.42 -76.97 -49.51
CA SER AA 257 24.78 -78.37 -49.32
C SER AA 257 25.46 -79.01 -50.53
N SER AA 258 25.27 -78.47 -51.73
CA SER AA 258 25.95 -79.00 -52.91
C SER AA 258 27.32 -78.39 -53.12
N GLY AA 259 27.75 -77.46 -52.27
CA GLY AA 259 29.07 -76.87 -52.36
C GLY AA 259 29.14 -75.51 -53.01
N GLN AA 260 28.07 -75.08 -53.70
CA GLN AA 260 28.08 -73.77 -54.32
C GLN AA 260 27.90 -72.68 -53.27
N VAL AA 261 28.39 -71.49 -53.61
CA VAL AA 261 28.32 -70.32 -52.73
C VAL AA 261 27.57 -69.22 -53.45
N ILE AA 262 26.51 -68.72 -52.82
CA ILE AA 262 25.74 -67.60 -53.36
C ILE AA 262 26.25 -66.31 -52.72
N LYS AA 263 26.60 -65.35 -53.57
CA LYS AA 263 27.18 -64.09 -53.13
C LYS AA 263 26.44 -62.93 -53.80
N PHE AA 264 26.88 -61.72 -53.49
CA PHE AA 264 26.39 -60.53 -54.19
C PHE AA 264 26.84 -60.55 -55.64
N SER AA 265 26.05 -59.91 -56.51
CA SER AA 265 26.42 -59.76 -57.89
C SER AA 265 27.62 -58.83 -58.02
N GLN AA 266 28.44 -59.09 -59.04
CA GLN AA 266 29.68 -58.34 -59.22
C GLN AA 266 29.39 -56.91 -59.67
N GLU AA 267 28.39 -56.72 -60.52
CA GLU AA 267 28.04 -55.38 -60.98
C GLU AA 267 27.13 -54.64 -60.02
N ASP AA 268 26.60 -55.30 -58.99
CA ASP AA 268 25.76 -54.66 -57.98
C ASP AA 268 26.27 -55.09 -56.61
N SER AA 269 27.29 -54.37 -56.12
CA SER AA 269 27.87 -54.64 -54.81
C SER AA 269 28.65 -53.42 -54.33
N GLN BA 791 -15.30 -51.33 48.79
CA GLN BA 791 -15.77 -50.00 49.17
C GLN BA 791 -15.65 -49.02 48.01
N GLN BA 792 -14.46 -49.00 47.39
CA GLN BA 792 -14.21 -48.08 46.29
C GLN BA 792 -14.90 -48.50 44.99
N GLU BA 793 -15.34 -49.75 44.88
CA GLU BA 793 -16.09 -50.17 43.71
C GLU BA 793 -17.52 -49.65 43.73
N ILE BA 794 -18.03 -49.27 44.90
CA ILE BA 794 -19.35 -48.62 44.96
C ILE BA 794 -19.28 -47.21 44.40
N GLN BA 795 -18.20 -46.48 44.70
CA GLN BA 795 -18.04 -45.11 44.19
C GLN BA 795 -17.80 -45.09 42.70
N GLN BA 796 -17.18 -46.14 42.15
CA GLN BA 796 -17.00 -46.22 40.70
C GLN BA 796 -18.31 -46.56 40.01
N ARG BA 797 -19.11 -47.44 40.62
CA ARG BA 797 -20.40 -47.80 40.04
C ARG BA 797 -21.41 -46.66 40.12
N THR BA 798 -21.33 -45.84 41.17
CA THR BA 798 -22.28 -44.75 41.35
C THR BA 798 -22.08 -43.65 40.31
N SER BA 799 -20.83 -43.38 39.93
CA SER BA 799 -20.57 -42.37 38.91
C SER BA 799 -20.99 -42.83 37.52
N ASP BA 800 -20.99 -44.15 37.29
CA ASP BA 800 -21.45 -44.67 36.00
C ASP BA 800 -22.96 -44.57 35.88
N MET BA 801 -23.68 -44.76 36.98
CA MET BA 801 -25.14 -44.68 36.94
C MET BA 801 -25.62 -43.26 36.81
N LEU BA 802 -24.86 -42.29 37.33
CA LEU BA 802 -25.29 -40.90 37.27
C LEU BA 802 -25.13 -40.33 35.86
N THR BA 803 -24.15 -40.83 35.11
CA THR BA 803 -23.99 -40.39 33.73
C THR BA 803 -25.12 -40.91 32.84
N ALA BA 804 -25.53 -42.17 33.05
CA ALA BA 804 -26.61 -42.74 32.27
C ALA BA 804 -27.97 -42.17 32.66
N ALA BA 805 -28.13 -41.81 33.93
CA ALA BA 805 -29.42 -41.26 34.37
C ALA BA 805 -29.62 -39.83 33.88
N THR BA 806 -28.54 -39.08 33.68
CA THR BA 806 -28.64 -37.73 33.16
C THR BA 806 -29.10 -37.73 31.71
N GLN BA 807 -28.60 -38.69 30.91
CA GLN BA 807 -29.02 -38.80 29.52
C GLN BA 807 -30.46 -39.30 29.39
N LEU BA 808 -30.90 -40.14 30.32
CA LEU BA 808 -32.27 -40.66 30.27
C LEU BA 808 -33.28 -39.57 30.62
N VAL BA 809 -32.97 -38.74 31.62
CA VAL BA 809 -33.88 -37.68 32.04
C VAL BA 809 -33.98 -36.59 30.98
N GLN BA 810 -32.85 -36.25 30.36
CA GLN BA 810 -32.81 -35.21 29.34
C GLN BA 810 -33.58 -35.62 28.08
N ASP BA 811 -33.61 -36.91 27.77
CA ASP BA 811 -34.38 -37.39 26.62
C ASP BA 811 -35.88 -37.36 26.87
N TRP BA 812 -36.31 -37.53 28.12
CA TRP BA 812 -37.73 -37.53 28.44
C TRP BA 812 -38.33 -36.12 28.46
N LYS BA 813 -37.49 -35.08 28.58
CA LYS BA 813 -38.01 -33.72 28.60
C LYS BA 813 -38.41 -33.24 27.21
N GLN BA 814 -37.84 -33.81 26.16
CA GLN BA 814 -37.99 -33.29 24.81
C GLN BA 814 -39.36 -33.69 24.23
N VAL BA 815 -40.17 -32.69 23.89
CA VAL BA 815 -41.47 -32.89 23.26
C VAL BA 815 -41.51 -32.03 22.00
N GLU BA 816 -41.75 -32.64 20.85
CA GLU BA 816 -41.73 -31.92 19.59
C GLU BA 816 -43.12 -31.41 19.24
N THR BA 817 -43.14 -30.21 18.66
CA THR BA 817 -44.39 -29.53 18.31
C THR BA 817 -45.07 -30.25 17.15
N GLN BA 818 -46.41 -30.30 17.20
CA GLN BA 818 -47.21 -30.90 16.14
C GLN BA 818 -47.06 -30.15 14.82
N VAL BA 819 -47.27 -30.87 13.72
CA VAL BA 819 -47.12 -30.34 12.38
C VAL BA 819 -48.45 -30.44 11.65
N TYR BA 820 -48.94 -29.32 11.14
CA TYR BA 820 -50.18 -29.25 10.38
C TYR BA 820 -49.86 -29.11 8.89
N THR BA 821 -50.37 -30.03 8.08
CA THR BA 821 -50.12 -30.04 6.65
C THR BA 821 -51.41 -29.76 5.90
N GLU BA 822 -51.40 -28.73 5.07
CA GLU BA 822 -52.55 -28.35 4.25
C GLU BA 822 -52.31 -28.78 2.82
N GLY BA 823 -53.30 -29.41 2.22
CA GLY BA 823 -53.18 -29.94 0.87
C GLY BA 823 -54.23 -29.37 -0.06
N THR BA 824 -53.81 -29.00 -1.26
CA THR BA 824 -54.71 -28.51 -2.29
C THR BA 824 -54.13 -28.76 -3.67
N ARG CA 207 -30.63 -92.97 -25.89
CA ARG CA 207 -31.00 -92.06 -24.82
C ARG CA 207 -30.58 -90.63 -25.13
N ILE CA 208 -30.65 -89.75 -24.13
CA ILE CA 208 -30.27 -88.35 -24.27
C ILE CA 208 -28.92 -88.15 -23.59
N ILE CA 209 -28.02 -87.45 -24.27
CA ILE CA 209 -26.69 -87.17 -23.76
C ILE CA 209 -26.62 -85.72 -23.33
N TYR CA 210 -26.15 -85.48 -22.11
CA TYR CA 210 -26.04 -84.14 -21.55
C TYR CA 210 -24.59 -83.69 -21.55
N TYR CA 211 -24.38 -82.40 -21.77
CA TYR CA 211 -23.05 -81.80 -21.85
C TYR CA 211 -23.00 -80.57 -20.96
N ILE CA 212 -21.83 -80.33 -20.38
CA ILE CA 212 -21.63 -79.17 -19.52
C ILE CA 212 -21.49 -77.92 -20.38
N GLN CA 213 -22.30 -76.90 -20.07
CA GLN CA 213 -22.22 -75.61 -20.73
C GLN CA 213 -21.40 -74.59 -19.95
N ALA CA 214 -21.62 -74.50 -18.64
CA ALA CA 214 -20.81 -73.67 -17.76
C ALA CA 214 -20.89 -74.24 -16.36
N VAL CA 215 -19.81 -74.08 -15.59
CA VAL CA 215 -19.76 -74.61 -14.23
C VAL CA 215 -19.04 -73.60 -13.32
N ILE CA 216 -19.62 -73.35 -12.16
CA ILE CA 216 -19.01 -72.58 -11.09
C ILE CA 216 -19.01 -73.50 -9.87
N PRO CA 217 -18.41 -73.15 -8.74
CA PRO CA 217 -18.65 -73.93 -7.52
C PRO CA 217 -20.11 -73.90 -7.10
N GLY CA 218 -20.67 -75.08 -6.86
CA GLY CA 218 -22.08 -75.21 -6.53
C GLY CA 218 -23.01 -75.60 -7.67
N ARG CA 219 -23.15 -74.77 -8.70
CA ARG CA 219 -24.07 -75.03 -9.79
C ARG CA 219 -23.34 -75.50 -11.04
N ALA CA 220 -24.13 -76.00 -11.98
CA ALA CA 220 -23.66 -76.33 -13.32
C ALA CA 220 -24.83 -76.21 -14.28
N TRP CA 221 -24.59 -75.58 -15.42
CA TRP CA 221 -25.60 -75.43 -16.47
C TRP CA 221 -25.33 -76.47 -17.55
N LEU CA 222 -26.38 -77.20 -17.93
CA LEU CA 222 -26.24 -78.31 -18.88
C LEU CA 222 -27.10 -78.08 -20.10
N ILE CA 223 -26.70 -78.71 -21.21
CA ILE CA 223 -27.45 -78.69 -22.45
C ILE CA 223 -27.58 -80.14 -22.94
N GLY CA 224 -28.74 -80.48 -23.49
CA GLY CA 224 -29.00 -81.81 -23.98
C GLY CA 224 -28.92 -81.90 -25.50
N SER CA 225 -29.04 -83.14 -25.99
CA SER CA 225 -29.09 -83.37 -27.43
C SER CA 225 -30.39 -82.90 -28.05
N ASN CA 226 -31.45 -82.76 -27.25
CA ASN CA 226 -32.71 -82.23 -27.72
C ASN CA 226 -32.78 -80.71 -27.70
N GLY CA 227 -31.70 -80.05 -27.25
CA GLY CA 227 -31.71 -78.62 -27.10
C GLY CA 227 -32.22 -78.12 -25.76
N SER CA 228 -32.64 -79.03 -24.87
CA SER CA 228 -33.13 -78.63 -23.56
C SER CA 228 -31.98 -78.19 -22.68
N THR CA 229 -32.25 -77.19 -21.83
CA THR CA 229 -31.24 -76.63 -20.93
C THR CA 229 -31.68 -76.82 -19.49
N LEU CA 230 -30.73 -77.24 -18.65
CA LEU CA 230 -30.99 -77.49 -17.25
C LEU CA 230 -29.93 -76.81 -16.39
N THR CA 231 -30.24 -76.70 -15.10
CA THR CA 231 -29.26 -76.32 -14.08
C THR CA 231 -29.43 -77.23 -12.89
N VAL CA 232 -28.32 -77.62 -12.27
CA VAL CA 232 -28.32 -78.63 -11.21
C VAL CA 232 -27.48 -78.15 -10.05
N ARG CA 233 -27.76 -78.71 -8.88
CA ARG CA 233 -27.03 -78.46 -7.64
C ARG CA 233 -26.38 -79.77 -7.20
N GLU CA 234 -25.85 -79.76 -5.97
CA GLU CA 234 -25.15 -80.93 -5.43
C GLU CA 234 -26.07 -82.14 -5.31
N GLY CA 235 -27.25 -81.96 -4.73
CA GLY CA 235 -28.23 -83.04 -4.72
C GLY CA 235 -29.40 -82.74 -5.63
N SER CA 236 -29.44 -83.38 -6.80
CA SER CA 236 -30.44 -83.03 -7.79
C SER CA 236 -30.68 -84.22 -8.71
N LYS CA 237 -31.79 -84.16 -9.44
CA LYS CA 237 -32.21 -85.23 -10.34
C LYS CA 237 -31.93 -84.87 -11.79
N ILE CA 238 -31.36 -85.81 -12.52
CA ILE CA 238 -31.17 -85.69 -13.97
C ILE CA 238 -31.91 -86.85 -14.61
N PRO CA 239 -32.80 -86.59 -15.58
CA PRO CA 239 -33.55 -87.69 -16.20
C PRO CA 239 -32.66 -88.55 -17.08
N GLY CA 240 -32.65 -89.85 -16.79
CA GLY CA 240 -31.78 -90.79 -17.47
C GLY CA 240 -30.43 -90.97 -16.83
N TYR CA 241 -30.12 -90.26 -15.77
CA TYR CA 241 -28.84 -90.35 -15.09
C TYR CA 241 -28.94 -90.64 -13.60
N GLY CA 242 -29.95 -90.10 -12.92
CA GLY CA 242 -30.13 -90.37 -11.51
C GLY CA 242 -29.88 -89.17 -10.61
N MET CA 243 -29.07 -89.35 -9.59
CA MET CA 243 -28.77 -88.31 -8.62
C MET CA 243 -27.37 -87.77 -8.87
N VAL CA 244 -27.22 -86.45 -8.79
CA VAL CA 244 -25.90 -85.83 -8.84
C VAL CA 244 -25.14 -86.19 -7.56
N LYS CA 245 -23.93 -86.69 -7.72
CA LYS CA 245 -23.12 -87.13 -6.59
C LYS CA 245 -22.03 -86.14 -6.21
N LEU CA 246 -21.40 -85.51 -7.19
CA LEU CA 246 -20.34 -84.54 -6.93
C LEU CA 246 -20.24 -83.58 -8.11
N ILE CA 247 -20.28 -82.29 -7.82
CA ILE CA 247 -20.00 -81.26 -8.81
C ILE CA 247 -18.59 -80.76 -8.55
N ASP CA 248 -17.68 -81.03 -9.49
CA ASP CA 248 -16.28 -80.67 -9.34
C ASP CA 248 -16.00 -79.58 -10.38
N SER CA 249 -15.86 -78.34 -9.91
CA SER CA 249 -15.85 -77.19 -10.80
C SER CA 249 -14.58 -77.14 -11.64
N LEU CA 250 -13.45 -77.50 -11.05
CA LEU CA 250 -12.23 -77.68 -11.83
C LEU CA 250 -12.36 -78.92 -12.70
N GLN CA 251 -11.68 -78.89 -13.85
CA GLN CA 251 -11.54 -79.97 -14.83
C GLN CA 251 -12.85 -80.37 -15.51
N GLY CA 252 -13.99 -79.75 -15.18
CA GLY CA 252 -15.25 -80.00 -15.87
C GLY CA 252 -15.83 -81.39 -15.75
N ARG CA 253 -15.87 -81.96 -14.55
CA ARG CA 253 -16.43 -83.30 -14.34
C ARG CA 253 -17.56 -83.25 -13.33
N ILE CA 254 -18.63 -83.96 -13.65
CA ILE CA 254 -19.78 -84.13 -12.75
C ILE CA 254 -19.99 -85.62 -12.52
N LEU CA 255 -19.97 -86.03 -11.26
CA LEU CA 255 -20.17 -87.43 -10.90
C LEU CA 255 -21.64 -87.71 -10.66
N THR CA 256 -22.09 -88.88 -11.10
CA THR CA 256 -23.50 -89.24 -11.07
C THR CA 256 -23.63 -90.62 -10.41
N SER CA 257 -24.77 -90.85 -9.75
CA SER CA 257 -25.00 -92.08 -8.98
C SER CA 257 -25.04 -93.33 -9.84
N SER CA 258 -25.34 -93.22 -11.13
CA SER CA 258 -25.35 -94.37 -12.03
C SER CA 258 -23.98 -94.70 -12.57
N GLY CA 259 -22.96 -93.92 -12.26
CA GLY CA 259 -21.61 -94.18 -12.71
C GLY CA 259 -21.17 -93.40 -13.93
N GLN CA 260 -22.10 -92.78 -14.64
CA GLN CA 260 -21.75 -91.99 -15.82
C GLN CA 260 -21.15 -90.65 -15.40
N VAL CA 261 -20.32 -90.10 -16.28
CA VAL CA 261 -19.64 -88.83 -16.04
C VAL CA 261 -20.05 -87.85 -17.13
N ILE CA 262 -20.57 -86.70 -16.71
CA ILE CA 262 -20.96 -85.63 -17.62
C ILE CA 262 -19.81 -84.63 -17.71
N LYS CA 263 -19.36 -84.35 -18.92
CA LYS CA 263 -18.20 -83.50 -19.16
C LYS CA 263 -18.57 -82.45 -20.20
N PHE CA 264 -17.58 -81.62 -20.56
CA PHE CA 264 -17.75 -80.69 -21.65
C PHE CA 264 -17.82 -81.43 -22.97
N SER CA 265 -18.46 -80.82 -23.96
CA SER CA 265 -18.52 -81.40 -25.29
C SER CA 265 -17.16 -81.35 -25.95
N GLN CA 266 -16.88 -82.36 -26.79
CA GLN CA 266 -15.58 -82.47 -27.43
C GLN CA 266 -15.37 -81.39 -28.48
N GLU CA 267 -16.42 -81.06 -29.23
CA GLU CA 267 -16.33 -80.01 -30.24
C GLU CA 267 -16.51 -78.61 -29.67
N ASP CA 268 -16.92 -78.48 -28.42
CA ASP CA 268 -17.11 -77.18 -27.77
C ASP CA 268 -16.41 -77.22 -26.42
N SER CA 269 -15.11 -76.96 -26.42
CA SER CA 269 -14.31 -76.96 -25.20
C SER CA 269 -13.02 -76.18 -25.40
N ARG DA 207 -54.24 -85.56 -0.90
CA ARG DA 207 -54.18 -84.38 -0.04
C ARG DA 207 -53.47 -83.23 -0.74
N ILE DA 208 -53.13 -82.19 0.02
CA ILE DA 208 -52.44 -81.01 -0.47
C ILE DA 208 -51.00 -81.07 -0.01
N ILE DA 209 -50.07 -80.72 -0.91
CA ILE DA 209 -48.64 -80.71 -0.61
C ILE DA 209 -48.19 -79.26 -0.52
N TYR DA 210 -47.53 -78.92 0.58
CA TYR DA 210 -47.04 -77.57 0.82
C TYR DA 210 -45.54 -77.50 0.61
N TYR DA 211 -45.08 -76.37 0.08
CA TYR DA 211 -43.67 -76.16 -0.22
C TYR DA 211 -43.22 -74.83 0.36
N ILE DA 212 -41.96 -74.76 0.75
CA ILE DA 212 -41.39 -73.54 1.30
C ILE DA 212 -41.09 -72.57 0.17
N GLN DA 213 -41.60 -71.34 0.28
CA GLN DA 213 -41.34 -70.29 -0.69
C GLN DA 213 -40.25 -69.32 -0.22
N ALA DA 214 -40.27 -68.92 1.05
CA ALA DA 214 -39.20 -68.14 1.65
C ALA DA 214 -39.22 -68.39 3.15
N VAL DA 215 -38.05 -68.29 3.78
CA VAL DA 215 -37.93 -68.51 5.22
C VAL DA 215 -36.87 -67.58 5.79
N ILE DA 216 -37.21 -66.93 6.90
CA ILE DA 216 -36.27 -66.13 7.70
C ILE DA 216 -36.33 -66.76 9.09
N PRO DA 217 -35.50 -66.34 10.06
CA PRO DA 217 -35.76 -66.76 11.44
C PRO DA 217 -37.10 -66.27 11.94
N GLY DA 218 -37.89 -67.19 12.50
CA GLY DA 218 -39.23 -66.87 12.95
C GLY DA 218 -40.36 -67.25 12.02
N ARG DA 219 -40.42 -66.68 10.82
CA ARG DA 219 -41.53 -66.94 9.91
C ARG DA 219 -41.11 -67.82 8.75
N ALA DA 220 -42.11 -68.31 8.03
CA ALA DA 220 -41.92 -69.03 6.78
C ALA DA 220 -43.13 -68.80 5.91
N TRP DA 221 -42.91 -68.56 4.63
CA TRP DA 221 -43.99 -68.37 3.66
C TRP DA 221 -44.13 -69.65 2.84
N LEU DA 222 -45.35 -70.17 2.75
CA LEU DA 222 -45.61 -71.44 2.09
C LEU DA 222 -46.55 -71.25 0.91
N ILE DA 223 -46.43 -72.16 -0.06
CA ILE DA 223 -47.34 -72.21 -1.20
C ILE DA 223 -47.81 -73.65 -1.35
N GLY DA 224 -49.09 -73.81 -1.72
CA GLY DA 224 -49.67 -75.12 -1.88
C GLY DA 224 -49.83 -75.51 -3.34
N SER DA 225 -50.30 -76.74 -3.55
CA SER DA 225 -50.58 -77.22 -4.90
C SER DA 225 -51.81 -76.56 -5.50
N ASN DA 226 -52.70 -76.01 -4.67
CA ASN DA 226 -53.86 -75.28 -5.16
C ASN DA 226 -53.56 -73.82 -5.44
N GLY DA 227 -52.32 -73.37 -5.21
CA GLY DA 227 -51.96 -71.98 -5.38
C GLY DA 227 -52.19 -71.10 -4.17
N SER DA 228 -52.69 -71.67 -3.07
CA SER DA 228 -52.92 -70.89 -1.86
C SER DA 228 -51.59 -70.59 -1.18
N THR DA 229 -51.48 -69.38 -0.62
CA THR DA 229 -50.27 -68.93 0.04
C THR DA 229 -50.54 -68.71 1.52
N LEU DA 230 -49.64 -69.21 2.36
CA LEU DA 230 -49.77 -69.11 3.80
C LEU DA 230 -48.50 -68.50 4.39
N THR DA 231 -48.61 -68.06 5.64
CA THR DA 231 -47.46 -67.73 6.47
C THR DA 231 -47.66 -68.32 7.85
N VAL DA 232 -46.58 -68.84 8.44
CA VAL DA 232 -46.67 -69.57 9.69
C VAL DA 232 -45.59 -69.08 10.64
N ARG DA 233 -45.83 -69.31 11.93
CA ARG DA 233 -44.90 -68.99 13.01
C ARG DA 233 -44.51 -70.28 13.70
N GLU DA 234 -43.84 -70.15 14.86
CA GLU DA 234 -43.37 -71.31 15.61
C GLU DA 234 -44.53 -72.20 16.08
N GLY DA 235 -45.54 -71.61 16.68
CA GLY DA 235 -46.74 -72.37 17.02
C GLY DA 235 -47.92 -71.98 16.16
N SER DA 236 -48.28 -72.83 15.20
CA SER DA 236 -49.30 -72.46 14.23
C SER DA 236 -49.92 -73.73 13.66
N LYS DA 237 -51.09 -73.56 13.04
CA LYS DA 237 -51.86 -74.66 12.48
C LYS DA 237 -51.69 -74.69 10.97
N ILE DA 238 -51.42 -75.88 10.43
CA ILE DA 238 -51.38 -76.10 8.99
C ILE DA 238 -52.43 -77.16 8.65
N PRO DA 239 -53.35 -76.90 7.71
CA PRO DA 239 -54.40 -77.87 7.42
C PRO DA 239 -53.85 -79.10 6.71
N GLY DA 240 -54.14 -80.27 7.27
CA GLY DA 240 -53.64 -81.53 6.76
C GLY DA 240 -52.28 -81.93 7.27
N TYR DA 241 -51.66 -81.11 8.11
CA TYR DA 241 -50.34 -81.40 8.68
C TYR DA 241 -50.32 -81.37 10.20
N GLY DA 242 -51.06 -80.47 10.83
CA GLY DA 242 -51.08 -80.40 12.26
C GLY DA 242 -50.51 -79.11 12.82
N MET DA 243 -49.55 -79.22 13.72
CA MET DA 243 -48.94 -78.07 14.39
C MET DA 243 -47.48 -77.96 14.02
N VAL DA 244 -47.01 -76.73 13.79
CA VAL DA 244 -45.60 -76.49 13.52
C VAL DA 244 -44.80 -76.75 14.80
N LYS DA 245 -43.77 -77.58 14.69
CA LYS DA 245 -42.96 -77.96 15.83
C LYS DA 245 -41.63 -77.20 15.90
N LEU DA 246 -40.99 -76.97 14.76
CA LEU DA 246 -39.73 -76.25 14.71
C LEU DA 246 -39.56 -75.63 13.32
N ILE DA 247 -39.21 -74.36 13.28
CA ILE DA 247 -38.87 -73.68 12.03
C ILE DA 247 -37.36 -73.53 12.00
N ASP DA 248 -36.73 -74.19 11.04
CA ASP DA 248 -35.27 -74.14 10.87
C ASP DA 248 -35.02 -73.28 9.64
N SER DA 249 -34.52 -72.07 9.87
CA SER DA 249 -34.26 -71.14 8.76
C SER DA 249 -33.10 -71.63 7.90
N LEU DA 250 -32.07 -72.18 8.53
CA LEU DA 250 -31.01 -72.84 7.78
C LEU DA 250 -31.49 -74.19 7.29
N GLN DA 251 -31.04 -74.57 6.09
CA GLN DA 251 -31.29 -75.82 5.36
C GLN DA 251 -32.74 -75.97 4.88
N GLY DA 252 -33.64 -75.04 5.18
CA GLY DA 252 -35.00 -75.06 4.67
C GLY DA 252 -35.87 -76.21 5.10
N ARG DA 253 -35.89 -76.52 6.39
CA ARG DA 253 -36.71 -77.61 6.92
C ARG DA 253 -37.67 -77.09 7.97
N ILE DA 254 -38.91 -77.56 7.92
CA ILE DA 254 -39.93 -77.24 8.91
C ILE DA 254 -40.42 -78.54 9.51
N LEU DA 255 -40.34 -78.66 10.82
CA LEU DA 255 -40.80 -79.84 11.53
C LEU DA 255 -42.27 -79.69 11.92
N THR DA 256 -43.02 -80.77 11.77
CA THR DA 256 -44.46 -80.77 12.00
C THR DA 256 -44.78 -81.90 12.98
N SER DA 257 -45.85 -81.70 13.76
CA SER DA 257 -46.24 -82.64 14.80
C SER DA 257 -46.65 -84.02 14.28
N SER DA 258 -47.07 -84.11 13.02
CA SER DA 258 -47.44 -85.40 12.43
C SER DA 258 -46.24 -86.15 11.87
N GLY DA 259 -45.04 -85.57 11.91
CA GLY DA 259 -43.84 -86.22 11.43
C GLY DA 259 -43.43 -85.84 10.03
N GLN DA 260 -44.30 -85.21 9.25
CA GLN DA 260 -43.95 -84.78 7.90
C GLN DA 260 -43.02 -83.58 7.96
N VAL DA 261 -42.18 -83.45 6.92
CA VAL DA 261 -41.23 -82.36 6.81
C VAL DA 261 -41.55 -81.58 5.55
N ILE DA 262 -41.75 -80.27 5.70
CA ILE DA 262 -42.00 -79.36 4.59
C ILE DA 262 -40.68 -78.72 4.20
N LYS DA 263 -40.32 -78.84 2.92
CA LYS DA 263 -39.04 -78.35 2.42
C LYS DA 263 -39.29 -77.49 1.19
N PHE DA 264 -38.19 -77.04 0.56
CA PHE DA 264 -38.28 -76.35 -0.71
C PHE DA 264 -38.69 -77.32 -1.81
N SER DA 265 -39.28 -76.78 -2.87
CA SER DA 265 -39.65 -77.60 -4.01
C SER DA 265 -38.40 -78.06 -4.76
N GLN DA 266 -38.50 -79.25 -5.36
CA GLN DA 266 -37.35 -79.82 -6.06
C GLN DA 266 -37.04 -79.06 -7.35
N GLU DA 267 -38.07 -78.60 -8.05
CA GLU DA 267 -37.88 -77.84 -9.27
C GLU DA 267 -37.64 -76.36 -9.03
N ASP DA 268 -37.86 -75.87 -7.80
CA ASP DA 268 -37.65 -74.46 -7.46
C ASP DA 268 -36.82 -74.40 -6.18
N SER DA 269 -35.50 -74.48 -6.34
CA SER DA 269 -34.57 -74.42 -5.22
C SER DA 269 -33.17 -74.07 -5.69
N ARG EA 207 -81.61 -40.89 43.84
CA ARG EA 207 -80.85 -39.67 44.04
C ARG EA 207 -79.99 -39.35 42.83
N ILE EA 208 -79.04 -38.42 43.00
CA ILE EA 208 -78.17 -37.97 41.93
C ILE EA 208 -76.76 -38.47 42.22
N ILE EA 209 -76.16 -39.13 41.23
CA ILE EA 209 -74.82 -39.70 41.36
C ILE EA 209 -73.83 -38.73 40.72
N TYR EA 210 -72.78 -38.39 41.45
CA TYR EA 210 -71.75 -37.47 40.98
C TYR EA 210 -70.49 -38.24 40.62
N TYR EA 211 -69.79 -37.75 39.59
CA TYR EA 211 -68.59 -38.38 39.08
C TYR EA 211 -67.48 -37.34 38.94
N ILE EA 212 -66.25 -37.79 39.15
CA ILE EA 212 -65.09 -36.91 39.03
C ILE EA 212 -64.77 -36.71 37.56
N GLN EA 213 -64.68 -35.45 37.14
CA GLN EA 213 -64.30 -35.11 35.78
C GLN EA 213 -62.82 -34.74 35.65
N ALA EA 214 -62.30 -33.92 36.56
CA ALA EA 214 -60.88 -33.60 36.62
C ALA EA 214 -60.54 -33.19 38.04
N VAL EA 215 -59.35 -33.57 38.49
CA VAL EA 215 -58.90 -33.26 39.85
C VAL EA 215 -57.44 -32.83 39.82
N ILE EA 216 -57.14 -31.75 40.53
CA ILE EA 216 -55.78 -31.28 40.78
C ILE EA 216 -55.65 -31.24 42.30
N PRO EA 217 -54.48 -30.96 42.88
CA PRO EA 217 -54.45 -30.64 44.31
C PRO EA 217 -55.25 -29.39 44.64
N GLY EA 218 -56.15 -29.52 45.61
CA GLY EA 218 -57.05 -28.44 45.97
C GLY EA 218 -58.46 -28.52 45.41
N ARG EA 219 -58.63 -28.48 44.09
CA ARG EA 219 -59.95 -28.47 43.50
C ARG EA 219 -60.28 -29.81 42.85
N ALA EA 220 -61.57 -29.98 42.55
CA ALA EA 220 -62.07 -31.10 41.79
C ALA EA 220 -63.31 -30.67 41.04
N TRP EA 221 -63.39 -30.99 39.76
CA TRP EA 221 -64.54 -30.68 38.93
C TRP EA 221 -65.42 -31.92 38.82
N LEU EA 222 -66.71 -31.76 39.11
CA LEU EA 222 -67.64 -32.88 39.12
C LEU EA 222 -68.74 -32.69 38.09
N ILE EA 223 -69.25 -33.81 37.59
CA ILE EA 223 -70.37 -33.82 36.65
C ILE EA 223 -71.42 -34.78 37.18
N GLY EA 224 -72.68 -34.31 37.23
CA GLY EA 224 -73.77 -35.11 37.73
C GLY EA 224 -74.49 -35.89 36.63
N SER EA 225 -75.45 -36.68 37.06
CA SER EA 225 -76.28 -37.44 36.12
C SER EA 225 -77.26 -36.54 35.37
N ASN EA 226 -77.53 -35.33 35.89
CA ASN EA 226 -78.38 -34.38 35.22
C ASN EA 226 -77.65 -33.55 34.17
N GLY EA 227 -76.34 -33.74 34.03
CA GLY EA 227 -75.53 -32.88 33.21
C GLY EA 227 -75.01 -31.65 33.92
N SER EA 228 -75.37 -31.46 35.19
CA SER EA 228 -74.90 -30.31 35.95
C SER EA 228 -73.43 -30.47 36.31
N THR EA 229 -72.70 -29.35 36.28
CA THR EA 229 -71.27 -29.34 36.55
C THR EA 229 -70.99 -28.50 37.78
N LEU EA 230 -70.12 -29.02 38.65
CA LEU EA 230 -69.74 -28.34 39.88
C LEU EA 230 -68.23 -28.31 40.02
N THR EA 231 -67.75 -27.43 40.89
CA THR EA 231 -66.38 -27.45 41.37
C THR EA 231 -66.40 -27.29 42.88
N VAL EA 232 -65.51 -28.01 43.56
CA VAL EA 232 -65.50 -28.07 45.02
C VAL EA 232 -64.08 -27.84 45.54
N ARG EA 233 -64.01 -27.43 46.80
CA ARG EA 233 -62.78 -27.23 47.54
C ARG EA 233 -62.76 -28.21 48.72
N GLU EA 234 -61.81 -28.01 49.64
CA GLU EA 234 -61.65 -28.90 50.78
C GLU EA 234 -62.87 -28.87 51.70
N GLY EA 235 -63.35 -27.69 52.05
CA GLY EA 235 -64.58 -27.58 52.81
C GLY EA 235 -65.72 -27.02 51.98
N SER EA 236 -66.64 -27.87 51.55
CA SER EA 236 -67.66 -27.44 50.60
C SER EA 236 -68.89 -28.33 50.75
N LYS EA 237 -69.99 -27.86 50.18
CA LYS EA 237 -71.28 -28.56 50.24
C LYS EA 237 -71.59 -29.21 48.90
N ILE EA 238 -72.00 -30.47 48.94
CA ILE EA 238 -72.48 -31.20 47.78
C ILE EA 238 -73.92 -31.61 48.06
N PRO EA 239 -74.88 -31.31 47.18
CA PRO EA 239 -76.28 -31.66 47.46
C PRO EA 239 -76.51 -33.15 47.38
N GLY EA 240 -77.03 -33.72 48.47
CA GLY EA 240 -77.23 -35.15 48.57
C GLY EA 240 -76.05 -35.92 49.13
N TYR EA 241 -74.95 -35.24 49.44
CA TYR EA 241 -73.75 -35.90 49.97
C TYR EA 241 -73.27 -35.31 51.28
N GLY EA 242 -73.38 -33.99 51.47
CA GLY EA 242 -72.96 -33.39 52.71
C GLY EA 242 -71.75 -32.49 52.59
N MET EA 243 -70.75 -32.71 53.43
CA MET EA 243 -69.54 -31.89 53.46
C MET EA 243 -68.38 -32.68 52.86
N VAL EA 244 -67.57 -32.00 52.06
CA VAL EA 244 -66.34 -32.59 51.55
C VAL EA 244 -65.36 -32.76 52.70
N LYS EA 245 -64.83 -33.97 52.84
CA LYS EA 245 -63.93 -34.30 53.94
C LYS EA 245 -62.47 -34.32 53.53
N LEU EA 246 -62.16 -34.87 52.35
CA LEU EA 246 -60.79 -34.94 51.86
C LEU EA 246 -60.80 -35.02 50.35
N ILE EA 247 -59.95 -34.24 49.70
CA ILE EA 247 -59.74 -34.31 48.27
C ILE EA 247 -58.38 -34.95 48.05
N ASP EA 248 -58.37 -36.12 47.43
CA ASP EA 248 -57.14 -36.86 47.15
C ASP EA 248 -56.93 -36.77 45.64
N SER EA 249 -55.94 -35.97 45.24
CA SER EA 249 -55.68 -35.77 43.81
C SER EA 249 -55.13 -37.04 43.16
N LEU EA 250 -54.26 -37.75 43.87
CA LEU EA 250 -53.85 -39.08 43.44
C LEU EA 250 -54.99 -40.07 43.69
N GLN EA 251 -55.08 -41.07 42.80
CA GLN EA 251 -56.03 -42.19 42.80
C GLN EA 251 -57.48 -41.78 42.57
N GLY EA 252 -57.80 -40.49 42.46
CA GLY EA 252 -59.14 -40.04 42.13
C GLY EA 252 -60.22 -40.35 43.15
N ARG EA 253 -59.97 -40.09 44.43
CA ARG EA 253 -60.92 -40.38 45.49
C ARG EA 253 -61.27 -39.10 46.25
N ILE EA 254 -62.55 -38.89 46.49
CA ILE EA 254 -63.03 -37.79 47.31
C ILE EA 254 -63.85 -38.37 48.45
N LEU EA 255 -63.44 -38.09 49.68
CA LEU EA 255 -64.16 -38.55 50.86
C LEU EA 255 -65.18 -37.52 51.30
N THR EA 256 -66.34 -38.01 51.72
CA THR EA 256 -67.48 -37.16 52.06
C THR EA 256 -67.93 -37.53 53.48
N SER EA 257 -68.52 -36.55 54.18
CA SER EA 257 -68.92 -36.73 55.58
C SER EA 257 -70.02 -37.77 55.77
N SER EA 258 -70.80 -38.09 54.73
CA SER EA 258 -71.81 -39.13 54.83
C SER EA 258 -71.26 -40.52 54.58
N GLY EA 259 -69.98 -40.66 54.27
CA GLY EA 259 -69.36 -41.95 54.05
C GLY EA 259 -69.26 -42.38 52.61
N GLN EA 260 -69.96 -41.71 51.70
CA GLN EA 260 -69.89 -42.04 50.29
C GLN EA 260 -68.58 -41.54 49.68
N VAL EA 261 -68.12 -42.24 48.64
CA VAL EA 261 -66.88 -41.92 47.95
C VAL EA 261 -67.22 -41.59 46.50
N ILE EA 262 -66.79 -40.42 46.05
CA ILE EA 262 -66.97 -39.99 44.67
C ILE EA 262 -65.68 -40.29 43.91
N LYS EA 263 -65.80 -40.98 42.80
CA LYS EA 263 -64.66 -41.43 42.02
C LYS EA 263 -64.86 -41.06 40.55
N PHE EA 264 -63.94 -41.50 39.71
CA PHE EA 264 -64.11 -41.38 38.27
C PHE EA 264 -65.19 -42.33 37.80
N SER EA 265 -65.77 -42.01 36.64
CA SER EA 265 -66.77 -42.90 36.05
C SER EA 265 -66.11 -44.16 35.52
N GLN EA 266 -66.88 -45.25 35.52
CA GLN EA 266 -66.35 -46.54 35.09
C GLN EA 266 -66.14 -46.57 33.58
N GLU EA 267 -67.03 -45.94 32.82
CA GLU EA 267 -66.91 -45.90 31.37
C GLU EA 267 -66.03 -44.76 30.88
N ASP EA 268 -65.66 -43.82 31.75
CA ASP EA 268 -64.80 -42.70 31.36
C ASP EA 268 -63.67 -42.58 32.39
N SER EA 269 -62.62 -43.37 32.21
CA SER EA 269 -61.45 -43.36 33.09
C SER EA 269 -60.26 -44.02 32.40
N ARG FA 207 -82.34 -8.88 58.17
CA ARG FA 207 -81.29 -7.88 58.02
C ARG FA 207 -80.55 -8.07 56.71
N ILE FA 208 -79.41 -7.38 56.57
CA ILE FA 208 -78.59 -7.42 55.36
C ILE FA 208 -77.33 -8.21 55.67
N ILE FA 209 -77.03 -9.19 54.83
CA ILE FA 209 -75.87 -10.06 55.01
C ILE FA 209 -74.76 -9.58 54.08
N TYR FA 210 -73.58 -9.33 54.63
CA TYR FA 210 -72.44 -8.84 53.88
C TYR FA 210 -71.44 -9.96 53.63
N TYR FA 211 -70.78 -9.90 52.47
CA TYR FA 211 -69.82 -10.91 52.05
C TYR FA 211 -68.55 -10.23 51.57
N ILE FA 212 -67.42 -10.90 51.79
CA ILE FA 212 -66.13 -10.38 51.36
C ILE FA 212 -65.99 -10.59 49.86
N GLN FA 213 -65.67 -9.52 49.14
CA GLN FA 213 -65.42 -9.60 47.70
C GLN FA 213 -63.94 -9.63 47.37
N ALA FA 214 -63.13 -8.79 48.02
CA ALA FA 214 -61.69 -8.83 47.91
C ALA FA 214 -61.09 -8.24 49.18
N VAL FA 215 -59.96 -8.79 49.61
CA VAL FA 215 -59.29 -8.32 50.82
C VAL FA 215 -57.78 -8.29 50.58
N ILE FA 216 -57.16 -7.18 51.00
CA ILE FA 216 -55.70 -7.03 51.04
C ILE FA 216 -55.38 -6.70 52.49
N PRO FA 217 -54.11 -6.63 52.91
CA PRO FA 217 -53.83 -6.04 54.23
C PRO FA 217 -54.27 -4.59 54.31
N GLY FA 218 -55.02 -4.27 55.37
CA GLY FA 218 -55.58 -2.95 55.52
C GLY FA 218 -57.03 -2.76 55.12
N ARG FA 219 -57.37 -2.95 53.85
CA ARG FA 219 -58.72 -2.72 53.38
C ARG FA 219 -59.44 -4.04 53.09
N ALA FA 220 -60.75 -3.94 52.92
CA ALA FA 220 -61.58 -5.04 52.48
C ALA FA 220 -62.77 -4.47 51.72
N TRP FA 221 -63.09 -5.07 50.58
CA TRP FA 221 -64.23 -4.68 49.77
C TRP FA 221 -65.36 -5.66 50.02
N LEU FA 222 -66.56 -5.13 50.30
CA LEU FA 222 -67.70 -5.95 50.65
C LEU FA 222 -68.85 -5.73 49.68
N ILE FA 223 -69.70 -6.75 49.55
CA ILE FA 223 -70.93 -6.67 48.78
C ILE FA 223 -72.06 -7.19 49.66
N GLY FA 224 -73.22 -6.53 49.57
CA GLY FA 224 -74.37 -6.91 50.35
C GLY FA 224 -75.41 -7.67 49.54
N SER FA 225 -76.48 -8.06 50.23
CA SER FA 225 -77.60 -8.72 49.57
C SER FA 225 -78.42 -7.75 48.73
N ASN FA 226 -78.29 -6.44 48.96
CA ASN FA 226 -78.95 -5.43 48.16
C ASN FA 226 -78.19 -5.09 46.90
N GLY FA 227 -76.99 -5.64 46.71
CA GLY FA 227 -76.12 -5.23 45.64
C GLY FA 227 -75.24 -4.04 45.95
N SER FA 228 -75.35 -3.48 47.15
CA SER FA 228 -74.52 -2.35 47.53
C SER FA 228 -73.10 -2.79 47.81
N THR FA 229 -72.15 -1.93 47.47
CA THR FA 229 -70.73 -2.22 47.62
C THR FA 229 -70.10 -1.23 48.60
N LEU FA 230 -69.25 -1.74 49.49
CA LEU FA 230 -68.60 -0.93 50.50
C LEU FA 230 -67.10 -1.27 50.54
N THR FA 231 -66.34 -0.36 51.14
CA THR FA 231 -64.95 -0.61 51.50
C THR FA 231 -64.73 -0.13 52.93
N VAL FA 232 -63.94 -0.90 53.70
CA VAL FA 232 -63.78 -0.67 55.12
C VAL FA 232 -62.31 -0.71 55.50
N ARG FA 233 -61.98 -0.06 56.62
CA ARG FA 233 -60.66 0.01 57.20
C ARG FA 233 -60.70 -0.65 58.59
N GLU FA 234 -59.58 -0.59 59.31
CA GLU FA 234 -59.45 -1.24 60.61
C GLU FA 234 -60.46 -0.69 61.62
N GLY FA 235 -60.61 0.63 61.69
CA GLY FA 235 -61.67 1.19 62.49
C GLY FA 235 -62.75 1.82 61.63
N SER FA 236 -63.88 1.15 61.45
CA SER FA 236 -64.90 1.64 60.53
C SER FA 236 -66.25 1.11 60.96
N LYS FA 237 -67.30 1.71 60.40
CA LYS FA 237 -68.68 1.40 60.75
C LYS FA 237 -69.31 0.57 59.64
N ILE FA 238 -70.04 -0.48 60.02
CA ILE FA 238 -70.82 -1.29 59.10
C ILE FA 238 -72.27 -1.26 59.59
N PRO FA 239 -73.23 -0.90 58.74
CA PRO FA 239 -74.63 -0.83 59.20
C PRO FA 239 -75.20 -2.22 59.45
N GLY FA 240 -75.72 -2.42 60.67
CA GLY FA 240 -76.24 -3.71 61.08
C GLY FA 240 -75.21 -4.64 61.69
N TYR FA 241 -73.95 -4.23 61.76
CA TYR FA 241 -72.89 -5.05 62.33
C TYR FA 241 -72.12 -4.37 63.44
N GLY FA 242 -71.94 -3.05 63.36
CA GLY FA 242 -71.22 -2.34 64.40
C GLY FA 242 -69.90 -1.75 63.94
N MET FA 243 -68.82 -2.11 64.63
CA MET FA 243 -67.50 -1.59 64.37
C MET FA 243 -66.56 -2.72 63.96
N VAL FA 244 -65.73 -2.46 62.95
CA VAL FA 244 -64.71 -3.42 62.55
C VAL FA 244 -63.66 -3.53 63.64
N LYS FA 245 -63.37 -4.77 64.05
CA LYS FA 245 -62.43 -5.04 65.14
C LYS FA 245 -61.09 -5.54 64.63
N LEU FA 246 -61.08 -6.39 63.61
CA LEU FA 246 -59.85 -6.93 63.06
C LEU FA 246 -60.07 -7.33 61.62
N ILE FA 247 -59.23 -6.84 60.73
CA ILE FA 247 -59.20 -7.26 59.33
C ILE FA 247 -58.03 -8.21 59.19
N ASP FA 248 -58.33 -9.47 58.90
CA ASP FA 248 -57.31 -10.52 58.81
C ASP FA 248 -57.29 -10.99 57.37
N SER FA 249 -56.25 -10.57 56.63
CA SER FA 249 -56.23 -10.72 55.17
C SER FA 249 -56.11 -12.17 54.75
N LEU FA 250 -55.31 -12.96 55.46
CA LEU FA 250 -55.29 -14.39 55.25
C LEU FA 250 -56.58 -15.00 55.77
N GLN FA 251 -57.01 -16.09 55.15
CA GLN FA 251 -58.17 -16.93 55.48
C GLN FA 251 -59.52 -16.23 55.29
N GLY FA 252 -59.55 -14.95 54.92
CA GLY FA 252 -60.79 -14.25 54.62
C GLY FA 252 -61.76 -14.06 55.77
N ARG FA 253 -61.28 -13.62 56.93
CA ARG FA 253 -62.14 -13.38 58.09
C ARG FA 253 -62.03 -11.94 58.53
N ILE FA 254 -63.18 -11.34 58.85
CA ILE FA 254 -63.26 -10.00 59.42
C ILE FA 254 -63.99 -10.09 60.74
N LEU FA 255 -63.35 -9.63 61.82
CA LEU FA 255 -63.96 -9.64 63.14
C LEU FA 255 -64.72 -8.34 63.37
N THR FA 256 -65.90 -8.46 64.00
CA THR FA 256 -66.78 -7.32 64.20
C THR FA 256 -67.12 -7.25 65.68
N SER FA 257 -67.39 -6.03 66.18
CA SER FA 257 -67.61 -5.78 67.60
C SER FA 257 -68.87 -6.45 68.14
N SER FA 258 -69.84 -6.78 67.30
CA SER FA 258 -71.04 -7.47 67.74
C SER FA 258 -70.87 -8.98 67.80
N GLY FA 259 -69.71 -9.50 67.39
CA GLY FA 259 -69.43 -10.92 67.44
C GLY FA 259 -69.62 -11.66 66.14
N GLN FA 260 -70.27 -11.05 65.14
CA GLN FA 260 -70.46 -11.70 63.85
C GLN FA 260 -69.16 -11.69 63.06
N VAL FA 261 -69.03 -12.66 62.17
CA VAL FA 261 -67.84 -12.82 61.32
C VAL FA 261 -68.28 -12.71 59.87
N ILE FA 262 -67.66 -11.79 59.13
CA ILE FA 262 -67.92 -11.61 57.70
C ILE FA 262 -66.86 -12.38 56.94
N LYS FA 263 -67.29 -13.26 56.04
CA LYS FA 263 -66.41 -14.14 55.30
C LYS FA 263 -66.77 -14.10 53.83
N PHE FA 264 -66.05 -14.89 53.03
CA PHE FA 264 -66.40 -15.07 51.63
C PHE FA 264 -67.70 -15.85 51.51
N SER FA 265 -68.43 -15.62 50.42
CA SER FA 265 -69.64 -16.37 50.15
C SER FA 265 -69.29 -17.80 49.74
N GLN FA 266 -70.21 -18.72 50.02
CA GLN FA 266 -69.96 -20.13 49.75
C GLN FA 266 -69.99 -20.43 48.25
N GLU FA 267 -70.86 -19.74 47.51
CA GLU FA 267 -70.95 -19.96 46.07
C GLU FA 267 -69.91 -19.17 45.28
N ASP FA 268 -69.21 -18.23 45.91
CA ASP FA 268 -68.16 -17.45 45.26
C ASP FA 268 -66.93 -17.45 46.17
N SER FA 269 -66.13 -18.51 46.07
CA SER FA 269 -64.90 -18.65 46.86
C SER FA 269 -63.97 -19.67 46.24
N ARG GA 207 -73.98 24.28 64.64
CA ARG GA 207 -72.77 24.98 64.19
C ARG GA 207 -72.24 24.38 62.90
N ILE GA 208 -71.02 24.75 62.53
CA ILE GA 208 -70.38 24.30 61.30
C ILE GA 208 -69.28 23.32 61.66
N ILE GA 209 -69.33 22.12 61.09
CA ILE GA 209 -68.37 21.05 61.35
C ILE GA 209 -67.33 21.07 60.26
N TYR GA 210 -66.06 21.10 60.65
CA TYR GA 210 -64.95 21.12 59.71
C TYR GA 210 -64.27 19.75 59.65
N TYR GA 211 -63.76 19.40 58.47
CA TYR GA 211 -63.12 18.13 58.22
C TYR GA 211 -61.80 18.36 57.52
N ILE GA 212 -60.83 17.50 57.81
CA ILE GA 212 -59.52 17.58 57.18
C ILE GA 212 -59.61 17.03 55.76
N GLN GA 213 -59.15 17.83 54.79
CA GLN GA 213 -59.10 17.40 53.40
C GLN GA 213 -57.72 16.92 52.99
N ALA GA 214 -56.66 17.64 53.37
CA ALA GA 214 -55.29 17.20 53.18
C ALA GA 214 -54.42 17.86 54.23
N VAL GA 215 -53.34 17.18 54.61
CA VAL GA 215 -52.44 17.68 55.64
C VAL GA 215 -51.01 17.30 55.31
N ILE GA 216 -50.10 18.26 55.42
CA ILE GA 216 -48.66 18.05 55.32
C ILE GA 216 -48.10 18.60 56.64
N PRO GA 217 -46.80 18.45 56.94
CA PRO GA 217 -46.23 19.21 58.05
C PRO GA 217 -46.33 20.71 57.81
N GLY GA 218 -46.86 21.43 58.80
CA GLY GA 218 -47.10 22.86 58.68
C GLY GA 218 -48.53 23.26 58.35
N ARG GA 219 -49.05 22.89 57.18
CA ARG GA 219 -50.37 23.33 56.76
C ARG GA 219 -51.38 22.21 56.86
N ALA GA 220 -52.65 22.60 56.74
CA ALA GA 220 -53.76 21.67 56.63
C ALA GA 220 -54.89 22.35 55.88
N TRP GA 221 -55.47 21.65 54.91
CA TRP GA 221 -56.59 22.16 54.14
C TRP GA 221 -57.88 21.58 54.70
N LEU GA 222 -58.85 22.44 54.98
CA LEU GA 222 -60.10 22.03 55.61
C LEU GA 222 -61.27 22.29 54.70
N ILE GA 223 -62.33 21.50 54.87
CA ILE GA 223 -63.59 21.69 54.18
C ILE GA 223 -64.71 21.70 55.22
N GLY GA 224 -65.71 22.56 55.03
CA GLY GA 224 -66.80 22.68 55.95
C GLY GA 224 -68.08 22.06 55.42
N SER GA 225 -69.12 22.09 56.25
CA SER GA 225 -70.43 21.62 55.85
C SER GA 225 -71.10 22.55 54.86
N ASN GA 226 -70.66 23.80 54.78
CA ASN GA 226 -71.16 24.75 53.80
C ASN GA 226 -70.51 24.60 52.44
N GLY GA 227 -69.50 23.74 52.31
CA GLY GA 227 -68.69 23.67 51.12
C GLY GA 227 -67.54 24.65 51.09
N SER GA 228 -67.39 25.47 52.11
CA SER GA 228 -66.29 26.43 52.17
C SER GA 228 -64.98 25.73 52.46
N THR GA 229 -63.91 26.23 51.86
CA THR GA 229 -62.58 25.65 52.01
C THR GA 229 -61.64 26.65 52.67
N LEU GA 230 -60.81 26.16 53.59
CA LEU GA 230 -59.84 26.97 54.30
C LEU GA 230 -58.49 26.27 54.29
N THR GA 231 -57.45 27.04 54.62
CA THR GA 231 -56.15 26.50 54.94
C THR GA 231 -55.64 27.18 56.20
N VAL GA 232 -54.94 26.42 57.05
CA VAL GA 232 -54.55 26.89 58.37
C VAL GA 232 -53.08 26.57 58.61
N ARG GA 233 -52.48 27.34 59.52
CA ARG GA 233 -51.11 27.13 59.97
C ARG GA 233 -51.14 26.81 61.47
N GLU GA 234 -49.95 26.82 62.08
CA GLU GA 234 -49.82 26.48 63.50
C GLU GA 234 -50.57 27.46 64.39
N GLY GA 235 -50.38 28.76 64.17
CA GLY GA 235 -51.17 29.74 64.88
C GLY GA 235 -52.18 30.42 63.97
N SER GA 236 -53.45 30.03 64.08
CA SER GA 236 -54.45 30.52 63.14
C SER GA 236 -55.82 30.47 63.78
N LYS GA 237 -56.76 31.20 63.18
CA LYS GA 237 -58.12 31.31 63.67
C LYS GA 237 -59.06 30.47 62.82
N ILE GA 238 -59.91 29.68 63.49
CA ILE GA 238 -60.98 28.93 62.86
C ILE GA 238 -62.29 29.43 63.44
N PRO GA 239 -63.26 29.85 62.62
CA PRO GA 239 -64.51 30.39 63.16
C PRO GA 239 -65.36 29.29 63.81
N GLY GA 240 -65.74 29.51 65.06
CA GLY GA 240 -66.45 28.54 65.84
C GLY GA 240 -65.59 27.54 66.58
N TYR GA 241 -64.27 27.63 66.44
CA TYR GA 241 -63.35 26.71 67.09
C TYR GA 241 -62.30 27.40 67.92
N GLY GA 242 -61.79 28.55 67.47
CA GLY GA 242 -60.79 29.27 68.24
C GLY GA 242 -59.42 29.31 67.59
N MET GA 243 -58.39 28.95 68.34
CA MET GA 243 -57.01 28.98 67.88
C MET GA 243 -56.52 27.56 67.62
N VAL GA 244 -55.80 27.37 66.52
CA VAL GA 244 -55.12 26.10 66.28
C VAL GA 244 -54.00 25.94 67.28
N LYS GA 245 -53.95 24.79 67.95
CA LYS GA 245 -52.98 24.54 69.00
C LYS GA 245 -51.85 23.62 68.53
N LEU GA 246 -52.16 22.61 67.73
CA LEU GA 246 -51.15 21.68 67.22
C LEU GA 246 -51.66 21.06 65.93
N ILE GA 247 -50.84 21.10 64.89
CA ILE GA 247 -51.11 20.39 63.65
C ILE GA 247 -50.20 19.17 63.65
N ASP GA 248 -50.81 18.00 63.72
CA ASP GA 248 -50.08 16.74 63.79
C ASP GA 248 -50.35 16.01 62.47
N SER GA 249 -49.34 15.99 61.60
CA SER GA 249 -49.55 15.56 60.22
C SER GA 249 -49.82 14.07 60.12
N LEU GA 250 -49.15 13.27 60.94
CA LEU GA 250 -49.50 11.86 61.05
C LEU GA 250 -50.83 11.73 61.79
N GLN GA 251 -51.57 10.66 61.46
CA GLN GA 251 -52.84 10.24 62.05
C GLN GA 251 -54.01 11.21 61.84
N GLY GA 252 -53.79 12.34 61.17
CA GLY GA 252 -54.86 13.26 60.82
C GLY GA 252 -55.59 13.93 61.98
N ARG GA 253 -54.85 14.46 62.94
CA ARG GA 253 -55.45 15.13 64.10
C ARG GA 253 -54.96 16.57 64.20
N ILE GA 254 -55.90 17.48 64.44
CA ILE GA 254 -55.60 18.89 64.70
C ILE GA 254 -56.18 19.25 66.06
N LEU GA 255 -55.33 19.76 66.95
CA LEU GA 255 -55.76 20.18 68.28
C LEU GA 255 -56.17 21.65 68.25
N THR GA 256 -57.24 21.97 68.97
CA THR GA 256 -57.80 23.31 68.98
C THR GA 256 -57.91 23.77 70.42
N SER GA 257 -57.81 25.09 70.62
CA SER GA 257 -57.81 25.69 71.96
C SER GA 257 -59.11 25.49 72.73
N SER GA 258 -60.22 25.24 72.04
CA SER GA 258 -61.49 24.99 72.71
C SER GA 258 -61.68 23.54 73.09
N GLY GA 259 -60.72 22.66 72.76
CA GLY GA 259 -60.78 21.27 73.13
C GLY GA 259 -61.31 20.33 72.06
N GLN GA 260 -61.91 20.86 71.00
CA GLN GA 260 -62.41 20.02 69.92
C GLN GA 260 -61.24 19.54 69.05
N VAL GA 261 -61.44 18.41 68.39
CA VAL GA 261 -60.45 17.81 67.52
C VAL GA 261 -61.03 17.69 66.11
N ILE GA 262 -60.33 18.25 65.13
CA ILE GA 262 -60.72 18.16 63.73
C ILE GA 262 -59.97 16.99 63.11
N LYS GA 263 -60.70 16.09 62.47
CA LYS GA 263 -60.14 14.88 61.89
C LYS GA 263 -60.64 14.72 60.47
N PHE GA 264 -60.25 13.61 59.84
CA PHE GA 264 -60.77 13.25 58.53
C PHE GA 264 -62.25 12.86 58.66
N SER GA 265 -62.97 13.00 57.55
CA SER GA 265 -64.35 12.58 57.52
C SER GA 265 -64.44 11.05 57.54
N GLN GA 266 -65.52 10.54 58.13
CA GLN GA 266 -65.67 9.10 58.27
C GLN GA 266 -65.96 8.42 56.93
N GLU GA 267 -66.74 9.09 56.07
CA GLU GA 267 -67.05 8.53 54.76
C GLU GA 267 -65.98 8.83 53.72
N ASP GA 268 -65.02 9.69 54.03
CA ASP GA 268 -63.93 10.04 53.11
C ASP GA 268 -62.62 9.95 53.88
N SER GA 269 -62.08 8.74 53.96
CA SER GA 269 -60.81 8.48 54.65
C SER GA 269 -60.20 7.17 54.19
N ARG HA 207 -34.75 79.67 51.91
CA ARG HA 207 -33.57 79.41 51.10
C ARG HA 207 -33.78 78.18 50.21
N ILE HA 208 -32.70 77.67 49.63
CA ILE HA 208 -32.74 76.55 48.71
C ILE HA 208 -32.08 75.35 49.40
N ILE HA 209 -32.78 74.22 49.43
CA ILE HA 209 -32.31 73.01 50.08
C ILE HA 209 -31.72 72.10 49.01
N TYR HA 210 -30.50 71.63 49.23
CA TYR HA 210 -29.81 70.75 48.30
C TYR HA 210 -29.80 69.32 48.82
N TYR HA 211 -29.87 68.37 47.90
CA TYR HA 211 -29.89 66.95 48.21
C TYR HA 211 -28.87 66.22 47.37
N ILE HA 212 -28.29 65.16 47.94
CA ILE HA 212 -27.32 64.34 47.22
C ILE HA 212 -28.06 63.43 46.26
N GLN HA 213 -27.65 63.45 44.99
CA GLN HA 213 -28.20 62.56 43.97
C GLN HA 213 -27.31 61.36 43.69
N ALA HA 214 -25.99 61.57 43.61
CA ALA HA 214 -25.02 60.49 43.50
C ALA HA 214 -23.69 60.98 44.04
N VAL HA 215 -22.97 60.07 44.70
CA VAL HA 215 -21.67 60.40 45.28
C VAL HA 215 -20.69 59.25 45.03
N ILE HA 216 -19.48 59.61 44.64
CA ILE HA 216 -18.35 58.69 44.52
C ILE HA 216 -17.24 59.29 45.37
N PRO HA 217 -16.10 58.63 45.57
CA PRO HA 217 -14.93 59.35 46.13
C PRO HA 217 -14.49 60.48 45.22
N GLY HA 218 -14.33 61.66 45.80
CA GLY HA 218 -13.97 62.85 45.05
C GLY HA 218 -15.11 63.78 44.69
N ARG HA 219 -16.08 63.34 43.89
CA ARG HA 219 -17.15 64.19 43.43
C ARG HA 219 -18.47 63.84 44.11
N ALA HA 220 -19.45 64.72 43.94
CA ALA HA 220 -20.81 64.48 44.36
C ALA HA 220 -21.74 65.27 43.44
N TRP HA 221 -22.83 64.66 43.02
CA TRP HA 221 -23.83 65.30 42.18
C TRP HA 221 -25.01 65.70 43.04
N LEU HA 222 -25.38 66.98 43.00
CA LEU HA 222 -26.44 67.50 43.84
C LEU HA 222 -27.62 67.98 43.00
N ILE HA 223 -28.80 67.99 43.61
CA ILE HA 223 -30.00 68.53 43.02
C ILE HA 223 -30.63 69.49 44.03
N GLY HA 224 -31.34 70.50 43.53
CA GLY HA 224 -31.95 71.50 44.38
C GLY HA 224 -33.47 71.44 44.34
N SER HA 225 -34.07 72.31 45.15
CA SER HA 225 -35.53 72.44 45.14
C SER HA 225 -36.03 73.14 43.89
N ASN HA 226 -35.17 73.88 43.20
CA ASN HA 226 -35.51 74.52 41.94
C ASN HA 226 -35.42 73.57 40.75
N GLY HA 227 -34.92 72.35 40.96
CA GLY HA 227 -34.60 71.46 39.87
C GLY HA 227 -33.22 71.64 39.29
N SER HA 228 -32.45 72.59 39.79
CA SER HA 228 -31.10 72.82 39.30
C SER HA 228 -30.16 71.72 39.78
N THR HA 229 -29.17 71.39 38.95
CA THR HA 229 -28.22 70.33 39.23
C THR HA 229 -26.82 70.89 39.33
N LEU HA 230 -26.05 70.39 40.28
CA LEU HA 230 -24.67 70.81 40.50
C LEU HA 230 -23.76 69.61 40.66
N THR HA 231 -22.47 69.85 40.47
CA THR HA 231 -21.44 68.89 40.85
C THR HA 231 -20.33 69.64 41.59
N VAL HA 232 -19.83 69.03 42.66
CA VAL HA 232 -18.90 69.71 43.57
C VAL HA 232 -17.71 68.80 43.84
N ARG HA 233 -16.60 69.43 44.23
CA ARG HA 233 -15.36 68.77 44.59
C ARG HA 233 -15.06 69.09 46.07
N GLU HA 234 -13.84 68.73 46.50
CA GLU HA 234 -13.43 68.91 47.89
C GLU HA 234 -13.43 70.38 48.30
N GLY HA 235 -12.88 71.25 47.46
CA GLY HA 235 -13.01 72.68 47.69
C GLY HA 235 -13.81 73.35 46.59
N SER HA 236 -15.05 73.74 46.90
CA SER HA 236 -15.96 74.18 45.85
C SER HA 236 -16.97 75.17 46.42
N LYS HA 237 -17.66 75.84 45.51
CA LYS HA 237 -18.62 76.89 45.85
C LYS HA 237 -20.01 76.27 45.89
N ILE HA 238 -20.76 76.53 46.95
CA ILE HA 238 -22.19 76.21 47.01
C ILE HA 238 -22.92 77.48 47.43
N PRO HA 239 -23.91 77.94 46.65
CA PRO HA 239 -24.64 79.16 47.04
C PRO HA 239 -25.59 78.88 48.20
N GLY HA 240 -25.47 79.70 49.25
CA GLY HA 240 -26.31 79.56 50.42
C GLY HA 240 -25.79 78.60 51.47
N TYR HA 241 -24.66 77.95 51.23
CA TYR HA 241 -24.07 77.03 52.18
C TYR HA 241 -22.64 77.37 52.56
N GLY HA 242 -21.84 77.86 51.62
CA GLY HA 242 -20.47 78.20 51.92
C GLY HA 242 -19.45 77.31 51.24
N MET HA 243 -18.51 76.78 52.01
CA MET HA 243 -17.39 76.02 51.46
C MET HA 243 -17.61 74.53 51.70
N VAL HA 244 -17.26 73.72 50.71
CA VAL HA 244 -17.23 72.27 50.94
C VAL HA 244 -16.05 71.94 51.83
N LYS HA 245 -16.29 71.22 52.91
CA LYS HA 245 -15.27 70.90 53.89
C LYS HA 245 -14.82 69.45 53.81
N LEU HA 246 -15.75 68.53 53.58
CA LEU HA 246 -15.41 67.11 53.46
C LEU HA 246 -16.48 66.43 52.62
N ILE HA 247 -16.05 65.69 51.60
CA ILE HA 247 -16.93 64.82 50.84
C ILE HA 247 -16.64 63.40 51.31
N ASP HA 248 -17.61 62.78 51.98
CA ASP HA 248 -17.45 61.47 52.57
C ASP HA 248 -18.38 60.53 51.80
N SER HA 249 -17.79 59.69 50.95
CA SER HA 249 -18.56 58.93 49.97
C SER HA 249 -19.43 57.86 50.64
N LEU HA 250 -18.90 57.21 51.68
CA LEU HA 250 -19.72 56.34 52.49
C LEU HA 250 -20.71 57.16 53.31
N GLN HA 251 -21.88 56.58 53.57
CA GLN HA 251 -22.97 57.10 54.40
C GLN HA 251 -23.64 58.36 53.84
N GLY HA 252 -23.19 58.91 52.72
CA GLY HA 252 -23.85 60.02 52.06
C GLY HA 252 -23.91 61.33 52.82
N ARG HA 253 -22.78 61.77 53.39
CA ARG HA 253 -22.72 63.02 54.13
C ARG HA 253 -21.69 63.95 53.50
N ILE HA 254 -22.04 65.22 53.39
CA ILE HA 254 -21.13 66.27 52.93
C ILE HA 254 -21.08 67.34 54.00
N LEU HA 255 -19.88 67.62 54.50
CA LEU HA 255 -19.69 68.64 55.52
C LEU HA 255 -19.45 69.99 54.87
N THR HA 256 -20.04 71.03 55.47
CA THR HA 256 -20.00 72.38 54.92
C THR HA 256 -19.50 73.32 56.00
N SER HA 257 -18.82 74.40 55.57
CA SER HA 257 -18.16 75.32 56.49
C SER HA 257 -19.13 76.09 57.37
N SER HA 258 -20.40 76.23 56.98
CA SER HA 258 -21.39 76.89 57.81
C SER HA 258 -22.04 75.95 58.83
N GLY HA 259 -21.70 74.67 58.81
CA GLY HA 259 -22.21 73.72 59.77
C GLY HA 259 -23.34 72.84 59.27
N GLN HA 260 -23.96 73.18 58.14
CA GLN HA 260 -25.04 72.36 57.60
C GLN HA 260 -24.48 71.10 56.96
N VAL HA 261 -25.31 70.06 56.93
CA VAL HA 261 -24.95 68.77 56.36
C VAL HA 261 -25.92 68.45 55.23
N ILE HA 262 -25.38 68.18 54.04
CA ILE HA 262 -26.17 67.80 52.89
C ILE HA 262 -26.18 66.28 52.80
N LYS HA 263 -27.38 65.69 52.73
CA LYS HA 263 -27.55 64.25 52.72
C LYS HA 263 -28.48 63.87 51.58
N PHE HA 264 -28.76 62.57 51.47
CA PHE HA 264 -29.78 62.09 50.55
C PHE HA 264 -31.16 62.55 50.99
N SER HA 265 -32.06 62.68 50.02
CA SER HA 265 -33.45 62.99 50.34
C SER HA 265 -34.11 61.82 51.04
N GLN HA 266 -35.06 62.14 51.93
CA GLN HA 266 -35.72 61.11 52.73
C GLN HA 266 -36.63 60.23 51.87
N GLU HA 267 -37.33 60.84 50.90
CA GLU HA 267 -38.21 60.07 50.04
C GLU HA 267 -37.48 59.40 48.88
N ASP HA 268 -36.21 59.73 48.65
CA ASP HA 268 -35.41 59.11 47.59
C ASP HA 268 -34.08 58.68 48.21
N SER HA 269 -34.07 57.51 48.84
CA SER HA 269 -32.87 56.94 49.44
C SER HA 269 -33.03 55.44 49.63
N ARG IA 207 -8.81 94.80 34.27
CA ARG IA 207 -7.84 94.13 33.42
C ARG IA 207 -8.40 92.84 32.85
N ILE IA 208 -7.53 92.02 32.27
CA ILE IA 208 -7.90 90.76 31.65
C ILE IA 208 -7.44 89.63 32.55
N ILE IA 209 -8.37 88.73 32.89
CA ILE IA 209 -8.10 87.60 33.77
C ILE IA 209 -7.87 86.36 32.90
N TYR IA 210 -6.78 85.65 33.17
CA TYR IA 210 -6.42 84.46 32.41
C TYR IA 210 -6.65 83.21 33.25
N TYR IA 211 -7.05 82.12 32.59
CA TYR IA 211 -7.36 80.87 33.25
C TYR IA 211 -6.66 79.74 32.53
N ILE IA 212 -6.26 78.72 33.29
CA ILE IA 212 -5.59 77.56 32.72
C ILE IA 212 -6.64 76.67 32.04
N GLN IA 213 -6.40 76.34 30.78
CA GLN IA 213 -7.26 75.44 30.03
C GLN IA 213 -6.71 74.01 29.98
N ALA IA 214 -5.41 73.85 29.77
CA ALA IA 214 -4.75 72.56 29.87
C ALA IA 214 -3.28 72.80 30.20
N VAL IA 215 -2.69 71.87 30.93
CA VAL IA 215 -1.29 71.98 31.33
C VAL IA 215 -0.64 70.60 31.29
N ILE IA 216 0.54 70.53 30.69
CA ILE IA 216 1.41 69.35 30.71
C ILE IA 216 2.72 69.85 31.31
N PRO IA 217 3.71 68.99 31.60
CA PRO IA 217 5.05 69.53 31.89
C PRO IA 217 5.63 70.30 30.71
N GLY IA 218 6.10 71.51 30.99
CA GLY IA 218 6.60 72.39 29.96
C GLY IA 218 5.65 73.47 29.47
N ARG IA 219 4.52 73.11 28.88
CA ARG IA 219 3.61 74.09 28.31
C ARG IA 219 2.36 74.24 29.16
N ALA IA 220 1.60 75.29 28.84
CA ALA IA 220 0.30 75.54 29.43
C ALA IA 220 -0.53 76.33 28.44
N TRP IA 221 -1.77 75.90 28.20
CA TRP IA 221 -2.68 76.59 27.32
C TRP IA 221 -3.64 77.44 28.15
N LEU IA 222 -3.71 78.73 27.84
CA LEU IA 222 -4.49 79.68 28.63
C LEU IA 222 -5.62 80.27 27.80
N ILE IA 223 -6.69 80.66 28.49
CA ILE IA 223 -7.83 81.33 27.89
C ILE IA 223 -8.15 82.57 28.72
N GLY IA 224 -8.42 83.68 28.04
CA GLY IA 224 -8.72 84.92 28.70
C GLY IA 224 -10.21 85.22 28.75
N SER IA 225 -10.54 86.34 29.39
CA SER IA 225 -11.92 86.79 29.45
C SER IA 225 -12.41 87.34 28.12
N ASN IA 226 -11.49 87.70 27.22
CA ASN IA 226 -11.85 88.15 25.89
C ASN IA 226 -12.08 87.01 24.91
N GLY IA 227 -11.86 85.77 25.34
CA GLY IA 227 -11.89 84.63 24.44
C GLY IA 227 -10.58 84.34 23.74
N SER IA 228 -9.55 85.16 23.98
CA SER IA 228 -8.25 84.93 23.36
C SER IA 228 -7.55 83.74 23.99
N THR IA 229 -6.85 82.97 23.17
CA THR IA 229 -6.16 81.77 23.60
C THR IA 229 -4.66 81.93 23.40
N LEU IA 230 -3.89 81.57 24.43
CA LEU IA 230 -2.44 81.65 24.38
C LEU IA 230 -1.85 80.30 24.79
N THR IA 231 -0.58 80.11 24.44
CA THR IA 231 0.23 79.03 24.99
C THR IA 231 1.55 79.62 25.47
N VAL IA 232 2.06 79.12 26.60
CA VAL IA 232 3.23 79.69 27.23
C VAL IA 232 4.20 78.59 27.61
N ARG IA 233 5.47 78.99 27.74
CA ARG IA 233 6.56 78.13 28.18
C ARG IA 233 7.15 78.72 29.46
N GLU IA 234 8.31 78.20 29.87
CA GLU IA 234 8.92 78.55 31.16
C GLU IA 234 9.28 80.03 31.24
N GLY IA 235 9.96 80.55 30.22
CA GLY IA 235 10.21 81.98 30.18
C GLY IA 235 9.42 82.66 29.08
N SER IA 236 8.32 83.32 29.44
CA SER IA 236 7.44 83.86 28.42
C SER IA 236 6.72 85.08 28.95
N LYS IA 237 6.16 85.86 28.03
CA LYS IA 237 5.49 87.11 28.34
C LYS IA 237 3.98 86.92 28.32
N ILE IA 238 3.31 87.42 29.34
CA ILE IA 238 1.85 87.45 29.41
C ILE IA 238 1.44 88.91 29.57
N PRO IA 239 0.54 89.43 28.73
CA PRO IA 239 0.17 90.85 28.84
C PRO IA 239 -0.66 91.12 30.08
N GLY IA 240 -0.18 92.06 30.90
CA GLY IA 240 -0.80 92.37 32.16
C GLY IA 240 -0.31 91.55 33.33
N TYR IA 241 0.60 90.61 33.11
CA TYR IA 241 1.12 89.76 34.16
C TYR IA 241 2.64 89.79 34.28
N GLY IA 242 3.35 89.87 33.16
CA GLY IA 242 4.80 89.94 33.20
C GLY IA 242 5.50 88.71 32.64
N MET IA 243 6.42 88.14 33.40
CA MET IA 243 7.20 86.99 33.00
C MET IA 243 6.72 85.75 33.74
N VAL IA 244 6.61 84.63 33.02
CA VAL IA 244 6.33 83.35 33.67
C VAL IA 244 7.53 82.93 34.49
N LYS IA 245 7.29 82.59 35.75
CA LYS IA 245 8.35 82.22 36.68
C LYS IA 245 8.45 80.71 36.88
N LEU IA 246 7.32 80.02 36.97
CA LEU IA 246 7.31 78.58 37.18
C LEU IA 246 6.02 78.01 36.63
N ILE IA 247 6.13 76.99 35.79
CA ILE IA 247 4.98 76.20 35.35
C ILE IA 247 5.01 74.90 36.13
N ASP IA 248 4.02 74.70 36.98
CA ASP IA 248 3.96 73.53 37.86
C ASP IA 248 2.76 72.71 37.40
N SER IA 249 3.04 71.59 36.72
CA SER IA 249 2.01 70.86 36.00
C SER IA 249 1.02 70.19 36.94
N LEU IA 250 1.50 69.66 38.06
CA LEU IA 250 0.61 69.19 39.10
C LEU IA 250 -0.03 70.39 39.80
N GLN IA 251 -1.26 70.18 40.30
CA GLN IA 251 -2.08 71.12 41.07
C GLN IA 251 -2.55 72.34 40.29
N GLY IA 252 -2.15 72.52 39.03
CA GLY IA 252 -2.64 73.59 38.19
C GLY IA 252 -2.29 75.01 38.62
N ARG IA 253 -1.03 75.26 38.95
CA ARG IA 253 -0.58 76.58 39.37
C ARG IA 253 0.53 77.08 38.46
N ILE IA 254 0.45 78.35 38.08
CA ILE IA 254 1.49 79.03 37.32
C ILE IA 254 1.92 80.26 38.10
N LEU IA 255 3.20 80.35 38.42
CA LEU IA 255 3.75 81.49 39.14
C LEU IA 255 4.24 82.54 38.17
N THR IA 256 4.00 83.81 38.52
CA THR IA 256 4.30 84.93 37.64
C THR IA 256 5.15 85.93 38.41
N SER IA 257 5.98 86.69 37.69
CA SER IA 257 6.93 87.62 38.30
C SER IA 257 6.25 88.77 39.03
N SER IA 258 5.00 89.09 38.72
CA SER IA 258 4.27 90.13 39.43
C SER IA 258 3.61 89.63 40.70
N GLY IA 259 3.70 88.34 40.99
CA GLY IA 259 3.12 87.77 42.20
C GLY IA 259 1.77 87.13 42.03
N GLN IA 260 1.09 87.38 40.90
CA GLN IA 260 -0.21 86.77 40.66
C GLN IA 260 -0.06 85.31 40.30
N VAL IA 261 -1.09 84.52 40.60
CA VAL IA 261 -1.12 83.09 40.34
C VAL IA 261 -2.27 82.80 39.39
N ILE IA 262 -1.96 82.15 38.27
CA ILE IA 262 -2.96 81.73 37.30
C ILE IA 262 -3.32 80.28 37.57
N LYS IA 263 -4.61 80.00 37.73
CA LYS IA 263 -5.10 78.68 38.10
C LYS IA 263 -6.21 78.27 37.14
N PHE IA 264 -6.83 77.14 37.41
CA PHE IA 264 -8.01 76.72 36.69
C PHE IA 264 -9.20 77.59 37.09
N SER IA 265 -10.18 77.67 36.19
CA SER IA 265 -11.40 78.41 36.51
C SER IA 265 -12.22 77.66 37.55
N GLN IA 266 -12.95 78.43 38.37
CA GLN IA 266 -13.71 77.83 39.46
C GLN IA 266 -14.92 77.05 38.94
N GLU IA 267 -15.56 77.55 37.88
CA GLU IA 267 -16.70 76.86 37.29
C GLU IA 267 -16.29 75.80 36.28
N ASP IA 268 -15.02 75.75 35.88
CA ASP IA 268 -14.52 74.77 34.92
C ASP IA 268 -13.25 74.14 35.50
N SER IA 269 -13.44 73.12 36.35
CA SER IA 269 -12.34 72.40 36.96
C SER IA 269 -12.82 71.05 37.49
N ARG JA 207 69.15 15.02 -72.40
CA ARG JA 207 68.47 13.85 -71.86
C ARG JA 207 67.22 14.26 -71.08
N ILE JA 208 66.67 13.31 -70.33
CA ILE JA 208 65.45 13.52 -69.55
C ILE JA 208 65.82 13.53 -68.07
N ILE JA 209 65.40 14.57 -67.36
CA ILE JA 209 65.70 14.76 -65.95
C ILE JA 209 64.49 14.32 -65.14
N TYR JA 210 64.71 13.42 -64.18
CA TYR JA 210 63.66 12.89 -63.34
C TYR JA 210 63.71 13.53 -61.96
N TYR JA 211 62.53 13.70 -61.36
CA TYR JA 211 62.39 14.34 -60.05
C TYR JA 211 61.49 13.49 -59.17
N ILE JA 212 61.78 13.50 -57.87
CA ILE JA 212 60.98 12.75 -56.91
C ILE JA 212 59.67 13.50 -56.66
N GLN JA 213 58.56 12.80 -56.79
CA GLN JA 213 57.25 13.37 -56.51
C GLN JA 213 56.72 12.95 -55.13
N ALA JA 214 56.86 11.68 -54.77
CA ALA JA 214 56.55 11.19 -53.44
C ALA JA 214 57.37 9.94 -53.17
N VAL JA 215 57.81 9.77 -51.93
CA VAL JA 215 58.62 8.63 -51.54
C VAL JA 215 58.16 8.11 -50.18
N ILE JA 216 58.01 6.79 -50.08
CA ILE JA 216 57.76 6.09 -48.82
C ILE JA 216 58.89 5.08 -48.71
N PRO JA 217 59.05 4.35 -47.59
CA PRO JA 217 59.98 3.21 -47.62
C PRO JA 217 59.55 2.16 -48.63
N GLY JA 218 60.51 1.74 -49.46
CA GLY JA 218 60.22 0.80 -50.53
C GLY JA 218 60.01 1.39 -51.92
N ARG JA 219 58.98 2.20 -52.11
CA ARG JA 219 58.69 2.74 -53.44
C ARG JA 219 59.04 4.22 -53.52
N ALA JA 220 59.05 4.72 -54.75
CA ALA JA 220 59.21 6.13 -55.04
C ALA JA 220 58.49 6.44 -56.33
N TRP JA 221 57.73 7.54 -56.33
CA TRP JA 221 57.01 7.99 -57.52
C TRP JA 221 57.79 9.14 -58.15
N LEU JA 222 58.06 9.04 -59.44
CA LEU JA 222 58.87 10.01 -60.15
C LEU JA 222 58.07 10.69 -61.25
N ILE JA 223 58.47 11.91 -61.58
CA ILE JA 223 57.92 12.64 -62.73
C ILE JA 223 59.09 13.14 -63.57
N GLY JA 224 58.93 13.06 -64.89
CA GLY JA 224 59.96 13.49 -65.81
C GLY JA 224 59.70 14.87 -66.37
N SER JA 225 60.66 15.36 -67.14
CA SER JA 225 60.50 16.63 -67.84
C SER JA 225 59.54 16.52 -69.01
N ASN JA 226 59.23 15.31 -69.46
CA ASN JA 226 58.22 15.08 -70.49
C ASN JA 226 56.81 15.03 -69.93
N GLY JA 227 56.65 15.07 -68.60
CA GLY JA 227 55.37 14.85 -67.97
C GLY JA 227 55.05 13.40 -67.69
N SER JA 228 55.93 12.48 -68.06
CA SER JA 228 55.70 11.06 -67.79
C SER JA 228 55.90 10.75 -66.32
N THR JA 229 55.11 9.81 -65.80
CA THR JA 229 55.15 9.43 -64.40
C THR JA 229 55.51 7.95 -64.28
N LEU JA 230 56.43 7.64 -63.36
CA LEU JA 230 56.88 6.28 -63.12
C LEU JA 230 56.83 5.97 -61.63
N THR JA 231 56.91 4.69 -61.31
CA THR JA 231 57.13 4.22 -59.95
C THR JA 231 58.21 3.15 -59.97
N VAL JA 232 59.07 3.15 -58.96
CA VAL JA 232 60.26 2.30 -58.93
C VAL JA 232 60.37 1.61 -57.59
N ARG JA 233 61.09 0.49 -57.60
CA ARG JA 233 61.38 -0.33 -56.43
C ARG JA 233 62.90 -0.36 -56.22
N GLU JA 234 63.36 -1.15 -55.24
CA GLU JA 234 64.78 -1.20 -54.88
C GLU JA 234 65.64 -1.68 -56.06
N GLY JA 235 65.21 -2.74 -56.74
CA GLY JA 235 65.88 -3.11 -57.97
C GLY JA 235 65.02 -2.86 -59.19
N SER JA 236 65.30 -1.78 -59.92
CA SER JA 236 64.43 -1.41 -61.03
C SER JA 236 65.24 -0.63 -62.06
N LYS JA 237 64.68 -0.50 -63.25
CA LYS JA 237 65.33 0.15 -64.39
C LYS JA 237 64.75 1.55 -64.58
N ILE JA 238 65.60 2.52 -64.80
CA ILE JA 238 65.20 3.88 -65.16
C ILE JA 238 65.86 4.21 -66.49
N PRO JA 239 65.10 4.65 -67.50
CA PRO JA 239 65.71 4.96 -68.81
C PRO JA 239 66.57 6.21 -68.74
N GLY JA 240 67.83 6.07 -69.16
CA GLY JA 240 68.79 7.15 -69.10
C GLY JA 240 69.54 7.26 -67.79
N TYR JA 241 69.25 6.41 -66.82
CA TYR JA 241 69.92 6.42 -65.52
C TYR JA 241 70.54 5.10 -65.15
N GLY JA 242 69.92 3.98 -65.52
CA GLY JA 242 70.47 2.68 -65.21
C GLY JA 242 69.62 1.88 -64.23
N MET JA 243 70.24 1.45 -63.13
CA MET JA 243 69.58 0.61 -62.14
C MET JA 243 69.51 1.35 -60.82
N VAL JA 244 68.37 1.23 -60.13
CA VAL JA 244 68.21 1.81 -58.80
C VAL JA 244 69.09 1.05 -57.82
N LYS JA 245 69.90 1.77 -57.07
CA LYS JA 245 70.84 1.17 -56.12
C LYS JA 245 70.37 1.27 -54.68
N LEU JA 246 69.78 2.39 -54.30
CA LEU JA 246 69.30 2.57 -52.94
C LEU JA 246 68.17 3.59 -52.93
N ILE JA 247 67.04 3.23 -52.35
CA ILE JA 247 65.93 4.15 -52.12
C ILE JA 247 65.99 4.53 -50.65
N ASP JA 248 66.25 5.80 -50.38
CA ASP JA 248 66.42 6.30 -49.01
C ASP JA 248 65.28 7.29 -48.77
N SER JA 249 64.29 6.85 -47.98
CA SER JA 249 63.03 7.59 -47.88
C SER JA 249 63.20 8.91 -47.14
N LEU JA 250 64.04 8.93 -46.10
CA LEU JA 250 64.40 10.19 -45.47
C LEU JA 250 65.32 10.98 -46.41
N GLN JA 251 65.24 12.30 -46.31
CA GLN JA 251 66.04 13.31 -47.02
C GLN JA 251 65.82 13.34 -48.54
N GLY JA 252 64.98 12.47 -49.10
CA GLY JA 252 64.63 12.50 -50.50
C GLY JA 252 65.74 12.24 -51.50
N ARG JA 253 66.54 11.20 -51.26
CA ARG JA 253 67.64 10.85 -52.16
C ARG JA 253 67.46 9.43 -52.69
N ILE JA 254 67.70 9.26 -53.99
CA ILE JA 254 67.70 7.95 -54.64
C ILE JA 254 69.06 7.76 -55.30
N LEU JA 255 69.74 6.68 -54.95
CA LEU JA 255 71.04 6.38 -55.53
C LEU JA 255 70.87 5.50 -56.76
N THR JA 256 71.65 5.79 -57.79
CA THR JA 256 71.56 5.12 -59.08
C THR JA 256 72.93 4.57 -59.46
N SER JA 257 72.93 3.48 -60.22
CA SER JA 257 74.17 2.76 -60.55
C SER JA 257 75.11 3.57 -61.43
N SER JA 258 74.63 4.57 -62.15
CA SER JA 258 75.48 5.43 -62.97
C SER JA 258 76.10 6.57 -62.18
N GLY JA 259 75.75 6.73 -60.91
CA GLY JA 259 76.30 7.77 -60.07
C GLY JA 259 75.44 9.00 -59.90
N GLN JA 260 74.40 9.15 -60.71
CA GLN JA 260 73.51 10.30 -60.58
C GLN JA 260 72.58 10.11 -59.39
N VAL JA 261 72.14 11.22 -58.82
CA VAL JA 261 71.25 11.23 -57.67
C VAL JA 261 69.96 11.93 -58.06
N ILE JA 262 68.83 11.25 -57.88
CA ILE JA 262 67.51 11.81 -58.15
C ILE JA 262 66.95 12.34 -56.84
N LYS JA 263 66.57 13.62 -56.83
CA LYS JA 263 66.07 14.29 -55.64
C LYS JA 263 64.76 15.01 -55.97
N PHE JA 264 64.24 15.70 -54.98
CA PHE JA 264 63.09 16.58 -55.19
C PHE JA 264 63.49 17.78 -56.04
N SER JA 265 62.51 18.32 -56.76
CA SER JA 265 62.75 19.52 -57.55
C SER JA 265 62.89 20.73 -56.63
N GLN JA 266 63.65 21.73 -57.09
CA GLN JA 266 63.92 22.90 -56.26
C GLN JA 266 62.69 23.79 -56.13
N GLU JA 267 61.88 23.88 -57.19
CA GLU JA 267 60.68 24.71 -57.14
C GLU JA 267 59.49 23.99 -56.52
N ASP JA 268 59.58 22.68 -56.29
CA ASP JA 268 58.51 21.91 -55.64
C ASP JA 268 59.14 21.05 -54.55
N SER JA 269 59.35 21.65 -53.39
CA SER JA 269 59.91 20.94 -52.23
C SER JA 269 59.61 21.69 -50.94
N ARG KA 207 -4.36 -88.74 -48.58
CA ARG KA 207 -5.02 -88.21 -47.39
C ARG KA 207 -4.93 -86.69 -47.33
N ILE KA 208 -5.28 -86.13 -46.19
CA ILE KA 208 -5.27 -84.68 -45.97
C ILE KA 208 -4.07 -84.34 -45.09
N ILE KA 209 -3.32 -83.31 -45.51
CA ILE KA 209 -2.13 -82.87 -44.79
C ILE KA 209 -2.47 -81.59 -44.04
N TYR KA 210 -2.13 -81.54 -42.76
CA TYR KA 210 -2.41 -80.39 -41.91
C TYR KA 210 -1.13 -79.63 -41.62
N TYR KA 211 -1.25 -78.30 -41.52
CA TYR KA 211 -0.11 -77.43 -41.30
C TYR KA 211 -0.43 -76.47 -40.16
N ILE KA 212 0.60 -76.10 -39.40
CA ILE KA 212 0.43 -75.18 -38.28
C ILE KA 212 0.32 -73.76 -38.85
N GLN KA 213 -0.74 -73.05 -38.46
CA GLN KA 213 -0.93 -71.66 -38.84
C GLN KA 213 -0.50 -70.68 -37.75
N ALA KA 214 -0.84 -70.97 -36.49
CA ALA KA 214 -0.35 -70.21 -35.36
C ALA KA 214 -0.38 -71.12 -34.13
N VAL KA 215 0.56 -70.89 -33.22
CA VAL KA 215 0.66 -71.69 -32.01
C VAL KA 215 1.07 -70.79 -30.84
N ILE KA 216 0.36 -70.95 -29.72
CA ILE KA 216 0.70 -70.33 -28.44
C ILE KA 216 0.85 -71.49 -27.48
N PRO KA 217 1.28 -71.30 -26.22
CA PRO KA 217 1.13 -72.38 -25.24
C PRO KA 217 -0.33 -72.74 -25.01
N GLY KA 218 -0.61 -74.04 -25.09
CA GLY KA 218 -1.98 -74.52 -24.98
C GLY KA 218 -2.69 -74.84 -26.28
N ARG KA 219 -2.91 -73.85 -27.14
CA ARG KA 219 -3.66 -74.05 -28.37
C ARG KA 219 -2.75 -74.06 -29.59
N ALA KA 220 -3.33 -74.48 -30.71
CA ALA KA 220 -2.69 -74.42 -32.01
C ALA KA 220 -3.76 -74.35 -33.07
N TRP KA 221 -3.62 -73.43 -34.01
CA TRP KA 221 -4.56 -73.27 -35.11
C TRP KA 221 -3.99 -73.94 -36.35
N LEU KA 222 -4.76 -74.82 -36.97
CA LEU KA 222 -4.29 -75.63 -38.08
C LEU KA 222 -5.09 -75.33 -39.34
N ILE KA 223 -4.45 -75.53 -40.49
CA ILE KA 223 -5.09 -75.39 -41.80
C ILE KA 223 -4.77 -76.63 -42.61
N GLY KA 224 -5.78 -77.16 -43.32
CA GLY KA 224 -5.63 -78.34 -44.12
C GLY KA 224 -5.45 -78.03 -45.59
N SER KA 225 -5.24 -79.08 -46.38
CA SER KA 225 -5.12 -78.96 -47.82
C SER KA 225 -6.46 -78.64 -48.47
N ASN KA 226 -7.57 -78.94 -47.81
CA ASN KA 226 -8.90 -78.62 -48.31
C ASN KA 226 -9.33 -77.20 -47.96
N GLY KA 227 -8.50 -76.44 -47.24
CA GLY KA 227 -8.87 -75.12 -46.77
C GLY KA 227 -9.60 -75.11 -45.44
N SER KA 228 -9.85 -76.27 -44.85
CA SER KA 228 -10.53 -76.34 -43.56
C SER KA 228 -9.60 -75.87 -42.45
N THR KA 229 -10.16 -75.18 -41.47
CA THR KA 229 -9.41 -74.62 -40.36
C THR KA 229 -9.87 -75.24 -39.05
N LEU KA 230 -8.91 -75.61 -38.21
CA LEU KA 230 -9.19 -76.24 -36.93
C LEU KA 230 -8.40 -75.55 -35.83
N THR KA 231 -8.84 -75.75 -34.59
CA THR KA 231 -8.06 -75.41 -33.41
C THR KA 231 -8.07 -76.62 -32.47
N VAL KA 232 -6.93 -76.87 -31.83
CA VAL KA 232 -6.76 -78.07 -31.02
C VAL KA 232 -6.13 -77.71 -29.69
N ARG KA 233 -6.37 -78.57 -28.71
CA ARG KA 233 -5.80 -78.49 -27.37
C ARG KA 233 -4.97 -79.74 -27.10
N GLU KA 234 -4.58 -79.94 -25.84
CA GLU KA 234 -3.65 -80.99 -25.47
C GLU KA 234 -4.21 -82.39 -25.77
N GLY KA 235 -5.44 -82.65 -25.35
CA GLY KA 235 -6.07 -83.90 -25.71
C GLY KA 235 -7.21 -83.70 -26.70
N SER KA 236 -6.97 -83.96 -27.98
CA SER KA 236 -7.97 -83.63 -28.98
C SER KA 236 -7.84 -84.58 -30.17
N LYS KA 237 -8.90 -84.61 -30.97
CA LYS KA 237 -8.99 -85.51 -32.12
C LYS KA 237 -8.70 -84.74 -33.40
N ILE KA 238 -7.86 -85.32 -34.25
CA ILE KA 238 -7.58 -84.81 -35.59
C ILE KA 238 -7.94 -85.91 -36.57
N PRO KA 239 -8.76 -85.65 -37.58
CA PRO KA 239 -9.17 -86.72 -38.52
C PRO KA 239 -8.01 -87.13 -39.42
N GLY KA 240 -7.70 -88.43 -39.40
CA GLY KA 240 -6.58 -88.96 -40.13
C GLY KA 240 -5.27 -88.98 -39.36
N TYR KA 241 -5.25 -88.46 -38.14
CA TYR KA 241 -4.03 -88.40 -37.33
C TYR KA 241 -4.19 -89.08 -35.98
N GLY KA 242 -5.34 -88.95 -35.33
CA GLY KA 242 -5.55 -89.60 -34.06
C GLY KA 242 -5.72 -88.64 -32.90
N MET KA 243 -4.93 -88.84 -31.85
CA MET KA 243 -4.98 -88.02 -30.64
C MET KA 243 -3.75 -87.13 -30.57
N VAL KA 244 -3.96 -85.86 -30.18
CA VAL KA 244 -2.83 -84.97 -29.92
C VAL KA 244 -2.12 -85.44 -28.66
N LYS KA 245 -0.80 -85.60 -28.77
CA LYS KA 245 0.01 -86.10 -27.66
C LYS KA 245 0.77 -84.99 -26.94
N LEU KA 246 1.31 -84.01 -27.67
CA LEU KA 246 2.04 -82.91 -27.08
C LEU KA 246 1.99 -81.71 -28.01
N ILE KA 247 1.60 -80.56 -27.47
CA ILE KA 247 1.68 -79.29 -28.17
C ILE KA 247 2.89 -78.56 -27.61
N ASP KA 248 3.90 -78.37 -28.45
CA ASP KA 248 5.15 -77.75 -28.04
C ASP KA 248 5.25 -76.41 -28.78
N SER KA 249 5.02 -75.32 -28.05
CA SER KA 249 4.82 -74.02 -28.67
C SER KA 249 6.10 -73.48 -29.30
N LEU KA 250 7.24 -73.71 -28.65
CA LEU KA 250 8.52 -73.43 -29.28
C LEU KA 250 8.77 -74.43 -30.39
N GLN KA 251 9.50 -73.99 -31.42
CA GLN KA 251 9.97 -74.75 -32.59
C GLN KA 251 8.85 -75.25 -33.51
N GLY KA 252 7.58 -75.02 -33.20
CA GLY KA 252 6.47 -75.36 -34.07
C GLY KA 252 6.25 -76.83 -34.35
N ARG KA 253 6.26 -77.67 -33.32
CA ARG KA 253 6.05 -79.10 -33.48
C ARG KA 253 4.86 -79.56 -32.66
N ILE KA 254 4.04 -80.42 -33.25
CA ILE KA 254 2.92 -81.07 -32.57
C ILE KA 254 3.09 -82.58 -32.72
N LEU KA 255 3.12 -83.27 -31.59
CA LEU KA 255 3.26 -84.73 -31.59
C LEU KA 255 1.88 -85.37 -31.57
N THR KA 256 1.75 -86.47 -32.32
CA THR KA 256 0.47 -87.15 -32.50
C THR KA 256 0.66 -88.62 -32.16
N SER KA 257 -0.42 -89.26 -31.71
CA SER KA 257 -0.37 -90.65 -31.25
C SER KA 257 -0.04 -91.64 -32.36
N SER KA 258 -0.26 -91.28 -33.63
CA SER KA 258 0.10 -92.15 -34.74
C SER KA 258 1.55 -92.01 -35.17
N GLY KA 259 2.30 -91.10 -34.55
CA GLY KA 259 3.70 -90.91 -34.86
C GLY KA 259 4.00 -89.79 -35.83
N GLN KA 260 3.00 -89.26 -36.52
CA GLN KA 260 3.22 -88.16 -37.43
C GLN KA 260 3.43 -86.86 -36.67
N VAL KA 261 4.17 -85.94 -37.29
CA VAL KA 261 4.49 -84.64 -36.71
C VAL KA 261 3.92 -83.56 -37.62
N ILE KA 262 3.11 -82.68 -37.03
CA ILE KA 262 2.55 -81.54 -37.75
C ILE KA 262 3.41 -80.32 -37.47
N LYS KA 263 3.86 -79.66 -38.53
CA LYS KA 263 4.78 -78.53 -38.43
C LYS KA 263 4.24 -77.36 -39.25
N PHE KA 264 5.04 -76.30 -39.34
CA PHE KA 264 4.73 -75.20 -40.23
C PHE KA 264 4.94 -75.63 -41.68
N SER KA 265 4.25 -74.94 -42.59
CA SER KA 265 4.44 -75.20 -44.01
C SER KA 265 5.80 -74.70 -44.46
N GLN KA 266 6.36 -75.37 -45.48
CA GLN KA 266 7.69 -75.03 -45.95
C GLN KA 266 7.70 -73.70 -46.70
N GLU KA 267 6.65 -73.42 -47.46
CA GLU KA 267 6.55 -72.16 -48.18
C GLU KA 267 5.97 -71.03 -47.34
N ASP KA 268 5.44 -71.33 -46.16
CA ASP KA 268 4.87 -70.32 -45.26
C ASP KA 268 5.45 -70.55 -43.87
N SER KA 269 6.64 -69.99 -43.64
CA SER KA 269 7.31 -70.08 -42.34
C SER KA 269 8.40 -69.01 -42.23
N ARG LA 207 -71.78 -67.51 23.29
CA ARG LA 207 -71.38 -66.23 23.87
C ARG LA 207 -70.54 -65.43 22.87
N ILE LA 208 -69.89 -64.37 23.37
CA ILE LA 208 -69.09 -63.48 22.55
C ILE LA 208 -67.63 -63.69 22.90
N ILE LA 209 -66.81 -63.96 21.89
CA ILE LA 209 -65.39 -64.23 22.07
C ILE LA 209 -64.61 -62.95 21.77
N TYR LA 210 -63.73 -62.56 22.69
CA TYR LA 210 -62.93 -61.36 22.54
C TYR LA 210 -61.49 -61.71 22.20
N TYR LA 211 -60.87 -60.87 21.39
CA TYR LA 211 -59.50 -61.07 20.93
C TYR LA 211 -58.70 -59.79 21.15
N ILE LA 212 -57.42 -59.96 21.44
CA ILE LA 212 -56.53 -58.82 21.63
C ILE LA 212 -56.17 -58.23 20.27
N GLN LA 213 -56.38 -56.92 20.12
CA GLN LA 213 -56.00 -56.21 18.91
C GLN LA 213 -54.66 -55.49 19.05
N ALA LA 214 -54.43 -54.84 20.18
CA ALA LA 214 -53.14 -54.27 20.52
C ALA LA 214 -53.01 -54.22 22.03
N VAL LA 215 -51.77 -54.20 22.52
CA VAL LA 215 -51.51 -54.14 23.95
C VAL LA 215 -50.20 -53.40 24.21
N ILE LA 216 -50.23 -52.51 25.19
CA ILE LA 216 -49.05 -51.82 25.72
C ILE LA 216 -49.07 -52.12 27.22
N PRO LA 217 -48.05 -51.75 28.00
CA PRO LA 217 -48.22 -51.79 29.46
C PRO LA 217 -49.32 -50.86 29.93
N GLY LA 218 -50.22 -51.38 30.76
CA GLY LA 218 -51.38 -50.64 31.21
C GLY LA 218 -52.68 -50.92 30.48
N ARG LA 219 -52.77 -50.59 29.19
CA ARG LA 219 -54.02 -50.75 28.45
C ARG LA 219 -53.97 -51.96 27.53
N ALA LA 220 -55.14 -52.28 26.99
CA ALA LA 220 -55.28 -53.30 25.96
C ALA LA 220 -56.52 -52.98 25.14
N TRP LA 221 -56.40 -53.07 23.82
CA TRP LA 221 -57.53 -52.84 22.92
C TRP LA 221 -58.06 -54.17 22.42
N LEU LA 222 -59.35 -54.39 22.58
CA LEU LA 222 -59.98 -55.66 22.25
C LEU LA 222 -60.97 -55.49 21.11
N ILE LA 223 -61.19 -56.57 20.36
CA ILE LA 223 -62.21 -56.63 19.34
C ILE LA 223 -63.04 -57.90 19.56
N GLY LA 224 -64.35 -57.79 19.35
CA GLY LA 224 -65.24 -58.90 19.55
C GLY LA 224 -65.68 -59.54 18.23
N SER LA 225 -66.45 -60.62 18.36
CA SER LA 225 -67.03 -61.26 17.18
C SER LA 225 -68.13 -60.43 16.54
N ASN LA 226 -68.71 -59.48 17.28
CA ASN LA 226 -69.70 -58.57 16.73
C ASN LA 226 -69.09 -57.40 15.99
N GLY LA 227 -67.76 -57.26 16.01
CA GLY LA 227 -67.11 -56.08 15.50
C GLY LA 227 -66.97 -54.96 16.50
N SER LA 228 -67.46 -55.13 17.72
CA SER LA 228 -67.36 -54.11 18.74
C SER LA 228 -65.94 -54.00 19.26
N THR LA 229 -65.51 -52.78 19.58
CA THR LA 229 -64.17 -52.51 20.04
C THR LA 229 -64.21 -51.93 21.45
N LEU LA 230 -63.30 -52.40 22.31
CA LEU LA 230 -63.21 -51.95 23.69
C LEU LA 230 -61.76 -51.61 24.02
N THR LA 231 -61.59 -50.87 25.11
CA THR LA 231 -60.30 -50.69 25.74
C THR LA 231 -60.46 -50.91 27.24
N VAL LA 232 -59.46 -51.54 27.86
CA VAL LA 232 -59.56 -51.98 29.24
C VAL LA 232 -58.30 -51.59 30.01
N ARG LA 233 -58.45 -51.49 31.32
CA ARG LA 233 -57.36 -51.21 32.25
C ARG LA 233 -57.21 -52.40 33.20
N GLU LA 234 -56.41 -52.20 34.26
CA GLU LA 234 -56.11 -53.28 35.21
C GLU LA 234 -57.37 -53.75 35.94
N GLY LA 235 -58.21 -52.83 36.37
CA GLY LA 235 -59.50 -53.21 36.92
C GLY LA 235 -60.64 -52.66 36.08
N SER LA 236 -61.35 -53.52 35.36
CA SER LA 236 -62.29 -53.02 34.35
C SER LA 236 -63.41 -54.03 34.14
N LYS LA 237 -64.47 -53.56 33.47
CA LYS LA 237 -65.65 -54.34 33.17
C LYS LA 237 -65.46 -55.01 31.81
N ILE LA 238 -65.70 -56.31 31.74
CA ILE LA 238 -65.85 -57.01 30.47
C ILE LA 238 -67.13 -57.81 30.52
N PRO LA 239 -68.06 -57.63 29.57
CA PRO LA 239 -69.30 -58.40 29.60
C PRO LA 239 -69.07 -59.85 29.19
N GLY LA 240 -69.53 -60.77 30.04
CA GLY LA 240 -69.39 -62.19 29.77
C GLY LA 240 -68.08 -62.80 30.24
N TYR LA 241 -67.19 -62.01 30.83
CA TYR LA 241 -65.90 -62.52 31.31
C TYR LA 241 -65.67 -62.22 32.78
N GLY LA 242 -66.05 -61.03 33.26
CA GLY LA 242 -65.85 -60.71 34.66
C GLY LA 242 -64.88 -59.56 34.88
N MET LA 243 -63.87 -59.79 35.71
CA MET LA 243 -62.92 -58.77 36.10
C MET LA 243 -61.60 -58.97 35.38
N VAL LA 244 -60.97 -57.87 34.96
CA VAL LA 244 -59.59 -57.95 34.52
C VAL LA 244 -58.71 -58.17 35.75
N LYS LA 245 -57.87 -59.20 35.70
CA LYS LA 245 -57.03 -59.56 36.82
C LYS LA 245 -55.56 -59.21 36.60
N LEU LA 246 -55.07 -59.40 35.38
CA LEU LA 246 -53.69 -59.05 35.05
C LEU LA 246 -53.59 -58.76 33.57
N ILE LA 247 -53.03 -57.60 33.22
CA ILE LA 247 -52.69 -57.28 31.85
C ILE LA 247 -51.19 -57.49 31.71
N ASP LA 248 -50.81 -58.52 30.97
CA ASP LA 248 -49.41 -58.89 30.80
C ASP LA 248 -49.06 -58.57 29.35
N SER LA 249 -48.31 -57.47 29.17
CA SER LA 249 -48.11 -56.91 27.82
C SER LA 249 -47.23 -57.80 26.96
N LEU LA 250 -46.24 -58.44 27.57
CA LEU LA 250 -45.48 -59.47 26.86
C LEU LA 250 -46.37 -60.71 26.67
N GLN LA 251 -46.11 -61.45 25.59
CA GLN LA 251 -46.74 -62.71 25.20
C GLN LA 251 -48.23 -62.61 24.89
N GLY LA 252 -48.86 -61.44 25.00
CA GLY LA 252 -50.25 -61.24 24.63
C GLY LA 252 -51.28 -62.00 25.43
N ARG LA 253 -51.18 -61.98 26.75
CA ARG LA 253 -52.12 -62.68 27.62
C ARG LA 253 -52.80 -61.70 28.57
N ILE LA 254 -54.11 -61.86 28.74
CA ILE LA 254 -54.90 -61.11 29.71
C ILE LA 254 -55.59 -62.11 30.62
N LEU LA 255 -55.37 -61.97 31.93
CA LEU LA 255 -55.98 -62.86 32.91
C LEU LA 255 -57.31 -62.29 33.37
N THR LA 256 -58.29 -63.17 33.54
CA THR LA 256 -59.65 -62.79 33.88
C THR LA 256 -60.09 -63.58 35.11
N SER LA 257 -60.95 -62.95 35.93
CA SER LA 257 -61.37 -63.53 37.21
C SER LA 257 -62.18 -64.82 37.07
N SER LA 258 -62.81 -65.05 35.92
CA SER LA 258 -63.55 -66.29 35.69
C SER LA 258 -62.66 -67.43 35.20
N GLY LA 259 -61.38 -67.17 34.96
CA GLY LA 259 -60.44 -68.20 34.55
C GLY LA 259 -60.12 -68.22 33.07
N GLN LA 260 -60.90 -67.55 32.24
CA GLN LA 260 -60.62 -67.51 30.81
C GLN LA 260 -59.43 -66.60 30.52
N VAL LA 261 -58.75 -66.87 29.41
CA VAL LA 261 -57.59 -66.09 28.99
C VAL LA 261 -57.90 -65.52 27.61
N ILE LA 262 -57.78 -64.20 27.48
CA ILE LA 262 -57.96 -63.50 26.21
C ILE LA 262 -56.59 -63.32 25.57
N LYS LA 263 -56.45 -63.78 24.33
CA LYS LA 263 -55.17 -63.76 23.62
C LYS LA 263 -55.36 -63.13 22.25
N PHE LA 264 -54.29 -63.12 21.48
CA PHE LA 264 -54.37 -62.69 20.09
C PHE LA 264 -55.13 -63.74 19.27
N SER LA 265 -55.71 -63.29 18.16
CA SER LA 265 -56.40 -64.20 17.27
C SER LA 265 -55.40 -65.10 16.55
N GLN LA 266 -55.85 -66.32 16.24
CA GLN LA 266 -54.95 -67.30 15.62
C GLN LA 266 -54.63 -66.91 14.17
N GLU LA 267 -55.61 -66.37 13.45
CA GLU LA 267 -55.40 -65.95 12.08
C GLU LA 267 -54.82 -64.54 11.96
N ASP LA 268 -54.75 -63.80 13.07
CA ASP LA 268 -54.20 -62.44 13.07
C ASP LA 268 -53.21 -62.33 14.22
N SER LA 269 -51.97 -62.78 13.99
CA SER LA 269 -50.92 -62.73 14.98
C SER LA 269 -49.55 -62.85 14.33
N ARG MA 207 -57.47 55.11 62.60
CA ARG MA 207 -56.22 55.35 61.89
C ARG MA 207 -56.04 54.37 60.74
N ILE MA 208 -54.83 54.30 60.20
CA ILE MA 208 -54.51 53.44 59.06
C ILE MA 208 -53.60 52.32 59.55
N ILE MA 209 -53.97 51.09 59.22
CA ILE MA 209 -53.24 49.90 59.65
C ILE MA 209 -52.36 49.44 58.49
N TYR MA 210 -51.09 49.18 58.78
CA TYR MA 210 -50.13 48.72 57.78
C TYR MA 210 -49.79 47.26 57.99
N TYR MA 211 -49.56 46.55 56.89
CA TYR MA 211 -49.25 45.13 56.90
C TYR MA 211 -48.01 44.88 56.06
N ILE MA 212 -47.24 43.87 56.46
CA ILE MA 212 -46.03 43.49 55.73
C ILE MA 212 -46.43 42.70 54.48
N GLN MA 213 -45.93 43.13 53.33
CA GLN MA 213 -46.14 42.43 52.07
C GLN MA 213 -44.98 41.53 51.69
N ALA MA 214 -43.74 42.01 51.82
CA ALA MA 214 -42.55 41.20 51.64
C ALA MA 214 -41.42 41.85 52.42
N VAL MA 215 -40.53 41.01 52.97
CA VAL MA 215 -39.40 41.50 53.75
C VAL MA 215 -38.15 40.70 53.39
N ILE MA 216 -37.05 41.39 53.18
CA ILE MA 216 -35.72 40.80 53.01
C ILE MA 216 -34.87 41.45 54.11
N PRO MA 217 -33.61 41.04 54.32
CA PRO MA 217 -32.74 41.85 55.18
C PRO MA 217 -32.52 43.24 54.60
N GLY MA 218 -32.71 44.25 55.45
CA GLY MA 218 -32.64 45.64 55.03
C GLY MA 218 -33.96 46.33 54.74
N ARG MA 219 -34.71 45.89 53.74
CA ARG MA 219 -35.94 46.56 53.34
C ARG MA 219 -37.17 45.76 53.76
N ALA MA 220 -38.32 46.43 53.65
CA ALA MA 220 -39.62 45.80 53.85
C ALA MA 220 -40.63 46.57 53.02
N TRP MA 221 -41.51 45.84 52.34
CA TRP MA 221 -42.58 46.44 51.53
C TRP MA 221 -43.89 46.33 52.30
N LEU MA 222 -44.59 47.45 52.43
CA LEU MA 222 -45.80 47.52 53.22
C LEU MA 222 -46.99 47.90 52.35
N ILE MA 223 -48.18 47.50 52.80
CA ILE MA 223 -49.44 47.87 52.18
C ILE MA 223 -50.38 48.37 53.28
N GLY MA 224 -51.14 49.42 52.96
CA GLY MA 224 -52.06 50.00 53.90
C GLY MA 224 -53.50 49.58 53.63
N SER MA 225 -54.39 50.05 54.52
CA SER MA 225 -55.82 49.83 54.34
C SER MA 225 -56.38 50.64 53.19
N ASN MA 226 -55.70 51.71 52.78
CA ASN MA 226 -56.10 52.50 51.62
C ASN MA 226 -55.69 51.87 50.29
N GLY MA 227 -54.90 50.79 50.33
CA GLY MA 227 -54.27 50.27 49.14
C GLY MA 227 -52.95 50.92 48.80
N SER MA 228 -52.50 51.89 49.60
CA SER MA 228 -51.23 52.55 49.35
C SER MA 228 -50.07 51.62 49.70
N THR MA 229 -49.00 51.71 48.93
CA THR MA 229 -47.84 50.84 49.08
C THR MA 229 -46.62 51.67 49.45
N LEU MA 230 -45.83 51.15 50.38
CA LEU MA 230 -44.64 51.83 50.86
C LEU MA 230 -43.47 50.84 50.90
N THR MA 231 -42.26 51.39 50.88
CA THR MA 231 -41.05 50.64 51.19
C THR MA 231 -40.26 51.41 52.24
N VAL MA 232 -39.66 50.68 53.19
CA VAL MA 232 -38.99 51.29 54.33
C VAL MA 232 -37.63 50.65 54.54
N ARG MA 233 -36.75 51.41 55.17
CA ARG MA 233 -35.42 50.97 55.56
C ARG MA 233 -35.31 51.07 57.08
N GLU MA 234 -34.08 50.96 57.59
CA GLU MA 234 -33.84 50.87 59.03
C GLU MA 234 -34.28 52.13 59.77
N GLY MA 235 -33.89 53.30 59.29
CA GLY MA 235 -34.38 54.53 59.87
C GLY MA 235 -35.28 55.31 58.95
N SER MA 236 -36.59 55.29 59.19
CA SER MA 236 -37.51 55.87 58.22
C SER MA 236 -38.79 56.28 58.93
N LYS MA 237 -39.62 57.04 58.20
CA LYS MA 237 -40.88 57.56 58.71
C LYS MA 237 -42.04 56.73 58.16
N ILE MA 238 -42.97 56.38 59.04
CA ILE MA 238 -44.24 55.79 58.67
C ILE MA 238 -45.33 56.68 59.24
N PRO MA 239 -46.29 57.15 58.44
CA PRO MA 239 -47.29 58.09 58.95
C PRO MA 239 -48.27 57.41 59.89
N GLY MA 240 -48.38 57.95 61.10
CA GLY MA 240 -49.15 57.33 62.16
C GLY MA 240 -48.39 56.36 63.02
N TYR MA 241 -47.13 56.10 62.71
CA TYR MA 241 -46.30 55.16 63.46
C TYR MA 241 -45.01 55.77 63.99
N GLY MA 242 -44.33 56.58 63.19
CA GLY MA 242 -43.11 57.23 63.64
C GLY MA 242 -41.84 56.69 63.02
N MET MA 243 -40.86 56.40 63.87
CA MET MA 243 -39.55 55.92 63.46
C MET MA 243 -39.54 54.39 63.41
N VAL MA 244 -39.00 53.85 62.31
CA VAL MA 244 -38.69 52.43 62.28
C VAL MA 244 -37.52 52.15 63.20
N LYS MA 245 -37.69 51.19 64.11
CA LYS MA 245 -36.68 50.90 65.12
C LYS MA 245 -35.84 49.69 64.76
N LEU MA 246 -36.46 48.62 64.27
CA LEU MA 246 -35.74 47.41 63.91
C LEU MA 246 -36.53 46.66 62.85
N ILE MA 247 -35.86 46.32 61.74
CA ILE MA 247 -36.43 45.46 60.73
C ILE MA 247 -35.84 44.08 60.95
N ASP MA 248 -36.68 43.13 61.35
CA ASP MA 248 -36.26 41.78 61.66
C ASP MA 248 -36.86 40.89 60.58
N SER MA 249 -36.00 40.42 59.66
CA SER MA 249 -36.48 39.78 58.44
C SER MA 249 -37.09 38.42 58.72
N LEU MA 250 -36.51 37.67 59.65
CA LEU MA 250 -37.15 36.45 60.13
C LEU MA 250 -38.38 36.80 60.96
N GLN MA 251 -39.37 35.90 60.95
CA GLN MA 251 -40.62 35.94 61.73
C GLN MA 251 -41.56 37.10 61.37
N GLY MA 252 -41.20 37.98 60.44
CA GLY MA 252 -42.06 39.03 59.98
C GLY MA 252 -42.47 40.09 60.99
N ARG MA 253 -41.51 40.62 61.75
CA ARG MA 253 -41.78 41.64 62.75
C ARG MA 253 -40.98 42.90 62.47
N ILE MA 254 -41.63 44.05 62.56
CA ILE MA 254 -40.99 45.36 62.43
C ILE MA 254 -41.28 46.14 63.71
N LEU MA 255 -40.22 46.60 64.37
CA LEU MA 255 -40.36 47.38 65.59
C LEU MA 255 -40.42 48.87 65.27
N THR MA 256 -41.28 49.58 65.97
CA THR MA 256 -41.53 50.99 65.73
C THR MA 256 -41.34 51.75 67.04
N SER MA 257 -40.91 53.02 66.93
CA SER MA 257 -40.61 53.84 68.10
C SER MA 257 -41.83 54.15 68.95
N SER MA 258 -43.03 54.06 68.40
CA SER MA 258 -44.25 54.29 69.17
C SER MA 258 -44.72 53.04 69.92
N GLY MA 259 -44.05 51.91 69.73
CA GLY MA 259 -44.38 50.68 70.44
C GLY MA 259 -45.20 49.69 69.65
N GLN MA 260 -45.83 50.11 68.55
CA GLN MA 260 -46.61 49.19 67.73
C GLN MA 260 -45.71 48.28 66.91
N VAL MA 261 -46.23 47.12 66.57
CA VAL MA 261 -45.51 46.12 65.79
C VAL MA 261 -46.28 45.86 64.50
N ILE MA 262 -45.61 46.01 63.37
CA ILE MA 262 -46.19 45.73 62.06
C ILE MA 262 -45.81 44.31 61.67
N LYS MA 263 -46.81 43.50 61.33
CA LYS MA 263 -46.61 42.09 61.01
C LYS MA 263 -47.30 41.78 59.68
N PHE MA 264 -47.25 40.51 59.31
CA PHE MA 264 -48.02 40.04 58.16
C PHE MA 264 -49.51 40.04 58.48
N SER MA 265 -50.32 40.14 57.44
CA SER MA 265 -51.76 40.08 57.61
C SER MA 265 -52.19 38.68 58.02
N GLN MA 266 -53.27 38.60 58.80
CA GLN MA 266 -53.74 37.32 59.30
C GLN MA 266 -54.35 36.46 58.20
N GLU MA 267 -55.06 37.08 57.28
CA GLU MA 267 -55.67 36.34 56.18
C GLU MA 267 -54.71 36.13 55.01
N ASP MA 268 -53.55 36.78 55.00
CA ASP MA 268 -52.56 36.63 53.93
C ASP MA 268 -51.20 36.38 54.58
N SER MA 269 -50.94 35.12 54.92
CA SER MA 269 -49.66 34.72 55.52
C SER MA 269 -49.47 33.22 55.38
N ARG NA 207 17.42 99.04 11.73
CA ARG NA 207 18.10 98.00 10.96
C ARG NA 207 17.18 96.80 10.76
N ILE NA 208 17.77 95.69 10.31
CA ILE NA 208 17.04 94.45 10.06
C ILE NA 208 17.35 93.46 11.18
N ILE NA 209 16.31 92.82 11.72
CA ILE NA 209 16.43 91.87 12.81
C ILE NA 209 16.27 90.46 12.23
N TYR NA 210 17.22 89.59 12.53
CA TYR NA 210 17.20 88.21 12.07
C TYR NA 210 16.80 87.27 13.20
N TYR NA 211 16.07 86.23 12.83
CA TYR NA 211 15.56 85.25 13.79
C TYR NA 211 15.88 83.85 13.30
N ILE NA 212 16.13 82.95 14.25
CA ILE NA 212 16.43 81.56 13.92
C ILE NA 212 15.14 80.84 13.54
N GLN NA 213 15.15 80.18 12.38
CA GLN NA 213 14.04 79.37 11.93
C GLN NA 213 14.22 77.89 12.23
N ALA NA 214 15.40 77.35 11.97
CA ALA NA 214 15.76 75.99 12.33
C ALA NA 214 17.27 75.90 12.46
N VAL NA 215 17.73 75.04 13.36
CA VAL NA 215 19.17 74.88 13.59
C VAL NA 215 19.48 73.40 13.81
N ILE NA 216 20.54 72.93 13.14
CA ILE NA 216 21.12 71.61 13.35
C ILE NA 216 22.59 71.86 13.70
N PRO NA 217 23.38 70.86 14.08
CA PRO NA 217 24.83 71.10 14.16
C PRO NA 217 25.42 71.45 12.81
N GLY NA 218 26.19 72.55 12.78
CA GLY NA 218 26.75 73.06 11.55
C GLY NA 218 26.01 74.22 10.90
N ARG NA 219 24.77 74.02 10.46
CA ARG NA 219 24.03 75.05 9.75
C ARG NA 219 22.96 75.68 10.64
N ALA NA 220 22.42 76.79 10.15
CA ALA NA 220 21.27 77.44 10.74
C ALA NA 220 20.54 78.20 9.65
N TRP NA 221 19.21 78.07 9.64
CA TRP NA 221 18.37 78.79 8.68
C TRP NA 221 17.75 79.99 9.39
N LEU NA 222 17.85 81.16 8.76
CA LEU NA 222 17.41 82.41 9.37
C LEU NA 222 16.33 83.06 8.52
N ILE NA 223 15.50 83.88 9.18
CA ILE NA 223 14.46 84.67 8.52
C ILE NA 223 14.56 86.10 9.05
N GLY NA 224 14.52 87.06 8.13
CA GLY NA 224 14.61 88.46 8.49
C GLY NA 224 13.25 89.12 8.60
N SER NA 225 13.29 90.39 9.02
CA SER NA 225 12.06 91.18 9.11
C SER NA 225 11.52 91.56 7.74
N ASN NA 226 12.36 91.52 6.70
CA ASN NA 226 11.92 91.79 5.34
C ASN NA 226 11.35 90.57 4.65
N GLY NA 227 11.33 89.41 5.32
CA GLY NA 227 10.92 88.18 4.70
C GLY NA 227 12.02 87.42 4.00
N SER NA 228 13.24 87.95 3.98
CA SER NA 228 14.35 87.28 3.34
C SER NA 228 14.82 86.09 4.18
N THR NA 229 15.23 85.03 3.51
CA THR NA 229 15.68 83.80 4.16
C THR NA 229 17.13 83.52 3.79
N LEU NA 230 17.94 83.21 4.79
CA LEU NA 230 19.35 82.88 4.59
C LEU NA 230 19.68 81.57 5.28
N THR NA 231 20.84 81.02 4.92
CA THR NA 231 21.45 79.92 5.66
C THR NA 231 22.92 80.25 5.86
N VAL NA 232 23.46 79.87 7.04
CA VAL NA 232 24.79 80.25 7.43
C VAL NA 232 25.54 79.05 7.98
N ARG NA 233 26.87 79.12 7.94
CA ARG NA 233 27.76 78.12 8.48
C ARG NA 233 28.58 78.76 9.61
N GLU NA 234 29.61 78.03 10.06
CA GLU NA 234 30.46 78.49 11.16
C GLU NA 234 31.19 79.79 10.80
N GLY NA 235 31.81 79.84 9.63
CA GLY NA 235 32.40 81.08 9.17
C GLY NA 235 31.63 81.69 8.02
N SER NA 236 30.84 82.72 8.28
CA SER NA 236 29.94 83.26 7.25
C SER NA 236 29.63 84.72 7.56
N LYS NA 237 29.10 85.40 6.56
CA LYS NA 237 28.77 86.82 6.64
C LYS NA 237 27.27 87.01 6.79
N ILE NA 238 26.88 87.88 7.71
CA ILE NA 238 25.49 88.30 7.87
C ILE NA 238 25.47 89.82 7.69
N PRO NA 239 24.63 90.36 6.82
CA PRO NA 239 24.61 91.82 6.60
C PRO NA 239 24.01 92.54 7.81
N GLY NA 240 24.77 93.50 8.33
CA GLY NA 240 24.39 94.21 9.53
C GLY NA 240 24.82 93.57 10.83
N TYR NA 241 25.47 92.40 10.77
CA TYR NA 241 25.91 91.69 11.96
C TYR NA 241 27.40 91.35 11.95
N GLY NA 242 27.97 91.04 10.78
CA GLY NA 242 29.38 90.73 10.70
C GLY NA 242 29.69 89.28 10.40
N MET NA 243 30.54 88.67 11.21
CA MET NA 243 30.99 87.29 11.03
C MET NA 243 30.33 86.41 12.08
N VAL NA 244 29.86 85.23 11.66
CA VAL NA 244 29.39 84.23 12.60
C VAL NA 244 30.56 83.70 13.40
N LYS NA 245 30.43 83.69 14.72
CA LYS NA 245 31.50 83.28 15.61
C LYS NA 245 31.29 81.88 16.18
N LEU NA 246 30.05 81.53 16.52
CA LEU NA 246 29.76 80.22 17.07
C LEU NA 246 28.30 79.88 16.79
N ILE NA 247 28.05 78.71 16.22
CA ILE NA 247 26.71 78.17 16.05
C ILE NA 247 26.53 77.11 17.12
N ASP NA 248 25.64 77.37 18.07
CA ASP NA 248 25.40 76.47 19.18
C ASP NA 248 24.00 75.90 19.00
N SER NA 249 23.92 74.63 18.58
CA SER NA 249 22.67 74.05 18.13
C SER NA 249 21.68 73.86 19.28
N LEU NA 250 22.18 73.50 20.45
CA LEU NA 250 21.34 73.48 21.63
C LEU NA 250 21.03 74.92 22.05
N GLN NA 251 19.86 75.11 22.68
CA GLN NA 251 19.35 76.34 23.28
C GLN NA 251 19.09 77.47 22.27
N GLY NA 252 19.35 77.28 20.97
CA GLY NA 252 19.04 78.26 19.96
C GLY NA 252 19.78 79.58 20.02
N ARG NA 253 21.10 79.55 20.20
CA ARG NA 253 21.91 80.76 20.26
C ARG NA 253 22.98 80.74 19.19
N ILE NA 254 23.15 81.88 18.51
CA ILE NA 254 24.21 82.08 17.53
C ILE NA 254 25.03 83.29 17.97
N LEU NA 255 26.33 83.10 18.12
CA LEU NA 255 27.24 84.17 18.51
C LEU NA 255 27.78 84.87 17.28
N THR NA 256 27.91 86.19 17.37
CA THR NA 256 28.31 87.02 16.25
C THR NA 256 29.46 87.92 16.69
N SER NA 257 30.33 88.28 15.74
CA SER NA 257 31.54 89.04 16.03
C SER NA 257 31.25 90.47 16.52
N SER NA 258 30.08 91.01 16.24
CA SER NA 258 29.72 92.35 16.73
C SER NA 258 29.14 92.33 18.13
N GLY NA 259 28.97 91.15 18.73
CA GLY NA 259 28.45 91.02 20.08
C GLY NA 259 26.97 90.73 20.17
N GLN NA 260 26.22 90.87 19.08
CA GLN NA 260 24.80 90.58 19.10
C GLN NA 260 24.56 89.07 19.07
N VAL NA 261 23.41 88.66 19.63
CA VAL NA 261 23.04 87.27 19.70
C VAL NA 261 21.74 87.08 18.93
N ILE NA 262 21.74 86.15 17.97
CA ILE NA 262 20.56 85.81 17.19
C ILE NA 262 19.92 84.58 17.82
N LYS NA 263 18.63 84.69 18.15
CA LYS NA 263 17.90 83.64 18.83
C LYS NA 263 16.61 83.35 18.09
N PHE NA 264 15.81 82.44 18.65
CA PHE NA 264 14.48 82.19 18.14
C PHE NA 264 13.58 83.39 18.41
N SER NA 265 12.54 83.53 17.59
CA SER NA 265 11.57 84.60 17.82
C SER NA 265 10.74 84.31 19.06
N GLN NA 266 10.33 85.38 19.74
CA GLN NA 266 9.59 85.21 21.00
C GLN NA 266 8.18 84.70 20.76
N GLU NA 267 7.54 85.14 19.68
CA GLU NA 267 6.19 84.67 19.36
C GLU NA 267 6.19 83.35 18.60
N ASP NA 268 7.36 82.89 18.13
CA ASP NA 268 7.47 81.62 17.40
C ASP NA 268 8.61 80.82 18.02
N SER NA 269 8.29 80.10 19.10
CA SER NA 269 9.28 79.27 19.80
C SER NA 269 8.60 78.21 20.64
N GLN OA 791 43.33 45.79 35.95
CA GLN OA 791 43.85 45.41 34.63
C GLN OA 791 42.80 44.68 33.81
N GLN OA 792 42.18 43.66 34.41
CA GLN OA 792 41.19 42.84 33.70
C GLN OA 792 39.88 43.58 33.45
N GLU OA 793 39.63 44.69 34.13
CA GLU OA 793 38.45 45.49 33.85
C GLU OA 793 38.56 46.26 32.55
N ILE OA 794 39.78 46.45 32.04
CA ILE OA 794 39.97 47.09 30.74
C ILE OA 794 39.51 46.16 29.62
N GLN OA 795 39.86 44.87 29.72
CA GLN OA 795 39.46 43.90 28.69
C GLN OA 795 37.96 43.63 28.73
N GLN OA 796 37.32 43.76 29.88
CA GLN OA 796 35.87 43.62 29.95
C GLN OA 796 35.17 44.84 29.34
N ARG OA 797 35.73 46.03 29.56
CA ARG OA 797 35.14 47.24 28.97
C ARG OA 797 35.37 47.30 27.47
N THR OA 798 36.49 46.74 26.98
CA THR OA 798 36.80 46.79 25.56
C THR OA 798 35.86 45.89 24.75
N SER OA 799 35.47 44.75 25.33
CA SER OA 799 34.52 43.88 24.65
C SER OA 799 33.11 44.48 24.62
N ASP OA 800 32.77 45.31 25.60
CA ASP OA 800 31.47 45.94 25.61
C ASP OA 800 31.39 47.04 24.55
N MET OA 801 32.48 47.78 24.35
CA MET OA 801 32.47 48.86 23.37
C MET OA 801 32.51 48.34 21.95
N LEU OA 802 33.11 47.16 21.72
CA LEU OA 802 33.20 46.61 20.37
C LEU OA 802 31.84 46.11 19.89
N THR OA 803 31.01 45.61 20.80
CA THR OA 803 29.66 45.17 20.43
C THR OA 803 28.78 46.36 20.07
N ALA OA 804 28.92 47.47 20.81
CA ALA OA 804 28.11 48.64 20.53
C ALA OA 804 28.57 49.37 19.27
N ALA OA 805 29.88 49.34 18.99
CA ALA OA 805 30.39 50.05 17.82
C ALA OA 805 30.07 49.31 16.52
N THR OA 806 29.94 48.00 16.58
CA THR OA 806 29.58 47.23 15.39
C THR OA 806 28.12 47.49 14.99
N GLN OA 807 27.24 47.69 15.96
CA GLN OA 807 25.86 48.02 15.66
C GLN OA 807 25.73 49.45 15.13
N LEU OA 808 26.57 50.37 15.61
CA LEU OA 808 26.49 51.75 15.17
C LEU OA 808 26.98 51.92 13.74
N VAL OA 809 28.04 51.21 13.36
CA VAL OA 809 28.59 51.30 12.02
C VAL OA 809 27.65 50.66 11.01
N GLN OA 810 27.03 49.54 11.39
CA GLN OA 810 26.10 48.83 10.50
C GLN OA 810 24.85 49.66 10.22
N ASP OA 811 24.37 50.42 11.19
CA ASP OA 811 23.21 51.27 10.97
C ASP OA 811 23.51 52.46 10.07
N TRP OA 812 24.75 52.95 10.08
CA TRP OA 812 25.12 54.06 9.22
C TRP OA 812 25.32 53.64 7.77
N LYS OA 813 25.46 52.33 7.50
CA LYS OA 813 25.61 51.86 6.13
C LYS OA 813 24.29 51.89 5.37
N GLN OA 814 23.17 51.78 6.08
CA GLN OA 814 21.88 51.56 5.44
C GLN OA 814 21.33 52.86 4.86
N VAL OA 815 21.10 52.86 3.54
CA VAL OA 815 20.50 53.98 2.83
C VAL OA 815 19.35 53.43 2.01
N GLU OA 816 18.14 53.94 2.24
CA GLU OA 816 16.96 53.41 1.57
C GLU OA 816 16.69 54.16 0.27
N THR OA 817 16.24 53.42 -0.74
CA THR OA 817 15.98 53.97 -2.07
C THR OA 817 14.77 54.90 -2.02
N GLN OA 818 14.84 55.99 -2.79
CA GLN OA 818 13.75 56.95 -2.92
C GLN OA 818 12.50 56.31 -3.53
N VAL OA 819 11.35 56.90 -3.24
CA VAL OA 819 10.06 56.37 -3.69
C VAL OA 819 9.37 57.46 -4.50
N TYR OA 820 8.98 57.12 -5.73
CA TYR OA 820 8.25 58.03 -6.62
C TYR OA 820 6.78 57.64 -6.64
N THR OA 821 5.92 58.56 -6.23
CA THR OA 821 4.48 58.33 -6.17
C THR OA 821 3.79 59.17 -7.25
N GLU OA 822 3.07 58.50 -8.13
CA GLU OA 822 2.36 59.16 -9.23
C GLU OA 822 0.86 59.11 -8.94
N GLY OA 823 0.21 60.26 -9.04
CA GLY OA 823 -1.21 60.38 -8.75
C GLY OA 823 -1.99 60.83 -9.95
N THR OA 824 -3.18 60.26 -10.13
CA THR OA 824 -4.10 60.67 -11.18
C THR OA 824 -5.54 60.35 -10.79
N GLN PA 791 56.92 39.94 20.93
CA GLN PA 791 57.17 39.17 19.71
C GLN PA 791 55.88 38.59 19.15
N GLN PA 792 55.13 37.89 20.00
CA GLN PA 792 53.90 37.21 19.62
C GLN PA 792 52.81 38.17 19.18
N GLU PA 793 52.81 39.41 19.67
CA GLU PA 793 51.83 40.42 19.27
C GLU PA 793 51.98 40.85 17.81
N ILE PA 794 53.14 40.61 17.19
CA ILE PA 794 53.30 40.90 15.77
C ILE PA 794 52.49 39.91 14.93
N GLN PA 795 52.54 38.62 15.28
CA GLN PA 795 51.79 37.63 14.51
C GLN PA 795 50.29 37.74 14.73
N GLN PA 796 49.87 38.28 15.88
CA GLN PA 796 48.45 38.53 16.10
C GLN PA 796 47.98 39.72 15.28
N ARG PA 797 48.80 40.77 15.20
CA ARG PA 797 48.45 41.95 14.41
C ARG PA 797 48.49 41.65 12.91
N THR PA 798 49.39 40.76 12.47
CA THR PA 798 49.52 40.45 11.06
C THR PA 798 48.31 39.69 10.54
N SER PA 799 47.75 38.79 11.35
CA SER PA 799 46.59 38.02 10.90
C SER PA 799 45.33 38.86 10.87
N ASP PA 800 45.25 39.91 11.69
CA ASP PA 800 44.09 40.80 11.65
C ASP PA 800 44.12 41.67 10.40
N MET PA 801 45.32 42.08 9.97
CA MET PA 801 45.43 42.92 8.78
C MET PA 801 45.16 42.14 7.50
N LEU PA 802 45.48 40.84 7.50
CA LEU PA 802 45.24 40.02 6.32
C LEU PA 802 43.76 39.78 6.09
N THR PA 803 42.97 39.72 7.16
CA THR PA 803 41.52 39.56 7.02
C THR PA 803 40.89 40.84 6.47
N ALA PA 804 41.37 42.00 6.90
CA ALA PA 804 40.82 43.27 6.42
C ALA PA 804 41.28 43.57 5.00
N ALA PA 805 42.49 43.14 4.63
CA ALA PA 805 43.00 43.42 3.29
C ALA PA 805 42.34 42.54 2.24
N THR PA 806 41.93 41.33 2.60
CA THR PA 806 41.24 40.46 1.66
C THR PA 806 39.85 40.99 1.32
N GLN PA 807 39.16 41.55 2.30
CA GLN PA 807 37.85 42.16 2.06
C GLN PA 807 37.96 43.43 1.22
N LEU PA 808 39.05 44.19 1.38
CA LEU PA 808 39.22 45.43 0.63
C LEU PA 808 39.52 45.15 -0.84
N VAL PA 809 40.28 44.09 -1.12
CA VAL PA 809 40.71 43.81 -2.49
C VAL PA 809 39.55 43.35 -3.36
N GLN PA 810 38.71 42.44 -2.84
CA GLN PA 810 37.62 41.92 -3.65
C GLN PA 810 36.49 42.93 -3.83
N ASP PA 811 36.43 43.96 -2.98
CA ASP PA 811 35.49 45.04 -3.19
C ASP PA 811 35.91 45.93 -4.35
N TRP PA 812 37.22 46.10 -4.55
CA TRP PA 812 37.73 46.87 -5.69
C TRP PA 812 37.62 46.09 -6.99
N LYS PA 813 37.49 44.77 -6.93
CA LYS PA 813 37.37 43.97 -8.14
C LYS PA 813 36.00 44.09 -8.77
N GLN PA 814 34.98 44.41 -7.99
CA GLN PA 814 33.59 44.38 -8.46
C GLN PA 814 33.29 45.61 -9.29
N VAL PA 815 32.84 45.40 -10.53
CA VAL PA 815 32.43 46.46 -11.43
C VAL PA 815 31.06 46.07 -11.99
N GLU PA 816 30.06 46.94 -11.81
CA GLU PA 816 28.72 46.63 -12.25
C GLU PA 816 28.49 47.09 -13.68
N THR PA 817 27.68 46.31 -14.40
CA THR PA 817 27.37 46.61 -15.80
C THR PA 817 26.46 47.83 -15.89
N GLN PA 818 26.64 48.61 -16.96
CA GLN PA 818 25.80 49.77 -17.22
C GLN PA 818 24.38 49.35 -17.54
N VAL PA 819 23.43 50.25 -17.26
CA VAL PA 819 22.01 50.00 -17.46
C VAL PA 819 21.48 51.04 -18.44
N TYR PA 820 20.89 50.57 -19.54
CA TYR PA 820 20.30 51.42 -20.56
C TYR PA 820 18.79 51.39 -20.46
N THR PA 821 18.18 52.56 -20.25
CA THR PA 821 16.74 52.67 -20.09
C THR PA 821 16.16 53.40 -21.30
N GLU PA 822 15.21 52.76 -21.96
CA GLU PA 822 14.52 53.35 -23.11
C GLU PA 822 13.12 53.77 -22.70
N GLY PA 823 12.76 55.00 -23.03
CA GLY PA 823 11.47 55.56 -22.63
C GLY PA 823 10.63 55.94 -23.83
N THR PA 824 9.32 55.69 -23.73
CA THR PA 824 8.37 56.05 -24.76
C THR PA 824 6.97 56.18 -24.18
N GLN QA 791 66.57 27.53 6.48
CA GLN QA 791 66.41 26.51 5.46
C GLN QA 791 64.95 26.17 5.20
N GLN QA 792 64.19 25.94 6.28
CA GLN QA 792 62.78 25.59 6.14
C GLN QA 792 61.91 26.78 5.74
N GLU QA 793 62.40 28.01 5.88
CA GLU QA 793 61.66 29.16 5.40
C GLU QA 793 61.70 29.28 3.87
N ILE QA 794 62.68 28.65 3.22
CA ILE QA 794 62.71 28.61 1.77
C ILE QA 794 61.62 27.67 1.25
N GLN QA 795 61.44 26.52 1.91
CA GLN QA 795 60.40 25.57 1.51
C GLN QA 795 59.00 26.11 1.75
N GLN QA 796 58.83 26.95 2.79
CA GLN QA 796 57.53 27.57 3.01
C GLN QA 796 57.25 28.66 2.00
N ARG QA 797 58.28 29.42 1.62
CA ARG QA 797 58.11 30.47 0.61
C ARG QA 797 57.88 29.89 -0.78
N THR QA 798 58.51 28.75 -1.08
CA THR QA 798 58.37 28.15 -2.41
C THR QA 798 56.96 27.62 -2.65
N SER QA 799 56.34 27.02 -1.64
CA SER QA 799 55.00 26.46 -1.81
C SER QA 799 53.95 27.55 -1.96
N ASP QA 800 54.20 28.75 -1.44
CA ASP QA 800 53.28 29.86 -1.67
C ASP QA 800 53.36 30.37 -3.10
N MET QA 801 54.52 30.18 -3.75
CA MET QA 801 54.68 30.67 -5.12
C MET QA 801 54.05 29.72 -6.14
N LEU QA 802 53.93 28.43 -5.81
CA LEU QA 802 53.24 27.50 -6.72
C LEU QA 802 51.75 27.79 -6.79
N THR QA 803 51.13 28.18 -5.68
CA THR QA 803 49.70 28.49 -5.71
C THR QA 803 49.43 29.78 -6.46
N ALA QA 804 50.33 30.76 -6.37
CA ALA QA 804 50.14 32.01 -7.09
C ALA QA 804 50.43 31.86 -8.58
N ALA QA 805 51.43 31.05 -8.94
CA ALA QA 805 51.79 30.91 -10.35
C ALA QA 805 50.81 30.03 -11.10
N THR QA 806 50.17 29.08 -10.42
CA THR QA 806 49.16 28.24 -11.07
C THR QA 806 47.92 29.04 -11.41
N GLN QA 807 47.51 29.96 -10.54
CA GLN QA 807 46.36 30.82 -10.83
C GLN QA 807 46.68 31.84 -11.92
N LEU QA 808 47.94 32.29 -12.00
CA LEU QA 808 48.31 33.26 -13.02
C LEU QA 808 48.36 32.62 -14.40
N VAL QA 809 48.88 31.39 -14.49
CA VAL QA 809 49.01 30.71 -15.78
C VAL QA 809 47.63 30.30 -16.30
N GLN QA 810 46.75 29.83 -15.40
CA GLN QA 810 45.41 29.40 -15.79
C GLN QA 810 44.55 30.56 -16.28
N ASP QA 811 44.76 31.76 -15.74
CA ASP QA 811 44.03 32.93 -16.22
C ASP QA 811 44.51 33.38 -17.60
N TRP QA 812 45.77 33.16 -17.93
CA TRP QA 812 46.30 33.56 -19.23
C TRP QA 812 45.86 32.63 -20.36
N LYS QA 813 45.45 31.40 -20.03
CA LYS QA 813 45.01 30.47 -21.06
C LYS QA 813 43.62 30.82 -21.59
N GLN QA 814 42.81 31.51 -20.80
CA GLN QA 814 41.40 31.73 -21.12
C GLN QA 814 41.26 32.82 -22.17
N VAL QA 815 40.67 32.48 -23.31
CA VAL QA 815 40.41 33.41 -24.40
C VAL QA 815 38.94 33.28 -24.77
N GLU QA 816 38.20 34.38 -24.74
CA GLU QA 816 36.77 34.34 -24.98
C GLU QA 816 36.46 34.54 -26.47
N THR QA 817 35.40 33.87 -26.91
CA THR QA 817 34.97 33.94 -28.30
C THR QA 817 34.39 35.31 -28.62
N GLN QA 818 34.61 35.77 -29.86
CA GLN QA 818 34.02 37.00 -30.34
C GLN QA 818 32.50 36.88 -30.46
N VAL QA 819 31.83 38.02 -30.35
CA VAL QA 819 30.36 38.08 -30.39
C VAL QA 819 29.96 38.98 -31.54
N TYR QA 820 29.12 38.47 -32.44
CA TYR QA 820 28.62 39.22 -33.58
C TYR QA 820 27.16 39.58 -33.34
N THR QA 821 26.85 40.87 -33.40
CA THR QA 821 25.51 41.38 -33.12
C THR QA 821 24.92 41.96 -34.40
N GLU QA 822 23.77 41.45 -34.81
CA GLU QA 822 23.04 41.95 -35.96
C GLU QA 822 21.85 42.77 -35.48
N GLY QA 823 21.69 43.95 -36.05
CA GLY QA 823 20.62 44.87 -35.67
C GLY QA 823 19.75 45.25 -36.85
N THR QA 824 18.44 45.25 -36.63
CA THR QA 824 17.48 45.68 -37.64
C THR QA 824 16.21 46.20 -36.98
N GLN RA 791 70.85 -8.67 -12.76
CA GLN RA 791 70.08 -9.81 -13.24
C GLN RA 791 68.59 -9.52 -13.26
N GLN RA 792 68.08 -8.99 -12.15
CA GLN RA 792 66.65 -8.72 -12.02
C GLN RA 792 66.19 -7.52 -12.85
N GLU RA 793 67.12 -6.71 -13.36
CA GLU RA 793 66.73 -5.61 -14.25
C GLU RA 793 66.34 -6.11 -15.63
N ILE RA 794 66.73 -7.33 -16.00
CA ILE RA 794 66.29 -7.92 -17.26
C ILE RA 794 64.81 -8.29 -17.20
N GLN RA 795 64.38 -8.88 -16.09
CA GLN RA 795 62.98 -9.26 -15.94
C GLN RA 795 62.06 -8.05 -15.81
N GLN RA 796 62.59 -6.94 -15.29
CA GLN RA 796 61.80 -5.71 -15.26
C GLN RA 796 61.69 -5.10 -16.66
N ARG RA 797 62.76 -5.15 -17.44
CA ARG RA 797 62.74 -4.63 -18.79
C ARG RA 797 61.89 -5.50 -19.72
N THR RA 798 61.85 -6.81 -19.48
CA THR RA 798 61.10 -7.72 -20.34
C THR RA 798 59.60 -7.51 -20.17
N SER RA 799 59.14 -7.21 -18.94
CA SER RA 799 57.71 -6.99 -18.72
C SER RA 799 57.24 -5.67 -19.31
N ASP RA 800 58.13 -4.68 -19.41
CA ASP RA 800 57.76 -3.41 -20.03
C ASP RA 800 57.62 -3.54 -21.54
N MET RA 801 58.46 -4.39 -22.15
CA MET RA 801 58.38 -4.57 -23.60
C MET RA 801 57.18 -5.40 -24.00
N LEU RA 802 56.72 -6.30 -23.12
CA LEU RA 802 55.56 -7.12 -23.44
C LEU RA 802 54.27 -6.32 -23.42
N THR RA 803 54.21 -5.30 -22.56
CA THR RA 803 53.03 -4.42 -22.53
C THR RA 803 52.96 -3.56 -23.79
N ALA RA 804 54.10 -3.06 -24.27
CA ALA RA 804 54.12 -2.24 -25.46
C ALA RA 804 53.91 -3.07 -26.73
N ALA RA 805 54.38 -4.32 -26.74
CA ALA RA 805 54.22 -5.14 -27.93
C ALA RA 805 52.80 -5.65 -28.09
N THR RA 806 52.07 -5.83 -26.98
CA THR RA 806 50.68 -6.25 -27.06
C THR RA 806 49.79 -5.14 -27.64
N GLN RA 807 50.08 -3.88 -27.28
CA GLN RA 807 49.35 -2.76 -27.83
C GLN RA 807 49.65 -2.55 -29.31
N LEU RA 808 50.90 -2.78 -29.73
CA LEU RA 808 51.28 -2.56 -31.12
C LEU RA 808 50.64 -3.60 -32.04
N VAL RA 809 50.49 -4.83 -31.58
CA VAL RA 809 49.99 -5.90 -32.43
C VAL RA 809 48.50 -5.72 -32.71
N GLN RA 810 47.71 -5.39 -31.69
CA GLN RA 810 46.27 -5.29 -31.89
C GLN RA 810 45.89 -4.02 -32.64
N ASP RA 811 46.77 -3.03 -32.68
CA ASP RA 811 46.55 -1.88 -33.55
C ASP RA 811 46.74 -2.23 -35.01
N TRP RA 812 47.63 -3.16 -35.32
CA TRP RA 812 47.83 -3.63 -36.68
C TRP RA 812 46.72 -4.58 -37.13
N LYS RA 813 45.96 -5.14 -36.20
CA LYS RA 813 44.85 -6.02 -36.56
C LYS RA 813 43.67 -5.25 -37.12
N GLN RA 814 43.48 -4.01 -36.69
CA GLN RA 814 42.26 -3.26 -36.99
C GLN RA 814 42.30 -2.73 -38.43
N VAL RA 815 41.30 -3.13 -39.22
CA VAL RA 815 41.13 -2.65 -40.59
C VAL RA 815 39.69 -2.19 -40.73
N GLU RA 816 39.51 -0.93 -41.13
CA GLU RA 816 38.17 -0.36 -41.20
C GLU RA 816 37.52 -0.61 -42.57
N THR RA 817 36.21 -0.79 -42.54
CA THR RA 817 35.44 -1.05 -43.75
C THR RA 817 35.38 0.20 -44.62
N GLN RA 818 35.42 0.02 -45.94
CA GLN RA 818 35.29 1.10 -46.90
C GLN RA 818 33.89 1.73 -46.82
N VAL RA 819 33.80 3.00 -47.20
CA VAL RA 819 32.56 3.76 -47.13
C VAL RA 819 32.22 4.24 -48.54
N TYR RA 820 31.04 3.87 -49.02
CA TYR RA 820 30.53 4.28 -50.31
C TYR RA 820 29.53 5.42 -50.14
N THR RA 821 29.82 6.56 -50.75
CA THR RA 821 28.97 7.75 -50.63
C THR RA 821 28.33 8.04 -51.98
N GLU RA 822 27.00 8.12 -52.00
CA GLU RA 822 26.24 8.39 -53.21
C GLU RA 822 25.67 9.80 -53.14
N GLY RA 823 25.88 10.57 -54.19
CA GLY RA 823 25.44 11.96 -54.24
C GLY RA 823 24.41 12.16 -55.34
N THR RA 824 23.38 12.94 -55.03
CA THR RA 824 22.36 13.30 -56.01
C THR RA 824 21.71 14.63 -55.62
N GLN SA 791 64.60 -28.78 -15.85
CA GLN SA 791 63.51 -29.75 -15.87
C GLN SA 791 62.16 -29.08 -15.75
N GLN SA 792 62.03 -28.15 -14.80
CA GLN SA 792 60.78 -27.44 -14.60
C GLN SA 792 60.51 -26.39 -15.66
N GLU SA 793 61.53 -25.98 -16.42
CA GLU SA 793 61.30 -25.04 -17.51
C GLU SA 793 60.65 -25.70 -18.72
N ILE SA 794 60.72 -27.03 -18.82
CA ILE SA 794 59.99 -27.73 -19.86
C ILE SA 794 58.50 -27.72 -19.58
N GLN SA 795 58.12 -27.90 -18.31
CA GLN SA 795 56.71 -27.89 -17.93
C GLN SA 795 56.09 -26.51 -18.06
N GLN SA 796 56.88 -25.45 -17.88
CA GLN SA 796 56.37 -24.10 -18.09
C GLN SA 796 56.20 -23.80 -19.57
N ARG SA 797 57.14 -24.26 -20.41
CA ARG SA 797 57.06 -24.04 -21.84
C ARG SA 797 55.94 -24.85 -22.47
N THR SA 798 55.65 -26.03 -21.94
CA THR SA 798 54.61 -26.88 -22.51
C THR SA 798 53.22 -26.29 -22.28
N SER SA 799 53.00 -25.66 -21.12
CA SER SA 799 51.70 -25.07 -20.84
C SER SA 799 51.47 -23.80 -21.66
N ASP SA 800 52.54 -23.09 -22.04
CA ASP SA 800 52.38 -21.93 -22.90
C ASP SA 800 52.06 -22.33 -24.32
N MET SA 801 52.59 -23.47 -24.78
CA MET SA 801 52.33 -23.93 -26.14
C MET SA 801 50.91 -24.49 -26.26
N LEU SA 802 50.36 -25.04 -25.19
CA LEU SA 802 49.02 -25.62 -25.25
C LEU SA 802 47.95 -24.53 -25.32
N THR SA 803 48.19 -23.39 -24.68
CA THR SA 803 47.24 -22.27 -24.75
C THR SA 803 47.20 -21.67 -26.14
N ALA SA 804 48.36 -21.53 -26.79
CA ALA SA 804 48.41 -20.97 -28.13
C ALA SA 804 47.88 -21.94 -29.18
N ALA SA 805 48.07 -23.24 -28.96
CA ALA SA 805 47.60 -24.22 -29.95
C ALA SA 805 46.09 -24.39 -29.91
N THR SA 806 45.47 -24.19 -28.74
CA THR SA 806 44.02 -24.29 -28.64
C THR SA 806 43.33 -23.15 -29.37
N GLN SA 807 43.91 -21.94 -29.32
CA GLN SA 807 43.36 -20.80 -30.05
C GLN SA 807 43.53 -20.97 -31.55
N LEU SA 808 44.64 -21.58 -31.99
CA LEU SA 808 44.87 -21.77 -33.42
C LEU SA 808 43.90 -22.79 -34.02
N VAL SA 809 43.55 -23.82 -33.25
CA VAL SA 809 42.71 -24.89 -33.79
C VAL SA 809 41.27 -24.40 -33.97
N GLN SA 810 40.73 -23.68 -33.00
CA GLN SA 810 39.34 -23.22 -33.10
C GLN SA 810 39.17 -22.10 -34.11
N ASP SA 811 40.26 -21.41 -34.48
CA ASP SA 811 40.19 -20.44 -35.56
C ASP SA 811 40.11 -21.12 -36.93
N TRP SA 812 40.72 -22.29 -37.07
CA TRP SA 812 40.63 -23.06 -38.31
C TRP SA 812 39.30 -23.77 -38.46
N LYS SA 813 38.55 -23.94 -37.37
CA LYS SA 813 37.27 -24.62 -37.44
C LYS SA 813 36.19 -23.72 -38.03
N GLN SA 814 36.32 -22.41 -37.89
CA GLN SA 814 35.25 -21.48 -38.25
C GLN SA 814 35.22 -21.27 -39.76
N VAL SA 815 34.06 -21.54 -40.35
CA VAL SA 815 33.81 -21.33 -41.78
C VAL SA 815 32.53 -20.54 -41.90
N GLU SA 816 32.60 -19.37 -42.55
CA GLU SA 816 31.43 -18.51 -42.66
C GLU SA 816 30.60 -18.86 -43.89
N THR SA 817 29.29 -18.69 -43.76
CA THR SA 817 28.35 -19.03 -44.82
C THR SA 817 28.46 -18.02 -45.97
N GLN SA 818 28.24 -18.51 -47.19
CA GLN SA 818 28.22 -17.66 -48.37
C GLN SA 818 27.03 -16.70 -48.32
N VAL SA 819 27.17 -15.56 -48.97
CA VAL SA 819 26.15 -14.52 -49.00
C VAL SA 819 25.78 -14.25 -50.45
N TYR SA 820 24.48 -14.39 -50.77
CA TYR SA 820 23.95 -14.15 -52.10
C TYR SA 820 23.24 -12.80 -52.12
N THR SA 821 23.71 -11.89 -52.98
CA THR SA 821 23.15 -10.55 -53.08
C THR SA 821 22.42 -10.41 -54.40
N GLU SA 822 21.15 -10.04 -54.33
CA GLU SA 822 20.30 -9.85 -55.50
C GLU SA 822 20.11 -8.37 -55.76
N GLY SA 823 20.33 -7.95 -57.00
CA GLY SA 823 20.25 -6.54 -57.37
C GLY SA 823 19.16 -6.30 -58.39
N THR SA 824 18.39 -5.23 -58.17
CA THR SA 824 17.36 -4.81 -59.10
C THR SA 824 17.08 -3.32 -58.94
N GLN TA 791 53.80 -46.63 -13.39
CA GLN TA 791 52.52 -47.26 -13.14
C GLN TA 791 51.38 -46.25 -13.15
N GLN TA 792 51.59 -45.12 -12.45
CA GLN TA 792 50.57 -44.09 -12.37
C GLN TA 792 50.43 -43.29 -13.67
N GLU TA 793 51.42 -43.37 -14.57
CA GLU TA 793 51.28 -42.71 -15.86
C GLU TA 793 50.34 -43.45 -16.79
N ILE TA 794 50.09 -44.73 -16.54
CA ILE TA 794 49.07 -45.47 -17.30
C ILE TA 794 47.67 -45.01 -16.91
N GLN TA 795 47.43 -44.81 -15.61
CA GLN TA 795 46.11 -44.40 -15.14
C GLN TA 795 45.80 -42.96 -15.53
N GLN TA 796 46.81 -42.11 -15.64
CA GLN TA 796 46.58 -40.74 -16.10
C GLN TA 796 46.31 -40.71 -17.59
N ARG TA 797 46.99 -41.55 -18.36
CA ARG TA 797 46.77 -41.62 -19.80
C ARG TA 797 45.41 -42.23 -20.13
N THR TA 798 44.95 -43.17 -19.31
CA THR TA 798 43.67 -43.84 -19.57
C THR TA 798 42.49 -42.89 -19.39
N SER TA 799 42.56 -41.99 -18.40
CA SER TA 799 41.47 -41.05 -18.18
C SER TA 799 41.44 -39.97 -19.24
N ASP TA 800 42.57 -39.69 -19.89
CA ASP TA 800 42.59 -38.71 -20.98
C ASP TA 800 41.93 -39.26 -22.23
N MET TA 801 42.13 -40.55 -22.52
CA MET TA 801 41.54 -41.14 -23.71
C MET TA 801 40.05 -41.37 -23.55
N LEU TA 802 39.58 -41.56 -22.32
CA LEU TA 802 38.15 -41.76 -22.09
C LEU TA 802 37.36 -40.48 -22.32
N THR TA 803 37.97 -39.33 -22.02
CA THR TA 803 37.32 -38.05 -22.30
C THR TA 803 37.24 -37.78 -23.80
N ALA TA 804 38.28 -38.14 -24.54
CA ALA TA 804 38.28 -37.91 -25.98
C ALA TA 804 37.40 -38.91 -26.73
N ALA TA 805 37.30 -40.14 -26.23
CA ALA TA 805 36.49 -41.14 -26.91
C ALA TA 805 35.00 -40.91 -26.70
N THR TA 806 34.63 -40.27 -25.59
CA THR TA 806 33.22 -39.94 -25.36
C THR TA 806 32.73 -38.88 -26.34
N GLN TA 807 33.56 -37.88 -26.62
CA GLN TA 807 33.19 -36.85 -27.58
C GLN TA 807 33.16 -37.38 -29.01
N LEU TA 808 34.04 -38.33 -29.33
CA LEU TA 808 34.07 -38.89 -30.69
C LEU TA 808 32.84 -39.75 -30.96
N VAL TA 809 32.41 -40.54 -29.98
CA VAL TA 809 31.25 -41.42 -30.14
C VAL TA 809 29.97 -40.59 -30.21
N GLN TA 810 29.88 -39.54 -29.38
CA GLN TA 810 28.70 -38.69 -29.35
C GLN TA 810 28.52 -37.91 -30.65
N ASP TA 811 29.62 -37.52 -31.30
CA ASP TA 811 29.52 -36.82 -32.58
C ASP TA 811 29.09 -37.74 -33.72
N TRP TA 812 29.40 -39.04 -33.61
CA TRP TA 812 28.98 -39.99 -34.64
C TRP TA 812 27.51 -40.36 -34.53
N LYS TA 813 26.87 -40.08 -33.38
CA LYS TA 813 25.46 -40.38 -33.21
C LYS TA 813 24.57 -39.41 -33.98
N GLN TA 814 25.03 -38.17 -34.17
CA GLN TA 814 24.17 -37.10 -34.68
C GLN TA 814 23.97 -37.25 -36.18
N VAL TA 815 22.70 -37.36 -36.60
CA VAL TA 815 22.32 -37.39 -38.00
C VAL TA 815 21.23 -36.35 -38.20
N GLU TA 816 21.46 -35.40 -39.10
CA GLU TA 816 20.51 -34.31 -39.29
C GLU TA 816 19.49 -34.68 -40.37
N THR TA 817 18.25 -34.27 -40.14
CA THR TA 817 17.14 -34.57 -41.03
C THR TA 817 17.29 -33.81 -42.35
N GLN TA 818 16.90 -34.46 -43.45
CA GLN TA 818 16.96 -33.86 -44.79
C GLN TA 818 16.03 -32.67 -44.90
N VAL TA 819 16.35 -31.77 -45.83
CA VAL TA 819 15.60 -30.53 -46.04
C VAL TA 819 15.08 -30.52 -47.48
N TYR TA 820 13.78 -30.34 -47.63
CA TYR TA 820 13.13 -30.25 -48.94
C TYR TA 820 12.75 -28.80 -49.21
N THR TA 821 13.28 -28.25 -50.30
CA THR TA 821 13.03 -26.86 -50.67
C THR TA 821 12.19 -26.82 -51.93
N GLU TA 822 11.03 -26.16 -51.85
CA GLU TA 822 10.11 -26.02 -52.96
C GLU TA 822 10.24 -24.62 -53.54
N GLY TA 823 10.39 -24.54 -54.86
CA GLY TA 823 10.58 -23.26 -55.54
C GLY TA 823 9.45 -22.98 -56.51
N THR TA 824 8.98 -21.74 -56.52
CA THR TA 824 7.97 -21.31 -57.47
C THR TA 824 8.08 -19.81 -57.72
N GLN UA 791 23.54 -68.30 5.40
CA GLN UA 791 22.27 -68.03 6.08
C GLN UA 791 21.73 -66.65 5.72
N GLN UA 792 22.59 -65.65 5.80
CA GLN UA 792 22.18 -64.28 5.48
C GLN UA 792 22.01 -64.03 3.98
N GLU UA 793 22.55 -64.91 3.13
CA GLU UA 793 22.34 -64.77 1.70
C GLU UA 793 20.94 -65.21 1.28
N ILE UA 794 20.27 -66.01 2.09
CA ILE UA 794 18.88 -66.36 1.83
C ILE UA 794 17.97 -65.16 2.08
N GLN UA 795 18.24 -64.41 3.15
CA GLN UA 795 17.43 -63.24 3.45
C GLN UA 795 17.65 -62.11 2.45
N GLN UA 796 18.84 -62.03 1.85
CA GLN UA 796 19.07 -61.04 0.81
C GLN UA 796 18.38 -61.43 -0.49
N ARG UA 797 18.40 -62.72 -0.83
CA ARG UA 797 17.75 -63.19 -2.05
C ARG UA 797 16.23 -63.12 -1.94
N THR UA 798 15.68 -63.30 -0.74
CA THR UA 798 14.23 -63.26 -0.56
C THR UA 798 13.67 -61.86 -0.77
N SER UA 799 14.41 -60.84 -0.34
CA SER UA 799 13.93 -59.47 -0.50
C SER UA 799 14.00 -59.01 -1.96
N ASP UA 800 14.90 -59.59 -2.75
CA ASP UA 800 14.97 -59.24 -4.16
C ASP UA 800 13.81 -59.84 -4.94
N MET UA 801 13.39 -61.06 -4.58
CA MET UA 801 12.28 -61.69 -5.28
C MET UA 801 10.94 -61.08 -4.89
N LEU UA 802 10.83 -60.53 -3.68
CA LEU UA 802 9.57 -59.93 -3.26
C LEU UA 802 9.31 -58.62 -3.97
N THR UA 803 10.37 -57.87 -4.30
CA THR UA 803 10.22 -56.64 -5.07
C THR UA 803 9.80 -56.94 -6.51
N ALA UA 804 10.38 -57.99 -7.11
CA ALA UA 804 10.03 -58.33 -8.49
C ALA UA 804 8.67 -58.97 -8.59
N ALA UA 805 8.23 -59.71 -7.56
CA ALA UA 805 6.92 -60.35 -7.62
C ALA UA 805 5.79 -59.36 -7.43
N THR UA 806 6.04 -58.26 -6.72
CA THR UA 806 5.03 -57.22 -6.56
C THR UA 806 4.77 -56.50 -7.87
N GLN UA 807 5.82 -56.26 -8.66
CA GLN UA 807 5.66 -55.62 -9.96
C GLN UA 807 4.97 -56.54 -10.97
N LEU UA 808 5.19 -57.85 -10.88
CA LEU UA 808 4.56 -58.78 -11.81
C LEU UA 808 3.07 -58.92 -11.55
N VAL UA 809 2.68 -58.98 -10.27
CA VAL UA 809 1.27 -59.15 -9.92
C VAL UA 809 0.47 -57.89 -10.22
N GLN UA 810 1.06 -56.72 -9.97
CA GLN UA 810 0.40 -55.45 -10.23
C GLN UA 810 0.18 -55.21 -11.73
N ASP UA 811 1.10 -55.69 -12.57
CA ASP UA 811 0.93 -55.58 -14.01
C ASP UA 811 -0.16 -56.50 -14.54
N TRP UA 812 -0.38 -57.64 -13.89
CA TRP UA 812 -1.43 -58.56 -14.32
C TRP UA 812 -2.82 -58.09 -13.91
N LYS UA 813 -2.92 -57.15 -12.97
CA LYS UA 813 -4.22 -56.64 -12.54
C LYS UA 813 -4.83 -55.71 -13.58
N GLN UA 814 -4.00 -55.09 -14.41
CA GLN UA 814 -4.45 -53.99 -15.28
C GLN UA 814 -5.13 -54.53 -16.52
N VAL UA 815 -6.37 -54.13 -16.75
CA VAL UA 815 -7.13 -54.46 -17.94
C VAL UA 815 -7.70 -53.17 -18.50
N GLU UA 816 -7.39 -52.85 -19.75
CA GLU UA 816 -7.82 -51.59 -20.34
C GLU UA 816 -9.17 -51.78 -21.03
N THR UA 817 -10.01 -50.75 -20.94
CA THR UA 817 -11.36 -50.77 -21.46
C THR UA 817 -11.33 -50.76 -22.99
N GLN UA 818 -12.27 -51.48 -23.61
CA GLN UA 818 -12.39 -51.53 -25.07
C GLN UA 818 -12.76 -50.17 -25.64
N VAL UA 819 -12.39 -49.96 -26.90
CA VAL UA 819 -12.60 -48.69 -27.59
C VAL UA 819 -13.44 -48.95 -28.84
N TYR UA 820 -14.57 -48.26 -28.93
CA TYR UA 820 -15.47 -48.36 -30.07
C TYR UA 820 -15.29 -47.14 -30.97
N THR UA 821 -14.96 -47.37 -32.24
CA THR UA 821 -14.73 -46.31 -33.21
C THR UA 821 -15.81 -46.35 -34.27
N GLU UA 822 -16.51 -45.24 -34.44
CA GLU UA 822 -17.56 -45.11 -35.44
C GLU UA 822 -17.08 -44.20 -36.56
N GLY UA 823 -17.28 -44.62 -37.80
CA GLY UA 823 -16.80 -43.89 -38.96
C GLY UA 823 -17.94 -43.52 -39.89
N THR UA 824 -17.88 -42.29 -40.41
CA THR UA 824 -18.85 -41.82 -41.39
C THR UA 824 -18.23 -40.74 -42.26
N GLN VA 791 8.14 -69.45 19.46
CA GLN VA 791 7.01 -68.82 20.12
C GLN VA 791 6.67 -67.47 19.49
N GLN VA 792 7.68 -66.61 19.33
CA GLN VA 792 7.46 -65.26 18.81
C GLN VA 792 7.17 -65.25 17.31
N GLU VA 793 7.43 -66.35 16.60
CA GLU VA 793 7.08 -66.42 15.19
C GLU VA 793 5.58 -66.57 14.98
N ILE VA 794 4.84 -67.00 16.01
CA ILE VA 794 3.39 -67.07 15.92
C ILE VA 794 2.79 -65.66 15.93
N GLN VA 795 3.31 -64.79 16.79
CA GLN VA 795 2.80 -63.42 16.88
C GLN VA 795 3.15 -62.60 15.64
N GLN VA 796 4.27 -62.94 14.98
CA GLN VA 796 4.60 -62.25 13.73
C GLN VA 796 3.70 -62.73 12.60
N ARG VA 797 3.38 -64.02 12.57
CA ARG VA 797 2.51 -64.56 11.54
C ARG VA 797 1.06 -64.09 11.73
N THR VA 798 0.64 -63.87 12.97
CA THR VA 798 -0.73 -63.44 13.24
C THR VA 798 -0.97 -62.02 12.76
N SER VA 799 0.04 -61.16 12.85
CA SER VA 799 -0.12 -59.78 12.42
C SER VA 799 -0.18 -59.66 10.90
N ASP VA 800 0.47 -60.57 10.18
CA ASP VA 800 0.40 -60.54 8.72
C ASP VA 800 -0.95 -61.02 8.22
N MET VA 801 -1.55 -61.99 8.92
CA MET VA 801 -2.86 -62.49 8.50
C MET VA 801 -3.97 -61.50 8.81
N LEU VA 802 -3.80 -60.67 9.85
CA LEU VA 802 -4.83 -59.69 10.18
C LEU VA 802 -4.85 -58.55 9.18
N THR VA 803 -3.69 -58.19 8.62
CA THR VA 803 -3.64 -57.17 7.59
C THR VA 803 -4.29 -57.64 6.30
N ALA VA 804 -4.08 -58.92 5.95
CA ALA VA 804 -4.67 -59.45 4.72
C ALA VA 804 -6.16 -59.71 4.86
N ALA VA 805 -6.62 -60.08 6.06
CA ALA VA 805 -8.04 -60.37 6.25
C ALA VA 805 -8.87 -59.10 6.31
N THR VA 806 -8.29 -57.99 6.77
CA THR VA 806 -8.99 -56.72 6.79
C THR VA 806 -9.24 -56.20 5.38
N GLN VA 807 -8.28 -56.40 4.48
CA GLN VA 807 -8.44 -56.01 3.09
C GLN VA 807 -9.47 -56.89 2.38
N LEU VA 808 -9.51 -58.18 2.71
CA LEU VA 808 -10.43 -59.11 2.05
C LEU VA 808 -11.87 -58.84 2.45
N VAL VA 809 -12.11 -58.52 3.72
CA VAL VA 809 -13.46 -58.28 4.20
C VAL VA 809 -13.99 -56.96 3.65
N GLN VA 810 -13.13 -55.95 3.55
CA GLN VA 810 -13.51 -54.64 3.02
C GLN VA 810 -13.91 -54.70 1.55
N ASP VA 811 -13.25 -55.56 0.77
CA ASP VA 811 -13.60 -55.71 -0.64
C ASP VA 811 -14.94 -56.43 -0.83
N TRP VA 812 -15.31 -57.32 0.09
CA TRP VA 812 -16.59 -58.02 0.00
C TRP VA 812 -17.77 -57.14 0.39
N LYS VA 813 -17.52 -56.02 1.06
CA LYS VA 813 -18.59 -55.11 1.43
C LYS VA 813 -19.09 -54.29 0.24
N GLN VA 814 -18.24 -54.06 -0.75
CA GLN VA 814 -18.53 -53.11 -1.81
C GLN VA 814 -19.48 -53.71 -2.84
N VAL VA 815 -20.64 -53.09 -3.02
CA VAL VA 815 -21.62 -53.48 -4.03
C VAL VA 815 -21.97 -52.22 -4.82
N GLU VA 816 -21.77 -52.27 -6.13
CA GLU VA 816 -21.99 -51.09 -6.97
C GLU VA 816 -23.42 -51.06 -7.49
N THR VA 817 -23.97 -49.86 -7.57
CA THR VA 817 -25.35 -49.66 -8.01
C THR VA 817 -25.49 -49.97 -9.50
N GLN VA 818 -26.62 -50.56 -9.88
CA GLN VA 818 -26.93 -50.87 -11.26
C GLN VA 818 -27.05 -49.61 -12.10
N VAL VA 819 -26.83 -49.77 -13.41
CA VAL VA 819 -26.84 -48.66 -14.35
C VAL VA 819 -27.89 -48.93 -15.42
N TYR VA 820 -28.82 -47.98 -15.60
CA TYR VA 820 -29.85 -48.07 -16.62
C TYR VA 820 -29.50 -47.17 -17.80
N THR VA 821 -29.35 -47.77 -18.97
CA THR VA 821 -28.98 -47.04 -20.18
C THR VA 821 -30.18 -47.02 -21.12
N GLU VA 822 -30.61 -45.82 -21.51
CA GLU VA 822 -31.74 -45.63 -22.39
C GLU VA 822 -31.25 -45.13 -23.74
N GLY VA 823 -31.69 -45.77 -24.80
CA GLY VA 823 -31.25 -45.44 -26.15
C GLY VA 823 -32.40 -44.99 -27.03
N THR VA 824 -32.13 -43.99 -27.87
CA THR VA 824 -33.11 -43.51 -28.84
C THR VA 824 -32.41 -42.86 -30.02
N GLN WA 791 -20.19 -34.67 60.54
CA GLN WA 791 -20.29 -33.21 60.62
C GLN WA 791 -20.10 -32.57 59.25
N GLN WA 792 -19.02 -32.94 58.56
CA GLN WA 792 -18.71 -32.36 57.26
C GLN WA 792 -19.68 -32.78 56.16
N GLU WA 793 -20.41 -33.89 56.36
CA GLU WA 793 -21.42 -34.28 55.38
C GLU WA 793 -22.65 -33.37 55.41
N ILE WA 794 -22.85 -32.62 56.49
CA ILE WA 794 -23.94 -31.65 56.55
C ILE WA 794 -23.64 -30.47 55.64
N GLN WA 795 -22.40 -29.97 55.68
CA GLN WA 795 -22.02 -28.83 54.84
C GLN WA 795 -21.94 -29.21 53.36
N GLN WA 796 -21.68 -30.48 53.05
CA GLN WA 796 -21.69 -30.91 51.67
C GLN WA 796 -23.13 -31.03 51.15
N ARG WA 797 -24.04 -31.52 52.00
CA ARG WA 797 -25.44 -31.64 51.60
C ARG WA 797 -26.12 -30.29 51.49
N THR WA 798 -25.68 -29.30 52.29
CA THR WA 798 -26.30 -27.98 52.26
C THR WA 798 -25.98 -27.25 50.96
N SER WA 799 -24.78 -27.43 50.42
CA SER WA 799 -24.42 -26.77 49.17
C SER WA 799 -25.13 -27.39 47.97
N ASP WA 800 -25.49 -28.67 48.06
CA ASP WA 800 -26.22 -29.30 46.97
C ASP WA 800 -27.66 -28.82 46.90
N MET WA 801 -28.30 -28.62 48.05
CA MET WA 801 -29.69 -28.16 48.06
C MET WA 801 -29.80 -26.69 47.68
N LEU WA 802 -28.76 -25.89 47.95
CA LEU WA 802 -28.79 -24.48 47.60
C LEU WA 802 -28.71 -24.28 46.09
N THR WA 803 -27.98 -25.15 45.39
CA THR WA 803 -27.94 -25.08 43.93
C THR WA 803 -29.28 -25.47 43.32
N ALA WA 804 -29.93 -26.50 43.87
CA ALA WA 804 -31.21 -26.95 43.34
C ALA WA 804 -32.33 -25.97 43.67
N ALA WA 805 -32.26 -25.30 44.82
CA ALA WA 805 -33.32 -24.37 45.20
C ALA WA 805 -33.25 -23.08 44.40
N THR WA 806 -32.06 -22.70 43.94
CA THR WA 806 -31.91 -21.50 43.12
C THR WA 806 -32.56 -21.69 41.75
N GLN WA 807 -32.43 -22.89 41.16
CA GLN WA 807 -33.06 -23.16 39.88
C GLN WA 807 -34.57 -23.28 40.00
N LEU WA 808 -35.07 -23.82 41.11
CA LEU WA 808 -36.50 -23.96 41.31
C LEU WA 808 -37.19 -22.61 41.48
N VAL WA 809 -36.56 -21.70 42.22
CA VAL WA 809 -37.14 -20.38 42.45
C VAL WA 809 -37.12 -19.55 41.16
N GLN WA 810 -36.04 -19.67 40.39
CA GLN WA 810 -35.90 -18.92 39.13
C GLN WA 810 -36.93 -19.37 38.10
N ASP WA 811 -37.28 -20.65 38.08
CA ASP WA 811 -38.30 -21.13 37.15
C ASP WA 811 -39.70 -20.65 37.51
N TRP WA 812 -39.98 -20.47 38.81
CA TRP WA 812 -41.28 -19.98 39.24
C TRP WA 812 -41.49 -18.50 38.97
N LYS WA 813 -40.40 -17.75 38.72
CA LYS WA 813 -40.53 -16.33 38.42
C LYS WA 813 -41.06 -16.09 37.01
N GLN WA 814 -40.81 -17.02 36.10
CA GLN WA 814 -41.02 -16.79 34.68
C GLN WA 814 -42.51 -16.92 34.34
N VAL WA 815 -43.09 -15.84 33.81
CA VAL WA 815 -44.48 -15.81 33.36
C VAL WA 815 -44.49 -15.25 31.95
N GLU WA 816 -45.03 -16.01 30.99
CA GLU WA 816 -45.00 -15.60 29.60
C GLU WA 816 -46.26 -14.83 29.23
N THR WA 817 -46.08 -13.81 28.39
CA THR WA 817 -47.16 -12.93 27.99
C THR WA 817 -48.15 -13.67 27.08
N GLN WA 818 -49.44 -13.36 27.23
CA GLN WA 818 -50.50 -13.94 26.42
C GLN WA 818 -50.34 -13.57 24.94
N VAL WA 819 -50.88 -14.43 24.08
CA VAL WA 819 -50.79 -14.27 22.64
C VAL WA 819 -52.19 -14.18 22.07
N TYR WA 820 -52.47 -13.11 21.33
CA TYR WA 820 -53.75 -12.89 20.68
C TYR WA 820 -53.61 -13.15 19.19
N THR WA 821 -54.41 -14.08 18.67
CA THR WA 821 -54.35 -14.46 17.26
C THR WA 821 -55.65 -14.03 16.57
N GLU WA 822 -55.51 -13.26 15.50
CA GLU WA 822 -56.64 -12.78 14.72
C GLU WA 822 -56.71 -13.55 13.41
N GLY WA 823 -57.89 -14.04 13.07
CA GLY WA 823 -58.09 -14.84 11.87
C GLY WA 823 -59.07 -14.18 10.92
N THR WA 824 -58.73 -14.20 9.63
CA THR WA 824 -59.61 -13.71 8.59
C THR WA 824 -59.30 -14.40 7.25
N GLN XA 791 -19.26 -15.10 68.25
CA GLN XA 791 -19.13 -13.66 68.05
C GLN XA 791 -19.03 -13.32 66.57
N GLN XA 792 -18.17 -14.05 65.85
CA GLN XA 792 -17.94 -13.78 64.43
C GLN XA 792 -19.11 -14.23 63.55
N GLU XA 793 -20.02 -15.03 64.07
CA GLU XA 793 -21.21 -15.41 63.31
C GLU XA 793 -22.20 -14.26 63.19
N ILE XA 794 -22.12 -13.27 64.07
CA ILE XA 794 -22.96 -12.08 63.96
C ILE XA 794 -22.52 -11.23 62.77
N GLN XA 795 -21.21 -11.05 62.59
CA GLN XA 795 -20.71 -10.24 61.48
C GLN XA 795 -20.92 -10.94 60.14
N GLN XA 796 -20.96 -12.27 60.13
CA GLN XA 796 -21.29 -12.97 58.89
C GLN XA 796 -22.76 -12.83 58.55
N ARG XA 797 -23.63 -12.90 59.56
CA ARG XA 797 -25.06 -12.74 59.35
C ARG XA 797 -25.43 -11.31 58.97
N THR XA 798 -24.69 -10.33 59.49
CA THR XA 798 -24.99 -8.93 59.20
C THR XA 798 -24.68 -8.57 57.75
N SER XA 799 -23.62 -9.15 57.18
CA SER XA 799 -23.28 -8.86 55.80
C SER XA 799 -24.24 -9.53 54.82
N ASP XA 800 -24.85 -10.64 55.22
CA ASP XA 800 -25.84 -11.28 54.36
C ASP XA 800 -27.15 -10.49 54.33
N MET XA 801 -27.53 -9.88 55.45
CA MET XA 801 -28.76 -9.11 55.50
C MET XA 801 -28.62 -7.78 54.76
N LEU XA 802 -27.41 -7.22 54.71
CA LEU XA 802 -27.21 -5.96 54.02
C LEU XA 802 -27.29 -6.12 52.51
N THR XA 803 -26.89 -7.29 51.99
CA THR XA 803 -27.00 -7.56 50.56
C THR XA 803 -28.46 -7.71 50.15
N ALA XA 804 -29.27 -8.36 50.98
CA ALA XA 804 -30.68 -8.55 50.67
C ALA XA 804 -31.48 -7.28 50.85
N ALA XA 805 -31.07 -6.43 51.80
CA ALA XA 805 -31.80 -5.18 52.04
C ALA XA 805 -31.53 -4.15 50.96
N THR XA 806 -30.35 -4.19 50.34
CA THR XA 806 -30.05 -3.26 49.25
C THR XA 806 -30.86 -3.59 48.01
N GLN XA 807 -31.07 -4.89 47.73
CA GLN XA 807 -31.89 -5.30 46.60
C GLN XA 807 -33.37 -4.97 46.83
N LEU XA 808 -33.84 -5.08 48.07
CA LEU XA 808 -35.25 -4.83 48.35
C LEU XA 808 -35.59 -3.35 48.23
N VAL XA 809 -34.65 -2.47 48.61
CA VAL XA 809 -34.93 -1.03 48.63
C VAL XA 809 -35.03 -0.48 47.21
N GLN XA 810 -34.11 -0.88 46.32
CA GLN XA 810 -34.12 -0.30 44.97
C GLN XA 810 -35.23 -0.89 44.12
N ASP XA 811 -35.79 -2.02 44.51
CA ASP XA 811 -36.98 -2.53 43.84
C ASP XA 811 -38.21 -1.70 44.19
N TRP XA 812 -38.26 -1.15 45.41
CA TRP XA 812 -39.35 -0.28 45.81
C TRP XA 812 -39.22 1.12 45.22
N LYS XA 813 -38.03 1.50 44.74
CA LYS XA 813 -37.84 2.80 44.12
C LYS XA 813 -38.47 2.87 42.74
N GLN XA 814 -38.53 1.74 42.02
CA GLN XA 814 -38.90 1.74 40.62
C GLN XA 814 -40.41 1.88 40.46
N VAL XA 815 -40.83 2.91 39.73
CA VAL XA 815 -42.23 3.16 39.40
C VAL XA 815 -42.32 3.39 37.91
N GLU XA 816 -43.14 2.61 37.22
CA GLU XA 816 -43.22 2.69 35.77
C GLU XA 816 -44.27 3.70 35.32
N THR XA 817 -43.96 4.36 34.20
CA THR XA 817 -44.83 5.38 33.64
C THR XA 817 -46.10 4.74 33.08
N GLN XA 818 -47.23 5.43 33.23
CA GLN XA 818 -48.51 4.99 32.67
C GLN XA 818 -48.46 4.98 31.15
N VAL XA 819 -49.29 4.13 30.54
CA VAL XA 819 -49.33 3.97 29.10
C VAL XA 819 -50.74 4.29 28.61
N TYR XA 820 -50.84 5.26 27.70
CA TYR XA 820 -52.11 5.66 27.10
C TYR XA 820 -52.23 5.04 25.71
N THR XA 821 -53.27 4.24 25.52
CA THR XA 821 -53.49 3.55 24.25
C THR XA 821 -54.73 4.12 23.59
N GLU XA 822 -54.57 4.60 22.36
CA GLU XA 822 -55.66 5.18 21.59
C GLU XA 822 -56.05 4.22 20.47
N GLY XA 823 -57.34 3.94 20.36
CA GLY XA 823 -57.84 3.00 19.37
C GLY XA 823 -58.77 3.68 18.38
N THR XA 824 -58.63 3.32 17.11
CA THR XA 824 -59.51 3.81 16.06
C THR XA 824 -59.57 2.82 14.91
N GLN YA 791 -2.39 22.98 68.68
CA GLN YA 791 -1.72 23.90 67.77
C GLN YA 791 -1.95 23.49 66.32
N GLN YA 792 -1.79 22.21 66.02
CA GLN YA 792 -1.97 21.71 64.66
C GLN YA 792 -3.43 21.67 64.23
N GLU YA 793 -4.38 21.71 65.18
CA GLU YA 793 -5.79 21.77 64.82
C GLU YA 793 -6.19 23.13 64.28
N ILE YA 794 -5.42 24.18 64.58
CA ILE YA 794 -5.66 25.49 63.97
C ILE YA 794 -5.27 25.48 62.50
N GLN YA 795 -4.13 24.87 62.16
CA GLN YA 795 -3.67 24.84 60.78
C GLN YA 795 -4.54 23.94 59.91
N GLN YA 796 -5.14 22.90 60.48
CA GLN YA 796 -6.06 22.07 59.72
C GLN YA 796 -7.38 22.77 59.49
N ARG YA 797 -7.85 23.53 60.48
CA ARG YA 797 -9.09 24.28 60.34
C ARG YA 797 -8.94 25.44 59.36
N THR YA 798 -7.75 26.06 59.31
CA THR YA 798 -7.52 27.20 58.44
C THR YA 798 -7.55 26.81 56.97
N SER YA 799 -7.00 25.63 56.64
CA SER YA 799 -7.00 25.19 55.25
C SER YA 799 -8.38 24.75 54.79
N ASP YA 800 -9.25 24.35 55.73
CA ASP YA 800 -10.62 24.00 55.35
C ASP YA 800 -11.44 25.23 55.01
N MET YA 801 -11.23 26.33 55.75
CA MET YA 801 -11.99 27.54 55.49
C MET YA 801 -11.53 28.25 54.22
N LEU YA 802 -10.26 28.07 53.83
CA LEU YA 802 -9.77 28.69 52.62
C LEU YA 802 -10.35 28.03 51.37
N THR YA 803 -10.65 26.73 51.45
CA THR YA 803 -11.30 26.05 50.33
C THR YA 803 -12.74 26.50 50.17
N ALA YA 804 -13.44 26.70 51.30
CA ALA YA 804 -14.84 27.11 51.25
C ALA YA 804 -14.98 28.58 50.86
N ALA YA 805 -14.03 29.42 51.26
CA ALA YA 805 -14.11 30.85 50.96
C ALA YA 805 -13.79 31.13 49.50
N THR YA 806 -12.97 30.30 48.87
CA THR YA 806 -12.68 30.46 47.45
C THR YA 806 -13.91 30.19 46.58
N GLN YA 807 -14.69 29.17 46.94
CA GLN YA 807 -15.91 28.87 46.20
C GLN YA 807 -17.00 29.91 46.43
N LEU YA 808 -17.05 30.51 47.63
CA LEU YA 808 -18.05 31.52 47.92
C LEU YA 808 -17.78 32.81 47.17
N VAL YA 809 -16.51 33.22 47.09
CA VAL YA 809 -16.14 34.46 46.40
C VAL YA 809 -16.32 34.30 44.89
N GLN YA 810 -15.98 33.13 44.36
CA GLN YA 810 -16.10 32.86 42.93
C GLN YA 810 -17.55 32.86 42.47
N ASP YA 811 -18.47 32.40 43.32
CA ASP YA 811 -19.89 32.39 42.97
C ASP YA 811 -20.48 33.80 43.00
N TRP YA 812 -19.94 34.70 43.81
CA TRP YA 812 -20.42 36.07 43.84
C TRP YA 812 -19.94 36.90 42.66
N LYS YA 813 -18.93 36.43 41.94
CA LYS YA 813 -18.42 37.16 40.77
C LYS YA 813 -19.36 37.02 39.58
N GLN YA 814 -20.08 35.91 39.48
CA GLN YA 814 -20.82 35.57 38.28
C GLN YA 814 -22.11 36.38 38.18
N VAL YA 815 -22.24 37.14 37.09
CA VAL YA 815 -23.45 37.91 36.79
C VAL YA 815 -23.86 37.56 35.37
N GLU YA 816 -25.08 37.06 35.20
CA GLU YA 816 -25.53 36.62 33.88
C GLU YA 816 -26.21 37.77 33.14
N THR YA 817 -25.97 37.83 31.83
CA THR YA 817 -26.50 38.88 30.97
C THR YA 817 -28.01 38.73 30.83
N GLN YA 818 -28.70 39.88 30.77
CA GLN YA 818 -30.15 39.92 30.60
C GLN YA 818 -30.57 39.34 29.26
N VAL YA 819 -31.81 38.85 29.20
CA VAL YA 819 -32.37 38.21 28.02
C VAL YA 819 -33.60 38.99 27.58
N TYR YA 820 -33.60 39.44 26.33
CA TYR YA 820 -34.73 40.17 25.74
C TYR YA 820 -35.48 39.25 24.78
N THR YA 821 -36.77 39.06 25.04
CA THR YA 821 -37.61 38.17 24.24
C THR YA 821 -38.63 39.00 23.48
N GLU YA 822 -38.63 38.87 22.16
CA GLU YA 822 -39.56 39.58 21.29
C GLU YA 822 -40.65 38.64 20.84
N GLY YA 823 -41.89 39.06 20.95
CA GLY YA 823 -43.04 38.24 20.61
C GLY YA 823 -43.85 38.85 19.49
N THR YA 824 -44.29 38.00 18.56
CA THR YA 824 -45.16 38.44 17.47
C THR YA 824 -46.00 37.26 16.97
N GLN ZA 791 11.73 36.85 61.50
CA GLN ZA 791 12.49 37.34 60.36
C GLN ZA 791 12.02 36.70 59.06
N GLN ZA 792 11.93 35.38 59.06
CA GLN ZA 792 11.53 34.62 57.88
C GLN ZA 792 10.08 34.86 57.48
N GLU ZA 793 9.22 35.26 58.42
CA GLU ZA 793 7.82 35.56 58.10
C GLU ZA 793 7.69 36.84 57.27
N ILE ZA 794 8.70 37.71 57.26
CA ILE ZA 794 8.67 38.90 56.41
C ILE ZA 794 8.85 38.51 54.95
N GLN ZA 795 9.77 37.58 54.65
CA GLN ZA 795 9.99 37.16 53.28
C GLN ZA 795 8.83 36.31 52.75
N GLN ZA 796 8.11 35.62 53.64
CA GLN ZA 796 6.93 34.89 53.19
C GLN ZA 796 5.78 35.85 52.88
N ARG ZA 797 5.63 36.90 53.68
CA ARG ZA 797 4.57 37.88 53.43
C ARG ZA 797 4.85 38.72 52.19
N THR ZA 798 6.13 38.96 51.88
CA THR ZA 798 6.48 39.76 50.72
C THR ZA 798 6.18 39.03 49.41
N SER ZA 799 6.33 37.71 49.41
CA SER ZA 799 6.03 36.93 48.21
C SER ZA 799 4.53 36.86 47.94
N ASP ZA 800 3.71 36.87 48.99
CA ASP ZA 800 2.27 36.87 48.79
C ASP ZA 800 1.77 38.21 48.28
N MET ZA 801 2.39 39.30 48.73
CA MET ZA 801 1.97 40.63 48.30
C MET ZA 801 2.37 40.91 46.86
N LEU ZA 802 3.47 40.32 46.39
CA LEU ZA 802 3.92 40.55 45.02
C LEU ZA 802 3.02 39.83 44.02
N THR ZA 803 2.47 38.68 44.39
CA THR ZA 803 1.55 37.97 43.51
C THR ZA 803 0.24 38.71 43.37
N ALA ZA 804 -0.27 39.29 44.45
CA ALA ZA 804 -1.53 40.02 44.41
C ALA ZA 804 -1.38 41.38 43.73
N ALA ZA 805 -0.22 42.02 43.88
CA ALA ZA 805 -0.03 43.33 43.27
C ALA ZA 805 0.18 43.23 41.76
N THR ZA 806 0.70 42.10 41.28
CA THR ZA 806 0.87 41.91 39.84
C THR ZA 806 -0.48 41.78 39.15
N GLN ZA 807 -1.44 41.09 39.77
CA GLN ZA 807 -2.76 40.94 39.20
C GLN ZA 807 -3.54 42.25 39.24
N LEU ZA 808 -3.32 43.08 40.26
CA LEU ZA 808 -4.02 44.36 40.36
C LEU ZA 808 -3.54 45.33 39.28
N VAL ZA 809 -2.23 45.37 39.03
CA VAL ZA 809 -1.68 46.30 38.04
C VAL ZA 809 -2.08 45.85 36.62
N GLN ZA 810 -2.08 44.55 36.37
CA GLN ZA 810 -2.43 44.01 35.06
C GLN ZA 810 -3.91 44.26 34.72
N ASP ZA 811 -4.78 44.29 35.73
CA ASP ZA 811 -6.19 44.57 35.50
C ASP ZA 811 -6.44 46.05 35.22
N TRP ZA 812 -5.63 46.94 35.78
CA TRP ZA 812 -5.81 48.37 35.55
C TRP ZA 812 -5.31 48.81 34.18
N LYS ZA 813 -4.48 48.00 33.51
CA LYS ZA 813 -3.99 48.36 32.19
C LYS ZA 813 -5.05 48.16 31.12
N GLN ZA 814 -6.04 47.32 31.37
CA GLN ZA 814 -6.99 46.90 30.34
C GLN ZA 814 -8.06 47.97 30.15
N VAL ZA 815 -8.19 48.46 28.91
CA VAL ZA 815 -9.20 49.44 28.54
C VAL ZA 815 -9.87 48.93 27.28
N GLU ZA 816 -11.20 48.78 27.32
CA GLU ZA 816 -11.92 48.23 26.19
C GLU ZA 816 -12.33 49.31 25.20
N THR ZA 817 -12.41 48.92 23.93
CA THR ZA 817 -12.77 49.81 22.85
C THR ZA 817 -14.28 50.10 22.90
N GLN ZA 818 -14.64 51.35 22.60
CA GLN ZA 818 -16.04 51.75 22.51
C GLN ZA 818 -16.75 51.02 21.38
N VAL ZA 819 -18.06 50.84 21.54
CA VAL ZA 819 -18.89 50.11 20.59
C VAL ZA 819 -19.97 51.05 20.07
N TYR ZA 820 -20.05 51.19 18.74
CA TYR ZA 820 -21.03 52.04 18.09
C TYR ZA 820 -22.10 51.17 17.45
N THR ZA 821 -23.35 51.36 17.86
CA THR ZA 821 -24.48 50.58 17.38
C THR ZA 821 -25.36 51.47 16.52
N GLU ZA 822 -25.58 51.07 15.27
CA GLU ZA 822 -26.40 51.81 14.32
C GLU ZA 822 -27.75 51.13 14.20
N GLY ZA 823 -28.82 51.91 14.29
CA GLY ZA 823 -30.17 51.38 14.27
C GLY ZA 823 -30.94 51.89 13.08
N THR ZA 824 -31.63 50.98 12.39
CA THR ZA 824 -32.50 51.33 11.28
C THR ZA 824 -33.57 50.27 11.07
N GLN AB 791 71.47 10.82 -5.28
CA GLN AB 791 71.03 9.61 -5.98
C GLN AB 791 69.51 9.53 -6.03
N GLN AB 792 68.86 9.76 -4.88
CA GLN AB 792 67.40 9.71 -4.82
C GLN AB 792 66.74 10.94 -5.44
N GLU AB 793 67.48 12.02 -5.67
CA GLU AB 793 66.92 13.18 -6.34
C GLU AB 793 66.77 12.97 -7.84
N ILE AB 794 67.51 12.00 -8.40
CA ILE AB 794 67.34 11.65 -9.81
C ILE AB 794 66.00 10.94 -10.02
N GLN AB 795 65.66 10.02 -9.12
CA GLN AB 795 64.40 9.28 -9.23
C GLN AB 795 63.20 10.16 -8.96
N GLN AB 796 63.36 11.23 -8.17
CA GLN AB 796 62.28 12.18 -7.98
C GLN AB 796 62.09 13.05 -9.22
N ARG AB 797 63.20 13.46 -9.85
CA ARG AB 797 63.12 14.28 -11.06
C ARG AB 797 62.59 13.48 -12.24
N THR AB 798 62.86 12.17 -12.29
CA THR AB 798 62.41 11.34 -13.40
C THR AB 798 60.90 11.16 -13.38
N SER AB 799 60.29 11.08 -12.19
CA SER AB 799 58.85 10.92 -12.11
C SER AB 799 58.10 12.20 -12.49
N ASP AB 800 58.72 13.36 -12.28
CA ASP AB 800 58.09 14.62 -12.66
C ASP AB 800 58.09 14.80 -14.17
N MET AB 801 59.17 14.39 -14.84
CA MET AB 801 59.23 14.54 -16.29
C MET AB 801 58.33 13.53 -17.01
N LEU AB 802 58.10 12.38 -16.40
CA LEU AB 802 57.23 11.38 -17.02
C LEU AB 802 55.77 11.82 -16.99
N THR AB 803 55.36 12.54 -15.96
CA THR AB 803 54.01 13.08 -15.90
C THR AB 803 53.80 14.18 -16.93
N ALA AB 804 54.80 15.04 -17.12
CA ALA AB 804 54.69 16.13 -18.07
C ALA AB 804 54.78 15.64 -19.51
N ALA AB 805 55.56 14.58 -19.76
CA ALA AB 805 55.71 14.08 -21.11
C ALA AB 805 54.47 13.31 -21.57
N THR AB 806 53.72 12.73 -20.63
CA THR AB 806 52.50 12.03 -20.98
C THR AB 806 51.42 13.00 -21.45
N GLN AB 807 51.33 14.18 -20.82
CA GLN AB 807 50.36 15.18 -21.24
C GLN AB 807 50.75 15.82 -22.57
N LEU AB 808 52.05 15.99 -22.82
CA LEU AB 808 52.51 16.59 -24.08
C LEU AB 808 52.24 15.67 -25.26
N VAL AB 809 52.47 14.37 -25.10
CA VAL AB 809 52.26 13.42 -26.19
C VAL AB 809 50.76 13.26 -26.47
N GLN AB 810 49.94 13.25 -25.42
CA GLN AB 810 48.49 13.10 -25.57
C GLN AB 810 47.87 14.30 -26.28
N ASP AB 811 48.43 15.49 -26.10
CA ASP AB 811 47.92 16.68 -26.77
C ASP AB 811 48.29 16.69 -28.26
N TRP AB 812 49.42 16.10 -28.63
CA TRP AB 812 49.82 16.05 -30.03
C TRP AB 812 49.03 15.03 -30.83
N LYS AB 813 48.36 14.09 -30.16
CA LYS AB 813 47.55 13.10 -30.86
C LYS AB 813 46.25 13.70 -31.40
N GLN AB 814 45.75 14.75 -30.77
CA GLN AB 814 44.40 15.25 -31.04
C GLN AB 814 44.38 16.07 -32.33
N VAL AB 815 43.57 15.62 -33.29
CA VAL AB 815 43.37 16.32 -34.55
C VAL AB 815 41.86 16.46 -34.76
N GLU AB 816 41.38 17.68 -34.92
CA GLU AB 816 39.96 17.91 -35.02
C GLU AB 816 39.52 17.94 -36.48
N THR AB 817 38.33 17.38 -36.73
CA THR AB 817 37.79 17.25 -38.07
C THR AB 817 37.42 18.62 -38.63
N GLN AB 818 37.62 18.79 -39.95
CA GLN AB 818 37.29 20.03 -40.64
C GLN AB 818 35.78 20.28 -40.63
N VAL AB 819 35.41 21.56 -40.74
CA VAL AB 819 34.02 21.99 -40.68
C VAL AB 819 33.69 22.71 -41.99
N TYR AB 820 32.66 22.21 -42.68
CA TYR AB 820 32.17 22.82 -43.92
C TYR AB 820 30.90 23.61 -43.63
N THR AB 821 30.92 24.90 -43.94
CA THR AB 821 29.79 25.79 -43.69
C THR AB 821 29.18 26.22 -45.02
N GLU AB 822 27.89 25.98 -45.18
CA GLU AB 822 27.15 26.34 -46.39
C GLU AB 822 26.29 27.55 -46.09
N GLY AB 823 26.36 28.55 -46.95
CA GLY AB 823 25.61 29.79 -46.77
C GLY AB 823 24.65 30.04 -47.91
N THR AB 824 23.45 30.47 -47.57
CA THR AB 824 22.44 30.85 -48.56
C THR AB 824 21.46 31.84 -47.96
N GLN BB 791 39.74 -60.36 -6.22
CA GLN BB 791 38.41 -60.62 -5.68
C GLN BB 791 37.50 -59.40 -5.83
N GLN BB 792 37.98 -58.24 -5.37
CA GLN BB 792 37.21 -57.00 -5.39
C GLN BB 792 37.01 -56.48 -6.81
N GLU BB 793 37.85 -56.89 -7.76
CA GLU BB 793 37.67 -56.50 -9.16
C GLU BB 793 36.45 -57.14 -9.79
N ILE BB 794 35.96 -58.25 -9.23
CA ILE BB 794 34.72 -58.86 -9.73
C ILE BB 794 33.53 -58.00 -9.37
N GLN BB 795 33.49 -57.48 -8.13
CA GLN BB 795 32.36 -56.65 -7.72
C GLN BB 795 32.38 -55.29 -8.40
N GLN BB 796 33.56 -54.78 -8.77
CA GLN BB 796 33.62 -53.54 -9.53
C GLN BB 796 33.16 -53.74 -10.96
N ARG BB 797 33.51 -54.88 -11.56
CA ARG BB 797 33.07 -55.19 -12.92
C ARG BB 797 31.58 -55.47 -12.98
N THR BB 798 31.02 -56.06 -11.93
CA THR BB 798 29.60 -56.42 -11.92
C THR BB 798 28.71 -55.19 -11.87
N SER BB 799 29.14 -54.16 -11.13
CA SER BB 799 28.35 -52.93 -11.05
C SER BB 799 28.42 -52.13 -12.35
N ASP BB 800 29.51 -52.26 -13.09
CA ASP BB 800 29.61 -51.58 -14.38
C ASP BB 800 28.72 -52.25 -15.43
N MET BB 801 28.59 -53.57 -15.35
CA MET BB 801 27.75 -54.29 -16.30
C MET BB 801 26.27 -54.08 -16.03
N LEU BB 802 25.89 -53.83 -14.78
CA LEU BB 802 24.48 -53.63 -14.45
C LEU BB 802 23.99 -52.27 -14.93
N THR BB 803 24.87 -51.27 -14.97
CA THR BB 803 24.50 -49.95 -15.49
C THR BB 803 24.28 -50.01 -17.00
N ALA BB 804 25.13 -50.74 -17.71
CA ALA BB 804 25.00 -50.83 -19.16
C ALA BB 804 23.84 -51.72 -19.58
N ALA BB 805 23.54 -52.76 -18.80
CA ALA BB 805 22.44 -53.66 -19.16
C ALA BB 805 21.09 -53.04 -18.89
N THR BB 806 21.02 -52.10 -17.93
CA THR BB 806 19.75 -51.42 -17.67
C THR BB 806 19.38 -50.48 -18.81
N GLN BB 807 20.36 -49.80 -19.40
CA GLN BB 807 20.10 -48.93 -20.53
C GLN BB 807 19.74 -49.70 -21.79
N LEU BB 808 20.33 -50.89 -21.97
CA LEU BB 808 20.04 -51.71 -23.14
C LEU BB 808 18.61 -52.26 -23.09
N VAL BB 809 18.17 -52.71 -21.92
CA VAL BB 809 16.82 -53.27 -21.78
C VAL BB 809 15.76 -52.18 -21.93
N GLN BB 810 16.03 -50.99 -21.35
CA GLN BB 810 15.09 -49.88 -21.42
C GLN BB 810 14.92 -49.35 -22.84
N ASP BB 811 15.97 -49.45 -23.67
CA ASP BB 811 15.86 -49.01 -25.06
C ASP BB 811 15.08 -50.00 -25.91
N TRP BB 812 15.10 -51.29 -25.56
CA TRP BB 812 14.37 -52.29 -26.33
C TRP BB 812 12.87 -52.27 -26.05
N LYS BB 813 12.44 -51.65 -24.94
CA LYS BB 813 11.02 -51.60 -24.63
C LYS BB 813 10.29 -50.58 -25.50
N GLN BB 814 10.99 -49.59 -26.03
CA GLN BB 814 10.36 -48.46 -26.70
C GLN BB 814 9.93 -48.84 -28.11
N VAL BB 815 8.64 -48.69 -28.39
CA VAL BB 815 8.06 -48.92 -29.71
C VAL BB 815 7.23 -47.70 -30.06
N GLU BB 816 7.54 -47.04 -31.17
CA GLU BB 816 6.85 -45.82 -31.52
C GLU BB 816 5.65 -46.12 -32.42
N THR BB 817 4.58 -45.36 -32.20
CA THR BB 817 3.32 -45.54 -32.92
C THR BB 817 3.48 -45.16 -34.39
N GLN BB 818 2.81 -45.90 -35.27
CA GLN BB 818 2.83 -45.64 -36.71
C GLN BB 818 2.19 -44.29 -37.02
N VAL BB 819 2.60 -43.71 -38.15
CA VAL BB 819 2.15 -42.39 -38.58
C VAL BB 819 1.48 -42.53 -39.94
N TYR BB 820 0.24 -42.07 -40.04
CA TYR BB 820 -0.53 -42.10 -41.27
C TYR BB 820 -0.61 -40.70 -41.87
N THR BB 821 -0.09 -40.55 -43.09
CA THR BB 821 -0.06 -39.27 -43.77
C THR BB 821 -1.04 -39.30 -44.94
N GLU BB 822 -1.98 -38.37 -44.93
CA GLU BB 822 -3.00 -38.26 -45.98
C GLU BB 822 -2.64 -37.12 -46.92
N GLY BB 823 -2.67 -37.39 -48.21
CA GLY BB 823 -2.29 -36.40 -49.21
C GLY BB 823 -3.46 -36.03 -50.10
N THR BB 824 -3.62 -34.72 -50.33
CA THR BB 824 -4.65 -34.21 -51.24
C THR BB 824 -4.25 -32.84 -51.76
N GLN CB 791 -6.14 -63.58 34.43
CA GLN CB 791 -6.75 -62.43 35.10
C GLN CB 791 -6.50 -61.16 34.31
N GLN CB 792 -5.25 -60.94 33.91
CA GLN CB 792 -4.89 -59.79 33.09
C GLN CB 792 -5.44 -59.89 31.68
N GLU CB 793 -5.58 -61.10 31.14
CA GLU CB 793 -6.13 -61.29 29.81
C GLU CB 793 -7.64 -61.13 29.76
N ILE CB 794 -8.31 -61.15 30.93
CA ILE CB 794 -9.76 -60.99 30.96
C ILE CB 794 -10.15 -59.56 30.63
N GLN CB 795 -9.43 -58.57 31.20
CA GLN CB 795 -9.78 -57.18 30.95
C GLN CB 795 -9.41 -56.75 29.54
N GLN CB 796 -8.40 -57.40 28.94
CA GLN CB 796 -8.06 -57.10 27.55
C GLN CB 796 -9.14 -57.61 26.60
N ARG CB 797 -9.70 -58.78 26.90
CA ARG CB 797 -10.81 -59.29 26.09
C ARG CB 797 -12.07 -58.46 26.29
N THR CB 798 -12.28 -57.92 27.50
CA THR CB 798 -13.47 -57.12 27.78
C THR CB 798 -13.45 -55.80 27.02
N SER CB 799 -12.27 -55.19 26.89
CA SER CB 799 -12.18 -53.92 26.18
C SER CB 799 -12.35 -54.10 24.67
N ASP CB 800 -12.00 -55.26 24.13
CA ASP CB 800 -12.21 -55.52 22.71
C ASP CB 800 -13.68 -55.73 22.40
N MET CB 801 -14.42 -56.37 23.31
CA MET CB 801 -15.84 -56.59 23.08
C MET CB 801 -16.65 -55.31 23.22
N LEU CB 802 -16.18 -54.37 24.05
CA LEU CB 802 -16.90 -53.11 24.21
C LEU CB 802 -16.78 -52.23 22.97
N THR CB 803 -15.64 -52.31 22.27
CA THR CB 803 -15.48 -51.56 21.03
C THR CB 803 -16.38 -52.13 19.93
N ALA CB 804 -16.51 -53.45 19.85
CA ALA CB 804 -17.35 -54.07 18.84
C ALA CB 804 -18.83 -53.91 19.16
N ALA CB 805 -19.20 -53.87 20.44
CA ALA CB 805 -20.61 -53.74 20.81
C ALA CB 805 -21.12 -52.32 20.59
N THR CB 806 -20.25 -51.32 20.73
CA THR CB 806 -20.66 -49.93 20.49
C THR CB 806 -20.95 -49.69 19.02
N GLN CB 807 -20.16 -50.29 18.13
CA GLN CB 807 -20.41 -50.19 16.70
C GLN CB 807 -21.68 -50.92 16.29
N LEU CB 808 -22.00 -52.03 16.95
CA LEU CB 808 -23.20 -52.80 16.60
C LEU CB 808 -24.47 -52.07 17.02
N VAL CB 809 -24.44 -51.39 18.16
CA VAL CB 809 -25.64 -50.75 18.71
C VAL CB 809 -26.05 -49.55 17.88
N GLN CB 810 -25.09 -48.70 17.49
CA GLN CB 810 -25.44 -47.50 16.74
C GLN CB 810 -25.82 -47.81 15.30
N ASP CB 811 -25.44 -48.98 14.79
CA ASP CB 811 -25.91 -49.41 13.47
C ASP CB 811 -27.37 -49.82 13.52
N TRP CB 812 -27.84 -50.35 14.66
CA TRP CB 812 -29.24 -50.70 14.82
C TRP CB 812 -30.11 -49.49 15.08
N LYS CB 813 -29.52 -48.35 15.47
CA LYS CB 813 -30.28 -47.14 15.71
C LYS CB 813 -30.73 -46.49 14.41
N GLN CB 814 -29.99 -46.68 13.33
CA GLN CB 814 -30.19 -45.92 12.10
C GLN CB 814 -31.37 -46.49 11.32
N VAL CB 815 -32.37 -45.64 11.05
CA VAL CB 815 -33.52 -45.98 10.23
C VAL CB 815 -33.69 -44.85 9.21
N GLU CB 816 -33.68 -45.19 7.93
CA GLU CB 816 -33.79 -44.17 6.90
C GLU CB 816 -35.24 -43.89 6.55
N THR CB 817 -35.48 -42.66 6.09
CA THR CB 817 -36.81 -42.22 5.71
C THR CB 817 -37.22 -42.87 4.39
N GLN CB 818 -38.51 -43.16 4.25
CA GLN CB 818 -39.06 -43.68 3.02
C GLN CB 818 -38.97 -42.66 1.89
N VAL CB 819 -38.89 -43.16 0.66
CA VAL CB 819 -38.75 -42.32 -0.53
C VAL CB 819 -39.95 -42.55 -1.42
N TYR CB 820 -40.67 -41.47 -1.74
CA TYR CB 820 -41.84 -41.52 -2.60
C TYR CB 820 -41.49 -40.94 -3.97
N THR CB 821 -41.66 -41.75 -5.01
CA THR CB 821 -41.34 -41.36 -6.38
C THR CB 821 -42.62 -41.22 -7.18
N GLU CB 822 -42.83 -40.05 -7.77
CA GLU CB 822 -43.99 -39.77 -8.60
C GLU CB 822 -43.55 -39.78 -10.07
N GLY CB 823 -44.29 -40.50 -10.90
CA GLY CB 823 -43.95 -40.64 -12.31
C GLY CB 823 -45.04 -40.10 -13.21
N THR CB 824 -44.63 -39.40 -14.26
CA THR CB 824 -45.55 -38.89 -15.26
C THR CB 824 -44.84 -38.70 -16.59
N GLN DB 791 -13.22 5.08 71.04
CA GLN DB 791 -12.71 6.32 70.47
C GLN DB 791 -12.66 6.25 68.95
N GLN DB 792 -12.14 5.15 68.41
CA GLN DB 792 -12.05 4.99 66.97
C GLN DB 792 -13.39 4.67 66.32
N GLU DB 793 -14.40 4.26 67.09
CA GLU DB 793 -15.71 4.03 66.53
C GLU DB 793 -16.45 5.33 66.24
N ILE DB 794 -16.04 6.44 66.87
CA ILE DB 794 -16.59 7.75 66.54
C ILE DB 794 -16.11 8.20 65.17
N GLN DB 795 -14.83 7.96 64.88
CA GLN DB 795 -14.27 8.34 63.58
C GLN DB 795 -14.83 7.50 62.44
N GLN DB 796 -15.20 6.25 62.71
CA GLN DB 796 -15.83 5.43 61.68
C GLN DB 796 -17.27 5.87 61.43
N ARG DB 797 -17.99 6.21 62.51
CA ARG DB 797 -19.37 6.66 62.36
C ARG DB 797 -19.46 8.03 61.69
N THR DB 798 -18.48 8.90 61.92
CA THR DB 798 -18.49 10.24 61.34
C THR DB 798 -18.30 10.20 59.83
N SER DB 799 -17.45 9.29 59.35
CA SER DB 799 -17.23 9.19 57.90
C SER DB 799 -18.42 8.57 57.19
N ASP DB 800 -19.19 7.72 57.87
CA ASP DB 800 -20.39 7.15 57.27
C ASP DB 800 -21.50 8.20 57.16
N MET DB 801 -21.59 9.10 58.14
CA MET DB 801 -22.61 10.15 58.08
C MET DB 801 -22.28 11.21 57.05
N LEU DB 802 -20.99 11.45 56.79
CA LEU DB 802 -20.59 12.47 55.83
C LEU DB 802 -20.89 12.04 54.40
N THR DB 803 -20.80 10.73 54.12
CA THR DB 803 -21.14 10.22 52.80
C THR DB 803 -22.63 10.34 52.53
N ALA DB 804 -23.46 10.02 53.53
CA ALA DB 804 -24.91 10.07 53.35
C ALA DB 804 -25.42 11.51 53.29
N ALA DB 805 -24.78 12.42 54.03
CA ALA DB 805 -25.24 13.81 54.05
C ALA DB 805 -24.86 14.55 52.79
N THR DB 806 -23.81 14.10 52.09
CA THR DB 806 -23.44 14.72 50.82
C THR DB 806 -24.44 14.40 49.73
N GLN DB 807 -24.96 13.16 49.71
CA GLN DB 807 -25.97 12.78 48.75
C GLN DB 807 -27.30 13.47 49.01
N LEU DB 808 -27.63 13.73 50.29
CA LEU DB 808 -28.88 14.40 50.63
C LEU DB 808 -28.87 15.86 50.19
N VAL DB 809 -27.71 16.52 50.29
CA VAL DB 809 -27.63 17.95 49.98
C VAL DB 809 -27.76 18.18 48.48
N GLN DB 810 -27.07 17.38 47.66
CA GLN DB 810 -27.12 17.59 46.22
C GLN DB 810 -28.45 17.17 45.61
N ASP DB 811 -29.21 16.32 46.32
CA ASP DB 811 -30.56 16.00 45.87
C ASP DB 811 -31.52 17.16 46.09
N TRP DB 812 -31.30 17.96 47.14
CA TRP DB 812 -32.12 19.12 47.39
C TRP DB 812 -31.78 20.30 46.47
N LYS DB 813 -30.62 20.25 45.82
CA LYS DB 813 -30.22 21.34 44.94
C LYS DB 813 -30.95 21.32 43.61
N GLN DB 814 -31.33 20.13 43.14
CA GLN DB 814 -31.87 19.97 41.79
C GLN DB 814 -33.32 20.45 41.73
N VAL DB 815 -33.59 21.38 40.82
CA VAL DB 815 -34.94 21.87 40.55
C VAL DB 815 -35.15 21.79 39.04
N GLU DB 816 -36.16 21.03 38.62
CA GLU DB 816 -36.38 20.82 37.20
C GLU DB 816 -37.26 21.94 36.64
N THR DB 817 -36.96 22.32 35.40
CA THR DB 817 -37.67 23.40 34.72
C THR DB 817 -39.11 23.00 34.41
N GLN DB 818 -40.01 23.98 34.47
CA GLN DB 818 -41.42 23.76 34.13
C GLN DB 818 -41.57 23.44 32.65
N VAL DB 819 -42.62 22.69 32.33
CA VAL DB 819 -42.90 22.24 30.97
C VAL DB 819 -44.26 22.79 30.56
N TYR DB 820 -44.29 23.54 29.46
CA TYR DB 820 -45.52 24.10 28.91
C TYR DB 820 -45.96 23.28 27.71
N THR DB 821 -47.13 22.66 27.81
CA THR DB 821 -47.68 21.83 26.74
C THR DB 821 -48.86 22.56 26.12
N GLU DB 822 -48.81 22.74 24.80
CA GLU DB 822 -49.85 23.42 24.05
C GLU DB 822 -50.54 22.43 23.13
N GLY DB 823 -51.86 22.42 23.15
CA GLY DB 823 -52.64 21.45 22.38
C GLY DB 823 -53.51 22.12 21.35
N THR DB 824 -53.63 21.49 20.19
CA THR DB 824 -54.52 21.96 19.13
C THR DB 824 -54.94 20.79 18.25
N GLN EB 791 27.73 44.71 49.81
CA GLN EB 791 28.45 44.68 48.54
C GLN EB 791 27.67 43.90 47.48
N GLN EB 792 27.20 42.72 47.84
CA GLN EB 792 26.45 41.88 46.91
C GLN EB 792 25.04 42.38 46.68
N GLU EB 793 24.51 43.24 47.55
CA GLU EB 793 23.19 43.81 47.34
C GLU EB 793 23.20 44.88 46.24
N ILE EB 794 24.37 45.47 45.95
CA ILE EB 794 24.47 46.39 44.83
C ILE EB 794 24.38 45.64 43.50
N GLN EB 795 25.02 44.47 43.43
CA GLN EB 795 24.97 43.67 42.21
C GLN EB 795 23.58 43.09 41.96
N GLN EB 796 22.82 42.83 43.03
CA GLN EB 796 21.44 42.37 42.85
C GLN EB 796 20.53 43.50 42.41
N ARG EB 797 20.75 44.71 42.95
CA ARG EB 797 19.93 45.86 42.58
C ARG EB 797 20.23 46.33 41.17
N THR EB 798 21.48 46.17 40.71
CA THR EB 798 21.85 46.60 39.36
C THR EB 798 21.19 45.73 38.29
N SER EB 799 21.05 44.43 38.57
CA SER EB 799 20.40 43.54 37.61
C SER EB 799 18.90 43.80 37.52
N ASP EB 800 18.29 44.30 38.60
CA ASP EB 800 16.86 44.61 38.57
C ASP EB 800 16.58 45.86 37.74
N MET EB 801 17.45 46.86 37.83
CA MET EB 801 17.24 48.10 37.09
C MET EB 801 17.55 47.93 35.61
N LEU EB 802 18.47 47.02 35.27
CA LEU EB 802 18.83 46.84 33.86
C LEU EB 802 17.72 46.15 33.09
N THR EB 803 16.97 45.26 33.75
CA THR EB 803 15.81 44.63 33.11
C THR EB 803 14.68 45.64 32.89
N ALA EB 804 14.47 46.54 33.85
CA ALA EB 804 13.41 47.53 33.73
C ALA EB 804 13.78 48.64 32.75
N ALA EB 805 15.07 48.97 32.65
CA ALA EB 805 15.48 50.04 31.73
C ALA EB 805 15.45 49.58 30.29
N THR EB 806 15.62 48.28 30.04
CA THR EB 806 15.52 47.76 28.68
C THR EB 806 14.09 47.82 28.16
N GLN EB 807 13.11 47.54 29.02
CA GLN EB 807 11.71 47.61 28.63
C GLN EB 807 11.24 49.05 28.42
N LEU EB 808 11.77 49.99 29.20
CA LEU EB 808 11.39 51.39 29.05
C LEU EB 808 11.94 51.99 27.75
N VAL EB 809 13.19 51.67 27.42
CA VAL EB 809 13.83 52.21 26.22
C VAL EB 809 13.21 51.61 24.95
N GLN EB 810 12.88 50.32 24.99
CA GLN EB 810 12.28 49.65 23.84
C GLN EB 810 10.87 50.16 23.54
N ASP EB 811 10.13 50.55 24.59
CA ASP EB 811 8.80 51.12 24.39
C ASP EB 811 8.84 52.52 23.80
N TRP EB 812 9.92 53.26 24.02
CA TRP EB 812 10.04 54.61 23.48
C TRP EB 812 10.41 54.63 22.01
N LYS EB 813 10.92 53.51 21.47
CA LYS EB 813 11.25 53.45 20.05
C LYS EB 813 10.00 53.32 19.18
N GLN EB 814 8.92 52.77 19.72
CA GLN EB 814 7.76 52.40 18.92
C GLN EB 814 6.95 53.63 18.56
N VAL EB 815 6.81 53.88 17.25
CA VAL EB 815 5.97 54.97 16.73
C VAL EB 815 5.06 54.36 15.68
N GLU EB 816 3.75 54.50 15.86
CA GLU EB 816 2.79 53.90 14.96
C GLU EB 816 2.45 54.86 13.82
N THR EB 817 2.28 54.30 12.62
CA THR EB 817 2.02 55.07 11.42
C THR EB 817 0.62 55.69 11.47
N GLN EB 818 0.49 56.91 10.94
CA GLN EB 818 -0.79 57.61 10.88
C GLN EB 818 -1.78 56.88 9.99
N VAL EB 819 -3.07 57.08 10.27
CA VAL EB 819 -4.16 56.41 9.57
C VAL EB 819 -5.05 57.48 8.94
N TYR EB 820 -5.23 57.39 7.62
CA TYR EB 820 -6.10 58.30 6.87
C TYR EB 820 -7.41 57.60 6.55
N THR EB 821 -8.52 58.20 6.95
CA THR EB 821 -9.85 57.63 6.75
C THR EB 821 -10.63 58.49 5.77
N GLU EB 822 -11.08 57.89 4.69
CA GLU EB 822 -11.87 58.56 3.67
C GLU EB 822 -13.33 58.15 3.80
N GLY EB 823 -14.22 59.14 3.83
CA GLY EB 823 -15.64 58.89 4.02
C GLY EB 823 -16.46 59.40 2.85
N THR EB 824 -17.42 58.58 2.42
CA THR EB 824 -18.34 58.96 1.37
C THR EB 824 -19.66 58.21 1.51
N ALA FB 104 2.74 41.12 64.85
CA ALA FB 104 1.88 40.68 63.75
C ALA FB 104 1.24 41.88 63.07
N GLU FB 105 1.73 43.07 63.40
CA GLU FB 105 1.15 44.30 62.85
C GLU FB 105 2.25 45.18 62.26
N VAL FB 106 3.47 45.06 62.78
CA VAL FB 106 4.61 45.81 62.29
C VAL FB 106 5.20 45.15 61.04
N ILE FB 107 5.01 43.84 60.88
CA ILE FB 107 5.51 43.08 59.73
C ILE FB 107 4.85 43.55 58.44
N ASP FB 108 3.58 43.98 58.51
CA ASP FB 108 2.85 44.39 57.32
C ASP FB 108 3.41 45.66 56.69
N LYS FB 109 3.96 46.57 57.49
CA LYS FB 109 4.63 47.73 56.91
C LYS FB 109 5.94 47.33 56.25
N LYS FB 110 6.67 46.39 56.84
CA LYS FB 110 7.96 45.99 56.30
C LYS FB 110 7.80 45.22 54.99
N ALA FB 111 6.75 44.42 54.86
CA ALA FB 111 6.54 43.66 53.63
C ALA FB 111 6.07 44.55 52.49
N PHE FB 112 5.37 45.64 52.79
CA PHE FB 112 4.83 46.49 51.73
C PHE FB 112 5.90 47.33 51.07
N LYS FB 113 6.83 47.88 51.83
CA LYS FB 113 7.89 48.71 51.25
C LYS FB 113 8.90 47.87 50.49
N ASP FB 114 9.15 46.63 50.92
CA ASP FB 114 10.04 45.76 50.18
C ASP FB 114 9.39 45.25 48.89
N MET FB 115 8.06 45.13 48.88
CA MET FB 115 7.36 44.73 47.66
C MET FB 115 7.33 45.87 46.65
N THR FB 116 7.24 47.12 47.12
CA THR FB 116 7.21 48.27 46.22
C THR FB 116 8.54 48.44 45.49
N ARG FB 117 9.65 48.22 46.20
CA ARG FB 117 10.96 48.32 45.56
C ARG FB 117 11.22 47.18 44.58
N ASN FB 118 10.61 46.01 44.81
CA ASN FB 118 10.73 44.92 43.86
C ASN FB 118 9.85 45.13 42.63
N LEU FB 119 8.66 45.72 42.82
CA LEU FB 119 7.74 45.91 41.69
C LEU FB 119 8.20 47.05 40.79
N TYR FB 120 8.75 48.11 41.38
CA TYR FB 120 9.22 49.28 40.63
C TYR FB 120 10.66 49.57 41.02
N PRO FB 121 11.64 48.96 40.33
CA PRO FB 121 13.05 49.18 40.69
C PRO FB 121 13.56 50.57 40.36
N LEU FB 122 12.87 51.34 39.53
CA LEU FB 122 13.28 52.69 39.17
C LEU FB 122 12.30 53.69 39.74
N ASN FB 123 12.82 54.71 40.42
CA ASN FB 123 11.99 55.76 40.97
C ASN FB 123 11.46 56.65 39.84
N PRO FB 124 10.38 57.39 40.08
CA PRO FB 124 9.96 58.43 39.10
C PRO FB 124 10.99 59.52 38.88
N GLU FB 125 11.83 59.79 39.89
CA GLU FB 125 12.94 60.72 39.71
C GLU FB 125 14.01 60.12 38.80
N GLN FB 126 14.18 58.80 38.83
CA GLN FB 126 15.17 58.12 38.00
C GLN FB 126 14.67 57.81 36.59
N VAL FB 127 13.35 57.74 36.39
CA VAL FB 127 12.81 57.54 35.04
C VAL FB 127 13.05 58.79 34.19
N VAL FB 128 12.96 59.96 34.81
CA VAL FB 128 13.17 61.24 34.11
C VAL FB 128 14.61 61.36 33.61
N LYS FB 129 15.58 60.93 34.42
CA LYS FB 129 16.98 60.97 34.01
C LYS FB 129 17.28 60.00 32.88
N LEU FB 130 16.65 58.83 32.87
CA LEU FB 130 16.91 57.84 31.84
C LEU FB 130 16.36 58.27 30.48
N LYS FB 131 15.25 59.02 30.47
CA LYS FB 131 14.72 59.54 29.22
C LYS FB 131 15.62 60.64 28.65
N GLN FB 132 16.28 61.41 29.51
CA GLN FB 132 17.25 62.40 29.04
C GLN FB 132 18.50 61.74 28.50
N ILE FB 133 18.92 60.63 29.09
CA ILE FB 133 20.09 59.90 28.62
C ILE FB 133 19.81 59.28 27.25
N TYR FB 134 18.59 58.78 27.06
CA TYR FB 134 18.23 58.11 25.80
C TYR FB 134 18.17 59.07 24.63
N GLU FB 135 17.61 60.27 24.84
CA GLU FB 135 17.51 61.24 23.74
C GLU FB 135 18.82 61.94 23.44
N THR FB 136 19.71 62.10 24.43
CA THR FB 136 21.03 62.66 24.16
C THR FB 136 21.87 61.70 23.34
N SER FB 137 21.71 60.39 23.56
CA SER FB 137 22.40 59.40 22.74
C SER FB 137 21.88 59.36 21.32
N GLU FB 138 20.59 59.67 21.12
CA GLU FB 138 20.04 59.73 19.77
C GLU FB 138 20.47 60.99 19.04
N TYR FB 139 20.74 62.07 19.77
CA TYR FB 139 21.19 63.31 19.15
C TYR FB 139 22.61 63.19 18.62
N ALA FB 140 23.48 62.50 19.37
CA ALA FB 140 24.85 62.31 18.92
C ALA FB 140 24.96 61.30 17.79
N LYS FB 141 24.00 60.37 17.70
CA LYS FB 141 24.06 59.37 16.64
C LYS FB 141 23.64 59.95 15.29
N ALA FB 142 22.71 60.90 15.30
CA ALA FB 142 22.19 61.49 14.08
C ALA FB 142 22.96 62.72 13.63
N ALA FB 143 23.91 63.20 14.43
CA ALA FB 143 24.67 64.40 14.06
C ALA FB 143 25.68 64.08 12.97
N THR FB 144 25.87 65.05 12.08
CA THR FB 144 26.79 64.85 10.97
C THR FB 144 28.17 65.43 11.30
N PRO FB 145 29.24 64.73 10.94
CA PRO FB 145 30.58 65.28 11.13
C PRO FB 145 30.85 66.45 10.19
N GLY FB 146 31.63 67.41 10.68
CA GLY FB 146 31.91 68.61 9.92
C GLY FB 146 30.68 69.49 9.80
N THR FB 147 30.60 70.21 8.67
CA THR FB 147 29.43 71.01 8.38
C THR FB 147 28.59 70.35 7.28
N PRO FB 148 27.26 70.46 7.37
CA PRO FB 148 26.42 69.95 6.29
C PRO FB 148 26.56 70.81 5.04
N PRO FB 149 26.29 70.25 3.86
CA PRO FB 149 26.40 71.04 2.63
C PRO FB 149 25.28 72.06 2.49
N LYS FB 150 25.57 73.11 1.73
CA LYS FB 150 24.60 74.17 1.51
C LYS FB 150 23.65 73.77 0.40
N PRO FB 151 22.33 73.77 0.63
CA PRO FB 151 21.38 73.46 -0.45
C PRO FB 151 21.21 74.63 -1.39
N THR FB 152 21.47 74.39 -2.68
CA THR FB 152 21.47 75.45 -3.68
C THR FB 152 20.72 75.00 -4.92
N ALA FB 153 20.30 75.98 -5.70
CA ALA FB 153 19.80 75.78 -7.06
C ALA FB 153 20.71 76.52 -8.02
N THR FB 154 21.04 75.88 -9.14
CA THR FB 154 22.01 76.44 -10.09
C THR FB 154 21.42 76.44 -11.49
N SER FB 155 22.16 77.05 -12.42
CA SER FB 155 21.77 77.10 -13.82
C SER FB 155 23.04 77.13 -14.66
N GLN FB 156 23.17 76.19 -15.61
CA GLN FB 156 24.35 76.07 -16.43
C GLN FB 156 23.98 76.06 -17.91
N PHE FB 157 24.95 76.43 -18.74
CA PHE FB 157 24.85 76.34 -20.19
C PHE FB 157 25.75 75.22 -20.67
N VAL FB 158 25.20 74.33 -21.51
CA VAL FB 158 25.90 73.15 -21.97
C VAL FB 158 26.29 73.36 -23.43
N ASN FB 159 27.59 73.30 -23.71
CA ASN FB 159 28.13 73.50 -25.04
C ASN FB 159 28.54 72.15 -25.60
N LEU FB 160 28.08 71.85 -26.81
CA LEU FB 160 28.35 70.58 -27.46
C LEU FB 160 29.55 70.64 -28.40
N SER FB 161 30.44 71.60 -28.20
CA SER FB 161 31.66 71.68 -28.98
C SER FB 161 32.63 70.59 -28.55
N PRO FB 162 33.56 70.18 -29.44
CA PRO FB 162 34.58 69.19 -29.06
C PRO FB 162 35.77 69.78 -28.31
N GLY FB 163 35.63 70.96 -27.70
CA GLY FB 163 36.71 71.51 -26.90
C GLY FB 163 36.33 71.70 -25.45
N SER FB 164 35.04 71.80 -25.16
CA SER FB 164 34.56 72.13 -23.83
C SER FB 164 34.56 70.90 -22.93
N THR FB 165 34.36 71.15 -21.63
CA THR FB 165 34.30 70.16 -20.57
C THR FB 165 32.85 69.83 -20.21
N PRO FB 166 32.56 68.57 -19.87
CA PRO FB 166 31.19 68.23 -19.47
C PRO FB 166 30.84 68.83 -18.12
N PRO FB 167 29.57 69.13 -17.88
CA PRO FB 167 29.19 69.79 -16.63
C PRO FB 167 29.19 68.87 -15.43
N VAL FB 168 29.21 69.48 -14.25
CA VAL FB 168 29.37 68.80 -12.97
C VAL FB 168 28.10 68.96 -12.15
N ILE FB 169 27.61 67.84 -11.61
CA ILE FB 169 26.48 67.83 -10.68
C ILE FB 169 26.99 67.44 -9.30
N ARG FB 170 26.64 68.22 -8.29
CA ARG FB 170 27.02 67.97 -6.91
C ARG FB 170 25.86 67.29 -6.18
N LEU FB 171 26.15 66.15 -5.56
CA LEU FB 171 25.13 65.32 -4.93
C LEU FB 171 25.49 65.09 -3.46
N SER FB 172 24.58 64.42 -2.75
CA SER FB 172 24.79 64.02 -1.37
C SER FB 172 24.07 62.71 -1.13
N GLN FB 173 24.56 61.96 -0.14
CA GLN FB 173 24.03 60.63 0.12
C GLN FB 173 22.66 60.72 0.79
N GLY FB 174 21.67 60.08 0.17
CA GLY FB 174 20.31 60.08 0.69
C GLY FB 174 19.45 61.24 0.25
N PHE FB 175 20.01 62.21 -0.47
CA PHE FB 175 19.28 63.39 -0.92
C PHE FB 175 18.93 63.27 -2.39
N VAL FB 176 17.94 64.06 -2.80
CA VAL FB 176 17.39 64.01 -4.15
C VAL FB 176 17.83 65.27 -4.91
N SER FB 177 18.36 65.07 -6.11
CA SER FB 177 18.69 66.16 -7.03
C SER FB 177 17.84 66.00 -8.28
N SER FB 178 17.23 67.10 -8.73
CA SER FB 178 16.41 67.10 -9.92
C SER FB 178 17.14 67.81 -11.04
N LEU FB 179 17.20 67.19 -12.21
CA LEU FB 179 17.85 67.75 -13.39
C LEU FB 179 16.78 68.01 -14.45
N VAL FB 180 16.67 69.26 -14.88
CA VAL FB 180 15.68 69.67 -15.88
C VAL FB 180 16.42 70.20 -17.11
N PHE FB 181 15.99 69.75 -18.28
CA PHE FB 181 16.67 70.03 -19.54
C PHE FB 181 15.87 71.07 -20.32
N LEU FB 182 16.53 72.16 -20.71
CA LEU FB 182 15.93 73.22 -21.48
C LEU FB 182 16.78 73.50 -22.71
N ASP FB 183 16.17 74.08 -23.74
CA ASP FB 183 16.89 74.46 -24.94
C ASP FB 183 17.48 75.87 -24.78
N SER FB 184 17.95 76.45 -25.89
CA SER FB 184 18.58 77.77 -25.84
C SER FB 184 17.57 78.87 -25.57
N THR FB 185 16.34 78.74 -26.06
CA THR FB 185 15.32 79.74 -25.80
C THR FB 185 14.78 79.63 -24.37
N GLY FB 186 14.81 78.43 -23.78
CA GLY FB 186 14.28 78.21 -22.45
C GLY FB 186 13.10 77.27 -22.40
N ALA FB 187 12.61 76.76 -23.52
CA ALA FB 187 11.52 75.80 -23.51
C ALA FB 187 12.03 74.43 -23.05
N PRO FB 188 11.16 73.60 -22.46
CA PRO FB 188 11.57 72.25 -22.07
C PRO FB 188 11.91 71.37 -23.26
N TRP FB 189 12.86 70.47 -23.04
CA TRP FB 189 13.31 69.52 -24.07
C TRP FB 189 13.13 68.10 -23.55
N PRO FB 190 12.18 67.32 -24.07
CA PRO FB 190 11.93 65.99 -23.54
C PRO FB 190 13.06 65.01 -23.82
N ILE FB 191 13.14 64.00 -22.96
CA ILE FB 191 14.24 63.03 -22.95
C ILE FB 191 13.80 61.77 -23.68
N ALA FB 192 14.67 61.25 -24.55
CA ALA FB 192 14.40 60.01 -25.26
C ALA FB 192 14.85 58.78 -24.47
N ALA FB 193 16.09 58.78 -24.00
CA ALA FB 193 16.65 57.65 -23.26
C ALA FB 193 17.83 58.14 -22.43
N TYR FB 194 18.22 57.33 -21.45
CA TYR FB 194 19.42 57.61 -20.67
C TYR FB 194 20.19 56.31 -20.42
N ASP FB 195 21.49 56.45 -20.18
CA ASP FB 195 22.37 55.33 -19.89
C ASP FB 195 23.25 55.69 -18.72
N LEU FB 196 23.19 54.90 -17.65
CA LEU FB 196 23.89 55.20 -16.41
C LEU FB 196 24.98 54.17 -16.15
N GLY FB 197 26.19 54.65 -15.91
CA GLY FB 197 27.27 53.80 -15.44
C GLY FB 197 27.32 53.78 -13.92
N ASP FB 198 27.75 52.64 -13.38
CA ASP FB 198 27.79 52.30 -11.95
C ASP FB 198 26.43 52.53 -11.29
N PRO FB 199 25.45 51.63 -11.51
CA PRO FB 199 24.15 51.80 -10.84
C PRO FB 199 24.15 51.47 -9.35
N SER FB 200 25.25 50.95 -8.80
CA SER FB 200 25.33 50.66 -7.38
C SER FB 200 25.57 51.92 -6.54
N SER FB 201 25.91 53.04 -7.16
CA SER FB 201 26.16 54.27 -6.44
C SER FB 201 25.06 55.31 -6.61
N PHE FB 202 24.24 55.20 -7.65
CA PHE FB 202 23.21 56.19 -7.94
C PHE FB 202 21.90 55.51 -8.31
N ASN FB 203 20.80 56.18 -7.98
CA ASN FB 203 19.46 55.70 -8.27
C ASN FB 203 18.69 56.79 -8.97
N ILE FB 204 18.06 56.47 -10.10
CA ILE FB 204 17.38 57.45 -10.96
C ILE FB 204 15.93 57.03 -11.11
N GLN FB 205 15.00 57.96 -10.85
CA GLN FB 205 13.58 57.78 -11.09
C GLN FB 205 13.14 58.69 -12.22
N TRP FB 206 12.38 58.14 -13.16
CA TRP FB 206 11.99 58.89 -14.35
C TRP FB 206 10.69 58.31 -14.92
N ASP FB 207 9.66 59.15 -15.00
CA ASP FB 207 8.52 58.80 -15.85
C ASP FB 207 8.93 58.93 -17.32
N LYS FB 208 8.43 58.01 -18.14
CA LYS FB 208 9.07 57.75 -19.43
C LYS FB 208 8.79 58.82 -20.50
N THR FB 209 8.11 59.92 -20.16
CA THR FB 209 7.78 60.95 -21.13
C THR FB 209 8.32 62.34 -20.81
N SER FB 210 8.64 62.63 -19.55
CA SER FB 210 8.93 64.00 -19.14
C SER FB 210 10.38 64.37 -19.47
N ASN FB 211 10.81 65.52 -18.95
CA ASN FB 211 12.16 66.03 -19.19
C ASN FB 211 12.94 66.21 -17.89
N THR FB 212 12.51 65.56 -16.80
CA THR FB 212 13.13 65.72 -15.50
C THR FB 212 13.64 64.38 -15.00
N LEU FB 213 14.92 64.32 -14.62
CA LEU FB 213 15.51 63.17 -13.97
C LEU FB 213 15.75 63.49 -12.50
N MET FB 214 15.47 62.52 -11.63
CA MET FB 214 15.64 62.68 -10.19
C MET FB 214 16.64 61.64 -9.71
N ILE FB 215 17.83 62.10 -9.30
CA ILE FB 215 18.96 61.24 -8.98
C ILE FB 215 19.24 61.31 -7.49
N GLN FB 216 19.41 60.15 -6.87
CA GLN FB 216 19.77 60.03 -5.46
C GLN FB 216 21.09 59.27 -5.35
N ALA FB 217 21.99 59.77 -4.52
CA ALA FB 217 23.27 59.12 -4.31
C ALA FB 217 23.17 58.07 -3.20
N THR FB 218 23.77 56.91 -3.44
CA THR FB 218 23.75 55.81 -2.48
C THR FB 218 25.02 55.71 -1.65
N LYS FB 219 26.17 56.03 -2.21
CA LYS FB 219 27.44 55.95 -1.52
C LYS FB 219 27.93 57.36 -1.16
N LEU FB 220 29.02 57.40 -0.39
CA LEU FB 220 29.50 58.67 0.16
C LEU FB 220 30.39 59.41 -0.85
N TYR FB 221 31.42 58.75 -1.39
CA TYR FB 221 32.45 59.45 -2.14
C TYR FB 221 32.74 58.81 -3.50
N ASN FB 222 31.83 58.00 -4.04
CA ASN FB 222 32.06 57.33 -5.32
C ASN FB 222 31.40 58.13 -6.45
N TYR FB 223 32.15 58.36 -7.52
CA TYR FB 223 31.71 59.24 -8.59
C TYR FB 223 31.76 58.51 -9.94
N GLY FB 224 30.89 58.94 -10.86
CA GLY FB 224 30.79 58.34 -12.17
C GLY FB 224 30.24 59.30 -13.22
N ASN FB 225 29.77 58.78 -14.35
CA ASN FB 225 29.23 59.61 -15.42
C ASN FB 225 27.86 59.08 -15.86
N LEU FB 226 27.24 59.82 -16.79
CA LEU FB 226 25.89 59.51 -17.24
C LEU FB 226 25.72 60.00 -18.67
N ALA FB 227 24.99 59.22 -19.47
CA ALA FB 227 24.67 59.55 -20.86
C ALA FB 227 23.19 59.86 -20.99
N VAL FB 228 22.87 61.00 -21.59
CA VAL FB 228 21.49 61.46 -21.74
C VAL FB 228 21.26 61.80 -23.21
N ARG FB 229 20.21 61.22 -23.81
CA ARG FB 229 19.84 61.48 -25.20
C ARG FB 229 18.50 62.20 -25.23
N LEU FB 230 18.45 63.32 -25.95
CA LEU FB 230 17.24 64.10 -26.08
C LEU FB 230 16.47 63.72 -27.33
N ARG FB 231 15.30 64.31 -27.52
CA ARG FB 231 14.38 63.86 -28.57
C ARG FB 231 14.86 64.31 -29.95
N GLY FB 232 15.31 65.55 -30.08
CA GLY FB 232 15.68 66.06 -31.38
C GLY FB 232 17.17 66.01 -31.69
N LEU FB 233 17.97 65.72 -30.68
CA LEU FB 233 19.42 65.74 -30.84
C LEU FB 233 19.97 64.39 -31.28
N ASN FB 234 21.06 64.45 -32.05
CA ASN FB 234 21.85 63.27 -32.37
C ASN FB 234 23.07 63.15 -31.46
N THR FB 235 23.59 64.27 -31.00
CA THR FB 235 24.73 64.27 -30.08
C THR FB 235 24.25 64.01 -28.66
N PRO FB 236 24.73 62.97 -27.99
CA PRO FB 236 24.37 62.76 -26.59
C PRO FB 236 25.08 63.74 -25.67
N VAL FB 237 24.43 64.01 -24.54
CA VAL FB 237 24.90 64.97 -23.56
C VAL FB 237 25.57 64.22 -22.42
N MET FB 238 26.81 64.60 -22.09
CA MET FB 238 27.62 63.89 -21.12
C MET FB 238 27.71 64.70 -19.83
N LEU FB 239 27.50 64.03 -18.69
CA LEU FB 239 27.57 64.65 -17.38
C LEU FB 239 28.52 63.85 -16.50
N THR FB 240 29.05 64.49 -15.46
CA THR FB 240 29.77 63.81 -14.40
C THR FB 240 29.11 64.12 -13.06
N LEU FB 241 29.10 63.14 -12.16
CA LEU FB 241 28.34 63.21 -10.91
C LEU FB 241 29.28 62.94 -9.75
N ILE FB 242 29.53 63.97 -8.93
CA ILE FB 242 30.44 63.88 -7.80
C ILE FB 242 29.67 64.17 -6.52
N PRO FB 243 29.58 63.22 -5.59
CA PRO FB 243 28.95 63.50 -4.29
C PRO FB 243 29.95 63.91 -3.22
N GLY FB 244 29.41 64.29 -2.06
CA GLY FB 244 30.22 64.59 -0.90
C GLY FB 244 31.00 65.88 -0.96
N GLN FB 245 30.40 66.94 -1.49
CA GLN FB 245 31.06 68.24 -1.62
C GLN FB 245 30.58 69.20 -0.54
N LYS FB 246 31.04 70.45 -0.63
CA LYS FB 246 30.60 71.48 0.30
C LYS FB 246 29.26 72.08 -0.09
N ALA FB 247 28.73 71.77 -1.27
CA ALA FB 247 27.41 72.22 -1.70
C ALA FB 247 26.67 71.06 -2.32
N VAL FB 248 25.36 71.04 -2.15
CA VAL FB 248 24.49 70.03 -2.73
C VAL FB 248 23.50 70.73 -3.66
N ASP FB 249 23.32 70.18 -4.85
CA ASP FB 249 22.44 70.77 -5.86
C ASP FB 249 21.05 70.21 -5.69
N TYR FB 250 20.10 71.06 -5.28
CA TYR FB 250 18.71 70.64 -5.20
C TYR FB 250 18.06 70.60 -6.58
N ARG FB 251 18.43 71.53 -7.45
CA ARG FB 251 17.87 71.62 -8.79
C ARG FB 251 18.89 72.31 -9.70
N VAL FB 252 19.14 71.71 -10.86
CA VAL FB 252 20.02 72.29 -11.87
C VAL FB 252 19.23 72.48 -13.15
N ASP FB 253 19.25 73.71 -13.67
CA ASP FB 253 18.68 74.03 -14.97
C ASP FB 253 19.80 73.96 -15.99
N LEU FB 254 19.59 73.19 -17.06
CA LEU FB 254 20.62 72.95 -18.06
C LEU FB 254 20.19 73.57 -19.38
N ARG FB 255 21.00 74.48 -19.90
CA ARG FB 255 20.75 75.13 -21.18
C ARG FB 255 21.49 74.36 -22.26
N VAL FB 256 20.75 73.77 -23.19
CA VAL FB 256 21.35 72.99 -24.27
C VAL FB 256 21.36 73.86 -25.52
N GLN FB 257 22.41 73.70 -26.34
CA GLN FB 257 22.75 74.66 -27.40
C GLN FB 257 21.73 74.71 -28.52
N GLY FB 258 21.11 73.59 -28.86
CA GLY FB 258 20.24 73.53 -30.02
C GLY FB 258 18.85 74.08 -29.77
N TYR FB 259 17.92 73.73 -30.66
CA TYR FB 259 16.52 74.08 -30.55
C TYR FB 259 15.68 72.81 -30.48
N GLY FB 260 14.81 72.74 -29.48
CA GLY FB 260 14.01 71.55 -29.25
C GLY FB 260 12.70 71.57 -30.01
N PRO FB 261 11.83 70.61 -29.72
CA PRO FB 261 10.51 70.60 -30.37
C PRO FB 261 9.60 71.73 -29.93
N ASN FB 262 9.87 72.37 -28.80
CA ASN FB 262 9.13 73.54 -28.33
C ASN FB 262 10.01 74.76 -28.47
N ALA FB 263 9.46 75.83 -29.04
CA ALA FB 263 10.24 77.05 -29.23
C ALA FB 263 9.34 78.28 -29.21
N ALA GB 104 20.82 51.61 52.72
CA ALA GB 104 19.65 51.21 51.93
C ALA GB 104 19.14 52.38 51.10
N GLU GB 105 19.81 53.52 51.23
CA GLU GB 105 19.41 54.72 50.51
C GLU GB 105 20.54 55.18 49.60
N VAL GB 106 21.79 54.94 50.01
CA VAL GB 106 22.96 55.26 49.19
C VAL GB 106 23.25 54.13 48.19
N ILE GB 107 22.64 52.96 48.37
CA ILE GB 107 22.79 51.85 47.43
C ILE GB 107 22.16 52.19 46.08
N ASP GB 108 21.04 52.93 46.10
CA ASP GB 108 20.30 53.22 44.88
C ASP GB 108 21.06 54.15 43.94
N LYS GB 109 21.88 55.06 44.49
CA LYS GB 109 22.72 55.88 43.62
C LYS GB 109 23.84 55.05 43.00
N LYS GB 110 24.41 54.11 43.75
CA LYS GB 110 25.50 53.30 43.24
C LYS GB 110 25.01 52.34 42.15
N ALA GB 111 23.80 51.80 42.30
CA ALA GB 111 23.29 50.86 41.31
C ALA GB 111 22.85 51.57 40.03
N PHE GB 112 22.45 52.84 40.13
CA PHE GB 112 21.96 53.56 38.96
C PHE GB 112 23.09 53.95 38.00
N LYS GB 113 24.22 54.44 38.54
CA LYS GB 113 25.33 54.83 37.67
C LYS GB 113 26.03 53.62 37.05
N ASP GB 114 26.05 52.48 37.74
CA ASP GB 114 26.63 51.28 37.13
C ASP GB 114 25.73 50.71 36.05
N MET GB 115 24.40 50.85 36.20
CA MET GB 115 23.48 50.35 35.18
C MET GB 115 23.56 51.18 33.90
N THR GB 116 23.79 52.49 34.03
CA THR GB 116 23.91 53.36 32.87
C THR GB 116 25.14 53.02 32.04
N ARG GB 117 26.24 52.65 32.70
CA ARG GB 117 27.47 52.31 31.99
C ARG GB 117 27.34 50.98 31.24
N ASN GB 118 26.55 50.04 31.74
CA ASN GB 118 26.30 48.82 30.98
C ASN GB 118 25.29 49.04 29.85
N LEU GB 119 24.33 49.94 30.04
CA LEU GB 119 23.32 50.18 29.01
C LEU GB 119 23.89 50.97 27.84
N TYR GB 120 24.74 51.96 28.12
CA TYR GB 120 25.35 52.82 27.10
C TYR GB 120 26.85 52.81 27.30
N PRO GB 121 27.57 51.85 26.71
CA PRO GB 121 29.03 51.78 26.90
C PRO GB 121 29.81 52.89 26.22
N LEU GB 122 29.20 53.65 25.31
CA LEU GB 122 29.86 54.72 24.60
C LEU GB 122 29.24 56.06 24.99
N ASN GB 123 30.09 57.02 25.33
CA ASN GB 123 29.65 58.36 25.67
C ASN GB 123 29.14 59.09 24.42
N PRO GB 124 28.35 60.15 24.60
CA PRO GB 124 28.03 61.01 23.44
C PRO GB 124 29.24 61.67 22.80
N GLU GB 125 30.30 61.93 23.57
CA GLU GB 125 31.57 62.37 22.98
C GLU GB 125 32.18 61.27 22.12
N GLN GB 126 32.13 60.02 22.58
CA GLN GB 126 32.76 58.91 21.87
C GLN GB 126 31.97 58.47 20.65
N VAL GB 127 30.66 58.73 20.60
CA VAL GB 127 29.88 58.46 19.40
C VAL GB 127 30.28 59.44 18.28
N VAL GB 128 30.53 60.70 18.65
CA VAL GB 128 30.92 61.71 17.67
C VAL GB 128 32.31 61.41 17.10
N LYS GB 129 33.25 60.98 17.96
CA LYS GB 129 34.58 60.64 17.49
C LYS GB 129 34.59 59.39 16.62
N LEU GB 130 33.71 58.43 16.90
CA LEU GB 130 33.64 57.22 16.11
C LEU GB 130 33.08 57.47 14.72
N LYS GB 131 32.18 58.45 14.58
CA LYS GB 131 31.63 58.77 13.27
C LYS GB 131 32.65 59.47 12.38
N GLN GB 132 33.58 60.22 12.98
CA GLN GB 132 34.66 60.82 12.20
C GLN GB 132 35.67 59.77 11.76
N ILE GB 133 35.89 58.73 12.58
CA ILE GB 133 36.77 57.63 12.21
C ILE GB 133 36.17 56.84 11.05
N TYR GB 134 34.85 56.65 11.07
CA TYR GB 134 34.19 55.84 10.05
C TYR GB 134 34.21 56.53 8.68
N GLU GB 135 33.91 57.83 8.63
CA GLU GB 135 33.87 58.51 7.34
C GLU GB 135 35.25 58.81 6.78
N THR GB 136 36.28 58.89 7.64
CA THR GB 136 37.64 59.01 7.13
C THR GB 136 38.10 57.71 6.48
N SER GB 137 37.61 56.57 6.98
CA SER GB 137 37.97 55.29 6.40
C SER GB 137 37.35 55.09 5.02
N GLU GB 138 36.15 55.62 4.79
CA GLU GB 138 35.55 55.53 3.46
C GLU GB 138 36.17 56.50 2.48
N TYR GB 139 36.76 57.59 2.97
CA TYR GB 139 37.40 58.56 2.08
C TYR GB 139 38.70 57.99 1.51
N ALA GB 140 39.43 57.22 2.32
CA ALA GB 140 40.64 56.57 1.82
C ALA GB 140 40.32 55.37 0.93
N LYS GB 141 39.17 54.73 1.15
CA LYS GB 141 38.77 53.59 0.33
C LYS GB 141 38.39 54.03 -1.08
N ALA GB 142 37.70 55.16 -1.21
CA ALA GB 142 37.20 55.61 -2.49
C ALA GB 142 38.18 56.46 -3.27
N ALA GB 143 39.32 56.83 -2.67
CA ALA GB 143 40.30 57.67 -3.35
C ALA GB 143 41.04 56.87 -4.41
N THR GB 144 41.33 57.53 -5.53
CA THR GB 144 42.04 56.84 -6.59
C THR GB 144 43.54 57.11 -6.52
N PRO GB 145 44.37 56.11 -6.80
CA PRO GB 145 45.81 56.34 -6.84
C PRO GB 145 46.21 57.20 -8.03
N GLY GB 146 47.25 58.00 -7.82
CA GLY GB 146 47.70 58.92 -8.85
C GLY GB 146 46.70 60.04 -9.09
N THR GB 147 46.60 60.45 -10.35
CA THR GB 147 45.62 61.45 -10.73
C THR GB 147 44.51 60.82 -11.57
N PRO GB 148 43.27 61.29 -11.41
CA PRO GB 148 42.18 60.79 -12.26
C PRO GB 148 42.35 61.29 -13.69
N PRO GB 149 41.81 60.57 -14.67
CA PRO GB 149 41.93 61.01 -16.07
C PRO GB 149 41.08 62.24 -16.35
N LYS GB 150 41.49 62.99 -17.36
CA LYS GB 150 40.77 64.20 -17.75
C LYS GB 150 39.61 63.84 -18.67
N PRO GB 151 38.38 64.26 -18.36
CA PRO GB 151 37.24 63.99 -19.26
C PRO GB 151 37.30 64.92 -20.48
N THR GB 152 37.26 64.33 -21.66
CA THR GB 152 37.42 65.08 -22.90
C THR GB 152 36.40 64.64 -23.93
N ALA GB 153 36.12 65.52 -24.88
CA ALA GB 153 35.41 65.19 -26.10
C ALA GB 153 36.32 65.48 -27.29
N THR GB 154 36.37 64.56 -28.24
CA THR GB 154 37.29 64.65 -29.36
C THR GB 154 36.55 64.50 -30.68
N SER GB 155 37.28 64.70 -31.77
CA SER GB 155 36.74 64.56 -33.12
C SER GB 155 37.85 64.09 -34.04
N GLN GB 156 37.64 62.97 -34.74
CA GLN GB 156 38.65 62.38 -35.59
C GLN GB 156 38.10 62.13 -36.99
N PHE GB 157 39.01 62.06 -37.95
CA PHE GB 157 38.70 61.69 -39.33
C PHE GB 157 39.26 60.30 -39.60
N VAL GB 158 38.43 59.43 -40.16
CA VAL GB 158 38.78 58.03 -40.40
C VAL GB 158 39.05 57.86 -41.90
N ASN GB 159 40.23 57.37 -42.22
CA ASN GB 159 40.66 57.15 -43.60
C ASN GB 159 40.65 55.64 -43.89
N LEU GB 160 39.97 55.25 -44.96
CA LEU GB 160 39.84 53.85 -45.33
C LEU GB 160 40.90 53.41 -46.34
N SER GB 161 42.00 54.15 -46.44
CA SER GB 161 43.10 53.76 -47.30
C SER GB 161 43.85 52.57 -46.71
N PRO GB 162 44.52 51.76 -47.55
CA PRO GB 162 45.31 50.64 -47.02
C PRO GB 162 46.69 51.02 -46.50
N GLY GB 163 46.92 52.28 -46.18
CA GLY GB 163 48.18 52.67 -45.59
C GLY GB 163 48.05 53.28 -44.21
N SER GB 164 46.86 53.78 -43.90
CA SER GB 164 46.64 54.51 -42.66
C SER GB 164 46.49 53.56 -41.47
N THR GB 165 46.57 54.12 -40.27
CA THR GB 165 46.42 53.42 -39.01
C THR GB 165 45.00 53.52 -38.49
N PRO GB 166 44.49 52.47 -37.84
CA PRO GB 166 43.15 52.55 -37.26
C PRO GB 166 43.11 53.50 -36.08
N PRO GB 167 41.98 54.14 -35.81
CA PRO GB 167 41.92 55.14 -34.74
C PRO GB 167 41.87 54.51 -33.35
N VAL GB 168 42.18 55.34 -32.36
CA VAL GB 168 42.36 54.92 -30.97
C VAL GB 168 41.28 55.57 -30.12
N ILE GB 169 40.68 54.78 -29.24
CA ILE GB 169 39.67 55.26 -28.28
C ILE GB 169 40.20 55.03 -26.88
N ARG GB 170 40.16 56.07 -26.05
CA ARG GB 170 40.64 56.02 -24.68
C ARG GB 170 39.46 55.82 -23.73
N LEU GB 171 39.53 54.79 -22.90
CA LEU GB 171 38.44 54.41 -22.01
C LEU GB 171 38.92 54.42 -20.56
N SER GB 172 37.98 54.16 -19.65
CA SER GB 172 38.28 54.02 -18.23
C SER GB 172 37.30 53.05 -17.62
N GLN GB 173 37.72 52.42 -16.52
CA GLN GB 173 36.94 51.36 -15.89
C GLN GB 173 35.73 51.93 -15.17
N GLY GB 174 34.54 51.45 -15.51
CA GLY GB 174 33.31 51.90 -14.91
C GLY GB 174 32.69 53.12 -15.57
N PHE GB 175 33.35 53.73 -16.53
CA PHE GB 175 32.86 54.93 -17.20
C PHE GB 175 32.34 54.59 -18.58
N VAL GB 176 31.48 55.47 -19.10
CA VAL GB 176 30.79 55.26 -20.36
C VAL GB 176 31.40 56.18 -21.41
N SER GB 177 31.72 55.60 -22.57
CA SER GB 177 32.18 56.36 -23.73
C SER GB 177 31.19 56.16 -24.86
N SER GB 178 30.76 57.26 -25.48
CA SER GB 178 29.81 57.22 -26.58
C SER GB 178 30.53 57.48 -27.89
N LEU GB 179 30.27 56.63 -28.88
CA LEU GB 179 30.85 56.75 -30.21
C LEU GB 179 29.74 57.06 -31.20
N VAL GB 180 29.88 58.16 -31.93
CA VAL GB 180 28.89 58.57 -32.92
C VAL GB 180 29.56 58.67 -34.28
N PHE GB 181 28.92 58.07 -35.29
CA PHE GB 181 29.50 57.93 -36.63
C PHE GB 181 28.86 58.94 -37.57
N LEU GB 182 29.69 59.72 -38.26
CA LEU GB 182 29.25 60.71 -39.23
C LEU GB 182 29.98 60.48 -40.54
N ASP GB 183 29.38 60.97 -41.63
CA ASP GB 183 30.01 60.89 -42.93
C ASP GB 183 30.92 62.11 -43.16
N SER GB 184 31.36 62.31 -44.40
CA SER GB 184 32.26 63.41 -44.70
C SER GB 184 31.55 64.76 -44.63
N THR GB 185 30.26 64.82 -44.98
CA THR GB 185 29.52 66.06 -44.87
C THR GB 185 29.16 66.40 -43.43
N GLY GB 186 29.02 65.40 -42.57
CA GLY GB 186 28.62 65.60 -41.18
C GLY GB 186 27.27 65.02 -40.82
N ALA GB 187 26.55 64.41 -41.75
CA ALA GB 187 25.27 63.79 -41.43
C ALA GB 187 25.50 62.47 -40.70
N PRO GB 188 24.55 62.03 -39.87
CA PRO GB 188 24.67 60.73 -39.21
C PRO GB 188 24.65 59.56 -40.19
N TRP GB 189 25.39 58.52 -39.84
CA TRP GB 189 25.49 57.30 -40.63
C TRP GB 189 25.07 56.11 -39.79
N PRO GB 190 23.90 55.51 -40.03
CA PRO GB 190 23.43 54.42 -39.18
C PRO GB 190 24.27 53.15 -39.32
N ILE GB 191 24.28 52.37 -38.24
CA ILE GB 191 25.13 51.19 -38.11
C ILE GB 191 24.31 49.95 -38.50
N ALA GB 192 24.92 49.07 -39.29
CA ALA GB 192 24.28 47.82 -39.67
C ALA GB 192 24.56 46.70 -38.67
N ALA GB 193 25.82 46.50 -38.30
CA ALA GB 193 26.20 45.45 -37.36
C ALA GB 193 27.54 45.80 -36.75
N TYR GB 194 27.90 45.09 -35.69
CA TYR GB 194 29.23 45.21 -35.10
C TYR GB 194 29.69 43.86 -34.57
N ASP GB 195 31.01 43.71 -34.46
CA ASP GB 195 31.64 42.48 -33.98
C ASP GB 195 32.72 42.85 -32.98
N LEU GB 196 32.60 42.36 -31.76
CA LEU GB 196 33.49 42.72 -30.67
C LEU GB 196 34.33 41.53 -30.25
N GLY GB 197 35.65 41.71 -30.23
CA GLY GB 197 36.54 40.73 -29.66
C GLY GB 197 36.78 41.01 -28.17
N ASP GB 198 36.97 39.93 -27.42
CA ASP GB 198 37.13 39.89 -25.96
C ASP GB 198 35.98 40.59 -25.26
N PRO GB 199 34.79 39.97 -25.17
CA PRO GB 199 33.67 40.61 -24.47
C PRO GB 199 33.80 40.61 -22.95
N SER GB 200 34.82 39.96 -22.38
CA SER GB 200 35.03 39.99 -20.94
C SER GB 200 35.65 41.29 -20.45
N SER GB 201 36.17 42.12 -21.36
CA SER GB 201 36.79 43.38 -20.98
C SER GB 201 35.93 44.60 -21.27
N PHE GB 202 34.99 44.50 -22.21
CA PHE GB 202 34.18 45.63 -22.62
C PHE GB 202 32.71 45.23 -22.72
N ASN GB 203 31.83 46.19 -22.50
CA ASN GB 203 30.39 46.00 -22.59
C ASN GB 203 29.80 47.09 -23.48
N ILE GB 204 28.98 46.69 -24.45
CA ILE GB 204 28.44 47.60 -25.45
C ILE GB 204 26.92 47.55 -25.39
N GLN GB 205 26.28 48.72 -25.29
CA GLN GB 205 24.83 48.87 -25.37
C GLN GB 205 24.47 49.58 -26.66
N TRP GB 206 23.46 49.08 -27.36
CA TRP GB 206 23.08 49.63 -28.66
C TRP GB 206 21.63 49.28 -28.97
N ASP GB 207 20.80 50.29 -29.18
CA ASP GB 207 19.52 50.06 -29.83
C ASP GB 207 19.76 49.80 -31.31
N LYS GB 208 18.97 48.89 -31.88
CA LYS GB 208 19.34 48.23 -33.13
C LYS GB 208 19.24 49.11 -34.37
N THR GB 209 18.85 50.38 -34.24
CA THR GB 209 18.65 51.25 -35.40
C THR GB 209 19.50 52.50 -35.43
N SER GB 210 20.04 52.94 -34.30
CA SER GB 210 20.69 54.24 -34.22
C SER GB 210 22.11 54.19 -34.75
N ASN GB 211 22.86 55.29 -34.59
CA ASN GB 211 24.24 55.39 -35.04
C ASN GB 211 25.21 55.63 -33.89
N THR GB 212 24.79 55.33 -32.66
CA THR GB 212 25.58 55.61 -31.47
C THR GB 212 25.82 54.31 -30.70
N LEU GB 213 27.08 54.04 -30.39
CA LEU GB 213 27.47 52.93 -29.52
C LEU GB 213 27.97 53.49 -28.20
N MET GB 214 27.63 52.81 -27.11
CA MET GB 214 28.05 53.21 -25.77
C MET GB 214 28.84 52.06 -25.15
N ILE GB 215 30.14 52.29 -24.94
CA ILE GB 215 31.06 51.25 -24.51
C ILE GB 215 31.54 51.57 -23.10
N GLN GB 216 31.54 50.55 -22.25
CA GLN GB 216 32.05 50.64 -20.88
C GLN GB 216 33.17 49.63 -20.71
N ALA GB 217 34.26 50.06 -20.08
CA ALA GB 217 35.37 49.16 -19.80
C ALA GB 217 35.16 48.45 -18.47
N THR GB 218 35.43 47.15 -18.45
CA THR GB 218 35.24 46.33 -17.26
C THR GB 218 36.56 46.09 -16.50
N LYS GB 219 37.67 45.98 -17.22
CA LYS GB 219 38.97 45.73 -16.61
C LYS GB 219 39.82 46.99 -16.65
N LEU GB 220 41.02 46.89 -16.08
CA LEU GB 220 41.86 48.08 -15.89
C LEU GB 220 42.77 48.35 -17.09
N TYR GB 221 43.55 47.35 -17.52
CA TYR GB 221 44.60 47.59 -18.50
C TYR GB 221 44.56 46.63 -19.68
N ASN GB 222 43.45 45.92 -19.89
CA ASN GB 222 43.34 44.98 -21.00
C ASN GB 222 42.71 45.66 -22.20
N TYR GB 223 43.33 45.51 -23.37
CA TYR GB 223 42.94 46.25 -24.56
C TYR GB 223 42.65 45.30 -25.71
N GLY GB 224 41.76 45.73 -26.62
CA GLY GB 224 41.35 44.91 -27.75
C GLY GB 224 40.90 45.72 -28.94
N ASN GB 225 40.21 45.09 -29.89
CA ASN GB 225 39.74 45.76 -31.09
C ASN GB 225 38.25 45.52 -31.31
N LEU GB 226 37.69 46.25 -32.29
CA LEU GB 226 36.27 46.18 -32.58
C LEU GB 226 36.06 46.49 -34.06
N ALA GB 227 35.14 45.77 -34.70
CA ALA GB 227 34.79 45.97 -36.10
C ALA GB 227 33.35 46.45 -36.20
N VAL GB 228 33.13 47.53 -36.94
CA VAL GB 228 31.82 48.15 -37.09
C VAL GB 228 31.50 48.26 -38.58
N ARG GB 229 30.33 47.77 -38.98
CA ARG GB 229 29.87 47.83 -40.36
C ARG GB 229 28.74 48.84 -40.48
N LEU GB 230 28.87 49.76 -41.42
CA LEU GB 230 27.85 50.78 -41.65
C LEU GB 230 26.85 50.32 -42.70
N ARG GB 231 25.81 51.14 -42.92
CA ARG GB 231 24.71 50.71 -43.78
C ARG GB 231 25.09 50.74 -45.25
N GLY GB 232 25.78 51.80 -45.69
CA GLY GB 232 26.08 51.92 -47.10
C GLY GB 232 27.47 51.45 -47.50
N LEU GB 233 28.32 51.16 -46.53
CA LEU GB 233 29.69 50.78 -46.81
C LEU GB 233 29.86 49.28 -46.93
N ASN GB 234 30.78 48.89 -47.81
CA ASN GB 234 31.24 47.51 -47.89
C ASN GB 234 32.51 47.30 -47.07
N THR GB 235 33.32 48.34 -46.92
CA THR GB 235 34.54 48.26 -46.12
C THR GB 235 34.20 48.42 -44.65
N PRO GB 236 34.53 47.47 -43.79
CA PRO GB 236 34.29 47.64 -42.35
C PRO GB 236 35.30 48.59 -41.72
N VAL GB 237 34.86 49.21 -40.62
CA VAL GB 237 35.69 50.14 -39.87
C VAL GB 237 36.23 49.43 -38.65
N MET GB 238 37.55 49.46 -38.47
CA MET GB 238 38.22 48.77 -37.37
C MET GB 238 38.82 49.79 -36.41
N LEU GB 239 38.59 49.59 -35.12
CA LEU GB 239 39.04 50.48 -34.06
C LEU GB 239 39.89 49.70 -33.08
N THR GB 240 40.67 50.42 -32.27
CA THR GB 240 41.35 49.83 -31.14
C THR GB 240 40.97 50.58 -29.87
N LEU GB 241 40.87 49.84 -28.76
CA LEU GB 241 40.30 50.35 -27.52
C LEU GB 241 41.30 50.11 -26.39
N ILE GB 242 41.96 51.18 -25.93
CA ILE GB 242 42.96 51.10 -24.88
C ILE GB 242 42.45 51.83 -23.64
N PRO GB 243 42.25 51.16 -22.52
CA PRO GB 243 41.88 51.85 -21.28
C PRO GB 243 43.10 52.19 -20.42
N GLY GB 244 42.83 52.93 -19.34
CA GLY GB 244 43.86 53.24 -18.36
C GLY GB 244 44.87 54.28 -18.76
N GLN GB 245 44.45 55.30 -19.50
CA GLN GB 245 45.35 56.34 -19.96
C GLN GB 245 45.20 57.60 -19.11
N LYS GB 246 45.93 58.65 -19.48
CA LYS GB 246 45.83 59.93 -18.77
C LYS GB 246 44.62 60.76 -19.20
N ALA GB 247 43.89 60.35 -20.22
CA ALA GB 247 42.67 61.01 -20.63
C ALA GB 247 41.60 59.97 -20.93
N VAL GB 248 40.36 60.33 -20.65
CA VAL GB 248 39.21 59.48 -20.93
C VAL GB 248 38.30 60.20 -21.92
N ASP GB 249 37.84 59.46 -22.93
CA ASP GB 249 37.01 60.03 -23.98
C ASP GB 249 35.54 59.87 -23.57
N TYR GB 250 34.88 60.99 -23.29
CA TYR GB 250 33.45 60.94 -23.02
C TYR GB 250 32.66 60.79 -24.30
N ARG GB 251 33.09 61.44 -25.37
CA ARG GB 251 32.40 61.39 -26.65
C ARG GB 251 33.42 61.57 -27.76
N VAL GB 252 33.36 60.70 -28.78
CA VAL GB 252 34.21 60.79 -29.95
C VAL GB 252 33.34 60.97 -31.19
N ASP GB 253 33.62 62.00 -31.96
CA ASP GB 253 32.97 62.24 -33.25
C ASP GB 253 33.88 61.65 -34.32
N LEU GB 254 33.33 60.75 -35.14
CA LEU GB 254 34.10 60.05 -36.15
C LEU GB 254 33.63 60.45 -37.54
N ARG GB 255 34.54 60.97 -38.35
CA ARG GB 255 34.26 61.33 -39.74
C ARG GB 255 34.68 60.17 -40.63
N VAL GB 256 33.73 59.61 -41.36
CA VAL GB 256 34.01 58.51 -42.28
C VAL GB 256 34.07 59.09 -43.69
N GLN GB 257 34.95 58.53 -44.52
CA GLN GB 257 35.37 59.15 -45.77
C GLN GB 257 34.24 59.23 -46.81
N GLY GB 258 33.39 58.22 -46.89
CA GLY GB 258 32.38 58.14 -47.93
C GLY GB 258 31.18 59.03 -47.68
N TYR GB 259 30.10 58.74 -48.39
CA TYR GB 259 28.83 59.45 -48.27
C TYR GB 259 27.75 58.49 -47.82
N GLY GB 260 27.00 58.87 -46.79
CA GLY GB 260 25.98 58.01 -46.22
C GLY GB 260 24.62 58.20 -46.84
N PRO GB 261 23.60 57.55 -46.26
CA PRO GB 261 22.23 57.73 -46.77
C PRO GB 261 21.66 59.12 -46.54
N ASN GB 262 22.21 59.90 -45.62
CA ASN GB 262 21.85 61.29 -45.43
C ASN GB 262 23.00 62.17 -45.88
N ALA GB 263 22.69 63.22 -46.63
CA ALA GB 263 23.73 64.11 -47.15
C ALA GB 263 23.16 65.52 -47.39
N ALA HB 104 38.41 54.76 37.62
CA ALA HB 104 37.14 54.47 36.95
C ALA HB 104 36.86 55.52 35.88
N GLU HB 105 37.86 56.33 35.57
CA GLU HB 105 37.69 57.43 34.62
C GLU HB 105 38.76 57.39 33.55
N VAL HB 106 39.95 56.88 33.90
CA VAL HB 106 41.05 56.76 32.94
C VAL HB 106 40.99 55.43 32.19
N ILE HB 107 40.20 54.46 32.68
CA ILE HB 107 39.99 53.20 31.99
C ILE HB 107 39.22 53.43 30.68
N ASP HB 108 38.30 54.39 30.66
CA ASP HB 108 37.46 54.64 29.49
C ASP HB 108 38.28 55.16 28.31
N LYS HB 109 39.34 55.93 28.55
CA LYS HB 109 40.22 56.32 27.46
C LYS HB 109 41.04 55.13 26.96
N LYS HB 110 41.46 54.25 27.87
CA LYS HB 110 42.25 53.10 27.46
C LYS HB 110 41.44 52.10 26.65
N ALA HB 111 40.18 51.88 27.02
CA ALA HB 111 39.36 50.91 26.32
C ALA HB 111 38.92 51.42 24.95
N PHE HB 112 38.86 52.74 24.76
CA PHE HB 112 38.40 53.29 23.48
C PHE HB 112 39.45 53.14 22.39
N LYS HB 113 40.73 53.39 22.71
CA LYS HB 113 41.78 53.29 21.70
C LYS HB 113 42.08 51.85 21.33
N ASP HB 114 41.97 50.91 22.27
CA ASP HB 114 42.15 49.51 21.90
C ASP HB 114 40.98 48.97 21.10
N MET HB 115 39.78 49.51 21.32
CA MET HB 115 38.63 49.12 20.51
C MET HB 115 38.76 49.63 19.08
N THR HB 116 39.32 50.82 18.90
CA THR HB 116 39.50 51.39 17.56
C THR HB 116 40.49 50.58 16.73
N ARG HB 117 41.56 50.11 17.37
CA ARG HB 117 42.57 49.32 16.65
C ARG HB 117 42.04 47.94 16.26
N ASN HB 118 41.13 47.37 17.05
CA ASN HB 118 40.50 46.11 16.64
C ASN HB 118 39.44 46.32 15.57
N LEU HB 119 38.75 47.45 15.60
CA LEU HB 119 37.69 47.70 14.61
C LEU HB 119 38.27 48.04 13.25
N TYR HB 120 39.34 48.84 13.22
CA TYR HB 120 39.99 49.26 11.98
C TYR HB 120 41.46 48.91 12.07
N PRO HB 121 41.86 47.70 11.65
CA PRO HB 121 43.28 47.30 11.75
C PRO HB 121 44.19 48.02 10.77
N LEU HB 122 43.65 48.68 9.75
CA LEU HB 122 44.45 49.38 8.76
C LEU HB 122 44.20 50.89 8.87
N ASN HB 123 45.29 51.66 8.89
CA ASN HB 123 45.20 53.10 8.94
C ASN HB 123 44.70 53.65 7.61
N PRO HB 124 44.19 54.90 7.59
CA PRO HB 124 43.92 55.55 6.30
C PRO HB 124 45.15 55.72 5.42
N GLU HB 125 46.33 55.88 6.01
CA GLU HB 125 47.57 55.87 5.24
C GLU HB 125 47.81 54.49 4.63
N GLN HB 126 47.57 53.43 5.39
CA GLN HB 126 47.84 52.07 4.93
C GLN HB 126 46.82 51.58 3.91
N VAL HB 127 45.61 52.13 3.90
CA VAL HB 127 44.64 51.79 2.86
C VAL HB 127 45.09 52.38 1.53
N VAL HB 128 45.64 53.60 1.55
CA VAL HB 128 46.14 54.24 0.34
C VAL HB 128 47.33 53.50 -0.23
N LYS HB 129 48.25 53.05 0.63
CA LYS HB 129 49.42 52.30 0.16
C LYS HB 129 49.04 50.92 -0.37
N LEU HB 130 48.01 50.30 0.21
CA LEU HB 130 47.56 48.99 -0.27
C LEU HB 130 46.88 49.09 -1.62
N LYS HB 131 46.23 50.21 -1.92
CA LYS HB 131 45.61 50.40 -3.23
C LYS HB 131 46.65 50.57 -4.32
N GLN HB 132 47.78 51.20 -4.01
CA GLN HB 132 48.84 51.34 -5.00
C GLN HB 132 49.53 50.01 -5.28
N ILE HB 133 49.60 49.12 -4.28
CA ILE HB 133 50.16 47.79 -4.47
C ILE HB 133 49.27 46.97 -5.39
N TYR HB 134 47.95 47.12 -5.26
CA TYR HB 134 47.00 46.29 -6.01
C TYR HB 134 46.98 46.65 -7.50
N GLU HB 135 46.98 47.95 -7.83
CA GLU HB 135 46.96 48.35 -9.23
C GLU HB 135 48.31 48.17 -9.93
N THR HB 136 49.41 48.17 -9.18
CA THR HB 136 50.70 47.84 -9.78
C THR HB 136 50.78 46.37 -10.14
N SER HB 137 50.13 45.51 -9.35
CA SER HB 137 50.09 44.08 -9.64
C SER HB 137 49.24 43.78 -10.87
N GLU HB 138 48.17 44.55 -11.09
CA GLU HB 138 47.35 44.36 -12.28
C GLU HB 138 48.04 44.90 -13.53
N TYR HB 139 48.91 45.90 -13.37
CA TYR HB 139 49.64 46.43 -14.52
C TYR HB 139 50.69 45.45 -15.01
N ALA HB 140 51.32 44.71 -14.10
CA ALA HB 140 52.28 43.68 -14.50
C ALA HB 140 51.59 42.45 -15.05
N LYS HB 141 50.35 42.19 -14.61
CA LYS HB 141 49.61 41.02 -15.10
C LYS HB 141 49.16 41.21 -16.54
N ALA HB 142 48.72 42.41 -16.89
CA ALA HB 142 48.16 42.67 -18.22
C ALA HB 142 49.20 43.06 -19.25
N ALA HB 143 50.45 43.29 -18.84
CA ALA HB 143 51.48 43.69 -19.78
C ALA HB 143 51.92 42.52 -20.66
N THR HB 144 52.22 42.83 -21.91
CA THR HB 144 52.60 41.79 -22.86
C THR HB 144 54.12 41.69 -22.97
N PRO HB 145 54.64 40.47 -23.05
CA PRO HB 145 56.09 40.31 -23.26
C PRO HB 145 56.50 40.75 -24.64
N GLY HB 146 57.72 41.30 -24.74
CA GLY HB 146 58.21 41.82 -26.00
C GLY HB 146 57.47 43.08 -26.41
N THR HB 147 57.35 43.26 -27.73
CA THR HB 147 56.57 44.38 -28.25
C THR HB 147 55.26 43.88 -28.84
N PRO HB 148 54.18 44.67 -28.71
CA PRO HB 148 52.92 44.28 -29.34
C PRO HB 148 53.01 44.42 -30.85
N PRO HB 149 52.20 43.67 -31.60
CA PRO HB 149 52.24 43.77 -33.06
C PRO HB 149 51.65 45.08 -33.57
N LYS HB 150 52.12 45.50 -34.73
CA LYS HB 150 51.65 46.73 -35.35
C LYS HB 150 50.33 46.49 -36.06
N PRO HB 151 49.28 47.25 -35.76
CA PRO HB 151 48.00 47.08 -36.48
C PRO HB 151 48.07 47.72 -37.86
N THR HB 152 47.79 46.93 -38.89
CA THR HB 152 47.95 47.36 -40.27
C THR HB 152 46.73 46.95 -41.09
N ALA HB 153 46.53 47.66 -42.20
CA ALA HB 153 45.61 47.27 -43.26
C ALA HB 153 46.40 47.03 -44.53
N THR HB 154 46.08 45.95 -45.24
CA THR HB 154 46.85 45.55 -46.41
C THR HB 154 45.92 45.32 -47.60
N SER HB 155 46.53 45.09 -48.76
CA SER HB 155 45.79 44.83 -49.99
C SER HB 155 46.66 43.95 -50.89
N GLN HB 156 46.14 42.80 -51.29
CA GLN HB 156 46.88 41.82 -52.08
C GLN HB 156 46.11 41.44 -53.34
N PHE HB 157 46.85 40.93 -54.31
CA PHE HB 157 46.28 40.36 -55.53
C PHE HB 157 46.45 38.84 -55.48
N VAL HB 158 45.38 38.11 -55.79
CA VAL HB 158 45.37 36.66 -55.71
C VAL HB 158 45.38 36.11 -57.13
N ASN HB 159 46.39 35.31 -57.44
CA ASN HB 159 46.54 34.69 -58.75
C ASN HB 159 46.17 33.21 -58.66
N LEU HB 160 45.27 32.78 -59.54
CA LEU HB 160 44.78 31.41 -59.54
C LEU HB 160 45.56 30.51 -60.50
N SER HB 161 46.78 30.90 -60.85
CA SER HB 161 47.64 30.07 -61.69
C SER HB 161 48.16 28.88 -60.88
N PRO HB 162 48.51 27.77 -61.55
CA PRO HB 162 49.09 26.63 -60.83
C PRO HB 162 50.57 26.74 -60.53
N GLY HB 163 51.13 27.94 -60.52
CA GLY HB 163 52.52 28.10 -60.14
C GLY HB 163 52.72 29.01 -58.95
N SER HB 164 51.72 29.83 -58.65
CA SER HB 164 51.83 30.85 -57.62
C SER HB 164 51.66 30.25 -56.23
N THR HB 165 52.02 31.03 -55.22
CA THR HB 165 51.90 30.67 -53.82
C THR HB 165 50.62 31.24 -53.21
N PRO HB 166 49.96 30.51 -52.31
CA PRO HB 166 48.75 31.04 -51.69
C PRO HB 166 49.08 32.19 -50.75
N PRO HB 167 48.16 33.13 -50.57
CA PRO HB 167 48.46 34.31 -49.74
C PRO HB 167 48.44 34.01 -48.25
N VAL HB 168 49.07 34.92 -47.51
CA VAL HB 168 49.35 34.76 -46.08
C VAL HB 168 48.56 35.82 -45.32
N ILE HB 169 47.89 35.40 -44.24
CA ILE HB 169 47.15 36.29 -43.36
C ILE HB 169 47.81 36.25 -41.99
N ARG HB 170 48.09 37.42 -41.43
CA ARG HB 170 48.73 37.54 -40.12
C ARG HB 170 47.66 37.81 -39.07
N LEU HB 171 47.68 37.03 -38.00
CA LEU HB 171 46.65 37.04 -36.97
C LEU HB 171 47.27 37.31 -35.60
N SER HB 172 46.41 37.49 -34.60
CA SER HB 172 46.84 37.63 -33.21
C SER HB 172 45.77 37.04 -32.32
N GLN HB 173 46.19 36.58 -31.14
CA GLN HB 173 45.29 35.89 -30.22
C GLN HB 173 44.34 36.87 -29.56
N GLY HB 174 43.04 36.63 -29.73
CA GLY HB 174 42.01 37.48 -29.17
C GLY HB 174 41.61 38.67 -30.01
N PHE HB 175 42.27 38.90 -31.14
CA PHE HB 175 41.99 40.03 -32.01
C PHE HB 175 41.18 39.55 -33.22
N VAL HB 176 40.50 40.50 -33.85
CA VAL HB 176 39.61 40.23 -34.97
C VAL HB 176 40.27 40.72 -36.26
N SER HB 177 40.29 39.87 -37.27
CA SER HB 177 40.74 40.22 -38.61
C SER HB 177 39.58 40.05 -39.58
N SER HB 178 39.35 41.05 -40.41
CA SER HB 178 38.29 41.01 -41.41
C SER HB 178 38.90 40.89 -42.79
N LEU HB 179 38.38 39.97 -43.59
CA LEU HB 179 38.82 39.76 -44.96
C LEU HB 179 37.66 40.08 -45.89
N VAL HB 180 37.90 40.95 -46.87
CA VAL HB 180 36.90 41.32 -47.86
C VAL HB 180 37.39 40.89 -49.23
N PHE HB 181 36.50 40.30 -50.02
CA PHE HB 181 36.83 39.72 -51.31
C PHE HB 181 36.34 40.62 -52.43
N LEU HB 182 37.24 40.98 -53.34
CA LEU HB 182 36.94 41.83 -54.47
C LEU HB 182 37.40 41.17 -55.75
N ASP HB 183 36.82 41.56 -56.86
CA ASP HB 183 37.22 41.05 -58.16
C ASP HB 183 38.34 41.92 -58.74
N SER HB 184 38.63 41.73 -60.03
CA SER HB 184 39.73 42.46 -60.66
C SER HB 184 39.39 43.94 -60.86
N THR HB 185 38.12 44.27 -61.10
CA THR HB 185 37.74 45.67 -61.23
C THR HB 185 37.65 46.36 -59.88
N GLY HB 186 37.37 45.62 -58.82
CA GLY HB 186 37.22 46.19 -57.49
C GLY HB 186 35.83 46.06 -56.90
N ALA HB 187 34.87 45.48 -57.61
CA ALA HB 187 33.54 45.28 -57.05
C ALA HB 187 33.56 44.11 -56.05
N PRO HB 188 32.66 44.12 -55.07
CA PRO HB 188 32.58 42.99 -54.13
C PRO HB 188 32.16 41.68 -54.80
N TRP HB 189 32.70 40.58 -54.29
CA TRP HB 189 32.40 39.24 -54.77
C TRP HB 189 31.83 38.41 -53.63
N PRO HB 190 30.54 38.09 -53.66
CA PRO HB 190 29.93 37.35 -52.54
C PRO HB 190 30.43 35.92 -52.43
N ILE HB 191 30.38 35.40 -51.20
CA ILE HB 191 30.94 34.10 -50.85
C ILE HB 191 29.83 33.07 -50.87
N ALA HB 192 30.10 31.91 -51.47
CA ALA HB 192 29.16 30.81 -51.50
C ALA HB 192 29.28 29.90 -50.28
N ALA HB 193 30.50 29.47 -49.96
CA ALA HB 193 30.75 28.58 -48.84
C ALA HB 193 32.21 28.69 -48.43
N TYR HB 194 32.53 28.12 -47.27
CA TYR HB 194 33.92 28.02 -46.83
C TYR HB 194 34.11 26.73 -46.05
N ASP HB 195 35.38 26.31 -45.96
CA ASP HB 195 35.76 25.09 -45.27
C ASP HB 195 37.02 25.38 -44.47
N LEU HB 196 36.95 25.21 -43.15
CA LEU HB 196 38.04 25.58 -42.25
C LEU HB 196 38.63 24.33 -41.62
N GLY HB 197 39.94 24.17 -41.74
CA GLY HB 197 40.65 23.16 -40.99
C GLY HB 197 41.13 23.71 -39.66
N ASP HB 198 41.22 22.79 -38.67
CA ASP HB 198 41.54 23.07 -37.27
C ASP HB 198 40.64 24.13 -36.66
N PRO HB 199 39.38 23.81 -36.33
CA PRO HB 199 38.50 24.81 -35.70
C PRO HB 199 38.83 25.09 -34.23
N SER HB 200 39.76 24.35 -33.61
CA SER HB 200 40.14 24.65 -32.24
C SER HB 200 41.09 25.83 -32.13
N SER HB 201 41.66 26.30 -33.24
CA SER HB 201 42.59 27.41 -33.22
C SER HB 201 42.00 28.70 -33.76
N PHE HB 202 40.95 28.63 -34.58
CA PHE HB 202 40.37 29.81 -35.21
C PHE HB 202 38.85 29.76 -35.10
N ASN HB 203 38.25 30.94 -35.01
CA ASN HB 203 36.80 31.10 -34.94
C ASN HB 203 36.38 32.08 -36.03
N ILE HB 204 35.36 31.71 -36.80
CA ILE HB 204 34.91 32.49 -37.96
C ILE HB 204 33.44 32.84 -37.77
N GLN HB 205 33.12 34.12 -37.91
CA GLN HB 205 31.76 34.62 -37.92
C GLN HB 205 31.40 35.13 -39.31
N TRP HB 206 30.21 34.77 -39.79
CA TRP HB 206 29.81 35.10 -41.15
C TRP HB 206 28.29 35.11 -41.24
N ASP HB 207 27.72 36.24 -41.64
CA ASP HB 207 26.34 36.23 -42.11
C ASP HB 207 26.31 35.58 -43.49
N LYS HB 208 25.23 34.85 -43.77
CA LYS HB 208 25.24 33.84 -44.83
C LYS HB 208 25.25 34.41 -46.24
N THR HB 209 25.17 35.73 -46.42
CA THR HB 209 25.03 36.32 -47.73
C THR HB 209 26.15 37.29 -48.13
N SER HB 210 26.91 37.82 -47.19
CA SER HB 210 27.84 38.90 -47.48
C SER HB 210 29.15 38.36 -48.07
N ASN HB 211 30.14 39.24 -48.20
CA ASN HB 211 31.43 38.89 -48.78
C ASN HB 211 32.58 39.11 -47.79
N THR HB 212 32.28 39.23 -46.50
CA THR HB 212 33.27 39.51 -45.48
C THR HB 212 33.30 38.41 -44.44
N LEU HB 213 34.49 37.89 -44.16
CA LEU HB 213 34.70 36.92 -43.09
C LEU HB 213 35.46 37.60 -41.96
N MET HB 214 35.11 37.26 -40.72
CA MET HB 214 35.74 37.81 -39.53
C MET HB 214 36.35 36.65 -38.74
N ILE HB 215 37.67 36.64 -38.62
CA ILE HB 215 38.41 35.53 -38.07
C ILE HB 215 39.13 35.99 -36.80
N GLN HB 216 38.97 35.23 -35.72
CA GLN HB 216 39.68 35.45 -34.47
C GLN HB 216 40.54 34.23 -34.16
N ALA HB 217 41.79 34.48 -33.77
CA ALA HB 217 42.69 33.40 -33.39
C ALA HB 217 42.53 33.06 -31.92
N THR HB 218 42.52 31.77 -31.61
CA THR HB 218 42.34 31.29 -30.25
C THR HB 218 43.66 30.90 -29.58
N LYS HB 219 44.62 30.37 -30.34
CA LYS HB 219 45.90 29.94 -29.80
C LYS HB 219 47.00 30.90 -30.23
N LEU HB 220 48.18 30.72 -29.63
CA LEU HB 220 49.26 31.68 -29.81
C LEU HB 220 50.05 31.45 -31.09
N TYR HB 221 50.49 30.22 -31.34
CA TYR HB 221 51.44 29.97 -32.42
C TYR HB 221 51.03 28.83 -33.36
N ASN HB 222 49.77 28.41 -33.33
CA ASN HB 222 49.31 27.33 -34.18
C ASN HB 222 48.73 27.88 -35.48
N TYR HB 223 49.20 27.34 -36.61
CA TYR HB 223 48.84 27.86 -37.92
C TYR HB 223 48.16 26.78 -38.75
N GLY HB 224 47.29 27.23 -39.67
CA GLY HB 224 46.52 26.32 -40.49
C GLY HB 224 46.15 26.88 -41.85
N ASN HB 225 45.15 26.32 -42.51
CA ASN HB 225 44.73 26.77 -43.82
C ASN HB 225 43.20 26.85 -43.90
N LEU HB 226 42.72 27.43 -44.99
CA LEU HB 226 41.29 27.67 -45.18
C LEU HB 226 40.96 27.72 -46.65
N ALA HB 227 39.80 27.18 -47.02
CA ALA HB 227 39.31 27.16 -48.39
C ALA HB 227 38.02 27.98 -48.47
N VAL HB 228 37.96 28.89 -49.46
CA VAL HB 228 36.81 29.77 -49.64
C VAL HB 228 36.33 29.64 -51.08
N ARG HB 229 35.03 29.36 -51.26
CA ARG HB 229 34.42 29.25 -52.56
C ARG HB 229 33.53 30.47 -52.82
N LEU HB 230 33.74 31.12 -53.95
CA LEU HB 230 32.98 32.31 -54.32
C LEU HB 230 31.77 31.91 -55.16
N ARG HB 231 30.95 32.91 -55.52
CA ARG HB 231 29.68 32.62 -56.16
C ARG HB 231 29.85 32.22 -57.62
N GLY HB 232 30.72 32.91 -58.35
CA GLY HB 232 30.87 32.64 -59.76
C GLY HB 232 32.02 31.73 -60.12
N LEU HB 233 32.92 31.48 -59.18
CA LEU HB 233 34.12 30.71 -59.47
C LEU HB 233 33.91 29.22 -59.26
N ASN HB 234 34.60 28.43 -60.09
CA ASN HB 234 34.74 27.00 -59.87
C ASN HB 234 36.01 26.66 -59.11
N THR HB 235 37.04 27.48 -59.25
CA THR HB 235 38.31 27.27 -58.56
C THR HB 235 38.21 27.81 -57.14
N PRO HB 236 38.41 26.98 -56.12
CA PRO HB 236 38.42 27.49 -54.74
C PRO HB 236 39.69 28.27 -54.44
N VAL HB 237 39.57 29.21 -53.51
CA VAL HB 237 40.66 30.08 -53.12
C VAL HB 237 41.21 29.59 -51.78
N MET HB 238 42.51 29.29 -51.75
CA MET HB 238 43.15 28.68 -50.59
C MET HB 238 44.07 29.70 -49.92
N LEU HB 239 43.97 29.79 -48.59
CA LEU HB 239 44.73 30.73 -47.78
C LEU HB 239 45.50 29.98 -46.70
N THR HB 240 46.50 30.64 -46.14
CA THR HB 240 47.17 30.16 -44.93
C THR HB 240 47.12 31.25 -43.86
N LEU HB 241 47.01 30.83 -42.61
CA LEU HB 241 46.76 31.73 -41.48
C LEU HB 241 47.81 31.50 -40.42
N ILE HB 242 48.74 32.44 -40.26
CA ILE HB 242 49.82 32.33 -39.29
C ILE HB 242 49.66 33.42 -38.24
N PRO HB 243 49.46 33.09 -36.97
CA PRO HB 243 49.44 34.10 -35.91
C PRO HB 243 50.81 34.27 -35.25
N GLY HB 244 50.88 35.27 -34.37
CA GLY HB 244 52.07 35.50 -33.57
C GLY HB 244 53.22 36.17 -34.28
N GLN HB 245 52.94 37.06 -35.23
CA GLN HB 245 53.98 37.74 -35.99
C GLN HB 245 54.22 39.14 -35.43
N LYS HB 246 55.11 39.87 -36.09
CA LYS HB 246 55.37 41.26 -35.69
C LYS HB 246 54.35 42.25 -36.25
N ALA HB 247 53.44 41.80 -37.10
CA ALA HB 247 52.35 42.64 -37.59
C ALA HB 247 51.05 41.86 -37.51
N VAL HB 248 49.96 42.58 -37.24
CA VAL HB 248 48.63 41.99 -37.19
C VAL HB 248 47.78 42.69 -38.25
N ASP HB 249 47.02 41.90 -39.01
CA ASP HB 249 46.20 42.42 -40.10
C ASP HB 249 44.81 42.75 -39.56
N TYR HB 250 44.48 44.04 -39.50
CA TYR HB 250 43.13 44.43 -39.12
C TYR HB 250 42.16 44.22 -40.27
N ARG HB 251 42.59 44.49 -41.50
CA ARG HB 251 41.74 44.35 -42.67
C ARG HB 251 42.61 43.99 -43.87
N VAL HB 252 42.20 42.98 -44.63
CA VAL HB 252 42.88 42.60 -45.86
C VAL HB 252 41.89 42.71 -47.02
N ASP HB 253 42.28 43.45 -48.05
CA ASP HB 253 41.53 43.51 -49.31
C ASP HB 253 42.17 42.54 -50.28
N LEU HB 254 41.37 41.64 -50.85
CA LEU HB 254 41.87 40.59 -51.72
C LEU HB 254 41.34 40.79 -53.12
N ARG HB 255 42.24 40.95 -54.08
CA ARG HB 255 41.89 41.07 -55.49
C ARG HB 255 41.91 39.68 -56.12
N VAL HB 256 40.78 39.22 -56.63
CA VAL HB 256 40.67 37.93 -57.27
C VAL HB 256 40.65 38.15 -58.78
N GLN HB 257 41.27 37.23 -59.52
CA GLN HB 257 41.63 37.44 -60.92
C GLN HB 257 40.42 37.55 -61.84
N GLY HB 258 39.36 36.81 -61.57
CA GLY HB 258 38.22 36.75 -62.47
C GLY HB 258 37.30 37.96 -62.39
N TYR HB 259 36.08 37.78 -62.91
CA TYR HB 259 35.04 38.80 -62.88
C TYR HB 259 33.83 38.26 -62.14
N GLY HB 260 33.34 39.03 -61.16
CA GLY HB 260 32.24 38.60 -60.34
C GLY HB 260 30.89 39.01 -60.90
N PRO HB 261 29.82 38.79 -60.13
CA PRO HB 261 28.49 39.22 -60.58
C PRO HB 261 28.30 40.72 -60.66
N ASN HB 262 29.12 41.51 -59.98
CA ASN HB 262 29.10 42.97 -60.08
C ASN HB 262 30.35 43.41 -60.82
N ALA HB 263 30.17 44.32 -61.79
CA ALA HB 263 31.29 44.81 -62.57
C ALA HB 263 31.03 46.23 -63.08
N ALA IB 104 66.62 37.98 4.28
CA ALA IB 104 65.21 38.19 3.97
C ALA IB 104 65.04 38.73 2.56
N GLU IB 105 66.14 38.72 1.79
CA GLU IB 105 66.12 39.30 0.46
C GLU IB 105 66.69 38.34 -0.56
N VAL IB 106 67.61 37.47 -0.13
CA VAL IB 106 68.18 36.46 -1.02
C VAL IB 106 67.39 35.16 -1.00
N ILE IB 107 66.43 35.00 -0.07
CA ILE IB 107 65.54 33.85 -0.08
C ILE IB 107 64.61 33.91 -1.28
N ASP IB 108 64.20 35.13 -1.68
CA ASP IB 108 63.22 35.29 -2.76
C ASP IB 108 63.79 34.87 -4.12
N LYS IB 109 65.10 35.03 -4.33
CA LYS IB 109 65.70 34.47 -5.54
C LYS IB 109 65.76 32.95 -5.48
N LYS IB 110 66.01 32.40 -4.29
CA LYS IB 110 66.11 30.94 -4.16
C LYS IB 110 64.75 30.27 -4.33
N ALA IB 111 63.69 30.90 -3.85
CA ALA IB 111 62.36 30.31 -3.98
C ALA IB 111 61.84 30.41 -5.41
N PHE IB 112 62.28 31.40 -6.17
CA PHE IB 112 61.76 31.61 -7.51
C PHE IB 112 62.29 30.57 -8.51
N LYS IB 113 63.58 30.22 -8.42
CA LYS IB 113 64.14 29.25 -9.35
C LYS IB 113 63.67 27.83 -9.06
N ASP IB 114 63.44 27.48 -7.80
CA ASP IB 114 62.89 26.15 -7.52
C ASP IB 114 61.40 26.08 -7.85
N MET IB 115 60.71 27.23 -7.89
CA MET IB 115 59.33 27.25 -8.33
C MET IB 115 59.23 26.98 -9.84
N THR IB 116 60.17 27.51 -10.61
CA THR IB 116 60.15 27.34 -12.06
C THR IB 116 60.41 25.87 -12.44
N ARG IB 117 61.34 25.21 -11.74
CA ARG IB 117 61.65 23.82 -12.04
C ARG IB 117 60.52 22.88 -11.67
N ASN IB 118 59.74 23.22 -10.63
CA ASN IB 118 58.57 22.42 -10.32
C ASN IB 118 57.41 22.68 -11.27
N LEU IB 119 57.27 23.93 -11.74
CA LEU IB 119 56.16 24.26 -12.63
C LEU IB 119 56.41 23.73 -14.04
N TYR IB 120 57.65 23.81 -14.52
CA TYR IB 120 58.01 23.36 -15.86
C TYR IB 120 59.17 22.38 -15.75
N PRO IB 121 58.89 21.08 -15.57
CA PRO IB 121 59.99 20.09 -15.43
C PRO IB 121 60.79 19.87 -16.70
N LEU IB 122 60.27 20.26 -17.86
CA LEU IB 122 60.96 20.08 -19.13
C LEU IB 122 61.36 21.43 -19.70
N ASN IB 123 62.63 21.54 -20.10
CA ASN IB 123 63.13 22.76 -20.73
C ASN IB 123 62.55 22.92 -22.13
N PRO IB 124 62.59 24.15 -22.68
CA PRO IB 124 62.25 24.31 -24.11
C PRO IB 124 63.19 23.55 -25.05
N GLU IB 125 64.43 23.33 -24.64
CA GLU IB 125 65.34 22.49 -25.42
C GLU IB 125 64.93 21.03 -25.36
N GLN IB 126 64.32 20.61 -24.25
CA GLN IB 126 63.91 19.21 -24.09
C GLN IB 126 62.54 18.93 -24.67
N VAL IB 127 61.69 19.94 -24.84
CA VAL IB 127 60.41 19.75 -25.50
C VAL IB 127 60.62 19.48 -26.99
N VAL IB 128 61.60 20.16 -27.60
CA VAL IB 128 61.92 19.96 -29.01
C VAL IB 128 62.46 18.55 -29.26
N LYS IB 129 63.33 18.06 -28.36
CA LYS IB 129 63.87 16.72 -28.51
C LYS IB 129 62.81 15.65 -28.28
N LEU IB 130 61.84 15.91 -27.40
CA LEU IB 130 60.77 14.94 -27.16
C LEU IB 130 59.82 14.85 -28.34
N LYS IB 131 59.63 15.95 -29.07
CA LYS IB 131 58.78 15.91 -30.26
C LYS IB 131 59.43 15.14 -31.39
N GLN IB 132 60.76 15.18 -31.51
CA GLN IB 132 61.45 14.41 -32.53
C GLN IB 132 61.42 12.92 -32.22
N ILE IB 133 61.45 12.56 -30.92
CA ILE IB 133 61.34 11.17 -30.51
C ILE IB 133 59.95 10.63 -30.86
N TYR IB 134 58.91 11.46 -30.70
CA TYR IB 134 57.54 11.03 -30.91
C TYR IB 134 57.25 10.77 -32.39
N GLU IB 135 57.68 11.66 -33.28
CA GLU IB 135 57.40 11.49 -34.70
C GLU IB 135 58.24 10.40 -35.35
N THR IB 136 59.43 10.12 -34.82
CA THR IB 136 60.22 9.00 -35.31
C THR IB 136 59.57 7.66 -34.95
N SER IB 137 58.88 7.61 -33.80
CA SER IB 137 58.22 6.39 -33.38
C SER IB 137 57.00 6.08 -34.24
N GLU IB 138 56.29 7.10 -34.72
CA GLU IB 138 55.16 6.86 -35.60
C GLU IB 138 55.61 6.51 -37.01
N TYR IB 139 56.82 6.93 -37.40
CA TYR IB 139 57.34 6.59 -38.72
C TYR IB 139 57.67 5.11 -38.82
N ALA IB 140 58.22 4.53 -37.74
CA ALA IB 140 58.50 3.10 -37.73
C ALA IB 140 57.23 2.27 -37.55
N LYS IB 141 56.21 2.84 -36.92
CA LYS IB 141 54.95 2.13 -36.73
C LYS IB 141 54.20 1.97 -38.05
N ALA IB 142 54.22 2.99 -38.91
CA ALA IB 142 53.47 2.97 -40.15
C ALA IB 142 54.25 2.39 -41.32
N ALA IB 143 55.53 2.08 -41.14
CA ALA IB 143 56.34 1.57 -42.24
C ALA IB 143 55.97 0.13 -42.55
N THR IB 144 55.99 -0.20 -43.85
CA THR IB 144 55.62 -1.54 -44.27
C THR IB 144 56.86 -2.41 -44.44
N PRO IB 145 56.82 -3.65 -43.97
CA PRO IB 145 57.95 -4.56 -44.20
C PRO IB 145 58.06 -4.96 -45.66
N GLY IB 146 59.30 -5.16 -46.10
CA GLY IB 146 59.55 -5.47 -47.50
C GLY IB 146 59.30 -4.25 -48.39
N THR IB 147 58.85 -4.53 -49.61
CA THR IB 147 58.46 -3.47 -50.51
C THR IB 147 56.94 -3.41 -50.66
N PRO IB 148 56.37 -2.22 -50.80
CA PRO IB 148 54.93 -2.13 -51.06
C PRO IB 148 54.60 -2.62 -52.45
N PRO IB 149 53.37 -3.09 -52.69
CA PRO IB 149 53.01 -3.56 -54.02
C PRO IB 149 52.86 -2.43 -55.02
N LYS IB 150 53.06 -2.76 -56.29
CA LYS IB 150 52.97 -1.78 -57.35
C LYS IB 150 51.52 -1.58 -57.77
N PRO IB 151 51.00 -0.35 -57.78
CA PRO IB 151 49.61 -0.12 -58.24
C PRO IB 151 49.55 -0.17 -59.76
N THR IB 152 48.64 -1.00 -60.28
CA THR IB 152 48.55 -1.26 -61.71
C THR IB 152 47.10 -1.27 -62.16
N ALA IB 153 46.91 -1.10 -63.46
CA ALA IB 153 45.64 -1.34 -64.12
C ALA IB 153 45.86 -2.42 -65.18
N THR IB 154 44.90 -3.35 -65.28
CA THR IB 154 45.05 -4.49 -66.17
C THR IB 154 43.81 -4.64 -67.04
N SER IB 155 43.91 -5.54 -68.02
CA SER IB 155 42.81 -5.84 -68.93
C SER IB 155 42.92 -7.30 -69.34
N GLN IB 156 41.87 -8.08 -69.07
CA GLN IB 156 41.87 -9.51 -69.35
C GLN IB 156 40.67 -9.88 -70.22
N PHE IB 157 40.81 -11.00 -70.92
CA PHE IB 157 39.72 -11.61 -71.69
C PHE IB 157 39.27 -12.87 -70.97
N VAL IB 158 37.97 -13.01 -70.78
CA VAL IB 158 37.38 -14.12 -70.03
C VAL IB 158 36.72 -15.07 -71.01
N ASN IB 159 37.18 -16.33 -71.01
CA ASN IB 159 36.66 -17.35 -71.90
C ASN IB 159 35.78 -18.30 -71.09
N LEU IB 160 34.57 -18.55 -71.59
CA LEU IB 160 33.62 -19.42 -70.91
C LEU IB 160 33.67 -20.86 -71.41
N SER IB 161 34.78 -21.26 -72.01
CA SER IB 161 34.95 -22.63 -72.44
C SER IB 161 35.18 -23.55 -71.23
N PRO IB 162 34.83 -24.84 -71.34
CA PRO IB 162 35.07 -25.76 -70.22
C PRO IB 162 36.50 -26.31 -70.15
N GLY IB 163 37.46 -25.64 -70.75
CA GLY IB 163 38.84 -26.07 -70.62
C GLY IB 163 39.75 -25.01 -70.01
N SER IB 164 39.31 -23.76 -70.04
CA SER IB 164 40.13 -22.64 -69.61
C SER IB 164 40.13 -22.51 -68.09
N THR IB 165 41.04 -21.67 -67.59
CA THR IB 165 41.20 -21.37 -66.18
C THR IB 165 40.50 -20.06 -65.82
N PRO IB 166 39.92 -19.97 -64.62
CA PRO IB 166 39.29 -18.72 -64.21
C PRO IB 166 40.33 -17.64 -63.94
N PRO IB 167 39.98 -16.37 -64.14
CA PRO IB 167 40.96 -15.29 -63.99
C PRO IB 167 41.27 -14.97 -62.53
N VAL IB 168 42.38 -14.28 -62.34
CA VAL IB 168 42.96 -14.01 -61.03
C VAL IB 168 42.93 -12.50 -60.78
N ILE IB 169 42.49 -12.11 -59.58
CA ILE IB 169 42.47 -10.72 -59.15
C ILE IB 169 43.42 -10.57 -57.98
N ARG IB 170 44.33 -9.59 -58.06
CA ARG IB 170 45.32 -9.33 -57.02
C ARG IB 170 44.81 -8.21 -56.12
N LEU IB 171 44.83 -8.45 -54.82
CA LEU IB 171 44.24 -7.56 -53.83
C LEU IB 171 45.29 -7.15 -52.80
N SER IB 172 44.92 -6.21 -51.95
CA SER IB 172 45.76 -5.78 -50.84
C SER IB 172 44.88 -5.35 -49.69
N GLN IB 173 45.39 -5.51 -48.47
CA GLN IB 173 44.59 -5.27 -47.27
C GLN IB 173 44.38 -3.77 -47.06
N GLY IB 174 43.12 -3.37 -46.98
CA GLY IB 174 42.76 -1.98 -46.80
C GLY IB 174 42.64 -1.17 -48.07
N PHE IB 175 42.95 -1.75 -49.21
CA PHE IB 175 42.89 -1.04 -50.49
C PHE IB 175 41.67 -1.48 -51.29
N VAL IB 176 41.25 -0.62 -52.21
CA VAL IB 176 40.04 -0.82 -53.00
C VAL IB 176 40.45 -1.25 -54.40
N SER IB 177 39.82 -2.31 -54.90
CA SER IB 177 39.95 -2.74 -56.28
C SER IB 177 38.59 -2.66 -56.96
N SER IB 178 38.55 -2.07 -58.14
CA SER IB 178 37.31 -1.93 -58.89
C SER IB 178 37.33 -2.87 -60.08
N LEU IB 179 36.25 -3.62 -60.26
CA LEU IB 179 36.09 -4.56 -61.36
C LEU IB 179 35.00 -4.05 -62.29
N VAL IB 180 35.30 -3.93 -63.57
CA VAL IB 180 34.35 -3.45 -64.56
C VAL IB 180 34.17 -4.52 -65.63
N PHE IB 181 32.92 -4.81 -65.97
CA PHE IB 181 32.57 -5.91 -66.86
C PHE IB 181 32.16 -5.37 -68.22
N LEU IB 182 32.79 -5.88 -69.27
CA LEU IB 182 32.51 -5.48 -70.65
C LEU IB 182 32.26 -6.72 -71.49
N ASP IB 183 31.59 -6.52 -72.62
CA ASP IB 183 31.36 -7.60 -73.56
C ASP IB 183 32.51 -7.68 -74.58
N SER IB 184 32.32 -8.43 -75.65
CA SER IB 184 33.38 -8.62 -76.64
C SER IB 184 33.63 -7.35 -77.47
N THR IB 185 32.59 -6.55 -77.72
CA THR IB 185 32.77 -5.30 -78.44
C THR IB 185 33.40 -4.23 -77.56
N GLY IB 186 33.17 -4.27 -76.26
CA GLY IB 186 33.66 -3.26 -75.35
C GLY IB 186 32.59 -2.45 -74.64
N ALA IB 187 31.31 -2.70 -74.91
CA ALA IB 187 30.25 -1.99 -74.22
C ALA IB 187 30.08 -2.54 -72.80
N PRO IB 188 29.60 -1.72 -71.87
CA PRO IB 188 29.36 -2.22 -70.50
C PRO IB 188 28.26 -3.27 -70.43
N TRP IB 189 28.44 -4.21 -69.50
CA TRP IB 189 27.51 -5.30 -69.29
C TRP IB 189 27.00 -5.27 -67.85
N PRO IB 190 25.75 -4.91 -67.61
CA PRO IB 190 25.25 -4.78 -66.24
C PRO IB 190 25.14 -6.12 -65.52
N ILE IB 191 25.27 -6.05 -64.20
CA ILE IB 191 25.34 -7.22 -63.33
C ILE IB 191 23.96 -7.51 -62.77
N ALA IB 192 23.55 -8.77 -62.81
CA ALA IB 192 22.28 -9.19 -62.24
C ALA IB 192 22.39 -9.51 -60.75
N ALA IB 193 23.37 -10.31 -60.37
CA ALA IB 193 23.56 -10.72 -58.98
C ALA IB 193 25.00 -11.18 -58.81
N TYR IB 194 25.40 -11.38 -57.54
CA TYR IB 194 26.67 -12.00 -57.23
C TYR IB 194 26.56 -12.83 -55.97
N ASP IB 195 27.49 -13.76 -55.82
CA ASP IB 195 27.54 -14.66 -54.66
C ASP IB 195 28.99 -14.77 -54.20
N LEU IB 196 29.24 -14.36 -52.96
CA LEU IB 196 30.60 -14.28 -52.43
C LEU IB 196 30.81 -15.33 -51.35
N GLY IB 197 31.85 -16.14 -51.50
CA GLY IB 197 32.29 -17.01 -50.44
C GLY IB 197 33.30 -16.32 -49.55
N ASP IB 198 33.29 -16.71 -48.26
CA ASP IB 198 34.10 -16.14 -47.17
C ASP IB 198 33.93 -14.62 -47.05
N PRO IB 199 32.81 -14.14 -46.52
CA PRO IB 199 32.64 -12.68 -46.33
C PRO IB 199 33.51 -12.10 -45.23
N SER IB 200 34.16 -12.91 -44.40
CA SER IB 200 35.04 -12.40 -43.36
C SER IB 200 36.38 -11.90 -43.89
N SER IB 201 36.71 -12.22 -45.14
CA SER IB 201 37.98 -11.80 -45.71
C SER IB 201 37.85 -10.69 -46.74
N PHE IB 202 36.67 -10.51 -47.33
CA PHE IB 202 36.47 -9.51 -48.37
C PHE IB 202 35.18 -8.73 -48.13
N ASN IB 203 35.17 -7.48 -48.57
CA ASN IB 203 34.02 -6.60 -48.47
C ASN IB 203 33.72 -6.02 -49.85
N ILE IB 204 32.46 -6.10 -50.27
CA ILE IB 204 32.04 -5.69 -51.61
C ILE IB 204 30.95 -4.63 -51.47
N GLN IB 205 31.14 -3.51 -52.17
CA GLN IB 205 30.15 -2.45 -52.28
C GLN IB 205 29.61 -2.40 -53.71
N TRP IB 206 28.30 -2.24 -53.85
CA TRP IB 206 27.67 -2.27 -55.17
C TRP IB 206 26.33 -1.56 -55.10
N ASP IB 207 26.15 -0.53 -55.93
CA ASP IB 207 24.81 -0.05 -56.22
C ASP IB 207 24.12 -1.04 -57.15
N LYS IB 208 22.82 -1.26 -56.91
CA LYS IB 208 22.17 -2.46 -57.41
C LYS IB 208 21.86 -2.46 -58.91
N THR IB 209 22.34 -1.47 -59.67
CA THR IB 209 22.06 -1.39 -61.09
C THR IB 209 23.29 -1.34 -61.98
N SER IB 210 24.45 -0.93 -61.47
CA SER IB 210 25.60 -0.64 -62.32
C SER IB 210 26.34 -1.92 -62.71
N ASN IB 211 27.50 -1.76 -63.34
CA ASN IB 211 28.30 -2.88 -63.80
C ASN IB 211 29.67 -2.91 -63.13
N THR IB 212 29.82 -2.24 -61.99
CA THR IB 212 31.10 -2.11 -61.31
C THR IB 212 31.00 -2.63 -59.89
N LEU IB 213 31.90 -3.53 -59.51
CA LEU IB 213 32.04 -3.99 -58.13
C LEU IB 213 33.32 -3.42 -57.55
N MET IB 214 33.27 -3.04 -56.28
CA MET IB 214 34.43 -2.49 -55.58
C MET IB 214 34.73 -3.37 -54.37
N ILE IB 215 35.87 -4.05 -54.40
CA ILE IB 215 36.20 -5.10 -53.45
C ILE IB 215 37.40 -4.64 -52.62
N GLN IB 216 37.29 -4.78 -51.30
CA GLN IB 216 38.35 -4.46 -50.37
C GLN IB 216 38.72 -5.72 -49.58
N ALA IB 217 40.01 -6.01 -49.46
CA ALA IB 217 40.47 -7.14 -48.69
C ALA IB 217 40.58 -6.77 -47.22
N THR IB 218 40.16 -7.70 -46.34
CA THR IB 218 40.19 -7.49 -44.90
C THR IB 218 41.37 -8.17 -44.23
N LYS IB 219 41.80 -9.32 -44.73
CA LYS IB 219 42.90 -10.08 -44.15
C LYS IB 219 44.13 -10.00 -45.05
N LEU IB 220 45.22 -10.59 -44.55
CA LEU IB 220 46.51 -10.44 -45.23
C LEU IB 220 46.71 -11.48 -46.33
N TYR IB 221 46.50 -12.76 -46.04
CA TYR IB 221 46.90 -13.82 -46.95
C TYR IB 221 45.80 -14.85 -47.20
N ASN IB 222 44.54 -14.55 -46.89
CA ASN IB 222 43.45 -15.49 -47.08
C ASN IB 222 42.77 -15.25 -48.42
N TYR IB 223 42.61 -16.31 -49.20
CA TYR IB 223 42.13 -16.22 -50.57
C TYR IB 223 40.86 -17.05 -50.75
N GLY IB 224 40.01 -16.62 -51.69
CA GLY IB 224 38.74 -17.28 -51.96
C GLY IB 224 38.25 -17.12 -53.38
N ASN IB 225 36.97 -17.36 -53.62
CA ASN IB 225 36.40 -17.22 -54.96
C ASN IB 225 35.09 -16.43 -54.91
N LEU IB 226 34.56 -16.13 -56.09
CA LEU IB 226 33.39 -15.30 -56.23
C LEU IB 226 32.66 -15.65 -57.52
N ALA IB 227 31.33 -15.68 -57.47
CA ALA IB 227 30.49 -15.94 -58.63
C ALA IB 227 29.70 -14.69 -58.98
N VAL IB 228 29.73 -14.31 -60.26
CA VAL IB 228 29.05 -13.11 -60.75
C VAL IB 228 28.15 -13.50 -61.91
N ARG IB 229 26.88 -13.10 -61.85
CA ARG IB 229 25.91 -13.38 -62.90
C ARG IB 229 25.54 -12.09 -63.62
N LEU IB 230 25.64 -12.11 -64.94
CA LEU IB 230 25.35 -10.94 -65.75
C LEU IB 230 23.89 -10.96 -66.21
N ARG IB 231 23.48 -9.91 -66.90
CA ARG IB 231 22.06 -9.74 -67.23
C ARG IB 231 21.62 -10.68 -68.35
N GLY IB 232 22.43 -10.83 -69.40
CA GLY IB 232 22.01 -11.63 -70.53
C GLY IB 232 22.55 -13.04 -70.54
N LEU IB 233 23.51 -13.33 -69.67
CA LEU IB 233 24.16 -14.63 -69.66
C LEU IB 233 23.45 -15.62 -68.75
N ASN IB 234 23.48 -16.89 -69.17
CA ASN IB 234 23.07 -18.00 -68.30
C ASN IB 234 24.26 -18.61 -67.58
N THR IB 235 25.44 -18.56 -68.20
CA THR IB 235 26.64 -19.09 -67.58
C THR IB 235 27.21 -18.09 -66.58
N PRO IB 236 27.37 -18.45 -65.31
CA PRO IB 236 28.01 -17.53 -64.36
C PRO IB 236 29.51 -17.43 -64.57
N VAL IB 237 30.05 -16.30 -64.16
CA VAL IB 237 31.48 -16.02 -64.28
C VAL IB 237 32.15 -16.25 -62.94
N MET IB 238 33.17 -17.10 -62.93
CA MET IB 238 33.86 -17.48 -61.69
C MET IB 238 35.24 -16.86 -61.66
N LEU IB 239 35.57 -16.23 -60.53
CA LEU IB 239 36.83 -15.54 -60.33
C LEU IB 239 37.50 -16.06 -59.07
N THR IB 240 38.81 -15.88 -58.98
CA THR IB 240 39.56 -16.15 -57.75
C THR IB 240 40.25 -14.87 -57.29
N LEU IB 241 40.36 -14.71 -55.98
CA LEU IB 241 40.83 -13.46 -55.37
C LEU IB 241 41.96 -13.78 -54.41
N ILE IB 242 43.19 -13.41 -54.76
CA ILE IB 242 44.37 -13.67 -53.95
C ILE IB 242 44.97 -12.35 -53.50
N PRO IB 243 45.05 -12.06 -52.21
CA PRO IB 243 45.75 -10.87 -51.73
C PRO IB 243 47.21 -11.17 -51.36
N GLY IB 244 47.93 -10.09 -51.05
CA GLY IB 244 49.29 -10.22 -50.56
C GLY IB 244 50.35 -10.52 -51.60
N GLN IB 245 50.18 -10.04 -52.82
CA GLN IB 245 51.12 -10.30 -53.89
C GLN IB 245 52.07 -9.10 -54.07
N LYS IB 246 52.95 -9.21 -55.07
CA LYS IB 246 53.85 -8.10 -55.39
C LYS IB 246 53.22 -7.02 -56.24
N ALA IB 247 52.00 -7.23 -56.73
CA ALA IB 247 51.26 -6.22 -57.47
C ALA IB 247 49.85 -6.14 -56.94
N VAL IB 248 49.29 -4.93 -56.94
CA VAL IB 248 47.91 -4.71 -56.52
C VAL IB 248 47.14 -4.14 -57.72
N ASP IB 249 45.96 -4.69 -57.97
CA ASP IB 249 45.14 -4.29 -59.10
C ASP IB 249 44.23 -3.15 -58.66
N TYR IB 250 44.48 -1.95 -59.16
CA TYR IB 250 43.56 -0.84 -58.90
C TYR IB 250 42.29 -0.97 -59.72
N ARG IB 251 42.41 -1.37 -60.98
CA ARG IB 251 41.28 -1.50 -61.87
C ARG IB 251 41.55 -2.65 -62.83
N VAL IB 252 40.58 -3.55 -63.00
CA VAL IB 252 40.66 -4.63 -63.97
C VAL IB 252 39.51 -4.48 -64.95
N ASP IB 253 39.84 -4.44 -66.24
CA ASP IB 253 38.85 -4.45 -67.31
C ASP IB 253 38.67 -5.89 -67.76
N LEU IB 254 37.43 -6.39 -67.74
CA LEU IB 254 37.14 -7.78 -68.05
C LEU IB 254 36.33 -7.85 -69.33
N ARG IB 255 36.81 -8.62 -70.29
CA ARG IB 255 36.13 -8.85 -71.56
C ARG IB 255 35.46 -10.22 -71.51
N VAL IB 256 34.14 -10.23 -71.63
CA VAL IB 256 33.36 -11.46 -71.59
C VAL IB 256 33.00 -11.83 -73.02
N GLN IB 257 32.96 -13.14 -73.29
CA GLN IB 257 32.94 -13.67 -74.66
C GLN IB 257 31.67 -13.31 -75.43
N GLY IB 258 30.52 -13.25 -74.76
CA GLY IB 258 29.26 -13.07 -75.43
C GLY IB 258 28.97 -11.63 -75.84
N TYR IB 259 27.69 -11.37 -76.11
CA TYR IB 259 27.23 -10.04 -76.50
C TYR IB 259 26.18 -9.58 -75.50
N GLY IB 260 26.36 -8.37 -74.96
CA GLY IB 260 25.49 -7.85 -73.93
C GLY IB 260 24.30 -7.09 -74.49
N PRO IB 261 23.53 -6.44 -73.60
CA PRO IB 261 22.40 -5.63 -74.06
C PRO IB 261 22.80 -4.37 -74.81
N ASN IB 262 24.04 -3.91 -74.65
CA ASN IB 262 24.58 -2.79 -75.41
C ASN IB 262 25.62 -3.31 -76.39
N ALA IB 263 25.55 -2.86 -77.63
CA ALA IB 263 26.48 -3.32 -78.65
C ALA IB 263 26.67 -2.27 -79.75
N ALA JB 104 73.49 20.11 -9.78
CA ALA JB 104 72.15 20.60 -10.03
C ALA JB 104 71.94 20.83 -11.53
N GLU JB 105 72.90 20.39 -12.33
CA GLU JB 105 72.86 20.66 -13.77
C GLU JB 105 73.04 19.37 -14.56
N VAL JB 106 73.80 18.41 -14.01
CA VAL JB 106 73.99 17.12 -14.68
C VAL JB 106 72.94 16.10 -14.29
N ILE JB 107 72.11 16.38 -13.28
CA ILE JB 107 70.97 15.54 -12.96
C ILE JB 107 69.93 15.58 -14.08
N ASP JB 108 69.77 16.74 -14.72
CA ASP JB 108 68.73 16.92 -15.74
C ASP JB 108 69.00 16.08 -16.99
N LYS JB 109 70.27 15.87 -17.34
CA LYS JB 109 70.57 14.94 -18.44
C LYS JB 109 70.28 13.50 -18.04
N LYS JB 110 70.60 13.14 -16.79
CA LYS JB 110 70.40 11.76 -16.35
C LYS JB 110 68.92 11.42 -16.24
N ALA JB 111 68.10 12.36 -15.77
CA ALA JB 111 66.67 12.09 -15.63
C ALA JB 111 65.96 12.07 -16.98
N PHE JB 112 66.49 12.77 -17.98
CA PHE JB 112 65.84 12.82 -19.28
C PHE JB 112 66.00 11.53 -20.07
N LYS JB 113 67.19 10.93 -20.05
CA LYS JB 113 67.41 9.69 -20.79
C LYS JB 113 66.72 8.51 -20.13
N ASP JB 114 66.59 8.53 -18.79
CA ASP JB 114 65.84 7.46 -18.13
C ASP JB 114 64.35 7.59 -18.38
N MET JB 115 63.85 8.82 -18.54
CA MET JB 115 62.42 9.03 -18.81
C MET JB 115 62.06 8.57 -20.20
N THR JB 116 62.97 8.72 -21.16
CA THR JB 116 62.74 8.28 -22.54
C THR JB 116 62.59 6.76 -22.61
N ARG JB 117 63.42 6.04 -21.85
CA ARG JB 117 63.38 4.57 -21.88
C ARG JB 117 62.12 4.01 -21.23
N ASN JB 118 61.56 4.71 -20.24
CA ASN JB 118 60.27 4.28 -19.70
C ASN JB 118 59.12 4.66 -20.60
N LEU JB 119 59.21 5.79 -21.31
CA LEU JB 119 58.11 6.22 -22.17
C LEU JB 119 58.03 5.37 -23.43
N TYR JB 120 59.19 5.03 -24.02
CA TYR JB 120 59.26 4.22 -25.23
C TYR JB 120 60.18 3.05 -24.98
N PRO JB 121 59.65 1.93 -24.48
CA PRO JB 121 60.52 0.76 -24.19
C PRO JB 121 61.07 0.07 -25.43
N LEU JB 122 60.49 0.31 -26.61
CA LEU JB 122 60.96 -0.30 -27.85
C LEU JB 122 61.58 0.76 -28.74
N ASN JB 123 62.77 0.48 -29.24
CA ASN JB 123 63.45 1.37 -30.18
C ASN JB 123 62.74 1.34 -31.54
N PRO JB 124 62.96 2.36 -32.38
CA PRO JB 124 62.49 2.26 -33.77
C PRO JB 124 63.10 1.11 -34.56
N GLU JB 125 64.33 0.70 -34.21
CA GLU JB 125 64.91 -0.49 -34.81
C GLU JB 125 64.19 -1.75 -34.36
N GLN JB 126 63.67 -1.75 -33.12
CA GLN JB 126 62.95 -2.90 -32.58
C GLN JB 126 61.48 -2.94 -32.99
N VAL JB 127 60.88 -1.80 -33.32
CA VAL JB 127 59.51 -1.80 -33.82
C VAL JB 127 59.44 -2.40 -35.21
N VAL JB 128 60.45 -2.11 -36.04
CA VAL JB 128 60.51 -2.66 -37.40
C VAL JB 128 60.69 -4.18 -37.37
N LYS JB 129 61.52 -4.67 -36.45
CA LYS JB 129 61.73 -6.11 -36.32
C LYS JB 129 60.50 -6.84 -35.82
N LEU JB 130 59.69 -6.18 -34.98
CA LEU JB 130 58.48 -6.82 -34.46
C LEU JB 130 57.39 -6.92 -35.52
N LYS JB 131 57.35 -5.96 -36.46
CA LYS JB 131 56.37 -6.03 -37.54
C LYS JB 131 56.68 -7.15 -38.53
N GLN JB 132 57.96 -7.48 -38.70
CA GLN JB 132 58.33 -8.61 -39.55
C GLN JB 132 58.01 -9.94 -38.88
N ILE JB 133 58.13 -10.01 -37.56
CA ILE JB 133 57.78 -11.22 -36.82
C ILE JB 133 56.28 -11.46 -36.89
N TYR JB 134 55.48 -10.39 -36.81
CA TYR JB 134 54.03 -10.52 -36.80
C TYR JB 134 53.48 -10.99 -38.13
N GLU JB 135 54.01 -10.47 -39.24
CA GLU JB 135 53.50 -10.87 -40.55
C GLU JB 135 54.00 -12.23 -40.99
N THR JB 136 55.17 -12.66 -40.54
CA THR JB 136 55.63 -14.02 -40.83
C THR JB 136 54.78 -15.06 -40.09
N SER JB 137 54.29 -14.71 -38.90
CA SER JB 137 53.40 -15.60 -38.16
C SER JB 137 52.04 -15.71 -38.83
N GLU JB 138 51.57 -14.64 -39.46
CA GLU JB 138 50.29 -14.70 -40.17
C GLU JB 138 50.42 -15.45 -41.49
N TYR JB 139 51.62 -15.46 -42.08
CA TYR JB 139 51.82 -16.19 -43.33
C TYR JB 139 51.78 -17.70 -43.12
N ALA JB 140 52.33 -18.18 -42.01
CA ALA JB 140 52.30 -19.60 -41.70
C ALA JB 140 50.92 -20.04 -41.23
N LYS JB 141 50.13 -19.13 -40.67
CA LYS JB 141 48.78 -19.46 -40.24
C LYS JB 141 47.85 -19.70 -41.42
N ALA JB 142 48.00 -18.91 -42.49
CA ALA JB 142 47.11 -18.98 -43.64
C ALA JB 142 47.57 -19.98 -44.69
N ALA JB 143 48.75 -20.56 -44.55
CA ALA JB 143 49.26 -21.50 -45.54
C ALA JB 143 48.52 -22.83 -45.45
N THR JB 144 48.27 -23.42 -46.61
CA THR JB 144 47.55 -24.69 -46.65
C THR JB 144 48.53 -25.86 -46.71
N PRO JB 145 48.25 -26.93 -45.96
CA PRO JB 145 49.10 -28.13 -46.05
C PRO JB 145 48.93 -28.82 -47.39
N GLY JB 146 50.03 -29.42 -47.86
CA GLY JB 146 50.03 -30.06 -49.16
C GLY JB 146 49.94 -29.04 -50.29
N THR JB 147 49.27 -29.43 -51.37
CA THR JB 147 49.03 -28.51 -52.47
C THR JB 147 47.56 -28.13 -52.53
N PRO JB 148 47.26 -26.89 -52.91
CA PRO JB 148 45.86 -26.50 -53.09
C PRO JB 148 45.26 -27.18 -54.31
N PRO JB 149 43.94 -27.36 -54.35
CA PRO JB 149 43.33 -28.00 -55.52
C PRO JB 149 43.33 -27.09 -56.74
N LYS JB 150 43.29 -27.72 -57.90
CA LYS JB 150 43.29 -26.99 -59.17
C LYS JB 150 41.88 -26.53 -59.50
N PRO JB 151 41.65 -25.23 -59.75
CA PRO JB 151 40.31 -24.76 -60.15
C PRO JB 151 40.04 -25.13 -61.61
N THR JB 152 38.92 -25.81 -61.84
CA THR JB 152 38.59 -26.33 -63.17
C THR JB 152 37.13 -26.05 -63.49
N ALA JB 153 36.82 -26.08 -64.78
CA ALA JB 153 35.46 -26.12 -65.28
C ALA JB 153 35.27 -27.42 -66.05
N THR JB 154 34.14 -28.09 -65.85
CA THR JB 154 33.89 -29.40 -66.46
C THR JB 154 32.54 -29.40 -67.16
N SER JB 155 32.29 -30.48 -67.88
CA SER JB 155 31.03 -30.68 -68.60
C SER JB 155 30.76 -32.18 -68.69
N GLN JB 156 29.61 -32.62 -68.18
CA GLN JB 156 29.26 -34.03 -68.15
C GLN JB 156 27.92 -34.25 -68.82
N PHE JB 157 27.70 -35.50 -69.24
CA PHE JB 157 26.41 -35.96 -69.75
C PHE JB 157 25.78 -36.89 -68.72
N VAL JB 158 24.52 -36.64 -68.40
CA VAL JB 158 23.81 -37.38 -67.36
C VAL JB 158 22.84 -38.34 -68.03
N ASN JB 159 22.98 -39.62 -67.72
CA ASN JB 159 22.15 -40.67 -68.29
C ASN JB 159 21.16 -41.17 -67.24
N LEU JB 160 19.89 -41.23 -67.61
CA LEU JB 160 18.84 -41.65 -66.69
C LEU JB 160 18.48 -43.13 -66.85
N SER JB 161 19.38 -43.92 -67.41
CA SER JB 161 19.17 -45.35 -67.51
C SER JB 161 19.34 -46.01 -66.15
N PRO JB 162 18.70 -47.18 -65.93
CA PRO JB 162 18.88 -47.87 -64.65
C PRO JB 162 20.15 -48.71 -64.54
N GLY JB 163 21.16 -48.44 -65.36
CA GLY JB 163 22.41 -49.15 -65.24
C GLY JB 163 23.60 -48.25 -64.96
N SER JB 164 23.45 -46.96 -65.24
CA SER JB 164 24.56 -46.02 -65.13
C SER JB 164 24.76 -45.58 -63.68
N THR JB 165 25.88 -44.91 -63.45
CA THR JB 165 26.29 -44.36 -62.16
C THR JB 165 25.98 -42.88 -62.08
N PRO JB 166 25.58 -42.38 -60.90
CA PRO JB 166 25.31 -40.95 -60.76
C PRO JB 166 26.60 -40.15 -60.85
N PRO JB 167 26.53 -38.91 -61.33
CA PRO JB 167 27.75 -38.11 -61.52
C PRO JB 167 28.32 -37.59 -60.21
N VAL JB 168 29.59 -37.20 -60.27
CA VAL JB 168 30.39 -36.82 -59.11
C VAL JB 168 30.72 -35.34 -59.22
N ILE JB 169 30.57 -34.62 -58.11
CA ILE JB 169 30.90 -33.20 -58.02
C ILE JB 169 32.00 -33.04 -56.99
N ARG JB 170 33.09 -32.37 -57.37
CA ARG JB 170 34.23 -32.16 -56.49
C ARG JB 170 34.14 -30.77 -55.86
N LEU JB 171 34.26 -30.73 -54.53
CA LEU JB 171 34.01 -29.53 -53.75
C LEU JB 171 35.26 -29.20 -52.92
N SER JB 172 35.22 -28.04 -52.27
CA SER JB 172 36.26 -27.62 -51.34
C SER JB 172 35.65 -26.76 -50.26
N GLN JB 173 36.27 -26.77 -49.09
CA GLN JB 173 35.72 -26.10 -47.91
C GLN JB 173 35.86 -24.59 -48.04
N GLY JB 174 34.73 -23.90 -47.97
CA GLY JB 174 34.71 -22.45 -48.07
C GLY JB 174 34.61 -21.90 -49.48
N PHE JB 175 34.67 -22.75 -50.50
CA PHE JB 175 34.61 -22.33 -51.88
C PHE JB 175 33.23 -22.59 -52.45
N VAL JB 176 32.91 -21.87 -53.53
CA VAL JB 176 31.59 -21.91 -54.16
C VAL JB 176 31.69 -22.70 -55.45
N SER JB 177 30.77 -23.64 -55.64
CA SER JB 177 30.62 -24.39 -56.88
C SER JB 177 29.24 -24.13 -57.46
N SER JB 178 29.17 -23.75 -58.72
CA SER JB 178 27.92 -23.47 -59.40
C SER JB 178 27.57 -24.62 -60.33
N LEU JB 179 26.34 -25.10 -60.25
CA LEU JB 179 25.85 -26.18 -61.10
C LEU JB 179 24.78 -25.64 -62.02
N VAL JB 180 24.93 -25.85 -63.32
CA VAL JB 180 23.97 -25.39 -64.31
C VAL JB 180 23.43 -26.60 -65.06
N PHE JB 181 22.11 -26.64 -65.24
CA PHE JB 181 21.41 -27.78 -65.83
C PHE JB 181 20.97 -27.43 -67.24
N LEU JB 182 21.35 -28.28 -68.20
CA LEU JB 182 21.00 -28.10 -69.60
C LEU JB 182 20.39 -29.39 -70.13
N ASP JB 183 19.63 -29.27 -71.22
CA ASP JB 183 19.05 -30.44 -71.86
C ASP JB 183 20.01 -31.02 -72.89
N SER JB 184 19.51 -31.92 -73.74
CA SER JB 184 20.36 -32.56 -74.74
C SER JB 184 20.76 -31.60 -75.85
N THR JB 185 19.91 -30.63 -76.18
CA THR JB 185 20.27 -29.64 -77.19
C THR JB 185 21.24 -28.60 -76.67
N GLY JB 186 21.18 -28.29 -75.37
CA GLY JB 186 22.00 -27.25 -74.78
C GLY JB 186 21.24 -26.08 -74.21
N ALA JB 187 19.92 -26.05 -74.30
CA ALA JB 187 19.14 -24.98 -73.72
C ALA JB 187 19.03 -25.18 -72.20
N PRO JB 188 18.86 -24.10 -71.44
CA PRO JB 188 18.69 -24.24 -69.99
C PRO JB 188 17.40 -24.96 -69.61
N TRP JB 189 17.50 -25.73 -68.52
CA TRP JB 189 16.37 -26.50 -67.99
C TRP JB 189 16.08 -26.04 -66.57
N PRO JB 190 14.97 -25.34 -66.33
CA PRO JB 190 14.71 -24.79 -64.99
C PRO JB 190 14.40 -25.87 -63.97
N ILE JB 191 14.67 -25.53 -62.71
CA ILE JB 191 14.56 -26.46 -61.59
C ILE JB 191 13.24 -26.23 -60.88
N ALA JB 192 12.53 -27.33 -60.57
CA ALA JB 192 11.29 -27.25 -59.81
C ALA JB 192 11.53 -27.27 -58.30
N ALA JB 193 12.32 -28.23 -57.81
CA ALA JB 193 12.60 -28.37 -56.39
C ALA JB 193 13.89 -29.16 -56.22
N TYR JB 194 14.41 -29.16 -55.00
CA TYR JB 194 15.56 -30.00 -54.66
C TYR JB 194 15.44 -30.47 -53.22
N ASP JB 195 16.16 -31.56 -52.93
CA ASP JB 195 16.18 -32.17 -51.60
C ASP JB 195 17.61 -32.49 -51.24
N LEU JB 196 18.09 -31.95 -50.13
CA LEU JB 196 19.48 -32.09 -49.72
C LEU JB 196 19.58 -32.92 -48.45
N GLY JB 197 20.39 -33.97 -48.50
CA GLY JB 197 20.74 -34.72 -47.31
C GLY JB 197 22.00 -34.15 -46.66
N ASP JB 198 22.06 -34.26 -45.33
CA ASP JB 198 23.10 -33.71 -44.45
C ASP JB 198 23.31 -32.22 -44.68
N PRO JB 199 22.42 -31.35 -44.19
CA PRO JB 199 22.61 -29.91 -44.37
C PRO JB 199 23.68 -29.30 -43.47
N SER JB 200 24.31 -30.08 -42.59
CA SER JB 200 25.41 -29.57 -41.77
C SER JB 200 26.74 -29.54 -42.51
N SER JB 201 26.84 -30.19 -43.67
CA SER JB 201 28.08 -30.22 -44.42
C SER JB 201 28.06 -29.35 -45.67
N PHE JB 202 26.88 -29.01 -46.18
CA PHE JB 202 26.77 -28.25 -47.42
C PHE JB 202 25.73 -27.15 -47.27
N ASN JB 203 25.95 -26.06 -47.98
CA ASN JB 203 25.05 -24.91 -47.99
C ASN JB 203 24.70 -24.58 -49.44
N ILE JB 204 23.40 -24.41 -49.71
CA ILE JB 204 22.90 -24.20 -51.07
C ILE JB 204 22.13 -22.89 -51.11
N GLN JB 205 22.48 -22.03 -52.06
CA GLN JB 205 21.76 -20.80 -52.34
C GLN JB 205 21.07 -20.91 -53.70
N TRP JB 206 19.81 -20.50 -53.77
CA TRP JB 206 19.03 -20.67 -54.99
C TRP JB 206 17.90 -19.65 -55.01
N ASP JB 207 17.86 -18.82 -56.05
CA ASP JB 207 16.63 -18.10 -56.35
C ASP JB 207 15.62 -19.06 -56.96
N LYS JB 208 14.35 -18.89 -56.59
CA LYS JB 208 13.38 -19.97 -56.76
C LYS JB 208 12.90 -20.18 -58.19
N THR JB 209 13.48 -19.50 -59.18
CA THR JB 209 13.03 -19.62 -60.57
C THR JB 209 14.11 -20.08 -61.54
N SER JB 210 15.40 -19.92 -61.22
CA SER JB 210 16.46 -20.13 -62.19
C SER JB 210 16.83 -21.60 -62.31
N ASN JB 211 17.91 -21.88 -63.03
CA ASN JB 211 18.39 -23.24 -63.25
C ASN JB 211 19.79 -23.45 -62.69
N THR JB 212 20.24 -22.59 -61.78
CA THR JB 212 21.59 -22.64 -61.25
C THR JB 212 21.55 -22.81 -59.73
N LEU JB 213 22.27 -23.80 -59.24
CA LEU JB 213 22.47 -24.02 -57.81
C LEU JB 213 23.91 -23.69 -57.44
N MET JB 214 24.10 -23.02 -56.31
CA MET JB 214 25.42 -22.66 -55.82
C MET JB 214 25.64 -23.37 -54.48
N ILE JB 215 26.62 -24.26 -54.45
CA ILE JB 215 26.84 -25.16 -53.31
C ILE JB 215 28.20 -24.85 -52.71
N GLN JB 216 28.23 -24.65 -51.39
CA GLN JB 216 29.45 -24.42 -50.64
C GLN JB 216 29.62 -25.53 -49.61
N ALA JB 217 30.84 -26.06 -49.52
CA ALA JB 217 31.12 -27.10 -48.55
C ALA JB 217 31.53 -26.48 -47.22
N THR JB 218 31.00 -27.05 -46.12
CA THR JB 218 31.25 -26.55 -44.78
C THR JB 218 32.32 -27.36 -44.05
N LYS JB 219 32.39 -28.66 -44.27
CA LYS JB 219 33.35 -29.53 -43.60
C LYS JB 219 34.42 -30.00 -44.58
N LEU JB 220 35.43 -30.68 -44.04
CA LEU JB 220 36.61 -31.00 -44.82
C LEU JB 220 36.43 -32.26 -45.67
N TYR JB 221 36.01 -33.37 -45.06
CA TYR JB 221 36.03 -34.66 -45.75
C TYR JB 221 34.71 -35.42 -45.67
N ASN JB 222 33.61 -34.75 -45.37
CA ASN JB 222 32.31 -35.42 -45.26
C ASN JB 222 31.53 -35.29 -46.55
N TYR JB 223 31.02 -36.42 -47.06
CA TYR JB 223 30.37 -36.47 -48.35
C TYR JB 223 28.94 -36.99 -48.23
N GLY JB 224 28.10 -36.60 -49.19
CA GLY JB 224 26.70 -36.95 -49.18
C GLY JB 224 26.07 -36.97 -50.57
N ASN JB 225 24.74 -36.90 -50.65
CA ASN JB 225 24.05 -36.90 -51.92
C ASN JB 225 22.99 -35.79 -51.97
N LEU JB 226 22.41 -35.61 -53.15
CA LEU JB 226 21.43 -34.57 -53.39
C LEU JB 226 20.48 -35.02 -54.49
N ALA JB 227 19.20 -34.68 -54.36
CA ALA JB 227 18.18 -34.98 -55.36
C ALA JB 227 17.62 -33.69 -55.93
N VAL JB 228 17.59 -33.59 -57.25
CA VAL JB 228 17.15 -32.39 -57.95
C VAL JB 228 16.04 -32.78 -58.93
N ARG JB 229 14.91 -32.08 -58.86
CA ARG JB 229 13.78 -32.33 -59.75
C ARG JB 229 13.64 -31.16 -60.73
N LEU JB 230 13.59 -31.49 -62.02
CA LEU JB 230 13.47 -30.50 -63.07
C LEU JB 230 11.99 -30.26 -63.40
N ARG JB 231 11.73 -29.27 -64.26
CA ARG JB 231 10.36 -28.85 -64.52
C ARG JB 231 9.58 -29.86 -65.34
N GLY JB 232 10.18 -30.39 -66.41
CA GLY JB 232 9.45 -31.28 -67.29
C GLY JB 232 9.65 -32.75 -67.01
N LEU JB 233 10.63 -33.10 -66.18
CA LEU JB 233 10.96 -34.49 -65.93
C LEU JB 233 10.15 -35.06 -64.77
N ASN JB 234 9.88 -36.37 -64.88
CA ASN JB 234 9.34 -37.13 -63.77
C ASN JB 234 10.42 -37.87 -63.01
N THR JB 235 11.51 -38.22 -63.69
CA THR JB 235 12.63 -38.90 -63.06
C THR JB 235 13.52 -37.88 -62.34
N PRO JB 236 13.73 -38.01 -61.04
CA PRO JB 236 14.67 -37.11 -60.36
C PRO JB 236 16.11 -37.43 -60.68
N VAL JB 237 16.96 -36.41 -60.56
CA VAL JB 237 18.39 -36.53 -60.84
C VAL JB 237 19.13 -36.61 -59.51
N MET JB 238 19.97 -37.63 -59.36
CA MET JB 238 20.70 -37.87 -58.13
C MET JB 238 22.19 -37.65 -58.37
N LEU JB 239 22.83 -36.92 -57.46
CA LEU JB 239 24.24 -36.55 -57.54
C LEU JB 239 24.95 -36.95 -56.25
N THR JB 240 26.26 -37.08 -56.33
CA THR JB 240 27.09 -37.27 -55.14
C THR JB 240 28.10 -36.13 -55.04
N LEU JB 241 28.41 -35.72 -53.81
CA LEU JB 241 29.22 -34.53 -53.55
C LEU JB 241 30.37 -34.89 -52.63
N ILE JB 242 31.57 -35.01 -53.17
CA ILE JB 242 32.76 -35.38 -52.41
C ILE JB 242 33.69 -34.18 -52.34
N PRO JB 243 33.98 -33.64 -51.15
CA PRO JB 243 34.96 -32.56 -51.03
C PRO JB 243 36.36 -33.09 -50.70
N GLY JB 244 37.32 -32.17 -50.71
CA GLY JB 244 38.67 -32.48 -50.32
C GLY JB 244 39.49 -33.29 -51.31
N GLN JB 245 39.28 -33.08 -52.60
CA GLN JB 245 39.99 -33.82 -53.63
C GLN JB 245 41.15 -33.00 -54.17
N LYS JB 246 41.81 -33.54 -55.20
CA LYS JB 246 42.93 -32.85 -55.84
C LYS JB 246 42.49 -31.80 -56.85
N ALA JB 247 41.21 -31.72 -57.17
CA ALA JB 247 40.67 -30.69 -58.05
C ALA JB 247 39.37 -30.18 -57.46
N VAL JB 248 39.09 -28.90 -57.71
CA VAL JB 248 37.85 -28.26 -57.26
C VAL JB 248 37.09 -27.79 -58.49
N ASP JB 249 35.78 -28.05 -58.51
CA ASP JB 249 34.93 -27.71 -59.64
C ASP JB 249 34.37 -26.31 -59.41
N TYR JB 250 34.82 -25.35 -60.21
CA TYR JB 250 34.24 -24.01 -60.14
C TYR JB 250 32.89 -23.95 -60.83
N ARG JB 251 32.73 -24.72 -61.91
CA ARG JB 251 31.49 -24.72 -62.68
C ARG JB 251 31.38 -26.07 -63.39
N VAL JB 252 30.21 -26.70 -63.28
CA VAL JB 252 29.91 -27.94 -64.00
C VAL JB 252 28.70 -27.71 -64.87
N ASP JB 253 28.81 -28.06 -66.16
CA ASP JB 253 27.69 -28.07 -67.08
C ASP JB 253 27.16 -29.49 -67.16
N LEU JB 254 25.87 -29.67 -66.94
CA LEU JB 254 25.26 -30.99 -66.88
C LEU JB 254 24.28 -31.15 -68.05
N ARG JB 255 24.53 -32.15 -68.89
CA ARG JB 255 23.67 -32.46 -70.01
C ARG JB 255 22.67 -33.52 -69.57
N VAL JB 256 21.40 -33.19 -69.59
CA VAL JB 256 20.35 -34.12 -69.20
C VAL JB 256 19.71 -34.68 -70.46
N GLN JB 257 19.33 -35.96 -70.42
CA GLN JB 257 19.03 -36.75 -71.61
C GLN JB 257 17.77 -36.27 -72.35
N GLY JB 258 16.76 -35.80 -71.62
CA GLY JB 258 15.49 -35.47 -72.23
C GLY JB 258 15.48 -34.12 -72.95
N TYR JB 259 14.28 -33.63 -73.19
CA TYR JB 259 14.06 -32.34 -73.84
C TYR JB 259 13.29 -31.43 -72.89
N GLY JB 260 13.82 -30.23 -72.67
CA GLY JB 260 13.24 -29.30 -71.73
C GLY JB 260 12.20 -28.39 -72.36
N PRO JB 261 11.71 -27.41 -71.59
CA PRO JB 261 10.75 -26.45 -72.14
C PRO JB 261 11.33 -25.52 -73.18
N ASN JB 262 12.65 -25.34 -73.22
CA ASN JB 262 13.33 -24.59 -74.27
C ASN JB 262 14.09 -25.57 -75.16
N ALA JB 263 13.94 -25.42 -76.47
CA ALA JB 263 14.62 -26.30 -77.41
C ALA JB 263 14.85 -25.62 -78.75
N ALA KB 104 74.13 -1.46 -19.75
CA ALA KB 104 72.87 -0.79 -20.03
C ALA KB 104 72.58 -0.78 -21.52
N GLU KB 105 73.34 -1.57 -22.26
CA GLU KB 105 73.22 -1.59 -23.72
C GLU KB 105 73.06 -3.03 -24.22
N VAL KB 106 73.59 -4.00 -23.48
CA VAL KB 106 73.45 -5.40 -23.83
C VAL KB 106 72.20 -6.00 -23.19
N ILE KB 107 71.63 -5.35 -22.17
CA ILE KB 107 70.39 -5.80 -21.55
C ILE KB 107 69.22 -5.68 -22.53
N ASP KB 108 69.23 -4.64 -23.39
CA ASP KB 108 68.14 -4.42 -24.33
C ASP KB 108 68.07 -5.50 -25.39
N LYS KB 109 69.22 -6.09 -25.77
CA LYS KB 109 69.16 -7.25 -26.64
C LYS KB 109 68.61 -8.47 -25.91
N LYS KB 110 68.96 -8.63 -24.63
CA LYS KB 110 68.51 -9.79 -23.88
C LYS KB 110 67.01 -9.74 -23.62
N ALA KB 111 66.48 -8.56 -23.32
CA ALA KB 111 65.05 -8.44 -23.02
C ALA KB 111 64.20 -8.60 -24.27
N PHE KB 112 64.75 -8.34 -25.44
CA PHE KB 112 63.97 -8.42 -26.67
C PHE KB 112 63.71 -9.87 -27.09
N LYS KB 113 64.70 -10.75 -26.96
CA LYS KB 113 64.52 -12.14 -27.40
C LYS KB 113 63.63 -12.94 -26.47
N ASP KB 114 63.67 -12.68 -25.15
CA ASP KB 114 62.76 -13.40 -24.27
C ASP KB 114 61.33 -12.90 -24.37
N MET KB 115 61.13 -11.62 -24.74
CA MET KB 115 59.77 -11.11 -24.92
C MET KB 115 59.12 -11.73 -26.15
N THR KB 116 59.89 -11.94 -27.22
CA THR KB 116 59.37 -12.56 -28.43
C THR KB 116 58.98 -14.02 -28.19
N ARG KB 117 59.71 -14.70 -27.30
CA ARG KB 117 59.39 -16.09 -26.99
C ARG KB 117 58.10 -16.21 -26.16
N ASN KB 118 57.81 -15.23 -25.32
CA ASN KB 118 56.52 -15.23 -24.62
C ASN KB 118 55.38 -14.78 -25.51
N LEU KB 119 55.65 -13.89 -26.47
CA LEU KB 119 54.59 -13.39 -27.34
C LEU KB 119 54.17 -14.44 -28.36
N TYR KB 120 55.12 -15.17 -28.92
CA TYR KB 120 54.87 -16.20 -29.92
C TYR KB 120 55.53 -17.49 -29.46
N PRO KB 121 54.82 -18.32 -28.68
CA PRO KB 121 55.42 -19.57 -28.19
C PRO KB 121 55.63 -20.63 -29.26
N LEU KB 122 55.00 -20.50 -30.43
CA LEU KB 122 55.13 -21.45 -31.51
C LEU KB 122 55.86 -20.82 -32.68
N ASN KB 123 56.85 -21.53 -33.22
CA ASN KB 123 57.61 -21.08 -34.36
C ASN KB 123 56.75 -21.13 -35.63
N PRO KB 124 57.14 -20.39 -36.68
CA PRO KB 124 56.50 -20.60 -37.99
C PRO KB 124 56.65 -22.00 -38.54
N GLU KB 125 57.74 -22.69 -38.22
CA GLU KB 125 57.87 -24.11 -38.54
C GLU KB 125 56.87 -24.94 -37.76
N GLN KB 126 56.68 -24.62 -36.47
CA GLN KB 126 55.79 -25.39 -35.61
C GLN KB 126 54.31 -25.13 -35.89
N VAL KB 127 53.96 -23.96 -36.43
CA VAL KB 127 52.59 -23.71 -36.84
C VAL KB 127 52.23 -24.56 -38.05
N VAL KB 128 53.17 -24.73 -38.97
CA VAL KB 128 52.96 -25.55 -40.16
C VAL KB 128 52.80 -27.03 -39.79
N LYS KB 129 53.61 -27.51 -38.85
CA LYS KB 129 53.50 -28.91 -38.42
C LYS KB 129 52.22 -29.17 -37.64
N LEU KB 130 51.70 -28.17 -36.93
CA LEU KB 130 50.46 -28.36 -36.17
C LEU KB 130 49.25 -28.41 -37.10
N LYS KB 131 49.30 -27.71 -38.23
CA LYS KB 131 48.18 -27.75 -39.17
C LYS KB 131 48.09 -29.09 -39.89
N GLN KB 132 49.21 -29.78 -40.07
CA GLN KB 132 49.18 -31.12 -40.65
C GLN KB 132 48.63 -32.15 -39.67
N ILE KB 133 48.89 -31.97 -38.38
CA ILE KB 133 48.36 -32.86 -37.36
C ILE KB 133 46.85 -32.71 -37.26
N TYR KB 134 46.35 -31.47 -37.38
CA TYR KB 134 44.93 -31.20 -37.24
C TYR KB 134 44.12 -31.79 -38.40
N GLU KB 135 44.60 -31.65 -39.63
CA GLU KB 135 43.87 -32.17 -40.77
C GLU KB 135 43.98 -33.68 -40.92
N THR KB 136 45.06 -34.28 -40.44
CA THR KB 136 45.16 -35.74 -40.44
C THR KB 136 44.20 -36.34 -39.42
N SER KB 137 43.96 -35.63 -38.32
CA SER KB 137 42.98 -36.08 -37.33
C SER KB 137 41.56 -36.01 -37.86
N GLU KB 138 41.26 -35.03 -38.72
CA GLU KB 138 39.94 -34.94 -39.32
C GLU KB 138 39.73 -35.97 -40.41
N TYR KB 139 40.82 -36.42 -41.05
CA TYR KB 139 40.71 -37.43 -42.09
C TYR KB 139 40.37 -38.79 -41.51
N ALA KB 140 40.93 -39.13 -40.34
CA ALA KB 140 40.60 -40.39 -39.68
C ALA KB 140 39.22 -40.36 -39.04
N LYS KB 141 38.74 -39.18 -38.67
CA LYS KB 141 37.42 -39.06 -38.05
C LYS KB 141 36.31 -39.30 -39.07
N ALA KB 142 36.49 -38.83 -40.30
CA ALA KB 142 35.46 -38.91 -41.32
C ALA KB 142 35.54 -40.17 -42.16
N ALA KB 143 36.57 -40.99 -41.99
CA ALA KB 143 36.72 -42.20 -42.79
C ALA KB 143 35.72 -43.26 -42.34
N THR KB 144 35.20 -43.99 -43.31
CA THR KB 144 34.21 -45.02 -42.98
C THR KB 144 34.87 -46.38 -42.83
N PRO KB 145 34.47 -47.16 -41.83
CA PRO KB 145 35.01 -48.53 -41.70
C PRO KB 145 34.53 -49.43 -42.82
N GLY KB 146 35.39 -50.37 -43.19
CA GLY KB 146 35.09 -51.24 -44.31
C GLY KB 146 35.10 -50.49 -45.64
N THR KB 147 34.21 -50.90 -46.53
CA THR KB 147 34.05 -50.21 -47.79
C THR KB 147 32.71 -49.48 -47.85
N PRO KB 148 32.66 -48.32 -48.50
CA PRO KB 148 31.37 -47.65 -48.68
C PRO KB 148 30.49 -48.41 -49.66
N PRO KB 149 29.18 -48.27 -49.56
CA PRO KB 149 28.29 -48.98 -50.49
C PRO KB 149 28.33 -48.38 -51.89
N LYS KB 150 27.98 -49.22 -52.86
CA LYS KB 150 27.96 -48.80 -54.25
C LYS KB 150 26.66 -48.07 -54.56
N PRO KB 151 26.71 -46.83 -55.07
CA PRO KB 151 25.47 -46.13 -55.45
C PRO KB 151 24.93 -46.67 -56.77
N THR KB 152 23.66 -47.07 -56.77
CA THR KB 152 23.06 -47.74 -57.92
C THR KB 152 21.67 -47.19 -58.18
N ALA KB 153 21.20 -47.42 -59.40
CA ALA KB 153 19.80 -47.23 -59.77
C ALA KB 153 19.25 -48.58 -60.22
N THR KB 154 18.03 -48.91 -59.78
CA THR KB 154 17.44 -50.20 -60.04
C THR KB 154 16.04 -50.04 -60.63
N SER KB 155 15.46 -51.16 -61.04
CA SER KB 155 14.11 -51.18 -61.61
C SER KB 155 13.50 -52.54 -61.32
N GLN KB 156 12.36 -52.56 -60.63
CA GLN KB 156 11.69 -53.79 -60.24
C GLN KB 156 10.24 -53.79 -60.71
N PHE KB 157 9.68 -55.00 -60.83
CA PHE KB 157 8.28 -55.21 -61.11
C PHE KB 157 7.59 -55.72 -59.86
N VAL KB 158 6.47 -55.10 -59.51
CA VAL KB 158 5.75 -55.41 -58.27
C VAL KB 158 4.50 -56.22 -58.62
N ASN KB 159 4.42 -57.42 -58.07
CA ASN KB 159 3.30 -58.33 -58.31
C ASN KB 159 2.38 -58.30 -57.09
N LEU KB 160 1.08 -58.14 -57.34
CA LEU KB 160 0.08 -58.07 -56.29
C LEU KB 160 -0.61 -59.41 -56.06
N SER KB 161 0.00 -60.50 -56.49
CA SER KB 161 -0.54 -61.83 -56.23
C SER KB 161 -0.35 -62.20 -54.76
N PRO KB 162 -1.20 -63.09 -54.21
CA PRO KB 162 -1.03 -63.51 -52.82
C PRO KB 162 0.01 -64.60 -52.61
N GLY KB 163 0.93 -64.78 -53.54
CA GLY KB 163 2.00 -65.73 -53.34
C GLY KB 163 3.38 -65.11 -53.38
N SER KB 164 3.47 -63.90 -53.92
CA SER KB 164 4.76 -63.25 -54.14
C SER KB 164 5.28 -62.62 -52.85
N THR KB 165 6.54 -62.21 -52.89
CA THR KB 165 7.25 -61.54 -51.81
C THR KB 165 7.28 -60.05 -52.04
N PRO KB 166 7.17 -59.24 -50.97
CA PRO KB 166 7.25 -57.79 -51.14
C PRO KB 166 8.65 -57.36 -51.52
N PRO KB 167 8.80 -56.26 -52.26
CA PRO KB 167 10.12 -55.85 -52.72
C PRO KB 167 10.96 -55.19 -51.63
N VAL KB 168 12.27 -55.17 -51.88
CA VAL KB 168 13.28 -54.75 -50.91
C VAL KB 168 13.92 -53.45 -51.39
N ILE KB 169 14.06 -52.49 -50.49
CA ILE KB 169 14.77 -51.24 -50.75
C ILE KB 169 16.01 -51.19 -49.87
N ARG KB 170 17.15 -50.87 -50.47
CA ARG KB 170 18.41 -50.77 -49.77
C ARG KB 170 18.74 -49.31 -49.51
N LEU KB 171 19.01 -48.98 -48.24
CA LEU KB 171 19.21 -47.61 -47.80
C LEU KB 171 20.57 -47.48 -47.11
N SER KB 172 20.92 -46.24 -46.77
CA SER KB 172 22.12 -45.94 -46.00
C SER KB 172 21.84 -44.77 -45.08
N GLN KB 173 22.59 -44.71 -43.99
CA GLN KB 173 22.35 -43.70 -42.96
C GLN KB 173 22.81 -42.32 -43.44
N GLY KB 174 21.89 -41.36 -43.44
CA GLY KB 174 22.18 -40.01 -43.87
C GLY KB 174 22.03 -39.76 -45.36
N PHE KB 175 21.76 -40.79 -46.15
CA PHE KB 175 21.61 -40.66 -47.59
C PHE KB 175 20.14 -40.67 -47.97
N VAL KB 176 19.86 -40.17 -49.17
CA VAL KB 176 18.50 -40.01 -49.67
C VAL KB 176 18.26 -41.03 -50.76
N SER KB 177 17.13 -41.73 -50.68
CA SER KB 177 16.68 -42.65 -51.71
C SER KB 177 15.33 -42.16 -52.23
N SER KB 178 15.19 -42.10 -53.55
CA SER KB 178 13.95 -41.66 -54.17
C SER KB 178 13.22 -42.88 -54.75
N LEU KB 179 11.94 -42.99 -54.42
CA LEU KB 179 11.09 -44.07 -54.92
C LEU KB 179 10.02 -43.47 -55.83
N VAL KB 180 9.94 -43.96 -57.05
CA VAL KB 180 8.98 -43.47 -58.04
C VAL KB 180 8.11 -44.62 -58.51
N PHE KB 181 6.79 -44.40 -58.53
CA PHE KB 181 5.81 -45.43 -58.82
C PHE KB 181 5.28 -45.26 -60.23
N LEU KB 182 5.38 -46.32 -61.03
CA LEU KB 182 4.89 -46.34 -62.40
C LEU KB 182 4.00 -47.56 -62.61
N ASP KB 183 3.15 -47.48 -63.62
CA ASP KB 183 2.22 -48.56 -63.92
C ASP KB 183 2.86 -49.58 -64.87
N SER KB 184 2.05 -50.48 -65.42
CA SER KB 184 2.57 -51.52 -66.30
C SER KB 184 3.01 -50.95 -67.65
N THR KB 185 2.33 -49.91 -68.14
CA THR KB 185 2.75 -49.27 -69.39
C THR KB 185 3.99 -48.40 -69.19
N GLY KB 186 4.19 -47.86 -67.99
CA GLY KB 186 5.30 -46.97 -67.71
C GLY KB 186 4.92 -45.55 -67.36
N ALA KB 187 3.63 -45.21 -67.37
CA ALA KB 187 3.21 -43.88 -67.00
C ALA KB 187 3.25 -43.71 -65.48
N PRO KB 188 3.43 -42.48 -64.99
CA PRO KB 188 3.41 -42.26 -63.53
C PRO KB 188 2.05 -42.53 -62.90
N TRP KB 189 2.11 -43.00 -61.65
CA TRP KB 189 0.91 -43.32 -60.86
C TRP KB 189 0.93 -42.51 -59.58
N PRO KB 190 0.06 -41.52 -59.42
CA PRO KB 190 0.11 -40.65 -58.23
C PRO KB 190 -0.30 -41.38 -56.96
N ILE KB 191 0.24 -40.90 -55.84
CA ILE KB 191 0.08 -41.52 -54.54
C ILE KB 191 -1.06 -40.83 -53.80
N ALA KB 192 -1.93 -41.63 -53.18
CA ALA KB 192 -3.03 -41.09 -52.38
C ALA KB 192 -2.63 -40.87 -50.92
N ALA KB 193 -2.01 -41.86 -50.29
CA ALA KB 193 -1.61 -41.78 -48.89
C ALA KB 193 -0.51 -42.79 -48.64
N TYR KB 194 0.15 -42.67 -47.48
CA TYR KB 194 1.09 -43.68 -47.04
C TYR KB 194 1.06 -43.80 -45.52
N ASP KB 195 1.51 -44.96 -45.05
CA ASP KB 195 1.54 -45.27 -43.62
C ASP KB 195 2.89 -45.90 -43.30
N LEU KB 196 3.65 -45.27 -42.41
CA LEU KB 196 5.02 -45.68 -42.11
C LEU KB 196 5.11 -46.21 -40.69
N GLY KB 197 5.64 -47.41 -40.53
CA GLY KB 197 5.98 -47.92 -39.22
C GLY KB 197 7.40 -47.54 -38.84
N ASP KB 198 7.62 -47.38 -37.52
CA ASP KB 198 8.86 -46.96 -36.89
C ASP KB 198 9.38 -45.64 -37.47
N PRO KB 199 8.76 -44.50 -37.13
CA PRO KB 199 9.27 -43.21 -37.65
C PRO KB 199 10.59 -42.75 -37.04
N SER KB 200 11.08 -43.40 -36.00
CA SER KB 200 12.37 -43.05 -35.41
C SER KB 200 13.56 -43.52 -36.24
N SER KB 201 13.35 -44.42 -37.20
CA SER KB 201 14.44 -44.92 -38.02
C SER KB 201 14.47 -44.33 -39.41
N PHE KB 202 13.34 -43.82 -39.92
CA PHE KB 202 13.27 -43.32 -41.29
C PHE KB 202 12.55 -41.98 -41.31
N ASN KB 203 12.90 -41.17 -42.31
CA ASN KB 203 12.28 -39.86 -42.54
C ASN KB 203 11.86 -39.78 -44.00
N ILE KB 204 10.61 -39.40 -44.23
CA ILE KB 204 10.04 -39.36 -45.58
C ILE KB 204 9.54 -37.95 -45.87
N GLN KB 205 9.98 -37.38 -46.99
CA GLN KB 205 9.51 -36.10 -47.49
C GLN KB 205 8.66 -36.33 -48.73
N TRP KB 206 7.52 -35.64 -48.81
CA TRP KB 206 6.59 -35.85 -49.90
C TRP KB 206 5.72 -34.62 -50.07
N ASP KB 207 5.76 -34.00 -51.24
CA ASP KB 207 4.72 -33.04 -51.60
C ASP KB 207 3.43 -33.79 -51.87
N LYS KB 208 2.31 -33.18 -51.50
CA LYS KB 208 1.07 -33.91 -51.28
C LYS KB 208 0.40 -34.41 -52.56
N THR KB 209 0.94 -34.11 -53.74
CA THR KB 209 0.29 -34.48 -55.00
C THR KB 209 1.10 -35.40 -55.90
N SER KB 210 2.42 -35.46 -55.75
CA SER KB 210 3.27 -36.12 -56.74
C SER KB 210 3.27 -37.64 -56.53
N ASN KB 211 4.14 -38.33 -57.26
CA ASN KB 211 4.24 -39.78 -57.21
C ASN KB 211 5.60 -40.25 -56.74
N THR KB 212 6.38 -39.38 -56.11
CA THR KB 212 7.74 -39.69 -55.69
C THR KB 212 7.88 -39.51 -54.18
N LEU KB 213 8.38 -40.53 -53.51
CA LEU KB 213 8.74 -40.46 -52.10
C LEU KB 213 10.26 -40.41 -51.97
N MET KB 214 10.74 -39.63 -51.01
CA MET KB 214 12.17 -39.52 -50.73
C MET KB 214 12.42 -39.92 -49.28
N ILE KB 215 13.11 -41.03 -49.09
CA ILE KB 215 13.28 -41.65 -47.78
C ILE KB 215 14.74 -41.54 -47.37
N GLN KB 216 14.96 -41.12 -46.12
CA GLN KB 216 16.30 -41.05 -45.53
C GLN KB 216 16.34 -41.92 -44.28
N ALA KB 217 17.38 -42.73 -44.17
CA ALA KB 217 17.54 -43.57 -42.99
C ALA KB 217 18.27 -42.82 -41.89
N THR KB 218 17.79 -42.96 -40.66
CA THR KB 218 18.35 -42.29 -39.50
C THR KB 218 19.29 -43.18 -38.69
N LYS KB 219 19.03 -44.47 -38.64
CA LYS KB 219 19.82 -45.40 -37.85
C LYS KB 219 20.62 -46.33 -38.76
N LEU KB 220 21.49 -47.12 -38.15
CA LEU KB 220 22.47 -47.90 -38.92
C LEU KB 220 21.89 -49.22 -39.42
N TYR KB 221 21.31 -50.03 -38.54
CA TYR KB 221 20.97 -51.41 -38.90
C TYR KB 221 19.53 -51.79 -38.54
N ASN KB 222 18.66 -50.83 -38.26
CA ASN KB 222 17.27 -51.12 -37.91
C ASN KB 222 16.39 -51.07 -39.15
N TYR KB 223 15.58 -52.09 -39.35
CA TYR KB 223 14.79 -52.27 -40.57
C TYR KB 223 13.31 -52.36 -40.24
N GLY KB 224 12.47 -51.97 -41.20
CA GLY KB 224 11.03 -51.95 -41.02
C GLY KB 224 10.26 -52.10 -42.31
N ASN KB 225 8.97 -51.73 -42.31
CA ASN KB 225 8.16 -51.81 -43.52
C ASN KB 225 7.38 -50.52 -43.73
N LEU KB 226 6.64 -50.47 -44.83
CA LEU KB 226 5.94 -49.26 -45.26
C LEU KB 226 4.75 -49.64 -46.12
N ALA KB 227 3.65 -48.91 -45.95
CA ALA KB 227 2.43 -49.11 -46.72
C ALA KB 227 2.18 -47.90 -47.61
N VAL KB 228 1.92 -48.13 -48.89
CA VAL KB 228 1.68 -47.07 -49.86
C VAL KB 228 0.39 -47.37 -50.61
N ARG KB 229 -0.52 -46.40 -50.63
CA ARG KB 229 -1.79 -46.52 -51.33
C ARG KB 229 -1.79 -45.58 -52.53
N LEU KB 230 -2.12 -46.12 -53.70
CA LEU KB 230 -2.15 -45.35 -54.94
C LEU KB 230 -3.55 -44.83 -55.21
N ARG KB 231 -3.70 -44.04 -56.27
CA ARG KB 231 -4.95 -43.34 -56.52
C ARG KB 231 -6.04 -44.27 -57.03
N GLY KB 232 -5.72 -45.16 -57.96
CA GLY KB 232 -6.73 -46.01 -58.54
C GLY KB 232 -6.82 -47.40 -57.94
N LEU KB 233 -5.86 -47.76 -57.12
CA LEU KB 233 -5.80 -49.11 -56.56
C LEU KB 233 -6.56 -49.22 -55.25
N ASN KB 234 -7.15 -50.39 -55.04
CA ASN KB 234 -7.72 -50.76 -53.76
C ASN KB 234 -6.74 -51.57 -52.92
N THR KB 235 -5.88 -52.34 -53.58
CA THR KB 235 -4.86 -53.13 -52.88
C THR KB 235 -3.67 -52.23 -52.53
N PRO KB 236 -3.29 -52.13 -51.27
CA PRO KB 236 -2.09 -51.37 -50.91
C PRO KB 236 -0.82 -52.13 -51.27
N VAL KB 237 0.24 -51.35 -51.49
CA VAL KB 237 1.55 -51.90 -51.85
C VAL KB 237 2.43 -51.90 -50.61
N MET KB 238 3.01 -53.06 -50.30
CA MET KB 238 3.81 -53.24 -49.10
C MET KB 238 5.27 -53.41 -49.49
N LEU KB 239 6.16 -52.68 -48.81
CA LEU KB 239 7.58 -52.66 -49.07
C LEU KB 239 8.34 -52.95 -47.78
N THR KB 240 9.54 -53.49 -47.91
CA THR KB 240 10.44 -53.64 -46.77
C THR KB 240 11.71 -52.84 -47.02
N LEU KB 241 12.25 -52.24 -45.94
CA LEU KB 241 13.35 -51.29 -46.03
C LEU KB 241 14.47 -51.76 -45.12
N ILE KB 242 15.60 -52.15 -45.71
CA ILE KB 242 16.75 -52.65 -44.96
C ILE KB 242 17.95 -51.74 -45.23
N PRO KB 243 18.51 -51.08 -44.23
CA PRO KB 243 19.72 -50.28 -44.42
C PRO KB 243 20.99 -51.07 -44.11
N GLY KB 244 22.13 -50.44 -44.40
CA GLY KB 244 23.42 -51.00 -44.03
C GLY KB 244 23.90 -52.16 -44.88
N GLN KB 245 23.59 -52.17 -46.17
CA GLN KB 245 23.99 -53.24 -47.07
C GLN KB 245 25.24 -52.84 -47.85
N LYS KB 246 25.65 -53.72 -48.77
CA LYS KB 246 26.79 -53.41 -49.62
C LYS KB 246 26.42 -52.62 -50.86
N ALA KB 247 25.14 -52.32 -51.07
CA ALA KB 247 24.70 -51.44 -52.14
C ALA KB 247 23.64 -50.50 -51.59
N VAL KB 248 23.65 -49.27 -52.08
CA VAL KB 248 22.67 -48.26 -51.70
C VAL KB 248 21.90 -47.86 -52.95
N ASP KB 249 20.58 -47.77 -52.82
CA ASP KB 249 19.70 -47.46 -53.95
C ASP KB 249 19.49 -45.95 -53.99
N TYR KB 250 20.03 -45.31 -55.03
CA TYR KB 250 19.77 -43.88 -55.22
C TYR KB 250 18.38 -43.64 -55.79
N ARG KB 251 17.93 -44.52 -56.69
CA ARG KB 251 16.61 -44.40 -57.30
C ARG KB 251 16.12 -45.79 -57.67
N VAL KB 252 14.87 -46.09 -57.31
CA VAL KB 252 14.23 -47.35 -57.65
C VAL KB 252 13.00 -47.06 -58.50
N ASP KB 253 12.91 -47.71 -59.66
CA ASP KB 253 11.73 -47.65 -60.51
C ASP KB 253 10.85 -48.85 -60.20
N LEU KB 254 9.59 -48.61 -59.88
CA LEU KB 254 8.67 -49.67 -59.48
C LEU KB 254 7.57 -49.80 -60.51
N ARG KB 255 7.43 -51.00 -61.08
CA ARG KB 255 6.38 -51.32 -62.03
C ARG KB 255 5.22 -51.95 -61.26
N VAL KB 256 4.06 -51.31 -61.26
CA VAL KB 256 2.88 -51.84 -60.59
C VAL KB 256 2.01 -52.49 -61.66
N GLN KB 257 1.34 -53.58 -61.28
CA GLN KB 257 0.72 -54.51 -62.23
C GLN KB 257 -0.45 -53.89 -62.98
N GLY KB 258 -1.26 -53.06 -62.33
CA GLY KB 258 -2.47 -52.54 -62.93
C GLY KB 258 -2.22 -51.40 -63.90
N TYR KB 259 -3.31 -50.69 -64.21
CA TYR KB 259 -3.28 -49.53 -65.09
C TYR KB 259 -3.71 -48.30 -64.31
N GLY KB 260 -2.91 -47.24 -64.38
CA GLY KB 260 -3.17 -46.03 -63.63
C GLY KB 260 -4.04 -45.05 -64.40
N PRO KB 261 -4.21 -43.85 -63.84
CA PRO KB 261 -5.00 -42.82 -64.54
C PRO KB 261 -4.35 -42.30 -65.80
N ASN KB 262 -3.05 -42.48 -65.98
CA ASN KB 262 -2.36 -42.15 -67.22
C ASN KB 262 -1.96 -43.45 -67.91
N ALA KB 263 -2.22 -43.53 -69.21
CA ALA KB 263 -1.90 -44.73 -69.97
C ALA KB 263 -1.68 -44.41 -71.44
N ALA LB 104 57.66 -45.05 -23.12
CA ALA LB 104 56.79 -43.97 -23.55
C ALA LB 104 56.03 -44.36 -24.80
N GLU LB 105 56.14 -45.64 -25.18
CA GLU LB 105 55.52 -46.11 -26.41
C GLU LB 105 54.69 -47.36 -26.15
N VAL LB 106 55.07 -48.14 -25.13
CA VAL LB 106 54.30 -49.33 -24.74
C VAL LB 106 53.17 -48.97 -23.78
N ILE LB 107 53.21 -47.79 -23.16
CA ILE LB 107 52.12 -47.30 -22.33
C ILE LB 107 50.87 -47.05 -23.18
N ASP LB 108 51.06 -46.58 -24.41
CA ASP LB 108 49.94 -46.22 -25.28
C ASP LB 108 49.10 -47.42 -25.68
N LYS LB 109 49.72 -48.60 -25.82
CA LYS LB 109 48.91 -49.80 -26.02
C LYS LB 109 48.15 -50.18 -24.76
N LYS LB 110 48.78 -50.04 -23.60
CA LYS LB 110 48.16 -50.47 -22.35
C LYS LB 110 46.96 -49.62 -22.00
N ALA LB 111 47.05 -48.30 -22.19
CA ALA LB 111 45.94 -47.42 -21.83
C ALA LB 111 44.77 -47.53 -22.81
N PHE LB 112 45.04 -48.01 -24.03
CA PHE LB 112 43.96 -48.12 -25.02
C PHE LB 112 43.05 -49.30 -24.74
N LYS LB 113 43.59 -50.43 -24.26
CA LYS LB 113 42.74 -51.59 -23.97
C LYS LB 113 41.92 -51.42 -22.70
N ASP LB 114 42.44 -50.73 -21.68
CA ASP LB 114 41.60 -50.50 -20.52
C ASP LB 114 40.52 -49.45 -20.78
N MET LB 115 40.79 -48.52 -21.70
CA MET LB 115 39.78 -47.52 -22.04
C MET LB 115 38.61 -48.14 -22.79
N THR LB 116 38.89 -49.16 -23.61
CA THR LB 116 37.82 -49.88 -24.32
C THR LB 116 36.91 -50.62 -23.35
N ARG LB 117 37.51 -51.23 -22.32
CA ARG LB 117 36.73 -52.03 -21.36
C ARG LB 117 35.86 -51.15 -20.46
N ASN LB 118 36.29 -49.93 -20.16
CA ASN LB 118 35.41 -49.01 -19.43
C ASN LB 118 34.34 -48.41 -20.33
N LEU LB 119 34.64 -48.19 -21.61
CA LEU LB 119 33.66 -47.58 -22.50
C LEU LB 119 32.57 -48.58 -22.89
N TYR LB 120 32.94 -49.84 -23.12
CA TYR LB 120 32.02 -50.90 -23.49
C TYR LB 120 32.20 -52.07 -22.55
N PRO LB 121 31.49 -52.09 -21.41
CA PRO LB 121 31.64 -53.19 -20.46
C PRO LB 121 31.09 -54.53 -20.95
N LEU LB 122 30.25 -54.54 -21.98
CA LEU LB 122 29.65 -55.75 -22.50
C LEU LB 122 30.19 -56.04 -23.90
N ASN LB 123 30.60 -57.28 -24.13
CA ASN LB 123 31.09 -57.72 -25.43
C ASN LB 123 29.93 -57.81 -26.42
N PRO LB 124 30.24 -57.83 -27.73
CA PRO LB 124 29.20 -58.16 -28.72
C PRO LB 124 28.60 -59.54 -28.54
N GLU LB 125 29.38 -60.50 -28.04
CA GLU LB 125 28.83 -61.80 -27.64
C GLU LB 125 27.85 -61.65 -26.49
N GLN LB 126 28.21 -60.84 -25.48
CA GLN LB 126 27.38 -60.70 -24.29
C GLN LB 126 26.13 -59.85 -24.53
N VAL LB 127 26.13 -58.99 -25.54
CA VAL LB 127 24.92 -58.26 -25.91
C VAL LB 127 23.90 -59.22 -26.52
N VAL LB 128 24.37 -60.16 -27.33
CA VAL LB 128 23.48 -61.13 -27.99
C VAL LB 128 22.85 -62.07 -26.95
N LYS LB 129 23.64 -62.53 -25.98
CA LYS LB 129 23.10 -63.41 -24.94
C LYS LB 129 22.14 -62.68 -24.01
N LEU LB 130 22.36 -61.38 -23.77
CA LEU LB 130 21.46 -60.61 -22.93
C LEU LB 130 20.12 -60.37 -23.61
N LYS LB 131 20.11 -60.26 -24.95
CA LYS LB 131 18.85 -60.09 -25.66
C LYS LB 131 18.02 -61.36 -25.65
N GLN LB 132 18.66 -62.53 -25.65
CA GLN LB 132 17.91 -63.78 -25.54
C GLN LB 132 17.32 -63.97 -24.16
N ILE LB 133 18.00 -63.48 -23.12
CA ILE LB 133 17.47 -63.55 -21.76
C ILE LB 133 16.23 -62.66 -21.62
N TYR LB 134 16.25 -61.50 -22.28
CA TYR LB 134 15.15 -60.54 -22.14
C TYR LB 134 13.88 -61.04 -22.84
N GLU LB 135 13.99 -61.57 -24.05
CA GLU LB 135 12.81 -62.05 -24.76
C GLU LB 135 12.25 -63.35 -24.20
N THR LB 136 13.09 -64.18 -23.56
CA THR LB 136 12.58 -65.35 -22.88
C THR LB 136 11.79 -64.97 -21.63
N SER LB 137 12.18 -63.87 -20.98
CA SER LB 137 11.46 -63.40 -19.80
C SER LB 137 10.08 -62.85 -20.15
N GLU LB 138 9.93 -62.22 -21.32
CA GLU LB 138 8.62 -61.75 -21.74
C GLU LB 138 7.72 -62.88 -22.21
N TYR LB 139 8.30 -64.00 -22.64
CA TYR LB 139 7.49 -65.14 -23.08
C TYR LB 139 6.82 -65.81 -21.90
N ALA LB 140 7.52 -65.93 -20.77
CA ALA LB 140 6.94 -66.51 -19.57
C ALA LB 140 5.95 -65.56 -18.89
N LYS LB 141 6.13 -64.25 -19.08
CA LYS LB 141 5.22 -63.27 -18.49
C LYS LB 141 3.86 -63.29 -19.17
N ALA LB 142 3.83 -63.46 -20.48
CA ALA LB 142 2.59 -63.40 -21.25
C ALA LB 142 1.91 -64.75 -21.41
N ALA LB 143 2.54 -65.82 -20.95
CA ALA LB 143 1.95 -67.14 -21.10
C ALA LB 143 0.78 -67.34 -20.14
N THR LB 144 -0.24 -68.03 -20.63
CA THR LB 144 -1.42 -68.24 -19.80
C THR LB 144 -1.35 -69.57 -19.09
N PRO LB 145 -1.73 -69.63 -17.82
CA PRO LB 145 -1.77 -70.92 -17.11
C PRO LB 145 -2.89 -71.80 -17.63
N GLY LB 146 -2.63 -73.11 -17.62
CA GLY LB 146 -3.58 -74.06 -18.17
C GLY LB 146 -3.66 -73.96 -19.68
N THR LB 147 -4.87 -74.19 -20.20
CA THR LB 147 -5.11 -74.01 -21.62
C THR LB 147 -5.99 -72.80 -21.88
N PRO LB 148 -5.77 -72.08 -22.98
CA PRO LB 148 -6.65 -70.97 -23.31
C PRO LB 148 -8.01 -71.47 -23.75
N PRO LB 149 -9.06 -70.65 -23.60
CA PRO LB 149 -10.40 -71.09 -24.02
C PRO LB 149 -10.54 -71.15 -25.53
N LYS LB 150 -11.47 -72.00 -25.98
CA LYS LB 150 -11.71 -72.18 -27.40
C LYS LB 150 -12.63 -71.09 -27.92
N PRO LB 151 -12.25 -70.35 -28.97
CA PRO LB 151 -13.16 -69.35 -29.55
C PRO LB 151 -14.25 -70.02 -30.39
N THR LB 152 -15.50 -69.72 -30.07
CA THR LB 152 -16.65 -70.37 -30.68
C THR LB 152 -17.71 -69.35 -31.03
N ALA LB 153 -18.59 -69.73 -31.95
CA ALA LB 153 -19.83 -69.03 -32.22
C ALA LB 153 -20.99 -69.97 -31.95
N THR LB 154 -22.05 -69.46 -31.32
CA THR LB 154 -23.17 -70.28 -30.90
C THR LB 154 -24.48 -69.68 -31.40
N SER LB 155 -25.56 -70.45 -31.23
CA SER LB 155 -26.90 -70.00 -31.60
C SER LB 155 -27.90 -70.66 -30.66
N GLN LB 156 -28.67 -69.85 -29.94
CA GLN LB 156 -29.62 -70.33 -28.95
C GLN LB 156 -31.01 -69.81 -29.25
N PHE LB 157 -32.01 -70.53 -28.73
CA PHE LB 157 -33.40 -70.10 -28.76
C PHE LB 157 -33.82 -69.70 -27.35
N VAL LB 158 -34.48 -68.55 -27.23
CA VAL LB 158 -34.86 -67.98 -25.94
C VAL LB 158 -36.37 -68.14 -25.77
N ASN LB 159 -36.76 -68.81 -24.69
CA ASN LB 159 -38.16 -69.04 -24.37
C ASN LB 159 -38.58 -68.11 -23.24
N LEU LB 160 -39.69 -67.40 -23.44
CA LEU LB 160 -40.20 -66.46 -22.44
C LEU LB 160 -41.28 -67.08 -21.55
N SER LB 161 -41.31 -68.41 -21.47
CA SER LB 161 -42.24 -69.08 -20.58
C SER LB 161 -41.80 -68.92 -19.13
N PRO LB 162 -42.73 -69.00 -18.18
CA PRO LB 162 -42.35 -68.91 -16.76
C PRO LB 162 -41.83 -70.21 -16.16
N GLY LB 163 -41.37 -71.15 -16.97
CA GLY LB 163 -40.76 -72.35 -16.44
C GLY LB 163 -39.33 -72.56 -16.88
N SER LB 164 -38.92 -71.87 -17.94
CA SER LB 164 -37.62 -72.08 -18.55
C SER LB 164 -36.53 -71.38 -17.75
N THR LB 165 -35.28 -71.70 -18.08
CA THR LB 165 -34.09 -71.13 -17.50
C THR LB 165 -33.52 -70.05 -18.41
N PRO LB 166 -32.97 -68.97 -17.84
CA PRO LB 166 -32.36 -67.92 -18.67
C PRO LB 166 -31.09 -68.43 -19.32
N PRO LB 167 -30.74 -67.90 -20.49
CA PRO LB 167 -29.56 -68.41 -21.21
C PRO LB 167 -28.26 -67.92 -20.61
N VAL LB 168 -27.18 -68.61 -20.98
CA VAL LB 168 -25.86 -68.43 -20.40
C VAL LB 168 -24.91 -67.90 -21.48
N ILE LB 169 -24.12 -66.89 -21.14
CA ILE LB 169 -23.11 -66.33 -22.02
C ILE LB 169 -21.75 -66.56 -21.38
N ARG LB 170 -20.82 -67.14 -22.14
CA ARG LB 170 -19.47 -67.42 -21.67
C ARG LB 170 -18.53 -66.31 -22.14
N LEU LB 171 -17.81 -65.71 -21.21
CA LEU LB 171 -16.94 -64.57 -21.47
C LEU LB 171 -15.51 -64.88 -21.04
N SER LB 172 -14.62 -63.93 -21.29
CA SER LB 172 -13.23 -64.02 -20.87
C SER LB 172 -12.72 -62.61 -20.59
N GLN LB 173 -11.68 -62.53 -19.76
CA GLN LB 173 -11.15 -61.24 -19.35
C GLN LB 173 -10.34 -60.60 -20.48
N GLY LB 174 -10.73 -59.38 -20.85
CA GLY LB 174 -10.05 -58.64 -21.89
C GLY LB 174 -10.53 -58.91 -23.30
N PHE LB 175 -11.43 -59.86 -23.49
CA PHE LB 175 -11.93 -60.22 -24.81
C PHE LB 175 -13.33 -59.65 -25.02
N VAL LB 176 -13.72 -59.53 -26.28
CA VAL LB 176 -14.98 -58.92 -26.68
C VAL LB 176 -15.93 -60.02 -27.12
N SER LB 177 -17.15 -59.97 -26.60
CA SER LB 177 -18.24 -60.85 -27.03
C SER LB 177 -19.38 -60.01 -27.58
N SER LB 178 -19.86 -60.36 -28.76
CA SER LB 178 -20.95 -59.65 -29.40
C SER LB 178 -22.21 -60.50 -29.34
N LEU LB 179 -23.31 -59.89 -28.90
CA LEU LB 179 -24.60 -60.54 -28.85
C LEU LB 179 -25.56 -59.83 -29.80
N VAL LB 180 -26.19 -60.60 -30.68
CA VAL LB 180 -27.11 -60.07 -31.68
C VAL LB 180 -28.48 -60.72 -31.47
N PHE LB 181 -29.53 -59.90 -31.50
CA PHE LB 181 -30.88 -60.33 -31.16
C PHE LB 181 -31.71 -60.49 -32.44
N LEU LB 182 -32.34 -61.64 -32.59
CA LEU LB 182 -33.18 -61.96 -33.73
C LEU LB 182 -34.53 -62.46 -33.24
N ASP LB 183 -35.52 -62.37 -34.12
CA ASP LB 183 -36.86 -62.88 -33.80
C ASP LB 183 -36.97 -64.35 -34.22
N SER LB 184 -38.20 -64.87 -34.23
CA SER LB 184 -38.41 -66.27 -34.55
C SER LB 184 -38.18 -66.56 -36.03
N THR LB 185 -38.47 -65.60 -36.90
CA THR LB 185 -38.22 -65.79 -38.33
C THR LB 185 -36.74 -65.65 -38.67
N GLY LB 186 -36.00 -64.86 -37.89
CA GLY LB 186 -34.60 -64.60 -38.15
C GLY LB 186 -34.27 -63.17 -38.49
N ALA LB 187 -35.25 -62.27 -38.54
CA ALA LB 187 -34.97 -60.86 -38.79
C ALA LB 187 -34.41 -60.20 -37.53
N PRO LB 188 -33.60 -59.15 -37.69
CA PRO LB 188 -33.08 -58.44 -36.52
C PRO LB 188 -34.16 -57.74 -35.72
N TRP LB 189 -33.94 -57.68 -34.40
CA TRP LB 189 -34.86 -57.06 -33.46
C TRP LB 189 -34.13 -55.94 -32.71
N PRO LB 190 -34.45 -54.67 -32.96
CA PRO LB 190 -33.73 -53.57 -32.31
C PRO LB 190 -34.00 -53.48 -30.81
N ILE LB 191 -33.04 -52.89 -30.11
CA ILE LB 191 -33.02 -52.83 -28.65
C ILE LB 191 -33.49 -51.46 -28.21
N ALA LB 192 -34.37 -51.43 -27.21
CA ALA LB 192 -34.84 -50.17 -26.64
C ALA LB 192 -33.95 -49.67 -25.51
N ALA LB 193 -33.59 -50.55 -24.57
CA ALA LB 193 -32.78 -50.18 -23.42
C ALA LB 193 -32.15 -51.45 -22.85
N TYR LB 194 -31.20 -51.25 -21.93
CA TYR LB 194 -30.64 -52.36 -21.16
C TYR LB 194 -30.29 -51.90 -19.76
N ASP LB 195 -30.24 -52.86 -18.84
CA ASP LB 195 -29.94 -52.63 -17.43
C ASP LB 195 -28.91 -53.65 -16.98
N LEU LB 196 -27.75 -53.17 -16.56
CA LEU LB 196 -26.63 -54.03 -16.19
C LEU LB 196 -26.36 -53.93 -14.69
N GLY LB 197 -26.36 -55.08 -14.01
CA GLY LB 197 -25.88 -55.14 -12.66
C GLY LB 197 -24.38 -55.43 -12.61
N ASP LB 198 -23.74 -54.93 -11.55
CA ASP LB 198 -22.29 -54.97 -11.30
C ASP LB 198 -21.52 -54.40 -12.48
N PRO LB 199 -21.49 -53.07 -12.66
CA PRO LB 199 -20.72 -52.49 -13.77
C PRO LB 199 -19.21 -52.54 -13.57
N SER LB 200 -18.71 -52.94 -12.40
CA SER LB 200 -17.28 -53.06 -12.17
C SER LB 200 -16.67 -54.31 -12.77
N SER LB 201 -17.50 -55.28 -13.19
CA SER LB 201 -16.99 -56.51 -13.76
C SER LB 201 -17.18 -56.60 -15.28
N PHE LB 202 -18.06 -55.81 -15.86
CA PHE LB 202 -18.34 -55.88 -17.29
C PHE LB 202 -18.45 -54.48 -17.87
N ASN LB 203 -18.10 -54.35 -19.15
CA ASN LB 203 -18.17 -53.10 -19.90
C ASN LB 203 -18.93 -53.36 -21.19
N ILE LB 204 -19.93 -52.53 -21.47
CA ILE LB 204 -20.82 -52.72 -22.61
C ILE LB 204 -20.75 -51.48 -23.49
N GLN LB 205 -20.51 -51.68 -24.79
CA GLN LB 205 -20.54 -50.63 -25.79
C GLN LB 205 -21.73 -50.84 -26.72
N TRP LB 206 -22.46 -49.76 -27.00
CA TRP LB 206 -23.69 -49.86 -27.78
C TRP LB 206 -23.99 -48.52 -28.42
N ASP LB 207 -24.07 -48.48 -29.74
CA ASP LB 207 -24.71 -47.35 -30.40
C ASP LB 207 -26.21 -47.43 -30.19
N LYS LB 208 -26.84 -46.27 -30.00
CA LYS LB 208 -28.14 -46.23 -29.34
C LYS LB 208 -29.31 -46.68 -30.23
N THR LB 209 -29.06 -47.18 -31.44
CA THR LB 209 -30.12 -47.57 -32.36
C THR LB 209 -30.04 -49.02 -32.84
N SER LB 210 -28.90 -49.68 -32.73
CA SER LB 210 -28.70 -50.97 -33.38
C SER LB 210 -29.26 -52.10 -32.51
N ASN LB 211 -28.96 -53.34 -32.88
CA ASN LB 211 -29.45 -54.52 -32.18
C ASN LB 211 -28.32 -55.39 -31.66
N THR LB 212 -27.12 -54.85 -31.53
CA THR LB 212 -25.94 -55.62 -31.13
C THR LB 212 -25.30 -54.99 -29.91
N LEU LB 213 -25.04 -55.81 -28.89
CA LEU LB 213 -24.30 -55.39 -27.71
C LEU LB 213 -22.93 -56.06 -27.73
N MET LB 214 -21.91 -55.29 -27.33
CA MET LB 214 -20.54 -55.79 -27.27
C MET LB 214 -20.04 -55.68 -25.84
N ILE LB 215 -19.84 -56.83 -25.20
CA ILE LB 215 -19.56 -56.91 -23.77
C ILE LB 215 -18.14 -57.43 -23.58
N GLN LB 216 -17.39 -56.76 -22.71
CA GLN LB 216 -16.05 -57.15 -22.33
C GLN LB 216 -16.00 -57.39 -20.82
N ALA LB 217 -15.41 -58.51 -20.41
CA ALA LB 217 -15.29 -58.81 -19.00
C ALA LB 217 -14.02 -58.17 -18.42
N THR LB 218 -14.16 -57.58 -17.24
CA THR LB 218 -13.07 -56.88 -16.57
C THR LB 218 -12.35 -57.75 -15.53
N LYS LB 219 -13.07 -58.62 -14.84
CA LYS LB 219 -12.51 -59.46 -13.80
C LYS LB 219 -12.41 -60.91 -14.28
N LEU LB 220 -11.82 -61.74 -13.44
CA LEU LB 220 -11.52 -63.12 -13.84
C LEU LB 220 -12.70 -64.05 -13.63
N TYR LB 221 -13.28 -64.07 -12.42
CA TYR LB 221 -14.25 -65.10 -12.07
C TYR LB 221 -15.53 -64.55 -11.45
N ASN LB 222 -15.85 -63.27 -11.66
CA ASN LB 222 -17.04 -62.68 -11.08
C ASN LB 222 -18.17 -62.68 -12.11
N TYR LB 223 -19.34 -63.14 -11.70
CA TYR LB 223 -20.46 -63.34 -12.61
C TYR LB 223 -21.70 -62.59 -12.12
N GLY LB 224 -22.54 -62.20 -13.07
CA GLY LB 224 -23.75 -61.44 -12.78
C GLY LB 224 -24.84 -61.64 -13.81
N ASN LB 225 -25.83 -60.73 -13.85
CA ASN LB 225 -26.92 -60.85 -14.81
C ASN LB 225 -27.13 -59.52 -15.54
N LEU LB 226 -28.04 -59.54 -16.51
CA LEU LB 226 -28.32 -58.40 -17.36
C LEU LB 226 -29.75 -58.47 -17.87
N ALA LB 227 -30.41 -57.31 -17.95
CA ALA LB 227 -31.76 -57.20 -18.46
C ALA LB 227 -31.76 -56.39 -19.74
N VAL LB 228 -32.42 -56.91 -20.78
CA VAL LB 228 -32.48 -56.28 -22.09
C VAL LB 228 -33.93 -56.14 -22.51
N ARG LB 229 -34.35 -54.93 -22.87
CA ARG LB 229 -35.69 -54.65 -23.34
C ARG LB 229 -35.66 -54.37 -24.83
N LEU LB 230 -36.50 -55.06 -25.60
CA LEU LB 230 -36.56 -54.90 -27.03
C LEU LB 230 -37.67 -53.90 -27.39
N ARG LB 231 -37.78 -53.60 -28.69
CA ARG LB 231 -38.66 -52.51 -29.13
C ARG LB 231 -40.13 -52.91 -29.06
N GLY LB 232 -40.47 -54.12 -29.49
CA GLY LB 232 -41.85 -54.52 -29.53
C GLY LB 232 -42.33 -55.33 -28.34
N LEU LB 233 -41.39 -55.78 -27.51
CA LEU LB 233 -41.73 -56.65 -26.39
C LEU LB 233 -42.05 -55.85 -25.14
N ASN LB 234 -42.94 -56.42 -24.33
CA ASN LB 234 -43.18 -55.96 -22.98
C ASN LB 234 -42.41 -56.77 -21.95
N THR LB 235 -42.16 -58.04 -22.24
CA THR LB 235 -41.39 -58.90 -21.35
C THR LB 235 -39.91 -58.65 -21.54
N PRO LB 236 -39.17 -58.27 -20.50
CA PRO LB 236 -37.72 -58.13 -20.64
C PRO LB 236 -37.02 -59.48 -20.71
N VAL LB 237 -35.84 -59.47 -21.33
CA VAL LB 237 -35.04 -60.67 -21.53
C VAL LB 237 -33.93 -60.70 -20.49
N MET LB 238 -33.83 -61.81 -19.77
CA MET LB 238 -32.87 -61.98 -18.68
C MET LB 238 -31.77 -62.95 -19.11
N LEU LB 239 -30.53 -62.52 -18.91
CA LEU LB 239 -29.34 -63.30 -19.26
C LEU LB 239 -28.44 -63.42 -18.04
N THR LB 240 -27.58 -64.44 -18.03
CA THR LB 240 -26.53 -64.56 -17.03
C THR LB 240 -25.19 -64.63 -17.73
N LEU LB 241 -24.16 -64.06 -17.10
CA LEU LB 241 -22.85 -63.85 -17.72
C LEU LB 241 -21.77 -64.43 -16.83
N ILE LB 242 -21.19 -65.57 -17.24
CA ILE LB 242 -20.17 -66.26 -16.47
C ILE LB 242 -18.86 -66.22 -17.25
N PRO LB 243 -17.80 -65.61 -16.72
CA PRO LB 243 -16.49 -65.69 -17.36
C PRO LB 243 -15.63 -66.81 -16.81
N GLY LB 244 -14.48 -67.01 -17.46
CA GLY LB 244 -13.48 -67.96 -16.99
C GLY LB 244 -13.80 -69.42 -17.22
N GLN LB 245 -14.44 -69.75 -18.34
CA GLN LB 245 -14.82 -71.12 -18.65
C GLN LB 245 -13.82 -71.72 -19.64
N LYS LB 246 -14.10 -72.95 -20.08
CA LYS LB 246 -13.26 -73.59 -21.08
C LYS LB 246 -13.60 -73.19 -22.51
N ALA LB 247 -14.65 -72.40 -22.71
CA ALA LB 247 -14.97 -71.86 -24.03
C ALA LB 247 -15.30 -70.38 -23.89
N VAL LB 248 -14.95 -69.62 -24.91
CA VAL LB 248 -15.26 -68.19 -24.96
C VAL LB 248 -16.15 -67.95 -26.17
N ASP LB 249 -17.20 -67.16 -25.98
CA ASP LB 249 -18.18 -66.88 -27.03
C ASP LB 249 -17.76 -65.62 -27.77
N TYR LB 250 -17.34 -65.77 -29.02
CA TYR LB 250 -17.05 -64.60 -29.84
C TYR LB 250 -18.33 -63.94 -30.33
N ARG LB 251 -19.32 -64.74 -30.69
CA ARG LB 251 -20.60 -64.22 -31.19
C ARG LB 251 -21.70 -65.20 -30.77
N VAL LB 252 -22.79 -64.67 -30.22
CA VAL LB 252 -23.95 -65.47 -29.86
C VAL LB 252 -25.15 -64.97 -30.65
N ASP LB 253 -25.82 -65.90 -31.34
CA ASP LB 253 -27.06 -65.62 -32.06
C ASP LB 253 -28.23 -66.00 -31.15
N LEU LB 254 -29.17 -65.08 -30.97
CA LEU LB 254 -30.29 -65.30 -30.06
C LEU LB 254 -31.60 -65.18 -30.83
N ARG LB 255 -32.41 -66.23 -30.79
CA ARG LB 255 -33.77 -66.21 -31.32
C ARG LB 255 -34.75 -65.97 -30.18
N VAL LB 256 -35.52 -64.90 -30.29
CA VAL LB 256 -36.55 -64.57 -29.32
C VAL LB 256 -37.90 -65.02 -29.90
N GLN LB 257 -38.80 -65.45 -29.01
CA GLN LB 257 -39.99 -66.21 -29.39
C GLN LB 257 -40.98 -65.41 -30.23
N GLY LB 258 -41.14 -64.12 -29.96
CA GLY LB 258 -42.15 -63.32 -30.62
C GLY LB 258 -41.78 -62.89 -32.03
N TYR LB 259 -42.51 -61.91 -32.53
CA TYR LB 259 -42.29 -61.34 -33.85
C TYR LB 259 -41.93 -59.86 -33.71
N GLY LB 260 -40.85 -59.45 -34.37
CA GLY LB 260 -40.36 -58.09 -34.25
C GLY LB 260 -40.93 -57.16 -35.30
N PRO LB 261 -40.39 -55.94 -35.37
CA PRO LB 261 -40.84 -54.99 -36.40
C PRO LB 261 -40.47 -55.39 -37.82
N ASN LB 262 -39.48 -56.25 -38.01
CA ASN LB 262 -39.14 -56.81 -39.31
C ASN LB 262 -39.53 -58.28 -39.34
N ALA LB 263 -40.20 -58.68 -40.41
CA ALA LB 263 -40.64 -60.07 -40.54
C ALA LB 263 -40.74 -60.48 -42.01
N ALA MB 104 42.33 -61.96 -16.00
CA ALA MB 104 41.71 -60.81 -16.63
C ALA MB 104 40.78 -61.24 -17.75
N GLU MB 105 40.55 -62.55 -17.84
CA GLU MB 105 39.69 -63.10 -18.88
C GLU MB 105 38.65 -64.02 -18.25
N VAL MB 106 38.99 -64.62 -17.10
CA VAL MB 106 38.05 -65.45 -16.35
C VAL MB 106 37.08 -64.59 -15.54
N ILE MB 107 37.48 -63.36 -15.19
CA ILE MB 107 36.66 -62.46 -14.40
C ILE MB 107 35.39 -62.05 -15.15
N ASP MB 108 35.47 -61.95 -16.48
CA ASP MB 108 34.33 -61.50 -17.29
C ASP MB 108 33.19 -62.52 -17.28
N LYS MB 109 33.48 -63.82 -17.18
CA LYS MB 109 32.41 -64.79 -17.04
C LYS MB 109 31.75 -64.69 -15.67
N LYS MB 110 32.53 -64.43 -14.63
CA LYS MB 110 31.98 -64.37 -13.29
C LYS MB 110 31.11 -63.13 -13.09
N ALA MB 111 31.48 -62.01 -13.73
CA ALA MB 111 30.69 -60.79 -13.59
C ALA MB 111 29.38 -60.86 -14.38
N PHE MB 112 29.35 -61.63 -15.47
CA PHE MB 112 28.16 -61.69 -16.30
C PHE MB 112 27.05 -62.51 -15.65
N LYS MB 113 27.40 -63.66 -15.05
CA LYS MB 113 26.37 -64.49 -14.42
C LYS MB 113 25.85 -63.87 -13.13
N ASP MB 114 26.69 -63.13 -12.41
CA ASP MB 114 26.21 -62.48 -11.19
C ASP MB 114 25.35 -61.27 -11.51
N MET MB 115 25.57 -60.61 -12.65
CA MET MB 115 24.74 -59.48 -13.05
C MET MB 115 23.38 -59.96 -13.53
N THR MB 116 23.33 -61.11 -14.19
CA THR MB 116 22.06 -61.65 -14.70
C THR MB 116 21.14 -62.06 -13.55
N ARG MB 117 21.71 -62.59 -12.47
CA ARG MB 117 20.91 -62.95 -11.30
C ARG MB 117 20.39 -61.72 -10.57
N ASN MB 118 21.13 -60.60 -10.61
CA ASN MB 118 20.63 -59.36 -10.04
C ASN MB 118 19.59 -58.69 -10.91
N LEU MB 119 19.73 -58.80 -12.23
CA LEU MB 119 18.79 -58.14 -13.14
C LEU MB 119 17.46 -58.87 -13.19
N TYR MB 120 17.49 -60.21 -13.13
CA TYR MB 120 16.29 -61.04 -13.19
C TYR MB 120 16.31 -62.00 -12.00
N PRO MB 121 15.76 -61.58 -10.85
CA PRO MB 121 15.77 -62.46 -9.66
C PRO MB 121 14.87 -63.67 -9.77
N LEU MB 122 13.92 -63.68 -10.71
CA LEU MB 122 13.00 -64.79 -10.89
C LEU MB 122 13.29 -65.48 -12.21
N ASN MB 123 13.40 -66.81 -12.17
CA ASN MB 123 13.62 -67.60 -13.37
C ASN MB 123 12.36 -67.62 -14.23
N PRO MB 124 12.50 -67.93 -15.53
CA PRO MB 124 11.29 -68.17 -16.35
C PRO MB 124 10.44 -69.33 -15.86
N GLU MB 125 11.04 -70.33 -15.20
CA GLU MB 125 10.26 -71.40 -14.61
C GLU MB 125 9.54 -70.93 -13.36
N GLN MB 126 10.11 -69.94 -12.66
CA GLN MB 126 9.49 -69.41 -11.45
C GLN MB 126 8.41 -68.38 -11.73
N VAL MB 127 8.47 -67.71 -12.89
CA VAL MB 127 7.40 -66.80 -13.29
C VAL MB 127 6.11 -67.56 -13.57
N VAL MB 128 6.24 -68.74 -14.18
CA VAL MB 128 5.08 -69.57 -14.49
C VAL MB 128 4.40 -70.07 -13.21
N LYS MB 129 5.19 -70.46 -12.20
CA LYS MB 129 4.62 -70.92 -10.94
C LYS MB 129 3.95 -69.78 -10.17
N LEU MB 130 4.48 -68.56 -10.26
CA LEU MB 130 3.87 -67.43 -9.57
C LEU MB 130 2.54 -67.03 -10.20
N LYS MB 131 2.40 -67.20 -11.52
CA LYS MB 131 1.14 -66.88 -12.18
C LYS MB 131 0.04 -67.88 -11.82
N GLN MB 132 0.41 -69.13 -11.56
CA GLN MB 132 -0.58 -70.11 -11.11
C GLN MB 132 -1.01 -69.84 -9.66
N ILE MB 133 -0.09 -69.32 -8.83
CA ILE MB 133 -0.43 -68.96 -7.46
C ILE MB 133 -1.39 -67.78 -7.44
N TYR MB 134 -1.18 -66.81 -8.33
CA TYR MB 134 -1.99 -65.60 -8.35
C TYR MB 134 -3.43 -65.89 -8.78
N GLU MB 135 -3.63 -66.72 -9.80
CA GLU MB 135 -4.97 -67.00 -10.27
C GLU MB 135 -5.74 -67.97 -9.37
N THR MB 136 -5.04 -68.84 -8.64
CA THR MB 136 -5.72 -69.70 -7.67
C THR MB 136 -6.23 -68.89 -6.49
N SER MB 137 -5.50 -67.84 -6.10
CA SER MB 137 -5.96 -66.94 -5.05
C SER MB 137 -7.16 -66.13 -5.48
N GLU MB 138 -7.25 -65.78 -6.77
CA GLU MB 138 -8.42 -65.07 -7.28
C GLU MB 138 -9.64 -65.98 -7.37
N TYR MB 139 -9.42 -67.27 -7.61
CA TYR MB 139 -10.53 -68.21 -7.70
C TYR MB 139 -11.19 -68.45 -6.34
N ALA MB 140 -10.38 -68.53 -5.28
CA ALA MB 140 -10.91 -68.74 -3.94
C ALA MB 140 -11.57 -67.49 -3.40
N LYS MB 141 -11.15 -66.30 -3.86
CA LYS MB 141 -11.73 -65.06 -3.37
C LYS MB 141 -13.12 -64.82 -3.96
N ALA MB 142 -13.32 -65.22 -5.21
CA ALA MB 142 -14.59 -64.99 -5.91
C ALA MB 142 -15.60 -66.11 -5.71
N ALA MB 143 -15.21 -67.22 -5.07
CA ALA MB 143 -16.12 -68.33 -4.88
C ALA MB 143 -17.14 -68.01 -3.80
N THR MB 144 -18.37 -68.51 -4.00
CA THR MB 144 -19.44 -68.23 -3.04
C THR MB 144 -19.57 -69.38 -2.05
N PRO MB 145 -19.78 -69.07 -0.77
CA PRO MB 145 -20.04 -70.14 0.21
C PRO MB 145 -21.38 -70.80 -0.02
N GLY MB 146 -21.43 -72.10 0.29
CA GLY MB 146 -22.63 -72.88 0.05
C GLY MB 146 -22.90 -73.07 -1.43
N THR MB 147 -24.18 -73.15 -1.77
CA THR MB 147 -24.58 -73.23 -3.16
C THR MB 147 -25.19 -71.91 -3.63
N PRO MB 148 -24.95 -71.53 -4.89
CA PRO MB 148 -25.61 -70.33 -5.42
C PRO MB 148 -27.09 -70.56 -5.61
N PRO MB 149 -27.90 -69.50 -5.59
CA PRO MB 149 -29.34 -69.68 -5.79
C PRO MB 149 -29.69 -70.03 -7.23
N LYS MB 150 -30.83 -70.69 -7.39
CA LYS MB 150 -31.30 -71.08 -8.72
C LYS MB 150 -32.01 -69.92 -9.39
N PRO MB 151 -31.59 -69.51 -10.59
CA PRO MB 151 -32.30 -68.42 -11.30
C PRO MB 151 -33.59 -68.94 -11.92
N THR MB 152 -34.70 -68.29 -11.56
CA THR MB 152 -36.02 -68.75 -11.97
C THR MB 152 -36.85 -67.57 -12.44
N ALA MB 153 -37.88 -67.88 -13.22
CA ALA MB 153 -38.95 -66.95 -13.56
C ALA MB 153 -40.26 -67.51 -13.01
N THR MB 154 -41.08 -66.65 -12.42
CA THR MB 154 -42.31 -67.09 -11.75
C THR MB 154 -43.49 -66.27 -12.25
N SER MB 155 -44.69 -66.67 -11.81
CA SER MB 155 -45.92 -65.97 -12.15
C SER MB 155 -46.90 -66.14 -10.99
N GLN MB 156 -47.40 -65.03 -10.46
CA GLN MB 156 -48.29 -65.04 -9.31
C GLN MB 156 -49.57 -64.27 -9.61
N PHE MB 157 -50.62 -64.60 -8.86
CA PHE MB 157 -51.87 -63.88 -8.89
C PHE MB 157 -52.03 -63.11 -7.58
N VAL MB 158 -52.36 -61.82 -7.70
CA VAL MB 158 -52.43 -60.92 -6.56
C VAL MB 158 -53.89 -60.65 -6.26
N ASN MB 159 -54.33 -60.99 -5.05
CA ASN MB 159 -55.70 -60.81 -4.62
C ASN MB 159 -55.75 -59.62 -3.66
N LEU MB 160 -56.66 -58.69 -3.93
CA LEU MB 160 -56.80 -57.47 -3.14
C LEU MB 160 -57.86 -57.60 -2.05
N SER MB 161 -58.19 -58.81 -1.64
CA SER MB 161 -59.12 -59.02 -0.54
C SER MB 161 -58.45 -58.69 0.79
N PRO MB 162 -59.24 -58.35 1.82
CA PRO MB 162 -58.65 -58.11 3.15
C PRO MB 162 -58.40 -59.36 3.97
N GLY MB 163 -58.29 -60.53 3.32
CA GLY MB 163 -57.95 -61.73 4.05
C GLY MB 163 -56.64 -62.36 3.59
N SER MB 164 -56.21 -62.04 2.37
CA SER MB 164 -55.07 -62.69 1.77
C SER MB 164 -53.77 -62.06 2.27
N THR MB 165 -52.65 -62.72 1.95
CA THR MB 165 -51.29 -62.33 2.28
C THR MB 165 -50.62 -61.65 1.09
N PRO MB 166 -49.77 -60.64 1.35
CA PRO MB 166 -49.07 -59.99 0.24
C PRO MB 166 -48.03 -60.92 -0.36
N PRO MB 167 -47.72 -60.77 -1.65
CA PRO MB 167 -46.79 -61.69 -2.30
C PRO MB 167 -45.34 -61.43 -1.94
N VAL MB 168 -44.51 -62.43 -2.21
CA VAL MB 168 -43.10 -62.46 -1.81
C VAL MB 168 -42.22 -62.44 -3.05
N ILE MB 169 -41.21 -61.57 -3.04
CA ILE MB 169 -40.20 -61.51 -4.09
C ILE MB 169 -38.88 -61.97 -3.48
N ARG MB 170 -38.21 -62.89 -4.16
CA ARG MB 170 -36.92 -63.41 -3.73
C ARG MB 170 -35.81 -62.71 -4.52
N LEU MB 171 -34.85 -62.14 -3.80
CA LEU MB 171 -33.79 -61.33 -4.39
C LEU MB 171 -32.42 -61.90 -4.00
N SER MB 172 -31.37 -61.29 -4.57
CA SER MB 172 -30.00 -61.63 -4.25
C SER MB 172 -29.15 -60.37 -4.35
N GLN MB 173 -28.05 -60.35 -3.61
CA GLN MB 173 -27.20 -59.17 -3.53
C GLN MB 173 -26.43 -58.98 -4.84
N GLY MB 174 -26.58 -57.82 -5.46
CA GLY MB 174 -25.91 -57.50 -6.70
C GLY MB 174 -26.62 -57.94 -7.96
N PHE MB 175 -27.74 -58.65 -7.84
CA PHE MB 175 -28.48 -59.15 -8.98
C PHE MB 175 -29.72 -58.30 -9.22
N VAL MB 176 -30.25 -58.39 -10.44
CA VAL MB 176 -31.37 -57.58 -10.89
C VAL MB 176 -32.61 -58.46 -10.99
N SER MB 177 -33.71 -57.99 -10.40
CA SER MB 177 -35.01 -58.63 -10.54
C SER MB 177 -35.96 -57.65 -11.21
N SER MB 178 -36.70 -58.13 -12.22
CA SER MB 178 -37.65 -57.30 -12.94
C SER MB 178 -39.06 -57.71 -12.55
N LEU MB 179 -39.89 -56.74 -12.20
CA LEU MB 179 -41.28 -56.95 -11.82
C LEU MB 179 -42.18 -56.31 -12.87
N VAL MB 180 -43.04 -57.11 -13.49
CA VAL MB 180 -43.95 -56.65 -14.52
C VAL MB 180 -45.38 -56.86 -14.05
N PHE MB 181 -46.21 -55.83 -14.23
CA PHE MB 181 -47.57 -55.81 -13.71
C PHE MB 181 -48.56 -56.01 -14.84
N LEU MB 182 -49.44 -57.00 -14.69
CA LEU MB 182 -50.47 -57.33 -15.66
C LEU MB 182 -51.82 -57.37 -14.98
N ASP MB 183 -52.87 -57.17 -15.76
CA ASP MB 183 -54.23 -57.26 -15.23
C ASP MB 183 -54.73 -58.71 -15.28
N SER MB 184 -56.04 -58.90 -15.07
CA SER MB 184 -56.59 -60.26 -15.04
C SER MB 184 -56.63 -60.89 -16.42
N THR MB 185 -56.84 -60.09 -17.48
CA THR MB 185 -56.81 -60.64 -18.83
C THR MB 185 -55.40 -60.93 -19.31
N GLY MB 186 -54.41 -60.22 -18.80
CA GLY MB 186 -53.03 -60.38 -19.22
C GLY MB 186 -52.42 -59.17 -19.90
N ALA MB 187 -53.18 -58.09 -20.11
CA ALA MB 187 -52.63 -56.89 -20.69
C ALA MB 187 -51.75 -56.15 -19.67
N PRO MB 188 -50.75 -55.39 -20.13
CA PRO MB 188 -49.94 -54.60 -19.19
C PRO MB 188 -50.73 -53.50 -18.50
N TRP MB 189 -50.33 -53.22 -17.26
CA TRP MB 189 -50.95 -52.19 -16.43
C TRP MB 189 -49.90 -51.19 -16.00
N PRO MB 190 -49.93 -49.96 -16.52
CA PRO MB 190 -48.88 -48.98 -16.21
C PRO MB 190 -48.93 -48.51 -14.76
N ILE MB 191 -47.77 -48.04 -14.29
CA ILE MB 191 -47.56 -47.69 -12.89
C ILE MB 191 -47.65 -46.17 -12.75
N ALA MB 192 -48.38 -45.71 -11.73
CA ALA MB 192 -48.50 -44.29 -11.44
C ALA MB 192 -47.39 -43.78 -10.53
N ALA MB 193 -47.15 -44.47 -9.41
CA ALA MB 193 -46.14 -44.07 -8.44
C ALA MB 193 -45.75 -45.28 -7.60
N TYR MB 194 -44.61 -45.16 -6.92
CA TYR MB 194 -44.21 -46.18 -5.95
C TYR MB 194 -43.59 -45.51 -4.73
N ASP MB 195 -43.62 -46.24 -3.62
CA ASP MB 195 -43.06 -45.79 -2.35
C ASP MB 195 -42.26 -46.93 -1.73
N LEU MB 196 -40.98 -46.70 -1.49
CA LEU MB 196 -40.08 -47.73 -1.02
C LEU MB 196 -39.60 -47.41 0.39
N GLY MB 197 -39.76 -48.38 1.30
CA GLY MB 197 -39.16 -48.29 2.61
C GLY MB 197 -37.78 -48.93 2.63
N ASP MB 198 -36.89 -48.39 3.48
CA ASP MB 198 -35.48 -48.74 3.64
C ASP MB 198 -34.75 -48.68 2.30
N PRO MB 199 -34.44 -47.48 1.77
CA PRO MB 199 -33.70 -47.40 0.51
C PRO MB 199 -32.23 -47.78 0.60
N SER MB 200 -31.69 -47.99 1.80
CA SER MB 200 -30.30 -48.41 1.94
C SER MB 200 -30.08 -49.88 1.63
N SER MB 201 -31.14 -50.66 1.48
CA SER MB 201 -31.01 -52.07 1.17
C SER MB 201 -31.41 -52.42 -0.25
N PHE MB 202 -32.20 -51.57 -0.92
CA PHE MB 202 -32.69 -51.86 -2.26
C PHE MB 202 -32.55 -50.63 -3.15
N ASN MB 203 -32.34 -50.89 -4.44
CA ASN MB 203 -32.21 -49.83 -5.44
C ASN MB 203 -33.15 -50.14 -6.59
N ILE MB 204 -33.95 -49.15 -6.99
CA ILE MB 204 -34.99 -49.34 -8.00
C ILE MB 204 -34.75 -48.35 -9.14
N GLN MB 205 -34.72 -48.88 -10.37
CA GLN MB 205 -34.65 -48.08 -11.58
C GLN MB 205 -35.97 -48.17 -12.34
N TRP MB 206 -36.49 -47.03 -12.77
CA TRP MB 206 -37.80 -46.99 -13.41
C TRP MB 206 -37.88 -45.78 -14.33
N ASP MB 207 -38.14 -46.02 -15.61
CA ASP MB 207 -38.58 -44.95 -16.48
C ASP MB 207 -40.03 -44.60 -16.14
N LYS MB 208 -40.36 -43.32 -16.18
CA LYS MB 208 -41.52 -42.82 -15.47
C LYS MB 208 -42.86 -43.13 -16.14
N THR MB 209 -42.88 -43.92 -17.22
CA THR MB 209 -44.11 -44.22 -17.93
C THR MB 209 -44.43 -45.70 -18.04
N SER MB 210 -43.46 -46.60 -17.89
CA SER MB 210 -43.65 -48.00 -18.22
C SER MB 210 -44.32 -48.75 -17.06
N ASN MB 211 -44.37 -50.07 -17.15
CA ASN MB 211 -44.99 -50.92 -16.14
C ASN MB 211 -44.00 -51.91 -15.54
N THR MB 212 -42.70 -51.66 -15.68
CA THR MB 212 -41.67 -52.58 -15.20
C THR MB 212 -40.78 -51.88 -14.19
N LEU MB 213 -40.61 -52.49 -13.02
CA LEU MB 213 -39.67 -52.04 -12.02
C LEU MB 213 -38.50 -53.01 -11.96
N MET MB 214 -37.28 -52.47 -11.83
CA MET MB 214 -36.06 -53.27 -11.77
C MET MB 214 -35.37 -53.01 -10.44
N ILE MB 215 -35.37 -54.02 -9.57
CA ILE MB 215 -34.92 -53.89 -8.19
C ILE MB 215 -33.64 -54.68 -8.00
N GLN MB 216 -32.65 -54.05 -7.39
CA GLN MB 216 -31.38 -54.68 -7.04
C GLN MB 216 -31.19 -54.62 -5.53
N ALA MB 217 -30.78 -55.74 -4.95
CA ALA MB 217 -30.53 -55.79 -3.52
C ALA MB 217 -29.10 -55.35 -3.21
N THR MB 218 -28.95 -54.54 -2.17
CA THR MB 218 -27.65 -54.00 -1.76
C THR MB 218 -27.04 -54.77 -0.60
N LYS MB 219 -27.86 -55.26 0.33
CA LYS MB 219 -27.38 -55.96 1.50
C LYS MB 219 -27.73 -57.44 1.41
N LEU MB 220 -27.20 -58.22 2.36
CA LEU MB 220 -27.30 -59.67 2.28
C LEU MB 220 -28.62 -60.21 2.79
N TYR MB 221 -29.00 -59.87 4.05
CA TYR MB 221 -30.11 -60.53 4.70
C TYR MB 221 -31.14 -59.58 5.28
N ASN MB 222 -31.17 -58.31 4.85
CA ASN MB 222 -32.14 -57.36 5.36
C ASN MB 222 -33.34 -57.24 4.42
N TYR MB 223 -34.54 -57.26 4.99
CA TYR MB 223 -35.78 -57.35 4.23
C TYR MB 223 -36.73 -56.22 4.60
N GLY MB 224 -37.58 -55.85 3.64
CA GLY MB 224 -38.54 -54.77 3.82
C GLY MB 224 -39.77 -54.91 2.96
N ASN MB 225 -40.52 -53.82 2.77
CA ASN MB 225 -41.73 -53.84 1.96
C ASN MB 225 -41.73 -52.70 0.95
N LEU MB 226 -42.74 -52.68 0.10
CA LEU MB 226 -42.82 -51.71 -0.99
C LEU MB 226 -44.30 -51.44 -1.32
N ALA MB 227 -44.59 -50.19 -1.64
CA ALA MB 227 -45.93 -49.75 -2.02
C ALA MB 227 -45.94 -49.37 -3.49
N VAL MB 228 -46.88 -49.93 -4.25
CA VAL MB 228 -46.99 -49.69 -5.69
C VAL MB 228 -48.42 -49.28 -6.01
N ARG MB 229 -48.57 -48.14 -6.69
CA ARG MB 229 -49.88 -47.63 -7.10
C ARG MB 229 -49.98 -47.69 -8.62
N LEU MB 230 -51.06 -48.29 -9.12
CA LEU MB 230 -51.28 -48.43 -10.55
C LEU MB 230 -52.12 -47.26 -11.08
N ARG MB 231 -52.32 -47.23 -12.39
CA ARG MB 231 -52.96 -46.08 -13.02
C ARG MB 231 -54.45 -45.99 -12.73
N GLY MB 232 -55.15 -47.11 -12.83
CA GLY MB 232 -56.59 -47.08 -12.66
C GLY MB 232 -57.08 -47.50 -11.30
N LEU MB 233 -56.19 -48.02 -10.46
CA LEU MB 233 -56.58 -48.55 -9.16
C LEU MB 233 -56.55 -47.48 -8.08
N ASN MB 234 -57.42 -47.66 -7.09
CA ASN MB 234 -57.38 -46.89 -5.86
C ASN MB 234 -56.70 -47.64 -4.73
N THR MB 235 -56.81 -48.96 -4.73
CA THR MB 235 -56.17 -49.78 -3.72
C THR MB 235 -54.70 -49.98 -4.08
N PRO MB 236 -53.76 -49.60 -3.22
CA PRO MB 236 -52.35 -49.87 -3.49
C PRO MB 236 -52.00 -51.34 -3.30
N VAL MB 237 -50.98 -51.77 -4.02
CA VAL MB 237 -50.54 -53.16 -4.01
C VAL MB 237 -49.32 -53.28 -3.12
N MET MB 238 -49.36 -54.21 -2.17
CA MET MB 238 -48.32 -54.35 -1.16
C MET MB 238 -47.48 -55.59 -1.44
N LEU MB 239 -46.16 -55.45 -1.38
CA LEU MB 239 -45.22 -56.53 -1.60
C LEU MB 239 -44.24 -56.59 -0.43
N THR MB 240 -43.64 -57.77 -0.23
CA THR MB 240 -42.52 -57.93 0.67
C THR MB 240 -41.33 -58.49 -0.09
N LEU MB 241 -40.13 -58.06 0.30
CA LEU MB 241 -38.90 -58.34 -0.45
C LEU MB 241 -37.89 -58.98 0.49
N ILE MB 242 -37.59 -60.26 0.28
CA ILE MB 242 -36.67 -61.01 1.11
C ILE MB 242 -35.49 -61.48 0.25
N PRO MB 243 -34.27 -61.05 0.55
CA PRO MB 243 -33.10 -61.57 -0.17
C PRO MB 243 -32.44 -62.76 0.54
N GLY MB 244 -31.45 -63.33 -0.14
CA GLY MB 244 -30.64 -64.38 0.45
C GLY MB 244 -31.32 -65.72 0.61
N GLN MB 245 -32.12 -66.15 -0.36
CA GLN MB 245 -32.85 -67.40 -0.29
C GLN MB 245 -32.17 -68.45 -1.16
N LYS MB 246 -32.80 -69.62 -1.26
CA LYS MB 246 -32.31 -70.69 -2.11
C LYS MB 246 -32.68 -70.52 -3.58
N ALA MB 247 -33.54 -69.56 -3.89
CA ALA MB 247 -33.89 -69.24 -5.27
C ALA MB 247 -33.89 -67.73 -5.45
N VAL MB 248 -33.52 -67.28 -6.64
CA VAL MB 248 -33.53 -65.87 -6.99
C VAL MB 248 -34.49 -65.67 -8.16
N ASP MB 249 -35.33 -64.65 -8.07
CA ASP MB 249 -36.34 -64.37 -9.09
C ASP MB 249 -35.75 -63.44 -10.12
N TYR MB 250 -35.56 -63.94 -11.34
CA TYR MB 250 -35.10 -63.09 -12.43
C TYR MB 250 -36.23 -62.23 -12.98
N ARG MB 251 -37.45 -62.77 -13.00
CA ARG MB 251 -38.62 -62.06 -13.52
C ARG MB 251 -39.87 -62.64 -12.86
N VAL MB 252 -40.73 -61.77 -12.35
CA VAL MB 252 -42.01 -62.16 -11.77
C VAL MB 252 -43.13 -61.48 -12.54
N ASP MB 253 -44.07 -62.28 -13.04
CA ASP MB 253 -45.28 -61.77 -13.65
C ASP MB 253 -46.37 -61.72 -12.59
N LEU MB 254 -47.00 -60.56 -12.42
CA LEU MB 254 -47.98 -60.35 -11.37
C LEU MB 254 -49.36 -60.13 -11.98
N ARG MB 255 -50.31 -60.98 -11.62
CA ARG MB 255 -51.69 -60.88 -12.08
C ARG MB 255 -52.47 -60.08 -11.06
N VAL MB 256 -52.99 -58.93 -11.47
CA VAL MB 256 -53.76 -58.06 -10.58
C VAL MB 256 -55.24 -58.26 -10.89
N GLN MB 257 -56.07 -58.20 -9.85
CA GLN MB 257 -57.45 -58.68 -9.91
C GLN MB 257 -58.35 -57.84 -10.83
N GLY MB 258 -58.11 -56.53 -10.92
CA GLY MB 258 -58.98 -55.65 -11.66
C GLY MB 258 -58.76 -55.67 -13.16
N TYR MB 259 -59.30 -54.66 -13.83
CA TYR MB 259 -59.12 -54.46 -15.27
C TYR MB 259 -58.43 -53.13 -15.50
N GLY MB 260 -57.35 -53.16 -16.29
CA GLY MB 260 -56.56 -51.99 -16.54
C GLY MB 260 -57.06 -51.17 -17.71
N PRO MB 261 -56.30 -50.15 -18.10
CA PRO MB 261 -56.68 -49.35 -19.28
C PRO MB 261 -56.57 -50.11 -20.59
N ASN MB 262 -55.83 -51.20 -20.63
CA ASN MB 262 -55.74 -52.06 -21.81
C ASN MB 262 -56.48 -53.36 -21.52
N ALA MB 263 -57.32 -53.78 -22.46
CA ALA MB 263 -58.10 -55.00 -22.27
C ALA MB 263 -58.43 -55.67 -23.59
N ALA NB 104 6.85 -75.60 11.15
CA ALA NB 104 6.56 -74.60 10.12
C ALA NB 104 5.24 -74.92 9.43
N GLU NB 105 4.48 -75.85 10.01
CA GLU NB 105 3.23 -76.29 9.43
C GLU NB 105 2.11 -76.23 10.46
N VAL NB 106 2.47 -76.41 11.74
CA VAL NB 106 1.51 -76.34 12.83
C VAL NB 106 1.27 -74.89 13.26
N ILE NB 107 2.22 -73.99 12.98
CA ILE NB 107 2.12 -72.57 13.32
C ILE NB 107 0.97 -71.91 12.54
N ASP NB 108 0.74 -72.35 11.30
CA ASP NB 108 -0.29 -71.75 10.46
C ASP NB 108 -1.70 -72.00 11.00
N LYS NB 109 -1.94 -73.14 11.67
CA LYS NB 109 -3.22 -73.32 12.34
C LYS NB 109 -3.33 -72.45 13.57
N LYS NB 110 -2.22 -72.28 14.32
CA LYS NB 110 -2.26 -71.49 15.54
C LYS NB 110 -2.46 -70.01 15.25
N ALA NB 111 -1.85 -69.50 14.18
CA ALA NB 111 -2.00 -68.09 13.84
C ALA NB 111 -3.38 -67.78 13.28
N PHE NB 112 -4.06 -68.76 12.68
CA PHE NB 112 -5.36 -68.52 12.07
C PHE NB 112 -6.47 -68.36 13.10
N LYS NB 113 -6.46 -69.18 14.16
CA LYS NB 113 -7.51 -69.09 15.18
C LYS NB 113 -7.35 -67.85 16.06
N ASP NB 114 -6.11 -67.42 16.33
CA ASP NB 114 -5.93 -66.19 17.10
C ASP NB 114 -6.25 -64.96 16.26
N MET NB 115 -6.10 -65.05 14.94
CA MET NB 115 -6.49 -63.94 14.08
C MET NB 115 -8.01 -63.79 14.02
N THR NB 116 -8.74 -64.91 14.02
CA THR NB 116 -10.19 -64.86 13.94
C THR NB 116 -10.80 -64.30 15.21
N ARG NB 117 -10.18 -64.57 16.36
CA ARG NB 117 -10.67 -64.03 17.63
C ARG NB 117 -10.43 -62.53 17.72
N ASN NB 118 -9.35 -62.02 17.11
CA ASN NB 118 -9.12 -60.59 17.09
C ASN NB 118 -10.02 -59.88 16.07
N LEU NB 119 -10.33 -60.55 14.97
CA LEU NB 119 -11.15 -59.93 13.93
C LEU NB 119 -12.62 -59.87 14.35
N TYR NB 120 -13.12 -60.91 15.00
CA TYR NB 120 -14.50 -61.00 15.44
C TYR NB 120 -14.52 -61.33 16.92
N PRO NB 121 -14.48 -60.31 17.80
CA PRO NB 121 -14.46 -60.57 19.25
C PRO NB 121 -15.78 -61.12 19.80
N LEU NB 122 -16.87 -61.01 19.06
CA LEU NB 122 -18.17 -61.48 19.51
C LEU NB 122 -18.63 -62.66 18.65
N ASN NB 123 -19.07 -63.72 19.31
CA ASN NB 123 -19.58 -64.91 18.63
C ASN NB 123 -20.93 -64.61 17.98
N PRO NB 124 -21.34 -65.42 17.00
CA PRO NB 124 -22.73 -65.31 16.51
C PRO NB 124 -23.79 -65.56 17.57
N GLU NB 125 -23.50 -66.40 18.56
CA GLU NB 125 -24.38 -66.54 19.71
C GLU NB 125 -24.44 -65.26 20.52
N GLN NB 126 -23.29 -64.61 20.72
CA GLN NB 126 -23.23 -63.40 21.54
C GLN NB 126 -23.81 -62.18 20.84
N VAL NB 127 -23.83 -62.16 19.51
CA VAL NB 127 -24.49 -61.07 18.79
C VAL NB 127 -26.00 -61.16 18.98
N VAL NB 128 -26.54 -62.38 18.96
CA VAL NB 128 -27.97 -62.60 19.17
C VAL NB 128 -28.39 -62.22 20.59
N LYS NB 129 -27.57 -62.58 21.58
CA LYS NB 129 -27.87 -62.23 22.96
C LYS NB 129 -27.73 -60.73 23.22
N LEU NB 130 -26.82 -60.06 22.53
CA LEU NB 130 -26.68 -58.62 22.69
C LEU NB 130 -27.86 -57.86 22.08
N LYS NB 131 -28.47 -58.40 21.02
CA LYS NB 131 -29.63 -57.77 20.42
C LYS NB 131 -30.85 -57.85 21.31
N GLN NB 132 -30.99 -58.93 22.07
CA GLN NB 132 -32.11 -59.05 23.00
C GLN NB 132 -31.96 -58.10 24.18
N ILE NB 133 -30.71 -57.82 24.59
CA ILE NB 133 -30.46 -56.86 25.67
C ILE NB 133 -30.83 -55.45 25.22
N TYR NB 134 -30.55 -55.12 23.95
CA TYR NB 134 -30.79 -53.77 23.45
C TYR NB 134 -32.28 -53.46 23.31
N GLU NB 135 -33.07 -54.39 22.79
CA GLU NB 135 -34.49 -54.14 22.62
C GLU NB 135 -35.27 -54.21 23.93
N THR NB 136 -34.76 -54.94 24.93
CA THR NB 136 -35.39 -54.91 26.25
C THR NB 136 -35.15 -53.57 26.93
N SER NB 137 -34.00 -52.95 26.68
CA SER NB 137 -33.71 -51.65 27.26
C SER NB 137 -34.56 -50.54 26.64
N GLU NB 138 -34.90 -50.66 25.35
CA GLU NB 138 -35.78 -49.69 24.73
C GLU NB 138 -37.23 -49.88 25.15
N TYR NB 139 -37.61 -51.10 25.52
CA TYR NB 139 -38.97 -51.35 25.98
C TYR NB 139 -39.20 -50.72 27.35
N ALA NB 140 -38.20 -50.77 28.23
CA ALA NB 140 -38.31 -50.12 29.53
C ALA NB 140 -38.21 -48.61 29.44
N LYS NB 141 -37.52 -48.10 28.41
CA LYS NB 141 -37.39 -46.65 28.24
C LYS NB 141 -38.70 -46.02 27.78
N ALA NB 142 -39.43 -46.69 26.90
CA ALA NB 142 -40.64 -46.13 26.31
C ALA NB 142 -41.90 -46.43 27.12
N ALA NB 143 -41.79 -47.27 28.15
CA ALA NB 143 -42.96 -47.62 28.94
C ALA NB 143 -43.38 -46.46 29.84
N THR NB 144 -44.69 -46.29 29.99
CA THR NB 144 -45.20 -45.19 30.79
C THR NB 144 -45.51 -45.66 32.21
N PRO NB 145 -45.18 -44.84 33.21
CA PRO NB 145 -45.53 -45.19 34.60
C PRO NB 145 -47.04 -45.13 34.83
N GLY NB 146 -47.51 -46.02 35.70
CA GLY NB 146 -48.93 -46.10 35.96
C GLY NB 146 -49.69 -46.67 34.78
N THR NB 147 -50.94 -46.22 34.62
CA THR NB 147 -51.72 -46.61 33.47
C THR NB 147 -51.86 -45.44 32.49
N PRO NB 148 -51.87 -45.73 31.18
CA PRO NB 148 -52.10 -44.66 30.21
C PRO NB 148 -53.55 -44.18 30.27
N PRO NB 149 -53.80 -42.93 29.87
CA PRO NB 149 -55.17 -42.42 29.90
C PRO NB 149 -56.05 -43.05 28.83
N LYS NB 150 -57.35 -43.09 29.11
CA LYS NB 150 -58.31 -43.66 28.18
C LYS NB 150 -58.67 -42.65 27.09
N PRO NB 151 -58.52 -42.99 25.81
CA PRO NB 151 -58.91 -42.06 24.74
C PRO NB 151 -60.42 -42.03 24.57
N THR NB 152 -61.01 -40.84 24.67
CA THR NB 152 -62.46 -40.68 24.67
C THR NB 152 -62.86 -39.53 23.76
N ALA NB 153 -64.10 -39.58 23.30
CA ALA NB 153 -64.76 -38.46 22.65
C ALA NB 153 -65.96 -38.04 23.50
N THR NB 154 -66.13 -36.73 23.69
CA THR NB 154 -67.17 -36.22 24.57
C THR NB 154 -68.00 -35.18 23.85
N SER NB 155 -69.05 -34.71 24.54
CA SER NB 155 -69.95 -33.70 24.01
C SER NB 155 -70.56 -32.94 25.18
N GLN NB 156 -70.39 -31.62 25.19
CA GLN NB 156 -70.84 -30.78 26.29
C GLN NB 156 -71.73 -29.65 25.77
N PHE NB 157 -72.53 -29.10 26.68
CA PHE NB 157 -73.32 -27.90 26.44
C PHE NB 157 -72.72 -26.74 27.22
N VAL NB 158 -72.55 -25.61 26.56
CA VAL NB 158 -71.91 -24.44 27.16
C VAL NB 158 -72.99 -23.40 27.44
N ASN NB 159 -73.11 -22.99 28.70
CA ASN NB 159 -74.08 -22.00 29.12
C ASN NB 159 -73.37 -20.68 29.40
N LEU NB 160 -73.86 -19.60 28.78
CA LEU NB 160 -73.26 -18.29 28.92
C LEU NB 160 -73.90 -17.46 30.02
N SER NB 161 -74.56 -18.11 30.97
CA SER NB 161 -75.13 -17.41 32.12
C SER NB 161 -74.01 -16.98 33.07
N PRO NB 162 -74.25 -15.92 33.87
CA PRO NB 162 -73.24 -15.50 34.85
C PRO NB 162 -73.23 -16.30 36.15
N GLY NB 163 -73.79 -17.51 36.16
CA GLY NB 163 -73.73 -18.34 37.34
C GLY NB 163 -73.02 -19.67 37.11
N SER NB 164 -72.92 -20.07 35.85
CA SER NB 164 -72.39 -21.38 35.50
C SER NB 164 -70.87 -21.40 35.56
N THR NB 165 -70.31 -22.61 35.54
CA THR NB 165 -68.88 -22.85 35.55
C THR NB 165 -68.36 -23.08 34.14
N PRO NB 166 -67.15 -22.59 33.83
CA PRO NB 166 -66.60 -22.82 32.49
C PRO NB 166 -66.24 -24.28 32.29
N PRO NB 167 -66.30 -24.77 31.06
CA PRO NB 167 -66.07 -26.21 30.81
C PRO NB 167 -64.59 -26.58 30.90
N VAL NB 168 -64.36 -27.88 31.08
CA VAL NB 168 -63.05 -28.45 31.36
C VAL NB 168 -62.64 -29.33 30.18
N ILE NB 169 -61.40 -29.18 29.72
CA ILE NB 169 -60.83 -29.99 28.66
C ILE NB 169 -59.67 -30.79 29.25
N ARG NB 170 -59.66 -32.09 29.00
CA ARG NB 170 -58.62 -32.98 29.48
C ARG NB 170 -57.60 -33.23 28.38
N LEU NB 171 -56.32 -33.05 28.70
CA LEU NB 171 -55.25 -33.08 27.73
C LEU NB 171 -54.20 -34.12 28.16
N SER NB 172 -53.22 -34.34 27.27
CA SER NB 172 -52.09 -35.20 27.58
C SER NB 172 -50.87 -34.68 26.83
N GLN NB 173 -49.69 -34.96 27.37
CA GLN NB 173 -48.45 -34.43 26.82
C GLN NB 173 -48.08 -35.14 25.53
N GLY NB 174 -47.95 -34.37 24.45
CA GLY NB 174 -47.61 -34.90 23.15
C GLY NB 174 -48.78 -35.37 22.31
N PHE NB 175 -49.99 -35.34 22.85
CA PHE NB 175 -51.17 -35.80 22.13
C PHE NB 175 -51.97 -34.59 21.63
N VAL NB 176 -52.79 -34.84 20.62
CA VAL NB 176 -53.57 -33.80 19.95
C VAL NB 176 -55.03 -33.93 20.38
N SER NB 177 -55.63 -32.80 20.77
CA SER NB 177 -57.05 -32.71 21.05
C SER NB 177 -57.68 -31.73 20.08
N SER NB 178 -58.81 -32.12 19.49
CA SER NB 178 -59.52 -31.27 18.56
C SER NB 178 -60.80 -30.76 19.21
N LEU NB 179 -61.02 -29.45 19.10
CA LEU NB 179 -62.21 -28.81 19.65
C LEU NB 179 -63.05 -28.27 18.50
N VAL NB 180 -64.32 -28.68 18.43
CA VAL NB 180 -65.22 -28.23 17.38
C VAL NB 180 -66.39 -27.50 18.03
N PHE NB 181 -66.75 -26.35 17.47
CA PHE NB 181 -67.76 -25.46 18.04
C PHE NB 181 -69.05 -25.55 17.24
N LEU NB 182 -70.15 -25.81 17.93
CA LEU NB 182 -71.47 -25.90 17.31
C LEU NB 182 -72.44 -24.99 18.06
N ASP NB 183 -73.52 -24.62 17.39
CA ASP NB 183 -74.56 -23.82 18.01
C ASP NB 183 -75.60 -24.72 18.67
N SER NB 184 -76.74 -24.14 19.06
CA SER NB 184 -77.78 -24.91 19.73
C SER NB 184 -78.48 -25.89 18.81
N THR NB 185 -78.60 -25.55 17.51
CA THR NB 185 -79.19 -26.48 16.56
C THR NB 185 -78.24 -27.61 16.18
N GLY NB 186 -76.94 -27.36 16.21
CA GLY NB 186 -75.94 -28.34 15.80
C GLY NB 186 -75.14 -27.95 14.58
N ALA NB 187 -75.41 -26.80 13.97
CA ALA NB 187 -74.62 -26.35 12.83
C ALA NB 187 -73.27 -25.82 13.32
N PRO NB 188 -72.23 -25.89 12.47
CA PRO NB 188 -70.93 -25.32 12.85
C PRO NB 188 -70.97 -23.80 13.03
N TRP NB 189 -70.16 -23.33 13.98
CA TRP NB 189 -70.04 -21.90 14.29
C TRP NB 189 -68.59 -21.47 14.08
N PRO NB 190 -68.29 -20.70 13.05
CA PRO NB 190 -66.89 -20.32 12.78
C PRO NB 190 -66.32 -19.38 13.83
N ILE NB 191 -64.99 -19.46 13.97
CA ILE NB 191 -64.25 -18.76 15.01
C ILE NB 191 -63.69 -17.47 14.44
N ALA NB 192 -63.83 -16.38 15.19
CA ALA NB 192 -63.28 -15.09 14.79
C ALA NB 192 -61.84 -14.90 15.25
N ALA NB 193 -61.58 -15.16 16.53
CA ALA NB 193 -60.25 -14.99 17.12
C ALA NB 193 -60.15 -15.83 18.38
N TYR NB 194 -58.92 -15.98 18.88
CA TYR NB 194 -58.71 -16.61 20.17
C TYR NB 194 -57.52 -15.96 20.87
N ASP NB 195 -57.48 -16.13 22.19
CA ASP NB 195 -56.43 -15.57 23.03
C ASP NB 195 -56.01 -16.63 24.05
N LEU NB 196 -54.74 -17.03 24.00
CA LEU NB 196 -54.24 -18.12 24.83
C LEU NB 196 -53.27 -17.59 25.87
N GLY NB 197 -53.53 -17.91 27.13
CA GLY NB 197 -52.56 -17.67 28.18
C GLY NB 197 -51.63 -18.87 28.35
N ASP NB 198 -50.40 -18.57 28.80
CA ASP NB 198 -49.28 -19.51 28.94
C ASP NB 198 -48.99 -20.27 27.65
N PRO NB 199 -48.37 -19.65 26.64
CA PRO NB 199 -48.05 -20.39 25.41
C PRO NB 199 -46.88 -21.36 25.56
N SER NB 200 -46.19 -21.39 26.69
CA SER NB 200 -45.11 -22.36 26.89
C SER NB 200 -45.62 -23.74 27.25
N SER NB 201 -46.90 -23.88 27.60
CA SER NB 201 -47.45 -25.17 27.98
C SER NB 201 -48.36 -25.77 26.92
N PHE NB 202 -48.91 -24.96 26.01
CA PHE NB 202 -49.85 -25.44 25.01
C PHE NB 202 -49.51 -24.86 23.65
N ASN NB 203 -49.78 -25.63 22.60
CA ASN NB 203 -49.56 -25.24 21.22
C ASN NB 203 -50.87 -25.41 20.46
N ILE NB 204 -51.27 -24.39 19.71
CA ILE NB 204 -52.54 -24.39 19.01
C ILE NB 204 -52.29 -24.17 17.52
N GLN NB 205 -52.86 -25.05 16.69
CA GLN NB 205 -52.84 -24.92 15.24
C GLN NB 205 -54.24 -24.61 14.74
N TRP NB 206 -54.35 -23.65 13.82
CA TRP NB 206 -55.65 -23.20 13.35
C TRP NB 206 -55.50 -22.57 11.97
N ASP NB 207 -56.21 -23.11 10.98
CA ASP NB 207 -56.43 -22.35 9.76
C ASP NB 207 -57.44 -21.25 10.03
N LYS NB 208 -57.23 -20.10 9.39
CA LYS NB 208 -57.82 -18.85 9.87
C LYS NB 208 -59.32 -18.72 9.62
N THR NB 209 -59.96 -19.71 8.99
CA THR NB 209 -61.37 -19.59 8.63
C THR NB 209 -62.27 -20.65 9.25
N SER NB 210 -61.74 -21.77 9.72
CA SER NB 210 -62.58 -22.90 10.11
C SER NB 210 -63.10 -22.72 11.53
N ASN NB 211 -63.74 -23.76 12.06
CA ASN NB 211 -64.33 -23.75 13.39
C ASN NB 211 -63.68 -24.77 14.31
N THR NB 212 -62.50 -25.29 13.96
CA THR NB 212 -61.85 -26.35 14.70
C THR NB 212 -60.47 -25.88 15.17
N LEU NB 213 -60.20 -26.04 16.46
CA LEU NB 213 -58.89 -25.80 17.03
C LEU NB 213 -58.24 -27.13 17.41
N MET NB 214 -56.93 -27.22 17.22
CA MET NB 214 -56.17 -28.41 17.55
C MET NB 214 -55.10 -28.04 18.56
N ILE NB 215 -55.20 -28.59 19.77
CA ILE NB 215 -54.38 -28.18 20.91
C ILE NB 215 -53.54 -29.36 21.35
N GLN NB 216 -52.23 -29.12 21.51
CA GLN NB 216 -51.29 -30.11 22.02
C GLN NB 216 -50.67 -29.58 23.31
N ALA NB 217 -50.60 -30.43 24.33
CA ALA NB 217 -49.97 -30.06 25.59
C ALA NB 217 -48.47 -30.34 25.54
N THR NB 218 -47.69 -29.39 26.06
CA THR NB 218 -46.24 -29.49 26.07
C THR NB 218 -45.68 -29.96 27.41
N LYS NB 219 -46.31 -29.59 28.51
CA LYS NB 219 -45.85 -29.96 29.85
C LYS NB 219 -46.78 -31.00 30.45
N LEU NB 220 -46.36 -31.56 31.59
CA LEU NB 220 -47.05 -32.70 32.18
C LEU NB 220 -48.26 -32.28 33.01
N TYR NB 221 -48.07 -31.33 33.94
CA TYR NB 221 -49.09 -31.05 34.94
C TYR NB 221 -49.43 -29.56 35.06
N ASN NB 222 -49.07 -28.74 34.08
CA ASN NB 222 -49.34 -27.31 34.14
C ASN NB 222 -50.65 -26.99 33.41
N TYR NB 223 -51.54 -26.26 34.09
CA TYR NB 223 -52.87 -26.00 33.58
C TYR NB 223 -53.11 -24.50 33.42
N GLY NB 224 -53.99 -24.15 32.49
CA GLY NB 224 -54.26 -22.75 32.18
C GLY NB 224 -55.65 -22.51 31.65
N ASN NB 225 -55.86 -21.38 30.98
CA ASN NB 225 -57.17 -21.03 30.43
C ASN NB 225 -57.04 -20.48 29.02
N LEU NB 226 -58.18 -20.30 28.36
CA LEU NB 226 -58.21 -19.88 26.96
C LEU NB 226 -59.53 -19.16 26.68
N ALA NB 227 -59.46 -18.11 25.88
CA ALA NB 227 -60.62 -17.34 25.46
C ALA NB 227 -60.82 -17.48 23.95
N VAL NB 228 -62.05 -17.78 23.54
CA VAL NB 228 -62.38 -17.98 22.13
C VAL NB 228 -63.57 -17.09 21.78
N ARG NB 229 -63.40 -16.29 20.72
CA ARG NB 229 -64.46 -15.41 20.24
C ARG NB 229 -65.03 -15.96 18.93
N LEU NB 230 -66.35 -16.10 18.87
CA LEU NB 230 -67.02 -16.63 17.70
C LEU NB 230 -67.45 -15.48 16.79
N ARG NB 231 -68.03 -15.83 15.63
CA ARG NB 231 -68.30 -14.83 14.61
C ARG NB 231 -69.50 -13.95 14.97
N GLY NB 232 -70.57 -14.55 15.48
CA GLY NB 232 -71.77 -13.79 15.76
C GLY NB 232 -71.93 -13.35 17.20
N LEU NB 233 -71.11 -13.89 18.10
CA LEU NB 233 -71.26 -13.61 19.52
C LEU NB 233 -70.45 -12.39 19.96
N ASN NB 234 -71.01 -11.67 20.93
CA ASN NB 234 -70.28 -10.64 21.65
C ASN NB 234 -69.66 -11.18 22.93
N THR NB 235 -70.26 -12.19 23.53
CA THR NB 235 -69.75 -12.80 24.74
C THR NB 235 -68.64 -13.80 24.40
N PRO NB 236 -67.43 -13.62 24.91
CA PRO NB 236 -66.38 -14.61 24.68
C PRO NB 236 -66.60 -15.87 25.49
N VAL NB 237 -66.11 -16.99 24.96
CA VAL NB 237 -66.26 -18.29 25.58
C VAL NB 237 -64.93 -18.67 26.25
N MET NB 238 -64.99 -18.92 27.55
CA MET NB 238 -63.79 -19.17 28.35
C MET NB 238 -63.72 -20.63 28.76
N LEU NB 239 -62.55 -21.23 28.59
CA LEU NB 239 -62.30 -22.64 28.87
C LEU NB 239 -61.15 -22.78 29.86
N THR NB 240 -61.05 -23.94 30.49
CA THR NB 240 -59.88 -24.32 31.27
C THR NB 240 -59.32 -25.63 30.74
N LEU NB 241 -58.00 -25.77 30.79
CA LEU NB 241 -57.28 -26.87 30.15
C LEU NB 241 -56.39 -27.55 31.17
N ILE NB 242 -56.76 -28.74 31.63
CA ILE NB 242 -56.02 -29.48 32.64
C ILE NB 242 -55.46 -30.75 32.00
N PRO NB 243 -54.15 -30.92 31.94
CA PRO NB 243 -53.57 -32.19 31.47
C PRO NB 243 -53.26 -33.15 32.62
N GLY NB 244 -52.86 -34.36 32.24
CA GLY NB 244 -52.41 -35.34 33.22
C GLY NB 244 -53.48 -36.05 33.99
N GLN NB 245 -54.66 -36.27 33.40
CA GLN NB 245 -55.77 -36.91 34.07
C GLN NB 245 -55.84 -38.38 33.69
N LYS NB 246 -56.86 -39.07 34.20
CA LYS NB 246 -57.08 -40.47 33.85
C LYS NB 246 -57.80 -40.66 32.53
N ALA NB 247 -58.26 -39.58 31.90
CA ALA NB 247 -58.87 -39.63 30.58
C ALA NB 247 -58.29 -38.53 29.72
N VAL NB 248 -58.15 -38.80 28.43
CA VAL NB 248 -57.68 -37.83 27.46
C VAL NB 248 -58.78 -37.63 26.42
N ASP NB 249 -59.03 -36.37 26.08
CA ASP NB 249 -60.10 -36.02 25.14
C ASP NB 249 -59.53 -35.96 23.74
N TYR NB 250 -59.92 -36.92 22.89
CA TYR NB 250 -59.52 -36.87 21.50
C TYR NB 250 -60.33 -35.83 20.73
N ARG NB 251 -61.62 -35.72 21.04
CA ARG NB 251 -62.50 -34.77 20.36
C ARG NB 251 -63.60 -34.35 21.32
N VAL NB 252 -63.84 -33.04 21.41
CA VAL NB 252 -64.92 -32.48 22.21
C VAL NB 252 -65.85 -31.71 21.29
N ASP NB 253 -67.14 -32.02 21.35
CA ASP NB 253 -68.18 -31.27 20.67
C ASP NB 253 -68.78 -30.30 21.68
N LEU NB 254 -68.82 -29.02 21.33
CA LEU NB 254 -69.28 -27.98 22.24
C LEU NB 254 -70.55 -27.34 21.70
N ARG NB 255 -71.62 -27.41 22.48
CA ARG NB 255 -72.90 -26.78 22.15
C ARG NB 255 -72.93 -25.40 22.77
N VAL NB 256 -73.01 -24.38 21.94
CA VAL NB 256 -73.08 -23.00 22.41
C VAL NB 256 -74.53 -22.54 22.32
N GLN NB 257 -74.95 -21.72 23.29
CA GLN NB 257 -76.36 -21.45 23.56
C GLN NB 257 -77.05 -20.69 22.44
N GLY NB 258 -76.36 -19.76 21.78
CA GLY NB 258 -76.98 -18.90 20.79
C GLY NB 258 -77.20 -19.57 19.45
N TYR NB 259 -77.45 -18.73 18.44
CA TYR NB 259 -77.65 -19.18 17.07
C TYR NB 259 -76.57 -18.57 16.18
N GLY NB 260 -75.92 -19.41 15.38
CA GLY NB 260 -74.84 -18.97 14.54
C GLY NB 260 -75.29 -18.56 13.16
N PRO NB 261 -74.34 -18.29 12.26
CA PRO NB 261 -74.70 -17.93 10.87
C PRO NB 261 -75.32 -19.07 10.08
N ASN NB 262 -75.14 -20.32 10.50
CA ASN NB 262 -75.80 -21.46 9.88
C ASN NB 262 -76.84 -22.01 10.84
N ALA NB 263 -78.03 -22.28 10.34
CA ALA NB 263 -79.12 -22.80 11.16
C ALA NB 263 -80.08 -23.63 10.33
N ALA OB 104 -9.09 -70.86 27.97
CA ALA OB 104 -9.29 -70.06 26.76
C ALA OB 104 -10.74 -70.13 26.31
N GLU OB 105 -11.60 -70.69 27.16
CA GLU OB 105 -12.99 -70.89 26.79
C GLU OB 105 -13.93 -70.32 27.85
N VAL OB 106 -13.50 -70.32 29.11
CA VAL OB 106 -14.29 -69.73 30.18
C VAL OB 106 -13.99 -68.26 30.40
N ILE OB 107 -12.94 -67.73 29.76
CA ILE OB 107 -12.69 -66.29 29.77
C ILE OB 107 -13.77 -65.55 29.01
N ASP OB 108 -14.29 -66.16 27.94
CA ASP OB 108 -15.27 -65.49 27.08
C ASP OB 108 -16.60 -65.25 27.78
N LYS OB 109 -16.99 -66.15 28.70
CA LYS OB 109 -18.19 -65.87 29.49
C LYS OB 109 -17.94 -64.76 30.50
N LYS OB 110 -16.76 -64.72 31.10
CA LYS OB 110 -16.45 -63.69 32.09
C LYS OB 110 -16.33 -62.31 31.45
N ALA OB 111 -15.79 -62.24 30.23
CA ALA OB 111 -15.66 -60.96 29.56
C ALA OB 111 -16.99 -60.42 29.05
N PHE OB 112 -17.94 -61.32 28.74
CA PHE OB 112 -19.22 -60.87 28.19
C PHE OB 112 -20.11 -60.22 29.24
N LYS OB 113 -20.16 -60.79 30.45
CA LYS OB 113 -20.98 -60.21 31.51
C LYS OB 113 -20.41 -58.90 32.04
N ASP OB 114 -19.09 -58.76 32.05
CA ASP OB 114 -18.51 -57.49 32.49
C ASP OB 114 -18.66 -56.41 31.42
N MET OB 115 -18.74 -56.80 30.14
CA MET OB 115 -18.99 -55.83 29.08
C MET OB 115 -20.44 -55.36 29.10
N THR OB 116 -21.37 -56.25 29.44
CA THR OB 116 -22.79 -55.89 29.49
C THR OB 116 -23.06 -54.88 30.61
N ARG OB 117 -22.44 -55.08 31.78
CA ARG OB 117 -22.63 -54.16 32.90
C ARG OB 117 -21.99 -52.80 32.63
N ASN OB 118 -20.92 -52.75 31.83
CA ASN OB 118 -20.34 -51.48 31.45
C ASN OB 118 -21.17 -50.76 30.39
N LEU OB 119 -21.80 -51.52 29.48
CA LEU OB 119 -22.57 -50.90 28.42
C LEU OB 119 -23.91 -50.38 28.93
N TYR OB 120 -24.55 -51.12 29.83
CA TYR OB 120 -25.86 -50.76 30.39
C TYR OB 120 -25.75 -50.75 31.91
N PRO OB 121 -25.38 -49.62 32.51
CA PRO OB 121 -25.23 -49.57 33.97
C PRO OB 121 -26.54 -49.65 34.73
N LEU OB 122 -27.68 -49.42 34.09
CA LEU OB 122 -28.99 -49.45 34.73
C LEU OB 122 -29.80 -50.62 34.19
N ASN OB 123 -30.38 -51.40 35.10
CA ASN OB 123 -31.21 -52.54 34.74
C ASN OB 123 -32.53 -52.06 34.13
N PRO OB 124 -33.23 -52.93 33.39
CA PRO OB 124 -34.61 -52.61 33.00
C PRO OB 124 -35.55 -52.42 34.18
N GLU OB 125 -35.29 -53.08 35.31
CA GLU OB 125 -36.04 -52.80 36.53
C GLU OB 125 -35.73 -51.41 37.07
N GLN OB 126 -34.48 -50.96 36.93
CA GLN OB 126 -34.07 -49.68 37.47
C GLN OB 126 -34.43 -48.50 36.58
N VAL OB 127 -34.64 -48.74 35.28
CA VAL OB 127 -35.12 -47.67 34.39
C VAL OB 127 -36.56 -47.33 34.72
N VAL OB 128 -37.37 -48.35 35.05
CA VAL OB 128 -38.77 -48.14 35.41
C VAL OB 128 -38.90 -47.37 36.72
N LYS OB 129 -38.05 -47.68 37.70
CA LYS OB 129 -38.08 -46.97 38.98
C LYS OB 129 -37.59 -45.54 38.85
N LEU OB 130 -36.65 -45.29 37.94
CA LEU OB 130 -36.16 -43.92 37.74
C LEU OB 130 -37.20 -43.05 37.04
N LYS OB 131 -38.04 -43.64 36.18
CA LYS OB 131 -39.08 -42.86 35.52
C LYS OB 131 -40.19 -42.47 36.48
N GLN OB 132 -40.44 -43.29 37.51
CA GLN OB 132 -41.42 -42.92 38.53
C GLN OB 132 -40.89 -41.82 39.43
N ILE OB 133 -39.58 -41.80 39.68
CA ILE OB 133 -38.97 -40.74 40.47
C ILE OB 133 -39.04 -39.41 39.72
N TYR OB 134 -38.84 -39.44 38.40
CA TYR OB 134 -38.81 -38.23 37.61
C TYR OB 134 -40.19 -37.56 37.51
N GLU OB 135 -41.24 -38.35 37.30
CA GLU OB 135 -42.57 -37.76 37.17
C GLU OB 135 -43.18 -37.33 38.50
N THR OB 136 -42.78 -37.96 39.60
CA THR OB 136 -43.22 -37.50 40.92
C THR OB 136 -42.59 -36.16 41.27
N SER OB 137 -41.36 -35.92 40.78
CA SER OB 137 -40.70 -34.65 41.03
C SER OB 137 -41.35 -33.50 40.27
N GLU OB 138 -41.87 -33.76 39.07
CA GLU OB 138 -42.56 -32.72 38.33
C GLU OB 138 -43.96 -32.46 38.89
N TYR OB 139 -44.53 -33.44 39.59
CA TYR OB 139 -45.85 -33.25 40.18
C TYR OB 139 -45.79 -32.29 41.37
N ALA OB 140 -44.74 -32.40 42.19
CA ALA OB 140 -44.57 -31.49 43.31
C ALA OB 140 -44.12 -30.10 42.85
N LYS OB 141 -43.46 -30.02 41.69
CA LYS OB 141 -43.03 -28.73 41.16
C LYS OB 141 -44.21 -27.91 40.66
N ALA OB 142 -45.18 -28.55 40.04
CA ALA OB 142 -46.32 -27.85 39.44
C ALA OB 142 -47.49 -27.65 40.40
N ALA OB 143 -47.45 -28.27 41.59
CA ALA OB 143 -48.55 -28.15 42.52
C ALA OB 143 -48.59 -26.77 43.16
N THR OB 144 -49.79 -26.26 43.36
CA THR OB 144 -49.95 -24.92 43.91
C THR OB 144 -50.13 -24.96 45.42
N PRO OB 145 -49.50 -24.05 46.15
CA PRO OB 145 -49.73 -23.99 47.60
C PRO OB 145 -51.13 -23.50 47.92
N GLY OB 146 -51.68 -24.01 49.03
CA GLY OB 146 -53.03 -23.69 49.40
C GLY OB 146 -54.05 -24.30 48.44
N THR OB 147 -55.17 -23.60 48.27
CA THR OB 147 -56.18 -24.02 47.31
C THR OB 147 -56.16 -23.11 46.08
N PRO OB 148 -56.40 -23.67 44.89
CA PRO OB 148 -56.50 -22.82 43.71
C PRO OB 148 -57.77 -21.99 43.74
N PRO OB 149 -57.79 -20.84 43.06
CA PRO OB 149 -59.00 -20.00 43.07
C PRO OB 149 -60.12 -20.60 42.26
N LYS OB 150 -61.34 -20.22 42.61
CA LYS OB 150 -62.53 -20.72 41.92
C LYS OB 150 -62.79 -19.90 40.66
N PRO OB 151 -62.91 -20.52 39.49
CA PRO OB 151 -63.24 -19.77 38.27
C PRO OB 151 -64.72 -19.40 38.23
N THR OB 152 -64.99 -18.10 38.08
CA THR OB 152 -66.35 -17.59 38.16
C THR OB 152 -66.60 -16.60 37.03
N ALA OB 153 -67.89 -16.43 36.71
CA ALA OB 153 -68.36 -15.33 35.88
C ALA OB 153 -69.28 -14.45 36.73
N THR OB 154 -69.14 -13.14 36.59
CA THR OB 154 -69.89 -12.19 37.41
C THR OB 154 -70.59 -11.15 36.53
N SER OB 155 -71.40 -10.32 37.17
CA SER OB 155 -72.10 -9.24 36.49
C SER OB 155 -72.33 -8.12 37.48
N GLN OB 156 -71.83 -6.92 37.18
CA GLN OB 156 -71.91 -5.78 38.07
C GLN OB 156 -72.56 -4.59 37.36
N PHE OB 157 -73.12 -3.69 38.17
CA PHE OB 157 -73.65 -2.43 37.69
C PHE OB 157 -72.73 -1.30 38.13
N VAL OB 158 -72.37 -0.43 37.19
CA VAL OB 158 -71.42 0.65 37.44
C VAL OB 158 -72.19 1.96 37.53
N ASN OB 159 -72.07 2.63 38.67
CA ASN OB 159 -72.75 3.89 38.94
C ASN OB 159 -71.72 5.01 38.84
N LEU OB 160 -72.03 6.04 38.05
CA LEU OB 160 -71.13 7.16 37.84
C LEU OB 160 -71.42 8.33 38.76
N SER OB 161 -72.09 8.08 39.89
CA SER OB 161 -72.33 9.11 40.87
C SER OB 161 -71.03 9.45 41.61
N PRO OB 162 -70.92 10.67 42.16
CA PRO OB 162 -69.71 11.01 42.93
C PRO OB 162 -69.72 10.53 44.38
N GLY OB 163 -70.52 9.53 44.71
CA GLY OB 163 -70.49 8.97 46.04
C GLY OB 163 -70.13 7.50 46.08
N SER OB 164 -70.29 6.83 44.95
CA SER OB 164 -70.11 5.38 44.88
C SER OB 164 -68.64 5.01 44.81
N THR OB 165 -68.36 3.73 45.02
CA THR OB 165 -67.02 3.14 44.96
C THR OB 165 -66.78 2.51 43.60
N PRO OB 166 -65.55 2.58 43.09
CA PRO OB 166 -65.25 1.93 41.82
C PRO OB 166 -65.27 0.41 41.95
N PRO OB 167 -65.62 -0.30 40.88
CA PRO OB 167 -65.75 -1.76 40.97
C PRO OB 167 -64.40 -2.47 41.01
N VAL OB 168 -64.44 -3.72 41.45
CA VAL OB 168 -63.27 -4.53 41.74
C VAL OB 168 -63.22 -5.70 40.77
N ILE OB 169 -62.05 -5.97 40.20
CA ILE OB 169 -61.82 -7.10 39.31
C ILE OB 169 -60.79 -8.01 39.97
N ARG OB 170 -61.12 -9.30 40.08
CA ARG OB 170 -60.24 -10.29 40.69
C ARG OB 170 -59.51 -11.05 39.61
N LEU OB 171 -58.18 -11.08 39.70
CA LEU OB 171 -57.32 -11.67 38.69
C LEU OB 171 -56.46 -12.77 39.31
N SER OB 172 -55.66 -13.42 38.45
CA SER OB 172 -54.71 -14.42 38.88
C SER OB 172 -53.52 -14.39 37.93
N GLN OB 173 -52.36 -14.83 38.43
CA GLN OB 173 -51.12 -14.75 37.67
C GLN OB 173 -51.11 -15.79 36.56
N GLY OB 174 -50.90 -15.34 35.32
CA GLY OB 174 -50.85 -16.22 34.17
C GLY OB 174 -52.19 -16.54 33.55
N PHE OB 175 -53.29 -16.08 34.13
CA PHE OB 175 -54.63 -16.35 33.63
C PHE OB 175 -55.19 -15.13 32.94
N VAL OB 176 -56.17 -15.35 32.08
CA VAL OB 176 -56.78 -14.31 31.26
C VAL OB 176 -58.16 -14.00 31.81
N SER OB 177 -58.45 -12.71 32.00
CA SER OB 177 -59.76 -12.23 32.39
C SER OB 177 -60.28 -11.30 31.29
N SER OB 178 -61.52 -11.53 30.87
CA SER OB 178 -62.15 -10.73 29.82
C SER OB 178 -63.18 -9.82 30.44
N LEU OB 179 -63.11 -8.53 30.09
CA LEU OB 179 -64.05 -7.53 30.56
C LEU OB 179 -64.85 -7.00 29.38
N VAL OB 180 -66.17 -7.10 29.46
CA VAL OB 180 -67.07 -6.67 28.39
C VAL OB 180 -67.97 -5.57 28.94
N PHE OB 181 -68.15 -4.51 28.15
CA PHE OB 181 -68.87 -3.31 28.57
C PHE OB 181 -70.23 -3.26 27.90
N LEU OB 182 -71.27 -3.04 28.70
CA LEU OB 182 -72.63 -2.92 28.23
C LEU OB 182 -73.25 -1.64 28.78
N ASP OB 183 -74.31 -1.18 28.13
CA ASP OB 183 -75.05 -0.02 28.62
C ASP OB 183 -76.16 -0.47 29.57
N SER OB 184 -77.09 0.44 29.88
CA SER OB 184 -78.18 0.12 30.80
C SER OB 184 -79.18 -0.86 30.19
N THR OB 185 -79.41 -0.78 28.88
CA THR OB 185 -80.31 -1.73 28.23
C THR OB 185 -79.67 -3.10 28.06
N GLY OB 186 -78.35 -3.16 27.96
CA GLY OB 186 -77.65 -4.41 27.72
C GLY OB 186 -76.96 -4.50 26.38
N ALA OB 187 -77.05 -3.48 25.53
CA ALA OB 187 -76.35 -3.49 24.26
C ALA OB 187 -74.86 -3.21 24.48
N PRO OB 188 -73.99 -3.71 23.60
CA PRO OB 188 -72.55 -3.43 23.73
C PRO OB 188 -72.21 -1.96 23.56
N TRP OB 189 -71.20 -1.52 24.29
CA TRP OB 189 -70.71 -0.13 24.26
C TRP OB 189 -69.25 -0.13 23.87
N PRO OB 190 -68.90 0.32 22.66
CA PRO OB 190 -67.51 0.26 22.21
C PRO OB 190 -66.60 1.22 22.96
N ILE OB 191 -65.32 0.86 23.01
CA ILE OB 191 -64.30 1.56 23.79
C ILE OB 191 -63.57 2.53 22.88
N ALA OB 192 -63.33 3.74 23.36
CA ALA OB 192 -62.57 4.74 22.63
C ALA OB 192 -61.07 4.66 22.92
N ALA OB 193 -60.70 4.62 24.19
CA ALA OB 193 -59.30 4.57 24.61
C ALA OB 193 -59.23 4.02 26.03
N TYR OB 194 -58.03 3.66 26.44
CA TYR OB 194 -57.79 3.28 27.83
C TYR OB 194 -56.41 3.71 28.27
N ASP OB 195 -56.24 3.88 29.58
CA ASP OB 195 -54.99 4.30 30.19
C ASP OB 195 -54.72 3.41 31.38
N LEU OB 196 -53.59 2.71 31.37
CA LEU OB 196 -53.26 1.72 32.38
C LEU OB 196 -52.07 2.19 33.21
N GLY OB 197 -52.25 2.20 34.54
CA GLY OB 197 -51.14 2.41 35.44
C GLY OB 197 -50.48 1.09 35.82
N ASP OB 198 -49.18 1.15 36.07
CA ASP OB 198 -48.28 0.02 36.36
C ASP OB 198 -48.36 -1.04 35.27
N PRO OB 199 -47.76 -0.82 34.09
CA PRO OB 199 -47.79 -1.85 33.04
C PRO OB 199 -46.88 -3.04 33.31
N SER OB 200 -46.03 -3.00 34.33
CA SER OB 200 -45.18 -4.13 34.66
C SER OB 200 -45.93 -5.23 35.41
N SER OB 201 -47.13 -4.97 35.90
CA SER OB 201 -47.89 -5.97 36.62
C SER OB 201 -49.04 -6.55 35.81
N PHE OB 202 -49.52 -5.85 34.78
CA PHE OB 202 -50.65 -6.31 33.99
C PHE OB 202 -50.36 -6.14 32.50
N ASN OB 203 -50.97 -7.00 31.70
CA ASN OB 203 -50.84 -6.98 30.25
C ASN OB 203 -52.23 -7.01 29.64
N ILE OB 204 -52.50 -6.10 28.70
CA ILE OB 204 -53.83 -5.94 28.12
C ILE OB 204 -53.72 -6.09 26.61
N GLN OB 205 -54.57 -6.95 26.04
CA GLN OB 205 -54.71 -7.11 24.60
C GLN OB 205 -56.06 -6.57 24.16
N TRP OB 206 -56.06 -5.81 23.06
CA TRP OB 206 -57.27 -5.14 22.60
C TRP OB 206 -57.17 -4.87 21.11
N ASP OB 207 -58.10 -5.40 20.33
CA ASP OB 207 -58.30 -4.88 18.98
C ASP OB 207 -59.00 -3.54 19.06
N LYS OB 208 -58.60 -2.62 18.17
CA LYS OB 208 -58.85 -1.19 18.39
C LYS OB 208 -60.31 -0.77 18.18
N THR OB 209 -61.22 -1.70 17.88
CA THR OB 209 -62.60 -1.34 17.58
C THR OB 209 -63.64 -1.96 18.51
N SER OB 210 -63.32 -3.07 19.18
CA SER OB 210 -64.33 -3.84 19.90
C SER OB 210 -64.61 -3.23 21.27
N ASN OB 211 -65.38 -3.96 22.09
CA ASN OB 211 -65.77 -3.52 23.42
C ASN OB 211 -65.26 -4.46 24.51
N THR OB 212 -64.27 -5.30 24.21
CA THR OB 212 -63.77 -6.30 25.12
C THR OB 212 -62.29 -6.09 25.37
N LEU OB 213 -61.89 -6.05 26.63
CA LEU OB 213 -60.49 -6.03 27.03
C LEU OB 213 -60.14 -7.37 27.66
N MET OB 214 -58.92 -7.84 27.40
CA MET OB 214 -58.42 -9.10 27.95
C MET OB 214 -57.17 -8.81 28.74
N ILE OB 215 -57.26 -8.99 30.07
CA ILE OB 215 -56.22 -8.57 31.00
C ILE OB 215 -55.60 -9.81 31.62
N GLN OB 216 -54.26 -9.85 31.65
CA GLN OB 216 -53.51 -10.93 32.28
C GLN OB 216 -52.61 -10.34 33.36
N ALA OB 217 -52.58 -10.98 34.52
CA ALA OB 217 -51.72 -10.53 35.61
C ALA OB 217 -50.33 -11.15 35.48
N THR OB 218 -49.31 -10.34 35.75
CA THR OB 218 -47.92 -10.77 35.67
C THR OB 218 -47.33 -11.09 37.04
N LYS OB 219 -47.72 -10.37 38.07
CA LYS OB 219 -47.20 -10.57 39.42
C LYS OB 219 -48.26 -11.23 40.30
N LEU OB 220 -47.85 -11.57 41.53
CA LEU OB 220 -48.71 -12.33 42.43
C LEU OB 220 -49.66 -11.44 43.21
N TYR OB 221 -49.14 -10.40 43.87
CA TYR OB 221 -49.93 -9.65 44.84
C TYR OB 221 -49.89 -8.15 44.63
N ASN OB 222 -49.48 -7.66 43.46
CA ASN OB 222 -49.43 -6.24 43.20
C ASN OB 222 -50.72 -5.77 42.54
N TYR OB 223 -51.32 -4.72 43.09
CA TYR OB 223 -52.62 -4.25 42.64
C TYR OB 223 -52.53 -2.80 42.16
N GLY OB 224 -53.41 -2.45 41.23
CA GLY OB 224 -53.42 -1.12 40.65
C GLY OB 224 -54.78 -0.70 40.11
N ASN OB 225 -54.84 0.35 39.31
CA ASN OB 225 -56.10 0.82 38.75
C ASN OB 225 -56.00 0.97 37.25
N LEU OB 226 -57.10 1.39 36.63
CA LEU OB 226 -57.21 1.48 35.18
C LEU OB 226 -58.32 2.46 34.81
N ALA OB 227 -58.06 3.26 33.77
CA ALA OB 227 -59.02 4.24 33.26
C ALA OB 227 -59.48 3.82 31.87
N VAL OB 228 -60.79 3.76 31.66
CA VAL OB 228 -61.38 3.34 30.40
C VAL OB 228 -62.36 4.42 29.94
N ARG OB 229 -62.20 4.89 28.70
CA ARG OB 229 -63.08 5.88 28.10
C ARG OB 229 -63.93 5.22 27.03
N LEU OB 230 -65.25 5.38 27.14
CA LEU OB 230 -66.17 4.80 26.17
C LEU OB 230 -66.44 5.76 25.03
N ARG OB 231 -67.19 5.30 24.03
CA ARG OB 231 -67.34 6.05 22.79
C ARG OB 231 -68.24 7.27 22.97
N GLY OB 232 -69.36 7.12 23.65
CA GLY OB 232 -70.29 8.22 23.81
C GLY OB 232 -70.18 8.99 25.11
N LEU OB 233 -69.42 8.46 26.06
CA LEU OB 233 -69.33 9.07 27.39
C LEU OB 233 -68.23 10.11 27.47
N ASN OB 234 -68.46 11.10 28.32
CA ASN OB 234 -67.44 12.06 28.71
C ASN OB 234 -66.79 11.68 30.04
N THR OB 235 -67.54 11.01 30.91
CA THR OB 235 -67.01 10.58 32.19
C THR OB 235 -66.25 9.26 32.02
N PRO OB 236 -64.97 9.21 32.37
CA PRO OB 236 -64.24 7.93 32.30
C PRO OB 236 -64.66 6.98 33.41
N VAL OB 237 -64.48 5.69 33.14
CA VAL OB 237 -64.83 4.63 34.07
C VAL OB 237 -63.56 4.15 34.76
N MET OB 238 -63.55 4.17 36.09
CA MET OB 238 -62.38 3.83 36.87
C MET OB 238 -62.59 2.49 37.55
N LEU OB 239 -61.59 1.60 37.42
CA LEU OB 239 -61.64 0.25 37.96
C LEU OB 239 -60.42 0.03 38.83
N THR OB 240 -60.50 -0.96 39.73
CA THR OB 240 -59.34 -1.41 40.49
C THR OB 240 -59.15 -2.91 40.27
N LEU OB 241 -57.89 -3.34 40.23
CA LEU OB 241 -57.52 -4.68 39.83
C LEU OB 241 -56.66 -5.31 40.92
N ILE OB 242 -57.20 -6.32 41.61
CA ILE OB 242 -56.51 -6.99 42.70
C ILE OB 242 -56.35 -8.47 42.34
N PRO OB 243 -55.12 -8.97 42.22
CA PRO OB 243 -54.92 -10.41 42.01
C PRO OB 243 -54.66 -11.14 43.32
N GLY OB 244 -54.60 -12.47 43.21
CA GLY OB 244 -54.25 -13.31 44.34
C GLY OB 244 -55.34 -13.54 45.36
N GLN OB 245 -56.59 -13.55 44.94
CA GLN OB 245 -57.72 -13.71 45.85
C GLN OB 245 -58.20 -15.16 45.84
N LYS OB 246 -59.29 -15.41 46.57
CA LYS OB 246 -59.87 -16.75 46.63
C LYS OB 246 -60.77 -17.07 45.44
N ALA OB 247 -61.05 -16.10 44.59
CA ALA OB 247 -61.82 -16.31 43.36
C ALA OB 247 -61.13 -15.58 42.21
N VAL OB 248 -61.23 -16.16 41.02
CA VAL OB 248 -60.69 -15.56 39.82
C VAL OB 248 -61.84 -15.32 38.84
N ASP OB 249 -61.87 -14.13 38.26
CA ASP OB 249 -62.94 -13.74 37.35
C ASP OB 249 -62.55 -14.13 35.92
N TYR OB 250 -63.26 -15.10 35.36
CA TYR OB 250 -63.03 -15.45 33.96
C TYR OB 250 -63.67 -14.43 33.02
N ARG OB 251 -64.85 -13.92 33.38
CA ARG OB 251 -65.56 -12.95 32.57
C ARG OB 251 -66.38 -12.05 33.48
N VAL OB 252 -66.31 -10.75 33.26
CA VAL OB 252 -67.10 -9.77 34.00
C VAL OB 252 -67.97 -9.00 33.01
N ASP OB 253 -69.27 -8.96 33.28
CA ASP OB 253 -70.20 -8.13 32.53
C ASP OB 253 -70.45 -6.85 33.30
N LEU OB 254 -70.22 -5.71 32.67
CA LEU OB 254 -70.31 -4.42 33.33
C LEU OB 254 -71.44 -3.61 32.71
N ARG OB 255 -72.40 -3.18 33.54
CA ARG OB 255 -73.51 -2.34 33.11
C ARG OB 255 -73.18 -0.90 33.46
N VAL OB 256 -73.13 -0.04 32.44
CA VAL OB 256 -72.84 1.38 32.63
C VAL OB 256 -74.16 2.13 32.57
N GLN OB 257 -74.26 3.21 33.35
CA GLN OB 257 -75.53 3.86 33.65
C GLN OB 257 -76.16 4.52 32.44
N GLY OB 258 -75.37 5.07 31.53
CA GLY OB 258 -75.89 5.83 30.41
C GLY OB 258 -76.46 4.99 29.29
N TYR OB 259 -76.61 5.62 28.13
CA TYR OB 259 -77.10 4.97 26.92
C TYR OB 259 -76.05 5.08 25.83
N GLY OB 260 -75.70 3.96 25.22
CA GLY OB 260 -74.67 3.91 24.22
C GLY OB 260 -75.17 4.14 22.81
N PRO OB 261 -74.29 3.98 21.82
CA PRO OB 261 -74.72 4.12 20.42
C PRO OB 261 -75.65 3.01 19.94
N ASN OB 262 -75.72 1.89 20.65
CA ASN OB 262 -76.64 0.81 20.34
C ASN OB 262 -77.70 0.75 21.43
N ALA OB 263 -78.96 0.66 21.04
CA ALA OB 263 -80.05 0.63 22.00
C ALA OB 263 -81.27 -0.11 21.44
N ALA PB 104 -21.25 -58.86 44.50
CA ALA PB 104 -21.40 -58.34 43.14
C ALA PB 104 -22.89 -58.15 42.81
N GLU PB 105 -23.74 -58.27 43.83
CA GLU PB 105 -25.17 -58.22 43.61
C GLU PB 105 -25.82 -57.21 44.55
N VAL PB 106 -25.26 -57.02 45.75
CA VAL PB 106 -25.77 -56.03 46.69
C VAL PB 106 -25.11 -54.67 46.52
N ILE PB 107 -24.06 -54.57 45.70
CA ILE PB 107 -23.48 -53.27 45.35
C ILE PB 107 -24.44 -52.47 44.49
N ASP PB 108 -25.20 -53.15 43.63
CA ASP PB 108 -26.09 -52.47 42.69
C ASP PB 108 -27.26 -51.78 43.40
N LYS PB 109 -27.72 -52.34 44.52
CA LYS PB 109 -28.70 -51.61 45.33
C LYS PB 109 -28.07 -50.42 46.02
N LYS PB 110 -26.82 -50.57 46.47
CA LYS PB 110 -26.16 -49.46 47.18
C LYS PB 110 -25.83 -48.32 46.23
N ALA PB 111 -25.43 -48.62 45.00
CA ALA PB 111 -25.10 -47.57 44.05
C ALA PB 111 -26.35 -46.84 43.55
N PHE PB 112 -27.51 -47.48 43.60
CA PHE PB 112 -28.73 -46.88 43.07
C PHE PB 112 -29.26 -45.76 43.97
N LYS PB 113 -29.25 -45.97 45.29
CA LYS PB 113 -29.85 -44.99 46.19
C LYS PB 113 -28.99 -43.73 46.35
N ASP PB 114 -27.66 -43.85 46.35
CA ASP PB 114 -26.85 -42.64 46.46
C ASP PB 114 -26.82 -41.84 45.16
N MET PB 115 -27.07 -42.48 44.02
CA MET PB 115 -27.16 -41.71 42.78
C MET PB 115 -28.44 -40.91 42.73
N THR PB 116 -29.53 -41.45 43.28
CA THR PB 116 -30.80 -40.74 43.35
C THR PB 116 -30.71 -39.51 44.26
N ARG PB 117 -29.98 -39.64 45.37
CA ARG PB 117 -29.78 -38.50 46.27
C ARG PB 117 -28.90 -37.42 45.65
N ASN PB 118 -27.97 -37.80 44.79
CA ASN PB 118 -27.20 -36.79 44.06
C ASN PB 118 -28.00 -36.19 42.91
N LEU PB 119 -28.87 -36.97 42.28
CA LEU PB 119 -29.64 -36.46 41.14
C LEU PB 119 -30.77 -35.54 41.61
N TYR PB 120 -31.42 -35.89 42.73
CA TYR PB 120 -32.52 -35.10 43.27
C TYR PB 120 -32.21 -34.79 44.74
N PRO PB 121 -31.51 -33.69 45.02
CA PRO PB 121 -31.17 -33.37 46.42
C PRO PB 121 -32.36 -32.95 47.28
N LEU PB 122 -33.49 -32.61 46.67
CA LEU PB 122 -34.68 -32.19 47.41
C LEU PB 122 -35.78 -33.22 47.21
N ASN PB 123 -36.40 -33.63 48.32
CA ASN PB 123 -37.50 -34.56 48.29
C ASN PB 123 -38.75 -33.89 47.72
N PRO PB 124 -39.73 -34.67 47.25
CA PRO PB 124 -41.04 -34.08 46.92
C PRO PB 124 -41.74 -33.44 48.10
N GLU PB 125 -41.48 -33.91 49.32
CA GLU PB 125 -42.01 -33.27 50.52
C GLU PB 125 -41.33 -31.93 50.76
N GLN PB 126 -40.06 -31.80 50.35
CA GLN PB 126 -39.32 -30.57 50.56
C GLN PB 126 -39.52 -29.54 49.46
N VAL PB 127 -39.93 -29.98 48.26
CA VAL PB 127 -40.25 -29.04 47.18
C VAL PB 127 -41.52 -28.27 47.53
N VAL PB 128 -42.49 -28.96 48.14
CA VAL PB 128 -43.75 -28.33 48.55
C VAL PB 128 -43.52 -27.28 49.63
N LYS PB 129 -42.65 -27.58 50.62
CA LYS PB 129 -42.35 -26.62 51.66
C LYS PB 129 -41.55 -25.42 51.15
N LEU PB 130 -40.70 -25.63 50.15
CA LEU PB 130 -39.94 -24.53 49.57
C LEU PB 130 -40.83 -23.60 48.77
N LYS PB 131 -41.90 -24.12 48.15
CA LYS PB 131 -42.82 -23.26 47.41
C LYS PB 131 -43.65 -22.40 48.35
N GLN PB 132 -43.98 -22.91 49.54
CA GLN PB 132 -44.72 -22.11 50.51
C GLN PB 132 -43.85 -21.00 51.11
N ILE PB 133 -42.55 -21.26 51.25
CA ILE PB 133 -41.61 -20.24 51.73
C ILE PB 133 -41.49 -19.12 50.70
N TYR PB 134 -41.51 -19.48 49.41
CA TYR PB 134 -41.32 -18.48 48.35
C TYR PB 134 -42.52 -17.55 48.23
N GLU PB 135 -43.75 -18.08 48.28
CA GLU PB 135 -44.92 -17.23 48.13
C GLU PB 135 -45.22 -16.39 49.37
N THR PB 136 -44.81 -16.85 50.55
CA THR PB 136 -44.95 -16.03 51.75
C THR PB 136 -44.00 -14.83 51.70
N SER PB 137 -42.83 -15.01 51.08
CA SER PB 137 -41.86 -13.92 50.98
C SER PB 137 -42.34 -12.83 50.01
N GLU PB 138 -43.05 -13.21 48.95
CA GLU PB 138 -43.60 -12.22 48.04
C GLU PB 138 -44.81 -11.51 48.63
N TYR PB 139 -45.50 -12.15 49.57
CA TYR PB 139 -46.65 -11.51 50.21
C TYR PB 139 -46.21 -10.38 51.13
N ALA PB 140 -45.10 -10.57 51.85
CA ALA PB 140 -44.58 -9.51 52.70
C ALA PB 140 -43.90 -8.42 51.89
N LYS PB 141 -43.38 -8.75 50.70
CA LYS PB 141 -42.75 -7.75 49.85
C LYS PB 141 -43.75 -6.78 49.27
N ALA PB 142 -44.94 -7.25 48.89
CA ALA PB 142 -45.94 -6.44 48.25
C ALA PB 142 -46.90 -5.77 49.22
N ALA PB 143 -46.82 -6.09 50.51
CA ALA PB 143 -47.74 -5.53 51.48
C ALA PB 143 -47.40 -4.07 51.76
N THR PB 144 -48.46 -3.27 51.94
CA THR PB 144 -48.26 -1.85 52.18
C THR PB 144 -48.27 -1.54 53.67
N PRO PB 145 -47.35 -0.71 54.14
CA PRO PB 145 -47.39 -0.30 55.55
C PRO PB 145 -48.58 0.59 55.86
N GLY PB 146 -49.10 0.45 57.08
CA GLY PB 146 -50.28 1.19 57.47
C GLY PB 146 -51.52 0.67 56.75
N THR PB 147 -52.46 1.59 56.49
CA THR PB 147 -53.62 1.24 55.71
C THR PB 147 -53.54 1.85 54.31
N PRO PB 148 -54.05 1.15 53.29
CA PRO PB 148 -54.09 1.75 51.96
C PRO PB 148 -55.11 2.86 51.90
N PRO PB 149 -54.95 3.82 50.98
CA PRO PB 149 -55.92 4.91 50.88
C PRO PB 149 -57.25 4.45 50.30
N LYS PB 150 -58.30 5.18 50.65
CA LYS PB 150 -59.64 4.85 50.17
C LYS PB 150 -59.86 5.43 48.78
N PRO PB 151 -60.27 4.63 47.80
CA PRO PB 151 -60.56 5.17 46.46
C PRO PB 151 -61.91 5.87 46.46
N THR PB 152 -61.93 7.12 45.99
CA THR PB 152 -63.12 7.97 46.05
C THR PB 152 -63.29 8.73 44.75
N ALA PB 153 -64.50 9.20 44.53
CA ALA PB 153 -64.81 10.17 43.50
C ALA PB 153 -65.39 11.42 44.17
N THR PB 154 -64.98 12.59 43.70
CA THR PB 154 -65.36 13.85 44.32
C THR PB 154 -65.89 14.82 43.28
N SER PB 155 -66.46 15.92 43.77
CA SER PB 155 -66.98 16.99 42.92
C SER PB 155 -66.81 18.31 43.64
N GLN PB 156 -66.10 19.25 43.01
CA GLN PB 156 -65.80 20.54 43.61
C GLN PB 156 -66.26 21.68 42.70
N PHE PB 157 -66.48 22.83 43.31
CA PHE PB 157 -66.77 24.07 42.59
C PHE PB 157 -65.56 24.99 42.70
N VAL PB 158 -65.13 25.53 41.56
CA VAL PB 158 -63.92 26.34 41.48
C VAL PB 158 -64.34 27.79 41.30
N ASN PB 159 -63.93 28.65 42.23
CA ASN PB 159 -64.25 30.07 42.22
C ASN PB 159 -63.01 30.84 41.80
N LEU PB 160 -63.18 31.74 40.82
CA LEU PB 160 -62.08 32.53 40.30
C LEU PB 160 -61.97 33.90 40.96
N SER PB 161 -62.54 34.06 42.15
CA SER PB 161 -62.42 35.30 42.89
C SER PB 161 -61.00 35.45 43.45
N PRO PB 162 -60.55 36.69 43.68
CA PRO PB 162 -59.21 36.88 44.26
C PRO PB 162 -59.15 36.75 45.78
N GLY PB 163 -60.11 36.07 46.38
CA GLY PB 163 -60.04 35.82 47.81
C GLY PB 163 -60.03 34.36 48.18
N SER PB 164 -60.49 33.51 47.25
CA SER PB 164 -60.67 32.09 47.53
C SER PB 164 -59.33 31.35 47.44
N THR PB 165 -59.35 30.10 47.89
CA THR PB 165 -58.20 29.20 47.89
C THR PB 165 -58.27 28.25 46.70
N PRO PB 166 -57.13 27.90 46.11
CA PRO PB 166 -57.15 26.94 45.00
C PRO PB 166 -57.49 25.55 45.49
N PRO PB 167 -58.11 24.72 44.64
CA PRO PB 167 -58.53 23.39 45.08
C PRO PB 167 -57.38 22.40 45.19
N VAL PB 168 -57.66 21.32 45.91
CA VAL PB 168 -56.66 20.32 46.29
C VAL PB 168 -57.02 18.99 45.62
N ILE PB 169 -56.01 18.34 45.04
CA ILE PB 169 -56.16 17.02 44.43
C ILE PB 169 -55.31 16.03 45.20
N ARG PB 170 -55.90 14.92 45.61
CA ARG PB 170 -55.21 13.89 46.38
C ARG PB 170 -54.75 12.79 45.43
N LEU PB 171 -53.47 12.43 45.51
CA LEU PB 171 -52.84 11.51 44.58
C LEU PB 171 -52.21 10.34 45.35
N SER PB 172 -51.75 9.35 44.60
CA SER PB 172 -51.04 8.21 45.16
C SER PB 172 -50.03 7.72 44.14
N GLN PB 173 -48.93 7.15 44.65
CA GLN PB 173 -47.82 6.75 43.80
C GLN PB 173 -48.17 5.52 42.98
N GLY PB 174 -48.06 5.65 41.65
CA GLY PB 174 -48.37 4.57 40.75
C GLY PB 174 -49.82 4.48 40.33
N PHE PB 175 -50.70 5.32 40.87
CA PHE PB 175 -52.12 5.30 40.57
C PHE PB 175 -52.47 6.46 39.65
N VAL PB 176 -53.59 6.31 38.95
CA VAL PB 176 -54.04 7.27 37.95
C VAL PB 176 -55.22 8.06 38.52
N SER PB 177 -55.16 9.37 38.41
CA SER PB 177 -56.27 10.25 38.74
C SER PB 177 -56.70 11.00 37.48
N SER PB 178 -58.00 11.04 37.23
CA SER PB 178 -58.55 11.72 36.06
C SER PB 178 -59.27 12.99 36.50
N LEU PB 179 -58.97 14.09 35.82
CA LEU PB 179 -59.59 15.38 36.10
C LEU PB 179 -60.45 15.78 34.92
N VAL PB 180 -61.71 16.11 35.18
CA VAL PB 180 -62.65 16.50 34.13
C VAL PB 180 -63.17 17.89 34.45
N PHE PB 181 -63.18 18.76 33.43
CA PHE PB 181 -63.50 20.17 33.59
C PHE PB 181 -64.88 20.45 33.02
N LEU PB 182 -65.73 21.09 33.83
CA LEU PB 182 -67.09 21.45 33.45
C LEU PB 182 -67.34 22.91 33.75
N ASP PB 183 -68.33 23.49 33.08
CA ASP PB 183 -68.73 24.87 33.35
C ASP PB 183 -69.79 24.88 34.45
N SER PB 184 -70.45 26.03 34.64
CA SER PB 184 -71.45 26.17 35.70
C SER PB 184 -72.71 25.38 35.40
N THR PB 185 -73.07 25.23 34.12
CA THR PB 185 -74.24 24.42 33.78
C THR PB 185 -73.96 22.93 33.90
N GLY PB 186 -72.73 22.50 33.67
CA GLY PB 186 -72.37 21.10 33.69
C GLY PB 186 -71.90 20.55 32.36
N ALA PB 187 -71.85 21.36 31.30
CA ALA PB 187 -71.34 20.89 30.03
C ALA PB 187 -69.81 20.83 30.07
N PRO PB 188 -69.20 19.95 29.27
CA PRO PB 188 -67.73 19.89 29.22
C PRO PB 188 -67.09 21.15 28.66
N TRP PB 189 -65.91 21.46 29.20
CA TRP PB 189 -65.14 22.64 28.81
C TRP PB 189 -63.77 22.20 28.30
N PRO PB 190 -63.50 22.30 27.00
CA PRO PB 190 -62.22 21.81 26.47
C PRO PB 190 -61.03 22.66 26.92
N ILE PB 191 -59.87 22.00 26.97
CA ILE PB 191 -58.64 22.57 27.50
C ILE PB 191 -57.81 23.11 26.35
N ALA PB 192 -57.30 24.33 26.51
CA ALA PB 192 -56.42 24.94 25.53
C ALA PB 192 -54.96 24.51 25.72
N ALA PB 193 -54.44 24.64 26.94
CA ALA PB 193 -53.06 24.29 27.25
C ALA PB 193 -52.94 24.05 28.75
N TYR PB 194 -51.78 23.53 29.16
CA TYR PB 194 -51.46 23.41 30.57
C TYR PB 194 -49.97 23.61 30.78
N ASP PB 195 -49.61 23.95 32.02
CA ASP PB 195 -48.22 24.19 32.42
C ASP PB 195 -48.00 23.52 33.76
N LEU PB 196 -47.07 22.57 33.80
CA LEU PB 196 -46.83 21.75 34.99
C LEU PB 196 -45.47 22.07 35.59
N GLY PB 197 -45.46 22.40 36.88
CA GLY PB 197 -44.22 22.51 37.62
C GLY PB 197 -43.83 21.16 38.22
N ASP PB 198 -42.51 20.95 38.33
CA ASP PB 198 -41.85 19.73 38.81
C ASP PB 198 -42.31 18.49 38.03
N PRO PB 199 -41.83 18.29 36.80
CA PRO PB 199 -42.22 17.08 36.05
C PRO PB 199 -41.58 15.80 36.57
N SER PB 200 -40.61 15.88 37.49
CA SER PB 200 -40.01 14.67 38.06
C SER PB 200 -40.91 13.97 39.06
N SER PB 201 -41.97 14.62 39.53
CA SER PB 201 -42.87 14.03 40.51
C SER PB 201 -44.20 13.60 39.94
N PHE PB 202 -44.62 14.15 38.80
CA PHE PB 202 -45.92 13.85 38.23
C PHE PB 202 -45.80 13.61 36.73
N ASN PB 203 -46.70 12.78 36.20
CA ASN PB 203 -46.76 12.47 34.78
C ASN PB 203 -48.18 12.68 34.30
N ILE PB 204 -48.33 13.41 33.20
CA ILE PB 204 -49.64 13.80 32.67
C ILE PB 204 -49.77 13.30 31.24
N GLN PB 205 -50.86 12.59 30.96
CA GLN PB 205 -51.21 12.16 29.61
C GLN PB 205 -52.45 12.91 29.14
N TRP PB 206 -52.43 13.36 27.89
CA TRP PB 206 -53.52 14.18 27.36
C TRP PB 206 -53.53 14.09 25.84
N ASP PB 207 -54.64 13.65 25.27
CA ASP PB 207 -54.89 13.90 23.86
C ASP PB 207 -55.24 15.36 23.67
N LYS PB 208 -54.74 15.95 22.58
CA LYS PB 208 -54.61 17.40 22.50
C LYS PB 208 -55.93 18.14 22.26
N THR PB 209 -57.08 17.47 22.29
CA THR PB 209 -58.36 18.11 22.03
C THR PB 209 -59.38 17.97 23.15
N SER PB 210 -59.26 16.97 24.02
CA SER PB 210 -60.32 16.63 24.96
C SER PB 210 -60.29 17.56 26.18
N ASN PB 211 -61.12 17.24 27.18
CA ASN PB 211 -61.22 18.04 28.39
C ASN PB 211 -60.81 17.26 29.63
N THR PB 212 -60.05 16.17 29.46
CA THR PB 212 -59.70 15.28 30.55
C THR PB 212 -58.18 15.14 30.63
N LEU PB 213 -57.62 15.39 31.82
CA LEU PB 213 -56.23 15.13 32.11
C LEU PB 213 -56.12 13.91 33.03
N MET PB 214 -55.10 13.10 32.80
CA MET PB 214 -54.85 11.90 33.61
C MET PB 214 -53.47 12.01 34.21
N ILE PB 215 -53.41 12.13 35.54
CA ILE PB 215 -52.19 12.46 36.26
C ILE PB 215 -51.79 11.28 37.13
N GLN PB 216 -50.53 10.88 37.05
CA GLN PB 216 -49.98 9.81 37.86
C GLN PB 216 -48.82 10.38 38.69
N ALA PB 217 -48.81 10.06 39.99
CA ALA PB 217 -47.74 10.49 40.87
C ALA PB 217 -46.56 9.53 40.78
N THR PB 218 -45.35 10.09 40.78
CA THR PB 218 -44.12 9.30 40.67
C THR PB 218 -43.43 9.12 42.01
N LYS PB 219 -43.50 10.10 42.90
CA LYS PB 219 -42.85 10.06 44.19
C LYS PB 219 -43.89 9.89 45.30
N LEU PB 220 -43.38 9.74 46.53
CA LEU PB 220 -44.25 9.40 47.65
C LEU PB 220 -44.88 10.64 48.29
N TYR PB 221 -44.08 11.64 48.63
CA TYR PB 221 -44.57 12.75 49.46
C TYR PB 221 -44.21 14.12 48.90
N ASN PB 222 -43.86 14.22 47.62
CA ASN PB 222 -43.49 15.51 47.02
C ASN PB 222 -44.70 16.14 46.34
N TYR PB 223 -44.97 17.40 46.65
CA TYR PB 223 -46.17 18.08 46.20
C TYR PB 223 -45.83 19.34 45.41
N GLY PB 224 -46.71 19.71 44.49
CA GLY PB 224 -46.49 20.85 43.62
C GLY PB 224 -47.77 21.51 43.14
N ASN PB 225 -47.70 22.32 42.07
CA ASN PB 225 -48.88 22.97 41.53
C ASN PB 225 -48.94 22.81 40.02
N LEU PB 226 -50.04 23.26 39.44
CA LEU PB 226 -50.32 23.10 38.02
C LEU PB 226 -51.23 24.21 37.54
N ALA PB 227 -50.96 24.72 36.34
CA ALA PB 227 -51.79 25.76 35.71
C ALA PB 227 -52.46 25.18 34.48
N VAL PB 228 -53.78 25.40 34.38
CA VAL PB 228 -54.59 24.88 33.28
C VAL PB 228 -55.35 26.04 32.65
N ARG PB 229 -55.26 26.18 31.33
CA ARG PB 229 -55.94 27.23 30.59
C ARG PB 229 -57.04 26.60 29.74
N LEU PB 230 -58.26 27.14 29.86
CA LEU PB 230 -59.40 26.63 29.12
C LEU PB 230 -59.58 27.40 27.82
N ARG PB 231 -60.55 26.99 27.02
CA ARG PB 231 -60.70 27.54 25.67
C ARG PB 231 -61.27 28.95 25.68
N GLY PB 232 -62.29 29.19 26.50
CA GLY PB 232 -62.94 30.48 26.49
C GLY PB 232 -62.49 31.44 27.56
N LEU PB 233 -61.73 30.94 28.53
CA LEU PB 233 -61.32 31.76 29.67
C LEU PB 233 -60.01 32.47 29.42
N ASN PB 234 -59.88 33.67 29.99
CA ASN PB 234 -58.62 34.37 30.06
C ASN PB 234 -57.91 34.12 31.38
N THR PB 235 -58.67 33.87 32.45
CA THR PB 235 -58.10 33.58 33.75
C THR PB 235 -57.67 32.12 33.82
N PRO PB 236 -56.41 31.83 34.09
CA PRO PB 236 -55.99 30.42 34.25
C PRO PB 236 -56.46 29.85 35.58
N VAL PB 237 -56.60 28.53 35.60
CA VAL PB 237 -57.04 27.80 36.78
C VAL PB 237 -55.83 27.17 37.45
N MET PB 238 -55.65 27.45 38.73
CA MET PB 238 -54.50 26.99 39.49
C MET PB 238 -54.92 25.92 40.48
N LEU PB 239 -54.18 24.81 40.49
CA LEU PB 239 -54.48 23.67 41.34
C LEU PB 239 -53.23 23.31 42.15
N THR PB 240 -53.43 22.60 43.26
CA THR PB 240 -52.32 22.03 44.00
C THR PB 240 -52.51 20.52 44.10
N LEU PB 241 -51.40 19.78 44.10
CA LEU PB 241 -51.40 18.32 43.99
C LEU PB 241 -50.58 17.75 45.13
N ILE PB 242 -51.24 17.11 46.10
CA ILE PB 242 -50.58 16.54 47.26
C ILE PB 242 -50.80 15.02 47.25
N PRO PB 243 -49.74 14.21 47.17
CA PRO PB 243 -49.89 12.77 47.31
C PRO PB 243 -49.66 12.29 48.75
N GLY PB 244 -49.92 11.00 48.95
CA GLY PB 244 -49.63 10.36 50.21
C GLY PB 244 -50.61 10.63 51.33
N GLN PB 245 -51.90 10.81 51.01
CA GLN PB 245 -52.91 11.11 52.00
C GLN PB 245 -53.69 9.85 52.37
N LYS PB 246 -54.68 10.01 53.25
CA LYS PB 246 -55.54 8.90 53.64
C LYS PB 246 -56.62 8.59 52.61
N ALA PB 247 -56.79 9.43 51.59
CA ALA PB 247 -57.74 9.17 50.51
C ALA PB 247 -57.07 9.45 49.18
N VAL PB 248 -57.47 8.69 48.17
CA VAL PB 248 -56.96 8.88 46.81
C VAL PB 248 -58.15 9.21 45.90
N ASP PB 249 -57.98 10.22 45.06
CA ASP PB 249 -59.03 10.67 44.17
C ASP PB 249 -58.91 9.92 42.86
N TYR PB 250 -59.89 9.05 42.58
CA TYR PB 250 -59.93 8.39 41.28
C TYR PB 250 -60.44 9.32 40.20
N ARG PB 251 -61.43 10.14 40.52
CA ARG PB 251 -62.01 11.07 39.56
C ARG PB 251 -62.50 12.30 40.31
N VAL PB 252 -62.14 13.48 39.81
CA VAL PB 252 -62.62 14.75 40.35
C VAL PB 252 -63.38 15.47 39.27
N ASP PB 253 -64.61 15.87 39.58
CA ASP PB 253 -65.43 16.70 38.71
C ASP PB 253 -65.25 18.15 39.15
N LEU PB 254 -64.81 19.01 38.24
CA LEU PB 254 -64.51 20.40 38.56
C LEU PB 254 -65.51 21.31 37.87
N ARG PB 255 -66.19 22.15 38.66
CA ARG PB 255 -67.15 23.12 38.16
C ARG PB 255 -66.48 24.50 38.13
N VAL PB 256 -66.37 25.08 36.94
CA VAL PB 256 -65.74 26.38 36.76
C VAL PB 256 -66.85 27.41 36.63
N GLN PB 257 -66.58 28.62 37.13
CA GLN PB 257 -67.61 29.63 37.36
C GLN PB 257 -68.24 30.16 36.08
N GLY PB 258 -67.48 30.28 35.01
CA GLY PB 258 -67.95 30.90 33.79
C GLY PB 258 -68.85 30.01 32.95
N TYR PB 259 -69.00 30.40 31.68
CA TYR PB 259 -69.80 29.66 30.70
C TYR PB 259 -68.90 29.27 29.54
N GLY PB 260 -68.92 27.98 29.19
CA GLY PB 260 -68.06 27.46 28.16
C GLY PB 260 -68.67 27.53 26.78
N PRO PB 261 -67.99 26.93 25.79
CA PRO PB 261 -68.55 26.89 24.43
C PRO PB 261 -69.77 26.00 24.29
N ASN PB 262 -69.99 25.08 25.22
CA ASN PB 262 -71.21 24.26 25.26
C ASN PB 262 -72.04 24.69 26.46
N ALA PB 263 -73.33 24.88 26.24
CA ALA PB 263 -74.23 25.32 27.30
C ALA PB 263 -75.66 24.84 27.05
N ALA QB 104 -28.84 -19.43 68.48
CA ALA QB 104 -29.19 -19.46 67.07
C ALA QB 104 -30.49 -18.68 66.81
N GLU QB 105 -30.96 -17.97 67.84
CA GLU QB 105 -32.24 -17.29 67.76
C GLU QB 105 -32.10 -15.83 68.15
N VAL QB 106 -31.18 -15.51 69.06
CA VAL QB 106 -30.94 -14.12 69.46
C VAL QB 106 -29.88 -13.45 68.62
N ILE QB 107 -29.18 -14.19 67.76
CA ILE QB 107 -28.25 -13.60 66.81
C ILE QB 107 -29.00 -12.79 65.75
N ASP QB 108 -30.20 -13.26 65.36
CA ASP QB 108 -30.96 -12.62 64.29
C ASP QB 108 -31.47 -11.23 64.69
N LYS QB 109 -31.77 -11.02 65.98
CA LYS QB 109 -32.09 -9.67 66.43
C LYS QB 109 -30.85 -8.79 66.42
N LYS QB 110 -29.69 -9.33 66.79
CA LYS QB 110 -28.48 -8.53 66.84
C LYS QB 110 -28.01 -8.13 65.45
N ALA QB 111 -28.15 -9.02 64.47
CA ALA QB 111 -27.73 -8.68 63.11
C ALA QB 111 -28.70 -7.71 62.44
N PHE QB 112 -29.95 -7.68 62.87
CA PHE QB 112 -30.94 -6.79 62.24
C PHE QB 112 -30.73 -5.34 62.62
N LYS QB 113 -30.45 -5.06 63.90
CA LYS QB 113 -30.26 -3.68 64.33
C LYS QB 113 -28.94 -3.09 63.83
N ASP QB 114 -27.90 -3.90 63.71
CA ASP QB 114 -26.64 -3.36 63.19
C ASP QB 114 -26.70 -3.13 61.68
N MET QB 115 -27.50 -3.93 60.95
CA MET QB 115 -27.64 -3.71 59.51
C MET QB 115 -28.40 -2.43 59.21
N THR QB 116 -29.40 -2.11 60.02
CA THR QB 116 -30.18 -0.89 59.84
C THR QB 116 -29.34 0.36 60.09
N ARG QB 117 -28.38 0.27 61.01
CA ARG QB 117 -27.51 1.41 61.28
C ARG QB 117 -26.51 1.66 60.15
N ASN QB 118 -26.08 0.61 59.46
CA ASN QB 118 -25.24 0.81 58.28
C ASN QB 118 -26.06 1.27 57.07
N LEU QB 119 -27.31 0.83 56.96
CA LEU QB 119 -28.11 1.20 55.81
C LEU QB 119 -28.58 2.65 55.88
N TYR QB 120 -28.95 3.11 57.07
CA TYR QB 120 -29.42 4.48 57.29
C TYR QB 120 -28.59 5.10 58.42
N PRO QB 121 -27.45 5.72 58.11
CA PRO QB 121 -26.62 6.31 59.17
C PRO QB 121 -27.21 7.55 59.82
N LEU QB 122 -28.23 8.16 59.22
CA LEU QB 122 -28.86 9.35 59.76
C LEU QB 122 -30.28 9.04 60.19
N ASN QB 123 -30.65 9.46 61.40
CA ASN QB 123 -31.98 9.28 61.93
C ASN QB 123 -32.98 10.18 61.20
N PRO QB 124 -34.28 9.86 61.27
CA PRO QB 124 -35.29 10.83 60.80
C PRO QB 124 -35.26 12.16 61.54
N GLU QB 125 -34.87 12.15 62.82
CA GLU QB 125 -34.63 13.41 63.53
C GLU QB 125 -33.45 14.15 62.95
N GLN QB 126 -32.37 13.43 62.61
CA GLN QB 126 -31.16 14.05 62.10
C GLN QB 126 -31.28 14.52 60.66
N VAL QB 127 -32.17 13.92 59.88
CA VAL QB 127 -32.43 14.41 58.52
C VAL QB 127 -33.13 15.76 58.58
N VAL QB 128 -34.05 15.92 59.53
CA VAL QB 128 -34.78 17.18 59.71
C VAL QB 128 -33.84 18.30 60.16
N LYS QB 129 -32.92 18.00 61.09
CA LYS QB 129 -31.97 18.99 61.56
C LYS QB 129 -30.96 19.38 60.49
N LEU QB 130 -30.64 18.47 59.58
CA LEU QB 130 -29.70 18.79 58.51
C LEU QB 130 -30.32 19.70 57.46
N LYS QB 131 -31.63 19.58 57.23
CA LYS QB 131 -32.29 20.45 56.26
C LYS QB 131 -32.40 21.88 56.76
N GLN QB 132 -32.48 22.08 58.07
CA GLN QB 132 -32.48 23.43 58.62
C GLN QB 132 -31.10 24.08 58.53
N ILE QB 133 -30.04 23.27 58.67
CA ILE QB 133 -28.68 23.80 58.52
C ILE QB 133 -28.42 24.22 57.09
N TYR QB 134 -28.94 23.45 56.12
CA TYR QB 134 -28.68 23.71 54.71
C TYR QB 134 -29.38 25.00 54.25
N GLU QB 135 -30.62 25.22 54.66
CA GLU QB 135 -31.34 26.41 54.23
C GLU QB 135 -30.91 27.66 54.97
N THR QB 136 -30.41 27.54 56.20
CA THR QB 136 -29.85 28.70 56.89
C THR QB 136 -28.55 29.15 56.24
N SER QB 137 -27.78 28.19 55.69
CA SER QB 137 -26.56 28.54 54.98
C SER QB 137 -26.85 29.26 53.66
N GLU QB 138 -27.96 28.91 53.00
CA GLU QB 138 -28.32 29.62 51.77
C GLU QB 138 -28.88 31.01 52.07
N TYR QB 139 -29.46 31.21 53.24
CA TYR QB 139 -30.01 32.52 53.60
C TYR QB 139 -28.90 33.52 53.85
N ALA QB 140 -27.79 33.09 54.46
CA ALA QB 140 -26.66 33.97 54.69
C ALA QB 140 -25.87 34.21 53.40
N LYS QB 141 -25.91 33.27 52.46
CA LYS QB 141 -25.20 33.43 51.20
C LYS QB 141 -25.85 34.49 50.32
N ALA QB 142 -27.18 34.54 50.31
CA ALA QB 142 -27.92 35.44 49.43
C ALA QB 142 -28.20 36.80 50.05
N ALA QB 143 -27.89 36.99 51.33
CA ALA QB 143 -28.16 38.26 51.99
C ALA QB 143 -27.19 39.34 51.51
N THR QB 144 -27.70 40.55 51.37
CA THR QB 144 -26.85 41.63 50.89
C THR QB 144 -26.29 42.43 52.06
N PRO QB 145 -25.02 42.81 52.00
CA PRO QB 145 -24.45 43.66 53.05
C PRO QB 145 -25.04 45.06 53.02
N GLY QB 146 -25.15 45.66 54.20
CA GLY QB 146 -25.77 46.96 54.32
C GLY QB 146 -27.27 46.89 54.05
N THR QB 147 -27.78 47.95 53.44
CA THR QB 147 -29.18 47.97 53.03
C THR QB 147 -29.30 47.91 51.51
N PRO QB 148 -30.34 47.25 50.99
CA PRO QB 148 -30.56 47.27 49.55
C PRO QB 148 -31.02 48.65 49.09
N PRO QB 149 -30.78 49.01 47.83
CA PRO QB 149 -31.21 50.32 47.35
C PRO QB 149 -32.71 50.40 47.17
N LYS QB 150 -33.21 51.63 47.21
CA LYS QB 150 -34.64 51.88 47.06
C LYS QB 150 -35.01 51.91 45.58
N PRO QB 151 -35.96 51.10 45.12
CA PRO QB 151 -36.39 51.17 43.71
C PRO QB 151 -37.29 52.37 43.48
N THR QB 152 -36.94 53.19 42.49
CA THR QB 152 -37.62 54.45 42.25
C THR QB 152 -37.85 54.66 40.77
N ALA QB 153 -38.80 55.54 40.46
CA ALA QB 153 -38.99 56.08 39.12
C ALA QB 153 -38.79 57.59 39.19
N THR QB 154 -38.07 58.14 38.21
CA THR QB 154 -37.72 59.56 38.22
C THR QB 154 -38.10 60.20 36.89
N SER QB 155 -37.94 61.52 36.84
CA SER QB 155 -38.24 62.29 35.64
C SER QB 155 -37.35 63.54 35.64
N GLN QB 156 -36.53 63.69 34.61
CA GLN QB 156 -35.59 64.80 34.51
C GLN QB 156 -35.79 65.56 33.22
N PHE QB 157 -35.35 66.82 33.23
CA PHE QB 157 -35.32 67.67 32.04
C PHE QB 157 -33.87 67.82 31.60
N VAL QB 158 -33.62 67.62 30.31
CA VAL QB 158 -32.27 67.62 29.76
C VAL QB 158 -32.08 68.92 28.97
N ASN QB 159 -31.09 69.70 29.38
CA ASN QB 159 -30.78 70.98 28.75
C ASN QB 159 -29.54 70.81 27.87
N LEU QB 160 -29.64 71.29 26.64
CA LEU QB 160 -28.55 71.18 25.67
C LEU QB 160 -27.71 72.45 25.60
N SER QB 161 -27.76 73.30 26.62
CA SER QB 161 -26.92 74.48 26.68
C SER QB 161 -25.48 74.09 26.97
N PRO QB 162 -24.51 74.93 26.56
CA PRO QB 162 -23.10 74.63 26.85
C PRO QB 162 -22.64 75.03 28.24
N GLY QB 163 -23.57 75.21 29.18
CA GLY QB 163 -23.18 75.49 30.56
C GLY QB 163 -23.67 74.46 31.55
N SER QB 164 -24.65 73.66 31.14
CA SER QB 164 -25.30 72.73 32.04
C SER QB 164 -24.46 71.46 32.21
N THR QB 165 -24.85 70.64 33.19
CA THR QB 165 -24.24 69.38 33.53
C THR QB 165 -25.04 68.23 32.94
N PRO QB 166 -24.36 67.17 32.47
CA PRO QB 166 -25.09 66.01 31.94
C PRO QB 166 -25.82 65.27 33.04
N PRO QB 167 -26.95 64.63 32.73
CA PRO QB 167 -27.74 63.96 33.77
C PRO QB 167 -27.13 62.64 34.22
N VAL QB 168 -27.57 62.22 35.41
CA VAL QB 168 -27.00 61.08 36.13
C VAL QB 168 -28.04 59.97 36.19
N ILE QB 169 -27.62 58.74 35.89
CA ILE QB 169 -28.45 57.56 36.02
C ILE QB 169 -27.87 56.67 37.12
N ARG QB 170 -28.70 56.25 38.06
CA ARG QB 170 -28.30 55.38 39.15
C ARG QB 170 -28.64 53.94 38.82
N LEU QB 171 -27.67 53.05 38.97
CA LEU QB 171 -27.76 51.67 38.50
C LEU QB 171 -27.48 50.70 39.65
N SER QB 172 -27.68 49.42 39.39
CA SER QB 172 -27.35 48.36 40.33
C SER QB 172 -26.91 47.14 39.57
N GLN QB 173 -26.08 46.31 40.21
CA GLN QB 173 -25.50 45.15 39.56
C GLN QB 173 -26.54 44.05 39.41
N GLY QB 174 -26.78 43.62 38.17
CA GLY QB 174 -27.74 42.58 37.89
C GLY QB 174 -29.16 43.05 37.68
N PHE QB 175 -29.44 44.33 37.89
CA PHE QB 175 -30.77 44.88 37.73
C PHE QB 175 -30.89 45.65 36.42
N VAL QB 176 -32.13 45.82 35.97
CA VAL QB 176 -32.43 46.42 34.68
C VAL QB 176 -33.00 47.82 34.90
N SER QB 177 -32.46 48.80 34.18
CA SER QB 177 -32.98 50.16 34.17
C SER QB 177 -33.43 50.50 32.76
N SER QB 178 -34.63 51.04 32.64
CA SER QB 178 -35.18 51.43 31.34
C SER QB 178 -35.13 52.95 31.21
N LEU QB 179 -34.60 53.42 30.08
CA LEU QB 179 -34.52 54.85 29.78
C LEU QB 179 -35.40 55.15 28.59
N VAL QB 180 -36.32 56.10 28.76
CA VAL QB 180 -37.25 56.50 27.70
C VAL QB 180 -37.06 57.99 27.41
N PHE QB 181 -36.98 58.32 26.12
CA PHE QB 181 -36.68 59.66 25.66
C PHE QB 181 -37.95 60.34 25.17
N LEU QB 182 -38.24 61.51 25.69
CA LEU QB 182 -39.40 62.30 25.31
C LEU QB 182 -38.96 63.71 24.94
N ASP QB 183 -39.80 64.40 24.17
CA ASP QB 183 -39.50 65.77 23.78
C ASP QB 183 -40.07 66.75 24.82
N SER QB 184 -40.10 68.03 24.47
CA SER QB 184 -40.58 69.05 25.41
C SER QB 184 -42.09 68.97 25.61
N THR QB 185 -42.83 68.57 24.59
CA THR QB 185 -44.27 68.40 24.74
C THR QB 185 -44.62 67.13 25.49
N GLY QB 186 -43.78 66.10 25.41
CA GLY QB 186 -44.05 64.82 26.05
C GLY QB 186 -44.23 63.67 25.09
N ALA QB 187 -44.15 63.88 23.78
CA ALA QB 187 -44.27 62.79 22.83
C ALA QB 187 -42.95 62.00 22.76
N PRO QB 188 -43.01 60.72 22.42
CA PRO QB 188 -41.77 59.94 22.28
C PRO QB 188 -40.88 60.42 21.14
N TRP QB 189 -39.58 60.28 21.36
CA TRP QB 189 -38.56 60.67 20.38
C TRP QB 189 -37.71 59.46 20.03
N PRO QB 190 -37.82 58.92 18.81
CA PRO QB 190 -37.08 57.68 18.47
C PRO QB 190 -35.58 57.91 18.36
N ILE QB 191 -34.84 56.84 18.64
CA ILE QB 191 -33.39 56.87 18.72
C ILE QB 191 -32.81 56.45 17.38
N ALA QB 192 -31.80 57.18 16.90
CA ALA QB 192 -31.11 56.83 15.67
C ALA QB 192 -29.94 55.88 15.90
N ALA QB 193 -29.08 56.18 16.87
CA ALA QB 193 -27.90 55.38 17.16
C ALA QB 193 -27.44 55.67 18.58
N TYR QB 194 -26.55 54.83 19.09
CA TYR QB 194 -25.89 55.11 20.36
C TYR QB 194 -24.47 54.59 20.34
N ASP QB 195 -23.65 55.16 21.23
CA ASP QB 195 -22.24 54.81 21.35
C ASP QB 195 -21.92 54.66 22.83
N LEU QB 196 -21.47 53.48 23.23
CA LEU QB 196 -21.25 53.16 24.64
C LEU QB 196 -19.76 52.94 24.90
N GLY QB 197 -19.22 53.66 25.87
CA GLY QB 197 -17.89 53.39 26.37
C GLY QB 197 -17.91 52.39 27.50
N ASP QB 198 -16.82 51.62 27.60
CA ASP QB 198 -16.61 50.51 28.54
C ASP QB 198 -17.74 49.48 28.47
N PRO QB 199 -17.78 48.64 27.43
CA PRO QB 199 -18.83 47.61 27.37
C PRO QB 199 -18.65 46.46 28.34
N SER QB 200 -17.53 46.36 29.05
CA SER QB 200 -17.34 45.32 30.05
C SER QB 200 -18.08 45.59 31.35
N SER QB 201 -18.57 46.81 31.55
CA SER QB 201 -19.28 47.16 32.77
C SER QB 201 -20.79 47.24 32.59
N PHE QB 202 -21.28 47.47 31.37
CA PHE QB 202 -22.69 47.67 31.13
C PHE QB 202 -23.14 46.87 29.91
N ASN QB 203 -24.41 46.48 29.91
CA ASN QB 203 -25.03 45.75 28.82
C ASN QB 203 -26.32 46.45 28.44
N ILE QB 204 -26.49 46.72 27.14
CA ILE QB 204 -27.64 47.47 26.64
C ILE QB 204 -28.38 46.63 25.60
N GLN QB 205 -29.69 46.46 25.79
CA GLN QB 205 -30.57 45.80 24.84
C GLN QB 205 -31.47 46.84 24.20
N TRP QB 206 -31.63 46.75 22.88
CA TRP QB 206 -32.40 47.74 22.13
C TRP QB 206 -32.89 47.13 20.83
N ASP QB 207 -34.21 47.10 20.64
CA ASP QB 207 -34.74 46.88 19.31
C ASP QB 207 -34.49 48.11 18.45
N LYS QB 208 -34.21 47.88 17.17
CA LYS QB 208 -33.54 48.89 16.35
C LYS QB 208 -34.41 50.08 15.95
N THR QB 209 -35.67 50.14 16.39
CA THR QB 209 -36.58 51.21 15.98
C THR QB 209 -37.17 52.02 17.12
N SER QB 210 -37.22 51.50 18.34
CA SER QB 210 -37.99 52.12 19.41
C SER QB 210 -37.21 53.27 20.04
N ASN QB 211 -37.75 53.83 21.13
CA ASN QB 211 -37.14 54.96 21.83
C ASN QB 211 -36.73 54.60 23.25
N THR QB 212 -36.62 53.32 23.57
CA THR QB 212 -36.33 52.87 24.93
C THR QB 212 -35.06 52.04 24.94
N LEU QB 213 -34.13 52.39 25.81
CA LEU QB 213 -32.94 51.61 26.07
C LEU QB 213 -33.07 50.92 27.43
N MET QB 214 -32.58 49.69 27.52
CA MET QB 214 -32.59 48.93 28.76
C MET QB 214 -31.16 48.55 29.12
N ILE QB 215 -30.66 49.11 30.21
CA ILE QB 215 -29.26 49.01 30.59
C ILE QB 215 -29.15 48.18 31.86
N GLN QB 216 -28.23 47.23 31.86
CA GLN QB 216 -27.92 46.40 33.02
C GLN QB 216 -26.46 46.58 33.39
N ALA QB 217 -26.19 46.80 34.68
CA ALA QB 217 -24.82 46.93 35.15
C ALA QB 217 -24.23 45.57 35.48
N THR QB 218 -22.98 45.36 35.07
CA THR QB 218 -22.29 44.09 35.27
C THR QB 218 -21.35 44.12 36.48
N LYS QB 219 -20.76 45.27 36.77
CA LYS QB 219 -19.79 45.39 37.86
C LYS QB 219 -20.40 46.23 38.99
N LEU QB 220 -19.66 46.29 40.11
CA LEU QB 220 -20.20 46.86 41.33
C LEU QB 220 -20.06 48.38 41.38
N TYR QB 221 -18.85 48.90 41.17
CA TYR QB 221 -18.59 50.31 41.45
C TYR QB 221 -17.90 51.05 40.30
N ASN QB 222 -17.86 50.47 39.10
CA ASN QB 222 -17.22 51.11 37.96
C ASN QB 222 -18.24 51.92 37.17
N TYR QB 223 -17.89 53.16 36.85
CA TYR QB 223 -18.81 54.12 36.25
C TYR QB 223 -18.25 54.64 34.93
N GLY QB 224 -19.15 55.04 34.03
CA GLY QB 224 -18.77 55.52 32.71
C GLY QB 224 -19.76 56.47 32.10
N ASN QB 225 -19.70 56.67 30.78
CA ASN QB 225 -20.63 57.57 30.10
C ASN QB 225 -21.19 56.90 28.85
N LEU QB 226 -22.11 57.61 28.19
CA LEU QB 226 -22.86 57.06 27.06
C LEU QB 226 -23.31 58.20 26.15
N ALA QB 227 -23.26 57.96 24.85
CA ALA QB 227 -23.71 58.91 23.83
C ALA QB 227 -24.94 58.38 23.13
N VAL QB 228 -25.97 59.22 23.01
CA VAL QB 228 -27.23 58.84 22.38
C VAL QB 228 -27.59 59.90 21.34
N ARG QB 229 -27.85 59.47 20.11
CA ARG QB 229 -28.24 60.35 19.02
C ARG QB 229 -29.70 60.09 18.65
N LEU QB 230 -30.50 61.16 18.62
CA LEU QB 230 -31.91 61.05 18.30
C LEU QB 230 -32.14 61.28 16.81
N ARG QB 231 -33.40 61.13 16.37
CA ARG QB 231 -33.70 61.15 14.94
C ARG QB 231 -33.62 62.55 14.36
N GLY QB 232 -34.18 63.54 15.04
CA GLY QB 232 -34.21 64.88 14.49
C GLY QB 232 -33.12 65.80 14.98
N LEU QB 233 -32.37 65.38 16.00
CA LEU QB 233 -31.36 66.23 16.60
C LEU QB 233 -30.01 66.06 15.91
N ASN QB 234 -29.28 67.17 15.87
CA ASN QB 234 -27.87 67.17 15.47
C ASN QB 234 -26.96 67.09 16.69
N THR QB 235 -27.38 67.66 17.80
CA THR QB 235 -26.60 67.62 19.04
C THR QB 235 -26.82 66.28 19.74
N PRO QB 236 -25.77 65.51 20.01
CA PRO QB 236 -25.93 64.28 20.77
C PRO QB 236 -26.15 64.55 22.25
N VAL QB 237 -26.81 63.60 22.90
CA VAL QB 237 -27.14 63.68 24.32
C VAL QB 237 -26.14 62.83 25.10
N MET QB 238 -25.50 63.42 26.09
CA MET QB 238 -24.47 62.76 26.88
C MET QB 238 -24.98 62.49 28.29
N LEU QB 239 -24.79 61.26 28.75
CA LEU QB 239 -25.25 60.80 30.06
C LEU QB 239 -24.08 60.20 30.83
N THR QB 240 -24.19 60.23 32.16
CA THR QB 240 -23.22 59.54 33.01
C THR QB 240 -23.96 58.48 33.83
N LEU QB 241 -23.30 57.34 34.05
CA LEU QB 241 -23.92 56.16 34.64
C LEU QB 241 -23.09 55.73 35.85
N ILE QB 242 -23.65 55.86 37.05
CA ILE QB 242 -22.95 55.50 38.29
C ILE QB 242 -23.75 54.41 38.99
N PRO QB 243 -23.19 53.22 39.20
CA PRO QB 243 -23.87 52.19 39.98
C PRO QB 243 -23.46 52.20 41.45
N GLY QB 244 -24.15 51.37 42.22
CA GLY QB 244 -23.81 51.18 43.62
C GLY QB 244 -24.18 52.31 44.56
N GLN QB 245 -25.31 52.96 44.32
CA GLN QB 245 -25.78 54.06 45.15
C GLN QB 245 -26.83 53.58 46.13
N LYS QB 246 -27.39 54.52 46.90
CA LYS QB 246 -28.46 54.18 47.84
C LYS QB 246 -29.84 54.20 47.19
N ALA QB 247 -29.94 54.53 45.91
CA ALA QB 247 -31.18 54.44 45.17
C ALA QB 247 -30.89 53.85 43.80
N VAL QB 248 -31.82 53.04 43.31
CA VAL QB 248 -31.71 52.43 41.98
C VAL QB 248 -32.88 52.92 41.13
N ASP QB 249 -32.59 53.30 39.89
CA ASP QB 249 -33.60 53.86 38.99
C ASP QB 249 -34.19 52.72 38.17
N TYR QB 250 -35.47 52.42 38.41
CA TYR QB 250 -36.16 51.43 37.59
C TYR QB 250 -36.55 52.01 36.24
N ARG QB 251 -36.95 53.29 36.22
CA ARG QB 251 -37.36 53.95 34.99
C ARG QB 251 -37.08 55.44 35.13
N VAL QB 252 -36.44 56.02 34.11
CA VAL QB 252 -36.18 57.45 34.04
C VAL QB 252 -36.84 58.00 32.79
N ASP QB 253 -37.66 59.04 32.96
CA ASP QB 253 -38.23 59.79 31.86
C ASP QB 253 -37.36 61.01 31.61
N LEU QB 254 -36.93 61.21 30.37
CA LEU QB 254 -36.01 62.28 30.02
C LEU QB 254 -36.71 63.25 29.10
N ARG QB 255 -36.78 64.52 29.51
CA ARG QB 255 -37.36 65.59 28.71
C ARG QB 255 -36.24 66.26 27.93
N VAL QB 256 -36.30 66.16 26.61
CA VAL QB 256 -35.31 66.78 25.74
C VAL QB 256 -35.88 68.10 25.24
N GLN QB 257 -35.01 69.10 25.09
CA GLN QB 257 -35.42 70.49 24.92
C GLN QB 257 -36.16 70.75 23.60
N GLY QB 258 -35.76 70.10 22.52
CA GLY QB 258 -36.31 70.39 21.20
C GLY QB 258 -37.68 69.79 20.97
N TYR QB 259 -38.07 69.76 19.70
CA TYR QB 259 -39.32 69.17 19.26
C TYR QB 259 -39.03 68.00 18.33
N GLY QB 260 -39.63 66.85 18.62
CA GLY QB 260 -39.39 65.65 17.86
C GLY QB 260 -40.32 65.50 16.67
N PRO QB 261 -40.25 64.34 16.00
CA PRO QB 261 -41.17 64.09 14.87
C PRO QB 261 -42.64 63.94 15.27
N ASN QB 262 -42.93 63.66 16.54
CA ASN QB 262 -44.28 63.65 17.05
C ASN QB 262 -44.47 64.83 17.97
N ALA QB 263 -45.58 65.56 17.81
CA ALA QB 263 -45.85 66.74 18.61
C ALA QB 263 -47.35 67.00 18.73
N ALA RB 104 -23.37 3.25 73.02
CA ALA RB 104 -23.89 3.02 71.67
C ALA RB 104 -25.00 4.01 71.36
N GLU RB 105 -25.15 5.01 72.21
CA GLU RB 105 -26.25 5.96 72.06
C GLU RB 105 -25.74 7.41 72.13
N VAL RB 106 -24.63 7.63 72.85
CA VAL RB 106 -24.03 8.96 72.92
C VAL RB 106 -22.95 9.15 71.85
N ILE RB 107 -22.56 8.10 71.15
CA ILE RB 107 -21.66 8.24 70.01
C ILE RB 107 -22.36 8.98 68.87
N ASP RB 108 -23.67 8.77 68.71
CA ASP RB 108 -24.41 9.34 67.60
C ASP RB 108 -24.53 10.86 67.71
N LYS RB 109 -24.58 11.40 68.94
CA LYS RB 109 -24.52 12.86 69.09
C LYS RB 109 -23.12 13.37 68.77
N LYS RB 110 -22.08 12.63 69.17
CA LYS RB 110 -20.71 13.09 68.94
C LYS RB 110 -20.35 13.07 67.47
N ALA RB 111 -20.81 12.06 66.73
CA ALA RB 111 -20.49 11.97 65.31
C ALA RB 111 -21.26 13.00 64.48
N PHE RB 112 -22.43 13.44 64.96
CA PHE RB 112 -23.24 14.37 64.20
C PHE RB 112 -22.67 15.78 64.22
N LYS RB 113 -22.21 16.26 65.38
CA LYS RB 113 -21.66 17.61 65.46
C LYS RB 113 -20.31 17.75 64.76
N ASP RB 114 -19.49 16.70 64.77
CA ASP RB 114 -18.23 16.77 64.02
C ASP RB 114 -18.46 16.64 62.51
N MET RB 115 -19.58 16.06 62.11
CA MET RB 115 -19.92 16.01 60.69
C MET RB 115 -20.34 17.39 60.18
N THR RB 116 -21.07 18.17 61.00
CA THR RB 116 -21.53 19.50 60.61
C THR RB 116 -20.35 20.46 60.43
N ARG RB 117 -19.35 20.37 61.31
CA ARG RB 117 -18.16 21.22 61.19
C ARG RB 117 -17.35 20.88 59.96
N ASN RB 118 -17.32 19.61 59.55
CA ASN RB 118 -16.63 19.23 58.33
C ASN RB 118 -17.41 19.62 57.08
N LEU RB 119 -18.75 19.52 57.13
CA LEU RB 119 -19.56 19.83 55.96
C LEU RB 119 -19.65 21.32 55.72
N TYR RB 120 -19.80 22.11 56.79
CA TYR RB 120 -19.92 23.57 56.69
C TYR RB 120 -18.85 24.20 57.59
N PRO RB 121 -17.65 24.43 57.05
CA PRO RB 121 -16.57 25.02 57.88
C PRO RB 121 -16.81 26.47 58.27
N LEU RB 122 -17.69 27.19 57.59
CA LEU RB 122 -17.97 28.58 57.89
C LEU RB 122 -19.37 28.72 58.48
N ASN RB 123 -19.47 29.45 59.58
CA ASN RB 123 -20.73 29.71 60.24
C ASN RB 123 -21.58 30.67 59.40
N PRO RB 124 -22.90 30.72 59.64
CA PRO RB 124 -23.72 31.79 59.03
C PRO RB 124 -23.29 33.19 59.43
N GLU RB 125 -22.72 33.37 60.61
CA GLU RB 125 -22.15 34.67 60.97
C GLU RB 125 -20.89 34.96 60.16
N GLN RB 126 -20.06 33.95 59.94
CA GLN RB 126 -18.81 34.14 59.21
C GLN RB 126 -19.01 34.30 57.71
N VAL RB 127 -20.10 33.78 57.16
CA VAL RB 127 -20.41 34.03 55.75
C VAL RB 127 -20.80 35.49 55.54
N VAL RB 128 -21.52 36.07 56.51
CA VAL RB 128 -21.93 37.46 56.42
C VAL RB 128 -20.71 38.40 56.53
N LYS RB 129 -19.77 38.09 57.42
CA LYS RB 129 -18.57 38.91 57.56
C LYS RB 129 -17.65 38.79 56.35
N LEU RB 130 -17.64 37.62 55.69
CA LEU RB 130 -16.80 37.45 54.51
C LEU RB 130 -17.35 38.22 53.32
N LYS RB 131 -18.67 38.39 53.23
CA LYS RB 131 -19.25 39.17 52.15
C LYS RB 131 -18.97 40.65 52.32
N GLN RB 132 -18.84 41.13 53.55
CA GLN RB 132 -18.47 42.52 53.78
C GLN RB 132 -17.01 42.77 53.45
N ILE RB 133 -16.15 41.78 53.69
CA ILE RB 133 -14.73 41.90 53.33
C ILE RB 133 -14.56 41.94 51.82
N TYR RB 134 -15.35 41.15 51.10
CA TYR RB 134 -15.21 41.04 49.65
C TYR RB 134 -15.65 42.32 48.95
N GLU RB 135 -16.74 42.93 49.38
CA GLU RB 135 -17.22 44.15 48.73
C GLU RB 135 -16.42 45.38 49.11
N THR RB 136 -15.81 45.41 50.29
CA THR RB 136 -14.91 46.51 50.63
C THR RB 136 -13.64 46.45 49.80
N SER RB 137 -13.20 45.23 49.44
CA SER RB 137 -12.03 45.08 48.58
C SER RB 137 -12.30 45.56 47.16
N GLU RB 138 -13.53 45.40 46.66
CA GLU RB 138 -13.86 45.89 45.34
C GLU RB 138 -14.05 47.41 45.33
N TYR RB 139 -14.39 48.00 46.48
CA TYR RB 139 -14.59 49.44 46.54
C TYR RB 139 -13.26 50.19 46.44
N ALA RB 140 -12.22 49.66 47.08
CA ALA RB 140 -10.90 50.29 47.00
C ALA RB 140 -10.24 50.04 45.65
N LYS RB 141 -10.60 48.95 44.98
CA LYS RB 141 -10.06 48.65 43.66
C LYS RB 141 -10.60 49.63 42.61
N ALA RB 142 -11.87 49.98 42.71
CA ALA RB 142 -12.53 50.83 41.72
C ALA RB 142 -12.35 52.32 42.00
N ALA RB 143 -11.84 52.70 43.16
CA ALA RB 143 -11.70 54.11 43.49
C ALA RB 143 -10.55 54.75 42.72
N THR RB 144 -10.76 55.99 42.32
CA THR RB 144 -9.77 56.72 41.54
C THR RB 144 -8.90 57.58 42.44
N PRO RB 145 -7.60 57.64 42.19
CA PRO RB 145 -6.73 58.54 42.96
C PRO RB 145 -7.01 59.99 42.64
N GLY RB 146 -6.86 60.83 43.67
CA GLY RB 146 -7.16 62.25 43.52
C GLY RB 146 -8.66 62.49 43.39
N THR RB 147 -9.00 63.50 42.61
CA THR RB 147 -10.40 63.77 42.31
C THR RB 147 -10.71 63.43 40.85
N PRO RB 148 -11.93 62.95 40.57
CA PRO RB 148 -12.31 62.72 39.18
C PRO RB 148 -12.50 64.03 38.44
N PRO RB 149 -12.35 64.04 37.12
CA PRO RB 149 -12.53 65.28 36.37
C PRO RB 149 -13.99 65.70 36.30
N LYS RB 150 -14.20 67.00 36.11
CA LYS RB 150 -15.55 67.55 36.03
C LYS RB 150 -16.08 67.39 34.61
N PRO RB 151 -17.24 66.76 34.42
CA PRO RB 151 -17.83 66.65 33.07
C PRO RB 151 -18.43 67.98 32.64
N THR RB 152 -18.03 68.45 31.46
CA THR RB 152 -18.44 69.77 30.98
C THR RB 152 -18.80 69.70 29.50
N ALA RB 153 -19.56 70.70 29.08
CA ALA RB 153 -19.79 70.99 27.67
C ALA RB 153 -19.22 72.37 27.36
N THR RB 154 -18.56 72.51 26.22
CA THR RB 154 -17.90 73.76 25.85
C THR RB 154 -18.31 74.19 24.46
N SER RB 155 -17.88 75.39 24.08
CA SER RB 155 -18.14 75.94 22.76
C SER RB 155 -17.00 76.90 22.41
N GLN RB 156 -16.30 76.63 21.31
CA GLN RB 156 -15.15 77.42 20.89
C GLN RB 156 -15.35 77.95 19.47
N PHE RB 157 -14.60 79.01 19.15
CA PHE RB 157 -14.52 79.55 17.81
C PHE RB 157 -13.16 79.24 17.24
N VAL RB 158 -13.12 78.70 16.02
CA VAL RB 158 -11.89 78.27 15.37
C VAL RB 158 -11.52 79.29 14.30
N ASN RB 159 -10.32 79.84 14.41
CA ASN RB 159 -9.82 80.85 13.48
C ASN RB 159 -8.77 80.21 12.59
N LEU RB 160 -8.93 80.38 11.26
CA LEU RB 160 -8.02 79.81 10.29
C LEU RB 160 -6.94 80.79 9.85
N SER RB 161 -6.66 81.80 10.65
CA SER RB 161 -5.59 82.73 10.37
C SER RB 161 -4.24 82.07 10.63
N PRO RB 162 -3.17 82.54 9.95
CA PRO RB 162 -1.84 81.97 10.21
C PRO RB 162 -1.13 82.53 11.44
N GLY RB 163 -1.86 83.10 12.38
CA GLY RB 163 -1.25 83.56 13.61
C GLY RB 163 -1.82 82.92 14.85
N SER RB 164 -3.01 82.35 14.73
CA SER RB 164 -3.73 81.82 15.88
C SER RB 164 -3.20 80.44 16.27
N THR RB 165 -3.62 79.98 17.46
CA THR RB 165 -3.26 78.69 18.02
C THR RB 165 -4.39 77.69 17.78
N PRO RB 166 -4.05 76.41 17.54
CA PRO RB 166 -5.08 75.40 17.34
C PRO RB 166 -5.82 75.11 18.65
N PRO RB 167 -7.09 74.70 18.58
CA PRO RB 167 -7.86 74.47 19.80
C PRO RB 167 -7.47 73.18 20.50
N VAL RB 168 -7.88 73.10 21.77
CA VAL RB 168 -7.49 72.03 22.69
C VAL RB 168 -8.72 71.26 23.10
N ILE RB 169 -8.66 69.93 23.04
CA ILE RB 169 -9.72 69.04 23.48
C ILE RB 169 -9.22 68.26 24.69
N ARG RB 170 -9.99 68.31 25.78
CA ARG RB 170 -9.65 67.60 27.01
C ARG RB 170 -10.39 66.26 27.05
N LEU RB 171 -9.65 65.19 27.27
CA LEU RB 171 -10.17 63.83 27.22
C LEU RB 171 -9.88 63.11 28.53
N SER RB 172 -10.41 61.88 28.63
CA SER RB 172 -10.16 61.02 29.77
C SER RB 172 -10.15 59.57 29.28
N GLN RB 173 -9.41 58.73 30.01
CA GLN RB 173 -9.22 57.34 29.60
C GLN RB 173 -10.48 56.54 29.81
N GLY RB 174 -10.98 55.93 28.74
CA GLY RB 174 -12.19 55.14 28.80
C GLY RB 174 -13.48 55.90 28.60
N PHE RB 175 -13.42 57.22 28.50
CA PHE RB 175 -14.60 58.06 28.33
C PHE RB 175 -14.72 58.52 26.89
N VAL RB 176 -15.93 58.88 26.50
CA VAL RB 176 -16.25 59.27 25.13
C VAL RB 176 -16.45 60.77 25.07
N SER RB 177 -15.80 61.42 24.11
CA SER RB 177 -15.99 62.83 23.82
C SER RB 177 -16.52 62.98 22.41
N SER RB 178 -17.56 63.78 22.24
CA SER RB 178 -18.17 64.01 20.94
C SER RB 178 -17.80 65.40 20.45
N LEU RB 179 -17.32 65.48 19.21
CA LEU RB 179 -16.96 66.74 18.57
C LEU RB 179 -17.93 67.02 17.43
N VAL RB 180 -18.57 68.19 17.46
CA VAL RB 180 -19.54 68.58 16.45
C VAL RB 180 -19.05 69.86 15.78
N PHE RB 181 -19.09 69.88 14.45
CA PHE RB 181 -18.56 70.97 13.65
C PHE RB 181 -19.70 71.82 13.12
N LEU RB 182 -19.63 73.12 13.35
CA LEU RB 182 -20.62 74.08 12.88
C LEU RB 182 -19.91 75.21 12.14
N ASP RB 183 -20.65 75.90 11.28
CA ASP RB 183 -20.11 77.04 10.56
C ASP RB 183 -20.31 78.32 11.38
N SER RB 184 -20.08 79.48 10.76
CA SER RB 184 -20.19 80.75 11.48
C SER RB 184 -21.62 81.11 11.81
N THR RB 185 -22.58 80.72 10.96
CA THR RB 185 -23.99 80.97 11.27
C THR RB 185 -24.52 80.01 12.33
N GLY RB 186 -23.96 78.81 12.42
CA GLY RB 186 -24.42 77.80 13.36
C GLY RB 186 -24.98 76.55 12.71
N ALA RB 187 -25.03 76.48 11.38
CA ALA RB 187 -25.50 75.27 10.72
C ALA RB 187 -24.43 74.19 10.74
N PRO RB 188 -24.83 72.92 10.71
CA PRO RB 188 -23.83 71.83 10.67
C PRO RB 188 -23.00 71.82 9.39
N TRP RB 189 -21.76 71.39 9.53
CA TRP RB 189 -20.80 71.30 8.42
C TRP RB 189 -20.31 69.88 8.30
N PRO RB 190 -20.69 69.13 7.26
CA PRO RB 190 -20.29 67.72 7.16
C PRO RB 190 -18.79 67.56 6.88
N ILE RB 191 -18.29 66.40 7.30
CA ILE RB 191 -16.86 66.09 7.28
C ILE RB 191 -16.57 65.27 6.04
N ALA RB 192 -15.48 65.60 5.34
CA ALA RB 192 -15.04 64.84 4.17
C ALA RB 192 -14.10 63.71 4.54
N ALA RB 193 -13.08 63.98 5.35
CA ALA RB 193 -12.09 62.99 5.74
C ALA RB 193 -11.42 63.45 7.03
N TYR RB 194 -10.68 62.53 7.64
CA TYR RB 194 -9.84 62.87 8.79
C TYR RB 194 -8.58 62.01 8.78
N ASP RB 195 -7.54 62.54 9.41
CA ASP RB 195 -6.25 61.87 9.51
C ASP RB 195 -5.78 61.95 10.96
N LEU RB 196 -5.56 60.79 11.58
CA LEU RB 196 -5.23 60.72 12.99
C LEU RB 196 -3.81 60.22 13.17
N GLY RB 197 -3.00 60.97 13.91
CA GLY RB 197 -1.70 60.51 14.33
C GLY RB 197 -1.77 59.80 15.67
N ASP RB 198 -0.89 58.81 15.85
CA ASP RB 198 -0.78 57.92 17.00
C ASP RB 198 -2.12 57.23 17.28
N PRO RB 199 -2.51 56.23 16.50
CA PRO RB 199 -3.77 55.52 16.78
C PRO RB 199 -3.71 54.60 17.99
N SER RB 200 -2.55 54.40 18.62
CA SER RB 200 -2.46 53.58 19.82
C SER RB 200 -2.98 54.28 21.06
N SER RB 201 -3.19 55.60 21.02
CA SER RB 201 -3.66 56.33 22.18
C SER RB 201 -5.12 56.77 22.07
N PHE RB 202 -5.68 56.82 20.86
CA PHE RB 202 -7.04 57.30 20.65
C PHE RB 202 -7.79 56.39 19.70
N ASN RB 203 -9.11 56.32 19.88
CA ASN RB 203 -9.99 55.53 19.03
C ASN RB 203 -11.14 56.43 18.58
N ILE RB 204 -11.41 56.44 17.28
CA ILE RB 204 -12.40 57.34 16.69
C ILE RB 204 -13.44 56.50 15.95
N GLN RB 205 -14.72 56.75 16.26
CA GLN RB 205 -15.85 56.14 15.55
C GLN RB 205 -16.57 57.22 14.76
N TRP RB 206 -16.92 56.88 13.51
CA TRP RB 206 -17.53 57.87 12.62
C TRP RB 206 -18.32 57.14 11.54
N ASP RB 207 -19.62 57.42 11.46
CA ASP RB 207 -20.36 57.08 10.25
C ASP RB 207 -19.95 58.04 9.14
N LYS RB 208 -19.87 57.53 7.92
CA LYS RB 208 -19.08 58.18 6.89
C LYS RB 208 -19.74 59.42 6.28
N THR RB 209 -20.91 59.85 6.78
CA THR RB 209 -21.62 60.98 6.21
C THR RB 209 -21.85 62.14 7.17
N SER RB 210 -21.84 61.91 8.48
CA SER RB 210 -22.30 62.90 9.45
C SER RB 210 -21.21 63.94 9.73
N ASN RB 211 -21.47 64.81 10.71
CA ASN RB 211 -20.55 65.87 11.09
C ASN RB 211 -20.07 65.73 12.53
N THR RB 212 -20.18 64.53 13.10
CA THR RB 212 -19.83 64.29 14.49
C THR RB 212 -18.78 63.20 14.58
N LEU RB 213 -17.69 63.47 15.30
CA LEU RB 213 -16.68 62.48 15.62
C LEU RB 213 -16.76 62.15 17.10
N MET RB 214 -16.55 60.88 17.44
CA MET RB 214 -16.58 60.40 18.81
C MET RB 214 -15.23 59.78 19.13
N ILE RB 215 -14.47 60.44 20.00
CA ILE RB 215 -13.09 60.09 20.29
C ILE RB 215 -13.01 59.55 21.72
N GLN RB 216 -12.33 58.42 21.89
CA GLN RB 216 -12.08 57.82 23.18
C GLN RB 216 -10.58 57.72 23.41
N ALA RB 217 -10.13 58.10 24.60
CA ALA RB 217 -8.72 57.98 24.95
C ALA RB 217 -8.43 56.57 25.47
N THR RB 218 -7.29 56.03 25.06
CA THR RB 218 -6.88 54.68 25.44
C THR RB 218 -5.85 54.67 26.56
N LYS RB 219 -4.95 55.66 26.60
CA LYS RB 219 -3.90 55.73 27.60
C LYS RB 219 -4.07 56.98 28.46
N LEU RB 220 -3.24 57.08 29.49
CA LEU RB 220 -3.50 58.05 30.56
C LEU RB 220 -3.00 59.44 30.21
N TYR RB 221 -1.71 59.59 29.84
CA TYR RB 221 -1.11 60.91 29.74
C TYR RB 221 -0.43 61.18 28.40
N ASN RB 222 -0.71 60.39 27.38
CA ASN RB 222 -0.10 60.58 26.07
C ASN RB 222 -1.01 61.43 25.19
N TYR RB 223 -0.43 62.45 24.56
CA TYR RB 223 -1.18 63.45 23.81
C TYR RB 223 -0.69 63.52 22.37
N GLY RB 224 -1.58 63.94 21.48
CA GLY RB 224 -1.28 64.01 20.06
C GLY RB 224 -2.12 65.03 19.31
N ASN RB 225 -2.12 64.97 17.98
CA ASN RB 225 -2.90 65.91 17.17
C ASN RB 225 -3.79 65.15 16.19
N LEU RB 226 -4.61 65.91 15.46
CA LEU RB 226 -5.59 65.36 14.54
C LEU RB 226 -5.88 66.38 13.45
N ALA RB 227 -6.06 65.89 12.22
CA ALA RB 227 -6.42 66.71 11.08
C ALA RB 227 -7.82 66.34 10.60
N VAL RB 228 -8.66 67.34 10.40
CA VAL RB 228 -10.04 67.15 9.94
C VAL RB 228 -10.27 68.02 8.72
N ARG RB 229 -10.74 67.41 7.64
CA ARG RB 229 -11.08 68.12 6.41
C ARG RB 229 -12.58 68.19 6.25
N LEU RB 230 -13.10 69.41 6.06
CA LEU RB 230 -14.54 69.62 5.93
C LEU RB 230 -14.95 69.52 4.46
N ARG RB 231 -16.26 69.63 4.21
CA ARG RB 231 -16.79 69.36 2.88
C ARG RB 231 -16.47 70.49 1.90
N GLY RB 232 -16.62 71.74 2.33
CA GLY RB 232 -16.43 72.86 1.43
C GLY RB 232 -15.10 73.58 1.56
N LEU RB 233 -14.33 73.26 2.60
CA LEU RB 233 -13.08 73.97 2.86
C LEU RB 233 -11.91 73.30 2.16
N ASN RB 234 -10.94 74.13 1.79
CA ASN RB 234 -9.65 73.66 1.34
C ASN RB 234 -8.61 73.64 2.46
N THR RB 235 -8.76 74.54 3.44
CA THR RB 235 -7.86 74.58 4.57
C THR RB 235 -8.26 73.52 5.59
N PRO RB 236 -7.38 72.59 5.94
CA PRO RB 236 -7.71 71.61 6.98
C PRO RB 236 -7.67 72.24 8.37
N VAL RB 237 -8.41 71.63 9.28
CA VAL RB 237 -8.52 72.08 10.66
C VAL RB 237 -7.61 71.22 11.52
N MET RB 238 -6.77 71.87 12.32
CA MET RB 238 -5.80 71.20 13.17
C MET RB 238 -6.23 71.31 14.63
N LEU RB 239 -6.24 70.17 15.32
CA LEU RB 239 -6.63 70.09 16.72
C LEU RB 239 -5.52 69.40 17.50
N THR RB 240 -5.49 69.63 18.81
CA THR RB 240 -4.61 68.90 19.71
C THR RB 240 -5.45 68.28 20.83
N LEU RB 241 -5.03 67.09 21.28
CA LEU RB 241 -5.84 66.25 22.17
C LEU RB 241 -5.01 65.87 23.38
N ILE RB 242 -5.32 66.45 24.54
CA ILE RB 242 -4.58 66.21 25.77
C ILE RB 242 -5.51 65.54 26.78
N PRO RB 243 -5.22 64.33 27.24
CA PRO RB 243 -6.00 63.71 28.30
C PRO RB 243 -5.40 63.94 29.69
N GLY RB 244 -6.16 63.52 30.70
CA GLY RB 244 -5.68 63.55 32.07
C GLY RB 244 -5.69 64.90 32.76
N GLN RB 245 -6.64 65.77 32.43
CA GLN RB 245 -6.72 67.10 33.01
C GLN RB 245 -7.73 67.12 34.16
N LYS RB 246 -7.94 68.31 34.72
CA LYS RB 246 -8.93 68.49 35.78
C LYS RB 246 -10.36 68.62 35.26
N ALA RB 247 -10.55 68.71 33.94
CA ALA RB 247 -11.87 68.73 33.35
C ALA RB 247 -11.87 67.80 32.14
N VAL RB 248 -13.02 67.17 31.91
CA VAL RB 248 -13.22 66.30 30.75
C VAL RB 248 -14.35 66.89 29.90
N ASP RB 249 -14.13 66.94 28.58
CA ASP RB 249 -15.09 67.52 27.67
C ASP RB 249 -16.02 66.41 27.19
N TYR RB 250 -17.30 66.50 27.58
CA TYR RB 250 -18.29 65.56 27.05
C TYR RB 250 -18.69 65.94 25.63
N ARG RB 251 -18.82 67.23 25.35
CA ARG RB 251 -19.22 67.71 24.03
C ARG RB 251 -18.59 69.08 23.79
N VAL RB 252 -17.96 69.24 22.63
CA VAL RB 252 -17.40 70.52 22.20
C VAL RB 252 -18.09 70.94 20.92
N ASP RB 253 -18.64 72.15 20.92
CA ASP RB 253 -19.20 72.77 19.73
C ASP RB 253 -18.13 73.67 19.12
N LEU RB 254 -17.85 73.47 17.84
CA LEU RB 254 -16.76 74.18 17.17
C LEU RB 254 -17.33 75.10 16.10
N ARG RB 255 -17.00 76.38 16.20
CA ARG RB 255 -17.42 77.39 15.22
C ARG RB 255 -16.28 77.56 14.22
N VAL RB 256 -16.55 77.23 12.96
CA VAL RB 256 -15.57 77.39 11.90
C VAL RB 256 -15.90 78.65 11.12
N GLN RB 257 -14.85 79.36 10.68
CA GLN RB 257 -14.97 80.75 10.22
C GLN RB 257 -15.78 80.89 8.94
N GLY RB 258 -15.66 79.95 8.01
CA GLY RB 258 -16.30 80.08 6.71
C GLY RB 258 -17.78 79.77 6.72
N TYR RB 259 -18.33 79.56 5.52
CA TYR RB 259 -19.74 79.22 5.33
C TYR RB 259 -19.83 77.85 4.68
N GLY RB 260 -20.65 76.98 5.26
CA GLY RB 260 -20.78 75.62 4.79
C GLY RB 260 -21.87 75.44 3.75
N PRO RB 261 -22.16 74.20 3.39
CA PRO RB 261 -23.26 73.93 2.43
C PRO RB 261 -24.64 74.26 2.97
N ASN RB 262 -24.82 74.33 4.28
CA ASN RB 262 -26.07 74.76 4.90
C ASN RB 262 -25.86 76.14 5.51
N ALA RB 263 -26.78 77.06 5.25
CA ALA RB 263 -26.67 78.41 5.78
C ALA RB 263 -28.05 79.05 5.95
N ALA SB 104 54.39 50.01 20.73
CA ALA SB 104 53.01 49.95 20.26
C ALA SB 104 52.85 50.75 18.98
N GLU SB 105 53.97 51.16 18.40
CA GLU SB 105 53.93 52.03 17.22
C GLU SB 105 54.82 51.47 16.11
N VAL SB 106 55.90 50.77 16.49
CA VAL SB 106 56.77 50.14 15.49
C VAL SB 106 56.34 48.73 15.14
N ILE SB 107 55.38 48.16 15.89
CA ILE SB 107 54.80 46.88 15.53
C ILE SB 107 53.99 47.00 14.24
N ASP SB 108 53.33 48.16 14.03
CA ASP SB 108 52.45 48.34 12.89
C ASP SB 108 53.21 48.36 11.57
N LYS SB 109 54.45 48.87 11.56
CA LYS SB 109 55.27 48.76 10.36
C LYS SB 109 55.70 47.32 10.10
N LYS SB 110 56.02 46.58 11.16
CA LYS SB 110 56.46 45.20 10.99
C LYS SB 110 55.32 44.30 10.52
N ALA SB 111 54.10 44.56 10.99
CA ALA SB 111 52.96 43.73 10.59
C ALA SB 111 52.51 44.04 9.18
N PHE SB 112 52.73 45.27 8.69
CA PHE SB 112 52.26 45.65 7.36
C PHE SB 112 53.10 45.03 6.25
N LYS SB 113 54.43 45.00 6.41
CA LYS SB 113 55.28 44.42 5.40
C LYS SB 113 55.18 42.90 5.36
N ASP SB 114 54.92 42.26 6.50
CA ASP SB 114 54.73 40.81 6.48
C ASP SB 114 53.37 40.42 5.90
N MET SB 115 52.37 41.30 6.03
CA MET SB 115 51.07 41.01 5.42
C MET SB 115 51.12 41.20 3.91
N THR SB 116 51.92 42.16 3.43
CA THR SB 116 52.05 42.39 2.00
C THR SB 116 52.72 41.21 1.30
N ARG SB 117 53.76 40.64 1.93
CA ARG SB 117 54.45 39.50 1.34
C ARG SB 117 53.59 38.24 1.36
N ASN SB 118 52.67 38.12 2.32
CA ASN SB 118 51.74 37.00 2.32
C ASN SB 118 50.64 37.19 1.29
N LEU SB 119 50.19 38.43 1.06
CA LEU SB 119 49.11 38.67 0.13
C LEU SB 119 49.59 38.55 -1.33
N TYR SB 120 50.79 39.04 -1.61
CA TYR SB 120 51.37 39.01 -2.95
C TYR SB 120 52.72 38.33 -2.90
N PRO SB 121 52.77 37.00 -3.05
CA PRO SB 121 54.06 36.29 -2.97
C PRO SB 121 54.99 36.55 -4.15
N LEU SB 122 54.48 37.07 -5.26
CA LEU SB 122 55.28 37.34 -6.45
C LEU SB 122 55.37 38.84 -6.68
N ASN SB 123 56.59 39.33 -6.91
CA ASN SB 123 56.83 40.74 -7.18
C ASN SB 123 56.30 41.11 -8.56
N PRO SB 124 56.08 42.41 -8.81
CA PRO SB 124 55.82 42.85 -10.20
C PRO SB 124 56.96 42.55 -11.16
N GLU SB 125 58.21 42.53 -10.67
CA GLU SB 125 59.32 42.09 -11.50
C GLU SB 125 59.22 40.59 -11.81
N GLN SB 126 58.72 39.80 -10.86
CA GLN SB 126 58.66 38.36 -11.03
C GLN SB 126 57.44 37.91 -11.84
N VAL SB 127 56.38 38.71 -11.89
CA VAL SB 127 55.24 38.40 -12.74
C VAL SB 127 55.63 38.54 -14.22
N VAL SB 128 56.46 39.55 -14.53
CA VAL SB 128 56.93 39.78 -15.89
C VAL SB 128 57.82 38.65 -16.37
N LYS SB 129 58.72 38.17 -15.48
CA LYS SB 129 59.59 37.07 -15.84
C LYS SB 129 58.84 35.76 -16.00
N LEU SB 130 57.76 35.55 -15.23
CA LEU SB 130 56.98 34.34 -15.35
C LEU SB 130 56.17 34.31 -16.64
N LYS SB 131 55.74 35.48 -17.14
CA LYS SB 131 55.00 35.52 -18.40
C LYS SB 131 55.90 35.22 -19.58
N GLN SB 132 57.19 35.57 -19.50
CA GLN SB 132 58.12 35.22 -20.56
C GLN SB 132 58.43 33.72 -20.56
N ILE SB 133 58.45 33.11 -19.38
CA ILE SB 133 58.67 31.66 -19.28
C ILE SB 133 57.48 30.90 -19.88
N TYR SB 134 56.27 31.39 -19.64
CA TYR SB 134 55.06 30.72 -20.13
C TYR SB 134 54.94 30.78 -21.64
N GLU SB 135 55.24 31.93 -22.25
CA GLU SB 135 55.11 32.07 -23.68
C GLU SB 135 56.22 31.39 -24.46
N THR SB 136 57.42 31.25 -23.87
CA THR SB 136 58.48 30.50 -24.52
C THR SB 136 58.17 29.01 -24.51
N SER SB 137 57.45 28.53 -23.50
CA SER SB 137 57.08 27.12 -23.42
C SER SB 137 56.04 26.75 -24.47
N GLU SB 138 55.13 27.67 -24.80
CA GLU SB 138 54.16 27.39 -25.86
C GLU SB 138 54.79 27.47 -27.24
N TYR SB 139 55.88 28.21 -27.38
CA TYR SB 139 56.56 28.32 -28.66
C TYR SB 139 57.25 27.01 -29.04
N ALA SB 140 57.88 26.35 -28.06
CA ALA SB 140 58.51 25.07 -28.31
C ALA SB 140 57.49 23.94 -28.47
N LYS SB 141 56.31 24.11 -27.88
CA LYS SB 141 55.25 23.11 -28.01
C LYS SB 141 54.66 23.10 -29.42
N ALA SB 142 54.50 24.26 -30.02
CA ALA SB 142 53.86 24.37 -31.33
C ALA SB 142 54.84 24.27 -32.50
N ALA SB 143 56.14 24.26 -32.24
CA ALA SB 143 57.12 24.20 -33.30
C ALA SB 143 57.17 22.82 -33.93
N THR SB 144 57.35 22.78 -35.24
CA THR SB 144 57.34 21.50 -35.95
C THR SB 144 58.76 20.98 -36.14
N PRO SB 145 58.97 19.68 -35.96
CA PRO SB 145 60.30 19.11 -36.23
C PRO SB 145 60.62 19.12 -37.72
N GLY SB 146 61.90 19.30 -38.02
CA GLY SB 146 62.33 19.40 -39.40
C GLY SB 146 61.85 20.69 -40.04
N THR SB 147 61.60 20.63 -41.35
CA THR SB 147 61.06 21.76 -42.06
C THR SB 147 59.58 21.53 -42.40
N PRO SB 148 58.76 22.58 -42.37
CA PRO SB 148 57.37 22.41 -42.78
C PRO SB 148 57.27 22.22 -44.28
N PRO SB 149 56.21 21.56 -44.77
CA PRO SB 149 56.08 21.34 -46.21
C PRO SB 149 55.75 22.62 -46.96
N LYS SB 150 56.11 22.63 -48.24
CA LYS SB 150 55.87 23.79 -49.09
C LYS SB 150 54.44 23.74 -49.64
N PRO SB 151 53.65 24.79 -49.47
CA PRO SB 151 52.30 24.82 -50.05
C PRO SB 151 52.35 25.10 -51.55
N THR SB 152 51.75 24.21 -52.33
CA THR SB 152 51.82 24.28 -53.79
C THR SB 152 50.46 24.03 -54.40
N ALA SB 153 50.29 24.52 -55.62
CA ALA SB 153 49.19 24.16 -56.50
C ALA SB 153 49.77 23.44 -57.72
N THR SB 154 49.11 22.36 -58.14
CA THR SB 154 49.62 21.53 -59.24
C THR SB 154 48.52 21.32 -60.28
N SER SB 155 48.91 20.69 -61.38
CA SER SB 155 47.97 20.35 -62.46
C SER SB 155 48.48 19.10 -63.15
N GLN SB 156 47.65 18.06 -63.20
CA GLN SB 156 48.02 16.77 -63.76
C GLN SB 156 47.03 16.35 -64.84
N PHE SB 157 47.49 15.48 -65.73
CA PHE SB 157 46.66 14.86 -66.74
C PHE SB 157 46.47 13.39 -66.39
N VAL SB 158 45.23 12.92 -66.41
CA VAL SB 158 44.88 11.57 -65.99
C VAL SB 158 44.59 10.74 -67.23
N ASN SB 159 45.35 9.66 -67.41
CA ASN SB 159 45.20 8.77 -68.55
C ASN SB 159 44.50 7.50 -68.09
N LEU SB 160 43.44 7.11 -68.80
CA LEU SB 160 42.65 5.93 -68.47
C LEU SB 160 43.08 4.70 -69.24
N SER SB 161 44.31 4.70 -69.77
CA SER SB 161 44.85 3.53 -70.44
C SER SB 161 45.19 2.45 -69.42
N PRO SB 162 45.19 1.17 -69.83
CA PRO SB 162 45.57 0.10 -68.91
C PRO SB 162 47.08 -0.10 -68.75
N GLY SB 163 47.89 0.90 -69.07
CA GLY SB 163 49.32 0.79 -68.83
C GLY SB 163 49.86 1.84 -67.90
N SER SB 164 49.12 2.93 -67.72
CA SER SB 164 49.59 4.06 -66.96
C SER SB 164 49.44 3.83 -65.45
N THR SB 165 50.09 4.68 -64.67
CA THR SB 165 50.05 4.68 -63.22
C THR SB 165 49.03 5.67 -62.70
N PRO SB 166 48.34 5.35 -61.60
CA PRO SB 166 47.39 6.29 -61.02
C PRO SB 166 48.10 7.49 -60.42
N PRO SB 167 47.46 8.67 -60.41
CA PRO SB 167 48.13 9.88 -59.91
C PRO SB 167 48.22 9.91 -58.40
N VAL SB 168 49.13 10.78 -57.92
CA VAL SB 168 49.52 10.86 -56.52
C VAL SB 168 49.09 12.22 -55.97
N ILE SB 169 48.49 12.21 -54.79
CA ILE SB 169 48.09 13.42 -54.08
C ILE SB 169 48.88 13.50 -52.78
N ARG SB 170 49.54 14.63 -52.55
CA ARG SB 170 50.34 14.85 -51.36
C ARG SB 170 49.53 15.64 -50.34
N LEU SB 171 49.43 15.11 -49.12
CA LEU SB 171 48.60 15.68 -48.07
C LEU SB 171 49.46 16.00 -46.84
N SER SB 172 48.81 16.58 -45.83
CA SER SB 172 49.44 16.85 -44.55
C SER SB 172 48.38 16.76 -43.46
N GLN SB 173 48.83 16.46 -42.25
CA GLN SB 173 47.91 16.24 -41.13
C GLN SB 173 47.30 17.55 -40.66
N GLY SB 174 45.97 17.61 -40.63
CA GLY SB 174 45.26 18.80 -40.19
C GLY SB 174 45.03 19.84 -41.26
N PHE SB 175 45.55 19.65 -42.46
CA PHE SB 175 45.42 20.59 -43.55
C PHE SB 175 44.39 20.10 -44.56
N VAL SB 176 43.85 21.03 -45.34
CA VAL SB 176 42.80 20.75 -46.31
C VAL SB 176 43.39 20.80 -47.70
N SER SB 177 43.11 19.78 -48.50
CA SER SB 177 43.47 19.72 -49.91
C SER SB 177 42.20 19.63 -50.74
N SER SB 178 42.10 20.48 -51.76
CA SER SB 178 40.94 20.50 -52.63
C SER SB 178 41.30 19.88 -53.97
N LEU SB 179 40.47 18.96 -54.43
CA LEU SB 179 40.65 18.30 -55.72
C LEU SB 179 39.49 18.66 -56.63
N VAL SB 180 39.81 19.23 -57.80
CA VAL SB 180 38.81 19.66 -58.77
C VAL SB 180 39.02 18.90 -60.06
N PHE SB 181 37.93 18.42 -60.65
CA PHE SB 181 37.96 17.55 -61.82
C PHE SB 181 37.54 18.31 -63.06
N LEU SB 182 38.35 18.20 -64.12
CA LEU SB 182 38.09 18.83 -65.39
C LEU SB 182 38.19 17.79 -66.50
N ASP SB 183 37.58 18.10 -67.64
CA ASP SB 183 37.69 17.23 -68.81
C ASP SB 183 38.91 17.63 -69.66
N SER SB 184 38.98 17.13 -70.89
CA SER SB 184 40.11 17.42 -71.76
C SER SB 184 40.10 18.86 -72.24
N THR SB 185 38.91 19.44 -72.45
CA THR SB 185 38.83 20.84 -72.86
C THR SB 185 39.11 21.79 -71.71
N GLY SB 186 38.85 21.37 -70.47
CA GLY SB 186 39.00 22.24 -69.32
C GLY SB 186 37.70 22.61 -68.62
N ALA SB 187 36.55 22.16 -69.12
CA ALA SB 187 35.29 22.42 -68.45
C ALA SB 187 35.17 21.53 -67.21
N PRO SB 188 34.42 21.96 -66.19
CA PRO SB 188 34.21 21.12 -65.01
C PRO SB 188 33.43 19.85 -65.30
N TRP SB 189 33.79 18.79 -64.59
CA TRP SB 189 33.15 17.48 -64.72
C TRP SB 189 32.58 17.07 -63.37
N PRO SB 190 31.26 17.06 -63.21
CA PRO SB 190 30.66 16.75 -61.90
C PRO SB 190 30.86 15.30 -61.49
N ILE SB 191 30.81 15.07 -60.18
CA ILE SB 191 31.07 13.77 -59.58
C ILE SB 191 29.74 13.09 -59.30
N ALA SB 192 29.66 11.80 -59.60
CA ALA SB 192 28.46 11.00 -59.32
C ALA SB 192 28.52 10.35 -57.94
N ALA SB 193 29.64 9.70 -57.61
CA ALA SB 193 29.81 9.02 -56.34
C ALA SB 193 31.30 8.84 -56.08
N TYR SB 194 31.63 8.50 -54.84
CA TYR SB 194 33.01 8.14 -54.50
C TYR SB 194 33.01 7.06 -53.43
N ASP SB 195 34.11 6.32 -53.38
CA ASP SB 195 34.31 5.23 -52.43
C ASP SB 195 35.70 5.35 -51.84
N LEU SB 196 35.78 5.49 -50.53
CA LEU SB 196 37.04 5.76 -49.84
C LEU SB 196 37.42 4.56 -48.98
N GLY SB 197 38.65 4.06 -49.17
CA GLY SB 197 39.22 3.08 -48.27
C GLY SB 197 39.97 3.75 -47.14
N ASP SB 198 39.97 3.09 -45.98
CA ASP SB 198 40.53 3.54 -44.70
C ASP SB 198 39.97 4.91 -44.30
N PRO SB 199 38.73 4.98 -43.82
CA PRO SB 199 38.17 6.28 -43.40
C PRO SB 199 38.74 6.79 -42.07
N SER SB 200 39.52 6.00 -41.35
CA SER SB 200 40.13 6.46 -40.10
C SER SB 200 41.35 7.34 -40.34
N SER SB 201 41.88 7.40 -41.56
CA SER SB 201 43.04 8.22 -41.84
C SER SB 201 42.71 9.48 -42.63
N PHE SB 202 41.57 9.52 -43.32
CA PHE SB 202 41.20 10.66 -44.15
C PHE SB 202 39.75 11.03 -43.92
N ASN SB 203 39.45 12.31 -44.09
CA ASN SB 203 38.10 12.85 -43.96
C ASN SB 203 37.78 13.67 -45.19
N ILE SB 204 36.62 13.42 -45.79
CA ILE SB 204 36.23 14.05 -47.05
C ILE SB 204 34.90 14.76 -46.85
N GLN SB 205 34.85 16.04 -47.25
CA GLN SB 205 33.63 16.83 -47.28
C GLN SB 205 33.22 17.09 -48.72
N TRP SB 206 31.93 16.92 -49.01
CA TRP SB 206 31.45 17.04 -50.38
C TRP SB 206 29.96 17.39 -50.37
N ASP SB 207 29.61 18.52 -50.97
CA ASP SB 207 28.21 18.74 -51.34
C ASP SB 207 27.87 17.87 -52.54
N LYS SB 208 26.65 17.33 -52.54
CA LYS SB 208 26.34 16.17 -53.37
C LYS SB 208 26.20 16.48 -54.86
N THR SB 209 26.43 17.73 -55.30
CA THR SB 209 26.26 18.09 -56.70
C THR SB 209 27.50 18.62 -57.39
N SER SB 210 28.49 19.12 -56.66
CA SER SB 210 29.60 19.85 -57.26
C SER SB 210 30.66 18.89 -57.80
N ASN SB 211 31.79 19.45 -58.24
CA ASN SB 211 32.89 18.68 -58.81
C ASN SB 211 34.16 18.80 -57.97
N THR SB 212 34.05 19.22 -56.72
CA THR SB 212 35.19 19.47 -55.86
C THR SB 212 35.10 18.61 -54.61
N LEU SB 213 36.17 17.89 -54.29
CA LEU SB 213 36.32 17.17 -53.04
C LEU SB 213 37.35 17.87 -52.18
N MET SB 214 37.11 17.88 -50.86
CA MET SB 214 38.03 18.50 -49.91
C MET SB 214 38.44 17.44 -48.90
N ILE SB 215 39.72 17.07 -48.93
CA ILE SB 215 40.24 15.93 -48.19
C ILE SB 215 41.19 16.45 -47.12
N GLN SB 216 41.03 15.95 -45.89
CA GLN SB 216 41.89 16.28 -44.76
C GLN SB 216 42.51 14.99 -44.22
N ALA SB 217 43.81 15.02 -43.95
CA ALA SB 217 44.49 13.86 -43.39
C ALA SB 217 44.40 13.88 -41.87
N THR SB 218 44.16 12.71 -41.29
CA THR SB 218 44.04 12.55 -39.84
C THR SB 218 45.32 12.02 -39.20
N LYS SB 219 46.05 11.14 -39.88
CA LYS SB 219 47.26 10.55 -39.36
C LYS SB 219 48.49 11.12 -40.07
N LEU SB 220 49.67 10.74 -39.56
CA LEU SB 220 50.91 11.33 -40.05
C LEU SB 220 51.43 10.63 -41.31
N TYR SB 221 51.53 9.31 -41.30
CA TYR SB 221 52.25 8.59 -42.35
C TYR SB 221 51.47 7.43 -42.94
N ASN SB 222 50.16 7.35 -42.71
CA ASN SB 222 49.36 6.26 -43.26
C ASN SB 222 48.78 6.66 -44.61
N TYR SB 223 48.96 5.81 -45.61
CA TYR SB 223 48.58 6.12 -46.99
C TYR SB 223 47.58 5.10 -47.51
N GLY SB 224 46.72 5.56 -48.44
CA GLY SB 224 45.67 4.73 -48.98
C GLY SB 224 45.25 5.13 -50.38
N ASN SB 225 44.10 4.61 -50.85
CA ASN SB 225 43.62 4.93 -52.19
C ASN SB 225 42.15 5.38 -52.14
N LEU SB 226 41.61 5.72 -53.30
CA LEU SB 226 40.28 6.30 -53.41
C LEU SB 226 39.73 6.09 -54.80
N ALA SB 227 38.44 5.79 -54.89
CA ALA SB 227 37.73 5.58 -56.15
C ALA SB 227 36.71 6.69 -56.36
N VAL SB 228 36.74 7.31 -57.53
CA VAL SB 228 35.85 8.44 -57.86
C VAL SB 228 35.16 8.13 -59.18
N ARG SB 229 33.83 8.23 -59.20
CA ARG SB 229 33.03 8.02 -60.40
C ARG SB 229 32.43 9.32 -60.87
N LEU SB 230 32.60 9.63 -62.15
CA LEU SB 230 32.07 10.85 -62.74
C LEU SB 230 30.70 10.58 -63.37
N ARG SB 231 30.06 11.65 -63.87
CA ARG SB 231 28.68 11.53 -64.33
C ARG SB 231 28.57 10.76 -65.64
N GLY SB 232 29.43 11.07 -66.60
CA GLY SB 232 29.33 10.46 -67.91
C GLY SB 232 30.26 9.29 -68.15
N LEU SB 233 31.19 9.05 -67.24
CA LEU SB 233 32.17 7.99 -67.41
C LEU SB 233 31.69 6.67 -66.82
N ASN SB 234 32.08 5.59 -67.49
CA ASN SB 234 31.91 4.24 -66.95
C ASN SB 234 33.17 3.77 -66.24
N THR SB 235 34.32 4.29 -66.63
CA THR SB 235 35.59 3.92 -66.00
C THR SB 235 35.82 4.77 -64.76
N PRO SB 236 35.95 4.17 -63.58
CA PRO SB 236 36.27 4.96 -62.38
C PRO SB 236 37.72 5.44 -62.39
N VAL SB 237 37.93 6.55 -61.71
CA VAL SB 237 39.25 7.18 -61.60
C VAL SB 237 39.86 6.79 -60.26
N MET SB 238 41.05 6.19 -60.31
CA MET SB 238 41.71 5.68 -59.11
C MET SB 238 42.88 6.58 -58.75
N LEU SB 239 42.96 6.97 -57.48
CA LEU SB 239 43.98 7.87 -56.96
C LEU SB 239 44.67 7.21 -55.78
N THR SB 240 45.87 7.68 -55.47
CA THR SB 240 46.56 7.29 -54.24
C THR SB 240 46.91 8.54 -53.43
N LEU SB 241 46.84 8.41 -52.11
CA LEU SB 241 46.95 9.55 -51.19
C LEU SB 241 48.06 9.28 -50.19
N ILE SB 242 49.15 10.03 -50.27
CA ILE SB 242 50.30 9.86 -49.39
C ILE SB 242 50.53 11.15 -48.60
N PRO SB 243 50.41 11.14 -47.29
CA PRO SB 243 50.76 12.32 -46.49
C PRO SB 243 52.19 12.29 -45.98
N GLY SB 244 52.59 13.39 -45.37
CA GLY SB 244 53.89 13.47 -44.73
C GLY SB 244 55.08 13.65 -45.64
N GLN SB 245 54.90 14.33 -46.77
CA GLN SB 245 55.96 14.53 -47.75
C GLN SB 245 56.61 15.90 -47.57
N LYS SB 246 57.53 16.22 -48.48
CA LYS SB 246 58.19 17.52 -48.45
C LYS SB 246 57.38 18.63 -49.11
N ALA SB 247 56.25 18.30 -49.73
CA ALA SB 247 55.35 19.29 -50.30
C ALA SB 247 53.92 18.90 -49.97
N VAL SB 248 53.08 19.92 -49.80
CA VAL SB 248 51.65 19.72 -49.53
C VAL SB 248 50.86 20.38 -50.65
N ASP SB 249 49.87 19.66 -51.16
CA ASP SB 249 49.05 20.13 -52.27
C ASP SB 249 47.86 20.89 -51.72
N TYR SB 250 47.83 22.21 -51.94
CA TYR SB 250 46.66 22.99 -51.56
C TYR SB 250 45.52 22.80 -52.54
N ARG SB 251 45.83 22.68 -53.83
CA ARG SB 251 44.82 22.50 -54.87
C ARG SB 251 45.44 21.70 -56.01
N VAL SB 252 44.72 20.69 -56.48
CA VAL SB 252 45.13 19.88 -57.62
C VAL SB 252 44.07 20.00 -58.71
N ASP SB 253 44.49 20.38 -59.91
CA ASP SB 253 43.62 20.40 -61.08
C ASP SB 253 43.87 19.12 -61.89
N LEU SB 254 42.81 18.36 -62.15
CA LEU SB 254 42.93 17.07 -62.82
C LEU SB 254 42.20 17.11 -64.16
N ARG SB 255 42.93 16.83 -65.24
CA ARG SB 255 42.35 16.68 -66.57
C ARG SB 255 42.07 15.21 -66.83
N VAL SB 256 40.83 14.89 -67.12
CA VAL SB 256 40.41 13.53 -67.45
C VAL SB 256 40.29 13.43 -68.96
N GLN SB 257 40.61 12.24 -69.51
CA GLN SB 257 40.82 12.06 -70.94
C GLN SB 257 39.56 12.26 -71.77
N GLY SB 258 38.39 11.96 -71.22
CA GLY SB 258 37.15 11.98 -71.98
C GLY SB 258 36.58 13.37 -72.18
N TYR SB 259 35.30 13.40 -72.55
CA TYR SB 259 34.54 14.63 -72.72
C TYR SB 259 33.33 14.60 -71.78
N GLY SB 260 33.18 15.66 -70.98
CA GLY SB 260 32.13 15.71 -70.00
C GLY SB 260 30.84 16.29 -70.53
N PRO SB 261 29.86 16.49 -69.65
CA PRO SB 261 28.60 17.12 -70.06
C PRO SB 261 28.74 18.60 -70.44
N ASN SB 262 29.83 19.25 -70.04
CA ASN SB 262 30.10 20.63 -70.41
C ASN SB 262 31.29 20.64 -71.37
N ALA SB 263 31.16 21.36 -72.47
CA ALA SB 263 32.21 21.41 -73.48
C ALA SB 263 32.18 22.72 -74.26
N ALA TB 104 68.69 -24.10 -24.28
CA ALA TB 104 67.63 -23.16 -24.62
C ALA TB 104 67.13 -23.41 -26.03
N GLU TB 105 67.55 -24.52 -26.62
CA GLU TB 105 67.21 -24.81 -28.00
C GLU TB 105 66.63 -26.22 -28.15
N VAL TB 106 67.03 -27.14 -27.27
CA VAL TB 106 66.48 -28.50 -27.29
C VAL TB 106 65.28 -28.64 -26.37
N ILE TB 107 64.98 -27.63 -25.56
CA ILE TB 107 63.74 -27.63 -24.77
C ILE TB 107 62.54 -27.50 -25.68
N ASP TB 108 62.66 -26.74 -26.77
CA ASP TB 108 61.54 -26.47 -27.66
C ASP TB 108 61.06 -27.71 -28.40
N LYS TB 109 61.97 -28.63 -28.73
CA LYS TB 109 61.52 -29.91 -29.29
C LYS TB 109 60.82 -30.76 -28.24
N LYS TB 110 61.31 -30.74 -27.00
CA LYS TB 110 60.71 -31.54 -25.94
C LYS TB 110 59.33 -31.02 -25.55
N ALA TB 111 59.15 -29.70 -25.52
CA ALA TB 111 57.86 -29.14 -25.15
C ALA TB 111 56.82 -29.32 -26.25
N PHE TB 112 57.26 -29.43 -27.51
CA PHE TB 112 56.31 -29.56 -28.61
C PHE TB 112 55.70 -30.95 -28.69
N LYS TB 113 56.50 -32.00 -28.44
CA LYS TB 113 55.98 -33.36 -28.52
C LYS TB 113 55.06 -33.70 -27.36
N ASP TB 114 55.34 -33.18 -26.16
CA ASP TB 114 54.44 -33.42 -25.04
C ASP TB 114 53.16 -32.60 -25.15
N MET TB 115 53.20 -31.49 -25.89
CA MET TB 115 51.99 -30.72 -26.14
C MET TB 115 51.07 -31.44 -27.12
N THR TB 116 51.65 -32.11 -28.12
CA THR TB 116 50.86 -32.84 -29.10
C THR TB 116 50.14 -34.02 -28.47
N ARG TB 117 50.81 -34.72 -27.54
CA ARG TB 117 50.20 -35.84 -26.85
C ARG TB 117 49.06 -35.40 -25.93
N ASN TB 118 49.15 -34.20 -25.36
CA ASN TB 118 48.05 -33.68 -24.55
C ASN TB 118 46.89 -33.19 -25.39
N LEU TB 119 47.18 -32.60 -26.56
CA LEU TB 119 46.11 -32.05 -27.40
C LEU TB 119 45.34 -33.16 -28.09
N TYR TB 120 46.02 -34.20 -28.56
CA TYR TB 120 45.40 -35.31 -29.28
C TYR TB 120 45.81 -36.61 -28.58
N PRO TB 121 45.04 -37.05 -27.59
CA PRO TB 121 45.40 -38.29 -26.86
C PRO TB 121 45.23 -39.56 -27.69
N LEU TB 122 44.49 -39.52 -28.78
CA LEU TB 122 44.25 -40.69 -29.62
C LEU TB 122 44.94 -40.50 -30.96
N ASN TB 123 45.69 -41.52 -31.39
CA ASN TB 123 46.38 -41.52 -32.66
C ASN TB 123 45.38 -41.64 -33.81
N PRO TB 124 45.79 -41.26 -35.03
CA PRO TB 124 44.94 -41.56 -36.21
C PRO TB 124 44.68 -43.05 -36.42
N GLU TB 125 45.60 -43.91 -36.01
CA GLU TB 125 45.34 -45.34 -36.04
C GLU TB 125 44.29 -45.74 -34.99
N GLN TB 126 44.35 -45.14 -33.81
CA GLN TB 126 43.42 -45.48 -32.74
C GLN TB 126 42.03 -44.91 -32.95
N VAL TB 127 41.90 -43.82 -33.71
CA VAL TB 127 40.57 -43.31 -34.07
C VAL TB 127 39.88 -44.28 -35.02
N VAL TB 128 40.64 -44.87 -35.94
CA VAL TB 128 40.08 -45.84 -36.90
C VAL TB 128 39.63 -47.11 -36.19
N LYS TB 129 40.42 -47.60 -35.23
CA LYS TB 129 40.03 -48.79 -34.48
C LYS TB 129 38.84 -48.55 -33.57
N LEU TB 130 38.70 -47.32 -33.06
CA LEU TB 130 37.56 -47.01 -32.19
C LEU TB 130 36.26 -46.93 -32.98
N LYS TB 131 36.33 -46.52 -34.26
CA LYS TB 131 35.13 -46.48 -35.08
C LYS TB 131 34.65 -47.88 -35.45
N GLN TB 132 35.57 -48.84 -35.56
CA GLN TB 132 35.18 -50.22 -35.81
C GLN TB 132 34.55 -50.86 -34.58
N ILE TB 133 35.02 -50.48 -33.39
CA ILE TB 133 34.43 -50.97 -32.14
C ILE TB 133 33.02 -50.44 -31.97
N TYR TB 134 32.80 -49.17 -32.33
CA TYR TB 134 31.50 -48.54 -32.14
C TYR TB 134 30.43 -49.13 -33.05
N GLU TB 135 30.76 -49.40 -34.32
CA GLU TB 135 29.76 -49.93 -35.23
C GLU TB 135 29.51 -51.42 -35.05
N THR TB 136 30.48 -52.16 -34.51
CA THR TB 136 30.22 -53.56 -34.17
C THR TB 136 29.29 -53.66 -32.97
N SER TB 137 29.35 -52.68 -32.05
CA SER TB 137 28.45 -52.65 -30.92
C SER TB 137 27.02 -52.35 -31.33
N GLU TB 138 26.83 -51.53 -32.36
CA GLU TB 138 25.47 -51.25 -32.85
C GLU TB 138 24.92 -52.42 -33.64
N TYR TB 139 25.78 -53.24 -34.23
CA TYR TB 139 25.31 -54.38 -35.02
C TYR TB 139 24.73 -55.47 -34.11
N ALA TB 140 25.35 -55.71 -32.96
CA ALA TB 140 24.82 -56.69 -32.03
C ALA TB 140 23.59 -56.18 -31.29
N LYS TB 141 23.46 -54.87 -31.15
CA LYS TB 141 22.28 -54.28 -30.51
C LYS TB 141 21.04 -54.43 -31.37
N ALA TB 142 21.18 -54.27 -32.68
CA ALA TB 142 20.05 -54.31 -33.61
C ALA TB 142 19.69 -55.71 -34.07
N ALA TB 143 20.54 -56.70 -33.79
CA ALA TB 143 20.28 -58.05 -34.26
C ALA TB 143 19.15 -58.71 -33.48
N THR TB 144 18.33 -59.48 -34.18
CA THR TB 144 17.19 -60.14 -33.56
C THR TB 144 17.54 -61.56 -33.16
N PRO TB 145 17.08 -62.01 -31.99
CA PRO TB 145 17.30 -63.41 -31.60
C PRO TB 145 16.49 -64.37 -32.46
N GLY TB 146 17.06 -65.54 -32.69
CA GLY TB 146 16.44 -66.52 -33.55
C GLY TB 146 16.45 -66.07 -35.01
N THR TB 147 15.40 -66.45 -35.73
CA THR TB 147 15.24 -66.00 -37.10
C THR TB 147 14.10 -64.99 -37.21
N PRO TB 148 14.22 -64.01 -38.11
CA PRO TB 148 13.11 -63.08 -38.32
C PRO TB 148 11.96 -63.78 -39.03
N PRO TB 149 10.73 -63.29 -38.86
CA PRO TB 149 9.59 -63.93 -39.53
C PRO TB 149 9.59 -63.68 -41.03
N LYS TB 150 8.95 -64.58 -41.76
CA LYS TB 150 8.87 -64.48 -43.21
C LYS TB 150 7.74 -63.54 -43.60
N PRO TB 151 7.98 -62.50 -44.38
CA PRO TB 151 6.89 -61.62 -44.84
C PRO TB 151 6.08 -62.29 -45.93
N THR TB 152 4.76 -62.34 -45.74
CA THR TB 152 3.88 -63.07 -46.65
C THR TB 152 2.62 -62.26 -46.92
N ALA TB 153 1.96 -62.60 -48.01
CA ALA TB 153 0.60 -62.16 -48.30
C ALA TB 153 -0.30 -63.38 -48.38
N THR TB 154 -1.50 -63.28 -47.79
CA THR TB 154 -2.41 -64.41 -47.71
C THR TB 154 -3.79 -64.01 -48.23
N SER TB 155 -4.66 -65.01 -48.33
CA SER TB 155 -6.04 -64.80 -48.76
C SER TB 155 -6.91 -65.88 -48.13
N GLN TB 156 -7.92 -65.48 -47.36
CA GLN TB 156 -8.77 -66.39 -46.63
C GLN TB 156 -10.24 -66.16 -46.98
N PHE TB 157 -11.05 -67.19 -46.75
CA PHE TB 157 -12.50 -67.10 -46.88
C PHE TB 157 -13.12 -67.14 -45.48
N VAL TB 158 -14.01 -66.20 -45.21
CA VAL TB 158 -14.63 -66.06 -43.89
C VAL TB 158 -16.05 -66.58 -43.96
N ASN TB 159 -16.36 -67.57 -43.11
CA ASN TB 159 -17.67 -68.18 -43.06
C ASN TB 159 -18.40 -67.70 -41.81
N LEU TB 160 -19.63 -67.23 -42.00
CA LEU TB 160 -20.44 -66.69 -40.91
C LEU TB 160 -21.38 -67.74 -40.32
N SER TB 161 -21.09 -69.02 -40.52
CA SER TB 161 -21.88 -70.08 -39.92
C SER TB 161 -21.61 -70.16 -38.43
N PRO TB 162 -22.56 -70.68 -37.64
CA PRO TB 162 -22.33 -70.84 -36.19
C PRO TB 162 -21.54 -72.08 -35.81
N GLY TB 163 -20.79 -72.68 -36.73
CA GLY TB 163 -19.96 -73.80 -36.38
C GLY TB 163 -18.49 -73.58 -36.67
N SER TB 164 -18.19 -72.59 -37.50
CA SER TB 164 -16.82 -72.37 -37.96
C SER TB 164 -16.01 -71.61 -36.91
N THR TB 165 -14.69 -71.56 -37.14
CA THR TB 165 -13.73 -70.87 -36.29
C THR TB 165 -13.38 -69.51 -36.88
N PRO TB 166 -13.18 -68.49 -36.04
CA PRO TB 166 -12.78 -67.18 -36.55
C PRO TB 166 -11.37 -67.22 -37.11
N PRO TB 167 -11.07 -66.37 -38.09
CA PRO TB 167 -9.74 -66.41 -38.72
C PRO TB 167 -8.66 -65.78 -37.85
N VAL TB 168 -7.41 -66.10 -38.21
CA VAL TB 168 -6.23 -65.76 -37.43
C VAL TB 168 -5.36 -64.83 -38.24
N ILE TB 169 -4.89 -63.74 -37.61
CA ILE TB 169 -4.01 -62.77 -38.23
C ILE TB 169 -2.68 -62.79 -37.49
N ARG TB 170 -1.59 -62.95 -38.24
CA ARG TB 170 -0.25 -63.02 -37.67
C ARG TB 170 0.42 -61.66 -37.78
N LEU TB 171 0.93 -61.16 -36.66
CA LEU TB 171 1.49 -59.82 -36.57
C LEU TB 171 2.91 -59.87 -36.03
N SER TB 172 3.57 -58.72 -36.00
CA SER TB 172 4.91 -58.58 -35.43
C SER TB 172 5.02 -57.20 -34.81
N GLN TB 173 5.88 -57.09 -33.80
CA GLN TB 173 6.02 -55.85 -33.03
C GLN TB 173 6.73 -54.79 -33.86
N GLY TB 174 6.08 -53.64 -34.04
CA GLY TB 174 6.62 -52.55 -34.81
C GLY TB 174 6.33 -52.60 -36.29
N PHE TB 175 5.72 -53.67 -36.78
CA PHE TB 175 5.42 -53.83 -38.20
C PHE TB 175 3.95 -53.56 -38.46
N VAL TB 176 3.65 -53.22 -39.71
CA VAL TB 176 2.31 -52.84 -40.13
C VAL TB 176 1.70 -53.98 -40.94
N SER TB 177 0.47 -54.36 -40.60
CA SER TB 177 -0.31 -55.32 -41.36
C SER TB 177 -1.57 -54.64 -41.87
N SER TB 178 -1.86 -54.82 -43.15
CA SER TB 178 -3.04 -54.22 -43.77
C SER TB 178 -4.09 -55.30 -44.02
N LEU TB 179 -5.32 -55.02 -43.60
CA LEU TB 179 -6.44 -55.93 -43.77
C LEU TB 179 -7.43 -55.32 -44.75
N VAL TB 180 -7.76 -56.04 -45.80
CA VAL TB 180 -8.69 -55.57 -46.82
C VAL TB 180 -9.87 -56.54 -46.90
N PHE TB 181 -11.08 -55.99 -46.91
CA PHE TB 181 -12.32 -56.76 -46.87
C PHE TB 181 -12.95 -56.78 -48.24
N LEU TB 182 -13.26 -57.98 -48.73
CA LEU TB 182 -13.90 -58.18 -50.01
C LEU TB 182 -15.11 -59.07 -49.84
N ASP TB 183 -16.05 -58.98 -50.77
CA ASP TB 183 -17.24 -59.83 -50.74
C ASP TB 183 -16.95 -61.15 -51.47
N SER TB 184 -18.01 -61.92 -51.74
CA SER TB 184 -17.84 -63.22 -52.37
C SER TB 184 -17.44 -63.10 -53.84
N THR TB 185 -17.91 -62.07 -54.53
CA THR TB 185 -17.51 -61.85 -55.91
C THR TB 185 -16.10 -61.30 -56.01
N GLY TB 186 -15.64 -60.57 -55.00
CA GLY TB 186 -14.32 -59.95 -55.03
C GLY TB 186 -14.33 -58.44 -55.00
N ALA TB 187 -15.50 -57.80 -54.98
CA ALA TB 187 -15.56 -56.35 -54.89
C ALA TB 187 -15.28 -55.89 -53.47
N PRO TB 188 -14.76 -54.67 -53.29
CA PRO TB 188 -14.53 -54.15 -51.93
C PRO TB 188 -15.82 -53.94 -51.15
N TRP TB 189 -15.72 -54.13 -49.83
CA TRP TB 189 -16.83 -53.97 -48.91
C TRP TB 189 -16.47 -52.94 -47.85
N PRO TB 190 -17.07 -51.74 -47.87
CA PRO TB 190 -16.67 -50.70 -46.91
C PRO TB 190 -17.09 -51.03 -45.48
N ILE TB 191 -16.34 -50.45 -44.55
CA ILE TB 191 -16.46 -50.74 -43.12
C ILE TB 191 -17.31 -49.66 -42.47
N ALA TB 192 -18.24 -50.07 -41.61
CA ALA TB 192 -19.08 -49.14 -40.87
C ALA TB 192 -18.44 -48.72 -39.54
N ALA TB 193 -17.97 -49.68 -38.77
CA ALA TB 193 -17.38 -49.41 -37.46
C ALA TB 193 -16.49 -50.59 -37.06
N TYR TB 194 -15.69 -50.38 -36.03
CA TYR TB 194 -14.92 -51.47 -35.44
C TYR TB 194 -14.79 -51.24 -33.93
N ASP TB 195 -14.59 -52.35 -33.21
CA ASP TB 195 -14.44 -52.34 -31.77
C ASP TB 195 -13.23 -53.19 -31.41
N LEU TB 196 -12.25 -52.58 -30.74
CA LEU TB 196 -10.98 -53.24 -30.45
C LEU TB 196 -10.84 -53.47 -28.95
N GLY TB 197 -10.59 -54.71 -28.55
CA GLY TB 197 -10.23 -55.01 -27.19
C GLY TB 197 -8.72 -54.97 -27.00
N ASP TB 198 -8.31 -54.58 -25.79
CA ASP TB 198 -6.93 -54.37 -25.35
C ASP TB 198 -6.20 -53.39 -26.28
N PRO TB 199 -6.47 -52.08 -26.18
CA PRO TB 199 -5.76 -51.12 -27.03
C PRO TB 199 -4.30 -50.89 -26.63
N SER TB 200 -3.84 -51.45 -25.51
CA SER TB 200 -2.45 -51.31 -25.12
C SER TB 200 -1.51 -52.20 -25.91
N SER TB 201 -2.03 -53.18 -26.64
CA SER TB 201 -1.18 -54.09 -27.41
C SER TB 201 -1.24 -53.85 -28.91
N PHE TB 202 -2.26 -53.15 -29.41
CA PHE TB 202 -2.43 -52.94 -30.84
C PHE TB 202 -2.82 -51.49 -31.12
N ASN TB 203 -2.42 -51.00 -32.29
CA ASN TB 203 -2.76 -49.66 -32.75
C ASN TB 203 -3.33 -49.76 -34.15
N ILE TB 204 -4.48 -49.11 -34.38
CA ILE TB 204 -5.21 -49.23 -35.64
C ILE TB 204 -5.39 -47.83 -36.21
N GLN TB 205 -5.01 -47.66 -37.48
CA GLN TB 205 -5.24 -46.43 -38.23
C GLN TB 205 -6.26 -46.70 -39.32
N TRP TB 206 -7.21 -45.77 -39.47
CA TRP TB 206 -8.31 -45.97 -40.42
C TRP TB 206 -8.88 -44.61 -40.81
N ASP TB 207 -8.87 -44.30 -42.10
CA ASP TB 207 -9.71 -43.23 -42.60
C ASP TB 207 -11.15 -43.71 -42.60
N LYS TB 208 -12.07 -42.80 -42.29
CA LYS TB 208 -13.39 -43.21 -41.81
C LYS TB 208 -14.32 -43.72 -42.91
N THR TB 209 -13.87 -43.84 -44.16
CA THR TB 209 -14.72 -44.26 -45.26
C THR TB 209 -14.25 -45.51 -46.00
N SER TB 210 -12.98 -45.87 -45.89
CA SER TB 210 -12.41 -46.91 -46.76
C SER TB 210 -12.73 -48.30 -46.22
N ASN TB 211 -12.14 -49.32 -46.85
CA ASN TB 211 -12.35 -50.72 -46.48
C ASN TB 211 -11.06 -51.38 -46.00
N THR TB 212 -10.06 -50.59 -45.62
CA THR TB 212 -8.76 -51.12 -45.24
C THR TB 212 -8.41 -50.67 -43.82
N LEU TB 213 -8.03 -51.61 -42.98
CA LEU TB 213 -7.51 -51.33 -41.64
C LEU TB 213 -6.02 -51.65 -41.62
N MET TB 214 -5.27 -50.83 -40.89
CA MET TB 214 -3.82 -51.00 -40.74
C MET TB 214 -3.50 -51.17 -39.27
N ILE TB 215 -3.09 -52.36 -38.88
CA ILE TB 215 -2.89 -52.73 -37.47
C ILE TB 215 -1.41 -52.92 -37.21
N GLN TB 216 -0.92 -52.33 -36.12
CA GLN TB 216 0.45 -52.47 -35.69
C GLN TB 216 0.47 -53.06 -34.28
N ALA TB 217 1.34 -54.03 -34.06
CA ALA TB 217 1.48 -54.63 -32.74
C ALA TB 217 2.46 -53.83 -31.90
N THR TB 218 2.11 -53.66 -30.62
CA THR TB 218 2.93 -52.89 -29.69
C THR TB 218 3.75 -53.78 -28.76
N LYS TB 219 3.23 -54.94 -28.39
CA LYS TB 219 3.91 -55.87 -27.50
C LYS TB 219 4.39 -57.09 -28.25
N LEU TB 220 5.13 -57.96 -27.55
CA LEU TB 220 5.78 -59.10 -28.20
C LEU TB 220 4.84 -60.29 -28.32
N TYR TB 221 4.21 -60.73 -27.23
CA TYR TB 221 3.50 -61.99 -27.21
C TYR TB 221 2.08 -61.88 -26.66
N ASN TB 222 1.51 -60.68 -26.58
CA ASN TB 222 0.16 -60.52 -26.07
C ASN TB 222 -0.84 -60.54 -27.23
N TYR TB 223 -1.87 -61.37 -27.09
CA TYR TB 223 -2.83 -61.60 -28.18
C TYR TB 223 -4.24 -61.24 -27.73
N GLY TB 224 -5.07 -60.87 -28.70
CA GLY TB 224 -6.42 -60.43 -28.41
C GLY TB 224 -7.39 -60.64 -29.57
N ASN TB 225 -8.56 -60.01 -29.53
CA ASN TB 225 -9.54 -60.16 -30.59
C ASN TB 225 -10.04 -58.79 -31.05
N LEU TB 226 -10.85 -58.79 -32.10
CA LEU TB 226 -11.33 -57.58 -32.74
C LEU TB 226 -12.66 -57.84 -33.42
N ALA TB 227 -13.56 -56.87 -33.35
CA ALA TB 227 -14.87 -56.94 -34.00
C ALA TB 227 -14.95 -55.87 -35.08
N VAL TB 228 -15.38 -56.27 -36.28
CA VAL TB 228 -15.47 -55.38 -37.43
C VAL TB 228 -16.89 -55.47 -37.98
N ARG TB 229 -17.55 -54.33 -38.14
CA ARG TB 229 -18.89 -54.26 -38.68
C ARG TB 229 -18.85 -53.68 -40.08
N LEU TB 230 -19.41 -54.41 -41.05
CA LEU TB 230 -19.40 -53.98 -42.44
C LEU TB 230 -20.63 -53.12 -42.73
N ARG TB 231 -20.68 -52.59 -43.96
CA ARG TB 231 -21.70 -51.61 -44.30
C ARG TB 231 -23.07 -52.25 -44.48
N GLY TB 232 -23.13 -53.40 -45.16
CA GLY TB 232 -24.41 -54.02 -45.45
C GLY TB 232 -24.79 -55.17 -44.54
N LEU TB 233 -23.87 -55.64 -43.72
CA LEU TB 233 -24.12 -56.81 -42.89
C LEU TB 233 -24.68 -56.44 -41.53
N ASN TB 234 -25.51 -57.33 -40.99
CA ASN TB 234 -25.93 -57.26 -39.60
C ASN TB 234 -25.07 -58.12 -38.69
N THR TB 235 -24.51 -59.20 -39.22
CA THR TB 235 -23.64 -60.08 -38.45
C THR TB 235 -22.24 -59.49 -38.39
N PRO TB 236 -21.70 -59.21 -37.20
CA PRO TB 236 -20.32 -58.71 -37.12
C PRO TB 236 -19.30 -59.81 -37.36
N VAL TB 237 -18.13 -59.40 -37.83
CA VAL TB 237 -17.03 -60.31 -38.12
C VAL TB 237 -16.04 -60.23 -36.98
N MET TB 238 -15.68 -61.38 -36.41
CA MET TB 238 -14.78 -61.47 -35.28
C MET TB 238 -13.47 -62.12 -35.72
N LEU TB 239 -12.35 -61.49 -35.36
CA LEU TB 239 -11.02 -61.95 -35.70
C LEU TB 239 -10.22 -62.17 -34.43
N THR TB 240 -9.11 -62.90 -34.54
CA THR TB 240 -8.15 -63.02 -33.46
C THR TB 240 -6.77 -62.64 -33.98
N LEU TB 241 -5.97 -62.01 -33.12
CA LEU TB 241 -4.71 -61.38 -33.52
C LEU TB 241 -3.59 -61.91 -32.63
N ILE TB 242 -2.72 -62.74 -33.19
CA ILE TB 242 -1.62 -63.35 -32.45
C ILE TB 242 -0.29 -62.87 -33.04
N PRO TB 243 0.54 -62.17 -32.27
CA PRO TB 243 1.88 -61.81 -32.76
C PRO TB 243 2.95 -62.81 -32.33
N GLY TB 244 4.15 -62.59 -32.87
CA GLY TB 244 5.30 -63.37 -32.48
C GLY TB 244 5.40 -64.77 -33.06
N GLN TB 245 4.93 -64.96 -34.30
CA GLN TB 245 4.94 -66.27 -34.94
C GLN TB 245 6.13 -66.38 -35.89
N LYS TB 246 6.21 -67.52 -36.60
CA LYS TB 246 7.25 -67.71 -37.59
C LYS TB 246 6.95 -67.05 -38.93
N ALA TB 247 5.75 -66.49 -39.11
CA ALA TB 247 5.40 -65.74 -40.30
C ALA TB 247 4.67 -64.48 -39.89
N VAL TB 248 4.88 -63.41 -40.66
CA VAL TB 248 4.20 -62.14 -40.45
C VAL TB 248 3.38 -61.84 -41.69
N ASP TB 249 2.14 -61.41 -41.49
CA ASP TB 249 1.22 -61.12 -42.59
C ASP TB 249 1.36 -59.65 -42.96
N TYR TB 250 1.88 -59.40 -44.16
CA TYR TB 250 1.91 -58.02 -44.66
C TYR TB 250 0.55 -57.58 -45.15
N ARG TB 251 -0.19 -58.48 -45.80
CA ARG TB 251 -1.51 -58.16 -46.33
C ARG TB 251 -2.37 -59.42 -46.32
N VAL TB 252 -3.58 -59.32 -45.79
CA VAL TB 252 -4.55 -60.41 -45.81
C VAL TB 252 -5.77 -59.96 -46.59
N ASP TB 253 -6.15 -60.73 -47.60
CA ASP TB 253 -7.39 -60.52 -48.33
C ASP TB 253 -8.46 -61.42 -47.72
N LEU TB 254 -9.60 -60.83 -47.34
CA LEU TB 254 -10.64 -61.56 -46.64
C LEU TB 254 -11.88 -61.64 -47.53
N ARG TB 255 -12.35 -62.86 -47.77
CA ARG TB 255 -13.56 -63.12 -48.53
C ARG TB 255 -14.72 -63.27 -47.56
N VAL TB 256 -15.69 -62.38 -47.64
CA VAL TB 256 -16.87 -62.44 -46.78
C VAL TB 256 -18.01 -63.03 -47.60
N GLN TB 257 -18.86 -63.83 -46.93
CA GLN TB 257 -19.79 -64.74 -47.60
C GLN TB 257 -20.88 -63.99 -48.38
N GLY TB 258 -21.38 -62.89 -47.86
CA GLY TB 258 -22.51 -62.20 -48.46
C GLY TB 258 -22.14 -61.37 -49.67
N TYR TB 259 -23.07 -60.49 -50.07
CA TYR TB 259 -22.88 -59.57 -51.18
C TYR TB 259 -22.92 -58.14 -50.68
N GLY TB 260 -21.93 -57.34 -51.07
CA GLY TB 260 -21.82 -55.98 -50.60
C GLY TB 260 -22.52 -54.98 -51.50
N PRO TB 261 -22.31 -53.69 -51.22
CA PRO TB 261 -22.91 -52.66 -52.08
C PRO TB 261 -22.33 -52.60 -53.49
N ASN TB 262 -21.14 -53.14 -53.71
CA ASN TB 262 -20.56 -53.27 -55.04
C ASN TB 262 -20.56 -54.74 -55.43
N ALA TB 263 -21.01 -55.02 -56.65
CA ALA TB 263 -21.08 -56.40 -57.13
C ALA TB 263 -20.97 -56.46 -58.65
#